data_6M3X
#
_entry.id   6M3X
#
_cell.length_a   1.00
_cell.length_b   1.00
_cell.length_c   1.00
_cell.angle_alpha   90.00
_cell.angle_beta   90.00
_cell.angle_gamma   90.00
#
_symmetry.space_group_name_H-M   'P 1'
#
loop_
_entity.id
_entity.type
_entity.pdbx_description
1 polymer 'Sulfur oxygenase/reductase'
2 non-polymer 'FE (III) ION'
3 water water
#
_entity_poly.entity_id   1
_entity_poly.type   'polypeptide(L)'
_entity_poly.pdbx_seq_one_letter_code
;MPKPYVAINMVEVRNDPKTLELFGKVGPKVCMVTARHPGFVGFQNHVQIGVVPLGTRWGGAKMEMSQEMHSLMLMQYTFW
KNWKDHEEMHKQNWANLFRLCLQCADQMIWGPYEPLYEIVYANMPLNTEMTDFTVMVGKKFAAGEAVSIPPISQPYGKRV
VAFGEHIVKEGLENQFEEYAIKTLEAFRSAPGFLGGMILKEIGVSPLGSLQLNAKGFHQILETANGMDVPEPVTIYEAPE
FRNRPQRYIVHTEWSDTNALMFGLGRVLIYPEVRQIHDKVLDTLVYGPYIRVLNPMMEGTYWREYLNEYHL
;
_entity_poly.pdbx_strand_id   A,B,C,D,E,F,G,H,I,J,K,L,M,N,O,P,Q,R,S,T,U,V,W,X
#
loop_
_chem_comp.id
_chem_comp.type
_chem_comp.name
_chem_comp.formula
FE non-polymer 'FE (III) ION' 'Fe 3'
#
# COMPACT_ATOMS: atom_id res chain seq x y z
N PRO A 2 -47.02 -53.69 -1.87
CA PRO A 2 -46.10 -54.80 -1.61
C PRO A 2 -44.69 -54.31 -1.37
N LYS A 3 -43.76 -55.22 -1.08
CA LYS A 3 -42.37 -54.84 -0.87
C LYS A 3 -41.64 -54.87 -2.20
N PRO A 4 -41.11 -53.75 -2.67
CA PRO A 4 -40.34 -53.76 -3.92
C PRO A 4 -38.94 -54.31 -3.73
N TYR A 5 -38.25 -54.49 -4.84
CA TYR A 5 -36.85 -54.85 -4.84
C TYR A 5 -36.02 -53.60 -5.12
N VAL A 6 -34.82 -53.56 -4.56
CA VAL A 6 -33.98 -52.37 -4.63
C VAL A 6 -32.72 -52.70 -5.42
N ALA A 7 -32.41 -51.87 -6.41
CA ALA A 7 -31.10 -51.82 -7.01
C ALA A 7 -30.40 -50.58 -6.50
N ILE A 8 -29.19 -50.74 -5.98
CA ILE A 8 -28.41 -49.64 -5.42
C ILE A 8 -27.20 -49.42 -6.29
N ASN A 9 -27.22 -48.37 -7.09
CA ASN A 9 -26.10 -48.03 -7.95
C ASN A 9 -25.10 -47.20 -7.16
N MET A 10 -23.87 -47.71 -7.03
CA MET A 10 -22.83 -47.09 -6.23
C MET A 10 -21.71 -46.59 -7.15
N VAL A 11 -21.43 -45.29 -7.10
CA VAL A 11 -20.34 -44.69 -7.86
C VAL A 11 -19.57 -43.74 -6.95
N GLU A 12 -18.27 -43.62 -7.23
CA GLU A 12 -17.44 -42.58 -6.64
C GLU A 12 -17.13 -41.57 -7.73
N VAL A 13 -17.46 -40.31 -7.50
CA VAL A 13 -17.24 -39.24 -8.45
C VAL A 13 -16.42 -38.15 -7.77
N ARG A 14 -15.83 -37.27 -8.59
CA ARG A 14 -15.08 -36.13 -8.07
C ARG A 14 -16.01 -35.14 -7.37
N ASN A 15 -15.48 -34.48 -6.36
CA ASN A 15 -16.23 -33.44 -5.64
C ASN A 15 -15.76 -32.10 -6.18
N ASP A 16 -16.40 -31.66 -7.26
CA ASP A 16 -16.08 -30.41 -7.93
C ASP A 16 -17.37 -29.84 -8.49
N PRO A 17 -17.41 -28.54 -8.83
CA PRO A 17 -18.66 -27.98 -9.40
C PRO A 17 -19.10 -28.58 -10.71
N LYS A 18 -18.20 -29.21 -11.48
CA LYS A 18 -18.62 -29.90 -12.70
C LYS A 18 -19.51 -31.08 -12.39
N THR A 19 -19.25 -31.80 -11.29
CA THR A 19 -20.02 -32.99 -10.93
C THR A 19 -21.44 -32.64 -10.51
N LEU A 20 -21.61 -31.54 -9.77
CA LEU A 20 -22.96 -31.15 -9.36
C LEU A 20 -23.79 -30.61 -10.51
N GLU A 21 -23.19 -30.25 -11.64
CA GLU A 21 -23.96 -30.05 -12.86
C GLU A 21 -24.51 -31.36 -13.40
N LEU A 22 -23.79 -32.46 -13.22
CA LEU A 22 -24.24 -33.77 -13.69
C LEU A 22 -25.40 -34.31 -12.86
N PHE A 23 -25.62 -33.79 -11.65
CA PHE A 23 -26.79 -34.17 -10.86
C PHE A 23 -28.08 -33.68 -11.51
N GLY A 24 -28.05 -32.52 -12.14
CA GLY A 24 -29.24 -31.92 -12.69
C GLY A 24 -29.38 -32.04 -14.19
N LYS A 25 -28.34 -32.48 -14.87
CA LYS A 25 -28.38 -32.58 -16.32
C LYS A 25 -28.33 -34.01 -16.83
N VAL A 26 -28.01 -35.00 -16.00
CA VAL A 26 -27.93 -36.39 -16.40
C VAL A 26 -28.83 -37.27 -15.54
N GLY A 27 -28.76 -37.11 -14.21
CA GLY A 27 -29.65 -37.72 -13.25
C GLY A 27 -31.13 -37.76 -13.56
N PRO A 28 -31.75 -36.62 -13.93
CA PRO A 28 -33.16 -36.69 -14.37
C PRO A 28 -33.38 -37.48 -15.65
N LYS A 29 -32.41 -37.49 -16.57
CA LYS A 29 -32.58 -38.24 -17.81
C LYS A 29 -32.51 -39.74 -17.58
N VAL A 30 -31.67 -40.17 -16.64
CA VAL A 30 -31.59 -41.58 -16.29
C VAL A 30 -32.89 -42.06 -15.66
N CYS A 31 -33.48 -41.23 -14.80
CA CYS A 31 -34.77 -41.55 -14.20
C CYS A 31 -35.89 -41.60 -15.23
N MET A 32 -35.81 -40.78 -16.27
CA MET A 32 -36.84 -40.79 -17.31
C MET A 32 -36.71 -42.00 -18.22
N VAL A 33 -35.48 -42.46 -18.50
CA VAL A 33 -35.28 -43.68 -19.27
C VAL A 33 -35.71 -44.89 -18.46
N THR A 34 -35.40 -44.88 -17.16
CA THR A 34 -35.78 -45.96 -16.26
C THR A 34 -37.30 -46.07 -16.10
N ALA A 35 -38.02 -44.96 -16.20
CA ALA A 35 -39.47 -44.93 -16.09
C ALA A 35 -40.19 -45.38 -17.36
N ARG A 36 -39.47 -45.79 -18.40
CA ARG A 36 -40.11 -46.46 -19.53
C ARG A 36 -40.62 -47.84 -19.17
N HIS A 37 -40.04 -48.49 -18.16
CA HIS A 37 -40.45 -49.82 -17.74
C HIS A 37 -41.59 -49.74 -16.74
N PRO A 38 -42.64 -50.57 -16.89
CA PRO A 38 -43.77 -50.49 -15.95
C PRO A 38 -43.48 -51.03 -14.56
N GLY A 39 -42.45 -51.87 -14.40
CA GLY A 39 -42.06 -52.37 -13.09
C GLY A 39 -41.29 -51.39 -12.24
N PHE A 40 -40.91 -50.25 -12.80
CA PHE A 40 -40.24 -49.20 -12.03
C PHE A 40 -41.26 -48.50 -11.15
N VAL A 41 -41.02 -48.47 -9.84
CA VAL A 41 -41.95 -47.83 -8.92
C VAL A 41 -41.36 -46.63 -8.20
N GLY A 42 -40.11 -46.28 -8.43
CA GLY A 42 -39.56 -45.09 -7.84
C GLY A 42 -38.08 -45.20 -7.57
N PHE A 43 -37.54 -44.13 -7.00
CA PHE A 43 -36.10 -44.02 -6.79
C PHE A 43 -35.83 -43.15 -5.57
N GLN A 44 -34.58 -43.22 -5.10
CA GLN A 44 -34.11 -42.35 -4.02
C GLN A 44 -32.59 -42.25 -4.17
N ASN A 45 -32.11 -41.07 -4.51
CA ASN A 45 -30.70 -40.86 -4.79
C ASN A 45 -30.00 -40.21 -3.61
N HIS A 46 -28.83 -40.71 -3.26
CA HIS A 46 -28.11 -40.26 -2.08
C HIS A 46 -26.71 -39.79 -2.45
N VAL A 47 -26.21 -38.86 -1.65
CA VAL A 47 -24.80 -38.49 -1.61
C VAL A 47 -24.31 -38.75 -0.20
N GLN A 48 -23.18 -39.45 -0.07
CA GLN A 48 -22.61 -39.65 1.25
C GLN A 48 -22.02 -38.35 1.76
N ILE A 49 -22.43 -37.94 2.95
CA ILE A 49 -21.92 -36.74 3.59
C ILE A 49 -21.00 -37.02 4.75
N GLY A 50 -20.90 -38.26 5.19
CA GLY A 50 -20.02 -38.57 6.30
C GLY A 50 -20.17 -40.00 6.76
N VAL A 51 -19.54 -40.27 7.90
CA VAL A 51 -19.47 -41.59 8.52
C VAL A 51 -19.77 -41.39 10.00
N VAL A 52 -20.53 -42.31 10.60
CA VAL A 52 -20.72 -42.32 12.05
C VAL A 52 -19.41 -42.75 12.70
N PRO A 53 -18.79 -41.91 13.52
CA PRO A 53 -17.47 -42.26 14.06
C PRO A 53 -17.50 -43.29 15.18
N LEU A 54 -18.63 -43.38 15.90
CA LEU A 54 -18.83 -44.25 17.07
C LEU A 54 -17.75 -44.00 18.13
N GLY A 55 -17.74 -42.79 18.66
CA GLY A 55 -16.66 -42.36 19.52
C GLY A 55 -15.41 -42.10 18.71
N THR A 56 -14.33 -42.86 18.97
CA THR A 56 -13.10 -42.76 18.22
C THR A 56 -12.79 -44.02 17.42
N ARG A 57 -13.81 -44.83 17.12
CA ARG A 57 -13.58 -46.04 16.35
C ARG A 57 -13.14 -45.72 14.93
N TRP A 58 -13.84 -44.81 14.28
CA TRP A 58 -13.32 -44.13 13.10
C TRP A 58 -13.27 -42.65 13.45
N GLY A 59 -12.20 -42.26 14.16
CA GLY A 59 -12.10 -40.91 14.69
C GLY A 59 -11.68 -39.88 13.67
N GLY A 60 -11.13 -40.32 12.54
CA GLY A 60 -10.85 -39.42 11.44
C GLY A 60 -12.04 -39.06 10.60
N ALA A 61 -13.18 -39.67 10.89
CA ALA A 61 -14.41 -39.45 10.15
C ALA A 61 -15.38 -38.64 10.99
N LYS A 62 -16.22 -37.88 10.30
CA LYS A 62 -17.24 -37.05 10.92
C LYS A 62 -18.57 -37.32 10.22
N MET A 63 -19.66 -36.96 10.87
CA MET A 63 -20.96 -37.16 10.28
C MET A 63 -21.22 -36.19 9.13
N GLU A 64 -20.67 -34.98 9.20
CA GLU A 64 -20.78 -33.99 8.15
C GLU A 64 -19.37 -33.59 7.72
N MET A 65 -18.82 -34.31 6.76
CA MET A 65 -17.47 -34.05 6.27
C MET A 65 -17.42 -33.84 4.77
N SER A 66 -18.56 -33.54 4.14
CA SER A 66 -18.64 -33.49 2.69
C SER A 66 -17.98 -32.25 2.10
N GLN A 67 -17.83 -31.19 2.89
CA GLN A 67 -17.17 -29.98 2.40
C GLN A 67 -15.67 -30.15 2.26
N GLU A 68 -15.08 -31.19 2.87
CA GLU A 68 -13.65 -31.39 2.85
C GLU A 68 -13.19 -32.53 1.95
N MET A 69 -14.10 -33.33 1.40
CA MET A 69 -13.73 -34.52 0.66
C MET A 69 -13.47 -34.17 -0.80
N HIS A 70 -12.49 -34.84 -1.39
CA HIS A 70 -12.18 -34.68 -2.81
C HIS A 70 -13.12 -35.49 -3.70
N SER A 71 -13.77 -36.51 -3.14
CA SER A 71 -14.60 -37.41 -3.92
C SER A 71 -15.90 -37.67 -3.20
N LEU A 72 -16.95 -37.91 -3.97
CA LEU A 72 -18.30 -38.12 -3.46
C LEU A 72 -18.75 -39.54 -3.76
N MET A 73 -19.25 -40.22 -2.74
CA MET A 73 -19.91 -41.50 -2.89
C MET A 73 -21.39 -41.28 -3.14
N LEU A 74 -21.92 -41.88 -4.20
CA LEU A 74 -23.34 -41.78 -4.53
C LEU A 74 -23.98 -43.14 -4.43
N MET A 75 -25.15 -43.20 -3.79
CA MET A 75 -25.96 -44.41 -3.70
C MET A 75 -27.31 -44.11 -4.31
N GLN A 76 -27.55 -44.61 -5.50
CA GLN A 76 -28.77 -44.32 -6.25
C GLN A 76 -29.68 -45.53 -6.17
N TYR A 77 -30.71 -45.44 -5.35
CA TYR A 77 -31.64 -46.54 -5.21
C TYR A 77 -32.66 -46.46 -6.32
N THR A 78 -32.99 -47.60 -6.91
CA THR A 78 -34.17 -47.72 -7.77
C THR A 78 -35.00 -48.86 -7.23
N PHE A 79 -36.32 -48.68 -7.29
CA PHE A 79 -37.25 -49.61 -6.69
C PHE A 79 -38.05 -50.30 -7.78
N TRP A 80 -38.23 -51.62 -7.65
CA TRP A 80 -38.76 -52.46 -8.72
C TRP A 80 -39.78 -53.44 -8.17
N LYS A 81 -40.82 -53.70 -8.97
CA LYS A 81 -41.83 -54.69 -8.58
C LYS A 81 -41.25 -56.09 -8.50
N ASN A 82 -40.32 -56.42 -9.40
CA ASN A 82 -39.49 -57.61 -9.30
C ASN A 82 -38.09 -57.24 -9.76
N TRP A 83 -37.08 -57.96 -9.25
CA TRP A 83 -35.71 -57.65 -9.63
C TRP A 83 -35.42 -58.01 -11.08
N LYS A 84 -36.20 -58.89 -11.68
CA LYS A 84 -36.06 -59.17 -13.11
C LYS A 84 -36.51 -57.99 -13.96
N ASP A 85 -37.40 -57.15 -13.44
CA ASP A 85 -37.80 -55.94 -14.15
C ASP A 85 -36.64 -54.97 -14.31
N HIS A 86 -35.73 -54.94 -13.32
CA HIS A 86 -34.57 -54.09 -13.42
C HIS A 86 -33.58 -54.61 -14.47
N GLU A 87 -33.40 -55.94 -14.53
CA GLU A 87 -32.51 -56.51 -15.53
C GLU A 87 -33.10 -56.41 -16.93
N GLU A 88 -34.42 -56.53 -17.04
CA GLU A 88 -35.09 -56.34 -18.33
C GLU A 88 -35.04 -54.88 -18.77
N MET A 89 -35.09 -53.94 -17.82
CA MET A 89 -35.00 -52.52 -18.16
C MET A 89 -33.64 -52.17 -18.73
N HIS A 90 -32.56 -52.70 -18.14
CA HIS A 90 -31.22 -52.37 -18.58
C HIS A 90 -30.93 -52.96 -19.95
N LYS A 91 -31.49 -54.12 -20.27
CA LYS A 91 -31.24 -54.70 -21.58
C LYS A 91 -32.02 -53.98 -22.67
N GLN A 92 -33.26 -53.60 -22.39
CA GLN A 92 -34.10 -52.97 -23.40
C GLN A 92 -33.72 -51.52 -23.66
N ASN A 93 -33.15 -50.85 -22.67
CA ASN A 93 -32.78 -49.44 -22.77
C ASN A 93 -31.28 -49.25 -22.71
N TRP A 94 -30.52 -50.21 -23.24
CA TRP A 94 -29.08 -50.26 -23.02
C TRP A 94 -28.35 -49.12 -23.72
N ALA A 95 -28.77 -48.76 -24.94
CA ALA A 95 -28.09 -47.71 -25.68
C ALA A 95 -28.28 -46.35 -25.02
N ASN A 96 -29.50 -46.04 -24.57
CA ASN A 96 -29.74 -44.76 -23.93
C ASN A 96 -29.07 -44.68 -22.57
N LEU A 97 -29.06 -45.77 -21.81
CA LEU A 97 -28.49 -45.75 -20.47
C LEU A 97 -26.97 -45.74 -20.48
N PHE A 98 -26.35 -46.45 -21.43
CA PHE A 98 -24.90 -46.42 -21.57
C PHE A 98 -24.41 -45.03 -21.94
N ARG A 99 -25.14 -44.35 -22.83
CA ARG A 99 -24.74 -43.03 -23.28
C ARG A 99 -24.88 -42.00 -22.17
N LEU A 100 -25.90 -42.13 -21.32
CA LEU A 100 -26.08 -41.22 -20.21
C LEU A 100 -25.03 -41.46 -19.12
N CYS A 101 -24.67 -42.72 -18.88
CA CYS A 101 -23.69 -43.04 -17.86
C CYS A 101 -22.30 -42.59 -18.26
N LEU A 102 -22.01 -42.55 -19.57
CA LEU A 102 -20.74 -42.06 -20.05
C LEU A 102 -20.64 -40.54 -20.11
N GLN A 103 -21.73 -39.83 -19.83
CA GLN A 103 -21.62 -38.39 -19.64
C GLN A 103 -20.98 -38.06 -18.31
N CYS A 104 -21.03 -38.99 -17.35
CA CYS A 104 -20.42 -38.82 -16.04
C CYS A 104 -19.01 -39.39 -15.99
N ALA A 105 -18.43 -39.71 -17.15
CA ALA A 105 -17.21 -40.49 -17.21
C ALA A 105 -15.99 -39.70 -16.75
N ASP A 106 -15.88 -38.44 -17.15
CA ASP A 106 -14.75 -37.61 -16.76
C ASP A 106 -14.79 -37.17 -15.30
N GLN A 107 -15.84 -37.51 -14.56
CA GLN A 107 -15.89 -37.29 -13.12
C GLN A 107 -15.77 -38.59 -12.33
N MET A 108 -15.95 -39.74 -12.95
CA MET A 108 -16.07 -41.00 -12.22
C MET A 108 -14.70 -41.52 -11.79
N ILE A 109 -14.63 -41.98 -10.55
CA ILE A 109 -13.40 -42.49 -9.97
C ILE A 109 -13.46 -43.99 -9.75
N TRP A 110 -14.57 -44.47 -9.20
CA TRP A 110 -14.80 -45.88 -8.98
C TRP A 110 -16.23 -46.20 -9.35
N GLY A 111 -16.45 -47.40 -9.86
CA GLY A 111 -17.80 -47.84 -10.20
C GLY A 111 -18.09 -47.76 -11.68
N PRO A 112 -19.36 -47.96 -12.06
CA PRO A 112 -20.53 -48.25 -11.23
C PRO A 112 -20.60 -49.69 -10.74
N TYR A 113 -21.22 -49.88 -9.58
CA TYR A 113 -21.38 -51.18 -8.97
C TYR A 113 -22.80 -51.24 -8.43
N GLU A 114 -23.63 -52.11 -8.99
CA GLU A 114 -25.04 -52.15 -8.66
C GLU A 114 -25.46 -53.50 -8.08
N PRO A 115 -25.34 -53.68 -6.77
CA PRO A 115 -25.95 -54.86 -6.14
C PRO A 115 -27.47 -54.74 -6.07
N LEU A 116 -28.12 -55.89 -6.12
CA LEU A 116 -29.58 -55.98 -6.05
C LEU A 116 -29.99 -56.45 -4.67
N TYR A 117 -31.07 -55.90 -4.15
CA TYR A 117 -31.48 -56.16 -2.78
C TYR A 117 -32.95 -56.54 -2.70
N GLU A 118 -33.24 -57.40 -1.75
CA GLU A 118 -34.60 -57.74 -1.35
C GLU A 118 -34.90 -57.06 -0.02
N ILE A 119 -36.09 -56.49 0.10
CA ILE A 119 -36.51 -55.85 1.34
C ILE A 119 -36.97 -56.92 2.31
N VAL A 120 -36.23 -57.12 3.39
CA VAL A 120 -36.61 -58.07 4.43
C VAL A 120 -37.68 -57.49 5.34
N TYR A 121 -37.46 -56.25 5.79
CA TYR A 121 -38.37 -55.55 6.68
C TYR A 121 -38.48 -54.12 6.16
N ALA A 122 -39.65 -53.52 6.34
CA ALA A 122 -39.82 -52.12 5.95
C ALA A 122 -40.78 -51.43 6.89
N ASN A 123 -40.34 -50.32 7.46
CA ASN A 123 -41.22 -49.35 8.11
C ASN A 123 -40.82 -48.01 7.49
N MET A 124 -41.39 -47.71 6.34
CA MET A 124 -41.02 -46.51 5.58
C MET A 124 -42.28 -45.73 5.26
N PRO A 125 -42.53 -44.62 5.95
CA PRO A 125 -43.77 -43.87 5.75
C PRO A 125 -43.76 -43.08 4.46
N LEU A 126 -44.91 -42.50 4.17
CA LEU A 126 -45.04 -41.58 3.05
C LEU A 126 -44.29 -40.29 3.33
N ASN A 127 -43.58 -39.80 2.33
CA ASN A 127 -42.89 -38.52 2.46
C ASN A 127 -43.90 -37.38 2.41
N THR A 128 -43.87 -36.53 3.43
CA THR A 128 -44.71 -35.34 3.49
C THR A 128 -43.84 -34.14 3.77
N GLU A 129 -44.17 -33.01 3.15
CA GLU A 129 -43.59 -31.74 3.50
C GLU A 129 -44.23 -31.24 4.80
N MET A 130 -43.69 -30.13 5.33
CA MET A 130 -44.29 -29.50 6.49
C MET A 130 -45.59 -28.78 6.16
N THR A 131 -45.88 -28.55 4.88
CA THR A 131 -47.16 -28.02 4.47
C THR A 131 -48.22 -29.09 4.29
N ASP A 132 -47.84 -30.37 4.32
CA ASP A 132 -48.76 -31.46 4.01
C ASP A 132 -49.26 -32.22 5.22
N PHE A 133 -48.82 -31.89 6.43
CA PHE A 133 -49.20 -32.71 7.59
C PHE A 133 -50.66 -32.52 7.98
N THR A 134 -51.25 -31.37 7.63
CA THR A 134 -52.68 -31.18 7.87
C THR A 134 -53.52 -32.13 7.04
N VAL A 135 -53.09 -32.43 5.81
CA VAL A 135 -53.77 -33.43 5.00
C VAL A 135 -53.55 -34.82 5.56
N MET A 136 -52.34 -35.08 6.09
CA MET A 136 -52.00 -36.42 6.54
C MET A 136 -52.75 -36.80 7.80
N VAL A 137 -52.76 -35.91 8.81
CA VAL A 137 -53.47 -36.23 10.03
C VAL A 137 -54.98 -36.11 9.84
N GLY A 138 -55.44 -35.34 8.86
CA GLY A 138 -56.86 -35.25 8.61
C GLY A 138 -57.42 -36.51 7.97
N LYS A 139 -56.64 -37.12 7.08
CA LYS A 139 -57.08 -38.35 6.43
C LYS A 139 -57.02 -39.54 7.38
N LYS A 140 -56.04 -39.56 8.28
CA LYS A 140 -55.90 -40.67 9.22
C LYS A 140 -56.89 -40.58 10.36
N PHE A 141 -57.30 -39.37 10.75
CA PHE A 141 -58.34 -39.23 11.74
C PHE A 141 -59.72 -39.58 11.17
N ALA A 142 -59.95 -39.27 9.90
CA ALA A 142 -61.23 -39.57 9.29
C ALA A 142 -61.39 -41.06 9.03
N ALA A 143 -60.28 -41.77 8.88
CA ALA A 143 -60.31 -43.21 8.67
C ALA A 143 -60.19 -44.00 9.97
N GLY A 144 -60.17 -43.32 11.11
CA GLY A 144 -60.03 -43.99 12.39
C GLY A 144 -58.68 -44.63 12.64
N GLU A 145 -57.62 -44.10 12.02
CA GLU A 145 -56.28 -44.65 12.18
C GLU A 145 -55.35 -43.62 12.79
N ALA A 146 -55.78 -42.96 13.87
CA ALA A 146 -54.93 -41.99 14.55
C ALA A 146 -53.73 -42.64 15.21
N VAL A 147 -53.83 -43.92 15.58
CA VAL A 147 -52.73 -44.60 16.24
C VAL A 147 -51.59 -44.90 15.27
N SER A 148 -51.86 -44.89 13.96
CA SER A 148 -50.86 -45.16 12.94
C SER A 148 -50.52 -43.92 12.12
N ILE A 149 -50.47 -42.76 12.78
CA ILE A 149 -50.06 -41.53 12.10
C ILE A 149 -48.54 -41.50 12.03
N PRO A 150 -47.95 -41.37 10.86
CA PRO A 150 -46.50 -41.48 10.73
C PRO A 150 -45.82 -40.16 11.08
N PRO A 151 -44.50 -40.17 11.31
CA PRO A 151 -43.79 -38.89 11.48
C PRO A 151 -43.65 -38.16 10.15
N ILE A 152 -43.39 -36.85 10.25
CA ILE A 152 -43.22 -36.02 9.07
C ILE A 152 -41.84 -36.27 8.49
N SER A 153 -41.79 -36.99 7.39
CA SER A 153 -40.54 -37.34 6.71
C SER A 153 -40.41 -36.42 5.50
N GLN A 154 -39.59 -35.39 5.62
CA GLN A 154 -39.52 -34.36 4.59
C GLN A 154 -38.65 -34.81 3.43
N PRO A 155 -39.12 -34.68 2.20
CA PRO A 155 -38.32 -35.10 1.04
C PRO A 155 -37.29 -34.05 0.64
N TYR A 156 -36.41 -34.48 -0.28
CA TYR A 156 -35.50 -33.63 -1.06
C TYR A 156 -34.48 -32.91 -0.16
N GLY A 157 -33.67 -33.72 0.52
CA GLY A 157 -32.51 -33.22 1.23
C GLY A 157 -32.74 -32.73 2.64
N LYS A 158 -33.95 -32.88 3.18
CA LYS A 158 -34.27 -32.35 4.49
C LYS A 158 -34.23 -33.40 5.58
N ARG A 159 -33.59 -34.53 5.32
CA ARG A 159 -33.37 -35.55 6.34
C ARG A 159 -32.05 -36.25 6.01
N VAL A 160 -31.63 -37.14 6.88
CA VAL A 160 -30.39 -37.88 6.67
C VAL A 160 -30.68 -39.37 6.74
N VAL A 161 -29.80 -40.14 6.10
CA VAL A 161 -29.93 -41.58 6.01
C VAL A 161 -28.69 -42.20 6.63
N ALA A 162 -28.89 -43.17 7.52
CA ALA A 162 -27.82 -44.01 8.02
C ALA A 162 -27.78 -45.29 7.21
N PHE A 163 -26.65 -45.53 6.54
CA PHE A 163 -26.44 -46.64 5.63
C PHE A 163 -25.57 -47.65 6.36
N GLY A 164 -26.19 -48.65 6.97
CA GLY A 164 -25.49 -49.58 7.82
C GLY A 164 -25.12 -50.89 7.17
N GLU A 165 -23.83 -51.09 6.91
CA GLU A 165 -23.36 -52.28 6.22
C GLU A 165 -23.08 -53.40 7.22
N HIS A 166 -23.66 -54.57 6.99
CA HIS A 166 -23.50 -55.72 7.85
C HIS A 166 -23.23 -56.94 6.99
N ILE A 167 -22.17 -57.68 7.30
CA ILE A 167 -21.91 -58.97 6.65
C ILE A 167 -22.06 -60.04 7.72
N VAL A 168 -22.95 -61.00 7.48
CA VAL A 168 -23.41 -61.94 8.48
C VAL A 168 -22.84 -63.32 8.16
N LYS A 169 -22.32 -64.00 9.18
CA LYS A 169 -21.78 -65.34 9.07
C LYS A 169 -22.80 -66.33 8.51
N GLU A 170 -22.28 -67.34 7.78
CA GLU A 170 -23.11 -68.39 7.22
C GLU A 170 -23.81 -69.17 8.32
N GLY A 171 -25.14 -69.26 8.22
CA GLY A 171 -25.95 -69.96 9.18
C GLY A 171 -26.58 -69.08 10.23
N LEU A 172 -26.10 -67.85 10.38
CA LEU A 172 -26.65 -66.91 11.36
C LEU A 172 -27.51 -65.83 10.73
N GLU A 173 -28.00 -66.06 9.50
CA GLU A 173 -28.84 -65.06 8.84
C GLU A 173 -30.23 -64.97 9.46
N ASN A 174 -30.74 -66.07 10.00
CA ASN A 174 -32.02 -66.04 10.68
C ASN A 174 -31.93 -65.30 12.01
N GLN A 175 -30.80 -65.40 12.70
CA GLN A 175 -30.63 -64.67 13.95
C GLN A 175 -30.42 -63.18 13.69
N PHE A 176 -29.73 -62.82 12.60
CA PHE A 176 -29.57 -61.41 12.27
C PHE A 176 -30.92 -60.75 11.99
N GLU A 177 -31.71 -61.36 11.11
CA GLU A 177 -32.95 -60.74 10.66
C GLU A 177 -33.98 -60.63 11.77
N GLU A 178 -33.97 -61.56 12.73
CA GLU A 178 -34.89 -61.48 13.85
C GLU A 178 -34.57 -60.29 14.76
N TYR A 179 -33.31 -60.12 15.11
CA TYR A 179 -32.94 -59.10 16.08
C TYR A 179 -32.60 -57.75 15.46
N ALA A 180 -32.29 -57.71 14.16
CA ALA A 180 -32.18 -56.41 13.51
C ALA A 180 -33.55 -55.80 13.30
N ILE A 181 -34.58 -56.63 13.14
CA ILE A 181 -35.95 -56.12 13.10
C ILE A 181 -36.33 -55.56 14.46
N LYS A 182 -36.00 -56.27 15.55
CA LYS A 182 -36.29 -55.79 16.89
C LYS A 182 -35.51 -54.53 17.24
N THR A 183 -34.33 -54.35 16.65
CA THR A 183 -33.59 -53.11 16.83
C THR A 183 -34.28 -51.95 16.13
N LEU A 184 -34.84 -52.19 14.95
CA LEU A 184 -35.52 -51.13 14.21
C LEU A 184 -36.88 -50.81 14.79
N GLU A 185 -37.53 -51.76 15.45
CA GLU A 185 -38.75 -51.44 16.19
C GLU A 185 -38.43 -50.63 17.44
N ALA A 186 -37.26 -50.85 18.04
CA ALA A 186 -36.83 -50.06 19.17
C ALA A 186 -36.46 -48.63 18.78
N PHE A 187 -36.08 -48.40 17.53
CA PHE A 187 -35.79 -47.05 17.07
C PHE A 187 -37.02 -46.19 16.95
N ARG A 188 -38.23 -46.79 16.93
CA ARG A 188 -39.47 -46.04 16.88
C ARG A 188 -39.65 -45.12 18.07
N SER A 189 -39.02 -45.46 19.21
CA SER A 189 -39.06 -44.60 20.38
C SER A 189 -38.08 -43.44 20.30
N ALA A 190 -37.09 -43.51 19.42
CA ALA A 190 -36.05 -42.49 19.38
C ALA A 190 -36.59 -41.21 18.75
N PRO A 191 -36.21 -40.04 19.27
CA PRO A 191 -36.66 -38.78 18.66
C PRO A 191 -35.99 -38.56 17.32
N GLY A 192 -36.80 -38.13 16.35
CA GLY A 192 -36.30 -37.88 15.02
C GLY A 192 -36.18 -39.10 14.14
N PHE A 193 -36.58 -40.28 14.61
CA PHE A 193 -36.57 -41.46 13.77
C PHE A 193 -37.69 -41.35 12.74
N LEU A 194 -37.33 -41.45 11.47
CA LEU A 194 -38.29 -41.27 10.40
C LEU A 194 -38.63 -42.57 9.69
N GLY A 195 -38.06 -43.69 10.10
CA GLY A 195 -38.37 -44.96 9.49
C GLY A 195 -37.12 -45.71 9.07
N GLY A 196 -37.33 -46.97 8.73
CA GLY A 196 -36.22 -47.86 8.47
C GLY A 196 -36.61 -49.07 7.64
N MET A 197 -35.60 -49.64 6.99
CA MET A 197 -35.78 -50.89 6.27
C MET A 197 -34.50 -51.70 6.30
N ILE A 198 -34.64 -53.00 6.13
CA ILE A 198 -33.51 -53.94 6.11
C ILE A 198 -33.43 -54.54 4.72
N LEU A 199 -32.28 -54.38 4.08
CA LEU A 199 -32.07 -54.85 2.72
C LEU A 199 -31.12 -56.03 2.73
N LYS A 200 -31.45 -57.05 1.93
CA LYS A 200 -30.66 -58.27 1.83
C LYS A 200 -30.18 -58.42 0.40
N GLU A 201 -28.86 -58.49 0.20
CA GLU A 201 -28.30 -58.58 -1.14
C GLU A 201 -28.58 -59.94 -1.76
N ILE A 202 -29.12 -59.93 -2.98
CA ILE A 202 -29.49 -61.14 -3.69
C ILE A 202 -28.76 -61.28 -5.02
N GLY A 203 -27.92 -60.33 -5.39
CA GLY A 203 -27.23 -60.40 -6.65
C GLY A 203 -26.65 -59.05 -7.01
N VAL A 204 -25.94 -59.03 -8.14
CA VAL A 204 -25.33 -57.83 -8.68
C VAL A 204 -25.70 -57.74 -10.16
N SER A 205 -26.27 -56.62 -10.56
CA SER A 205 -26.62 -56.39 -11.97
C SER A 205 -25.37 -56.27 -12.83
N PRO A 206 -25.22 -57.10 -13.87
CA PRO A 206 -24.03 -56.95 -14.74
C PRO A 206 -24.06 -55.72 -15.62
N LEU A 207 -25.21 -55.40 -16.22
CA LEU A 207 -25.30 -54.23 -17.10
C LEU A 207 -25.24 -52.93 -16.31
N GLY A 208 -25.82 -52.91 -15.11
CA GLY A 208 -25.69 -51.77 -14.25
C GLY A 208 -24.31 -51.56 -13.69
N SER A 209 -23.47 -52.60 -13.67
CA SER A 209 -22.10 -52.50 -13.21
C SER A 209 -21.11 -52.35 -14.37
N LEU A 210 -21.62 -52.21 -15.60
CA LEU A 210 -20.82 -52.15 -16.84
C LEU A 210 -19.89 -53.35 -16.97
N GLN A 211 -20.37 -54.53 -16.61
CA GLN A 211 -19.59 -55.75 -16.65
C GLN A 211 -20.07 -56.58 -17.83
N LEU A 212 -19.34 -56.49 -18.93
CA LEU A 212 -19.62 -57.23 -20.15
C LEU A 212 -18.56 -58.30 -20.34
N ASN A 213 -18.65 -59.01 -21.46
CA ASN A 213 -17.60 -59.96 -21.83
C ASN A 213 -16.41 -59.18 -22.41
N ALA A 214 -15.44 -59.91 -22.95
CA ALA A 214 -14.18 -59.29 -23.39
C ALA A 214 -14.38 -58.34 -24.55
N LYS A 215 -15.28 -58.68 -25.48
CA LYS A 215 -15.56 -57.79 -26.60
C LYS A 215 -16.33 -56.55 -26.13
N GLY A 216 -17.27 -56.74 -25.20
CA GLY A 216 -18.02 -55.61 -24.69
C GLY A 216 -17.20 -54.68 -23.84
N PHE A 217 -16.25 -55.22 -23.07
CA PHE A 217 -15.39 -54.40 -22.24
C PHE A 217 -14.48 -53.51 -23.07
N HIS A 218 -13.99 -54.03 -24.19
CA HIS A 218 -13.14 -53.23 -25.07
C HIS A 218 -13.93 -52.15 -25.78
N GLN A 219 -15.18 -52.41 -26.11
CA GLN A 219 -16.01 -51.39 -26.75
C GLN A 219 -16.39 -50.29 -25.77
N ILE A 220 -16.43 -50.59 -24.46
CA ILE A 220 -16.62 -49.55 -23.47
C ILE A 220 -15.42 -48.61 -23.44
N LEU A 221 -14.21 -49.17 -23.47
CA LEU A 221 -13.01 -48.34 -23.44
C LEU A 221 -12.79 -47.59 -24.75
N GLU A 222 -13.27 -48.13 -25.87
CA GLU A 222 -12.94 -47.57 -27.17
C GLU A 222 -13.92 -46.51 -27.66
N THR A 223 -15.10 -46.42 -27.07
CA THR A 223 -16.16 -45.61 -27.66
C THR A 223 -15.92 -44.13 -27.42
N ALA A 224 -16.40 -43.33 -28.37
CA ALA A 224 -16.34 -41.87 -28.29
C ALA A 224 -17.68 -41.40 -27.77
N ASN A 225 -17.75 -41.10 -26.47
CA ASN A 225 -18.90 -40.57 -25.76
C ASN A 225 -20.12 -41.48 -25.81
N GLY A 226 -19.94 -42.77 -26.07
CA GLY A 226 -21.05 -43.69 -26.12
C GLY A 226 -21.74 -43.83 -27.45
N MET A 227 -21.29 -43.12 -28.50
CA MET A 227 -21.89 -43.26 -29.82
C MET A 227 -21.74 -44.66 -30.38
N ASP A 228 -20.65 -45.33 -30.01
CA ASP A 228 -20.38 -46.70 -30.40
C ASP A 228 -20.85 -47.59 -29.24
N VAL A 229 -22.05 -48.12 -29.35
CA VAL A 229 -22.66 -48.83 -28.23
C VAL A 229 -22.16 -50.27 -28.21
N PRO A 230 -21.65 -50.76 -27.08
CA PRO A 230 -21.25 -52.17 -27.00
C PRO A 230 -22.45 -53.09 -27.05
N GLU A 231 -22.22 -54.28 -27.56
CA GLU A 231 -23.23 -55.32 -27.53
C GLU A 231 -23.40 -55.79 -26.09
N PRO A 232 -24.59 -55.72 -25.51
CA PRO A 232 -24.75 -55.98 -24.07
C PRO A 232 -24.80 -57.46 -23.73
N VAL A 233 -23.72 -58.17 -24.05
CA VAL A 233 -23.56 -59.58 -23.73
C VAL A 233 -22.69 -59.67 -22.49
N THR A 234 -23.23 -60.28 -21.44
CA THR A 234 -22.52 -60.51 -20.19
C THR A 234 -22.21 -61.98 -20.05
N ILE A 235 -21.25 -62.30 -19.17
CA ILE A 235 -20.90 -63.69 -18.91
C ILE A 235 -21.68 -64.27 -17.74
N TYR A 236 -22.47 -63.45 -17.04
CA TYR A 236 -23.22 -63.93 -15.90
C TYR A 236 -24.54 -63.18 -15.81
N GLU A 237 -25.48 -63.78 -15.12
CA GLU A 237 -26.70 -63.10 -14.71
C GLU A 237 -26.60 -62.76 -13.24
N ALA A 238 -27.53 -61.91 -12.79
CA ALA A 238 -27.41 -61.27 -11.47
C ALA A 238 -27.31 -62.23 -10.27
N PRO A 239 -28.06 -63.34 -10.15
CA PRO A 239 -27.82 -64.23 -9.00
C PRO A 239 -26.52 -65.01 -9.06
N GLU A 240 -25.80 -65.02 -10.17
CA GLU A 240 -24.50 -65.69 -10.24
C GLU A 240 -23.40 -64.89 -9.56
N PHE A 241 -23.59 -63.59 -9.35
CA PHE A 241 -22.72 -62.78 -8.52
C PHE A 241 -23.55 -62.41 -7.29
N ARG A 242 -23.63 -63.34 -6.37
CA ARG A 242 -24.27 -63.11 -5.08
C ARG A 242 -23.20 -63.34 -4.02
N ASN A 243 -22.88 -62.28 -3.29
CA ASN A 243 -21.75 -62.32 -2.37
C ASN A 243 -22.05 -63.20 -1.16
N ARG A 244 -21.14 -64.11 -0.88
CA ARG A 244 -21.17 -64.92 0.32
C ARG A 244 -19.93 -64.60 1.14
N PRO A 245 -20.06 -64.41 2.47
CA PRO A 245 -21.24 -64.41 3.33
C PRO A 245 -22.21 -63.26 3.08
N GLN A 246 -23.42 -63.36 3.65
CA GLN A 246 -24.55 -62.55 3.22
C GLN A 246 -24.41 -61.10 3.64
N ARG A 247 -24.56 -60.20 2.68
CA ARG A 247 -24.51 -58.76 2.92
C ARG A 247 -25.89 -58.23 3.27
N TYR A 248 -25.96 -57.39 4.28
CA TYR A 248 -27.18 -56.71 4.65
C TYR A 248 -26.95 -55.22 4.71
N ILE A 249 -27.93 -54.46 4.29
CA ILE A 249 -27.96 -53.02 4.52
C ILE A 249 -29.06 -52.74 5.54
N VAL A 250 -28.70 -52.08 6.63
CA VAL A 250 -29.66 -51.54 7.58
C VAL A 250 -29.80 -50.06 7.29
N HIS A 251 -30.92 -49.69 6.68
CA HIS A 251 -31.18 -48.34 6.20
C HIS A 251 -32.15 -47.68 7.16
N THR A 252 -31.70 -46.63 7.85
CA THR A 252 -32.57 -45.88 8.76
C THR A 252 -32.51 -44.40 8.41
N GLU A 253 -33.63 -43.72 8.63
CA GLU A 253 -33.79 -42.32 8.26
C GLU A 253 -34.06 -41.49 9.50
N TRP A 254 -33.42 -40.32 9.55
CA TRP A 254 -33.39 -39.48 10.74
C TRP A 254 -33.59 -38.04 10.32
N SER A 255 -34.17 -37.24 11.21
CA SER A 255 -34.50 -35.86 10.86
C SER A 255 -33.25 -34.99 10.73
N ASP A 256 -32.21 -35.28 11.51
CA ASP A 256 -30.94 -34.57 11.43
C ASP A 256 -29.84 -35.49 11.93
N THR A 257 -28.60 -35.02 11.85
CA THR A 257 -27.47 -35.88 12.23
C THR A 257 -27.35 -36.04 13.74
N ASN A 258 -27.86 -35.07 14.52
CA ASN A 258 -27.89 -35.23 15.97
C ASN A 258 -28.88 -36.31 16.38
N ALA A 259 -30.06 -36.33 15.76
CA ALA A 259 -31.03 -37.39 16.00
C ALA A 259 -30.50 -38.74 15.54
N LEU A 260 -29.73 -38.75 14.46
CA LEU A 260 -29.09 -39.98 14.00
C LEU A 260 -28.06 -40.48 14.99
N MET A 261 -27.20 -39.58 15.49
CA MET A 261 -26.09 -39.98 16.35
C MET A 261 -26.58 -40.53 17.70
N PHE A 262 -27.55 -39.87 18.31
CA PHE A 262 -28.07 -40.36 19.58
C PHE A 262 -29.14 -41.43 19.41
N GLY A 263 -29.80 -41.48 18.25
CA GLY A 263 -30.78 -42.50 17.99
C GLY A 263 -30.15 -43.83 17.69
N LEU A 264 -29.22 -43.86 16.73
CA LEU A 264 -28.45 -45.07 16.47
C LEU A 264 -27.58 -45.45 17.65
N GLY A 265 -27.13 -44.46 18.42
CA GLY A 265 -26.33 -44.68 19.61
C GLY A 265 -27.03 -45.42 20.72
N ARG A 266 -28.36 -45.57 20.65
CA ARG A 266 -29.11 -46.35 21.63
C ARG A 266 -28.72 -47.81 21.66
N VAL A 267 -28.13 -48.35 20.60
CA VAL A 267 -27.57 -49.70 20.65
C VAL A 267 -26.27 -49.76 21.46
N LEU A 268 -25.73 -48.61 21.85
CA LEU A 268 -24.57 -48.56 22.73
C LEU A 268 -24.86 -47.98 24.11
N ILE A 269 -25.81 -47.06 24.24
CA ILE A 269 -25.99 -46.33 25.48
C ILE A 269 -27.32 -46.62 26.17
N TYR A 270 -28.29 -47.22 25.48
CA TYR A 270 -29.56 -47.57 26.10
C TYR A 270 -29.51 -49.06 26.42
N PRO A 271 -29.51 -49.45 27.70
CA PRO A 271 -29.23 -50.86 28.05
C PRO A 271 -30.26 -51.85 27.57
N GLU A 272 -31.53 -51.46 27.43
CA GLU A 272 -32.53 -52.40 26.92
C GLU A 272 -32.36 -52.67 25.43
N VAL A 273 -32.01 -51.64 24.65
CA VAL A 273 -31.76 -51.83 23.22
C VAL A 273 -30.40 -52.47 23.00
N ARG A 274 -29.47 -52.24 23.92
CA ARG A 274 -28.11 -52.77 23.81
C ARG A 274 -28.10 -54.30 23.88
N GLN A 275 -28.97 -54.91 24.70
CA GLN A 275 -29.03 -56.37 24.72
C GLN A 275 -29.64 -56.93 23.45
N ILE A 276 -30.56 -56.20 22.82
CA ILE A 276 -31.15 -56.64 21.56
C ILE A 276 -30.11 -56.63 20.46
N HIS A 277 -29.38 -55.53 20.32
CA HIS A 277 -28.39 -55.38 19.27
C HIS A 277 -27.12 -56.20 19.52
N ASP A 278 -26.91 -56.70 20.75
CA ASP A 278 -25.83 -57.63 21.00
C ASP A 278 -26.03 -58.94 20.26
N LYS A 279 -27.28 -59.35 20.04
CA LYS A 279 -27.54 -60.56 19.26
C LYS A 279 -27.27 -60.32 17.77
N VAL A 280 -27.43 -59.08 17.31
CA VAL A 280 -27.03 -58.73 15.95
C VAL A 280 -25.51 -58.80 15.80
N LEU A 281 -24.78 -58.26 16.79
CA LEU A 281 -23.33 -58.20 16.74
C LEU A 281 -22.69 -59.58 16.78
N ASP A 282 -23.36 -60.54 17.42
CA ASP A 282 -22.85 -61.90 17.50
C ASP A 282 -23.06 -62.71 16.22
N THR A 283 -23.60 -62.12 15.16
CA THR A 283 -23.73 -62.78 13.87
C THR A 283 -22.83 -62.20 12.80
N LEU A 284 -22.07 -61.15 13.10
CA LEU A 284 -21.39 -60.37 12.08
C LEU A 284 -19.95 -60.83 11.88
N VAL A 285 -19.58 -61.10 10.64
CA VAL A 285 -18.15 -61.22 10.31
C VAL A 285 -17.56 -59.86 9.94
N TYR A 286 -18.38 -58.90 9.53
CA TYR A 286 -17.92 -57.56 9.22
C TYR A 286 -18.99 -56.57 9.63
N GLY A 287 -18.56 -55.46 10.22
CA GLY A 287 -19.45 -54.39 10.55
C GLY A 287 -19.71 -54.30 12.04
N PRO A 288 -20.55 -53.34 12.45
CA PRO A 288 -21.27 -52.39 11.60
C PRO A 288 -20.48 -51.14 11.21
N TYR A 289 -20.56 -50.80 9.92
CA TYR A 289 -19.99 -49.57 9.39
C TYR A 289 -21.13 -48.74 8.82
N ILE A 290 -21.29 -47.53 9.33
CA ILE A 290 -22.48 -46.73 9.06
C ILE A 290 -22.07 -45.47 8.31
N ARG A 291 -22.47 -45.38 7.06
CA ARG A 291 -22.30 -44.15 6.29
C ARG A 291 -23.50 -43.24 6.48
N VAL A 292 -23.25 -41.94 6.40
CA VAL A 292 -24.29 -40.94 6.53
C VAL A 292 -24.58 -40.40 5.14
N LEU A 293 -25.82 -40.50 4.70
CA LEU A 293 -26.20 -40.14 3.34
C LEU A 293 -27.22 -39.01 3.35
N ASN A 294 -27.17 -38.20 2.32
CA ASN A 294 -28.14 -37.13 2.13
C ASN A 294 -29.02 -37.48 0.93
N PRO A 295 -30.32 -37.71 1.12
CA PRO A 295 -31.20 -38.02 -0.02
C PRO A 295 -31.61 -36.78 -0.82
N MET A 296 -30.78 -36.38 -1.79
CA MET A 296 -31.06 -35.18 -2.57
C MET A 296 -32.26 -35.35 -3.49
N MET A 297 -32.17 -36.26 -4.43
CA MET A 297 -33.18 -36.41 -5.49
C MET A 297 -33.99 -37.66 -5.22
N GLU A 298 -35.31 -37.53 -5.21
CA GLU A 298 -36.18 -38.60 -4.77
C GLU A 298 -37.37 -38.78 -5.69
N GLY A 299 -37.82 -40.01 -5.77
CA GLY A 299 -39.01 -40.47 -6.46
C GLY A 299 -40.03 -40.98 -5.46
N THR A 300 -40.38 -40.15 -4.46
CA THR A 300 -41.07 -40.52 -3.21
C THR A 300 -42.34 -41.38 -3.33
N TYR A 301 -42.89 -41.52 -4.52
CA TYR A 301 -44.01 -42.42 -4.80
C TYR A 301 -43.65 -43.90 -4.71
N TRP A 302 -42.39 -44.27 -4.48
CA TRP A 302 -42.06 -45.66 -4.20
C TRP A 302 -42.60 -46.09 -2.84
N ARG A 303 -42.74 -45.16 -1.90
CA ARG A 303 -43.37 -45.47 -0.63
C ARG A 303 -44.88 -45.58 -0.75
N GLU A 304 -45.48 -44.97 -1.77
CA GLU A 304 -46.90 -45.20 -2.03
C GLU A 304 -47.14 -46.62 -2.49
N TYR A 305 -46.22 -47.17 -3.28
CA TYR A 305 -46.30 -48.58 -3.67
C TYR A 305 -46.06 -49.50 -2.48
N LEU A 306 -45.14 -49.11 -1.60
CA LEU A 306 -44.81 -49.96 -0.46
C LEU A 306 -45.92 -49.99 0.57
N ASN A 307 -46.52 -48.83 0.87
CA ASN A 307 -47.54 -48.73 1.89
C ASN A 307 -48.95 -48.90 1.35
N GLU A 308 -49.10 -49.05 0.02
CA GLU A 308 -50.37 -49.31 -0.66
C GLU A 308 -51.39 -48.21 -0.41
N TYR A 309 -50.91 -46.97 -0.32
CA TYR A 309 -51.72 -45.82 0.04
C TYR A 309 -50.95 -44.57 -0.36
N HIS A 310 -51.64 -43.56 -0.86
CA HIS A 310 -50.99 -42.30 -1.20
C HIS A 310 -51.61 -41.15 -0.40
N LEU A 311 -50.98 -40.00 -0.50
CA LEU A 311 -51.30 -38.76 0.23
C LEU A 311 -51.37 -38.94 1.74
N PRO B 2 -0.94 -9.56 -70.74
CA PRO B 2 -0.89 -11.02 -70.76
C PRO B 2 -0.91 -11.60 -69.37
N LYS B 3 -0.92 -12.93 -69.26
CA LYS B 3 -0.89 -13.57 -67.96
C LYS B 3 0.55 -13.77 -67.51
N PRO B 4 0.98 -13.18 -66.40
CA PRO B 4 2.33 -13.42 -65.93
C PRO B 4 2.47 -14.76 -65.24
N TYR B 5 3.71 -15.10 -64.91
CA TYR B 5 4.02 -16.25 -64.09
C TYR B 5 4.31 -15.80 -62.67
N VAL B 6 3.99 -16.63 -61.70
CA VAL B 6 4.09 -16.28 -60.29
C VAL B 6 5.12 -17.16 -59.62
N ALA B 7 6.05 -16.53 -58.93
CA ALA B 7 6.90 -17.20 -57.94
C ALA B 7 6.37 -16.83 -56.56
N ILE B 8 6.11 -17.84 -55.74
CA ILE B 8 5.58 -17.62 -54.39
C ILE B 8 6.65 -18.05 -53.39
N ASN B 9 7.31 -17.09 -52.77
CA ASN B 9 8.32 -17.37 -51.76
C ASN B 9 7.64 -17.55 -50.41
N MET B 10 7.80 -18.74 -49.82
CA MET B 10 7.16 -19.10 -48.57
C MET B 10 8.21 -19.25 -47.48
N VAL B 11 8.07 -18.49 -46.41
CA VAL B 11 8.94 -18.56 -45.24
C VAL B 11 8.09 -18.55 -43.98
N GLU B 12 8.59 -19.22 -42.95
CA GLU B 12 8.06 -19.10 -41.60
C GLU B 12 9.06 -18.32 -40.77
N VAL B 13 8.62 -17.21 -40.18
CA VAL B 13 9.48 -16.36 -39.37
C VAL B 13 8.85 -16.21 -37.99
N ARG B 14 9.66 -15.77 -37.03
CA ARG B 14 9.16 -15.51 -35.68
C ARG B 14 8.19 -14.34 -35.67
N ASN B 15 7.22 -14.39 -34.77
CA ASN B 15 6.26 -13.29 -34.60
C ASN B 15 6.72 -12.47 -33.39
N ASP B 16 7.60 -11.52 -33.66
CA ASP B 16 8.17 -10.65 -32.64
C ASP B 16 8.41 -9.29 -33.27
N PRO B 17 8.59 -8.23 -32.47
CA PRO B 17 8.84 -6.90 -33.05
C PRO B 17 10.11 -6.79 -33.88
N LYS B 18 11.09 -7.67 -33.68
CA LYS B 18 12.28 -7.65 -34.52
C LYS B 18 11.95 -8.02 -35.96
N THR B 19 11.02 -8.96 -36.15
CA THR B 19 10.65 -9.43 -37.49
C THR B 19 9.94 -8.35 -38.30
N LEU B 20 9.05 -7.59 -37.65
CA LEU B 20 8.35 -6.53 -38.38
C LEU B 20 9.25 -5.35 -38.72
N GLU B 21 10.43 -5.24 -38.11
CA GLU B 21 11.45 -4.33 -38.63
C GLU B 21 12.02 -4.83 -39.95
N LEU B 22 12.10 -6.16 -40.12
CA LEU B 22 12.62 -6.74 -41.35
C LEU B 22 11.66 -6.60 -42.52
N PHE B 23 10.37 -6.32 -42.26
CA PHE B 23 9.43 -6.02 -43.33
C PHE B 23 9.77 -4.70 -44.03
N GLY B 24 10.25 -3.73 -43.27
CA GLY B 24 10.48 -2.40 -43.81
C GLY B 24 11.93 -2.08 -44.10
N LYS B 25 12.85 -2.92 -43.65
CA LYS B 25 14.28 -2.68 -43.85
C LYS B 25 14.95 -3.66 -44.79
N VAL B 26 14.30 -4.77 -45.14
CA VAL B 26 14.87 -5.78 -46.04
C VAL B 26 13.96 -6.04 -47.23
N GLY B 27 12.68 -6.25 -46.97
CA GLY B 27 11.62 -6.33 -47.97
C GLY B 27 11.65 -5.35 -49.14
N PRO B 28 11.77 -4.04 -48.89
CA PRO B 28 11.93 -3.11 -50.00
C PRO B 28 13.23 -3.28 -50.77
N LYS B 29 14.31 -3.70 -50.12
CA LYS B 29 15.57 -3.89 -50.82
C LYS B 29 15.53 -5.10 -51.75
N VAL B 30 14.83 -6.16 -51.34
CA VAL B 30 14.66 -7.33 -52.19
C VAL B 30 13.86 -6.99 -53.43
N CYS B 31 12.82 -6.17 -53.27
CA CYS B 31 12.02 -5.72 -54.40
C CYS B 31 12.81 -4.83 -55.34
N MET B 32 13.76 -4.05 -54.81
CA MET B 32 14.57 -3.18 -55.66
C MET B 32 15.62 -3.97 -56.42
N VAL B 33 16.18 -5.03 -55.82
CA VAL B 33 17.11 -5.90 -56.54
C VAL B 33 16.37 -6.71 -57.60
N THR B 34 15.17 -7.16 -57.28
CA THR B 34 14.34 -7.92 -58.21
C THR B 34 13.92 -7.07 -59.41
N ALA B 35 13.75 -5.77 -59.22
CA ALA B 35 13.35 -4.85 -60.28
C ALA B 35 14.50 -4.46 -61.20
N ARG B 36 15.71 -5.00 -61.00
CA ARG B 36 16.76 -4.85 -62.00
C ARG B 36 16.47 -5.63 -63.27
N HIS B 37 15.67 -6.68 -63.19
CA HIS B 37 15.34 -7.50 -64.35
C HIS B 37 14.14 -6.92 -65.08
N PRO B 38 14.18 -6.86 -66.42
CA PRO B 38 13.05 -6.27 -67.16
C PRO B 38 11.81 -7.16 -67.20
N GLY B 39 11.95 -8.46 -66.98
CA GLY B 39 10.81 -9.36 -66.92
C GLY B 39 10.01 -9.30 -65.65
N PHE B 40 10.48 -8.57 -64.65
CA PHE B 40 9.75 -8.38 -63.40
C PHE B 40 8.61 -7.40 -63.64
N VAL B 41 7.38 -7.81 -63.34
CA VAL B 41 6.22 -6.94 -63.56
C VAL B 41 5.50 -6.58 -62.28
N GLY B 42 5.93 -7.06 -61.13
CA GLY B 42 5.31 -6.65 -59.89
C GLY B 42 5.35 -7.72 -58.84
N PHE B 43 4.77 -7.40 -57.68
CA PHE B 43 4.83 -8.28 -56.53
C PHE B 43 3.59 -8.06 -55.66
N GLN B 44 3.38 -9.00 -54.75
CA GLN B 44 2.31 -8.89 -53.75
C GLN B 44 2.73 -9.74 -52.56
N ASN B 45 3.01 -9.10 -51.44
CA ASN B 45 3.54 -9.78 -50.25
C ASN B 45 2.44 -9.99 -49.23
N HIS B 46 2.38 -11.19 -48.66
CA HIS B 46 1.32 -11.56 -47.75
C HIS B 46 1.89 -12.02 -46.41
N VAL B 47 1.10 -11.81 -45.37
CA VAL B 47 1.29 -12.45 -44.06
C VAL B 47 0.03 -13.25 -43.78
N GLN B 48 0.20 -14.51 -43.39
CA GLN B 48 -0.95 -15.31 -42.99
C GLN B 48 -1.49 -14.81 -41.65
N ILE B 49 -2.78 -14.51 -41.62
CA ILE B 49 -3.43 -14.06 -40.40
C ILE B 49 -4.37 -15.12 -39.81
N GLY B 50 -4.64 -16.20 -40.53
CA GLY B 50 -5.51 -17.22 -40.00
C GLY B 50 -5.82 -18.28 -41.02
N VAL B 51 -6.79 -19.13 -40.67
CA VAL B 51 -7.23 -20.27 -41.44
C VAL B 51 -8.75 -20.26 -41.44
N VAL B 52 -9.37 -20.58 -42.56
CA VAL B 52 -10.81 -20.76 -42.61
C VAL B 52 -11.15 -22.06 -41.87
N PRO B 53 -11.94 -22.00 -40.79
CA PRO B 53 -12.17 -23.21 -40.00
C PRO B 53 -13.15 -24.19 -40.62
N LEU B 54 -14.06 -23.69 -41.48
CA LEU B 54 -15.13 -24.46 -42.12
C LEU B 54 -15.99 -25.19 -41.09
N GLY B 55 -16.64 -24.40 -40.24
CA GLY B 55 -17.32 -24.96 -39.08
C GLY B 55 -16.33 -25.40 -38.04
N THR B 56 -16.30 -26.69 -37.72
CA THR B 56 -15.34 -27.24 -36.77
C THR B 56 -14.36 -28.20 -37.44
N ARG B 57 -14.16 -28.09 -38.75
CA ARG B 57 -13.23 -28.98 -39.44
C ARG B 57 -11.80 -28.72 -38.99
N TRP B 58 -11.40 -27.46 -38.95
CA TRP B 58 -10.23 -27.03 -38.20
C TRP B 58 -10.73 -26.05 -37.15
N GLY B 59 -11.27 -26.59 -36.06
CA GLY B 59 -11.91 -25.77 -35.05
C GLY B 59 -10.96 -25.06 -34.13
N GLY B 60 -9.70 -25.48 -34.08
CA GLY B 60 -8.68 -24.76 -33.35
C GLY B 60 -8.14 -23.56 -34.06
N ALA B 61 -8.56 -23.35 -35.30
CA ALA B 61 -8.10 -22.25 -36.13
C ALA B 61 -9.19 -21.20 -36.26
N LYS B 62 -8.77 -19.96 -36.43
CA LYS B 62 -9.66 -18.82 -36.60
C LYS B 62 -9.20 -18.05 -37.82
N MET B 63 -10.09 -17.21 -38.36
CA MET B 63 -9.72 -16.41 -39.51
C MET B 63 -8.77 -15.27 -39.14
N GLU B 64 -8.88 -14.75 -37.93
CA GLU B 64 -7.98 -13.71 -37.42
C GLU B 64 -7.35 -14.22 -36.14
N MET B 65 -6.21 -14.92 -36.26
CA MET B 65 -5.51 -15.47 -35.11
C MET B 65 -4.06 -15.02 -35.05
N SER B 66 -3.71 -13.95 -35.74
CA SER B 66 -2.30 -13.56 -35.86
C SER B 66 -1.75 -12.92 -34.59
N GLN B 67 -2.61 -12.40 -33.73
CA GLN B 67 -2.16 -11.82 -32.47
C GLN B 67 -1.71 -12.88 -31.47
N GLU B 68 -2.07 -14.14 -31.67
CA GLU B 68 -1.76 -15.20 -30.73
C GLU B 68 -0.66 -16.15 -31.20
N MET B 69 -0.22 -16.05 -32.45
CA MET B 69 0.73 -17.00 -33.00
C MET B 69 2.16 -16.61 -32.69
N HIS B 70 2.99 -17.61 -32.43
CA HIS B 70 4.41 -17.38 -32.19
C HIS B 70 5.19 -17.21 -33.49
N SER B 71 4.64 -17.66 -34.61
CA SER B 71 5.36 -17.65 -35.87
C SER B 71 4.44 -17.16 -36.98
N LEU B 72 5.02 -16.51 -37.97
CA LEU B 72 4.28 -15.92 -39.08
C LEU B 72 4.65 -16.62 -40.38
N MET B 73 3.64 -17.02 -41.13
CA MET B 73 3.81 -17.52 -42.48
C MET B 73 3.75 -16.36 -43.46
N LEU B 74 4.75 -16.24 -44.33
CA LEU B 74 4.80 -15.19 -45.34
C LEU B 74 4.72 -15.82 -46.72
N MET B 75 3.89 -15.26 -47.58
CA MET B 75 3.78 -15.66 -48.98
C MET B 75 4.09 -14.45 -49.84
N GLN B 76 5.26 -14.43 -50.42
CA GLN B 76 5.73 -13.28 -51.19
C GLN B 76 5.62 -13.62 -52.67
N TYR B 77 4.61 -13.06 -53.33
CA TYR B 77 4.42 -13.32 -54.75
C TYR B 77 5.30 -12.37 -55.53
N THR B 78 5.95 -12.88 -56.56
CA THR B 78 6.57 -12.05 -57.57
C THR B 78 6.02 -12.47 -58.93
N PHE B 79 5.80 -11.50 -59.80
CA PHE B 79 5.15 -11.72 -61.07
C PHE B 79 6.15 -11.49 -62.20
N TRP B 80 6.13 -12.39 -63.19
CA TRP B 80 7.17 -12.45 -64.21
C TRP B 80 6.56 -12.64 -65.59
N LYS B 81 7.16 -12.01 -66.60
CA LYS B 81 6.71 -12.17 -67.98
C LYS B 81 6.90 -13.61 -68.45
N ASN B 82 7.99 -14.25 -68.03
CA ASN B 82 8.18 -15.68 -68.20
C ASN B 82 8.86 -16.20 -66.94
N TRP B 83 8.64 -17.48 -66.63
CA TRP B 83 9.23 -18.04 -65.43
C TRP B 83 10.74 -18.19 -65.53
N LYS B 84 11.28 -18.22 -66.75
CA LYS B 84 12.73 -18.21 -66.92
C LYS B 84 13.35 -16.88 -66.55
N ASP B 85 12.56 -15.79 -66.62
CA ASP B 85 13.06 -14.48 -66.16
C ASP B 85 13.30 -14.47 -64.66
N HIS B 86 12.52 -15.24 -63.91
CA HIS B 86 12.74 -15.33 -62.47
C HIS B 86 14.01 -16.12 -62.16
N GLU B 87 14.26 -17.21 -62.89
CA GLU B 87 15.47 -17.98 -62.67
C GLU B 87 16.70 -17.24 -63.15
N GLU B 88 16.58 -16.46 -64.23
CA GLU B 88 17.68 -15.63 -64.69
C GLU B 88 17.96 -14.48 -63.71
N MET B 89 16.92 -13.95 -63.07
CA MET B 89 17.10 -12.89 -62.09
C MET B 89 17.88 -13.38 -60.87
N HIS B 90 17.55 -14.57 -60.38
CA HIS B 90 18.21 -15.08 -59.19
C HIS B 90 19.67 -15.42 -59.44
N LYS B 91 20.00 -15.86 -60.66
CA LYS B 91 21.40 -16.17 -60.94
C LYS B 91 22.23 -14.92 -61.13
N GLN B 92 21.68 -13.89 -61.79
CA GLN B 92 22.44 -12.68 -62.07
C GLN B 92 22.58 -11.79 -60.84
N ASN B 93 21.65 -11.87 -59.89
CA ASN B 93 21.66 -11.03 -58.71
C ASN B 93 21.86 -11.86 -57.45
N TRP B 94 22.64 -12.94 -57.56
CA TRP B 94 22.70 -13.93 -56.48
C TRP B 94 23.40 -13.41 -55.24
N ALA B 95 24.45 -12.62 -55.40
CA ALA B 95 25.18 -12.12 -54.24
C ALA B 95 24.35 -11.13 -53.44
N ASN B 96 23.65 -10.22 -54.13
CA ASN B 96 22.83 -9.24 -53.42
C ASN B 96 21.62 -9.89 -52.76
N LEU B 97 21.01 -10.88 -53.43
CA LEU B 97 19.81 -11.51 -52.91
C LEU B 97 20.11 -12.46 -51.76
N PHE B 98 21.23 -13.18 -51.83
CA PHE B 98 21.63 -14.05 -50.74
C PHE B 98 21.93 -13.25 -49.47
N ARG B 99 22.58 -12.10 -49.63
CA ARG B 99 22.94 -11.27 -48.49
C ARG B 99 21.71 -10.65 -47.84
N LEU B 100 20.72 -10.29 -48.64
CA LEU B 100 19.49 -9.73 -48.09
C LEU B 100 18.66 -10.80 -47.38
N CYS B 101 18.63 -12.02 -47.94
CA CYS B 101 17.86 -13.10 -47.34
C CYS B 101 18.47 -13.56 -46.03
N LEU B 102 19.79 -13.44 -45.88
CA LEU B 102 20.45 -13.79 -44.63
C LEU B 102 20.35 -12.71 -43.57
N GLN B 103 19.80 -11.54 -43.89
CA GLN B 103 19.47 -10.59 -42.85
C GLN B 103 18.24 -11.02 -42.06
N CYS B 104 17.41 -11.89 -42.64
CA CYS B 104 16.22 -12.42 -41.99
C CYS B 104 16.51 -13.76 -41.31
N ALA B 105 17.78 -14.11 -41.16
CA ALA B 105 18.17 -15.46 -40.77
C ALA B 105 17.85 -15.74 -39.31
N ASP B 106 18.13 -14.79 -38.42
CA ASP B 106 17.86 -14.98 -37.00
C ASP B 106 16.39 -14.93 -36.64
N GLN B 107 15.50 -14.67 -37.60
CA GLN B 107 14.06 -14.79 -37.40
C GLN B 107 13.46 -16.00 -38.09
N MET B 108 14.17 -16.60 -39.05
CA MET B 108 13.58 -17.62 -39.91
C MET B 108 13.48 -18.96 -39.20
N ILE B 109 12.34 -19.62 -39.36
CA ILE B 109 12.06 -20.90 -38.74
C ILE B 109 12.00 -22.02 -39.78
N TRP B 110 11.32 -21.79 -40.88
CA TRP B 110 11.22 -22.74 -41.96
C TRP B 110 11.35 -21.98 -43.28
N GLY B 111 11.94 -22.62 -44.27
CA GLY B 111 12.06 -22.03 -45.57
C GLY B 111 13.44 -21.46 -45.85
N PRO B 112 13.60 -20.72 -46.96
CA PRO B 112 12.59 -20.38 -47.96
C PRO B 112 12.28 -21.51 -48.94
N TYR B 113 11.05 -21.49 -49.44
CA TYR B 113 10.56 -22.49 -50.38
C TYR B 113 9.79 -21.74 -51.44
N GLU B 114 10.27 -21.75 -52.68
CA GLU B 114 9.68 -20.94 -53.75
C GLU B 114 9.19 -21.81 -54.90
N PRO B 115 7.95 -22.29 -54.85
CA PRO B 115 7.37 -22.91 -56.04
C PRO B 115 7.00 -21.88 -57.09
N LEU B 116 7.05 -22.30 -58.35
CA LEU B 116 6.72 -21.45 -59.48
C LEU B 116 5.34 -21.85 -60.01
N TYR B 117 4.56 -20.85 -60.43
CA TYR B 117 3.18 -21.07 -60.80
C TYR B 117 2.88 -20.44 -62.14
N GLU B 118 1.98 -21.09 -62.87
CA GLU B 118 1.38 -20.57 -64.08
C GLU B 118 -0.06 -20.16 -63.77
N ILE B 119 -0.47 -18.99 -64.27
CA ILE B 119 -1.83 -18.51 -64.07
C ILE B 119 -2.74 -19.23 -65.08
N VAL B 120 -3.63 -20.06 -64.57
CA VAL B 120 -4.59 -20.76 -65.41
C VAL B 120 -5.75 -19.83 -65.77
N TYR B 121 -6.30 -19.15 -64.76
CA TYR B 121 -7.41 -18.24 -64.91
C TYR B 121 -7.10 -17.01 -64.09
N ALA B 122 -7.55 -15.84 -64.55
CA ALA B 122 -7.38 -14.63 -63.78
C ALA B 122 -8.55 -13.70 -63.99
N ASN B 123 -9.15 -13.26 -62.89
CA ASN B 123 -10.06 -12.12 -62.85
C ASN B 123 -9.53 -11.26 -61.73
N MET B 124 -8.56 -10.42 -62.02
CA MET B 124 -7.89 -9.61 -61.00
C MET B 124 -7.91 -8.16 -61.46
N PRO B 125 -8.74 -7.33 -60.86
CA PRO B 125 -8.88 -5.95 -61.31
C PRO B 125 -7.71 -5.08 -60.87
N LEU B 126 -7.71 -3.86 -61.37
CA LEU B 126 -6.74 -2.86 -60.94
C LEU B 126 -7.03 -2.44 -59.50
N ASN B 127 -5.98 -2.31 -58.72
CA ASN B 127 -6.12 -1.83 -57.35
C ASN B 127 -6.39 -0.33 -57.35
N THR B 128 -7.48 0.07 -56.71
CA THR B 128 -7.83 1.47 -56.54
C THR B 128 -8.08 1.76 -55.07
N GLU B 129 -7.65 2.93 -54.63
CA GLU B 129 -8.05 3.44 -53.32
C GLU B 129 -9.49 3.94 -53.38
N MET B 130 -10.02 4.30 -52.22
CA MET B 130 -11.34 4.90 -52.17
C MET B 130 -11.35 6.34 -52.70
N THR B 131 -10.18 6.96 -52.84
CA THR B 131 -10.09 8.27 -53.48
C THR B 131 -10.00 8.17 -55.00
N ASP B 132 -9.80 6.98 -55.54
CA ASP B 132 -9.54 6.81 -56.97
C ASP B 132 -10.73 6.31 -57.76
N PHE B 133 -11.88 6.03 -57.14
CA PHE B 133 -12.97 5.41 -57.89
C PHE B 133 -13.66 6.39 -58.82
N THR B 134 -13.57 7.70 -58.53
CA THR B 134 -14.10 8.70 -59.46
C THR B 134 -13.33 8.71 -60.78
N VAL B 135 -12.02 8.46 -60.73
CA VAL B 135 -11.24 8.33 -61.96
C VAL B 135 -11.59 7.03 -62.67
N MET B 136 -11.84 5.97 -61.91
CA MET B 136 -12.06 4.66 -62.50
C MET B 136 -13.39 4.58 -63.22
N VAL B 137 -14.47 5.04 -62.58
CA VAL B 137 -15.77 5.00 -63.24
C VAL B 137 -15.89 6.09 -64.30
N GLY B 138 -15.10 7.15 -64.20
CA GLY B 138 -15.15 8.18 -65.23
C GLY B 138 -14.48 7.73 -66.52
N LYS B 139 -13.39 6.97 -66.40
CA LYS B 139 -12.70 6.48 -67.59
C LYS B 139 -13.48 5.35 -68.25
N LYS B 140 -14.17 4.52 -67.47
CA LYS B 140 -14.93 3.42 -68.03
C LYS B 140 -16.24 3.88 -68.64
N PHE B 141 -16.84 4.95 -68.12
CA PHE B 141 -18.02 5.50 -68.75
C PHE B 141 -17.68 6.24 -70.04
N ALA B 142 -16.53 6.89 -70.09
CA ALA B 142 -16.14 7.61 -71.30
C ALA B 142 -15.74 6.66 -72.42
N ALA B 143 -15.31 5.46 -72.08
CA ALA B 143 -14.95 4.45 -73.05
C ALA B 143 -16.10 3.52 -73.39
N GLY B 144 -17.28 3.75 -72.85
CA GLY B 144 -18.43 2.90 -73.11
C GLY B 144 -18.33 1.52 -72.50
N GLU B 145 -17.59 1.37 -71.40
CA GLU B 145 -17.44 0.08 -70.75
C GLU B 145 -17.97 0.12 -69.32
N ALA B 146 -19.18 0.65 -69.15
CA ALA B 146 -19.80 0.69 -67.82
C ALA B 146 -20.14 -0.70 -67.31
N VAL B 147 -20.36 -1.66 -68.20
CA VAL B 147 -20.72 -3.00 -67.78
C VAL B 147 -19.52 -3.74 -67.19
N SER B 148 -18.30 -3.29 -67.47
CA SER B 148 -17.08 -3.92 -66.97
C SER B 148 -16.37 -3.03 -65.95
N ILE B 149 -17.13 -2.33 -65.11
CA ILE B 149 -16.53 -1.54 -64.04
C ILE B 149 -16.18 -2.47 -62.89
N PRO B 150 -14.94 -2.50 -62.44
CA PRO B 150 -14.53 -3.47 -61.43
C PRO B 150 -14.89 -3.01 -60.03
N PRO B 151 -14.86 -3.89 -59.04
CA PRO B 151 -15.04 -3.44 -57.65
C PRO B 151 -13.80 -2.70 -57.15
N ILE B 152 -14.00 -1.93 -56.09
CA ILE B 152 -12.91 -1.15 -55.49
C ILE B 152 -12.05 -2.10 -54.67
N SER B 153 -10.88 -2.43 -55.18
CA SER B 153 -9.94 -3.34 -54.52
C SER B 153 -8.85 -2.48 -53.89
N GLN B 154 -8.92 -2.27 -52.60
CA GLN B 154 -8.04 -1.33 -51.93
C GLN B 154 -6.68 -1.97 -51.66
N PRO B 155 -5.58 -1.31 -52.01
CA PRO B 155 -4.26 -1.90 -51.77
C PRO B 155 -3.79 -1.70 -50.33
N TYR B 156 -2.67 -2.36 -50.02
CA TYR B 156 -1.85 -2.16 -48.83
C TYR B 156 -2.61 -2.46 -47.53
N GLY B 157 -3.03 -3.72 -47.41
CA GLY B 157 -3.55 -4.23 -46.17
C GLY B 157 -5.02 -4.02 -45.92
N LYS B 158 -5.77 -3.48 -46.88
CA LYS B 158 -7.17 -3.15 -46.68
C LYS B 158 -8.11 -4.19 -47.27
N ARG B 159 -7.60 -5.38 -47.55
CA ARG B 159 -8.43 -6.50 -48.00
C ARG B 159 -7.78 -7.77 -47.50
N VAL B 160 -8.45 -8.90 -47.71
CA VAL B 160 -7.92 -10.19 -47.28
C VAL B 160 -7.88 -11.13 -48.48
N VAL B 161 -7.00 -12.12 -48.38
CA VAL B 161 -6.77 -13.09 -49.43
C VAL B 161 -7.06 -14.47 -48.87
N ALA B 162 -7.86 -15.25 -49.59
CA ALA B 162 -8.04 -16.66 -49.31
C ALA B 162 -7.10 -17.46 -50.18
N PHE B 163 -6.21 -18.22 -49.54
CA PHE B 163 -5.15 -18.98 -50.18
C PHE B 163 -5.58 -20.44 -50.14
N GLY B 164 -6.17 -20.91 -51.23
CA GLY B 164 -6.76 -22.24 -51.26
C GLY B 164 -5.91 -23.30 -51.90
N GLU B 165 -5.40 -24.21 -51.08
CA GLU B 165 -4.49 -25.26 -51.56
C GLU B 165 -5.29 -26.47 -52.01
N HIS B 166 -5.03 -26.91 -53.24
CA HIS B 166 -5.71 -28.07 -53.81
C HIS B 166 -4.68 -28.96 -54.48
N ILE B 167 -4.70 -30.25 -54.16
CA ILE B 167 -3.88 -31.24 -54.85
C ILE B 167 -4.82 -32.16 -55.60
N VAL B 168 -4.63 -32.25 -56.92
CA VAL B 168 -5.60 -32.87 -57.82
C VAL B 168 -5.02 -34.19 -58.32
N LYS B 169 -5.84 -35.24 -58.30
CA LYS B 169 -5.47 -36.56 -58.79
C LYS B 169 -5.00 -36.53 -60.24
N GLU B 170 -4.08 -37.45 -60.58
CA GLU B 170 -3.57 -37.59 -61.93
C GLU B 170 -4.69 -37.96 -62.90
N GLY B 171 -4.83 -37.16 -63.95
CA GLY B 171 -5.84 -37.36 -64.95
C GLY B 171 -7.09 -36.52 -64.78
N LEU B 172 -7.29 -35.96 -63.59
CA LEU B 172 -8.45 -35.12 -63.31
C LEU B 172 -8.12 -33.63 -63.29
N GLU B 173 -6.99 -33.23 -63.89
CA GLU B 173 -6.62 -31.82 -63.91
C GLU B 173 -7.51 -31.01 -64.84
N ASN B 174 -7.99 -31.61 -65.93
CA ASN B 174 -8.91 -30.90 -66.82
C ASN B 174 -10.28 -30.69 -66.17
N GLN B 175 -10.71 -31.64 -65.33
CA GLN B 175 -11.98 -31.47 -64.64
C GLN B 175 -11.87 -30.44 -63.52
N PHE B 176 -10.71 -30.38 -62.85
CA PHE B 176 -10.52 -29.36 -61.82
C PHE B 176 -10.58 -27.97 -62.41
N GLU B 177 -9.81 -27.72 -63.47
CA GLU B 177 -9.68 -26.38 -64.01
C GLU B 177 -10.97 -25.88 -64.63
N GLU B 178 -11.79 -26.79 -65.16
CA GLU B 178 -13.07 -26.37 -65.74
C GLU B 178 -14.03 -25.88 -64.65
N TYR B 179 -14.16 -26.63 -63.57
CA TYR B 179 -15.15 -26.31 -62.55
C TYR B 179 -14.63 -25.40 -61.46
N ALA B 180 -13.31 -25.30 -61.27
CA ALA B 180 -12.80 -24.26 -60.38
C ALA B 180 -12.93 -22.88 -61.01
N ILE B 181 -12.88 -22.81 -62.34
CA ILE B 181 -13.15 -21.57 -63.04
C ILE B 181 -14.62 -21.18 -62.86
N LYS B 182 -15.52 -22.15 -63.01
CA LYS B 182 -16.96 -21.90 -62.82
C LYS B 182 -17.29 -21.53 -61.38
N THR B 183 -16.50 -22.01 -60.42
CA THR B 183 -16.68 -21.61 -59.04
C THR B 183 -16.27 -20.16 -58.83
N LEU B 184 -15.19 -19.74 -59.49
CA LEU B 184 -14.72 -18.36 -59.35
C LEU B 184 -15.59 -17.37 -60.12
N GLU B 185 -16.24 -17.81 -61.19
CA GLU B 185 -17.24 -16.96 -61.83
C GLU B 185 -18.49 -16.82 -60.99
N ALA B 186 -18.82 -17.85 -60.21
CA ALA B 186 -19.94 -17.78 -59.29
C ALA B 186 -19.65 -16.88 -58.11
N PHE B 187 -18.38 -16.68 -57.74
CA PHE B 187 -18.03 -15.78 -56.66
C PHE B 187 -18.25 -14.31 -57.03
N ARG B 188 -18.38 -14.00 -58.33
CA ARG B 188 -18.66 -12.62 -58.76
C ARG B 188 -19.98 -12.09 -58.21
N SER B 189 -20.92 -12.98 -57.89
CA SER B 189 -22.16 -12.56 -57.27
C SER B 189 -22.03 -12.31 -55.77
N ALA B 190 -20.98 -12.80 -55.14
CA ALA B 190 -20.86 -12.70 -53.69
C ALA B 190 -20.49 -11.27 -53.29
N PRO B 191 -21.07 -10.75 -52.21
CA PRO B 191 -20.70 -9.40 -51.75
C PRO B 191 -19.28 -9.38 -51.20
N GLY B 192 -18.55 -8.34 -51.58
CA GLY B 192 -17.18 -8.19 -51.15
C GLY B 192 -16.16 -8.99 -51.92
N PHE B 193 -16.56 -9.71 -52.95
CA PHE B 193 -15.60 -10.41 -53.78
C PHE B 193 -14.83 -9.41 -54.63
N LEU B 194 -13.51 -9.44 -54.51
CA LEU B 194 -12.66 -8.47 -55.18
C LEU B 194 -11.89 -9.07 -56.33
N GLY B 195 -12.05 -10.36 -56.62
CA GLY B 195 -11.38 -10.98 -57.73
C GLY B 195 -10.64 -12.23 -57.32
N GLY B 196 -10.20 -12.97 -58.35
CA GLY B 196 -9.64 -14.27 -58.11
C GLY B 196 -8.77 -14.75 -59.25
N MET B 197 -7.88 -15.69 -58.93
CA MET B 197 -7.05 -16.34 -59.93
C MET B 197 -6.76 -17.77 -59.50
N ILE B 198 -6.45 -18.61 -60.48
CA ILE B 198 -6.12 -20.01 -60.25
C ILE B 198 -4.69 -20.22 -60.69
N LEU B 199 -3.85 -20.69 -59.76
CA LEU B 199 -2.43 -20.88 -60.01
C LEU B 199 -2.12 -22.37 -60.08
N LYS B 200 -1.30 -22.75 -61.05
CA LYS B 200 -0.91 -24.14 -61.27
C LYS B 200 0.60 -24.25 -61.11
N GLU B 201 1.04 -25.10 -60.18
CA GLU B 201 2.47 -25.25 -59.91
C GLU B 201 3.17 -25.93 -61.06
N ILE B 202 4.26 -25.32 -61.54
CA ILE B 202 5.02 -25.84 -62.66
C ILE B 202 6.48 -26.13 -62.30
N GLY B 203 6.88 -25.89 -61.07
CA GLY B 203 8.25 -26.10 -60.68
C GLY B 203 8.56 -25.40 -59.38
N VAL B 204 9.80 -25.60 -58.92
CA VAL B 204 10.31 -24.97 -57.71
C VAL B 204 11.67 -24.37 -58.02
N SER B 205 11.82 -23.08 -57.74
CA SER B 205 13.09 -22.39 -57.94
C SER B 205 14.17 -22.91 -57.00
N PRO B 206 15.30 -23.41 -57.49
CA PRO B 206 16.35 -23.86 -56.57
C PRO B 206 17.07 -22.74 -55.83
N LEU B 207 17.40 -21.64 -56.52
CA LEU B 207 18.10 -20.54 -55.88
C LEU B 207 17.20 -19.79 -54.92
N GLY B 208 15.91 -19.65 -55.27
CA GLY B 208 14.95 -19.07 -54.36
C GLY B 208 14.65 -19.91 -53.14
N SER B 209 14.92 -21.22 -53.21
CA SER B 209 14.72 -22.11 -52.08
C SER B 209 16.02 -22.38 -51.32
N LEU B 210 17.11 -21.70 -51.70
CA LEU B 210 18.46 -21.91 -51.14
C LEU B 210 18.91 -23.36 -51.24
N GLN B 211 18.59 -23.99 -52.35
CA GLN B 211 18.93 -25.39 -52.58
C GLN B 211 20.08 -25.45 -53.56
N LEU B 212 21.28 -25.62 -53.04
CA LEU B 212 22.51 -25.73 -53.81
C LEU B 212 23.01 -27.16 -53.74
N ASN B 213 24.17 -27.40 -54.35
CA ASN B 213 24.83 -28.69 -54.22
C ASN B 213 25.53 -28.76 -52.85
N ALA B 214 26.33 -29.80 -52.65
CA ALA B 214 26.92 -30.04 -51.33
C ALA B 214 27.92 -28.96 -50.93
N LYS B 215 28.69 -28.45 -51.89
CA LYS B 215 29.62 -27.37 -51.59
C LYS B 215 28.88 -26.07 -51.31
N GLY B 216 27.82 -25.79 -52.08
CA GLY B 216 27.05 -24.59 -51.86
C GLY B 216 26.26 -24.60 -50.57
N PHE B 217 25.76 -25.77 -50.18
CA PHE B 217 25.01 -25.88 -48.92
C PHE B 217 25.90 -25.62 -47.72
N HIS B 218 27.15 -26.09 -47.77
CA HIS B 218 28.06 -25.85 -46.66
C HIS B 218 28.48 -24.39 -46.59
N GLN B 219 28.60 -23.71 -47.73
CA GLN B 219 28.94 -22.30 -47.72
C GLN B 219 27.79 -21.44 -47.20
N ILE B 220 26.55 -21.92 -47.34
CA ILE B 220 25.42 -21.23 -46.73
C ILE B 220 25.51 -21.31 -45.21
N LEU B 221 25.83 -22.49 -44.67
CA LEU B 221 25.95 -22.65 -43.22
C LEU B 221 27.17 -21.94 -42.66
N GLU B 222 28.23 -21.81 -43.45
CA GLU B 222 29.51 -21.33 -42.92
C GLU B 222 29.67 -19.82 -43.00
N THR B 223 28.86 -19.12 -43.77
CA THR B 223 29.15 -17.72 -44.07
C THR B 223 28.79 -16.82 -42.90
N ALA B 224 29.54 -15.73 -42.78
CA ALA B 224 29.29 -14.70 -41.78
C ALA B 224 28.48 -13.59 -42.45
N ASN B 225 27.17 -13.62 -42.21
CA ASN B 225 26.19 -12.63 -42.67
C ASN B 225 26.11 -12.52 -44.19
N GLY B 226 26.55 -13.54 -44.92
CA GLY B 226 26.50 -13.52 -46.36
C GLY B 226 27.68 -12.89 -47.06
N MET B 227 28.70 -12.43 -46.33
CA MET B 227 29.89 -11.87 -46.96
C MET B 227 30.63 -12.90 -47.81
N ASP B 228 30.55 -14.16 -47.41
CA ASP B 228 31.14 -15.27 -48.14
C ASP B 228 30.03 -15.88 -48.99
N VAL B 229 29.96 -15.49 -50.25
CA VAL B 229 28.83 -15.86 -51.10
C VAL B 229 29.08 -17.25 -51.67
N PRO B 230 28.12 -18.18 -51.54
CA PRO B 230 28.28 -19.50 -52.16
C PRO B 230 28.22 -19.41 -53.67
N GLU B 231 28.89 -20.34 -54.32
CA GLU B 231 28.80 -20.46 -55.76
C GLU B 231 27.42 -21.01 -56.10
N PRO B 232 26.61 -20.32 -56.91
CA PRO B 232 25.21 -20.72 -57.10
C PRO B 232 25.04 -21.87 -58.09
N VAL B 233 25.63 -23.01 -57.76
CA VAL B 233 25.51 -24.23 -58.55
C VAL B 233 24.48 -25.11 -57.88
N THR B 234 23.42 -25.44 -58.62
CA THR B 234 22.37 -26.32 -58.15
C THR B 234 22.45 -27.64 -58.89
N ILE B 235 21.81 -28.67 -58.32
CA ILE B 235 21.79 -29.98 -58.96
C ILE B 235 20.57 -30.16 -59.84
N TYR B 236 19.64 -29.21 -59.85
CA TYR B 236 18.43 -29.32 -60.64
C TYR B 236 18.01 -27.95 -61.13
N GLU B 237 17.23 -27.94 -62.19
CA GLU B 237 16.52 -26.74 -62.62
C GLU B 237 15.07 -26.86 -62.22
N ALA B 238 14.36 -25.74 -62.33
CA ALA B 238 13.02 -25.63 -61.72
C ALA B 238 11.97 -26.64 -62.19
N PRO B 239 11.84 -27.01 -63.49
CA PRO B 239 10.87 -28.08 -63.82
C PRO B 239 11.26 -29.48 -63.36
N GLU B 240 12.50 -29.70 -62.90
CA GLU B 240 12.87 -31.01 -62.38
C GLU B 240 12.34 -31.26 -60.98
N PHE B 241 11.94 -30.22 -60.25
CA PHE B 241 11.21 -30.35 -59.01
C PHE B 241 9.82 -29.80 -59.30
N ARG B 242 9.00 -30.64 -59.92
CA ARG B 242 7.59 -30.33 -60.15
C ARG B 242 6.79 -31.40 -59.42
N ASN B 243 6.01 -30.98 -58.44
CA ASN B 243 5.34 -31.92 -57.56
C ASN B 243 4.21 -32.64 -58.29
N ARG B 244 4.21 -33.95 -58.19
CA ARG B 244 3.13 -34.78 -58.66
C ARG B 244 2.52 -35.51 -57.47
N PRO B 245 1.19 -35.56 -57.34
CA PRO B 245 0.11 -35.00 -58.17
C PRO B 245 0.04 -33.47 -58.15
N GLN B 246 -0.72 -32.90 -59.09
CA GLN B 246 -0.61 -31.50 -59.43
C GLN B 246 -1.16 -30.59 -58.34
N ARG B 247 -0.35 -29.62 -57.93
CA ARG B 247 -0.76 -28.64 -56.92
C ARG B 247 -1.41 -27.44 -57.58
N TYR B 248 -2.51 -26.99 -56.99
CA TYR B 248 -3.19 -25.79 -57.44
C TYR B 248 -3.37 -24.84 -56.28
N ILE B 249 -3.23 -23.55 -56.55
CA ILE B 249 -3.63 -22.51 -55.60
C ILE B 249 -4.86 -21.83 -56.17
N VAL B 250 -5.93 -21.80 -55.38
CA VAL B 250 -7.10 -20.98 -55.69
C VAL B 250 -7.01 -19.74 -54.83
N HIS B 251 -6.67 -18.62 -55.47
CA HIS B 251 -6.41 -17.35 -54.80
C HIS B 251 -7.61 -16.45 -55.03
N THR B 252 -8.32 -16.10 -53.97
CA THR B 252 -9.45 -15.19 -54.05
C THR B 252 -9.28 -14.05 -53.06
N GLU B 253 -9.77 -12.88 -53.44
CA GLU B 253 -9.60 -11.67 -52.65
C GLU B 253 -10.96 -11.14 -52.22
N TRP B 254 -11.03 -10.68 -50.97
CA TRP B 254 -12.27 -10.32 -50.32
C TRP B 254 -12.07 -9.04 -49.54
N SER B 255 -13.14 -8.27 -49.38
CA SER B 255 -13.02 -6.97 -48.74
C SER B 255 -12.76 -7.09 -47.24
N ASP B 256 -13.28 -8.13 -46.59
CA ASP B 256 -13.04 -8.39 -45.18
C ASP B 256 -13.22 -9.87 -44.94
N THR B 257 -12.96 -10.30 -43.70
CA THR B 257 -13.02 -11.74 -43.40
C THR B 257 -14.45 -12.24 -43.31
N ASN B 258 -15.42 -11.37 -43.00
CA ASN B 258 -16.81 -11.78 -43.03
C ASN B 258 -17.27 -12.04 -44.46
N ALA B 259 -16.89 -11.17 -45.39
CA ALA B 259 -17.21 -11.39 -46.80
C ALA B 259 -16.50 -12.63 -47.33
N LEU B 260 -15.29 -12.90 -46.82
CA LEU B 260 -14.57 -14.11 -47.20
C LEU B 260 -15.29 -15.36 -46.69
N MET B 261 -15.72 -15.35 -45.42
CA MET B 261 -16.31 -16.53 -44.80
C MET B 261 -17.64 -16.90 -45.43
N PHE B 262 -18.51 -15.93 -45.67
CA PHE B 262 -19.78 -16.24 -46.30
C PHE B 262 -19.69 -16.29 -47.82
N GLY B 263 -18.69 -15.67 -48.42
CA GLY B 263 -18.50 -15.75 -49.85
C GLY B 263 -17.94 -17.08 -50.29
N LEU B 264 -16.82 -17.50 -49.67
CA LEU B 264 -16.28 -18.84 -49.91
C LEU B 264 -17.23 -19.92 -49.43
N GLY B 265 -18.00 -19.63 -48.38
CA GLY B 265 -18.98 -20.55 -47.85
C GLY B 265 -20.12 -20.89 -48.79
N ARG B 266 -20.28 -20.15 -49.88
CA ARG B 266 -21.29 -20.45 -50.90
C ARG B 266 -21.09 -21.80 -51.56
N VAL B 267 -19.87 -22.35 -51.55
CA VAL B 267 -19.66 -23.71 -52.02
C VAL B 267 -20.19 -24.74 -51.04
N LEU B 268 -20.61 -24.33 -49.85
CA LEU B 268 -21.25 -25.20 -48.87
C LEU B 268 -22.71 -24.89 -48.63
N ILE B 269 -23.13 -23.62 -48.72
CA ILE B 269 -24.46 -23.23 -48.29
C ILE B 269 -25.35 -22.76 -49.43
N TYR B 270 -24.79 -22.43 -50.59
CA TYR B 270 -25.60 -22.02 -51.74
C TYR B 270 -25.73 -23.22 -52.65
N PRO B 271 -26.93 -23.78 -52.83
CA PRO B 271 -27.06 -25.08 -53.51
C PRO B 271 -26.67 -25.05 -54.99
N GLU B 272 -26.81 -23.94 -55.69
CA GLU B 272 -26.40 -23.89 -57.09
C GLU B 272 -24.88 -23.87 -57.24
N VAL B 273 -24.17 -23.18 -56.36
CA VAL B 273 -22.72 -23.16 -56.39
C VAL B 273 -22.16 -24.46 -55.81
N ARG B 274 -22.91 -25.08 -54.89
CA ARG B 274 -22.49 -26.32 -54.24
C ARG B 274 -22.37 -27.47 -55.23
N GLN B 275 -23.27 -27.56 -56.22
CA GLN B 275 -23.14 -28.59 -57.24
C GLN B 275 -21.95 -28.36 -58.15
N ILE B 276 -21.60 -27.09 -58.40
CA ILE B 276 -20.44 -26.78 -59.22
C ILE B 276 -19.15 -27.20 -58.51
N HIS B 277 -19.02 -26.83 -57.24
CA HIS B 277 -17.82 -27.12 -56.47
C HIS B 277 -17.73 -28.59 -56.06
N ASP B 278 -18.82 -29.34 -56.15
CA ASP B 278 -18.76 -30.78 -55.92
C ASP B 278 -17.92 -31.48 -56.99
N LYS B 279 -17.90 -30.94 -58.21
CA LYS B 279 -17.05 -31.49 -59.25
C LYS B 279 -15.58 -31.17 -59.00
N VAL B 280 -15.30 -30.06 -58.33
CA VAL B 280 -13.94 -29.77 -57.89
C VAL B 280 -13.50 -30.74 -56.81
N LEU B 281 -14.38 -31.02 -55.85
CA LEU B 281 -14.05 -31.89 -54.72
C LEU B 281 -13.83 -33.33 -55.16
N ASP B 282 -14.46 -33.76 -56.24
CA ASP B 282 -14.29 -35.11 -56.75
C ASP B 282 -12.99 -35.31 -57.53
N THR B 283 -12.13 -34.30 -57.61
CA THR B 283 -10.82 -34.43 -58.25
C THR B 283 -9.67 -34.35 -57.26
N LEU B 284 -9.93 -34.11 -55.98
CA LEU B 284 -8.91 -33.74 -55.02
C LEU B 284 -8.39 -34.97 -54.26
N VAL B 285 -7.07 -35.14 -54.24
CA VAL B 285 -6.48 -36.06 -53.28
C VAL B 285 -6.14 -35.36 -51.97
N TYR B 286 -6.02 -34.04 -51.98
CA TYR B 286 -5.78 -33.28 -50.76
C TYR B 286 -6.49 -31.94 -50.89
N GLY B 287 -7.11 -31.51 -49.79
CA GLY B 287 -7.74 -30.22 -49.73
C GLY B 287 -9.24 -30.30 -49.77
N PRO B 288 -9.91 -29.15 -49.72
CA PRO B 288 -9.33 -27.80 -49.70
C PRO B 288 -8.94 -27.29 -48.32
N TYR B 289 -7.75 -26.72 -48.23
CA TYR B 289 -7.26 -26.06 -47.02
C TYR B 289 -7.01 -24.61 -47.36
N ILE B 290 -7.68 -23.70 -46.66
CA ILE B 290 -7.73 -22.29 -47.05
C ILE B 290 -7.07 -21.47 -45.95
N ARG B 291 -5.94 -20.86 -46.28
CA ARG B 291 -5.29 -19.91 -45.39
C ARG B 291 -5.81 -18.51 -45.68
N VAL B 292 -5.84 -17.69 -44.65
CA VAL B 292 -6.27 -16.30 -44.75
C VAL B 292 -5.03 -15.43 -44.70
N LEU B 293 -4.84 -14.62 -45.73
CA LEU B 293 -3.63 -13.83 -45.87
C LEU B 293 -3.96 -12.34 -45.89
N ASN B 294 -3.03 -11.55 -45.38
CA ASN B 294 -3.14 -10.10 -45.42
C ASN B 294 -2.11 -9.55 -46.38
N PRO B 295 -2.51 -8.93 -47.49
CA PRO B 295 -1.53 -8.36 -48.42
C PRO B 295 -0.98 -7.02 -47.99
N MET B 296 0.08 -7.04 -47.16
CA MET B 296 0.65 -5.81 -46.63
C MET B 296 1.33 -4.97 -47.71
N MET B 297 2.39 -5.51 -48.31
CA MET B 297 3.24 -4.77 -49.23
C MET B 297 2.96 -5.23 -50.64
N GLU B 298 2.69 -4.29 -51.54
CA GLU B 298 2.22 -4.62 -52.87
C GLU B 298 2.91 -3.81 -53.94
N GLY B 299 3.05 -4.42 -55.10
CA GLY B 299 3.53 -3.85 -56.33
C GLY B 299 2.43 -3.79 -57.37
N THR B 300 1.29 -3.17 -57.02
CA THR B 300 -0.01 -3.27 -57.69
C THR B 300 -0.04 -3.08 -59.21
N TYR B 301 1.04 -2.59 -59.80
CA TYR B 301 1.20 -2.48 -61.24
C TYR B 301 1.35 -3.83 -61.95
N TRP B 302 1.41 -4.95 -61.23
CA TRP B 302 1.35 -6.26 -61.89
C TRP B 302 -0.02 -6.52 -62.48
N ARG B 303 -1.07 -5.93 -61.91
CA ARG B 303 -2.39 -6.03 -62.49
C ARG B 303 -2.56 -5.13 -63.71
N GLU B 304 -1.74 -4.08 -63.83
CA GLU B 304 -1.73 -3.29 -65.06
C GLU B 304 -1.16 -4.10 -66.21
N TYR B 305 -0.15 -4.93 -65.94
CA TYR B 305 0.37 -5.83 -66.96
C TYR B 305 -0.64 -6.92 -67.30
N LEU B 306 -1.37 -7.40 -66.30
CA LEU B 306 -2.32 -8.49 -66.52
C LEU B 306 -3.54 -8.02 -67.31
N ASN B 307 -4.06 -6.84 -66.97
CA ASN B 307 -5.27 -6.34 -67.60
C ASN B 307 -4.99 -5.45 -68.80
N GLU B 308 -3.71 -5.19 -69.10
CA GLU B 308 -3.25 -4.43 -70.28
C GLU B 308 -3.82 -3.01 -70.30
N TYR B 309 -3.96 -2.42 -69.12
CA TYR B 309 -4.59 -1.13 -68.94
C TYR B 309 -4.20 -0.62 -67.56
N HIS B 310 -3.97 0.69 -67.44
CA HIS B 310 -3.65 1.29 -66.15
C HIS B 310 -4.68 2.36 -65.81
N LEU B 311 -4.59 2.84 -64.57
CA LEU B 311 -5.51 3.81 -63.95
C LEU B 311 -6.97 3.39 -64.01
N PRO C 2 69.89 8.46 -11.81
CA PRO C 2 70.10 7.35 -12.74
C PRO C 2 68.80 6.63 -13.05
N LYS C 3 68.84 5.63 -13.92
CA LYS C 3 67.65 4.87 -14.24
C LYS C 3 67.51 3.71 -13.26
N PRO C 4 66.45 3.64 -12.48
CA PRO C 4 66.27 2.50 -11.59
C PRO C 4 65.78 1.27 -12.32
N TYR C 5 65.73 0.16 -11.59
CA TYR C 5 65.13 -1.07 -12.07
C TYR C 5 63.74 -1.21 -11.46
N VAL C 6 62.83 -1.83 -12.19
CA VAL C 6 61.44 -1.93 -11.78
C VAL C 6 61.08 -3.38 -11.54
N ALA C 7 60.51 -3.66 -10.38
CA ALA C 7 59.78 -4.90 -10.13
C ALA C 7 58.29 -4.58 -10.18
N ILE C 8 57.56 -5.34 -10.99
CA ILE C 8 56.12 -5.13 -11.14
C ILE C 8 55.40 -6.34 -10.56
N ASN C 9 54.80 -6.17 -9.39
CA ASN C 9 54.05 -7.24 -8.75
C ASN C 9 52.62 -7.22 -9.30
N MET C 10 52.22 -8.33 -9.92
CA MET C 10 50.92 -8.46 -10.55
C MET C 10 50.07 -9.47 -9.79
N VAL C 11 48.91 -9.04 -9.32
CA VAL C 11 47.94 -9.89 -8.63
C VAL C 11 46.55 -9.61 -9.17
N GLU C 12 45.72 -10.64 -9.18
CA GLU C 12 44.29 -10.50 -9.40
C GLU C 12 43.58 -10.74 -8.08
N VAL C 13 42.79 -9.76 -7.64
CA VAL C 13 42.07 -9.84 -6.38
C VAL C 13 40.59 -9.63 -6.66
N ARG C 14 39.76 -10.01 -5.70
CA ARG C 14 38.32 -9.79 -5.81
C ARG C 14 37.99 -8.30 -5.76
N ASN C 15 36.93 -7.92 -6.46
CA ASN C 15 36.45 -6.53 -6.44
C ASN C 15 35.27 -6.47 -5.47
N ASP C 16 35.58 -6.26 -4.20
CA ASP C 16 34.60 -6.20 -3.13
C ASP C 16 35.11 -5.21 -2.10
N PRO C 17 34.23 -4.70 -1.21
CA PRO C 17 34.70 -3.75 -0.19
C PRO C 17 35.74 -4.30 0.78
N LYS C 18 35.82 -5.62 0.95
CA LYS C 18 36.87 -6.18 1.79
C LYS C 18 38.26 -5.95 1.20
N THR C 19 38.37 -6.01 -0.13
CA THR C 19 39.66 -5.84 -0.81
C THR C 19 40.19 -4.42 -0.68
N LEU C 20 39.31 -3.42 -0.80
CA LEU C 20 39.76 -2.04 -0.67
C LEU C 20 40.13 -1.67 0.76
N GLU C 21 39.74 -2.47 1.76
CA GLU C 21 40.34 -2.32 3.08
C GLU C 21 41.79 -2.79 3.09
N LEU C 22 42.13 -3.78 2.26
CA LEU C 22 43.49 -4.28 2.18
C LEU C 22 44.43 -3.32 1.48
N PHE C 23 43.90 -2.35 0.73
CA PHE C 23 44.73 -1.30 0.14
C PHE C 23 45.32 -0.40 1.22
N GLY C 24 44.57 -0.13 2.27
CA GLY C 24 44.98 0.82 3.28
C GLY C 24 45.51 0.19 4.56
N LYS C 25 45.33 -1.12 4.72
CA LYS C 25 45.78 -1.79 5.94
C LYS C 25 46.93 -2.76 5.73
N VAL C 26 47.28 -3.09 4.49
CA VAL C 26 48.38 -4.01 4.19
C VAL C 26 49.40 -3.37 3.25
N GLY C 27 48.93 -2.76 2.17
CA GLY C 27 49.71 -1.94 1.26
C GLY C 27 50.74 -0.99 1.85
N PRO C 28 50.37 -0.14 2.82
CA PRO C 28 51.38 0.68 3.48
C PRO C 28 52.40 -0.11 4.28
N LYS C 29 52.01 -1.25 4.86
CA LYS C 29 52.96 -2.05 5.64
C LYS C 29 53.99 -2.72 4.74
N VAL C 30 53.58 -3.14 3.54
CA VAL C 30 54.51 -3.73 2.59
C VAL C 30 55.53 -2.70 2.13
N CYS C 31 55.08 -1.47 1.90
CA CYS C 31 55.99 -0.39 1.52
C CYS C 31 56.95 -0.03 2.64
N MET C 32 56.52 -0.16 3.90
CA MET C 32 57.40 0.14 5.02
C MET C 32 58.44 -0.95 5.24
N VAL C 33 58.08 -2.22 4.99
CA VAL C 33 59.06 -3.31 5.07
C VAL C 33 60.05 -3.21 3.91
N THR C 34 59.55 -2.85 2.73
CA THR C 34 60.39 -2.68 1.55
C THR C 34 61.38 -1.53 1.71
N ALA C 35 61.02 -0.50 2.46
CA ALA C 35 61.87 0.66 2.70
C ALA C 35 62.94 0.41 3.75
N ARG C 36 63.04 -0.80 4.31
CA ARG C 36 64.19 -1.15 5.13
C ARG C 36 65.47 -1.27 4.31
N HIS C 37 65.36 -1.56 3.02
CA HIS C 37 66.52 -1.71 2.16
C HIS C 37 66.94 -0.37 1.59
N PRO C 38 68.25 -0.06 1.57
CA PRO C 38 68.68 1.25 1.07
C PRO C 38 68.59 1.39 -0.46
N GLY C 39 68.55 0.29 -1.19
CA GLY C 39 68.38 0.34 -2.63
C GLY C 39 66.97 0.62 -3.12
N PHE C 40 66.01 0.64 -2.21
CA PHE C 40 64.63 0.99 -2.54
C PHE C 40 64.53 2.49 -2.76
N VAL C 41 64.06 2.91 -3.93
CA VAL C 41 63.95 4.33 -4.24
C VAL C 41 62.52 4.79 -4.46
N GLY C 42 61.54 3.92 -4.38
CA GLY C 42 60.16 4.36 -4.49
C GLY C 42 59.27 3.31 -5.09
N PHE C 43 58.00 3.67 -5.23
CA PHE C 43 56.98 2.74 -5.69
C PHE C 43 55.88 3.50 -6.41
N GLN C 44 55.06 2.75 -7.13
CA GLN C 44 53.87 3.29 -7.79
C GLN C 44 52.88 2.15 -7.95
N ASN C 45 51.77 2.21 -7.24
CA ASN C 45 50.80 1.12 -7.22
C ASN C 45 49.61 1.45 -8.11
N HIS C 46 49.19 0.47 -8.90
CA HIS C 46 48.13 0.68 -9.88
C HIS C 46 46.99 -0.31 -9.68
N VAL C 47 45.80 0.13 -10.06
CA VAL C 47 44.64 -0.74 -10.24
C VAL C 47 44.22 -0.59 -11.70
N GLN C 48 44.01 -1.72 -12.38
CA GLN C 48 43.50 -1.66 -13.74
C GLN C 48 42.04 -1.24 -13.72
N ILE C 49 41.72 -0.20 -14.48
CA ILE C 49 40.35 0.29 -14.59
C ILE C 49 39.73 -0.02 -15.95
N GLY C 50 40.50 -0.50 -16.91
CA GLY C 50 39.93 -0.82 -18.20
C GLY C 50 41.00 -1.19 -19.21
N VAL C 51 40.56 -1.28 -20.47
CA VAL C 51 41.37 -1.69 -21.60
C VAL C 51 41.07 -0.71 -22.73
N VAL C 52 42.09 -0.31 -23.48
CA VAL C 52 41.88 0.48 -24.69
C VAL C 52 41.24 -0.43 -25.75
N PRO C 53 40.04 -0.11 -26.22
CA PRO C 53 39.35 -1.03 -27.14
C PRO C 53 39.89 -1.00 -28.57
N LEU C 54 40.50 0.13 -28.97
CA LEU C 54 41.01 0.38 -30.33
C LEU C 54 39.92 0.17 -31.38
N GLY C 55 38.88 0.98 -31.28
CA GLY C 55 37.69 0.76 -32.09
C GLY C 55 36.91 -0.42 -31.56
N THR C 56 36.75 -1.46 -32.37
CA THR C 56 36.07 -2.69 -31.95
C THR C 56 37.02 -3.88 -31.90
N ARG C 57 38.32 -3.65 -31.77
CA ARG C 57 39.27 -4.75 -31.70
C ARG C 57 39.08 -5.56 -30.43
N TRP C 58 38.97 -4.89 -29.30
CA TRP C 58 38.41 -5.48 -28.09
C TRP C 58 37.18 -4.65 -27.75
N GLY C 59 36.07 -4.95 -28.43
CA GLY C 59 34.88 -4.14 -28.30
C GLY C 59 34.07 -4.41 -27.06
N GLY C 60 34.31 -5.53 -26.40
CA GLY C 60 33.71 -5.80 -25.11
C GLY C 60 34.38 -5.10 -23.95
N ALA C 61 35.48 -4.42 -24.21
CA ALA C 61 36.24 -3.72 -23.20
C ALA C 61 36.05 -2.22 -23.33
N LYS C 62 36.15 -1.53 -22.20
CA LYS C 62 36.02 -0.09 -22.14
C LYS C 62 37.21 0.45 -21.36
N MET C 63 37.46 1.75 -21.51
CA MET C 63 38.56 2.36 -20.78
C MET C 63 38.25 2.52 -19.30
N GLU C 64 36.99 2.72 -18.95
CA GLU C 64 36.55 2.81 -17.56
C GLU C 64 35.47 1.76 -17.34
N MET C 65 35.89 0.55 -16.96
CA MET C 65 34.97 -0.55 -16.72
C MET C 65 35.13 -1.15 -15.34
N SER C 66 35.75 -0.43 -14.40
CA SER C 66 36.09 -1.02 -13.11
C SER C 66 34.88 -1.16 -12.19
N GLN C 67 33.82 -0.41 -12.43
CA GLN C 67 32.61 -0.53 -11.63
C GLN C 67 31.84 -1.82 -11.92
N GLU C 68 32.11 -2.48 -13.04
CA GLU C 68 31.37 -3.66 -13.43
C GLU C 68 32.15 -4.97 -13.27
N MET C 69 33.45 -4.90 -12.96
CA MET C 69 34.27 -6.10 -12.92
C MET C 69 34.19 -6.78 -11.57
N HIS C 70 34.21 -8.11 -11.59
CA HIS C 70 34.23 -8.90 -10.36
C HIS C 70 35.62 -8.99 -9.75
N SER C 71 36.66 -8.74 -10.53
CA SER C 71 38.02 -8.92 -10.08
C SER C 71 38.87 -7.74 -10.52
N LEU C 72 39.88 -7.41 -9.72
CA LEU C 72 40.75 -6.27 -9.96
C LEU C 72 42.16 -6.75 -10.23
N MET C 73 42.76 -6.24 -11.30
CA MET C 73 44.16 -6.44 -11.60
C MET C 73 44.97 -5.34 -10.95
N LEU C 74 45.99 -5.70 -10.17
CA LEU C 74 46.86 -4.74 -9.52
C LEU C 74 48.27 -4.87 -10.08
N MET C 75 48.89 -3.74 -10.40
CA MET C 75 50.28 -3.67 -10.84
C MET C 75 51.03 -2.78 -9.86
N GLN C 76 51.82 -3.39 -9.01
CA GLN C 76 52.53 -2.67 -7.96
C GLN C 76 53.99 -2.54 -8.36
N TYR C 77 54.38 -1.34 -8.80
CA TYR C 77 55.75 -1.12 -9.21
C TYR C 77 56.57 -0.81 -7.97
N THR C 78 57.76 -1.38 -7.89
CA THR C 78 58.77 -0.95 -6.95
C THR C 78 60.04 -0.63 -7.73
N PHE C 79 60.73 0.42 -7.31
CA PHE C 79 61.87 0.94 -8.03
C PHE C 79 63.14 0.72 -7.22
N TRP C 80 64.20 0.28 -7.88
CA TRP C 80 65.40 -0.22 -7.21
C TRP C 80 66.65 0.32 -7.89
N LYS C 81 67.67 0.62 -7.09
CA LYS C 81 68.96 1.07 -7.63
C LYS C 81 69.62 -0.01 -8.47
N ASN C 82 69.49 -1.27 -8.04
CA ASN C 82 69.86 -2.42 -8.86
C ASN C 82 68.81 -3.50 -8.61
N TRP C 83 68.62 -4.38 -9.60
CA TRP C 83 67.62 -5.43 -9.44
C TRP C 83 68.03 -6.47 -8.42
N LYS C 84 69.32 -6.58 -8.12
CA LYS C 84 69.76 -7.46 -7.05
C LYS C 84 69.36 -6.94 -5.68
N ASP C 85 69.16 -5.62 -5.55
CA ASP C 85 68.65 -5.06 -4.29
C ASP C 85 67.24 -5.53 -3.99
N HIS C 86 66.44 -5.76 -5.03
CA HIS C 86 65.09 -6.27 -4.83
C HIS C 86 65.12 -7.72 -4.39
N GLU C 87 66.01 -8.54 -4.97
CA GLU C 87 66.11 -9.93 -4.55
C GLU C 87 66.73 -10.06 -3.18
N GLU C 88 67.67 -9.18 -2.82
CA GLU C 88 68.23 -9.16 -1.48
C GLU C 88 67.19 -8.70 -0.45
N MET C 89 66.31 -7.78 -0.84
CA MET C 89 65.28 -7.31 0.07
C MET C 89 64.29 -8.42 0.41
N HIS C 90 63.88 -9.21 -0.59
CA HIS C 90 62.91 -10.26 -0.35
C HIS C 90 63.46 -11.38 0.49
N LYS C 91 64.77 -11.66 0.37
CA LYS C 91 65.35 -12.72 1.19
C LYS C 91 65.54 -12.28 2.63
N GLN C 92 65.96 -11.03 2.85
CA GLN C 92 66.24 -10.56 4.20
C GLN C 92 64.97 -10.25 4.97
N ASN C 93 63.87 -9.91 4.29
CA ASN C 93 62.63 -9.55 4.94
C ASN C 93 61.53 -10.56 4.62
N TRP C 94 61.91 -11.83 4.48
CA TRP C 94 60.99 -12.83 3.95
C TRP C 94 59.85 -13.15 4.90
N ALA C 95 60.12 -13.20 6.21
CA ALA C 95 59.07 -13.54 7.16
C ALA C 95 58.01 -12.44 7.25
N ASN C 96 58.45 -11.18 7.27
CA ASN C 96 57.49 -10.08 7.35
C ASN C 96 56.69 -9.94 6.06
N LEU C 97 57.34 -10.14 4.91
CA LEU C 97 56.67 -9.95 3.63
C LEU C 97 55.72 -11.09 3.30
N PHE C 98 56.09 -12.32 3.66
CA PHE C 98 55.20 -13.46 3.46
C PHE C 98 53.93 -13.32 4.30
N ARG C 99 54.07 -12.84 5.54
CA ARG C 99 52.93 -12.70 6.43
C ARG C 99 51.99 -11.60 5.96
N LEU C 100 52.54 -10.53 5.41
CA LEU C 100 51.71 -9.44 4.89
C LEU C 100 50.99 -9.86 3.61
N CYS C 101 51.67 -10.63 2.75
CA CYS C 101 51.06 -11.07 1.50
C CYS C 101 49.94 -12.08 1.74
N LEU C 102 50.04 -12.85 2.82
CA LEU C 102 48.99 -13.80 3.17
C LEU C 102 47.81 -13.16 3.87
N GLN C 103 47.89 -11.87 4.21
CA GLN C 103 46.70 -11.18 4.66
C GLN C 103 45.75 -10.88 3.51
N CYS C 104 46.25 -10.88 2.28
CA CYS C 104 45.45 -10.65 1.08
C CYS C 104 45.00 -11.98 0.46
N ALA C 105 45.14 -13.08 1.19
CA ALA C 105 44.98 -14.41 0.61
C ALA C 105 43.53 -14.72 0.30
N ASP C 106 42.61 -14.38 1.19
CA ASP C 106 41.19 -14.66 0.96
C ASP C 106 40.56 -13.76 -0.08
N GLN C 107 41.29 -12.80 -0.64
CA GLN C 107 40.84 -12.01 -1.78
C GLN C 107 41.54 -12.38 -3.08
N MET C 108 42.68 -13.07 -3.01
CA MET C 108 43.52 -13.27 -4.19
C MET C 108 42.97 -14.35 -5.10
N ILE C 109 42.98 -14.08 -6.39
CA ILE C 109 42.47 -14.99 -7.40
C ILE C 109 43.60 -15.56 -8.26
N TRP C 110 44.52 -14.72 -8.69
CA TRP C 110 45.66 -15.14 -9.47
C TRP C 110 46.88 -14.37 -8.96
N GLY C 111 48.03 -15.02 -9.01
CA GLY C 111 49.26 -14.38 -8.62
C GLY C 111 49.73 -14.78 -7.23
N PRO C 112 50.75 -14.10 -6.70
CA PRO C 112 51.50 -12.99 -7.29
C PRO C 112 52.52 -13.42 -8.34
N TYR C 113 52.78 -12.52 -9.28
CA TYR C 113 53.71 -12.76 -10.36
C TYR C 113 54.51 -11.48 -10.52
N GLU C 114 55.82 -11.54 -10.25
CA GLU C 114 56.66 -10.33 -10.23
C GLU C 114 57.79 -10.43 -11.25
N PRO C 115 57.56 -10.00 -12.49
CA PRO C 115 58.67 -9.84 -13.42
C PRO C 115 59.51 -8.62 -13.08
N LEU C 116 60.80 -8.69 -13.40
CA LEU C 116 61.74 -7.61 -13.18
C LEU C 116 62.04 -6.92 -14.50
N TYR C 117 62.19 -5.60 -14.45
CA TYR C 117 62.31 -4.81 -15.66
C TYR C 117 63.49 -3.86 -15.56
N GLU C 118 64.10 -3.62 -16.71
CA GLU C 118 65.11 -2.59 -16.90
C GLU C 118 64.49 -1.44 -17.68
N ILE C 119 64.76 -0.21 -17.25
CA ILE C 119 64.26 0.97 -17.94
C ILE C 119 65.14 1.24 -19.16
N VAL C 120 64.57 1.07 -20.34
CA VAL C 120 65.30 1.35 -21.58
C VAL C 120 65.31 2.85 -21.87
N TYR C 121 64.15 3.49 -21.75
CA TYR C 121 63.98 4.90 -21.99
C TYR C 121 63.09 5.44 -20.88
N ALA C 122 63.33 6.70 -20.49
CA ALA C 122 62.47 7.32 -19.50
C ALA C 122 62.34 8.80 -19.79
N ASN C 123 61.11 9.27 -19.87
CA ASN C 123 60.77 10.69 -19.80
C ASN C 123 59.67 10.76 -18.75
N MET C 124 60.04 10.83 -17.49
CA MET C 124 59.09 10.79 -16.38
C MET C 124 59.36 11.97 -15.47
N PRO C 125 58.52 12.99 -15.51
CA PRO C 125 58.78 14.20 -14.73
C PRO C 125 58.47 14.01 -13.25
N LEU C 126 58.82 15.02 -12.48
CA LEU C 126 58.47 15.05 -11.07
C LEU C 126 56.96 15.24 -10.91
N ASN C 127 56.38 14.50 -9.97
CA ASN C 127 54.97 14.66 -9.68
C ASN C 127 54.75 15.95 -8.89
N THR C 128 53.86 16.80 -9.39
CA THR C 128 53.47 18.02 -8.72
C THR C 128 51.96 18.09 -8.62
N GLU C 129 51.47 18.59 -7.50
CA GLU C 129 50.07 18.95 -7.37
C GLU C 129 49.80 20.25 -8.11
N MET C 130 48.52 20.61 -8.20
CA MET C 130 48.15 21.89 -8.79
C MET C 130 48.50 23.06 -7.88
N THR C 131 48.79 22.81 -6.60
CA THR C 131 49.28 23.86 -5.72
C THR C 131 50.78 24.05 -5.82
N ASP C 132 51.49 23.16 -6.49
CA ASP C 132 52.95 23.17 -6.50
C ASP C 132 53.56 23.73 -7.78
N PHE C 133 52.76 24.11 -8.79
CA PHE C 133 53.35 24.51 -10.06
C PHE C 133 54.02 25.87 -9.99
N THR C 134 53.61 26.72 -9.04
CA THR C 134 54.30 28.00 -8.84
C THR C 134 55.73 27.79 -8.34
N VAL C 135 55.95 26.77 -7.53
CA VAL C 135 57.32 26.44 -7.11
C VAL C 135 58.09 25.85 -8.28
N MET C 136 57.43 25.05 -9.11
CA MET C 136 58.11 24.34 -10.19
C MET C 136 58.57 25.29 -11.28
N VAL C 137 57.68 26.18 -11.75
CA VAL C 137 58.09 27.11 -12.79
C VAL C 137 58.98 28.22 -12.23
N GLY C 138 58.91 28.49 -10.93
CA GLY C 138 59.78 29.50 -10.36
C GLY C 138 61.22 29.01 -10.24
N LYS C 139 61.39 27.73 -9.92
CA LYS C 139 62.74 27.18 -9.81
C LYS C 139 63.37 26.98 -11.18
N LYS C 140 62.57 26.64 -12.19
CA LYS C 140 63.11 26.42 -13.52
C LYS C 140 63.40 27.72 -14.25
N PHE C 141 62.65 28.79 -13.94
CA PHE C 141 62.98 30.09 -14.51
C PHE C 141 64.22 30.69 -13.86
N ALA C 142 64.41 30.44 -12.57
CA ALA C 142 65.58 30.99 -11.88
C ALA C 142 66.85 30.27 -12.29
N ALA C 143 66.74 29.03 -12.74
CA ALA C 143 67.87 28.25 -13.20
C ALA C 143 68.10 28.37 -14.70
N GLY C 144 67.32 29.18 -15.39
CA GLY C 144 67.45 29.33 -16.82
C GLY C 144 67.03 28.12 -17.63
N GLU C 145 66.12 27.30 -17.10
CA GLU C 145 65.66 26.11 -17.79
C GLU C 145 64.16 26.18 -18.06
N ALA C 146 63.70 27.30 -18.60
CA ALA C 146 62.29 27.45 -18.95
C ALA C 146 61.88 26.53 -20.08
N VAL C 147 62.82 26.14 -20.95
CA VAL C 147 62.50 25.28 -22.08
C VAL C 147 62.23 23.84 -21.63
N SER C 148 62.68 23.46 -20.44
CA SER C 148 62.50 22.12 -19.91
C SER C 148 61.54 22.11 -18.71
N ILE C 149 60.50 22.94 -18.77
CA ILE C 149 59.48 22.92 -17.73
C ILE C 149 58.53 21.76 -18.01
N PRO C 150 58.33 20.85 -17.06
CA PRO C 150 57.54 19.65 -17.33
C PRO C 150 56.05 19.93 -17.19
N PRO C 151 55.19 19.05 -17.69
CA PRO C 151 53.75 19.20 -17.43
C PRO C 151 53.41 18.86 -15.99
N ILE C 152 52.25 19.33 -15.55
CA ILE C 152 51.79 19.09 -14.19
C ILE C 152 51.25 17.66 -14.11
N SER C 153 52.02 16.78 -13.49
CA SER C 153 51.65 15.38 -13.34
C SER C 153 51.15 15.18 -11.91
N GLN C 154 49.85 15.11 -11.75
CA GLN C 154 49.26 15.11 -10.41
C GLN C 154 49.32 13.71 -9.81
N PRO C 155 49.80 13.58 -8.57
CA PRO C 155 49.88 12.25 -7.95
C PRO C 155 48.55 11.79 -7.37
N TYR C 156 48.54 10.53 -6.95
CA TYR C 156 47.51 9.90 -6.12
C TYR C 156 46.13 9.89 -6.80
N GLY C 157 46.08 9.19 -7.93
CA GLY C 157 44.83 8.88 -8.58
C GLY C 157 44.28 9.92 -9.53
N LYS C 158 45.01 11.00 -9.79
CA LYS C 158 44.52 12.09 -10.61
C LYS C 158 45.03 12.04 -12.04
N ARG C 159 45.54 10.90 -12.47
CA ARG C 159 45.95 10.69 -13.85
C ARG C 159 45.73 9.22 -14.17
N VAL C 160 45.94 8.86 -15.43
CA VAL C 160 45.76 7.47 -15.86
C VAL C 160 47.05 7.00 -16.52
N VAL C 161 47.23 5.69 -16.52
CA VAL C 161 48.42 5.04 -17.06
C VAL C 161 47.97 4.08 -18.15
N ALA C 162 48.62 4.17 -19.31
CA ALA C 162 48.47 3.18 -20.36
C ALA C 162 49.58 2.16 -20.24
N PHE C 163 49.22 0.90 -20.03
CA PHE C 163 50.13 -0.20 -19.79
C PHE C 163 50.18 -1.02 -21.07
N GLY C 164 51.18 -0.76 -21.90
CA GLY C 164 51.25 -1.36 -23.22
C GLY C 164 52.16 -2.57 -23.32
N GLU C 165 51.56 -3.74 -23.49
CA GLU C 165 52.32 -4.99 -23.53
C GLU C 165 52.76 -5.29 -24.96
N HIS C 166 54.05 -5.52 -25.15
CA HIS C 166 54.61 -5.82 -26.45
C HIS C 166 55.56 -7.00 -26.31
N ILE C 167 55.40 -8.01 -27.16
CA ILE C 167 56.34 -9.12 -27.25
C ILE C 167 57.00 -9.05 -28.61
N VAL C 168 58.33 -8.95 -28.62
CA VAL C 168 59.09 -8.61 -29.81
C VAL C 168 59.84 -9.85 -30.28
N LYS C 169 59.79 -10.11 -31.59
CA LYS C 169 60.49 -11.23 -32.22
C LYS C 169 61.99 -11.19 -31.94
N GLU C 170 62.59 -12.39 -31.89
CA GLU C 170 64.03 -12.53 -31.70
C GLU C 170 64.81 -11.89 -32.83
N GLY C 171 65.71 -10.99 -32.49
CA GLY C 171 66.52 -10.28 -33.44
C GLY C 171 66.02 -8.90 -33.81
N LEU C 172 64.75 -8.60 -33.51
CA LEU C 172 64.17 -7.30 -33.80
C LEU C 172 64.04 -6.41 -32.57
N GLU C 173 64.79 -6.70 -31.51
CA GLU C 173 64.71 -5.89 -30.30
C GLU C 173 65.36 -4.53 -30.48
N ASN C 174 66.40 -4.44 -31.32
CA ASN C 174 67.01 -3.14 -31.60
C ASN C 174 66.10 -2.25 -32.44
N GLN C 175 65.31 -2.86 -33.34
CA GLN C 175 64.37 -2.06 -34.12
C GLN C 175 63.18 -1.62 -33.29
N PHE C 176 62.74 -2.44 -32.33
CA PHE C 176 61.65 -2.03 -31.45
C PHE C 176 62.06 -0.83 -30.62
N GLU C 177 63.21 -0.92 -29.94
CA GLU C 177 63.61 0.11 -28.99
C GLU C 177 63.91 1.43 -29.68
N GLU C 178 64.38 1.40 -30.92
CA GLU C 178 64.65 2.64 -31.64
C GLU C 178 63.35 3.39 -31.97
N TYR C 179 62.36 2.68 -32.49
CA TYR C 179 61.14 3.33 -32.95
C TYR C 179 60.06 3.45 -31.88
N ALA C 180 60.12 2.65 -30.81
CA ALA C 180 59.23 2.90 -29.69
C ALA C 180 59.66 4.14 -28.92
N ILE C 181 60.96 4.44 -28.93
CA ILE C 181 61.45 5.69 -28.36
C ILE C 181 60.95 6.87 -29.19
N LYS C 182 61.04 6.76 -30.51
CA LYS C 182 60.55 7.81 -31.41
C LYS C 182 59.04 8.00 -31.31
N THR C 183 58.31 6.93 -30.98
CA THR C 183 56.87 7.06 -30.76
C THR C 183 56.59 7.82 -29.46
N LEU C 184 57.39 7.59 -28.43
CA LEU C 184 57.18 8.29 -27.17
C LEU C 184 57.65 9.73 -27.21
N GLU C 185 58.62 10.05 -28.06
CA GLU C 185 58.96 11.45 -28.28
C GLU C 185 57.89 12.17 -29.07
N ALA C 186 57.18 11.45 -29.95
CA ALA C 186 56.07 12.02 -30.68
C ALA C 186 54.86 12.26 -29.79
N PHE C 187 54.73 11.52 -28.68
CA PHE C 187 53.64 11.74 -27.75
C PHE C 187 53.79 13.05 -26.97
N ARG C 188 54.99 13.64 -26.95
CA ARG C 188 55.20 14.92 -26.28
C ARG C 188 54.35 16.04 -26.87
N SER C 189 53.96 15.92 -28.14
CA SER C 189 53.08 16.88 -28.75
C SER C 189 51.61 16.67 -28.40
N ALA C 190 51.25 15.50 -27.88
CA ALA C 190 49.85 15.20 -27.63
C ALA C 190 49.37 15.94 -26.39
N PRO C 191 48.14 16.46 -26.40
CA PRO C 191 47.61 17.13 -25.20
C PRO C 191 47.34 16.13 -24.09
N GLY C 192 47.72 16.52 -22.88
CA GLY C 192 47.55 15.66 -21.73
C GLY C 192 48.58 14.59 -21.55
N PHE C 193 49.60 14.52 -22.39
CA PHE C 193 50.67 13.57 -22.20
C PHE C 193 51.53 14.00 -21.01
N LEU C 194 51.67 13.12 -20.04
CA LEU C 194 52.37 13.44 -18.81
C LEU C 194 53.71 12.75 -18.70
N GLY C 195 54.10 11.95 -19.69
CA GLY C 195 55.39 11.29 -19.67
C GLY C 195 55.28 9.81 -19.92
N GLY C 196 56.44 9.20 -20.15
CA GLY C 196 56.47 7.83 -20.58
C GLY C 196 57.80 7.15 -20.32
N MET C 197 57.77 5.83 -20.24
CA MET C 197 58.97 5.03 -20.13
C MET C 197 58.77 3.69 -20.82
N ILE C 198 59.88 3.08 -21.21
CA ILE C 198 59.89 1.79 -21.88
C ILE C 198 60.61 0.81 -20.97
N LEU C 199 59.92 -0.27 -20.59
CA LEU C 199 60.45 -1.26 -19.68
C LEU C 199 60.75 -2.55 -20.43
N LYS C 200 61.89 -3.15 -20.13
CA LYS C 200 62.35 -4.38 -20.78
C LYS C 200 62.49 -5.45 -19.71
N GLU C 201 61.76 -6.56 -19.88
CA GLU C 201 61.79 -7.64 -18.89
C GLU C 201 63.12 -8.36 -18.89
N ILE C 202 63.72 -8.49 -17.71
CA ILE C 202 65.02 -9.12 -17.55
C ILE C 202 64.98 -10.34 -16.63
N GLY C 203 63.83 -10.68 -16.09
CA GLY C 203 63.74 -11.79 -15.18
C GLY C 203 62.45 -11.74 -14.39
N VAL C 204 62.25 -12.77 -13.58
CA VAL C 204 61.10 -12.89 -12.69
C VAL C 204 61.59 -13.23 -11.30
N SER C 205 61.20 -12.44 -10.31
CA SER C 205 61.56 -12.69 -8.92
C SER C 205 60.90 -13.96 -8.40
N PRO C 206 61.66 -14.95 -7.91
CA PRO C 206 61.01 -16.15 -7.36
C PRO C 206 60.30 -15.92 -6.04
N LEU C 207 60.90 -15.17 -5.11
CA LEU C 207 60.28 -14.94 -3.82
C LEU C 207 59.09 -14.01 -3.93
N GLY C 208 59.17 -13.02 -4.82
CA GLY C 208 58.03 -12.16 -5.09
C GLY C 208 56.88 -12.86 -5.80
N SER C 209 57.16 -13.98 -6.46
CA SER C 209 56.12 -14.76 -7.12
C SER C 209 55.66 -15.94 -6.28
N LEU C 210 56.15 -16.06 -5.04
CA LEU C 210 55.89 -17.18 -4.12
C LEU C 210 56.24 -18.52 -4.75
N GLN C 211 57.34 -18.56 -5.49
CA GLN C 211 57.78 -19.76 -6.18
C GLN C 211 58.97 -20.33 -5.42
N LEU C 212 58.70 -21.33 -4.59
CA LEU C 212 59.70 -22.03 -3.80
C LEU C 212 59.90 -23.43 -4.37
N ASN C 213 60.74 -24.22 -3.70
CA ASN C 213 60.88 -25.62 -4.05
C ASN C 213 59.69 -26.40 -3.48
N ALA C 214 59.76 -27.73 -3.55
CA ALA C 214 58.61 -28.56 -3.18
C ALA C 214 58.29 -28.48 -1.69
N LYS C 215 59.32 -28.39 -0.84
CA LYS C 215 59.08 -28.24 0.58
C LYS C 215 58.52 -26.86 0.91
N GLY C 216 59.03 -25.82 0.25
CA GLY C 216 58.53 -24.48 0.48
C GLY C 216 57.13 -24.26 -0.03
N PHE C 217 56.78 -24.90 -1.15
CA PHE C 217 55.43 -24.77 -1.70
C PHE C 217 54.39 -25.40 -0.78
N HIS C 218 54.73 -26.53 -0.16
CA HIS C 218 53.80 -27.16 0.76
C HIS C 218 53.64 -26.36 2.04
N GLN C 219 54.70 -25.70 2.50
CA GLN C 219 54.59 -24.87 3.68
C GLN C 219 53.77 -23.61 3.43
N ILE C 220 53.73 -23.15 2.18
CA ILE C 220 52.83 -22.04 1.83
C ILE C 220 51.38 -22.48 1.95
N LEU C 221 51.05 -23.67 1.44
CA LEU C 221 49.68 -24.17 1.52
C LEU C 221 49.28 -24.54 2.94
N GLU C 222 50.24 -24.95 3.77
CA GLU C 222 49.91 -25.52 5.08
C GLU C 222 49.84 -24.49 6.19
N THR C 223 50.36 -23.28 5.99
CA THR C 223 50.54 -22.37 7.11
C THR C 223 49.23 -21.72 7.52
N ALA C 224 49.14 -21.41 8.81
CA ALA C 224 47.99 -20.70 9.37
C ALA C 224 48.36 -19.22 9.45
N ASN C 225 47.88 -18.46 8.46
CA ASN C 225 48.03 -17.01 8.35
C ASN C 225 49.49 -16.56 8.27
N GLY C 226 50.40 -17.44 7.88
CA GLY C 226 51.79 -17.08 7.74
C GLY C 226 52.63 -17.22 9.00
N MET C 227 52.06 -17.68 10.11
CA MET C 227 52.83 -17.88 11.34
C MET C 227 53.91 -18.94 11.15
N ASP C 228 53.66 -19.91 10.29
CA ASP C 228 54.61 -20.96 9.94
C ASP C 228 55.30 -20.52 8.65
N VAL C 229 56.47 -19.92 8.78
CA VAL C 229 57.13 -19.30 7.62
C VAL C 229 57.89 -20.36 6.85
N PRO C 230 57.69 -20.47 5.54
CA PRO C 230 58.47 -21.43 4.75
C PRO C 230 59.93 -21.00 4.65
N GLU C 231 60.79 -21.98 4.51
CA GLU C 231 62.19 -21.71 4.25
C GLU C 231 62.32 -21.16 2.83
N PRO C 232 62.89 -19.97 2.63
CA PRO C 232 62.84 -19.34 1.30
C PRO C 232 63.91 -19.87 0.35
N VAL C 233 63.84 -21.16 0.06
CA VAL C 233 64.73 -21.82 -0.89
C VAL C 233 63.98 -21.96 -2.20
N THR C 234 64.53 -21.38 -3.25
CA THR C 234 63.98 -21.46 -4.59
C THR C 234 64.86 -22.34 -5.45
N ILE C 235 64.30 -22.81 -6.57
CA ILE C 235 65.07 -23.64 -7.49
C ILE C 235 65.72 -22.81 -8.59
N TYR C 236 65.45 -21.51 -8.65
CA TYR C 236 66.00 -20.66 -9.69
C TYR C 236 66.24 -19.27 -9.12
N GLU C 237 67.12 -18.55 -9.78
CA GLU C 237 67.27 -17.11 -9.55
C GLU C 237 66.61 -16.36 -10.68
N ALA C 238 66.46 -15.06 -10.49
CA ALA C 238 65.60 -14.25 -11.37
C ALA C 238 65.98 -14.23 -12.86
N PRO C 239 67.26 -14.15 -13.29
CA PRO C 239 67.52 -14.26 -14.74
C PRO C 239 67.31 -15.64 -15.34
N GLU C 240 67.12 -16.69 -14.52
CA GLU C 240 66.83 -18.01 -15.07
C GLU C 240 65.40 -18.15 -15.55
N PHE C 241 64.49 -17.28 -15.11
CA PHE C 241 63.15 -17.17 -15.66
C PHE C 241 63.11 -15.82 -16.36
N ARG C 242 63.65 -15.79 -17.56
CA ARG C 242 63.58 -14.62 -18.43
C ARG C 242 62.84 -15.06 -19.69
N ASN C 243 61.69 -14.46 -19.92
CA ASN C 243 60.81 -14.91 -20.99
C ASN C 243 61.39 -14.58 -22.35
N ARG C 244 61.44 -15.57 -23.21
CA ARG C 244 61.80 -15.40 -24.60
C ARG C 244 60.60 -15.81 -25.46
N PRO C 245 60.22 -15.03 -26.48
CA PRO C 245 60.76 -13.74 -26.97
C PRO C 245 60.55 -12.57 -26.01
N GLN C 246 61.26 -11.46 -26.27
CA GLN C 246 61.46 -10.42 -25.29
C GLN C 246 60.18 -9.63 -25.02
N ARG C 247 59.82 -9.51 -23.75
CA ARG C 247 58.65 -8.74 -23.34
C ARG C 247 59.03 -7.29 -23.08
N TYR C 248 58.19 -6.38 -23.56
CA TYR C 248 58.37 -4.96 -23.31
C TYR C 248 57.09 -4.39 -22.74
N ILE C 249 57.23 -3.47 -21.80
CA ILE C 249 56.12 -2.65 -21.35
C ILE C 249 56.36 -1.23 -21.86
N VAL C 250 55.38 -0.69 -22.58
CA VAL C 250 55.37 0.72 -22.94
C VAL C 250 54.40 1.41 -21.99
N HIS C 251 54.95 2.15 -21.05
CA HIS C 251 54.21 2.79 -19.97
C HIS C 251 54.10 4.27 -20.29
N THR C 252 52.89 4.75 -20.51
CA THR C 252 52.65 6.17 -20.76
C THR C 252 51.59 6.69 -19.81
N GLU C 253 51.73 7.96 -19.44
CA GLU C 253 50.86 8.58 -18.46
C GLU C 253 50.11 9.74 -19.09
N TRP C 254 48.83 9.87 -18.76
CA TRP C 254 47.92 10.78 -19.41
C TRP C 254 47.05 11.44 -18.36
N SER C 255 46.60 12.66 -18.64
CA SER C 255 45.85 13.42 -17.65
C SER C 255 44.45 12.84 -17.43
N ASP C 256 43.84 12.27 -18.46
CA ASP C 256 42.54 11.62 -18.35
C ASP C 256 42.44 10.58 -19.45
N THR C 257 41.33 9.83 -19.46
CA THR C 257 41.19 8.75 -20.43
C THR C 257 40.89 9.26 -21.83
N ASN C 258 40.31 10.46 -21.95
CA ASN C 258 40.12 11.05 -23.27
C ASN C 258 41.45 11.45 -23.88
N ALA C 259 42.33 12.05 -23.09
CA ALA C 259 43.68 12.39 -23.56
C ALA C 259 44.46 11.12 -23.89
N LEU C 260 44.24 10.05 -23.13
CA LEU C 260 44.87 8.77 -23.43
C LEU C 260 44.39 8.20 -24.75
N MET C 261 43.07 8.21 -24.97
CA MET C 261 42.48 7.58 -26.15
C MET C 261 42.89 8.28 -27.43
N PHE C 262 42.85 9.61 -27.46
CA PHE C 262 43.26 10.32 -28.66
C PHE C 262 44.76 10.54 -28.73
N GLY C 263 45.46 10.49 -27.61
CA GLY C 263 46.90 10.62 -27.62
C GLY C 263 47.59 9.36 -28.11
N LEU C 264 47.25 8.21 -27.51
CA LEU C 264 47.74 6.93 -28.00
C LEU C 264 47.22 6.62 -29.39
N GLY C 265 46.01 7.11 -29.71
CA GLY C 265 45.41 6.94 -31.02
C GLY C 265 46.16 7.61 -32.15
N ARG C 266 47.10 8.49 -31.85
CA ARG C 266 47.93 9.13 -32.88
C ARG C 266 48.78 8.14 -33.66
N VAL C 267 49.06 6.95 -33.11
CA VAL C 267 49.71 5.90 -33.89
C VAL C 267 48.77 5.27 -34.90
N LEU C 268 47.49 5.59 -34.86
CA LEU C 268 46.52 5.14 -35.85
C LEU C 268 45.96 6.25 -36.72
N ILE C 269 45.82 7.48 -36.20
CA ILE C 269 45.11 8.52 -36.91
C ILE C 269 46.00 9.68 -37.34
N TYR C 270 47.19 9.82 -36.78
CA TYR C 270 48.12 10.88 -37.19
C TYR C 270 49.12 10.26 -38.15
N PRO C 271 49.13 10.65 -39.43
CA PRO C 271 49.92 9.91 -40.43
C PRO C 271 51.43 10.00 -40.22
N GLU C 272 51.96 11.06 -39.64
CA GLU C 272 53.39 11.13 -39.39
C GLU C 272 53.83 10.21 -38.26
N VAL C 273 53.02 10.09 -37.21
CA VAL C 273 53.33 9.18 -36.12
C VAL C 273 53.02 7.74 -36.51
N ARG C 274 52.05 7.56 -37.42
CA ARG C 274 51.64 6.24 -37.88
C ARG C 274 52.75 5.52 -38.63
N GLN C 275 53.57 6.24 -39.41
CA GLN C 275 54.70 5.60 -40.08
C GLN C 275 55.80 5.21 -39.08
N ILE C 276 55.96 5.98 -38.01
CA ILE C 276 56.94 5.64 -36.99
C ILE C 276 56.54 4.36 -36.27
N HIS C 277 55.28 4.29 -35.82
CA HIS C 277 54.80 3.14 -35.06
C HIS C 277 54.58 1.91 -35.94
N ASP C 278 54.54 2.07 -37.26
CA ASP C 278 54.50 0.91 -38.15
C ASP C 278 55.78 0.09 -38.05
N LYS C 279 56.91 0.73 -37.76
CA LYS C 279 58.15 0.00 -37.57
C LYS C 279 58.15 -0.75 -36.24
N VAL C 280 57.42 -0.25 -35.25
CA VAL C 280 57.23 -0.99 -34.01
C VAL C 280 56.37 -2.22 -34.25
N LEU C 281 55.29 -2.06 -35.03
CA LEU C 281 54.35 -3.16 -35.28
C LEU C 281 54.99 -4.27 -36.09
N ASP C 282 55.97 -3.97 -36.92
CA ASP C 282 56.66 -4.97 -37.72
C ASP C 282 57.68 -5.78 -36.93
N THR C 283 57.81 -5.56 -35.62
CA THR C 283 58.70 -6.36 -34.78
C THR C 283 57.94 -7.24 -33.79
N LEU C 284 56.62 -7.16 -33.75
CA LEU C 284 55.83 -7.75 -32.67
C LEU C 284 55.33 -9.14 -33.04
N VAL C 285 55.58 -10.11 -32.17
CA VAL C 285 54.87 -11.38 -32.27
C VAL C 285 53.57 -11.35 -31.46
N TYR C 286 53.45 -10.45 -30.50
CA TYR C 286 52.22 -10.29 -29.74
C TYR C 286 52.05 -8.81 -29.40
N GLY C 287 50.82 -8.34 -29.50
CA GLY C 287 50.50 -7.00 -29.12
C GLY C 287 50.25 -6.09 -30.29
N PRO C 288 49.95 -4.82 -30.03
CA PRO C 288 49.89 -4.19 -28.70
C PRO C 288 48.55 -4.35 -27.98
N TYR C 289 48.62 -4.70 -26.71
CA TYR C 289 47.47 -4.77 -25.83
C TYR C 289 47.68 -3.79 -24.70
N ILE C 290 46.76 -2.83 -24.56
CA ILE C 290 46.97 -1.68 -23.70
C ILE C 290 45.93 -1.72 -22.58
N ARG C 291 46.39 -1.92 -21.36
CA ARG C 291 45.55 -1.81 -20.18
C ARG C 291 45.56 -0.38 -19.67
N VAL C 292 44.46 0.03 -19.08
CA VAL C 292 44.31 1.36 -18.49
C VAL C 292 44.40 1.20 -16.99
N LEU C 293 45.35 1.90 -16.38
CA LEU C 293 45.63 1.74 -14.95
C LEU C 293 45.41 3.06 -14.22
N ASN C 294 45.00 2.95 -12.97
CA ASN C 294 44.85 4.11 -12.10
C ASN C 294 45.92 4.06 -11.03
N PRO C 295 46.85 5.01 -11.00
CA PRO C 295 47.89 5.01 -9.96
C PRO C 295 47.41 5.56 -8.62
N MET C 296 46.81 4.70 -7.79
CA MET C 296 46.25 5.14 -6.51
C MET C 296 47.34 5.55 -5.52
N MET C 297 48.19 4.61 -5.13
CA MET C 297 49.16 4.81 -4.07
C MET C 297 50.54 4.94 -4.68
N GLU C 298 51.26 6.01 -4.32
CA GLU C 298 52.50 6.34 -4.98
C GLU C 298 53.58 6.73 -3.99
N GLY C 299 54.81 6.43 -4.38
CA GLY C 299 56.04 6.81 -3.72
C GLY C 299 56.83 7.77 -4.58
N THR C 300 56.20 8.88 -5.00
CA THR C 300 56.62 9.78 -6.08
C THR C 300 58.08 10.26 -6.09
N TYR C 301 58.80 10.06 -4.99
CA TYR C 301 60.23 10.35 -4.89
C TYR C 301 61.10 9.40 -5.72
N TRP C 302 60.54 8.37 -6.37
CA TRP C 302 61.32 7.58 -7.32
C TRP C 302 61.67 8.39 -8.56
N ARG C 303 60.85 9.37 -8.92
CA ARG C 303 61.17 10.26 -10.01
C ARG C 303 62.23 11.29 -9.62
N GLU C 304 62.37 11.58 -8.33
CA GLU C 304 63.49 12.41 -7.88
C GLU C 304 64.81 11.70 -8.06
N TYR C 305 64.83 10.38 -7.84
CA TYR C 305 66.03 9.59 -8.12
C TYR C 305 66.30 9.51 -9.61
N LEU C 306 65.24 9.40 -10.41
CA LEU C 306 65.39 9.24 -11.85
C LEU C 306 65.88 10.53 -12.51
N ASN C 307 65.31 11.67 -12.10
CA ASN C 307 65.64 12.94 -12.71
C ASN C 307 66.76 13.68 -12.00
N GLU C 308 67.26 13.12 -10.89
CA GLU C 308 68.41 13.65 -10.12
C GLU C 308 68.16 15.06 -9.61
N TYR C 309 66.92 15.34 -9.25
CA TYR C 309 66.48 16.66 -8.85
C TYR C 309 65.15 16.50 -8.14
N HIS C 310 64.92 17.30 -7.09
CA HIS C 310 63.66 17.27 -6.37
C HIS C 310 63.00 18.64 -6.41
N LEU C 311 61.76 18.68 -5.94
CA LEU C 311 60.86 19.86 -5.94
C LEU C 311 60.70 20.49 -7.32
N PRO D 2 48.47 -4.15 52.24
CA PRO D 2 49.21 -2.91 51.97
C PRO D 2 48.59 -2.15 50.81
N LYS D 3 49.13 -0.97 50.50
CA LYS D 3 48.62 -0.20 49.39
C LYS D 3 49.33 -0.61 48.10
N PRO D 4 48.62 -1.12 47.10
CA PRO D 4 49.28 -1.47 45.85
C PRO D 4 49.56 -0.24 44.99
N TYR D 5 50.27 -0.48 43.90
CA TYR D 5 50.49 0.53 42.88
C TYR D 5 49.56 0.26 41.71
N VAL D 6 49.14 1.31 41.03
CA VAL D 6 48.15 1.21 39.98
C VAL D 6 48.77 1.61 38.66
N ALA D 7 48.62 0.76 37.65
CA ALA D 7 48.84 1.13 36.25
C ALA D 7 47.47 1.30 35.61
N ILE D 8 47.26 2.45 34.97
CA ILE D 8 45.98 2.74 34.32
C ILE D 8 46.22 2.80 32.82
N ASN D 9 45.78 1.78 32.11
CA ASN D 9 45.90 1.73 30.66
C ASN D 9 44.71 2.45 30.04
N MET D 10 45.00 3.51 29.28
CA MET D 10 43.98 4.35 28.67
C MET D 10 44.01 4.19 27.16
N VAL D 11 42.89 3.79 26.58
CA VAL D 11 42.74 3.65 25.14
C VAL D 11 41.40 4.27 24.72
N GLU D 12 41.38 4.81 23.51
CA GLU D 12 40.14 5.20 22.84
C GLU D 12 39.88 4.20 21.72
N VAL D 13 38.71 3.56 21.76
CA VAL D 13 38.34 2.57 20.76
C VAL D 13 37.01 2.99 20.14
N ARG D 14 36.70 2.40 18.99
CA ARG D 14 35.42 2.65 18.33
C ARG D 14 34.26 2.09 19.15
N ASN D 15 33.12 2.76 19.08
CA ASN D 15 31.90 2.29 19.75
C ASN D 15 31.05 1.58 18.70
N ASP D 16 31.31 0.29 18.52
CA ASP D 16 30.62 -0.53 17.53
C ASP D 16 30.53 -1.94 18.12
N PRO D 17 29.63 -2.79 17.59
CA PRO D 17 29.54 -4.16 18.12
C PRO D 17 30.80 -5.01 17.97
N LYS D 18 31.69 -4.67 17.03
CA LYS D 18 32.94 -5.40 16.92
C LYS D 18 33.83 -5.18 18.14
N THR D 19 33.81 -3.97 18.72
CA THR D 19 34.64 -3.63 19.86
C THR D 19 34.20 -4.38 21.12
N LEU D 20 32.89 -4.51 21.34
CA LEU D 20 32.42 -5.23 22.51
C LEU D 20 32.65 -6.73 22.42
N GLU D 21 32.93 -7.27 21.23
CA GLU D 21 33.47 -8.63 21.16
C GLU D 21 34.89 -8.70 21.69
N LEU D 22 35.67 -7.62 21.54
CA LEU D 22 37.04 -7.58 22.03
C LEU D 22 37.11 -7.47 23.54
N PHE D 23 36.02 -7.07 24.20
CA PHE D 23 35.97 -7.08 25.66
C PHE D 23 36.01 -8.50 26.21
N GLY D 24 35.38 -9.43 25.52
CA GLY D 24 35.24 -10.78 26.02
C GLY D 24 36.17 -11.79 25.38
N LYS D 25 36.86 -11.41 24.30
CA LYS D 25 37.74 -12.33 23.61
C LYS D 25 39.22 -11.96 23.71
N VAL D 26 39.55 -10.76 24.19
CA VAL D 26 40.94 -10.32 24.32
C VAL D 26 41.25 -9.89 25.75
N GLY D 27 40.39 -9.06 26.32
CA GLY D 27 40.40 -8.68 27.73
C GLY D 27 40.70 -9.74 28.77
N PRO D 28 39.99 -10.89 28.74
CA PRO D 28 40.37 -11.98 29.65
C PRO D 28 41.74 -12.57 29.38
N LYS D 29 42.19 -12.59 28.13
CA LYS D 29 43.51 -13.15 27.83
C LYS D 29 44.63 -12.26 28.34
N VAL D 30 44.43 -10.93 28.28
CA VAL D 30 45.41 -9.99 28.81
C VAL D 30 45.54 -10.14 30.32
N CYS D 31 44.41 -10.33 31.00
CA CYS D 31 44.42 -10.55 32.45
C CYS D 31 45.09 -11.87 32.82
N MET D 32 44.97 -12.89 31.96
CA MET D 32 45.61 -14.17 32.24
C MET D 32 47.12 -14.12 32.01
N VAL D 33 47.57 -13.35 31.02
CA VAL D 33 49.01 -13.17 30.81
C VAL D 33 49.60 -12.32 31.93
N THR D 34 48.85 -11.30 32.37
CA THR D 34 49.28 -10.43 33.45
C THR D 34 49.38 -11.19 34.78
N ALA D 35 48.54 -12.20 34.98
CA ALA D 35 48.54 -13.00 36.19
C ALA D 35 49.65 -14.04 36.24
N ARG D 36 50.53 -14.11 35.23
CA ARG D 36 51.74 -14.91 35.34
C ARG D 36 52.73 -14.33 36.35
N HIS D 37 52.68 -13.03 36.60
CA HIS D 37 53.58 -12.38 37.53
C HIS D 37 53.03 -12.45 38.95
N PRO D 38 53.86 -12.76 39.94
CA PRO D 38 53.35 -12.88 41.32
C PRO D 38 53.03 -11.54 41.98
N GLY D 39 53.58 -10.44 41.48
CA GLY D 39 53.25 -9.12 41.99
C GLY D 39 51.92 -8.56 41.55
N PHE D 40 51.25 -9.23 40.63
CA PHE D 40 49.92 -8.83 40.18
C PHE D 40 48.91 -9.19 41.26
N VAL D 41 48.15 -8.21 41.73
CA VAL D 41 47.17 -8.46 42.78
C VAL D 41 45.74 -8.20 42.34
N GLY D 42 45.51 -7.77 41.12
CA GLY D 42 44.15 -7.61 40.65
C GLY D 42 44.02 -6.51 39.62
N PHE D 43 42.78 -6.31 39.18
CA PHE D 43 42.49 -5.37 38.11
C PHE D 43 41.08 -4.82 38.27
N GLN D 44 40.80 -3.75 37.55
CA GLN D 44 39.47 -3.16 37.49
C GLN D 44 39.37 -2.40 36.17
N ASN D 45 38.54 -2.89 35.27
CA ASN D 45 38.46 -2.33 33.92
C ASN D 45 37.21 -1.45 33.80
N HIS D 46 37.38 -0.28 33.19
CA HIS D 46 36.32 0.70 33.10
C HIS D 46 36.04 1.09 31.65
N VAL D 47 34.80 1.46 31.40
CA VAL D 47 34.39 2.16 30.18
C VAL D 47 33.80 3.49 30.62
N GLN D 48 34.25 4.57 29.99
CA GLN D 48 33.66 5.87 30.27
C GLN D 48 32.25 5.94 29.68
N ILE D 49 31.29 6.29 30.53
CA ILE D 49 29.91 6.43 30.09
C ILE D 49 29.46 7.88 30.06
N GLY D 50 30.24 8.81 30.57
CA GLY D 50 29.84 10.20 30.53
C GLY D 50 30.80 11.08 31.32
N VAL D 51 30.36 12.33 31.49
CA VAL D 51 31.12 13.38 32.15
C VAL D 51 30.16 14.08 33.11
N VAL D 52 30.64 14.44 34.29
CA VAL D 52 29.85 15.27 35.20
C VAL D 52 29.79 16.69 34.62
N PRO D 53 28.60 17.20 34.31
CA PRO D 53 28.51 18.50 33.64
C PRO D 53 28.76 19.69 34.55
N LEU D 54 28.50 19.53 35.86
CA LEU D 54 28.60 20.58 36.88
C LEU D 54 27.75 21.80 36.51
N GLY D 55 26.45 21.57 36.42
CA GLY D 55 25.56 22.58 35.89
C GLY D 55 25.72 22.69 34.38
N THR D 56 26.14 23.85 33.89
CA THR D 56 26.40 24.05 32.46
C THR D 56 27.87 24.30 32.18
N ARG D 57 28.77 23.88 33.06
CA ARG D 57 30.20 24.09 32.83
C ARG D 57 30.68 23.27 31.65
N TRP D 58 30.31 22.00 31.60
CA TRP D 58 30.37 21.23 30.36
C TRP D 58 28.93 20.80 30.07
N GLY D 59 28.16 21.71 29.48
CA GLY D 59 26.75 21.49 29.27
C GLY D 59 26.42 20.60 28.10
N GLY D 60 27.37 20.39 27.20
CA GLY D 60 27.20 19.42 26.14
C GLY D 60 27.43 17.99 26.56
N ALA D 61 27.85 17.79 27.79
CA ALA D 61 28.15 16.47 28.33
C ALA D 61 27.06 16.04 29.31
N LYS D 62 26.85 14.74 29.39
CA LYS D 62 25.88 14.15 30.29
C LYS D 62 26.57 13.04 31.06
N MET D 63 25.96 12.63 32.18
CA MET D 63 26.55 11.56 32.96
C MET D 63 26.37 10.20 32.29
N GLU D 64 25.30 10.02 31.54
CA GLU D 64 25.05 8.79 30.78
C GLU D 64 24.87 9.17 29.32
N MET D 65 25.98 9.22 28.57
CA MET D 65 25.94 9.58 27.16
C MET D 65 26.59 8.53 26.28
N SER D 66 26.75 7.30 26.78
CA SER D 66 27.52 6.29 26.05
C SER D 66 26.76 5.71 24.86
N GLN D 67 25.44 5.82 24.85
CA GLN D 67 24.65 5.34 23.72
C GLN D 67 24.80 6.22 22.49
N GLU D 68 25.29 7.45 22.64
CA GLU D 68 25.38 8.38 21.54
C GLU D 68 26.80 8.61 21.03
N MET D 69 27.82 8.09 21.72
CA MET D 69 29.20 8.37 21.36
C MET D 69 29.70 7.42 20.29
N HIS D 70 30.52 7.94 19.39
CA HIS D 70 31.15 7.12 18.36
C HIS D 70 32.37 6.38 18.87
N SER D 71 32.94 6.82 19.98
CA SER D 71 34.18 6.24 20.49
C SER D 71 34.08 6.05 21.99
N LEU D 72 34.76 5.03 22.49
CA LEU D 72 34.73 4.67 23.90
C LEU D 72 36.10 4.86 24.52
N MET D 73 36.14 5.55 25.66
CA MET D 73 37.32 5.66 26.47
C MET D 73 37.36 4.51 27.47
N LEU D 74 38.48 3.77 27.50
CA LEU D 74 38.66 2.67 28.42
C LEU D 74 39.77 2.99 29.41
N MET D 75 39.54 2.74 30.69
CA MET D 75 40.54 2.88 31.74
C MET D 75 40.70 1.53 32.41
N GLN D 76 41.79 0.86 32.11
CA GLN D 76 42.02 -0.49 32.61
C GLN D 76 43.05 -0.42 33.73
N TYR D 77 42.58 -0.55 34.97
CA TYR D 77 43.47 -0.49 36.12
C TYR D 77 44.07 -1.87 36.32
N THR D 78 45.36 -1.92 36.60
CA THR D 78 46.00 -3.11 37.12
C THR D 78 46.71 -2.73 38.41
N PHE D 79 46.66 -3.63 39.38
CA PHE D 79 47.16 -3.36 40.71
C PHE D 79 48.39 -4.23 40.98
N TRP D 80 49.42 -3.63 41.58
CA TRP D 80 50.73 -4.25 41.68
C TRP D 80 51.31 -4.05 43.07
N LYS D 81 52.03 -5.06 43.57
CA LYS D 81 52.70 -4.96 44.86
C LYS D 81 53.79 -3.90 44.84
N ASN D 82 54.50 -3.78 43.73
CA ASN D 82 55.39 -2.66 43.47
C ASN D 82 55.25 -2.29 41.99
N TRP D 83 55.52 -1.02 41.67
CA TRP D 83 55.40 -0.60 40.28
C TRP D 83 56.46 -1.19 39.38
N LYS D 84 57.59 -1.64 39.95
CA LYS D 84 58.59 -2.35 39.17
C LYS D 84 58.11 -3.73 38.74
N ASP D 85 57.16 -4.32 39.49
CA ASP D 85 56.56 -5.60 39.07
C ASP D 85 55.77 -5.45 37.79
N HIS D 86 55.17 -4.28 37.57
CA HIS D 86 54.44 -4.05 36.33
C HIS D 86 55.39 -3.89 35.15
N GLU D 87 56.52 -3.21 35.35
CA GLU D 87 57.50 -3.06 34.28
C GLU D 87 58.22 -4.37 34.00
N GLU D 88 58.46 -5.18 35.03
CA GLU D 88 59.04 -6.50 34.83
C GLU D 88 58.06 -7.44 34.13
N MET D 89 56.76 -7.30 34.40
CA MET D 89 55.77 -8.13 33.74
C MET D 89 55.71 -7.85 32.25
N HIS D 90 55.75 -6.57 31.86
CA HIS D 90 55.65 -6.22 30.45
C HIS D 90 56.87 -6.65 29.66
N LYS D 91 58.05 -6.65 30.29
CA LYS D 91 59.24 -7.08 29.57
C LYS D 91 59.27 -8.60 29.41
N GLN D 92 58.88 -9.34 30.44
CA GLN D 92 58.96 -10.79 30.39
C GLN D 92 57.86 -11.40 29.54
N ASN D 93 56.72 -10.73 29.40
CA ASN D 93 55.59 -11.25 28.64
C ASN D 93 55.31 -10.40 27.42
N TRP D 94 56.36 -9.84 26.82
CA TRP D 94 56.19 -8.82 25.79
C TRP D 94 55.59 -9.37 24.51
N ALA D 95 55.99 -10.58 24.10
CA ALA D 95 55.48 -11.15 22.86
C ALA D 95 53.99 -11.47 22.96
N ASN D 96 53.56 -12.05 24.09
CA ASN D 96 52.14 -12.39 24.25
C ASN D 96 51.29 -11.13 24.39
N LEU D 97 51.79 -10.11 25.10
CA LEU D 97 51.01 -8.92 25.35
C LEU D 97 50.92 -8.02 24.13
N PHE D 98 51.99 -7.94 23.34
CA PHE D 98 51.96 -7.17 22.09
C PHE D 98 50.97 -7.78 21.11
N ARG D 99 50.93 -9.11 21.02
CA ARG D 99 50.05 -9.78 20.08
C ARG D 99 48.59 -9.63 20.48
N LEU D 100 48.31 -9.63 21.78
CA LEU D 100 46.94 -9.43 22.24
C LEU D 100 46.48 -7.99 22.04
N CYS D 101 47.39 -7.02 22.25
CA CYS D 101 47.05 -5.62 22.09
C CYS D 101 46.80 -5.26 20.63
N LEU D 102 47.47 -5.96 19.71
CA LEU D 102 47.26 -5.74 18.28
C LEU D 102 46.02 -6.43 17.75
N GLN D 103 45.33 -7.25 18.55
CA GLN D 103 44.03 -7.72 18.14
C GLN D 103 42.97 -6.63 18.25
N CYS D 104 43.23 -5.59 19.05
CA CYS D 104 42.33 -4.46 19.21
C CYS D 104 42.70 -3.32 18.27
N ALA D 105 43.57 -3.58 17.29
CA ALA D 105 44.19 -2.52 16.51
C ALA D 105 43.20 -1.87 15.55
N ASP D 106 42.37 -2.66 14.88
CA ASP D 106 41.40 -2.11 13.94
C ASP D 106 40.23 -1.40 14.60
N GLN D 107 40.17 -1.38 15.93
CA GLN D 107 39.20 -0.58 16.67
C GLN D 107 39.83 0.63 17.36
N MET D 108 41.15 0.64 17.52
CA MET D 108 41.80 1.65 18.36
C MET D 108 41.93 2.98 17.65
N ILE D 109 41.63 4.05 18.36
CA ILE D 109 41.66 5.40 17.84
C ILE D 109 42.80 6.21 18.45
N TRP D 110 42.97 6.13 19.76
CA TRP D 110 44.03 6.80 20.47
C TRP D 110 44.58 5.85 21.51
N GLY D 111 45.87 5.95 21.77
CA GLY D 111 46.49 5.14 22.79
C GLY D 111 47.26 3.96 22.23
N PRO D 112 47.71 3.04 23.10
CA PRO D 112 47.56 3.03 24.56
C PRO D 112 48.51 3.98 25.29
N TYR D 113 48.06 4.45 26.44
CA TYR D 113 48.81 5.36 27.27
C TYR D 113 48.65 4.88 28.70
N GLU D 114 49.74 4.45 29.33
CA GLU D 114 49.67 3.82 30.66
C GLU D 114 50.50 4.60 31.68
N PRO D 115 49.93 5.60 32.33
CA PRO D 115 50.60 6.20 33.48
C PRO D 115 50.55 5.28 34.70
N LEU D 116 51.57 5.39 35.53
CA LEU D 116 51.68 4.61 36.76
C LEU D 116 51.35 5.50 37.95
N TYR D 117 50.66 4.92 38.93
CA TYR D 117 50.15 5.69 40.05
C TYR D 117 50.51 5.05 41.37
N GLU D 118 50.71 5.90 42.36
CA GLU D 118 50.86 5.50 43.76
C GLU D 118 49.58 5.87 44.50
N ILE D 119 49.11 4.97 45.35
CA ILE D 119 47.91 5.23 46.14
C ILE D 119 48.31 6.09 47.35
N VAL D 120 47.82 7.32 47.37
CA VAL D 120 48.09 8.22 48.49
C VAL D 120 47.14 7.90 49.66
N TYR D 121 45.86 7.74 49.37
CA TYR D 121 44.84 7.44 50.34
C TYR D 121 43.94 6.38 49.75
N ALA D 122 43.41 5.50 50.60
CA ALA D 122 42.47 4.51 50.13
C ALA D 122 41.43 4.22 51.19
N ASN D 123 40.17 4.32 50.82
CA ASN D 123 39.05 3.77 51.57
C ASN D 123 38.26 2.97 50.55
N MET D 124 38.66 1.74 50.31
CA MET D 124 38.05 0.91 49.27
C MET D 124 37.65 -0.42 49.88
N PRO D 125 36.37 -0.64 50.12
CA PRO D 125 35.92 -1.85 50.79
C PRO D 125 35.97 -3.07 49.87
N LEU D 126 35.71 -4.22 50.48
CA LEU D 126 35.57 -5.45 49.72
C LEU D 126 34.29 -5.42 48.90
N ASN D 127 34.39 -5.89 47.66
CA ASN D 127 33.21 -5.98 46.80
C ASN D 127 32.35 -7.15 47.27
N THR D 128 31.08 -6.88 47.52
CA THR D 128 30.10 -7.89 47.87
C THR D 128 28.89 -7.76 46.97
N GLU D 129 28.32 -8.89 46.58
CA GLU D 129 27.02 -8.90 45.94
C GLU D 129 25.93 -8.69 46.99
N MET D 130 24.69 -8.53 46.50
CA MET D 130 23.56 -8.43 47.42
C MET D 130 23.22 -9.76 48.08
N THR D 131 23.75 -10.87 47.56
CA THR D 131 23.59 -12.16 48.23
C THR D 131 24.65 -12.39 49.30
N ASP D 132 25.67 -11.56 49.37
CA ASP D 132 26.81 -11.80 50.25
C ASP D 132 26.81 -10.95 51.51
N PHE D 133 25.83 -10.05 51.70
CA PHE D 133 25.92 -9.15 52.85
C PHE D 133 25.62 -9.84 54.17
N THR D 134 24.89 -10.96 54.14
CA THR D 134 24.68 -11.75 55.35
C THR D 134 25.98 -12.36 55.86
N VAL D 135 26.88 -12.74 54.95
CA VAL D 135 28.19 -13.22 55.36
C VAL D 135 29.03 -12.06 55.88
N MET D 136 28.90 -10.89 55.27
CA MET D 136 29.74 -9.75 55.62
C MET D 136 29.41 -9.20 57.00
N VAL D 137 28.11 -8.96 57.27
CA VAL D 137 27.75 -8.45 58.58
C VAL D 137 27.84 -9.53 59.65
N GLY D 138 27.77 -10.80 59.27
CA GLY D 138 27.91 -11.85 60.27
C GLY D 138 29.34 -12.02 60.74
N LYS D 139 30.29 -11.85 59.82
CA LYS D 139 31.70 -11.95 60.18
C LYS D 139 32.16 -10.74 60.98
N LYS D 140 31.64 -9.56 60.67
CA LYS D 140 32.03 -8.35 61.38
C LYS D 140 31.39 -8.24 62.75
N PHE D 141 30.19 -8.81 62.92
CA PHE D 141 29.59 -8.84 64.25
C PHE D 141 30.27 -9.87 65.14
N ALA D 142 30.72 -10.98 64.57
CA ALA D 142 31.39 -12.01 65.37
C ALA D 142 32.77 -11.57 65.79
N ALA D 143 33.39 -10.67 65.03
CA ALA D 143 34.71 -10.14 65.36
C ALA D 143 34.64 -8.87 66.18
N GLY D 144 33.45 -8.42 66.56
CA GLY D 144 33.30 -7.19 67.32
C GLY D 144 33.62 -5.93 66.55
N GLU D 145 33.46 -5.95 65.23
CA GLU D 145 33.75 -4.79 64.40
C GLU D 145 32.50 -4.31 63.66
N ALA D 146 31.39 -4.18 64.39
CA ALA D 146 30.16 -3.68 63.79
C ALA D 146 30.27 -2.23 63.37
N VAL D 147 31.14 -1.45 64.01
CA VAL D 147 31.28 -0.04 63.67
C VAL D 147 32.01 0.14 62.34
N SER D 148 32.72 -0.87 61.86
CA SER D 148 33.45 -0.81 60.60
C SER D 148 32.85 -1.72 59.54
N ILE D 149 31.51 -1.82 59.52
CA ILE D 149 30.84 -2.59 58.47
C ILE D 149 30.76 -1.72 57.22
N PRO D 150 31.27 -2.20 56.09
CA PRO D 150 31.34 -1.38 54.89
C PRO D 150 30.02 -1.36 54.14
N PRO D 151 29.82 -0.42 53.22
CA PRO D 151 28.63 -0.48 52.36
C PRO D 151 28.73 -1.60 51.34
N ILE D 152 27.58 -1.99 50.81
CA ILE D 152 27.51 -3.06 49.81
C ILE D 152 27.97 -2.49 48.47
N SER D 153 29.18 -2.84 48.05
CA SER D 153 29.76 -2.38 46.81
C SER D 153 29.65 -3.51 45.80
N GLN D 154 28.68 -3.42 44.91
CA GLN D 154 28.37 -4.54 44.02
C GLN D 154 29.34 -4.56 42.84
N PRO D 155 29.93 -5.71 42.53
CA PRO D 155 30.88 -5.78 41.41
C PRO D 155 30.17 -5.91 40.06
N TYR D 156 30.98 -5.80 39.01
CA TYR D 156 30.64 -6.15 37.63
C TYR D 156 29.49 -5.29 37.07
N GLY D 157 29.74 -3.99 37.01
CA GLY D 157 28.88 -3.08 36.31
C GLY D 157 27.71 -2.52 37.09
N LYS D 158 27.60 -2.82 38.39
CA LYS D 158 26.45 -2.41 39.18
C LYS D 158 26.73 -1.18 40.03
N ARG D 159 27.79 -0.43 39.70
CA ARG D 159 28.06 0.83 40.36
C ARG D 159 28.75 1.72 39.34
N VAL D 160 28.99 2.97 39.72
CA VAL D 160 29.65 3.93 38.82
C VAL D 160 30.88 4.49 39.53
N VAL D 161 31.82 4.96 38.72
CA VAL D 161 33.08 5.50 39.19
C VAL D 161 33.19 6.94 38.70
N ALA D 162 33.52 7.85 39.61
CA ALA D 162 33.88 9.21 39.26
C ALA D 162 35.39 9.30 39.17
N PHE D 163 35.88 9.65 37.99
CA PHE D 163 37.31 9.71 37.66
C PHE D 163 37.70 11.18 37.64
N GLY D 164 38.24 11.67 38.75
CA GLY D 164 38.51 13.08 38.92
C GLY D 164 39.94 13.49 38.65
N GLU D 165 40.16 14.19 37.55
CA GLU D 165 41.52 14.58 37.15
C GLU D 165 41.88 15.92 37.78
N HIS D 166 43.01 15.96 38.46
CA HIS D 166 43.50 17.17 39.12
C HIS D 166 44.97 17.34 38.80
N ILE D 167 45.36 18.52 38.34
CA ILE D 167 46.77 18.87 38.16
C ILE D 167 47.09 19.97 39.16
N VAL D 168 48.08 19.72 40.02
CA VAL D 168 48.34 20.55 41.19
C VAL D 168 49.63 21.33 40.96
N LYS D 169 49.60 22.62 41.28
CA LYS D 169 50.76 23.50 41.18
C LYS D 169 51.94 22.99 41.98
N GLU D 170 53.15 23.30 41.48
CA GLU D 170 54.38 22.94 42.16
C GLU D 170 54.48 23.60 43.53
N GLY D 171 54.68 22.79 44.55
CA GLY D 171 54.78 23.25 45.91
C GLY D 171 53.51 23.14 46.72
N LEU D 172 52.36 22.96 46.05
CA LEU D 172 51.08 22.82 46.73
C LEU D 172 50.58 21.38 46.77
N GLU D 173 51.47 20.40 46.59
CA GLU D 173 51.04 19.01 46.62
C GLU D 173 50.71 18.54 48.03
N ASN D 174 51.37 19.10 49.05
CA ASN D 174 51.03 18.76 50.42
C ASN D 174 49.68 19.33 50.84
N GLN D 175 49.33 20.51 50.31
CA GLN D 175 48.02 21.07 50.62
C GLN D 175 46.91 20.34 49.88
N PHE D 176 47.17 19.86 48.66
CA PHE D 176 46.16 19.08 47.95
C PHE D 176 45.85 17.80 48.69
N GLU D 177 46.88 17.03 49.04
CA GLU D 177 46.68 15.70 49.61
C GLU D 177 46.03 15.77 50.98
N GLU D 178 46.28 16.84 51.74
CA GLU D 178 45.65 16.97 53.06
C GLU D 178 44.15 17.20 52.94
N TYR D 179 43.74 18.10 52.06
CA TYR D 179 42.33 18.47 51.97
C TYR D 179 41.54 17.64 50.99
N ALA D 180 42.19 16.97 50.03
CA ALA D 180 41.46 15.99 49.23
C ALA D 180 41.13 14.75 50.04
N ILE D 181 41.97 14.42 51.02
CA ILE D 181 41.66 13.34 51.95
C ILE D 181 40.46 13.73 52.81
N LYS D 182 40.45 14.96 53.32
CA LYS D 182 39.32 15.45 54.12
C LYS D 182 38.03 15.55 53.31
N THR D 183 38.14 15.77 52.00
CA THR D 183 36.96 15.76 51.14
C THR D 183 36.42 14.34 50.99
N LEU D 184 37.31 13.36 50.89
CA LEU D 184 36.86 11.98 50.73
C LEU D 184 36.35 11.39 52.04
N GLU D 185 36.82 11.87 53.18
CA GLU D 185 36.21 11.48 54.45
C GLU D 185 34.84 12.11 54.62
N ALA D 186 34.63 13.29 54.06
CA ALA D 186 33.32 13.92 54.08
C ALA D 186 32.32 13.22 53.18
N PHE D 187 32.80 12.52 52.13
CA PHE D 187 31.91 11.78 51.26
C PHE D 187 31.32 10.54 51.95
N ARG D 188 31.91 10.10 53.06
CA ARG D 188 31.37 8.96 53.82
C ARG D 188 29.95 9.21 54.32
N SER D 189 29.59 10.48 54.52
CA SER D 189 28.23 10.81 54.91
C SER D 189 27.25 10.81 53.74
N ALA D 190 27.74 10.86 52.51
CA ALA D 190 26.84 10.97 51.36
C ALA D 190 26.16 9.64 51.09
N PRO D 191 24.88 9.66 50.73
CA PRO D 191 24.18 8.40 50.40
C PRO D 191 24.70 7.81 49.09
N GLY D 192 24.91 6.51 49.10
CA GLY D 192 25.42 5.82 47.94
C GLY D 192 26.90 5.90 47.74
N PHE D 193 27.65 6.51 48.64
CA PHE D 193 29.10 6.52 48.53
C PHE D 193 29.64 5.14 48.87
N LEU D 194 30.39 4.57 47.94
CA LEU D 194 30.90 3.22 48.09
C LEU D 194 32.37 3.16 48.37
N GLY D 195 33.06 4.30 48.44
CA GLY D 195 34.47 4.32 48.74
C GLY D 195 35.25 5.13 47.74
N GLY D 196 36.51 5.38 48.11
CA GLY D 196 37.32 6.29 47.34
C GLY D 196 38.80 6.09 47.56
N MET D 197 39.59 6.54 46.58
CA MET D 197 41.04 6.54 46.71
C MET D 197 41.61 7.71 45.93
N ILE D 198 42.82 8.12 46.33
CA ILE D 198 43.53 9.22 45.70
C ILE D 198 44.79 8.65 45.08
N LEU D 199 44.95 8.83 43.77
CA LEU D 199 46.08 8.29 43.03
C LEU D 199 47.01 9.43 42.61
N LYS D 200 48.31 9.19 42.75
CA LYS D 200 49.34 10.17 42.43
C LYS D 200 50.22 9.59 41.34
N GLU D 201 50.30 10.29 40.20
CA GLU D 201 51.09 9.80 39.07
C GLU D 201 52.58 9.86 39.36
N ILE D 202 53.26 8.74 39.15
CA ILE D 202 54.69 8.61 39.42
C ILE D 202 55.50 8.26 38.19
N GLY D 203 54.86 8.08 37.05
CA GLY D 203 55.56 7.70 35.85
C GLY D 203 54.61 7.18 34.80
N VAL D 204 55.17 6.87 33.64
CA VAL D 204 54.44 6.30 32.51
C VAL D 204 55.19 5.08 32.01
N SER D 205 54.51 3.95 31.93
CA SER D 205 55.10 2.72 31.41
C SER D 205 55.42 2.84 29.92
N PRO D 206 56.66 2.65 29.49
CA PRO D 206 56.95 2.72 28.04
C PRO D 206 56.40 1.55 27.25
N LEU D 207 56.53 0.32 27.77
CA LEU D 207 56.04 -0.84 27.03
C LEU D 207 54.53 -0.89 27.01
N GLY D 208 53.88 -0.48 28.10
CA GLY D 208 52.44 -0.37 28.13
C GLY D 208 51.88 0.73 27.25
N SER D 209 52.70 1.71 26.90
CA SER D 209 52.29 2.78 26.00
C SER D 209 52.74 2.55 24.57
N LEU D 210 53.34 1.38 24.29
CA LEU D 210 53.91 1.02 22.98
C LEU D 210 54.94 2.06 22.51
N GLN D 211 55.74 2.56 23.43
CA GLN D 211 56.74 3.57 23.14
C GLN D 211 58.10 2.90 23.14
N LEU D 212 58.60 2.58 21.95
CA LEU D 212 59.89 1.96 21.75
C LEU D 212 60.84 2.98 21.12
N ASN D 213 62.05 2.54 20.80
CA ASN D 213 62.98 3.36 20.05
C ASN D 213 62.58 3.34 18.57
N ALA D 214 63.43 3.91 17.71
CA ALA D 214 63.08 4.08 16.31
C ALA D 214 62.94 2.75 15.57
N LYS D 215 63.79 1.78 15.91
CA LYS D 215 63.67 0.47 15.29
C LYS D 215 62.43 -0.27 15.78
N GLY D 216 62.14 -0.15 17.08
CA GLY D 216 60.95 -0.79 17.62
C GLY D 216 59.65 -0.18 17.14
N PHE D 217 59.64 1.14 16.94
CA PHE D 217 58.43 1.82 16.45
C PHE D 217 58.11 1.39 15.03
N HIS D 218 59.13 1.20 14.19
CA HIS D 218 58.88 0.77 12.83
C HIS D 218 58.42 -0.68 12.77
N GLN D 219 58.90 -1.52 13.68
CA GLN D 219 58.45 -2.90 13.72
C GLN D 219 57.00 -3.01 14.20
N ILE D 220 56.55 -2.05 15.01
CA ILE D 220 55.13 -2.00 15.38
C ILE D 220 54.27 -1.70 14.17
N LEU D 221 54.68 -0.73 13.34
CA LEU D 221 53.92 -0.39 12.15
C LEU D 221 53.99 -1.47 11.08
N GLU D 222 55.08 -2.22 11.03
CA GLU D 222 55.32 -3.13 9.91
C GLU D 222 54.76 -4.53 10.14
N THR D 223 54.42 -4.90 11.37
CA THR D 223 54.13 -6.30 11.66
C THR D 223 52.75 -6.70 11.17
N ALA D 224 52.63 -7.97 10.81
CA ALA D 224 51.36 -8.57 10.40
C ALA D 224 50.77 -9.26 11.61
N ASN D 225 49.81 -8.58 12.26
CA ASN D 225 49.03 -9.06 13.40
C ASN D 225 49.90 -9.40 14.61
N GLY D 226 51.11 -8.86 14.70
CA GLY D 226 51.96 -9.11 15.83
C GLY D 226 52.85 -10.33 15.73
N MET D 227 52.81 -11.07 14.62
CA MET D 227 53.68 -12.24 14.44
C MET D 227 55.15 -11.84 14.43
N ASP D 228 55.44 -10.64 13.95
CA ASP D 228 56.79 -10.08 13.93
C ASP D 228 56.92 -9.19 15.16
N VAL D 229 57.49 -9.74 16.22
CA VAL D 229 57.49 -9.03 17.51
C VAL D 229 58.66 -8.04 17.53
N PRO D 230 58.42 -6.78 17.87
CA PRO D 230 59.52 -5.83 17.99
C PRO D 230 60.40 -6.15 19.19
N GLU D 231 61.66 -5.79 19.08
CA GLU D 231 62.56 -5.89 20.21
C GLU D 231 62.17 -4.83 21.24
N PRO D 232 61.87 -5.20 22.47
CA PRO D 232 61.30 -4.23 23.43
C PRO D 232 62.35 -3.34 24.08
N VAL D 233 63.05 -2.57 23.26
CA VAL D 233 64.04 -1.60 23.71
C VAL D 233 63.40 -0.23 23.69
N THR D 234 63.36 0.41 24.85
CA THR D 234 62.82 1.75 25.00
C THR D 234 63.96 2.72 25.27
N ILE D 235 63.67 4.01 25.06
CA ILE D 235 64.67 5.03 25.31
C ILE D 235 64.56 5.61 26.71
N TYR D 236 63.55 5.21 27.48
CA TYR D 236 63.36 5.73 28.82
C TYR D 236 62.76 4.64 29.70
N GLU D 237 62.94 4.82 30.99
CA GLU D 237 62.21 4.03 31.98
C GLU D 237 61.10 4.89 32.56
N ALA D 238 60.22 4.24 33.31
CA ALA D 238 58.95 4.87 33.72
C ALA D 238 59.07 6.15 34.55
N PRO D 239 59.98 6.30 35.54
CA PRO D 239 60.09 7.61 36.21
C PRO D 239 60.69 8.73 35.35
N GLU D 240 61.28 8.42 34.19
CA GLU D 240 61.79 9.47 33.33
C GLU D 240 60.69 10.19 32.56
N PHE D 241 59.50 9.61 32.45
CA PHE D 241 58.32 10.29 31.95
C PHE D 241 57.39 10.42 33.15
N ARG D 242 57.66 11.41 33.98
CA ARG D 242 56.80 11.76 35.10
C ARG D 242 56.34 13.19 34.86
N ASN D 243 55.04 13.37 34.69
CA ASN D 243 54.51 14.66 34.28
C ASN D 243 54.61 15.67 35.40
N ARG D 244 55.16 16.84 35.08
CA ARG D 244 55.17 17.97 35.98
C ARG D 244 54.38 19.10 35.33
N PRO D 245 53.50 19.79 36.06
CA PRO D 245 53.09 19.65 37.47
C PRO D 245 52.32 18.37 37.77
N GLN D 246 52.17 18.06 39.07
CA GLN D 246 51.80 16.73 39.52
C GLN D 246 50.34 16.41 39.19
N ARG D 247 50.13 15.26 38.56
CA ARG D 247 48.79 14.79 38.23
C ARG D 247 48.24 13.93 39.36
N TYR D 248 46.98 14.16 39.69
CA TYR D 248 46.28 13.36 40.68
C TYR D 248 44.99 12.84 40.09
N ILE D 249 44.65 11.61 40.43
CA ILE D 249 43.32 11.07 40.16
C ILE D 249 42.60 10.95 41.49
N VAL D 250 41.42 11.56 41.57
CA VAL D 250 40.52 11.35 42.69
C VAL D 250 39.44 10.38 42.21
N HIS D 251 39.53 9.15 42.68
CA HIS D 251 38.69 8.05 42.25
C HIS D 251 37.66 7.78 43.34
N THR D 252 36.38 8.00 43.04
CA THR D 252 35.30 7.73 43.99
C THR D 252 34.26 6.84 43.34
N GLU D 253 33.64 5.99 44.15
CA GLU D 253 32.69 5.01 43.67
C GLU D 253 31.32 5.27 44.29
N TRP D 254 30.28 5.12 43.48
CA TRP D 254 28.93 5.52 43.83
C TRP D 254 27.97 4.46 43.35
N SER D 255 26.85 4.32 44.05
CA SER D 255 25.90 3.25 43.73
C SER D 255 25.18 3.51 42.40
N ASP D 256 24.94 4.76 42.06
CA ASP D 256 24.32 5.13 40.79
C ASP D 256 24.75 6.55 40.45
N THR D 257 24.32 7.03 39.27
CA THR D 257 24.77 8.35 38.83
C THR D 257 24.06 9.47 39.57
N ASN D 258 22.87 9.22 40.10
CA ASN D 258 22.21 10.22 40.93
C ASN D 258 22.94 10.40 42.25
N ALA D 259 23.36 9.30 42.88
CA ALA D 259 24.16 9.38 44.10
C ALA D 259 25.51 10.03 43.82
N LEU D 260 26.07 9.80 42.63
CA LEU D 260 27.31 10.45 42.24
C LEU D 260 27.13 11.95 42.08
N MET D 261 26.06 12.37 41.40
CA MET D 261 25.85 13.77 41.08
C MET D 261 25.60 14.61 42.33
N PHE D 262 24.76 14.12 43.24
CA PHE D 262 24.50 14.87 44.46
C PHE D 262 25.55 14.61 45.54
N GLY D 263 26.26 13.49 45.47
CA GLY D 263 27.32 13.22 46.42
C GLY D 263 28.56 14.02 46.16
N LEU D 264 29.06 13.97 44.91
CA LEU D 264 30.17 14.83 44.51
C LEU D 264 29.79 16.30 44.54
N GLY D 265 28.51 16.60 44.29
CA GLY D 265 28.00 17.96 44.34
C GLY D 265 28.04 18.61 45.70
N ARG D 266 28.29 17.84 46.77
CA ARG D 266 28.43 18.39 48.12
C ARG D 266 29.62 19.34 48.25
N VAL D 267 30.62 19.24 47.37
CA VAL D 267 31.68 20.24 47.33
C VAL D 267 31.21 21.57 46.75
N LEU D 268 30.01 21.61 46.19
CA LEU D 268 29.41 22.85 45.70
C LEU D 268 28.19 23.31 46.49
N ILE D 269 27.41 22.39 47.05
CA ILE D 269 26.13 22.75 47.64
C ILE D 269 26.07 22.55 49.15
N TYR D 270 27.00 21.79 49.73
CA TYR D 270 27.03 21.60 51.18
C TYR D 270 28.09 22.54 51.73
N PRO D 271 27.72 23.55 52.52
CA PRO D 271 28.67 24.61 52.88
C PRO D 271 29.84 24.15 53.76
N GLU D 272 29.66 23.12 54.58
CA GLU D 272 30.78 22.62 55.38
C GLU D 272 31.81 21.88 54.54
N VAL D 273 31.37 21.10 53.56
CA VAL D 273 32.29 20.41 52.67
C VAL D 273 32.87 21.38 51.64
N ARG D 274 32.12 22.43 51.31
CA ARG D 274 32.55 23.42 50.33
C ARG D 274 33.77 24.19 50.79
N GLN D 275 33.89 24.49 52.09
CA GLN D 275 35.10 25.15 52.59
C GLN D 275 36.30 24.21 52.57
N ILE D 276 36.08 22.92 52.77
CA ILE D 276 37.17 21.95 52.71
C ILE D 276 37.72 21.86 51.29
N HIS D 277 36.83 21.69 50.31
CA HIS D 277 37.23 21.52 48.92
C HIS D 277 37.70 22.83 48.29
N ASP D 278 37.43 23.98 48.91
CA ASP D 278 38.00 25.23 48.43
C ASP D 278 39.52 25.25 48.58
N LYS D 279 40.05 24.55 49.59
CA LYS D 279 41.49 24.44 49.74
C LYS D 279 42.10 23.53 48.68
N VAL D 280 41.33 22.55 48.20
CA VAL D 280 41.76 21.74 47.07
C VAL D 280 41.81 22.58 45.80
N LEU D 281 40.78 23.40 45.58
CA LEU D 281 40.68 24.21 44.36
C LEU D 281 41.77 25.27 44.29
N ASP D 282 42.26 25.74 45.42
CA ASP D 282 43.32 26.73 45.46
C ASP D 282 44.71 26.16 45.18
N THR D 283 44.82 24.87 44.89
CA THR D 283 46.10 24.26 44.52
C THR D 283 46.15 23.83 43.06
N LEU D 284 45.07 23.98 42.31
CA LEU D 284 44.93 23.36 41.00
C LEU D 284 45.34 24.31 39.88
N VAL D 285 46.22 23.85 39.00
CA VAL D 285 46.42 24.54 37.74
C VAL D 285 45.47 24.02 36.66
N TYR D 286 44.94 22.81 36.83
CA TYR D 286 43.96 22.26 35.90
C TYR D 286 42.97 21.42 36.69
N GLY D 287 41.70 21.54 36.33
CA GLY D 287 40.68 20.72 36.92
C GLY D 287 39.80 21.49 37.87
N PRO D 288 38.81 20.81 38.47
CA PRO D 288 38.54 19.37 38.34
C PRO D 288 37.67 19.01 37.14
N TYR D 289 38.08 17.97 36.43
CA TYR D 289 37.32 17.39 35.33
C TYR D 289 37.01 15.95 35.69
N ILE D 290 35.72 15.61 35.75
CA ILE D 290 35.28 14.35 36.33
C ILE D 290 34.61 13.52 35.23
N ARG D 291 35.24 12.41 34.88
CA ARG D 291 34.64 11.44 33.97
C ARG D 291 33.84 10.43 34.77
N VAL D 292 32.79 9.92 34.16
CA VAL D 292 31.93 8.90 34.77
C VAL D 292 32.26 7.58 34.10
N LEU D 293 32.66 6.60 34.91
CA LEU D 293 33.13 5.32 34.39
C LEU D 293 32.24 4.19 34.89
N ASN D 294 32.12 3.16 34.05
CA ASN D 294 31.40 1.95 34.43
C ASN D 294 32.39 0.82 34.60
N PRO D 295 32.55 0.27 35.80
CA PRO D 295 33.48 -0.85 35.99
C PRO D 295 32.92 -2.20 35.55
N MET D 296 33.07 -2.52 34.27
CA MET D 296 32.51 -3.76 33.73
C MET D 296 33.22 -5.00 34.26
N MET D 297 34.51 -5.13 33.95
CA MET D 297 35.27 -6.34 34.25
C MET D 297 36.20 -6.06 35.40
N GLU D 298 36.16 -6.91 36.42
CA GLU D 298 36.86 -6.64 37.66
C GLU D 298 37.59 -7.87 38.18
N GLY D 299 38.69 -7.61 38.86
CA GLY D 299 39.51 -8.56 39.59
C GLY D 299 39.44 -8.28 41.07
N THR D 300 38.23 -8.22 41.64
CA THR D 300 37.89 -7.65 42.95
C THR D 300 38.74 -8.08 44.16
N TYR D 301 39.55 -9.12 44.01
CA TYR D 301 40.51 -9.55 45.02
C TYR D 301 41.67 -8.58 45.21
N TRP D 302 41.79 -7.51 44.42
CA TRP D 302 42.78 -6.47 44.72
C TRP D 302 42.42 -5.71 45.99
N ARG D 303 41.14 -5.62 46.32
CA ARG D 303 40.73 -5.03 47.58
C ARG D 303 40.97 -5.95 48.77
N GLU D 304 41.06 -7.26 48.53
CA GLU D 304 41.48 -8.17 49.59
C GLU D 304 42.93 -7.95 49.96
N TYR D 305 43.77 -7.66 48.96
CA TYR D 305 45.17 -7.30 49.24
C TYR D 305 45.26 -5.95 49.94
N LEU D 306 44.40 -5.01 49.55
CA LEU D 306 44.46 -3.66 50.12
C LEU D 306 43.98 -3.65 51.57
N ASN D 307 42.89 -4.35 51.86
CA ASN D 307 42.31 -4.35 53.19
C ASN D 307 42.82 -5.46 54.09
N GLU D 308 43.68 -6.34 53.55
CA GLU D 308 44.35 -7.43 54.29
C GLU D 308 43.35 -8.39 54.92
N TYR D 309 42.24 -8.62 54.22
CA TYR D 309 41.13 -9.42 54.72
C TYR D 309 40.27 -9.78 53.53
N HIS D 310 39.72 -11.00 53.53
CA HIS D 310 38.83 -11.43 52.46
C HIS D 310 37.48 -11.82 53.05
N LEU D 311 36.53 -12.05 52.15
CA LEU D 311 35.11 -12.35 52.43
C LEU D 311 34.43 -11.32 53.33
N PRO E 2 46.82 -42.12 -33.61
CA PRO E 2 48.06 -41.43 -33.23
C PRO E 2 47.78 -40.25 -32.31
N LYS E 3 48.83 -39.57 -31.86
CA LYS E 3 48.64 -38.41 -31.01
C LYS E 3 48.49 -37.16 -31.87
N PRO E 4 47.36 -36.46 -31.81
CA PRO E 4 47.22 -35.23 -32.58
C PRO E 4 47.96 -34.07 -31.93
N TYR E 5 47.98 -32.96 -32.65
CA TYR E 5 48.48 -31.70 -32.14
C TYR E 5 47.31 -30.82 -31.75
N VAL E 6 47.49 -29.99 -30.74
CA VAL E 6 46.42 -29.19 -30.19
C VAL E 6 46.72 -27.71 -30.40
N ALA E 7 45.77 -26.99 -30.97
CA ALA E 7 45.74 -25.53 -30.93
C ALA E 7 44.70 -25.12 -29.89
N ILE E 8 45.11 -24.27 -28.96
CA ILE E 8 44.21 -23.81 -27.89
C ILE E 8 43.97 -22.32 -28.10
N ASN E 9 42.78 -21.97 -28.58
CA ASN E 9 42.41 -20.58 -28.78
C ASN E 9 41.86 -20.02 -27.47
N MET E 10 42.52 -18.99 -26.94
CA MET E 10 42.17 -18.39 -25.67
C MET E 10 41.64 -16.98 -25.89
N VAL E 11 40.42 -16.72 -25.44
CA VAL E 11 39.79 -15.42 -25.51
C VAL E 11 39.13 -15.10 -24.17
N GLU E 12 39.11 -13.82 -23.83
CA GLU E 12 38.29 -13.31 -22.73
C GLU E 12 37.13 -12.54 -23.32
N VAL E 13 35.91 -12.94 -22.98
CA VAL E 13 34.70 -12.30 -23.49
C VAL E 13 33.86 -11.84 -22.31
N ARG E 14 32.92 -10.95 -22.58
CA ARG E 14 31.99 -10.48 -21.55
C ARG E 14 31.06 -11.60 -21.10
N ASN E 15 30.67 -11.58 -19.84
CA ASN E 15 29.71 -12.55 -19.30
C ASN E 15 28.35 -11.88 -19.28
N ASP E 16 27.64 -11.97 -20.40
CA ASP E 16 26.33 -11.36 -20.58
C ASP E 16 25.53 -12.28 -21.49
N PRO E 17 24.19 -12.14 -21.52
CA PRO E 17 23.39 -13.00 -22.42
C PRO E 17 23.67 -12.83 -23.90
N LYS E 18 24.24 -11.70 -24.32
CA LYS E 18 24.62 -11.55 -25.72
C LYS E 18 25.74 -12.50 -26.10
N THR E 19 26.68 -12.76 -25.19
CA THR E 19 27.82 -13.62 -25.45
C THR E 19 27.41 -15.08 -25.62
N LEU E 20 26.47 -15.55 -24.80
CA LEU E 20 26.02 -16.93 -24.93
C LEU E 20 25.18 -17.17 -26.17
N GLU E 21 24.68 -16.12 -26.83
CA GLU E 21 24.15 -16.28 -28.18
C GLU E 21 25.26 -16.55 -29.18
N LEU E 22 26.46 -16.00 -28.95
CA LEU E 22 27.59 -16.22 -29.84
C LEU E 22 28.16 -17.62 -29.73
N PHE E 23 27.86 -18.35 -28.64
CA PHE E 23 28.25 -19.75 -28.54
C PHE E 23 27.52 -20.61 -29.56
N GLY E 24 26.26 -20.29 -29.83
CA GLY E 24 25.44 -21.13 -30.68
C GLY E 24 25.25 -20.60 -32.09
N LYS E 25 25.66 -19.35 -32.35
CA LYS E 25 25.47 -18.76 -33.66
C LYS E 25 26.77 -18.50 -34.41
N VAL E 26 27.93 -18.60 -33.75
CA VAL E 26 29.23 -18.37 -34.38
C VAL E 26 30.15 -19.57 -34.21
N GLY E 27 30.25 -20.07 -32.98
CA GLY E 27 30.93 -21.32 -32.64
C GLY E 27 30.76 -22.51 -33.56
N PRO E 28 29.51 -22.89 -33.90
CA PRO E 28 29.34 -23.96 -34.89
C PRO E 28 29.84 -23.60 -36.28
N LYS E 29 29.77 -22.34 -36.68
CA LYS E 29 30.24 -21.95 -38.00
C LYS E 29 31.75 -22.01 -38.11
N VAL E 30 32.46 -21.67 -37.02
CA VAL E 30 33.91 -21.77 -36.99
C VAL E 30 34.35 -23.22 -37.10
N CYS E 31 33.64 -24.12 -36.42
CA CYS E 31 33.93 -25.55 -36.51
C CYS E 31 33.66 -26.10 -37.90
N MET E 32 32.66 -25.56 -38.60
CA MET E 32 32.36 -26.02 -39.95
C MET E 32 33.39 -25.52 -40.97
N VAL E 33 33.90 -24.31 -40.78
CA VAL E 33 34.96 -23.81 -41.65
C VAL E 33 36.26 -24.57 -41.38
N THR E 34 36.53 -24.86 -40.12
CA THR E 34 37.72 -25.61 -39.72
C THR E 34 37.69 -27.04 -40.26
N ALA E 35 36.51 -27.63 -40.41
CA ALA E 35 36.35 -28.98 -40.91
C ALA E 35 36.46 -29.08 -42.43
N ARG E 36 36.74 -27.98 -43.14
CA ARG E 36 37.10 -28.07 -44.55
C ARG E 36 38.47 -28.70 -44.76
N HIS E 37 39.35 -28.64 -43.77
CA HIS E 37 40.68 -29.21 -43.87
C HIS E 37 40.67 -30.67 -43.46
N PRO E 38 41.35 -31.54 -44.21
CA PRO E 38 41.32 -32.98 -43.87
C PRO E 38 42.16 -33.33 -42.64
N GLY E 39 43.11 -32.49 -42.25
CA GLY E 39 43.90 -32.72 -41.05
C GLY E 39 43.19 -32.39 -39.76
N PHE E 40 42.01 -31.80 -39.82
CA PHE E 40 41.21 -31.52 -38.64
C PHE E 40 40.58 -32.81 -38.14
N VAL E 41 40.83 -33.16 -36.88
CA VAL E 41 40.30 -34.40 -36.33
C VAL E 41 39.34 -34.16 -35.18
N GLY E 42 39.08 -32.94 -34.78
CA GLY E 42 38.09 -32.69 -33.75
C GLY E 42 38.42 -31.47 -32.92
N PHE E 43 37.54 -31.22 -31.95
CA PHE E 43 37.63 -30.03 -31.13
C PHE E 43 37.05 -30.30 -29.75
N GLN E 44 37.34 -29.40 -28.82
CA GLN E 44 36.77 -29.43 -27.48
C GLN E 44 36.80 -28.01 -26.94
N ASN E 45 35.63 -27.42 -26.77
CA ASN E 45 35.54 -26.02 -26.37
C ASN E 45 35.19 -25.91 -24.89
N HIS E 46 35.89 -25.01 -24.20
CA HIS E 46 35.75 -24.87 -22.76
C HIS E 46 35.38 -23.45 -22.38
N VAL E 47 34.67 -23.34 -21.26
CA VAL E 47 34.48 -22.08 -20.54
C VAL E 47 35.06 -22.27 -19.16
N GLN E 48 35.88 -21.33 -18.71
CA GLN E 48 36.40 -21.38 -17.36
C GLN E 48 35.29 -21.06 -16.37
N ILE E 49 35.09 -21.95 -15.40
CA ILE E 49 34.08 -21.76 -14.37
C ILE E 49 34.70 -21.45 -13.01
N GLY E 50 36.00 -21.56 -12.86
CA GLY E 50 36.61 -21.26 -11.58
C GLY E 50 38.09 -21.62 -11.56
N VAL E 51 38.64 -21.57 -10.35
CA VAL E 51 40.05 -21.80 -10.08
C VAL E 51 40.12 -22.71 -8.86
N VAL E 52 41.04 -23.66 -8.87
CA VAL E 52 41.30 -24.47 -7.68
C VAL E 52 42.00 -23.58 -6.64
N PRO E 53 41.41 -23.38 -5.47
CA PRO E 53 41.99 -22.43 -4.51
C PRO E 53 43.21 -22.97 -3.77
N LEU E 54 43.31 -24.30 -3.64
CA LEU E 54 44.37 -25.00 -2.89
C LEU E 54 44.45 -24.50 -1.45
N GLY E 55 43.37 -24.70 -0.72
CA GLY E 55 43.24 -24.11 0.60
C GLY E 55 42.97 -22.62 0.48
N THR E 56 43.87 -21.79 1.00
CA THR E 56 43.76 -20.33 0.89
C THR E 56 44.87 -19.73 0.03
N ARG E 57 45.48 -20.52 -0.84
CA ARG E 57 46.55 -20.00 -1.69
C ARG E 57 46.01 -18.98 -2.68
N TRP E 58 44.91 -19.31 -3.34
CA TRP E 58 44.08 -18.31 -4.00
C TRP E 58 42.71 -18.39 -3.34
N GLY E 59 42.59 -17.75 -2.18
CA GLY E 59 41.39 -17.85 -1.38
C GLY E 59 40.24 -17.01 -1.86
N GLY E 60 40.50 -16.04 -2.71
CA GLY E 60 39.44 -15.30 -3.36
C GLY E 60 38.80 -16.00 -4.52
N ALA E 61 39.32 -17.15 -4.89
CA ALA E 61 38.84 -17.93 -6.01
C ALA E 61 38.09 -19.16 -5.52
N LYS E 62 37.12 -19.60 -6.31
CA LYS E 62 36.33 -20.78 -6.01
C LYS E 62 36.32 -21.66 -7.25
N MET E 63 35.97 -22.93 -7.06
CA MET E 63 35.91 -23.84 -8.19
C MET E 63 34.70 -23.56 -9.09
N GLU E 64 33.61 -23.08 -8.52
CA GLU E 64 32.41 -22.70 -9.27
C GLU E 64 32.10 -21.25 -8.95
N MET E 65 32.68 -20.32 -9.73
CA MET E 65 32.48 -18.90 -9.52
C MET E 65 31.99 -18.20 -10.78
N SER E 66 31.45 -18.95 -11.74
CA SER E 66 31.11 -18.37 -13.04
C SER E 66 29.85 -17.51 -13.00
N GLN E 67 28.99 -17.71 -12.01
CA GLN E 67 27.79 -16.89 -11.88
C GLN E 67 28.10 -15.47 -11.41
N GLU E 68 29.29 -15.23 -10.86
CA GLU E 68 29.63 -13.93 -10.30
C GLU E 68 30.62 -13.14 -11.15
N MET E 69 31.20 -13.74 -12.19
CA MET E 69 32.24 -13.08 -12.96
C MET E 69 31.66 -12.21 -14.06
N HIS E 70 32.31 -11.07 -14.29
CA HIS E 70 31.91 -10.18 -15.38
C HIS E 70 32.43 -10.63 -16.73
N SER E 71 33.45 -11.48 -16.74
CA SER E 71 34.09 -11.88 -17.98
C SER E 71 34.35 -13.38 -17.97
N LEU E 72 34.31 -13.98 -19.15
CA LEU E 72 34.47 -15.42 -19.31
C LEU E 72 35.74 -15.72 -20.09
N MET E 73 36.55 -16.63 -19.55
CA MET E 73 37.70 -17.16 -20.25
C MET E 73 37.28 -18.39 -21.05
N LEU E 74 37.59 -18.40 -22.34
CA LEU E 74 37.28 -19.52 -23.22
C LEU E 74 38.56 -20.17 -23.70
N MET E 75 38.61 -21.50 -23.65
CA MET E 75 39.72 -22.29 -24.18
C MET E 75 39.16 -23.23 -25.23
N GLN E 76 39.40 -22.91 -26.48
CA GLN E 76 38.83 -23.68 -27.60
C GLN E 76 39.93 -24.54 -28.19
N TYR E 77 39.88 -25.84 -27.88
CA TYR E 77 40.89 -26.76 -28.40
C TYR E 77 40.47 -27.18 -29.79
N THR E 78 41.43 -27.23 -30.70
CA THR E 78 41.26 -27.90 -31.98
C THR E 78 42.38 -28.91 -32.13
N PHE E 79 42.06 -30.07 -32.69
CA PHE E 79 42.98 -31.18 -32.77
C PHE E 79 43.35 -31.43 -34.23
N TRP E 80 44.64 -31.67 -34.47
CA TRP E 80 45.19 -31.68 -35.82
C TRP E 80 46.14 -32.85 -36.00
N LYS E 81 46.14 -33.44 -37.19
CA LYS E 81 47.06 -34.53 -37.51
C LYS E 81 48.51 -34.06 -37.50
N ASN E 82 48.75 -32.84 -37.97
CA ASN E 82 50.02 -32.16 -37.79
C ASN E 82 49.72 -30.69 -37.51
N TRP E 83 50.64 -30.02 -36.80
CA TRP E 83 50.41 -28.62 -36.49
C TRP E 83 50.51 -27.71 -37.70
N LYS E 84 51.17 -28.17 -38.77
CA LYS E 84 51.18 -27.42 -40.01
C LYS E 84 49.82 -27.43 -40.70
N ASP E 85 49.00 -28.45 -40.43
CA ASP E 85 47.63 -28.48 -40.96
C ASP E 85 46.79 -27.36 -40.38
N HIS E 86 47.05 -26.98 -39.13
CA HIS E 86 46.33 -25.87 -38.52
C HIS E 86 46.74 -24.54 -39.15
N GLU E 87 48.04 -24.36 -39.41
CA GLU E 87 48.50 -23.12 -40.04
C GLU E 87 48.07 -23.05 -41.50
N GLU E 88 48.02 -24.19 -42.20
CA GLU E 88 47.51 -24.21 -43.55
C GLU E 88 46.01 -23.95 -43.60
N MET E 89 45.27 -24.41 -42.58
CA MET E 89 43.84 -24.16 -42.53
C MET E 89 43.54 -22.68 -42.37
N HIS E 90 44.28 -21.99 -41.50
CA HIS E 90 44.02 -20.58 -41.25
C HIS E 90 44.35 -19.71 -42.45
N LYS E 91 45.37 -20.10 -43.23
CA LYS E 91 45.70 -19.31 -44.40
C LYS E 91 44.70 -19.52 -45.53
N GLN E 92 44.25 -20.76 -45.73
CA GLN E 92 43.35 -21.05 -46.84
C GLN E 92 41.93 -20.58 -46.57
N ASN E 93 41.52 -20.49 -45.30
CA ASN E 93 40.18 -20.10 -44.94
C ASN E 93 40.17 -18.77 -44.19
N TRP E 94 41.08 -17.87 -44.56
CA TRP E 94 41.32 -16.67 -43.76
C TRP E 94 40.16 -15.70 -43.81
N ALA E 95 39.54 -15.53 -44.97
CA ALA E 95 38.44 -14.58 -45.09
C ALA E 95 37.21 -15.02 -44.30
N ASN E 96 36.87 -16.31 -44.36
CA ASN E 96 35.71 -16.80 -43.61
C ASN E 96 35.97 -16.79 -42.11
N LEU E 97 37.19 -17.12 -41.69
CA LEU E 97 37.50 -17.21 -40.27
C LEU E 97 37.65 -15.84 -39.63
N PHE E 98 38.22 -14.88 -40.36
CA PHE E 98 38.32 -13.51 -39.85
C PHE E 98 36.95 -12.89 -39.66
N ARG E 99 36.03 -13.14 -40.60
CA ARG E 99 34.70 -12.57 -40.52
C ARG E 99 33.89 -13.17 -39.38
N LEU E 100 34.09 -14.46 -39.11
CA LEU E 100 33.39 -15.10 -38.00
C LEU E 100 33.94 -14.63 -36.66
N CYS E 101 35.27 -14.44 -36.58
CA CYS E 101 35.89 -14.00 -35.33
C CYS E 101 35.51 -12.57 -34.99
N LEU E 102 35.25 -11.74 -36.00
CA LEU E 102 34.82 -10.37 -35.78
C LEU E 102 33.35 -10.25 -35.46
N GLN E 103 32.58 -11.34 -35.52
CA GLN E 103 31.23 -11.30 -34.99
C GLN E 103 31.23 -11.32 -33.46
N CYS E 104 32.33 -11.79 -32.85
CA CYS E 104 32.48 -11.82 -31.40
C CYS E 104 33.20 -10.58 -30.89
N ALA E 105 33.34 -9.56 -31.73
CA ALA E 105 34.23 -8.44 -31.44
C ALA E 105 33.68 -7.54 -30.34
N ASP E 106 32.39 -7.25 -30.37
CA ASP E 106 31.78 -6.39 -29.35
C ASP E 106 31.62 -7.05 -28.00
N GLN E 107 31.98 -8.33 -27.87
CA GLN E 107 32.05 -9.01 -26.58
C GLN E 107 33.48 -9.26 -26.11
N MET E 108 34.46 -9.18 -27.00
CA MET E 108 35.82 -9.61 -26.68
C MET E 108 36.56 -8.58 -25.85
N ILE E 109 37.26 -9.06 -24.83
CA ILE E 109 38.00 -8.22 -23.91
C ILE E 109 39.50 -8.40 -24.08
N TRP E 110 39.96 -9.64 -24.18
CA TRP E 110 41.35 -9.96 -24.39
C TRP E 110 41.43 -11.09 -25.40
N GLY E 111 42.47 -11.09 -26.21
CA GLY E 111 42.69 -12.14 -27.16
C GLY E 111 42.29 -11.76 -28.58
N PRO E 112 42.27 -12.73 -29.50
CA PRO E 112 42.60 -14.15 -29.32
C PRO E 112 44.09 -14.44 -29.25
N TYR E 113 44.42 -15.51 -28.54
CA TYR E 113 45.79 -15.94 -28.35
C TYR E 113 45.79 -17.45 -28.51
N GLU E 114 46.46 -17.96 -29.54
CA GLU E 114 46.40 -19.39 -29.87
C GLU E 114 47.79 -20.02 -29.83
N PRO E 115 48.23 -20.51 -28.67
CA PRO E 115 49.43 -21.34 -28.65
C PRO E 115 49.17 -22.73 -29.21
N LEU E 116 50.20 -23.31 -29.79
CA LEU E 116 50.14 -24.65 -30.36
C LEU E 116 50.83 -25.63 -29.42
N TYR E 117 50.27 -26.83 -29.31
CA TYR E 117 50.75 -27.80 -28.33
C TYR E 117 50.97 -29.15 -28.98
N GLU E 118 51.96 -29.85 -28.45
CA GLU E 118 52.23 -31.25 -28.76
C GLU E 118 51.79 -32.10 -27.57
N ILE E 119 51.13 -33.21 -27.85
CA ILE E 119 50.70 -34.12 -26.79
C ILE E 119 51.89 -34.99 -26.38
N VAL E 120 52.36 -34.80 -25.15
CA VAL E 120 53.45 -35.60 -24.63
C VAL E 120 52.93 -36.96 -24.15
N TYR E 121 51.85 -36.95 -23.38
CA TYR E 121 51.23 -38.13 -22.84
C TYR E 121 49.74 -37.99 -23.02
N ALA E 122 49.05 -39.11 -23.24
CA ALA E 122 47.60 -39.07 -23.33
C ALA E 122 47.01 -40.34 -22.76
N ASN E 123 46.07 -40.19 -21.84
CA ASN E 123 45.16 -41.24 -21.42
C ASN E 123 43.78 -40.60 -21.51
N MET E 124 43.19 -40.60 -22.68
CA MET E 124 41.92 -39.92 -22.92
C MET E 124 40.96 -40.90 -23.57
N PRO E 125 39.99 -41.41 -22.83
CA PRO E 125 39.09 -42.43 -23.35
C PRO E 125 38.07 -41.84 -24.31
N LEU E 126 37.31 -42.74 -24.93
CA LEU E 126 36.19 -42.35 -25.77
C LEU E 126 35.07 -41.78 -24.90
N ASN E 127 34.47 -40.71 -25.37
CA ASN E 127 33.33 -40.12 -24.68
C ASN E 127 32.10 -41.00 -24.90
N THR E 128 31.47 -41.41 -23.81
CA THR E 128 30.23 -42.16 -23.85
C THR E 128 29.19 -41.49 -22.96
N GLU E 129 27.95 -41.50 -23.41
CA GLU E 129 26.83 -41.13 -22.55
C GLU E 129 26.52 -42.26 -21.58
N MET E 130 25.62 -41.98 -20.65
CA MET E 130 25.16 -43.03 -19.74
C MET E 130 24.26 -44.05 -20.43
N THR E 131 23.75 -43.73 -21.62
CA THR E 131 23.00 -44.71 -22.41
C THR E 131 23.92 -45.60 -23.25
N ASP E 132 25.19 -45.28 -23.35
CA ASP E 132 26.10 -45.97 -24.26
C ASP E 132 27.02 -46.97 -23.57
N PHE E 133 26.98 -47.10 -22.24
CA PHE E 133 27.97 -47.96 -21.59
C PHE E 133 27.70 -49.44 -21.81
N THR E 134 26.45 -49.82 -22.11
CA THR E 134 26.15 -51.20 -22.47
C THR E 134 26.82 -51.60 -23.78
N VAL E 135 26.93 -50.67 -24.72
CA VAL E 135 27.67 -50.95 -25.96
C VAL E 135 29.16 -51.01 -25.67
N MET E 136 29.64 -50.17 -24.77
CA MET E 136 31.07 -50.06 -24.51
C MET E 136 31.61 -51.31 -23.81
N VAL E 137 30.94 -51.74 -22.74
CA VAL E 137 31.40 -52.92 -22.04
C VAL E 137 31.09 -54.19 -22.82
N GLY E 138 30.10 -54.16 -23.70
CA GLY E 138 29.82 -55.33 -24.51
C GLY E 138 30.85 -55.57 -25.58
N LYS E 139 31.35 -54.48 -26.17
CA LYS E 139 32.38 -54.60 -27.20
C LYS E 139 33.73 -54.98 -26.60
N LYS E 140 34.04 -54.49 -25.40
CA LYS E 140 35.31 -54.80 -24.77
C LYS E 140 35.33 -56.20 -24.17
N PHE E 141 34.18 -56.71 -23.73
CA PHE E 141 34.13 -58.10 -23.28
C PHE E 141 34.21 -59.08 -24.44
N ALA E 142 33.63 -58.72 -25.58
CA ALA E 142 33.67 -59.62 -26.74
C ALA E 142 35.05 -59.66 -27.36
N ALA E 143 35.84 -58.61 -27.18
CA ALA E 143 37.21 -58.55 -27.69
C ALA E 143 38.23 -59.04 -26.68
N GLY E 144 37.79 -59.50 -25.51
CA GLY E 144 38.72 -59.95 -24.48
C GLY E 144 39.53 -58.85 -23.84
N GLU E 145 39.01 -57.62 -23.81
CA GLU E 145 39.72 -56.50 -23.22
C GLU E 145 38.93 -55.91 -22.06
N ALA E 146 38.46 -56.77 -21.15
CA ALA E 146 37.74 -56.30 -19.97
C ALA E 146 38.63 -55.52 -19.02
N VAL E 147 39.94 -55.78 -19.03
CA VAL E 147 40.85 -55.09 -18.14
C VAL E 147 41.08 -53.65 -18.57
N SER E 148 40.78 -53.30 -19.82
CA SER E 148 40.96 -51.96 -20.35
C SER E 148 39.63 -51.28 -20.65
N ILE E 149 38.62 -51.52 -19.80
CA ILE E 149 37.34 -50.84 -19.95
C ILE E 149 37.47 -49.44 -19.35
N PRO E 150 37.18 -48.39 -20.10
CA PRO E 150 37.41 -47.04 -19.62
C PRO E 150 36.28 -46.56 -18.73
N PRO E 151 36.46 -45.48 -17.97
CA PRO E 151 35.34 -44.89 -17.24
C PRO E 151 34.38 -44.18 -18.18
N ILE E 152 33.16 -43.97 -17.69
CA ILE E 152 32.13 -43.29 -18.47
C ILE E 152 32.42 -41.79 -18.45
N SER E 153 32.91 -41.27 -19.56
CA SER E 153 33.24 -39.86 -19.70
C SER E 153 32.13 -39.20 -20.49
N GLN E 154 31.25 -38.50 -19.82
CA GLN E 154 30.05 -37.98 -20.45
C GLN E 154 30.35 -36.69 -21.20
N PRO E 155 29.93 -36.57 -22.45
CA PRO E 155 30.21 -35.35 -23.21
C PRO E 155 29.23 -34.22 -22.90
N TYR E 156 29.56 -33.05 -23.44
CA TYR E 156 28.68 -31.87 -23.53
C TYR E 156 28.27 -31.34 -22.15
N GLY E 157 29.27 -30.92 -21.38
CA GLY E 157 29.05 -30.19 -20.17
C GLY E 157 28.82 -31.01 -18.92
N LYS E 158 28.94 -32.33 -18.98
CA LYS E 158 28.64 -33.19 -17.85
C LYS E 158 29.88 -33.65 -17.11
N ARG E 159 31.01 -32.97 -17.32
CA ARG E 159 32.22 -33.24 -16.56
C ARG E 159 32.98 -31.92 -16.45
N VAL E 160 34.07 -31.93 -15.70
CA VAL E 160 34.88 -30.73 -15.52
C VAL E 160 36.32 -31.05 -15.91
N VAL E 161 37.04 -29.99 -16.27
CA VAL E 161 38.41 -30.09 -16.73
C VAL E 161 39.28 -29.25 -15.80
N ALA E 162 40.36 -29.83 -15.31
CA ALA E 162 41.40 -29.10 -14.61
C ALA E 162 42.49 -28.72 -15.59
N PHE E 163 42.71 -27.42 -15.74
CA PHE E 163 43.65 -26.84 -16.70
C PHE E 163 44.87 -26.39 -15.92
N GLY E 164 45.89 -27.23 -15.87
CA GLY E 164 47.05 -27.00 -15.03
C GLY E 164 48.24 -26.39 -15.74
N GLU E 165 48.52 -25.13 -15.45
CA GLU E 165 49.60 -24.41 -16.13
C GLU E 165 50.91 -24.61 -15.38
N HIS E 166 51.94 -25.05 -16.09
CA HIS E 166 53.26 -25.30 -15.52
C HIS E 166 54.30 -24.69 -16.44
N ILE E 167 55.21 -23.89 -15.88
CA ILE E 167 56.36 -23.39 -16.61
C ILE E 167 57.60 -24.01 -15.98
N VAL E 168 58.39 -24.71 -16.79
CA VAL E 168 59.45 -25.58 -16.32
C VAL E 168 60.79 -24.94 -16.66
N LYS E 169 61.71 -24.93 -15.69
CA LYS E 169 63.06 -24.41 -15.86
C LYS E 169 63.80 -25.09 -17.00
N GLU E 170 64.70 -24.33 -17.64
CA GLU E 170 65.53 -24.83 -18.72
C GLU E 170 66.43 -25.96 -18.23
N GLY E 171 66.35 -27.10 -18.90
CA GLY E 171 67.12 -28.26 -18.56
C GLY E 171 66.40 -29.29 -17.71
N LEU E 172 65.29 -28.91 -17.09
CA LEU E 172 64.50 -29.81 -16.26
C LEU E 172 63.23 -30.29 -16.95
N GLU E 173 63.16 -30.20 -18.28
CA GLU E 173 61.97 -30.65 -19.00
C GLU E 173 61.85 -32.16 -19.01
N ASN E 174 62.98 -32.88 -19.02
CA ASN E 174 62.93 -34.33 -18.96
C ASN E 174 62.48 -34.83 -17.59
N GLN E 175 62.84 -34.10 -16.53
CA GLN E 175 62.38 -34.49 -15.19
C GLN E 175 60.91 -34.17 -15.00
N PHE E 176 60.42 -33.08 -15.59
CA PHE E 176 58.99 -32.77 -15.49
C PHE E 176 58.16 -33.85 -16.17
N GLU E 177 58.49 -34.18 -17.41
CA GLU E 177 57.66 -35.09 -18.19
C GLU E 177 57.66 -36.49 -17.63
N GLU E 178 58.75 -36.91 -16.99
CA GLU E 178 58.79 -38.24 -16.39
C GLU E 178 57.84 -38.34 -15.19
N TYR E 179 57.88 -37.36 -14.30
CA TYR E 179 57.12 -37.44 -13.07
C TYR E 179 55.72 -36.85 -13.17
N ALA E 180 55.46 -35.98 -14.16
CA ALA E 180 54.08 -35.58 -14.40
C ALA E 180 53.28 -36.72 -15.03
N ILE E 181 53.95 -37.59 -15.79
CA ILE E 181 53.31 -38.79 -16.30
C ILE E 181 52.98 -39.73 -15.14
N LYS E 182 53.92 -39.91 -14.22
CA LYS E 182 53.68 -40.76 -13.04
C LYS E 182 52.60 -40.20 -12.13
N THR E 183 52.44 -38.87 -12.11
CA THR E 183 51.35 -38.27 -11.37
C THR E 183 50.00 -38.57 -12.01
N LEU E 184 49.95 -38.55 -13.34
CA LEU E 184 48.70 -38.82 -14.04
C LEU E 184 48.35 -40.30 -14.04
N GLU E 185 49.33 -41.19 -13.95
CA GLU E 185 49.03 -42.60 -13.74
C GLU E 185 48.53 -42.86 -12.34
N ALA E 186 48.98 -42.07 -11.36
CA ALA E 186 48.48 -42.18 -10.00
C ALA E 186 47.05 -41.66 -9.87
N PHE E 187 46.62 -40.75 -10.76
CA PHE E 187 45.26 -40.26 -10.73
C PHE E 187 44.25 -41.32 -11.18
N ARG E 188 44.71 -42.39 -11.85
CA ARG E 188 43.82 -43.48 -12.25
C ARG E 188 43.14 -44.15 -11.06
N SER E 189 43.76 -44.10 -9.88
CA SER E 189 43.14 -44.63 -8.69
C SER E 189 42.10 -43.70 -8.08
N ALA E 190 42.12 -42.42 -8.44
CA ALA E 190 41.22 -41.46 -7.81
C ALA E 190 39.79 -41.65 -8.31
N PRO E 191 38.80 -41.54 -7.43
CA PRO E 191 37.40 -41.64 -7.88
C PRO E 191 36.99 -40.45 -8.73
N GLY E 192 36.30 -40.74 -9.81
CA GLY E 192 35.86 -39.72 -10.72
C GLY E 192 36.88 -39.24 -11.71
N PHE E 193 38.08 -39.81 -11.73
CA PHE E 193 39.07 -39.45 -12.72
C PHE E 193 38.65 -40.01 -14.08
N LEU E 194 38.54 -39.13 -15.06
CA LEU E 194 38.05 -39.51 -16.38
C LEU E 194 39.13 -39.53 -17.42
N GLY E 195 40.37 -39.19 -17.07
CA GLY E 195 41.47 -39.23 -18.01
C GLY E 195 42.24 -37.94 -18.03
N GLY E 196 43.39 -38.00 -18.70
CA GLY E 196 44.32 -36.90 -18.64
C GLY E 196 45.30 -36.89 -19.80
N MET E 197 45.85 -35.70 -20.07
CA MET E 197 46.90 -35.57 -21.07
C MET E 197 47.83 -34.44 -20.66
N ILE E 198 49.06 -34.50 -21.17
CA ILE E 198 50.08 -33.50 -20.91
C ILE E 198 50.42 -32.83 -22.23
N LEU E 199 50.25 -31.51 -22.27
CA LEU E 199 50.47 -30.73 -23.48
C LEU E 199 51.74 -29.89 -23.34
N LYS E 200 52.54 -29.85 -24.39
CA LYS E 200 53.80 -29.12 -24.42
C LYS E 200 53.71 -28.06 -25.51
N GLU E 201 53.88 -26.79 -25.12
CA GLU E 201 53.78 -25.69 -26.08
C GLU E 201 54.95 -25.69 -27.05
N ILE E 202 54.64 -25.65 -28.34
CA ILE E 202 55.64 -25.68 -29.40
C ILE E 202 55.60 -24.44 -30.29
N GLY E 203 54.70 -23.51 -30.04
CA GLY E 203 54.59 -22.34 -30.87
C GLY E 203 53.27 -21.64 -30.63
N VAL E 204 53.11 -20.50 -31.32
CA VAL E 204 51.90 -19.70 -31.28
C VAL E 204 51.49 -19.38 -32.70
N SER E 205 50.26 -19.70 -33.06
CA SER E 205 49.72 -19.40 -34.38
C SER E 205 49.57 -17.90 -34.59
N PRO E 206 50.20 -17.31 -35.61
CA PRO E 206 50.01 -15.87 -35.84
C PRO E 206 48.63 -15.49 -36.35
N LEU E 207 48.08 -16.26 -37.29
CA LEU E 207 46.76 -15.93 -37.83
C LEU E 207 45.66 -16.20 -36.83
N GLY E 208 45.80 -17.25 -36.03
CA GLY E 208 44.87 -17.51 -34.95
C GLY E 208 44.93 -16.51 -33.82
N SER E 209 46.04 -15.78 -33.70
CA SER E 209 46.17 -14.74 -32.69
C SER E 209 45.91 -13.35 -33.24
N LEU E 210 45.49 -13.26 -34.51
CA LEU E 210 45.27 -12.00 -35.24
C LEU E 210 46.52 -11.12 -35.23
N GLN E 211 47.68 -11.73 -35.38
CA GLN E 211 48.95 -11.02 -35.36
C GLN E 211 49.47 -10.94 -36.78
N LEU E 212 49.25 -9.80 -37.42
CA LEU E 212 49.70 -9.53 -38.77
C LEU E 212 50.83 -8.51 -38.72
N ASN E 213 51.30 -8.10 -39.89
CA ASN E 213 52.27 -7.02 -39.98
C ASN E 213 51.54 -5.68 -39.80
N ALA E 214 52.24 -4.57 -40.03
CA ALA E 214 51.69 -3.25 -39.74
C ALA E 214 50.51 -2.90 -40.65
N LYS E 215 50.57 -3.31 -41.92
CA LYS E 215 49.45 -3.06 -42.81
C LYS E 215 48.26 -3.93 -42.46
N GLY E 216 48.51 -5.19 -42.09
CA GLY E 216 47.42 -6.08 -41.71
C GLY E 216 46.77 -5.70 -40.40
N PHE E 217 47.56 -5.19 -39.45
CA PHE E 217 47.01 -4.77 -38.16
C PHE E 217 46.08 -3.58 -38.31
N HIS E 218 46.43 -2.65 -39.21
CA HIS E 218 45.57 -1.50 -39.42
C HIS E 218 44.29 -1.88 -40.15
N GLN E 219 44.35 -2.87 -41.04
CA GLN E 219 43.14 -3.32 -41.72
C GLN E 219 42.20 -4.07 -40.77
N ILE E 220 42.75 -4.68 -39.72
CA ILE E 220 41.90 -5.28 -38.69
C ILE E 220 41.13 -4.20 -37.94
N LEU E 221 41.80 -3.10 -37.57
CA LEU E 221 41.13 -2.02 -36.86
C LEU E 221 40.17 -1.25 -37.75
N GLU E 222 40.42 -1.19 -39.05
CA GLU E 222 39.67 -0.31 -39.93
C GLU E 222 38.44 -0.97 -40.54
N THR E 223 38.32 -2.29 -40.50
CA THR E 223 37.30 -2.97 -41.29
C THR E 223 35.93 -2.84 -40.66
N ALA E 224 34.92 -2.83 -41.51
CA ALA E 224 33.52 -2.81 -41.09
C ALA E 224 33.02 -4.24 -41.11
N ASN E 225 32.98 -4.86 -39.92
CA ASN E 225 32.46 -6.21 -39.67
C ASN E 225 33.20 -7.29 -40.44
N GLY E 226 34.43 -7.03 -40.88
CA GLY E 226 35.20 -8.01 -41.60
C GLY E 226 35.00 -8.05 -43.10
N MET E 227 34.16 -7.18 -43.66
CA MET E 227 33.96 -7.15 -45.10
C MET E 227 35.24 -6.78 -45.84
N ASP E 228 36.08 -5.97 -45.21
CA ASP E 228 37.38 -5.57 -45.74
C ASP E 228 38.42 -6.50 -45.12
N VAL E 229 38.78 -7.55 -45.84
CA VAL E 229 39.63 -8.61 -45.27
C VAL E 229 41.09 -8.18 -45.37
N PRO E 230 41.84 -8.23 -44.26
CA PRO E 230 43.27 -7.92 -44.34
C PRO E 230 44.03 -8.98 -45.10
N GLU E 231 45.12 -8.56 -45.71
CA GLU E 231 46.02 -9.50 -46.36
C GLU E 231 46.74 -10.29 -45.27
N PRO E 232 46.66 -11.62 -45.25
CA PRO E 232 47.17 -12.40 -44.11
C PRO E 232 48.68 -12.60 -44.16
N VAL E 233 49.43 -11.50 -44.14
CA VAL E 233 50.88 -11.52 -44.10
C VAL E 233 51.31 -11.29 -42.66
N THR E 234 52.04 -12.24 -42.11
CA THR E 234 52.59 -12.16 -40.76
C THR E 234 54.09 -11.97 -40.83
N ILE E 235 54.67 -11.50 -39.72
CA ILE E 235 56.10 -11.31 -39.66
C ILE E 235 56.81 -12.53 -39.09
N TYR E 236 56.08 -13.54 -38.63
CA TYR E 236 56.68 -14.72 -38.05
C TYR E 236 55.82 -15.93 -38.37
N GLU E 237 56.44 -17.09 -38.30
CA GLU E 237 55.72 -18.36 -38.31
C GLU E 237 55.67 -18.90 -36.90
N ALA E 238 54.85 -19.93 -36.71
CA ALA E 238 54.50 -20.39 -35.36
C ALA E 238 55.66 -20.85 -34.48
N PRO E 239 56.69 -21.59 -34.94
CA PRO E 239 57.81 -21.89 -34.03
C PRO E 239 58.70 -20.69 -33.70
N GLU E 240 58.57 -19.56 -34.37
CA GLU E 240 59.35 -18.39 -34.02
C GLU E 240 58.82 -17.68 -32.79
N PHE E 241 57.58 -17.93 -32.39
CA PHE E 241 57.05 -17.49 -31.11
C PHE E 241 56.83 -18.77 -30.32
N ARG E 242 57.91 -19.27 -29.74
CA ARG E 242 57.87 -20.41 -28.83
C ARG E 242 58.40 -19.91 -27.49
N ASN E 243 57.56 -19.94 -26.48
CA ASN E 243 57.90 -19.33 -25.20
C ASN E 243 58.96 -20.13 -24.47
N ARG E 244 60.01 -19.45 -24.04
CA ARG E 244 61.01 -20.02 -23.19
C ARG E 244 61.00 -19.27 -21.86
N PRO E 245 61.05 -19.95 -20.71
CA PRO E 245 61.09 -21.40 -20.45
C PRO E 245 59.81 -22.14 -20.82
N GLN E 246 59.90 -23.48 -20.87
CA GLN E 246 58.91 -24.30 -21.55
C GLN E 246 57.58 -24.33 -20.79
N ARG E 247 56.50 -24.04 -21.51
CA ARG E 247 55.15 -24.08 -20.94
C ARG E 247 54.55 -25.47 -21.12
N TYR E 248 53.91 -25.95 -20.06
CA TYR E 248 53.20 -27.21 -20.11
C TYR E 248 51.78 -27.01 -19.62
N ILE E 249 50.84 -27.70 -20.25
CA ILE E 249 49.48 -27.81 -19.74
C ILE E 249 49.29 -29.24 -19.25
N VAL E 250 48.90 -29.38 -17.99
CA VAL E 250 48.46 -30.66 -17.46
C VAL E 250 46.94 -30.63 -17.44
N HIS E 251 46.33 -31.37 -18.36
CA HIS E 251 44.91 -31.37 -18.59
C HIS E 251 44.34 -32.66 -18.02
N THR E 252 43.50 -32.55 -16.99
CA THR E 252 42.85 -33.71 -16.39
C THR E 252 41.35 -33.50 -16.35
N GLU E 253 40.60 -34.59 -16.49
CA GLU E 253 39.15 -34.54 -16.57
C GLU E 253 38.55 -35.32 -15.40
N TRP E 254 37.49 -34.76 -14.83
CA TRP E 254 36.90 -35.25 -13.60
C TRP E 254 35.39 -35.22 -13.72
N SER E 255 34.73 -36.12 -13.01
CA SER E 255 33.28 -36.24 -13.14
C SER E 255 32.54 -35.05 -12.53
N ASP E 256 33.08 -34.45 -11.48
CA ASP E 256 32.51 -33.27 -10.85
C ASP E 256 33.63 -32.52 -10.15
N THR E 257 33.29 -31.36 -9.58
CA THR E 257 34.33 -30.53 -8.96
C THR E 257 34.79 -31.09 -7.62
N ASN E 258 33.95 -31.87 -6.93
CA ASN E 258 34.38 -32.53 -5.72
C ASN E 258 35.40 -33.62 -6.02
N ALA E 259 35.17 -34.41 -7.07
CA ALA E 259 36.14 -35.41 -7.50
C ALA E 259 37.43 -34.74 -7.97
N LEU E 260 37.31 -33.57 -8.60
CA LEU E 260 38.48 -32.81 -9.02
C LEU E 260 39.29 -32.33 -7.81
N MET E 261 38.61 -31.77 -6.81
CA MET E 261 39.28 -31.16 -5.67
C MET E 261 40.02 -32.19 -4.83
N PHE E 262 39.38 -33.33 -4.54
CA PHE E 262 40.05 -34.35 -3.76
C PHE E 262 40.94 -35.26 -4.61
N GLY E 263 40.69 -35.34 -5.91
CA GLY E 263 41.54 -36.12 -6.79
C GLY E 263 42.85 -35.45 -7.08
N LEU E 264 42.79 -34.18 -7.53
CA LEU E 264 44.01 -33.40 -7.70
C LEU E 264 44.70 -33.13 -6.38
N GLY E 265 43.93 -33.05 -5.29
CA GLY E 265 44.47 -32.86 -3.96
C GLY E 265 45.33 -33.98 -3.44
N ARG E 266 45.31 -35.15 -4.11
CA ARG E 266 46.18 -36.27 -3.74
C ARG E 266 47.66 -35.95 -3.86
N VAL E 267 48.04 -34.96 -4.67
CA VAL E 267 49.42 -34.49 -4.69
C VAL E 267 49.78 -33.69 -3.44
N LEU E 268 48.80 -33.36 -2.61
CA LEU E 268 49.03 -32.70 -1.33
C LEU E 268 48.71 -33.57 -0.12
N ILE E 269 47.74 -34.46 -0.20
CA ILE E 269 47.25 -35.16 0.97
C ILE E 269 47.53 -36.66 0.95
N TYR E 270 47.86 -37.24 -0.20
CA TYR E 270 48.19 -38.65 -0.28
C TYR E 270 49.71 -38.76 -0.31
N PRO E 271 50.34 -39.34 0.72
CA PRO E 271 51.80 -39.25 0.85
C PRO E 271 52.58 -39.99 -0.25
N GLU E 272 52.03 -41.05 -0.82
CA GLU E 272 52.73 -41.74 -1.90
C GLU E 272 52.72 -40.94 -3.20
N VAL E 273 51.61 -40.27 -3.51
CA VAL E 273 51.55 -39.42 -4.69
C VAL E 273 52.27 -38.11 -4.45
N ARG E 274 52.33 -37.67 -3.19
CA ARG E 274 52.98 -36.41 -2.83
C ARG E 274 54.47 -36.45 -3.11
N GLN E 275 55.14 -37.59 -2.89
CA GLN E 275 56.56 -37.69 -3.23
C GLN E 275 56.80 -37.68 -4.72
N ILE E 276 55.86 -38.23 -5.50
CA ILE E 276 55.98 -38.21 -6.95
C ILE E 276 55.87 -36.78 -7.49
N HIS E 277 54.85 -36.05 -7.03
CA HIS E 277 54.61 -34.70 -7.51
C HIS E 277 55.60 -33.69 -6.93
N ASP E 278 56.34 -34.05 -5.88
CA ASP E 278 57.41 -33.19 -5.40
C ASP E 278 58.53 -33.05 -6.43
N LYS E 279 58.75 -34.09 -7.24
CA LYS E 279 59.73 -34.00 -8.30
C LYS E 279 59.25 -33.11 -9.45
N VAL E 280 57.93 -33.02 -9.64
CA VAL E 280 57.38 -32.07 -10.58
C VAL E 280 57.57 -30.64 -10.08
N LEU E 281 57.32 -30.42 -8.79
CA LEU E 281 57.41 -29.08 -8.21
C LEU E 281 58.84 -28.55 -8.20
N ASP E 282 59.83 -29.43 -8.14
CA ASP E 282 61.22 -29.03 -8.15
C ASP E 282 61.74 -28.66 -9.54
N THR E 283 60.90 -28.68 -10.57
CA THR E 283 61.28 -28.25 -11.91
C THR E 283 60.60 -26.96 -12.33
N LEU E 284 59.72 -26.39 -11.53
CA LEU E 284 58.83 -25.32 -11.94
C LEU E 284 59.41 -23.95 -11.60
N VAL E 285 59.47 -23.07 -12.59
CA VAL E 285 59.67 -21.66 -12.30
C VAL E 285 58.35 -20.93 -12.08
N TYR E 286 57.24 -21.48 -12.57
CA TYR E 286 55.93 -20.90 -12.35
C TYR E 286 54.92 -22.04 -12.23
N GLY E 287 54.00 -21.90 -11.29
CA GLY E 287 52.93 -22.83 -11.13
C GLY E 287 53.10 -23.72 -9.92
N PRO E 288 52.14 -24.63 -9.70
CA PRO E 288 50.98 -24.90 -10.55
C PRO E 288 49.77 -24.00 -10.28
N TYR E 289 49.18 -23.51 -11.35
CA TYR E 289 47.95 -22.74 -11.30
C TYR E 289 46.90 -23.49 -12.10
N ILE E 290 45.79 -23.86 -11.46
CA ILE E 290 44.84 -24.80 -12.03
C ILE E 290 43.51 -24.08 -12.22
N ARG E 291 43.12 -23.89 -13.47
CA ARG E 291 41.80 -23.38 -13.81
C ARG E 291 40.82 -24.53 -13.95
N VAL E 292 39.57 -24.26 -13.62
CA VAL E 292 38.49 -25.24 -13.73
C VAL E 292 37.67 -24.87 -14.96
N LEU E 293 37.55 -25.81 -15.89
CA LEU E 293 36.90 -25.55 -17.16
C LEU E 293 35.69 -26.45 -17.33
N ASN E 294 34.69 -25.93 -18.04
CA ASN E 294 33.51 -26.71 -18.39
C ASN E 294 33.53 -26.97 -19.88
N PRO E 295 33.64 -28.22 -20.32
CA PRO E 295 33.62 -28.52 -21.76
C PRO E 295 32.23 -28.53 -22.37
N MET E 296 31.73 -27.36 -22.77
CA MET E 296 30.38 -27.24 -23.31
C MET E 296 30.24 -27.92 -24.67
N MET E 297 30.95 -27.43 -25.67
CA MET E 297 30.79 -27.87 -27.05
C MET E 297 31.97 -28.74 -27.43
N GLU E 298 31.69 -29.93 -27.96
CA GLU E 298 32.73 -30.92 -28.18
C GLU E 298 32.60 -31.58 -29.54
N GLY E 299 33.74 -31.97 -30.08
CA GLY E 299 33.92 -32.74 -31.28
C GLY E 299 34.49 -34.11 -30.96
N THR E 300 33.85 -34.85 -30.04
CA THR E 300 34.37 -36.02 -29.33
C THR E 300 35.05 -37.12 -30.16
N TYR E 301 34.90 -37.09 -31.47
CA TYR E 301 35.59 -37.99 -32.39
C TYR E 301 37.09 -37.73 -32.49
N TRP E 302 37.63 -36.69 -31.83
CA TRP E 302 39.09 -36.54 -31.75
C TRP E 302 39.71 -37.63 -30.89
N ARG E 303 38.96 -38.16 -29.92
CA ARG E 303 39.44 -39.28 -29.14
C ARG E 303 39.37 -40.59 -29.91
N GLU E 304 38.51 -40.67 -30.93
CA GLU E 304 38.53 -41.84 -31.81
C GLU E 304 39.80 -41.87 -32.64
N TYR E 305 40.28 -40.70 -33.06
CA TYR E 305 41.57 -40.63 -33.75
C TYR E 305 42.72 -40.95 -32.81
N LEU E 306 42.61 -40.50 -31.55
CA LEU E 306 43.70 -40.70 -30.60
C LEU E 306 43.81 -42.17 -30.18
N ASN E 307 42.67 -42.81 -29.92
CA ASN E 307 42.66 -44.18 -29.43
C ASN E 307 42.57 -45.21 -30.54
N GLU E 308 42.44 -44.76 -31.79
CA GLU E 308 42.42 -45.61 -33.00
C GLU E 308 41.28 -46.63 -32.97
N TYR E 309 40.15 -46.22 -32.41
CA TYR E 309 39.00 -47.09 -32.19
C TYR E 309 37.81 -46.19 -31.93
N HIS E 310 36.64 -46.59 -32.43
CA HIS E 310 35.41 -45.84 -32.18
C HIS E 310 34.39 -46.74 -31.49
N LEU E 311 33.30 -46.10 -31.05
CA LEU E 311 32.20 -46.70 -30.27
C LEU E 311 32.66 -47.43 -29.01
N PRO F 2 50.92 25.83 -42.84
CA PRO F 2 50.07 26.49 -43.83
C PRO F 2 48.60 26.37 -43.47
N LYS F 3 47.73 26.97 -44.27
CA LYS F 3 46.30 26.87 -44.02
C LYS F 3 45.74 25.63 -44.71
N PRO F 4 45.18 24.68 -43.98
CA PRO F 4 44.59 23.51 -44.63
C PRO F 4 43.22 23.83 -45.21
N TYR F 5 42.69 22.85 -45.94
CA TYR F 5 41.33 22.90 -46.43
C TYR F 5 40.45 22.03 -45.54
N VAL F 6 39.19 22.41 -45.41
CA VAL F 6 38.27 21.75 -44.49
C VAL F 6 37.15 21.11 -45.27
N ALA F 7 36.92 19.83 -45.02
CA ALA F 7 35.68 19.16 -45.40
C ALA F 7 34.82 19.02 -44.14
N ILE F 8 33.58 19.47 -44.22
CA ILE F 8 32.67 19.41 -43.09
C ILE F 8 31.54 18.43 -43.43
N ASN F 9 31.59 17.25 -42.83
CA ASN F 9 30.55 16.25 -43.04
C ASN F 9 29.40 16.51 -42.08
N MET F 10 28.21 16.76 -42.63
CA MET F 10 27.03 17.11 -41.86
C MET F 10 26.01 15.98 -41.96
N VAL F 11 25.62 15.42 -40.82
CA VAL F 11 24.59 14.39 -40.73
C VAL F 11 23.64 14.73 -39.60
N GLU F 12 22.39 14.33 -39.77
CA GLU F 12 21.41 14.32 -38.69
C GLU F 12 21.15 12.88 -38.29
N VAL F 13 21.37 12.55 -37.02
CA VAL F 13 21.18 11.21 -36.51
C VAL F 13 20.20 11.26 -35.35
N ARG F 14 19.65 10.10 -35.00
CA ARG F 14 18.76 10.00 -33.85
C ARG F 14 19.51 10.26 -32.55
N ASN F 15 18.81 10.83 -31.58
CA ASN F 15 19.38 11.07 -30.25
C ASN F 15 18.87 9.95 -29.34
N ASP F 16 19.61 8.84 -29.33
CA ASP F 16 19.28 7.66 -28.56
C ASP F 16 20.59 7.01 -28.13
N PRO F 17 20.57 6.13 -27.11
CA PRO F 17 21.81 5.48 -26.69
C PRO F 17 22.47 4.60 -27.75
N LYS F 18 21.73 4.13 -28.75
CA LYS F 18 22.35 3.38 -29.83
C LYS F 18 23.29 4.25 -30.66
N THR F 19 22.94 5.52 -30.85
CA THR F 19 23.75 6.44 -31.66
C THR F 19 25.08 6.76 -30.99
N LEU F 20 25.07 6.96 -29.67
CA LEU F 20 26.32 7.26 -28.98
C LEU F 20 27.25 6.05 -28.89
N GLU F 21 26.77 4.83 -29.13
CA GLU F 21 27.67 3.72 -29.38
C GLU F 21 28.38 3.85 -30.71
N LEU F 22 27.73 4.46 -31.71
CA LEU F 22 28.34 4.66 -33.02
C LEU F 22 29.41 5.73 -33.01
N PHE F 23 29.44 6.59 -31.99
CA PHE F 23 30.53 7.55 -31.83
C PHE F 23 31.85 6.86 -31.53
N GLY F 24 31.81 5.78 -30.77
CA GLY F 24 33.01 5.12 -30.31
C GLY F 24 33.36 3.85 -31.05
N LYS F 25 32.43 3.34 -31.87
CA LYS F 25 32.67 2.10 -32.59
C LYS F 25 32.79 2.27 -34.10
N VAL F 26 32.45 3.43 -34.65
CA VAL F 26 32.53 3.69 -36.08
C VAL F 26 33.38 4.92 -36.38
N GLY F 27 33.12 6.01 -35.68
CA GLY F 27 33.94 7.22 -35.67
C GLY F 27 35.44 7.08 -35.67
N PRO F 28 36.03 6.29 -34.74
CA PRO F 28 37.47 6.05 -34.81
C PRO F 28 37.90 5.27 -36.05
N LYS F 29 37.07 4.38 -36.57
CA LYS F 29 37.45 3.61 -37.76
C LYS F 29 37.47 4.48 -39.00
N VAL F 30 36.55 5.45 -39.09
CA VAL F 30 36.53 6.38 -40.21
C VAL F 30 37.78 7.25 -40.20
N CYS F 31 38.19 7.69 -39.01
CA CYS F 31 39.42 8.48 -38.88
C CYS F 31 40.66 7.67 -39.22
N MET F 32 40.65 6.36 -38.95
CA MET F 32 41.79 5.52 -39.29
C MET F 32 41.87 5.24 -40.79
N VAL F 33 40.73 5.10 -41.46
CA VAL F 33 40.73 4.93 -42.91
C VAL F 33 41.14 6.24 -43.59
N THR F 34 40.68 7.36 -43.05
CA THR F 34 41.02 8.68 -43.57
C THR F 34 42.51 8.98 -43.42
N ALA F 35 43.15 8.45 -42.38
CA ALA F 35 44.56 8.67 -42.13
C ALA F 35 45.47 7.79 -42.98
N ARG F 36 44.92 6.98 -43.89
CA ARG F 36 45.75 6.32 -44.89
C ARG F 36 46.32 7.30 -45.91
N HIS F 37 45.67 8.44 -46.12
CA HIS F 37 46.12 9.43 -47.08
C HIS F 37 47.12 10.38 -46.43
N PRO F 38 48.23 10.71 -47.11
CA PRO F 38 49.24 11.58 -46.49
C PRO F 38 48.81 13.05 -46.42
N GLY F 39 47.84 13.48 -47.22
CA GLY F 39 47.33 14.83 -47.15
C GLY F 39 46.38 15.11 -46.00
N PHE F 40 45.99 14.08 -45.26
CA PHE F 40 45.16 14.24 -44.08
C PHE F 40 46.00 14.79 -42.94
N VAL F 41 45.58 15.92 -42.38
CA VAL F 41 46.34 16.55 -41.30
C VAL F 41 45.57 16.61 -39.99
N GLY F 42 44.34 16.15 -39.94
CA GLY F 42 43.63 16.11 -38.68
C GLY F 42 42.14 16.27 -38.86
N PHE F 43 41.44 16.26 -37.71
CA PHE F 43 39.99 16.29 -37.71
C PHE F 43 39.50 16.97 -36.44
N GLN F 44 38.22 17.32 -36.44
CA GLN F 44 37.55 17.87 -35.27
C GLN F 44 36.07 17.57 -35.43
N ASN F 45 35.54 16.71 -34.58
CA ASN F 45 34.15 16.24 -34.70
C ASN F 45 33.27 16.96 -33.68
N HIS F 46 32.11 17.41 -34.13
CA HIS F 46 31.21 18.20 -33.31
C HIS F 46 29.83 17.56 -33.23
N VAL F 47 29.17 17.81 -32.11
CA VAL F 47 27.74 17.57 -31.94
C VAL F 47 27.10 18.92 -31.62
N GLN F 48 26.03 19.25 -32.32
CA GLN F 48 25.30 20.47 -32.01
C GLN F 48 24.55 20.30 -30.69
N ILE F 49 24.78 21.22 -29.77
CA ILE F 49 24.10 21.20 -28.48
C ILE F 49 23.06 22.30 -28.34
N GLY F 50 23.01 23.24 -29.28
CA GLY F 50 22.02 24.29 -29.18
C GLY F 50 22.22 25.35 -30.24
N VAL F 51 21.49 26.45 -30.07
CA VAL F 51 21.45 27.58 -30.99
C VAL F 51 21.54 28.84 -30.14
N VAL F 52 22.28 29.83 -30.60
CA VAL F 52 22.29 31.14 -29.95
C VAL F 52 20.94 31.82 -30.22
N PRO F 53 20.16 32.13 -29.19
CA PRO F 53 18.81 32.66 -29.43
C PRO F 53 18.78 34.12 -29.86
N LEU F 54 19.82 34.89 -29.49
CA LEU F 54 19.93 36.34 -29.74
C LEU F 54 18.72 37.09 -29.19
N GLY F 55 18.55 37.01 -27.88
CA GLY F 55 17.33 37.51 -27.26
C GLY F 55 16.18 36.58 -27.54
N THR F 56 15.15 37.07 -28.23
CA THR F 56 14.00 36.25 -28.62
C THR F 56 13.91 36.08 -30.13
N ARG F 57 15.02 36.24 -30.86
CA ARG F 57 14.98 36.08 -32.31
C ARG F 57 14.70 34.64 -32.69
N TRP F 58 15.40 33.70 -32.07
CA TRP F 58 14.98 32.31 -32.04
C TRP F 58 14.76 31.96 -30.57
N GLY F 59 13.59 32.34 -30.05
CA GLY F 59 13.31 32.20 -28.64
C GLY F 59 12.95 30.81 -28.21
N GLY F 60 12.58 29.95 -29.15
CA GLY F 60 12.37 28.54 -28.86
C GLY F 60 13.63 27.73 -28.75
N ALA F 61 14.77 28.34 -29.03
CA ALA F 61 16.06 27.69 -29.01
C ALA F 61 16.86 28.15 -27.79
N LYS F 62 17.71 27.26 -27.30
CA LYS F 62 18.58 27.53 -26.17
C LYS F 62 19.99 27.13 -26.56
N MET F 63 20.97 27.64 -25.80
CA MET F 63 22.35 27.29 -26.09
C MET F 63 22.68 25.85 -25.68
N GLU F 64 22.02 25.35 -24.64
CA GLU F 64 22.19 23.96 -24.19
C GLU F 64 20.82 23.31 -24.19
N MET F 65 20.44 22.72 -25.34
CA MET F 65 19.16 22.06 -25.48
C MET F 65 19.29 20.62 -25.95
N SER F 66 20.47 20.02 -25.81
CA SER F 66 20.72 18.70 -26.39
C SER F 66 20.05 17.57 -25.61
N GLN F 67 19.72 17.80 -24.35
CA GLN F 67 19.03 16.79 -23.56
C GLN F 67 17.57 16.61 -23.97
N GLU F 68 17.00 17.56 -24.69
CA GLU F 68 15.60 17.52 -25.06
C GLU F 68 15.35 17.19 -26.53
N MET F 69 16.38 17.14 -27.36
CA MET F 69 16.20 16.96 -28.79
C MET F 69 16.10 15.49 -29.15
N HIS F 70 15.25 15.18 -30.12
CA HIS F 70 15.12 13.82 -30.63
C HIS F 70 16.21 13.47 -31.63
N SER F 71 16.87 14.46 -32.21
CA SER F 71 17.85 14.23 -33.25
C SER F 71 19.08 15.09 -33.02
N LEU F 72 20.23 14.59 -33.43
CA LEU F 72 21.51 15.25 -33.23
C LEU F 72 22.11 15.64 -34.56
N MET F 73 22.53 16.90 -34.67
CA MET F 73 23.30 17.39 -35.80
C MET F 73 24.78 17.18 -35.52
N LEU F 74 25.48 16.53 -36.45
CA LEU F 74 26.91 16.30 -36.33
C LEU F 74 27.65 17.06 -37.42
N MET F 75 28.72 17.75 -37.05
CA MET F 75 29.61 18.43 -37.98
C MET F 75 31.00 17.85 -37.81
N GLN F 76 31.41 17.03 -38.75
CA GLN F 76 32.69 16.34 -38.66
C GLN F 76 33.68 17.01 -39.60
N TYR F 77 34.60 17.79 -39.02
CA TYR F 77 35.58 18.48 -39.83
C TYR F 77 36.73 17.52 -40.11
N THR F 78 37.21 17.52 -41.34
CA THR F 78 38.48 16.91 -41.67
C THR F 78 39.34 17.96 -42.36
N PHE F 79 40.63 17.94 -42.06
CA PHE F 79 41.55 18.96 -42.51
C PHE F 79 42.54 18.35 -43.50
N TRP F 80 42.80 19.07 -44.60
CA TRP F 80 43.52 18.53 -45.74
C TRP F 80 44.54 19.53 -46.25
N LYS F 81 45.69 19.02 -46.70
CA LYS F 81 46.72 19.87 -47.29
C LYS F 81 46.24 20.53 -48.58
N ASN F 82 45.45 19.79 -49.37
CA ASN F 82 44.72 20.36 -50.50
C ASN F 82 43.36 19.67 -50.54
N TRP F 83 42.36 20.36 -51.09
CA TRP F 83 41.03 19.78 -51.15
C TRP F 83 40.94 18.62 -52.13
N LYS F 84 41.87 18.53 -53.09
CA LYS F 84 41.93 17.38 -53.97
C LYS F 84 42.39 16.13 -53.24
N ASP F 85 43.14 16.29 -52.14
CA ASP F 85 43.53 15.13 -51.32
C ASP F 85 42.32 14.49 -50.66
N HIS F 86 41.30 15.28 -50.33
CA HIS F 86 40.09 14.72 -49.76
C HIS F 86 39.29 13.95 -50.80
N GLU F 87 39.22 14.46 -52.04
CA GLU F 87 38.51 13.75 -53.09
C GLU F 87 39.27 12.51 -53.53
N GLU F 88 40.60 12.56 -53.53
CA GLU F 88 41.41 11.38 -53.83
C GLU F 88 41.29 10.33 -52.72
N MET F 89 41.16 10.76 -51.47
CA MET F 89 41.00 9.83 -50.36
C MET F 89 39.69 9.06 -50.47
N HIS F 90 38.60 9.75 -50.81
CA HIS F 90 37.30 9.09 -50.88
C HIS F 90 37.22 8.11 -52.03
N LYS F 91 37.91 8.39 -53.13
CA LYS F 91 37.88 7.45 -54.25
C LYS F 91 38.73 6.22 -53.98
N GLN F 92 39.89 6.39 -53.37
CA GLN F 92 40.80 5.27 -53.14
C GLN F 92 40.34 4.39 -52.00
N ASN F 93 39.59 4.92 -51.04
CA ASN F 93 39.14 4.17 -49.88
C ASN F 93 37.63 4.03 -49.87
N TRP F 94 37.02 3.92 -51.06
CA TRP F 94 35.57 4.02 -51.17
C TRP F 94 34.85 2.83 -50.56
N ALA F 95 35.39 1.62 -50.72
CA ALA F 95 34.72 0.44 -50.18
C ALA F 95 34.72 0.44 -48.65
N ASN F 96 35.85 0.80 -48.04
CA ASN F 96 35.92 0.82 -46.57
C ASN F 96 35.07 1.94 -46.00
N LEU F 97 35.04 3.11 -46.65
CA LEU F 97 34.32 4.25 -46.13
C LEU F 97 32.82 4.12 -46.31
N PHE F 98 32.38 3.54 -47.43
CA PHE F 98 30.97 3.29 -47.65
C PHE F 98 30.42 2.30 -46.62
N ARG F 99 31.19 1.26 -46.31
CA ARG F 99 30.75 0.25 -45.37
C ARG F 99 30.67 0.79 -43.95
N LEU F 100 31.59 1.67 -43.59
CA LEU F 100 31.55 2.29 -42.26
C LEU F 100 30.39 3.28 -42.14
N CYS F 101 30.11 4.03 -43.22
CA CYS F 101 29.03 5.00 -43.18
C CYS F 101 27.67 4.33 -43.12
N LEU F 102 27.55 3.13 -43.68
CA LEU F 102 26.30 2.38 -43.62
C LEU F 102 26.11 1.65 -42.31
N GLN F 103 27.10 1.66 -41.41
CA GLN F 103 26.85 1.18 -40.07
C GLN F 103 26.03 2.18 -39.26
N CYS F 104 26.01 3.45 -39.67
CA CYS F 104 25.25 4.50 -39.03
C CYS F 104 23.89 4.69 -39.70
N ALA F 105 23.49 3.75 -40.55
CA ALA F 105 22.34 3.95 -41.43
C ALA F 105 21.03 3.91 -40.67
N ASP F 106 20.87 2.98 -39.74
CA ASP F 106 19.63 2.87 -38.97
C ASP F 106 19.46 3.98 -37.94
N GLN F 107 20.43 4.87 -37.79
CA GLN F 107 20.29 6.07 -36.97
C GLN F 107 20.15 7.34 -37.79
N MET F 108 20.52 7.31 -39.07
CA MET F 108 20.62 8.53 -39.86
C MET F 108 19.27 9.04 -40.31
N ILE F 109 19.07 10.34 -40.20
CA ILE F 109 17.82 10.99 -40.55
C ILE F 109 17.98 11.87 -41.79
N TRP F 110 19.04 12.65 -41.85
CA TRP F 110 19.34 13.49 -42.98
C TRP F 110 20.84 13.42 -43.24
N GLY F 111 21.22 13.51 -44.51
CA GLY F 111 22.61 13.51 -44.87
C GLY F 111 23.09 12.18 -45.41
N PRO F 112 24.41 12.02 -45.60
CA PRO F 112 25.47 12.99 -45.35
C PRO F 112 25.60 14.07 -46.43
N TYR F 113 26.08 15.23 -46.00
CA TYR F 113 26.26 16.37 -46.88
C TYR F 113 27.60 16.98 -46.52
N GLU F 114 28.56 16.94 -47.45
CA GLU F 114 29.93 17.37 -47.16
C GLU F 114 30.36 18.52 -48.06
N PRO F 115 30.11 19.76 -47.67
CA PRO F 115 30.71 20.89 -48.37
C PRO F 115 32.20 21.01 -48.05
N LEU F 116 32.95 21.53 -49.01
CA LEU F 116 34.38 21.75 -48.87
C LEU F 116 34.64 23.23 -48.65
N TYR F 117 35.62 23.53 -47.80
CA TYR F 117 35.86 24.90 -47.38
C TYR F 117 37.33 25.25 -47.50
N GLU F 118 37.57 26.51 -47.82
CA GLU F 118 38.89 27.12 -47.78
C GLU F 118 38.97 28.04 -46.57
N ILE F 119 40.09 27.98 -45.86
CA ILE F 119 40.29 28.84 -44.69
C ILE F 119 40.72 30.22 -45.17
N VAL F 120 39.86 31.21 -44.96
CA VAL F 120 40.18 32.58 -45.33
C VAL F 120 41.08 33.23 -44.27
N TYR F 121 40.71 33.07 -43.01
CA TYR F 121 41.44 33.61 -41.88
C TYR F 121 41.50 32.53 -40.82
N ALA F 122 42.59 32.50 -40.06
CA ALA F 122 42.69 31.56 -38.96
C ALA F 122 43.48 32.17 -37.82
N ASN F 123 42.90 32.14 -36.63
CA ASN F 123 43.60 32.36 -35.37
C ASN F 123 43.19 31.18 -34.50
N MET F 124 43.87 30.06 -34.65
CA MET F 124 43.50 28.83 -33.95
C MET F 124 44.73 28.29 -33.24
N PRO F 125 44.80 28.43 -31.92
CA PRO F 125 45.99 28.03 -31.18
C PRO F 125 46.09 26.52 -31.04
N LEU F 126 47.22 26.09 -30.50
CA LEU F 126 47.41 24.69 -30.16
C LEU F 126 46.53 24.32 -28.97
N ASN F 127 45.93 23.14 -29.05
CA ASN F 127 45.12 22.64 -27.94
C ASN F 127 46.04 22.17 -26.82
N THR F 128 45.82 22.70 -25.62
CA THR F 128 46.54 22.29 -24.43
C THR F 128 45.56 21.93 -23.34
N GLU F 129 45.88 20.90 -22.57
CA GLU F 129 45.16 20.62 -21.34
C GLU F 129 45.60 21.59 -20.25
N MET F 130 44.91 21.54 -19.12
CA MET F 130 45.30 22.34 -17.97
C MET F 130 46.58 21.83 -17.32
N THR F 131 47.00 20.60 -17.63
CA THR F 131 48.29 20.10 -17.16
C THR F 131 49.44 20.52 -18.07
N ASP F 132 49.16 21.06 -19.24
CA ASP F 132 50.18 21.34 -20.24
C ASP F 132 50.58 22.80 -20.33
N PHE F 133 49.98 23.71 -19.55
CA PHE F 133 50.27 25.12 -19.75
C PHE F 133 51.64 25.51 -19.23
N THR F 134 52.19 24.74 -18.28
CA THR F 134 53.56 24.99 -17.82
C THR F 134 54.57 24.72 -18.93
N VAL F 135 54.31 23.73 -19.78
CA VAL F 135 55.18 23.50 -20.94
C VAL F 135 54.99 24.60 -21.96
N MET F 136 53.76 25.09 -22.12
CA MET F 136 53.45 26.06 -23.16
C MET F 136 54.07 27.42 -22.86
N VAL F 137 53.88 27.93 -21.63
CA VAL F 137 54.46 29.21 -21.29
C VAL F 137 55.97 29.11 -21.08
N GLY F 138 56.48 27.92 -20.77
CA GLY F 138 57.92 27.78 -20.62
C GLY F 138 58.64 27.81 -21.94
N LYS F 139 58.03 27.22 -22.97
CA LYS F 139 58.65 27.22 -24.30
C LYS F 139 58.56 28.59 -24.95
N LYS F 140 57.47 29.33 -24.71
CA LYS F 140 57.30 30.64 -25.30
C LYS F 140 58.14 31.70 -24.60
N PHE F 141 58.40 31.53 -23.31
CA PHE F 141 59.30 32.46 -22.63
C PHE F 141 60.75 32.20 -23.01
N ALA F 142 61.12 30.95 -23.25
CA ALA F 142 62.50 30.64 -23.63
C ALA F 142 62.80 31.08 -25.04
N ALA F 143 61.78 31.18 -25.89
CA ALA F 143 61.93 31.63 -27.26
C ALA F 143 61.72 33.13 -27.41
N GLY F 144 61.50 33.85 -26.32
CA GLY F 144 61.25 35.28 -26.38
C GLY F 144 59.94 35.67 -27.01
N GLU F 145 58.93 34.80 -26.94
CA GLU F 145 57.63 35.09 -27.53
C GLU F 145 56.54 35.09 -26.46
N ALA F 146 56.78 35.80 -25.36
CA ALA F 146 55.79 35.92 -24.30
C ALA F 146 54.57 36.70 -24.74
N VAL F 147 54.71 37.60 -25.72
CA VAL F 147 53.60 38.41 -26.17
C VAL F 147 52.61 37.58 -27.01
N SER F 148 53.04 36.43 -27.52
CA SER F 148 52.20 35.57 -28.34
C SER F 148 51.87 34.26 -27.62
N ILE F 149 51.66 34.32 -26.30
CA ILE F 149 51.24 33.14 -25.55
C ILE F 149 49.74 32.96 -25.75
N PRO F 150 49.29 31.80 -26.22
CA PRO F 150 47.89 31.61 -26.54
C PRO F 150 47.06 31.29 -25.31
N PRO F 151 45.74 31.39 -25.37
CA PRO F 151 44.91 30.93 -24.26
C PRO F 151 44.88 29.41 -24.19
N ILE F 152 44.51 28.90 -23.02
CA ILE F 152 44.43 27.46 -22.80
C ILE F 152 43.15 26.94 -23.46
N SER F 153 43.30 26.27 -24.59
CA SER F 153 42.18 25.71 -25.34
C SER F 153 42.12 24.22 -25.05
N GLN F 154 41.22 23.82 -24.20
CA GLN F 154 41.20 22.43 -23.72
C GLN F 154 40.52 21.52 -24.74
N PRO F 155 41.13 20.40 -25.09
CA PRO F 155 40.51 19.50 -26.07
C PRO F 155 39.46 18.59 -25.45
N TYR F 156 38.75 17.89 -26.33
CA TYR F 156 37.87 16.76 -26.02
C TYR F 156 36.70 17.15 -25.12
N GLY F 157 35.87 18.06 -25.65
CA GLY F 157 34.60 18.37 -25.04
C GLY F 157 34.61 19.43 -23.96
N LYS F 158 35.75 20.08 -23.71
CA LYS F 158 35.86 21.04 -22.63
C LYS F 158 35.77 22.48 -23.10
N ARG F 159 35.25 22.70 -24.31
CA ARG F 159 34.99 24.04 -24.80
C ARG F 159 33.79 23.95 -25.73
N VAL F 160 33.32 25.10 -26.20
CA VAL F 160 32.18 25.14 -27.11
C VAL F 160 32.58 25.87 -28.37
N VAL F 161 31.85 25.59 -29.45
CA VAL F 161 32.10 26.16 -30.76
C VAL F 161 30.84 26.88 -31.20
N ALA F 162 31.00 28.12 -31.65
CA ALA F 162 29.95 28.86 -32.32
C ALA F 162 30.10 28.69 -33.81
N PHE F 163 29.10 28.12 -34.45
CA PHE F 163 29.09 27.78 -35.87
C PHE F 163 28.21 28.81 -36.57
N GLY F 164 28.83 29.85 -37.12
CA GLY F 164 28.10 30.97 -37.67
C GLY F 164 27.92 30.94 -39.17
N GLU F 165 26.69 30.70 -39.61
CA GLU F 165 26.40 30.57 -41.04
C GLU F 165 26.09 31.94 -41.64
N HIS F 166 26.79 32.29 -42.71
CA HIS F 166 26.60 33.56 -43.39
C HIS F 166 26.54 33.31 -44.88
N ILE F 167 25.52 33.84 -45.55
CA ILE F 167 25.43 33.82 -47.00
C ILE F 167 25.53 35.26 -47.48
N VAL F 168 26.52 35.53 -48.33
CA VAL F 168 26.93 36.88 -48.68
C VAL F 168 26.50 37.16 -50.12
N LYS F 169 25.91 38.34 -50.34
CA LYS F 169 25.49 38.79 -51.66
C LYS F 169 26.65 38.80 -52.66
N GLU F 170 26.31 38.57 -53.93
CA GLU F 170 27.27 38.60 -55.02
C GLU F 170 27.90 39.99 -55.15
N GLY F 171 29.22 40.04 -55.11
CA GLY F 171 29.96 41.27 -55.21
C GLY F 171 30.40 41.86 -53.89
N LEU F 172 29.80 41.42 -52.79
CA LEU F 172 30.14 41.92 -51.46
C LEU F 172 30.99 40.93 -50.66
N GLU F 173 31.65 39.98 -51.33
CA GLU F 173 32.48 39.02 -50.62
C GLU F 173 33.77 39.64 -50.11
N ASN F 174 34.30 40.65 -50.80
CA ASN F 174 35.49 41.34 -50.30
C ASN F 174 35.17 42.20 -49.08
N GLN F 175 33.96 42.76 -49.02
CA GLN F 175 33.58 43.54 -47.84
C GLN F 175 33.29 42.63 -46.65
N PHE F 176 32.73 41.45 -46.89
CA PHE F 176 32.50 40.51 -45.79
C PHE F 176 33.81 40.08 -45.17
N GLU F 177 34.76 39.63 -45.98
CA GLU F 177 35.99 39.04 -45.47
C GLU F 177 36.85 40.07 -44.76
N GLU F 178 36.79 41.34 -45.18
CA GLU F 178 37.57 42.37 -44.50
C GLU F 178 37.05 42.64 -43.09
N TYR F 179 35.74 42.78 -42.94
CA TYR F 179 35.17 43.16 -41.66
C TYR F 179 34.81 41.98 -40.77
N ALA F 180 34.65 40.77 -41.33
CA ALA F 180 34.53 39.61 -40.47
C ALA F 180 35.86 39.25 -39.83
N ILE F 181 36.97 39.56 -40.51
CA ILE F 181 38.29 39.41 -39.91
C ILE F 181 38.45 40.40 -38.77
N LYS F 182 38.05 41.66 -38.98
CA LYS F 182 38.12 42.68 -37.93
C LYS F 182 37.22 42.36 -36.76
N THR F 183 36.11 41.65 -37.00
CA THR F 183 35.25 41.22 -35.90
C THR F 183 35.94 40.12 -35.09
N LEU F 184 36.65 39.22 -35.75
CA LEU F 184 37.33 38.15 -35.03
C LEU F 184 38.59 38.63 -34.32
N GLU F 185 39.22 39.69 -34.80
CA GLU F 185 40.30 40.31 -34.04
C GLU F 185 39.78 41.04 -32.83
N ALA F 186 38.56 41.57 -32.91
CA ALA F 186 37.93 42.21 -31.76
C ALA F 186 37.51 41.20 -30.70
N PHE F 187 37.26 39.94 -31.09
CA PHE F 187 36.92 38.92 -30.12
C PHE F 187 38.10 38.52 -29.25
N ARG F 188 39.33 38.86 -29.65
CA ARG F 188 40.52 38.57 -28.83
C ARG F 188 40.47 39.26 -27.47
N SER F 189 39.74 40.37 -27.36
CA SER F 189 39.56 41.03 -26.09
C SER F 189 38.50 40.38 -25.21
N ALA F 190 37.64 39.54 -25.78
CA ALA F 190 36.54 38.97 -25.01
C ALA F 190 37.05 37.88 -24.07
N PRO F 191 36.53 37.80 -22.85
CA PRO F 191 36.95 36.72 -21.94
C PRO F 191 36.45 35.37 -22.41
N GLY F 192 37.32 34.39 -22.34
CA GLY F 192 36.99 33.05 -22.76
C GLY F 192 37.07 32.80 -24.24
N PHE F 193 37.49 33.77 -25.04
CA PHE F 193 37.68 33.54 -26.46
C PHE F 193 38.91 32.67 -26.67
N LEU F 194 38.73 31.55 -27.35
CA LEU F 194 39.79 30.58 -27.54
C LEU F 194 40.31 30.55 -28.95
N GLY F 195 39.78 31.37 -29.86
CA GLY F 195 40.26 31.42 -31.22
C GLY F 195 39.15 31.28 -32.22
N GLY F 196 39.50 31.56 -33.47
CA GLY F 196 38.50 31.63 -34.51
C GLY F 196 39.07 31.46 -35.90
N MET F 197 38.21 31.06 -36.83
CA MET F 197 38.57 30.97 -38.23
C MET F 197 37.36 31.26 -39.08
N ILE F 198 37.62 31.69 -40.32
CA ILE F 198 36.59 32.01 -41.29
C ILE F 198 36.73 31.03 -42.45
N LEU F 199 35.66 30.29 -42.73
CA LEU F 199 35.66 29.27 -43.76
C LEU F 199 34.81 29.72 -44.94
N LYS F 200 35.31 29.50 -46.15
CA LYS F 200 34.64 29.89 -47.38
C LYS F 200 34.36 28.64 -48.19
N GLU F 201 33.08 28.39 -48.50
CA GLU F 201 32.70 27.19 -49.24
C GLU F 201 33.16 27.26 -50.68
N ILE F 202 33.85 26.21 -51.12
CA ILE F 202 34.40 26.13 -52.47
C ILE F 202 33.86 24.96 -53.26
N GLY F 203 32.99 24.15 -52.68
CA GLY F 203 32.48 22.99 -53.37
C GLY F 203 31.84 22.03 -52.40
N VAL F 204 31.27 20.96 -52.96
CA VAL F 204 30.65 19.88 -52.20
C VAL F 204 31.19 18.56 -52.72
N SER F 205 31.72 17.74 -51.82
CA SER F 205 32.23 16.42 -52.17
C SER F 205 31.10 15.49 -52.60
N PRO F 206 31.14 14.92 -53.81
CA PRO F 206 30.06 13.99 -54.20
C PRO F 206 30.11 12.65 -53.47
N LEU F 207 31.29 12.06 -53.30
CA LEU F 207 31.40 10.78 -52.63
C LEU F 207 31.13 10.90 -51.14
N GLY F 208 31.57 12.00 -50.53
CA GLY F 208 31.24 12.27 -49.14
C GLY F 208 29.78 12.56 -48.89
N SER F 209 29.04 12.97 -49.92
CA SER F 209 27.61 13.22 -49.81
C SER F 209 26.77 12.05 -50.29
N LEU F 210 27.42 10.93 -50.65
CA LEU F 210 26.78 9.73 -51.22
C LEU F 210 25.97 10.07 -52.47
N GLN F 211 26.49 10.96 -53.30
CA GLN F 211 25.82 11.40 -54.51
C GLN F 211 26.50 10.75 -55.70
N LEU F 212 25.91 9.67 -56.19
CA LEU F 212 26.40 8.93 -57.34
C LEU F 212 25.46 9.15 -58.51
N ASN F 213 25.73 8.48 -59.62
CA ASN F 213 24.83 8.49 -60.75
C ASN F 213 23.65 7.54 -60.47
N ALA F 214 22.82 7.30 -61.47
CA ALA F 214 21.58 6.54 -61.26
C ALA F 214 21.85 5.08 -60.89
N LYS F 215 22.89 4.48 -61.49
CA LYS F 215 23.23 3.11 -61.14
C LYS F 215 23.84 3.04 -59.74
N GLY F 216 24.67 4.02 -59.39
CA GLY F 216 25.26 4.03 -58.06
C GLY F 216 24.27 4.32 -56.96
N PHE F 217 23.28 5.17 -57.24
CA PHE F 217 22.25 5.49 -56.24
C PHE F 217 21.39 4.27 -55.93
N HIS F 218 21.09 3.46 -56.95
CA HIS F 218 20.29 2.27 -56.71
C HIS F 218 21.08 1.21 -55.95
N GLN F 219 22.39 1.13 -56.18
CA GLN F 219 23.21 0.18 -55.44
C GLN F 219 23.37 0.59 -53.98
N ILE F 220 23.27 1.89 -53.68
CA ILE F 220 23.25 2.33 -52.29
C ILE F 220 21.99 1.85 -51.59
N LEU F 221 20.83 1.97 -52.26
CA LEU F 221 19.58 1.53 -51.66
C LEU F 221 19.48 0.02 -51.58
N GLU F 222 20.13 -0.70 -52.49
CA GLU F 222 19.92 -2.14 -52.60
C GLU F 222 20.87 -2.97 -51.75
N THR F 223 21.96 -2.39 -51.25
CA THR F 223 23.01 -3.20 -50.65
C THR F 223 22.64 -3.66 -49.26
N ALA F 224 23.15 -4.83 -48.90
CA ALA F 224 22.98 -5.40 -47.56
C ALA F 224 24.21 -5.05 -46.76
N ASN F 225 24.09 -4.01 -45.92
CA ASN F 225 25.10 -3.52 -44.98
C ASN F 225 26.39 -3.07 -45.67
N GLY F 226 26.34 -2.75 -46.96
CA GLY F 226 27.50 -2.28 -47.67
C GLY F 226 28.38 -3.36 -48.28
N MET F 227 28.01 -4.64 -48.16
CA MET F 227 28.78 -5.72 -48.77
C MET F 227 28.80 -5.60 -50.29
N ASP F 228 27.74 -5.07 -50.86
CA ASP F 228 27.62 -4.82 -52.29
C ASP F 228 28.00 -3.36 -52.52
N VAL F 229 29.25 -3.13 -52.89
CA VAL F 229 29.77 -1.75 -52.96
C VAL F 229 29.37 -1.14 -54.30
N PRO F 230 28.78 0.05 -54.31
CA PRO F 230 28.47 0.71 -55.58
C PRO F 230 29.74 1.16 -56.28
N GLU F 231 29.67 1.21 -57.60
CA GLU F 231 30.75 1.78 -58.38
C GLU F 231 30.77 3.28 -58.16
N PRO F 232 31.88 3.87 -57.70
CA PRO F 232 31.87 5.28 -57.29
C PRO F 232 31.98 6.25 -58.46
N VAL F 233 31.01 6.19 -59.36
CA VAL F 233 30.92 7.10 -60.50
C VAL F 233 29.91 8.18 -60.16
N THR F 234 30.36 9.42 -60.17
CA THR F 234 29.52 10.58 -59.93
C THR F 234 29.32 11.35 -61.22
N ILE F 235 28.29 12.20 -61.23
CA ILE F 235 28.02 13.01 -62.40
C ILE F 235 28.68 14.37 -62.32
N TYR F 236 29.31 14.70 -61.20
CA TYR F 236 29.95 15.99 -61.03
C TYR F 236 31.18 15.83 -60.16
N GLU F 237 32.07 16.80 -60.28
CA GLU F 237 33.18 16.95 -59.34
C GLU F 237 32.87 18.11 -58.41
N ALA F 238 33.66 18.21 -57.35
CA ALA F 238 33.32 19.09 -56.22
C ALA F 238 33.15 20.58 -56.56
N PRO F 239 33.97 21.24 -57.40
CA PRO F 239 33.66 22.65 -57.74
C PRO F 239 32.43 22.84 -58.63
N GLU F 240 31.86 21.77 -59.21
CA GLU F 240 30.64 21.93 -59.99
C GLU F 240 29.40 22.09 -59.12
N PHE F 241 29.47 21.72 -57.85
CA PHE F 241 28.43 22.03 -56.88
C PHE F 241 29.07 23.02 -55.91
N ARG F 242 29.11 24.27 -56.33
CA ARG F 242 29.56 25.37 -55.49
C ARG F 242 28.39 26.33 -55.36
N ASN F 243 27.90 26.49 -54.14
CA ASN F 243 26.67 27.24 -53.92
C ASN F 243 26.89 28.72 -54.16
N ARG F 244 26.01 29.31 -54.96
CA ARG F 244 25.97 30.74 -55.15
C ARG F 244 24.61 31.24 -54.67
N PRO F 245 24.55 32.34 -53.90
CA PRO F 245 25.61 33.22 -53.38
C PRO F 245 26.51 32.56 -52.33
N GLN F 246 27.65 33.20 -52.04
CA GLN F 246 28.76 32.55 -51.37
C GLN F 246 28.45 32.27 -49.90
N ARG F 247 28.66 31.02 -49.49
CA ARG F 247 28.46 30.60 -48.11
C ARG F 247 29.74 30.78 -47.31
N TYR F 248 29.60 31.31 -46.11
CA TYR F 248 30.72 31.45 -45.19
C TYR F 248 30.37 30.82 -43.86
N ILE F 249 31.34 30.17 -43.24
CA ILE F 249 31.23 29.74 -41.86
C ILE F 249 32.16 30.62 -41.03
N VAL F 250 31.62 31.26 -40.01
CA VAL F 250 32.41 31.95 -39.01
C VAL F 250 32.47 31.04 -37.79
N HIS F 251 33.62 30.42 -37.58
CA HIS F 251 33.83 29.42 -36.56
C HIS F 251 34.62 30.06 -35.42
N THR F 252 34.02 30.18 -34.25
CA THR F 252 34.69 30.72 -33.07
C THR F 252 34.58 29.75 -31.91
N GLU F 253 35.60 29.73 -31.07
CA GLU F 253 35.69 28.79 -29.97
C GLU F 253 35.73 29.55 -28.65
N TRP F 254 35.01 29.03 -27.66
CA TRP F 254 34.77 29.71 -26.40
C TRP F 254 34.90 28.71 -25.27
N SER F 255 35.30 29.20 -24.10
CA SER F 255 35.56 28.30 -22.98
C SER F 255 34.27 27.70 -22.41
N ASP F 256 33.16 28.44 -22.47
CA ASP F 256 31.87 27.95 -22.03
C ASP F 256 30.80 28.72 -22.77
N THR F 257 29.53 28.35 -22.54
CA THR F 257 28.44 28.99 -23.28
C THR F 257 28.15 30.39 -22.78
N ASN F 258 28.48 30.69 -21.52
CA ASN F 258 28.33 32.06 -21.04
C ASN F 258 29.35 32.98 -21.70
N ALA F 259 30.59 32.53 -21.83
CA ALA F 259 31.61 33.30 -22.54
C ALA F 259 31.24 33.44 -24.02
N LEU F 260 30.61 32.42 -24.60
CA LEU F 260 30.14 32.50 -25.97
C LEU F 260 29.03 33.53 -26.12
N MET F 261 28.05 33.52 -25.21
CA MET F 261 26.88 34.38 -25.33
C MET F 261 27.24 35.85 -25.18
N PHE F 262 28.07 36.19 -24.19
CA PHE F 262 28.45 37.57 -24.02
C PHE F 262 29.63 37.97 -24.91
N GLY F 263 30.42 37.02 -25.37
CA GLY F 263 31.51 37.32 -26.28
C GLY F 263 31.03 37.59 -27.68
N LEU F 264 30.23 36.68 -28.24
CA LEU F 264 29.59 36.92 -29.53
C LEU F 264 28.61 38.08 -29.47
N GLY F 265 27.99 38.29 -28.31
CA GLY F 265 27.07 39.39 -28.09
C GLY F 265 27.69 40.76 -28.18
N ARG F 266 29.01 40.86 -28.18
CA ARG F 266 29.70 42.15 -28.35
C ARG F 266 29.41 42.80 -29.69
N VAL F 267 29.01 42.03 -30.71
CA VAL F 267 28.55 42.64 -31.96
C VAL F 267 27.18 43.28 -31.82
N LEU F 268 26.50 43.09 -30.70
CA LEU F 268 25.24 43.75 -30.41
C LEU F 268 25.31 44.75 -29.26
N ILE F 269 26.16 44.53 -28.27
CA ILE F 269 26.13 45.33 -27.05
C ILE F 269 27.38 46.18 -26.86
N TYR F 270 28.47 45.90 -27.56
CA TYR F 270 29.68 46.72 -27.46
C TYR F 270 29.70 47.66 -28.65
N PRO F 271 29.57 48.97 -28.44
CA PRO F 271 29.35 49.88 -29.57
C PRO F 271 30.52 49.98 -30.55
N GLU F 272 31.76 49.78 -30.11
CA GLU F 272 32.89 49.82 -31.04
C GLU F 272 32.93 48.59 -31.94
N VAL F 273 32.60 47.42 -31.41
CA VAL F 273 32.55 46.21 -32.23
C VAL F 273 31.28 46.18 -33.06
N ARG F 274 30.22 46.83 -32.58
CA ARG F 274 28.93 46.87 -33.27
C ARG F 274 29.02 47.61 -34.60
N GLN F 275 29.82 48.68 -34.69
CA GLN F 275 30.01 49.35 -35.97
C GLN F 275 30.82 48.51 -36.95
N ILE F 276 31.75 47.70 -36.45
CA ILE F 276 32.53 46.82 -37.31
C ILE F 276 31.63 45.75 -37.92
N HIS F 277 30.83 45.08 -37.08
CA HIS F 277 29.98 43.99 -37.53
C HIS F 277 28.76 44.49 -38.31
N ASP F 278 28.44 45.78 -38.25
CA ASP F 278 27.40 46.33 -39.10
C ASP F 278 27.79 46.27 -40.58
N LYS F 279 29.09 46.36 -40.87
CA LYS F 279 29.54 46.21 -42.25
C LYS F 279 29.45 44.76 -42.73
N VAL F 280 29.56 43.81 -41.79
CA VAL F 280 29.31 42.41 -42.12
C VAL F 280 27.84 42.19 -42.43
N LEU F 281 26.96 42.77 -41.62
CA LEU F 281 25.51 42.58 -41.77
C LEU F 281 24.99 43.19 -43.06
N ASP F 282 25.63 44.24 -43.57
CA ASP F 282 25.23 44.87 -44.81
C ASP F 282 25.65 44.11 -46.06
N THR F 283 26.27 42.94 -45.92
CA THR F 283 26.63 42.10 -47.06
C THR F 283 25.82 40.81 -47.11
N LEU F 284 24.96 40.54 -46.14
CA LEU F 284 24.35 39.24 -45.96
C LEU F 284 22.99 39.16 -46.64
N VAL F 285 22.79 38.14 -47.47
CA VAL F 285 21.44 37.79 -47.89
C VAL F 285 20.79 36.80 -46.93
N TYR F 286 21.58 36.08 -46.14
CA TYR F 286 21.05 35.17 -45.14
C TYR F 286 21.99 35.18 -43.94
N GLY F 287 21.40 35.18 -42.75
CA GLY F 287 22.16 35.08 -41.54
C GLY F 287 22.22 36.38 -40.78
N PRO F 288 22.91 36.38 -39.64
CA PRO F 288 23.68 35.26 -39.07
C PRO F 288 22.85 34.29 -38.22
N TYR F 289 23.05 33.01 -38.46
CA TYR F 289 22.45 31.94 -37.67
C TYR F 289 23.58 31.15 -37.04
N ILE F 290 23.60 31.08 -35.71
CA ILE F 290 24.75 30.58 -34.97
C ILE F 290 24.33 29.32 -34.22
N ARG F 291 24.88 28.19 -34.62
CA ARG F 291 24.71 26.94 -33.89
C ARG F 291 25.81 26.80 -32.84
N VAL F 292 25.48 26.14 -31.75
CA VAL F 292 26.41 25.88 -30.66
C VAL F 292 26.82 24.43 -30.74
N LEU F 293 28.12 24.19 -30.87
CA LEU F 293 28.64 22.84 -31.09
C LEU F 293 29.56 22.43 -29.95
N ASN F 294 29.56 21.13 -29.68
CA ASN F 294 30.48 20.57 -28.69
C ASN F 294 31.51 19.73 -29.41
N PRO F 295 32.79 20.09 -29.37
CA PRO F 295 33.82 19.28 -30.02
C PRO F 295 34.24 18.06 -29.22
N MET F 296 33.52 16.95 -29.38
CA MET F 296 33.79 15.74 -28.61
C MET F 296 35.11 15.09 -29.01
N MET F 297 35.21 14.64 -30.26
CA MET F 297 36.35 13.85 -30.72
C MET F 297 37.21 14.71 -31.62
N GLU F 298 38.51 14.76 -31.32
CA GLU F 298 39.40 15.69 -31.98
C GLU F 298 40.71 15.04 -32.39
N GLY F 299 41.26 15.56 -33.47
CA GLY F 299 42.56 15.24 -34.03
C GLY F 299 43.48 16.43 -33.92
N THR F 300 43.64 16.99 -32.71
CA THR F 300 44.19 18.32 -32.41
C THR F 300 45.52 18.70 -33.07
N TYR F 301 46.23 17.74 -33.65
CA TYR F 301 47.44 17.97 -34.42
C TYR F 301 47.19 18.69 -35.75
N TRP F 302 45.94 18.95 -36.14
CA TRP F 302 45.69 19.80 -37.30
C TRP F 302 46.09 21.25 -37.03
N ARG F 303 46.04 21.68 -35.78
CA ARG F 303 46.52 23.00 -35.42
C ARG F 303 48.04 23.07 -35.38
N GLU F 304 48.72 21.93 -35.21
CA GLU F 304 50.17 21.91 -35.35
C GLU F 304 50.58 22.15 -36.79
N TYR F 305 49.81 21.61 -37.74
CA TYR F 305 50.05 21.90 -39.15
C TYR F 305 49.74 23.35 -39.48
N LEU F 306 48.69 23.90 -38.87
CA LEU F 306 48.27 25.26 -39.17
C LEU F 306 49.25 26.28 -38.62
N ASN F 307 49.71 26.07 -37.38
CA ASN F 307 50.59 27.03 -36.72
C ASN F 307 52.05 26.73 -36.93
N GLU F 308 52.38 25.63 -37.62
CA GLU F 308 53.75 25.23 -37.99
C GLU F 308 54.65 25.04 -36.77
N TYR F 309 54.07 24.54 -35.69
CA TYR F 309 54.73 24.41 -34.40
C TYR F 309 53.91 23.45 -33.57
N HIS F 310 54.58 22.61 -32.78
CA HIS F 310 53.89 21.69 -31.89
C HIS F 310 54.31 21.94 -30.45
N LEU F 311 53.61 21.28 -29.53
CA LEU F 311 53.74 21.41 -28.07
C LEU F 311 53.63 22.85 -27.56
N PRO G 2 -27.93 64.91 -10.14
CA PRO G 2 -28.85 64.58 -11.23
C PRO G 2 -28.83 63.11 -11.56
N LYS G 3 -29.66 62.68 -12.51
CA LYS G 3 -29.67 61.29 -12.91
C LYS G 3 -28.66 61.07 -14.03
N PRO G 4 -27.65 60.24 -13.84
CA PRO G 4 -26.71 59.97 -14.92
C PRO G 4 -27.28 59.01 -15.95
N TYR G 5 -26.53 58.83 -17.02
CA TYR G 5 -26.82 57.83 -18.03
C TYR G 5 -25.90 56.64 -17.82
N VAL G 6 -26.38 55.45 -18.15
CA VAL G 6 -25.66 54.21 -17.88
C VAL G 6 -25.30 53.54 -19.19
N ALA G 7 -24.04 53.20 -19.35
CA ALA G 7 -23.59 52.25 -20.36
C ALA G 7 -23.30 50.93 -19.65
N ILE G 8 -23.89 49.85 -20.15
CA ILE G 8 -23.72 48.53 -19.56
C ILE G 8 -22.95 47.66 -20.55
N ASN G 9 -21.68 47.42 -20.28
CA ASN G 9 -20.86 46.57 -21.12
C ASN G 9 -21.05 45.12 -20.71
N MET G 10 -21.53 44.30 -21.64
CA MET G 10 -21.85 42.90 -21.39
C MET G 10 -20.88 42.01 -22.17
N VAL G 11 -20.16 41.15 -21.46
CA VAL G 11 -19.25 40.18 -22.05
C VAL G 11 -19.46 38.83 -21.39
N GLU G 12 -19.25 37.77 -22.16
CA GLU G 12 -19.13 36.42 -21.63
C GLU G 12 -17.68 36.00 -21.71
N VAL G 13 -17.09 35.62 -20.58
CA VAL G 13 -15.70 35.22 -20.51
C VAL G 13 -15.63 33.82 -19.90
N ARG G 14 -14.50 33.17 -20.08
CA ARG G 14 -14.27 31.86 -19.48
C ARG G 14 -14.19 31.96 -17.96
N ASN G 15 -14.64 30.91 -17.28
CA ASN G 15 -14.54 30.84 -15.81
C ASN G 15 -13.33 29.98 -15.48
N ASP G 16 -12.17 30.62 -15.41
CA ASP G 16 -10.91 29.97 -15.13
C ASP G 16 -10.05 30.94 -14.35
N PRO G 17 -9.00 30.47 -13.66
CA PRO G 17 -8.13 31.40 -12.91
C PRO G 17 -7.42 32.44 -13.75
N LYS G 18 -7.24 32.21 -15.05
CA LYS G 18 -6.64 33.23 -15.90
C LYS G 18 -7.54 34.45 -16.03
N THR G 19 -8.86 34.23 -16.07
CA THR G 19 -9.83 35.33 -16.22
C THR G 19 -9.86 36.24 -15.00
N LEU G 20 -9.80 35.65 -13.80
CA LEU G 20 -9.82 36.47 -12.59
C LEU G 20 -8.52 37.25 -12.39
N GLU G 21 -7.44 36.91 -13.08
CA GLU G 21 -6.30 37.81 -13.16
C GLU G 21 -6.62 39.04 -13.99
N LEU G 22 -7.48 38.90 -15.01
CA LEU G 22 -7.85 40.02 -15.86
C LEU G 22 -8.78 41.00 -15.15
N PHE G 23 -9.42 40.58 -14.05
CA PHE G 23 -10.21 41.51 -13.24
C PHE G 23 -9.32 42.56 -12.57
N GLY G 24 -8.13 42.16 -12.15
CA GLY G 24 -7.27 43.04 -11.39
C GLY G 24 -6.13 43.65 -12.17
N LYS G 25 -5.90 43.18 -13.40
CA LYS G 25 -4.80 43.69 -14.21
C LYS G 25 -5.24 44.46 -15.44
N VAL G 26 -6.52 44.42 -15.81
CA VAL G 26 -7.04 45.12 -16.98
C VAL G 26 -8.21 46.03 -16.60
N GLY G 27 -9.16 45.51 -15.85
CA GLY G 27 -10.26 46.25 -15.23
C GLY G 27 -9.95 47.60 -14.62
N PRO G 28 -8.94 47.71 -13.73
CA PRO G 28 -8.55 49.03 -13.24
C PRO G 28 -7.99 49.95 -14.31
N LYS G 29 -7.31 49.42 -15.32
CA LYS G 29 -6.76 50.27 -16.37
C LYS G 29 -7.84 50.85 -17.26
N VAL G 30 -8.90 50.08 -17.51
CA VAL G 30 -10.03 50.57 -18.29
C VAL G 30 -10.74 51.69 -17.56
N CYS G 31 -10.90 51.55 -16.24
CA CYS G 31 -11.50 52.60 -15.43
C CYS G 31 -10.65 53.86 -15.38
N MET G 32 -9.32 53.71 -15.44
CA MET G 32 -8.44 54.87 -15.44
C MET G 32 -8.45 55.60 -16.78
N VAL G 33 -8.56 54.87 -17.89
CA VAL G 33 -8.68 55.50 -19.20
C VAL G 33 -10.04 56.19 -19.32
N THR G 34 -11.09 55.55 -18.80
CA THR G 34 -12.43 56.10 -18.82
C THR G 34 -12.54 57.38 -17.99
N ALA G 35 -11.75 57.49 -16.92
CA ALA G 35 -11.75 58.65 -16.05
C ALA G 35 -10.97 59.83 -16.60
N ARG G 36 -10.41 59.73 -17.82
CA ARG G 36 -9.87 60.90 -18.49
C ARG G 36 -10.96 61.87 -18.93
N HIS G 37 -12.18 61.40 -19.13
CA HIS G 37 -13.29 62.24 -19.55
C HIS G 37 -13.98 62.86 -18.35
N PRO G 38 -14.31 64.16 -18.40
CA PRO G 38 -14.93 64.81 -17.24
C PRO G 38 -16.40 64.41 -17.02
N GLY G 39 -17.07 63.90 -18.04
CA GLY G 39 -18.43 63.42 -17.90
C GLY G 39 -18.58 62.08 -17.23
N PHE G 40 -17.48 61.39 -16.98
CA PHE G 40 -17.50 60.12 -16.27
C PHE G 40 -17.72 60.38 -14.79
N VAL G 41 -18.76 59.78 -14.22
CA VAL G 41 -19.08 59.99 -12.81
C VAL G 41 -18.97 58.73 -11.98
N GLY G 42 -18.64 57.59 -12.56
CA GLY G 42 -18.43 56.40 -11.76
C GLY G 42 -18.80 55.14 -12.51
N PHE G 43 -18.64 54.01 -11.81
CA PHE G 43 -18.83 52.71 -12.42
C PHE G 43 -19.29 51.71 -11.36
N GLN G 44 -19.78 50.58 -11.83
CA GLN G 44 -20.16 49.46 -10.97
C GLN G 44 -20.06 48.20 -11.80
N ASN G 45 -19.11 47.33 -11.48
CA ASN G 45 -18.84 46.13 -12.28
C ASN G 45 -19.44 44.91 -11.60
N HIS G 46 -20.08 44.07 -12.39
CA HIS G 46 -20.80 42.91 -11.88
C HIS G 46 -20.30 41.63 -12.53
N VAL G 47 -20.41 40.55 -11.77
CA VAL G 47 -20.30 39.18 -12.29
C VAL G 47 -21.61 38.49 -11.98
N GLN G 48 -22.19 37.84 -12.98
CA GLN G 48 -23.40 37.06 -12.75
C GLN G 48 -23.06 35.81 -11.94
N ILE G 49 -23.76 35.62 -10.83
CA ILE G 49 -23.56 34.45 -9.99
C ILE G 49 -24.72 33.46 -10.08
N GLY G 50 -25.83 33.84 -10.71
CA GLY G 50 -26.94 32.92 -10.81
C GLY G 50 -28.16 33.58 -11.42
N VAL G 51 -29.27 32.87 -11.34
CA VAL G 51 -30.56 33.25 -11.91
C VAL G 51 -31.61 32.97 -10.84
N VAL G 52 -32.59 33.85 -10.71
CA VAL G 52 -33.73 33.59 -9.84
C VAL G 52 -34.59 32.51 -10.51
N PRO G 53 -34.78 31.36 -9.86
CA PRO G 53 -35.49 30.26 -10.53
C PRO G 53 -37.00 30.45 -10.59
N LEU G 54 -37.57 31.22 -9.65
CA LEU G 54 -39.01 31.46 -9.50
C LEU G 54 -39.78 30.14 -9.37
N GLY G 55 -39.47 29.41 -8.31
CA GLY G 55 -39.96 28.05 -8.18
C GLY G 55 -39.24 27.12 -9.12
N THR G 56 -39.96 26.50 -10.05
CA THR G 56 -39.36 25.64 -11.07
C THR G 56 -39.50 26.21 -12.47
N ARG G 57 -39.68 27.53 -12.60
CA ARG G 57 -39.81 28.13 -13.92
C ARG G 57 -38.51 28.03 -14.69
N TRP G 58 -37.40 28.37 -14.06
CA TRP G 58 -36.08 27.96 -14.52
C TRP G 58 -35.48 27.11 -13.41
N GLY G 59 -35.88 25.84 -13.36
CA GLY G 59 -35.50 24.97 -12.28
C GLY G 59 -34.10 24.44 -12.37
N GLY G 60 -33.48 24.51 -13.54
CA GLY G 60 -32.07 24.17 -13.68
C GLY G 60 -31.13 25.25 -13.24
N ALA G 61 -31.66 26.40 -12.86
CA ALA G 61 -30.87 27.54 -12.44
C ALA G 61 -30.99 27.73 -10.93
N LYS G 62 -29.94 28.27 -10.34
CA LYS G 62 -29.88 28.55 -8.91
C LYS G 62 -29.42 29.99 -8.74
N MET G 63 -29.66 30.54 -7.55
CA MET G 63 -29.22 31.90 -7.29
C MET G 63 -27.71 32.00 -7.11
N GLU G 64 -27.09 30.95 -6.59
CA GLU G 64 -25.63 30.88 -6.43
C GLU G 64 -25.14 29.65 -7.16
N MET G 65 -24.83 29.80 -8.46
CA MET G 65 -24.36 28.69 -9.28
C MET G 65 -23.03 29.00 -9.95
N SER G 66 -22.29 29.99 -9.46
CA SER G 66 -21.09 30.45 -10.16
C SER G 66 -19.91 29.50 -10.01
N GLN G 67 -19.92 28.65 -8.99
CA GLN G 67 -18.86 27.67 -8.82
C GLN G 67 -18.93 26.54 -9.84
N GLU G 68 -20.06 26.35 -10.51
CA GLU G 68 -20.24 25.25 -11.43
C GLU G 68 -20.23 25.67 -12.90
N MET G 69 -20.23 26.97 -13.20
CA MET G 69 -20.35 27.43 -14.58
C MET G 69 -19.00 27.48 -15.26
N HIS G 70 -18.99 27.13 -16.55
CA HIS G 70 -17.77 27.22 -17.35
C HIS G 70 -17.50 28.64 -17.84
N SER G 71 -18.51 29.49 -17.84
CA SER G 71 -18.38 30.83 -18.40
C SER G 71 -19.04 31.84 -17.47
N LEU G 72 -18.50 33.05 -17.46
CA LEU G 72 -18.97 34.12 -16.59
C LEU G 72 -19.55 35.25 -17.42
N MET G 73 -20.74 35.69 -17.05
CA MET G 73 -21.35 36.89 -17.60
C MET G 73 -20.94 38.09 -16.78
N LEU G 74 -20.41 39.12 -17.43
CA LEU G 74 -20.00 40.35 -16.78
C LEU G 74 -20.87 41.50 -17.25
N MET G 75 -21.35 42.31 -16.31
CA MET G 75 -22.10 43.53 -16.60
C MET G 75 -21.35 44.70 -15.99
N GLN G 76 -20.69 45.47 -16.82
CA GLN G 76 -19.85 46.57 -16.35
C GLN G 76 -20.58 47.87 -16.60
N TYR G 77 -21.13 48.46 -15.54
CA TYR G 77 -21.85 49.71 -15.67
C TYR G 77 -20.85 50.85 -15.64
N THR G 78 -21.04 51.82 -16.51
CA THR G 78 -20.36 53.10 -16.40
C THR G 78 -21.43 54.19 -16.40
N PHE G 79 -21.21 55.22 -15.59
CA PHE G 79 -22.19 56.25 -15.37
C PHE G 79 -21.68 57.57 -15.96
N TRP G 80 -22.57 58.29 -16.64
CA TRP G 80 -22.18 59.43 -17.46
C TRP G 80 -23.14 60.59 -17.26
N LYS G 81 -22.61 61.81 -17.27
CA LYS G 81 -23.44 63.01 -17.16
C LYS G 81 -24.39 63.15 -18.35
N ASN G 82 -23.91 62.79 -19.54
CA ASN G 82 -24.76 62.63 -20.72
C ASN G 82 -24.24 61.42 -21.49
N TRP G 83 -25.14 60.77 -22.24
CA TRP G 83 -24.73 59.60 -22.99
C TRP G 83 -23.80 59.93 -24.14
N LYS G 84 -23.80 61.18 -24.61
CA LYS G 84 -22.83 61.60 -25.61
C LYS G 84 -21.42 61.68 -25.06
N ASP G 85 -21.29 61.87 -23.73
CA ASP G 85 -19.96 61.85 -23.11
C ASP G 85 -19.33 60.47 -23.19
N HIS G 86 -20.15 59.42 -23.16
CA HIS G 86 -19.63 58.06 -23.30
C HIS G 86 -19.16 57.81 -24.72
N GLU G 87 -19.91 58.28 -25.72
CA GLU G 87 -19.50 58.10 -27.11
C GLU G 87 -18.30 58.96 -27.45
N GLU G 88 -18.20 60.16 -26.86
CA GLU G 88 -17.02 60.99 -27.05
C GLU G 88 -15.79 60.39 -26.36
N MET G 89 -15.99 59.72 -25.22
CA MET G 89 -14.88 59.09 -24.53
C MET G 89 -14.29 57.94 -25.35
N HIS G 90 -15.15 57.12 -25.96
CA HIS G 90 -14.66 55.98 -26.72
C HIS G 90 -13.93 56.40 -27.98
N LYS G 91 -14.35 57.51 -28.59
CA LYS G 91 -13.66 57.96 -29.80
C LYS G 91 -12.31 58.58 -29.47
N GLN G 92 -12.23 59.37 -28.40
CA GLN G 92 -11.00 60.06 -28.06
C GLN G 92 -9.96 59.14 -27.46
N ASN G 93 -10.38 58.05 -26.81
CA ASN G 93 -9.47 57.13 -26.16
C ASN G 93 -9.49 55.76 -26.82
N TRP G 94 -9.69 55.74 -28.14
CA TRP G 94 -9.96 54.49 -28.84
C TRP G 94 -8.77 53.56 -28.88
N ALA G 95 -7.57 54.09 -29.05
CA ALA G 95 -6.38 53.24 -29.13
C ALA G 95 -6.08 52.57 -27.79
N ASN G 96 -6.19 53.32 -26.69
CA ASN G 96 -5.91 52.74 -25.37
C ASN G 96 -6.99 51.73 -24.98
N LEU G 97 -8.26 52.02 -25.31
CA LEU G 97 -9.35 51.15 -24.90
C LEU G 97 -9.42 49.88 -25.73
N PHE G 98 -9.12 49.98 -27.03
CA PHE G 98 -9.08 48.79 -27.87
C PHE G 98 -7.97 47.84 -27.43
N ARG G 99 -6.81 48.38 -27.06
CA ARG G 99 -5.69 47.56 -26.65
C ARG G 99 -5.95 46.87 -25.32
N LEU G 100 -6.65 47.54 -24.41
CA LEU G 100 -6.99 46.94 -23.13
C LEU G 100 -8.05 45.86 -23.29
N CYS G 101 -9.03 46.09 -24.19
CA CYS G 101 -10.09 45.12 -24.40
C CYS G 101 -9.57 43.85 -25.07
N LEU G 102 -8.52 43.98 -25.89
CA LEU G 102 -7.91 42.82 -26.53
C LEU G 102 -6.97 42.06 -25.63
N GLN G 103 -6.69 42.56 -24.41
CA GLN G 103 -6.00 41.73 -23.45
C GLN G 103 -6.91 40.66 -22.86
N CYS G 104 -8.22 40.84 -22.95
CA CYS G 104 -9.21 39.89 -22.48
C CYS G 104 -9.67 38.96 -23.60
N ALA G 105 -8.96 38.96 -24.73
CA ALA G 105 -9.45 38.33 -25.95
C ALA G 105 -9.41 36.81 -25.85
N ASP G 106 -8.34 36.25 -25.30
CA ASP G 106 -8.23 34.79 -25.18
C ASP G 106 -9.12 34.20 -24.11
N GLN G 107 -9.86 35.02 -23.36
CA GLN G 107 -10.88 34.55 -22.44
C GLN G 107 -12.30 34.80 -22.93
N MET G 108 -12.47 35.69 -23.90
CA MET G 108 -13.81 36.15 -24.28
C MET G 108 -14.54 35.14 -25.14
N ILE G 109 -15.81 34.93 -24.83
CA ILE G 109 -16.64 33.97 -25.53
C ILE G 109 -17.72 34.67 -26.36
N TRP G 110 -18.38 35.66 -25.78
CA TRP G 110 -19.39 36.44 -26.46
C TRP G 110 -19.20 37.90 -26.07
N GLY G 111 -19.50 38.80 -26.99
CA GLY G 111 -19.42 40.20 -26.72
C GLY G 111 -18.17 40.86 -27.28
N PRO G 112 -17.91 42.12 -26.92
CA PRO G 112 -18.69 42.98 -26.04
C PRO G 112 -19.93 43.58 -26.69
N TYR G 113 -20.93 43.84 -25.85
CA TYR G 113 -22.19 44.40 -26.29
C TYR G 113 -22.57 45.46 -25.27
N GLU G 114 -22.61 46.73 -25.68
CA GLU G 114 -22.81 47.84 -24.75
C GLU G 114 -24.06 48.64 -25.10
N PRO G 115 -25.23 48.25 -24.59
CA PRO G 115 -26.39 49.12 -24.70
C PRO G 115 -26.29 50.32 -23.76
N LEU G 116 -26.90 51.42 -24.16
CA LEU G 116 -26.93 52.64 -23.38
C LEU G 116 -28.30 52.80 -22.75
N TYR G 117 -28.33 53.31 -21.51
CA TYR G 117 -29.55 53.36 -20.74
C TYR G 117 -29.76 54.74 -20.15
N GLU G 118 -31.02 55.11 -20.04
CA GLU G 118 -31.47 56.29 -19.31
C GLU G 118 -32.11 55.84 -18.01
N ILE G 119 -31.80 56.53 -16.92
CA ILE G 119 -32.38 56.21 -15.62
C ILE G 119 -33.78 56.83 -15.55
N VAL G 120 -34.79 55.98 -15.51
CA VAL G 120 -36.17 56.44 -15.40
C VAL G 120 -36.48 56.80 -13.94
N TYR G 121 -36.13 55.91 -13.02
CA TYR G 121 -36.36 56.07 -11.61
C TYR G 121 -35.09 55.65 -10.89
N ALA G 122 -34.80 56.29 -9.76
CA ALA G 122 -33.65 55.89 -8.96
C ALA G 122 -33.94 56.10 -7.49
N ASN G 123 -33.75 55.05 -6.71
CA ASN G 123 -33.64 55.13 -5.25
C ASN G 123 -32.37 54.37 -4.93
N MET G 124 -31.23 55.03 -5.02
CA MET G 124 -29.93 54.38 -4.84
C MET G 124 -29.14 55.16 -3.81
N PRO G 125 -29.00 54.64 -2.59
CA PRO G 125 -28.34 55.39 -1.53
C PRO G 125 -26.83 55.39 -1.70
N LEU G 126 -26.19 56.16 -0.84
CA LEU G 126 -24.73 56.17 -0.76
C LEU G 126 -24.23 54.85 -0.18
N ASN G 127 -23.18 54.32 -0.77
CA ASN G 127 -22.56 53.11 -0.26
C ASN G 127 -21.78 53.43 1.01
N THR G 128 -22.09 52.72 2.09
CA THR G 128 -21.37 52.84 3.35
C THR G 128 -20.92 51.47 3.81
N GLU G 129 -19.73 51.41 4.39
CA GLU G 129 -19.30 50.22 5.10
C GLU G 129 -19.99 50.14 6.46
N MET G 130 -19.79 49.02 7.14
CA MET G 130 -20.31 48.89 8.50
C MET G 130 -19.54 49.74 9.50
N THR G 131 -18.36 50.24 9.14
CA THR G 131 -17.64 51.18 9.98
C THR G 131 -18.09 52.62 9.77
N ASP G 132 -18.88 52.89 8.74
CA ASP G 132 -19.24 54.25 8.36
C ASP G 132 -20.63 54.67 8.78
N PHE G 133 -21.44 53.80 9.41
CA PHE G 133 -22.82 54.17 9.67
C PHE G 133 -22.95 55.18 10.80
N THR G 134 -21.95 55.24 11.70
CA THR G 134 -21.95 56.27 12.73
C THR G 134 -21.80 57.67 12.14
N VAL G 135 -21.02 57.79 11.06
CA VAL G 135 -20.93 59.07 10.36
C VAL G 135 -22.23 59.37 9.63
N MET G 136 -22.86 58.34 9.07
CA MET G 136 -24.05 58.54 8.24
C MET G 136 -25.24 58.97 9.07
N VAL G 137 -25.51 58.28 10.18
CA VAL G 137 -26.64 58.66 11.01
C VAL G 137 -26.34 59.92 11.82
N GLY G 138 -25.07 60.23 12.05
CA GLY G 138 -24.74 61.45 12.76
C GLY G 138 -24.94 62.69 11.91
N LYS G 139 -24.64 62.58 10.62
CA LYS G 139 -24.83 63.72 9.72
C LYS G 139 -26.30 63.94 9.41
N LYS G 140 -27.09 62.87 9.32
CA LYS G 140 -28.51 63.00 9.03
C LYS G 140 -29.31 63.46 10.23
N PHE G 141 -28.88 63.11 11.45
CA PHE G 141 -29.54 63.64 12.63
C PHE G 141 -29.21 65.11 12.86
N ALA G 142 -27.99 65.52 12.52
CA ALA G 142 -27.61 66.93 12.71
C ALA G 142 -28.28 67.82 11.69
N ALA G 143 -28.66 67.28 10.54
CA ALA G 143 -29.35 68.03 9.50
C ALA G 143 -30.86 67.92 9.61
N GLY G 144 -31.37 67.25 10.64
CA GLY G 144 -32.80 67.08 10.79
C GLY G 144 -33.45 66.18 9.77
N GLU G 145 -32.70 65.23 9.21
CA GLU G 145 -33.24 64.33 8.20
C GLU G 145 -33.16 62.88 8.68
N ALA G 146 -33.61 62.63 9.91
CA ALA G 146 -33.62 61.26 10.44
C ALA G 146 -34.61 60.37 9.71
N VAL G 147 -35.66 60.95 9.11
CA VAL G 147 -36.65 60.15 8.42
C VAL G 147 -36.11 59.62 7.08
N SER G 148 -35.05 60.22 6.55
CA SER G 148 -34.46 59.81 5.29
C SER G 148 -33.08 59.18 5.48
N ILE G 149 -32.91 58.42 6.57
CA ILE G 149 -31.66 57.70 6.78
C ILE G 149 -31.68 56.44 5.93
N PRO G 150 -30.69 56.22 5.07
CA PRO G 150 -30.73 55.10 4.15
C PRO G 150 -30.26 53.81 4.81
N PRO G 151 -30.52 52.65 4.21
CA PRO G 151 -29.94 51.41 4.73
C PRO G 151 -28.45 51.34 4.44
N ILE G 152 -27.77 50.48 5.19
CA ILE G 152 -26.33 50.29 5.03
C ILE G 152 -26.09 49.43 3.79
N SER G 153 -25.64 50.05 2.72
CA SER G 153 -25.37 49.36 1.46
C SER G 153 -23.86 49.17 1.35
N GLN G 154 -23.39 47.98 1.63
CA GLN G 154 -21.96 47.73 1.73
C GLN G 154 -21.35 47.55 0.35
N PRO G 155 -20.25 48.24 0.05
CA PRO G 155 -19.64 48.11 -1.28
C PRO G 155 -18.74 46.87 -1.38
N TYR G 156 -18.31 46.62 -2.61
CA TYR G 156 -17.24 45.67 -2.97
C TYR G 156 -17.58 44.23 -2.59
N GLY G 157 -18.65 43.73 -3.20
CA GLY G 157 -18.98 42.33 -3.14
C GLY G 157 -19.80 41.88 -1.95
N LYS G 158 -20.26 42.79 -1.10
CA LYS G 158 -20.98 42.44 0.11
C LYS G 158 -22.48 42.57 -0.03
N ARG G 159 -22.99 42.64 -1.26
CA ARG G 159 -24.42 42.64 -1.50
C ARG G 159 -24.64 41.98 -2.85
N VAL G 160 -25.90 41.78 -3.21
CA VAL G 160 -26.24 41.15 -4.48
C VAL G 160 -27.17 42.07 -5.25
N VAL G 161 -27.17 41.89 -6.57
CA VAL G 161 -27.96 42.70 -7.48
C VAL G 161 -28.89 41.77 -8.25
N ALA G 162 -30.17 42.13 -8.30
CA ALA G 162 -31.13 41.49 -9.17
C ALA G 162 -31.24 42.28 -10.45
N PHE G 163 -30.92 41.64 -11.56
CA PHE G 163 -30.86 42.26 -12.89
C PHE G 163 -32.10 41.79 -13.65
N GLY G 164 -33.15 42.60 -13.63
CA GLY G 164 -34.43 42.20 -14.18
C GLY G 164 -34.71 42.70 -15.58
N GLU G 165 -34.70 41.79 -16.54
CA GLU G 165 -34.89 42.16 -17.94
C GLU G 165 -36.37 42.15 -18.30
N HIS G 166 -36.84 43.26 -18.86
CA HIS G 166 -38.23 43.40 -19.26
C HIS G 166 -38.29 44.00 -20.65
N ILE G 167 -39.04 43.38 -21.54
CA ILE G 167 -39.32 43.95 -22.86
C ILE G 167 -40.80 44.27 -22.92
N VAL G 168 -41.12 45.53 -23.18
CA VAL G 168 -42.46 46.07 -23.02
C VAL G 168 -43.06 46.32 -24.40
N LYS G 169 -44.31 45.91 -24.58
CA LYS G 169 -45.06 46.11 -25.82
C LYS G 169 -45.14 47.59 -26.20
N GLU G 170 -45.19 47.84 -27.51
CA GLU G 170 -45.33 49.19 -28.05
C GLU G 170 -46.64 49.83 -27.59
N GLY G 171 -46.54 51.00 -26.98
CA GLY G 171 -47.67 51.72 -26.48
C GLY G 171 -47.95 51.54 -25.00
N LEU G 172 -47.37 50.51 -24.38
CA LEU G 172 -47.56 50.24 -22.96
C LEU G 172 -46.35 50.64 -22.12
N GLU G 173 -45.48 51.52 -22.64
CA GLU G 173 -44.31 51.94 -21.88
C GLU G 173 -44.69 52.87 -20.74
N ASN G 174 -45.74 53.67 -20.90
CA ASN G 174 -46.19 54.53 -19.80
C ASN G 174 -46.82 53.72 -18.67
N GLN G 175 -47.49 52.61 -19.01
CA GLN G 175 -48.06 51.76 -17.96
C GLN G 175 -46.98 50.97 -17.25
N PHE G 176 -45.93 50.55 -17.96
CA PHE G 176 -44.83 49.85 -17.30
C PHE G 176 -44.15 50.75 -16.29
N GLU G 177 -43.76 51.96 -16.71
CA GLU G 177 -42.96 52.82 -15.86
C GLU G 177 -43.72 53.30 -14.64
N GLU G 178 -45.04 53.44 -14.75
CA GLU G 178 -45.84 53.86 -13.60
C GLU G 178 -45.88 52.78 -12.52
N TYR G 179 -46.13 51.54 -12.92
CA TYR G 179 -46.31 50.47 -11.95
C TYR G 179 -45.03 49.74 -11.59
N ALA G 180 -43.98 49.83 -12.42
CA ALA G 180 -42.69 49.32 -11.97
C ALA G 180 -42.07 50.24 -10.93
N ILE G 181 -42.39 51.53 -10.98
CA ILE G 181 -41.98 52.45 -9.93
C ILE G 181 -42.71 52.11 -8.63
N LYS G 182 -44.01 51.86 -8.71
CA LYS G 182 -44.80 51.48 -7.54
C LYS G 182 -44.36 50.14 -6.96
N THR G 183 -43.84 49.24 -7.80
CA THR G 183 -43.28 47.99 -7.30
C THR G 183 -42.00 48.23 -6.53
N LEU G 184 -41.16 49.15 -7.01
CA LEU G 184 -39.90 49.44 -6.34
C LEU G 184 -40.09 50.25 -5.07
N GLU G 185 -41.15 51.05 -4.99
CA GLU G 185 -41.49 51.70 -3.72
C GLU G 185 -42.03 50.70 -2.72
N ALA G 186 -42.70 49.65 -3.19
CA ALA G 186 -43.16 48.59 -2.31
C ALA G 186 -42.02 47.73 -1.78
N PHE G 187 -40.89 47.66 -2.51
CA PHE G 187 -39.74 46.92 -2.04
C PHE G 187 -39.06 47.59 -0.85
N ARG G 188 -39.33 48.87 -0.61
CA ARG G 188 -38.76 49.58 0.55
C ARG G 188 -39.18 48.94 1.88
N SER G 189 -40.31 48.26 1.91
CA SER G 189 -40.73 47.54 3.10
C SER G 189 -40.03 46.20 3.27
N ALA G 190 -39.43 45.66 2.21
CA ALA G 190 -38.84 44.33 2.30
C ALA G 190 -37.54 44.37 3.10
N PRO G 191 -37.29 43.36 3.93
CA PRO G 191 -36.01 43.32 4.67
C PRO G 191 -34.84 43.05 3.74
N GLY G 192 -33.77 43.80 3.96
CA GLY G 192 -32.58 43.67 3.15
C GLY G 192 -32.61 44.39 1.83
N PHE G 193 -33.67 45.13 1.52
CA PHE G 193 -33.71 45.92 0.31
C PHE G 193 -32.77 47.10 0.45
N LEU G 194 -31.83 47.22 -0.47
CA LEU G 194 -30.81 48.25 -0.41
C LEU G 194 -30.99 49.34 -1.42
N GLY G 195 -32.02 49.27 -2.27
CA GLY G 195 -32.29 50.29 -3.24
C GLY G 195 -32.46 49.74 -4.63
N GLY G 196 -32.94 50.61 -5.51
CA GLY G 196 -33.32 50.16 -6.83
C GLY G 196 -33.36 51.29 -7.84
N MET G 197 -33.24 50.92 -9.11
CA MET G 197 -33.39 51.86 -10.21
C MET G 197 -33.98 51.15 -11.41
N ILE G 198 -34.60 51.93 -12.29
CA ILE G 198 -35.21 51.43 -13.51
C ILE G 198 -34.48 52.06 -14.68
N LEU G 199 -33.92 51.21 -15.55
CA LEU G 199 -33.12 51.65 -16.68
C LEU G 199 -33.89 51.41 -17.97
N LYS G 200 -33.85 52.39 -18.87
CA LYS G 200 -34.55 52.33 -20.15
C LYS G 200 -33.52 52.42 -21.26
N GLU G 201 -33.48 51.40 -22.13
CA GLU G 201 -32.49 51.37 -23.21
C GLU G 201 -32.79 52.42 -24.26
N ILE G 202 -31.77 53.22 -24.59
CA ILE G 202 -31.91 54.30 -25.55
C ILE G 202 -30.97 54.15 -26.74
N GLY G 203 -30.16 53.10 -26.78
CA GLY G 203 -29.23 52.93 -27.86
C GLY G 203 -28.17 51.92 -27.50
N VAL G 204 -27.29 51.64 -28.47
CA VAL G 204 -26.17 50.73 -28.31
C VAL G 204 -24.92 51.43 -28.82
N SER G 205 -23.89 51.50 -27.99
CA SER G 205 -22.62 52.09 -28.38
C SER G 205 -21.92 51.26 -29.45
N PRO G 206 -21.59 51.81 -30.61
CA PRO G 206 -20.87 51.00 -31.62
C PRO G 206 -19.43 50.71 -31.26
N LEU G 207 -18.69 51.69 -30.74
CA LEU G 207 -17.29 51.47 -30.39
C LEU G 207 -17.15 50.58 -29.17
N GLY G 208 -18.06 50.72 -28.21
CA GLY G 208 -18.09 49.82 -27.07
C GLY G 208 -18.48 48.39 -27.40
N SER G 209 -19.16 48.20 -28.53
CA SER G 209 -19.54 46.86 -28.98
C SER G 209 -18.58 46.30 -30.03
N LEU G 210 -17.49 47.03 -30.32
CA LEU G 210 -16.51 46.69 -31.36
C LEU G 210 -17.17 46.51 -32.72
N GLN G 211 -18.14 47.36 -33.03
CA GLN G 211 -18.88 47.29 -34.28
C GLN G 211 -18.40 48.42 -35.17
N LEU G 212 -17.51 48.09 -36.09
CA LEU G 212 -16.95 49.02 -37.06
C LEU G 212 -17.51 48.70 -38.44
N ASN G 213 -17.04 49.43 -39.45
CA ASN G 213 -17.37 49.11 -40.82
C ASN G 213 -16.51 47.91 -41.28
N ALA G 214 -16.56 47.60 -42.57
CA ALA G 214 -15.92 46.39 -43.08
C ALA G 214 -14.39 46.45 -42.97
N LYS G 215 -13.82 47.64 -43.19
CA LYS G 215 -12.37 47.77 -43.04
C LYS G 215 -11.97 47.70 -41.57
N GLY G 216 -12.76 48.31 -40.69
CA GLY G 216 -12.45 48.26 -39.27
C GLY G 216 -12.63 46.88 -38.66
N PHE G 217 -13.62 46.13 -39.14
CA PHE G 217 -13.84 44.77 -38.63
C PHE G 217 -12.69 43.85 -38.99
N HIS G 218 -12.13 44.01 -40.20
CA HIS G 218 -11.01 43.17 -40.59
C HIS G 218 -9.75 43.54 -39.83
N GLN G 219 -9.57 44.81 -39.49
CA GLN G 219 -8.41 45.21 -38.71
C GLN G 219 -8.50 44.71 -37.26
N ILE G 220 -9.72 44.51 -36.76
CA ILE G 220 -9.88 43.89 -35.44
C ILE G 220 -9.42 42.44 -35.48
N LEU G 221 -9.80 41.70 -36.52
CA LEU G 221 -9.39 40.30 -36.64
C LEU G 221 -7.91 40.16 -36.94
N GLU G 222 -7.31 41.13 -37.62
CA GLU G 222 -5.95 40.97 -38.13
C GLU G 222 -4.88 41.44 -37.16
N THR G 223 -5.22 42.21 -36.13
CA THR G 223 -4.21 42.88 -35.34
C THR G 223 -3.52 41.92 -34.38
N ALA G 224 -2.26 42.22 -34.11
CA ALA G 224 -1.46 41.47 -33.13
C ALA G 224 -1.52 42.23 -31.83
N ASN G 225 -2.38 41.76 -30.92
CA ASN G 225 -2.56 42.26 -29.55
C ASN G 225 -2.99 43.73 -29.51
N GLY G 226 -3.57 44.25 -30.58
CA GLY G 226 -4.02 45.62 -30.61
C GLY G 226 -3.00 46.65 -31.01
N MET G 227 -1.76 46.25 -31.35
CA MET G 227 -0.75 47.20 -31.79
C MET G 227 -1.15 47.89 -33.09
N ASP G 228 -1.91 47.19 -33.92
CA ASP G 228 -2.44 47.72 -35.18
C ASP G 228 -3.86 48.18 -34.90
N VAL G 229 -4.03 49.47 -34.64
CA VAL G 229 -5.32 49.98 -34.17
C VAL G 229 -6.22 50.23 -35.38
N PRO G 230 -7.45 49.71 -35.37
CA PRO G 230 -8.37 50.01 -36.47
C PRO G 230 -8.82 51.46 -36.44
N GLU G 231 -9.13 51.96 -37.62
CA GLU G 231 -9.71 53.29 -37.72
C GLU G 231 -11.13 53.23 -37.18
N PRO G 232 -11.49 54.04 -36.17
CA PRO G 232 -12.79 53.86 -35.50
C PRO G 232 -13.95 54.49 -36.26
N VAL G 233 -14.18 54.01 -37.48
CA VAL G 233 -15.29 54.45 -38.31
C VAL G 233 -16.39 53.41 -38.20
N THR G 234 -17.55 53.84 -37.75
CA THR G 234 -18.73 52.99 -37.63
C THR G 234 -19.75 53.38 -38.69
N ILE G 235 -20.69 52.47 -38.94
CA ILE G 235 -21.74 52.76 -39.91
C ILE G 235 -22.98 53.33 -39.25
N TYR G 236 -23.02 53.41 -37.92
CA TYR G 236 -24.17 53.93 -37.21
C TYR G 236 -23.72 54.65 -35.96
N GLU G 237 -24.58 55.52 -35.48
CA GLU G 237 -24.42 56.10 -34.14
C GLU G 237 -25.40 55.42 -33.20
N ALA G 238 -25.21 55.68 -31.91
CA ALA G 238 -25.89 54.89 -30.87
C ALA G 238 -27.42 54.90 -30.90
N PRO G 239 -28.14 56.02 -31.15
CA PRO G 239 -29.61 55.90 -31.27
C PRO G 239 -30.11 55.19 -32.53
N GLU G 240 -29.25 54.92 -33.51
CA GLU G 240 -29.68 54.17 -34.68
C GLU G 240 -29.80 52.68 -34.42
N PHE G 241 -29.18 52.17 -33.35
CA PHE G 241 -29.41 50.82 -32.87
C PHE G 241 -30.12 50.99 -31.54
N ARG G 242 -31.42 51.22 -31.60
CA ARG G 242 -32.28 51.27 -30.43
C ARG G 242 -33.31 50.17 -30.60
N ASN G 243 -33.29 49.20 -29.71
CA ASN G 243 -34.11 48.01 -29.87
C ASN G 243 -35.59 48.33 -29.65
N ARG G 244 -36.41 47.91 -30.60
CA ARG G 244 -37.84 47.97 -30.47
C ARG G 244 -38.38 46.54 -30.51
N PRO G 245 -39.31 46.17 -29.62
CA PRO G 245 -39.95 46.90 -28.51
C PRO G 245 -39.00 47.24 -27.36
N GLN G 246 -39.45 48.14 -26.47
CA GLN G 246 -38.56 48.83 -25.56
C GLN G 246 -38.03 47.91 -24.46
N ARG G 247 -36.72 47.90 -24.30
CA ARG G 247 -36.06 47.11 -23.26
C ARG G 247 -35.94 47.92 -21.98
N TYR G 248 -36.24 47.27 -20.86
CA TYR G 248 -36.07 47.87 -19.55
C TYR G 248 -35.24 46.96 -18.68
N ILE G 249 -34.38 47.55 -17.86
CA ILE G 249 -33.71 46.84 -16.79
C ILE G 249 -34.30 47.33 -15.48
N VAL G 250 -34.79 46.39 -14.67
CA VAL G 250 -35.18 46.68 -13.30
C VAL G 250 -34.05 46.18 -12.41
N HIS G 251 -33.28 47.11 -11.87
CA HIS G 251 -32.08 46.84 -11.11
C HIS G 251 -32.39 47.06 -9.64
N THR G 252 -32.34 46.01 -8.83
CA THR G 252 -32.57 46.10 -7.39
C THR G 252 -31.42 45.48 -6.64
N GLU G 253 -31.12 46.03 -5.47
CA GLU G 253 -29.98 45.61 -4.68
C GLU G 253 -30.46 45.08 -3.34
N TRP G 254 -29.83 43.99 -2.89
CA TRP G 254 -30.28 43.23 -1.74
C TRP G 254 -29.07 42.84 -0.91
N SER G 255 -29.28 42.69 0.39
CA SER G 255 -28.16 42.42 1.29
C SER G 255 -27.60 41.00 1.10
N ASP G 256 -28.45 40.04 0.75
CA ASP G 256 -28.03 38.68 0.47
C ASP G 256 -29.05 38.05 -0.46
N THR G 257 -28.78 36.81 -0.88
CA THR G 257 -29.66 36.16 -1.86
C THR G 257 -30.97 35.70 -1.23
N ASN G 258 -30.99 35.44 0.08
CA ASN G 258 -32.23 35.12 0.75
C ASN G 258 -33.15 36.33 0.81
N ALA G 259 -32.60 37.51 1.12
CA ALA G 259 -33.38 38.74 1.10
C ALA G 259 -33.85 39.06 -0.32
N LEU G 260 -33.03 38.73 -1.32
CA LEU G 260 -33.42 38.92 -2.71
C LEU G 260 -34.58 38.00 -3.08
N MET G 261 -34.50 36.72 -2.70
CA MET G 261 -35.49 35.73 -3.12
C MET G 261 -36.85 36.01 -2.51
N PHE G 262 -36.90 36.32 -1.21
CA PHE G 262 -38.18 36.61 -0.58
C PHE G 262 -38.61 38.07 -0.78
N GLY G 263 -37.68 38.97 -1.06
CA GLY G 263 -38.03 40.35 -1.33
C GLY G 263 -38.63 40.54 -2.70
N LEU G 264 -37.93 40.05 -3.73
CA LEU G 264 -38.49 40.04 -5.08
C LEU G 264 -39.71 39.15 -5.18
N GLY G 265 -39.75 38.09 -4.38
CA GLY G 265 -40.88 37.18 -4.34
C GLY G 265 -42.18 37.79 -3.85
N ARG G 266 -42.13 38.99 -3.26
CA ARG G 266 -43.34 39.70 -2.83
C ARG G 266 -44.27 40.04 -3.99
N VAL G 267 -43.76 40.11 -5.22
CA VAL G 267 -44.64 40.26 -6.38
C VAL G 267 -45.40 38.98 -6.70
N LEU G 268 -45.06 37.87 -6.05
CA LEU G 268 -45.79 36.61 -6.18
C LEU G 268 -46.54 36.19 -4.92
N ILE G 269 -46.04 36.51 -3.73
CA ILE G 269 -46.58 35.96 -2.51
C ILE G 269 -47.24 37.01 -1.61
N TYR G 270 -46.98 38.29 -1.82
CA TYR G 270 -47.62 39.34 -1.04
C TYR G 270 -48.77 39.90 -1.87
N PRO G 271 -50.02 39.71 -1.45
CA PRO G 271 -51.16 40.02 -2.33
C PRO G 271 -51.32 41.51 -2.67
N GLU G 272 -50.90 42.42 -1.80
CA GLU G 272 -50.99 43.84 -2.12
C GLU G 272 -49.96 44.26 -3.17
N VAL G 273 -48.75 43.72 -3.11
CA VAL G 273 -47.74 44.01 -4.12
C VAL G 273 -48.01 43.24 -5.40
N ARG G 274 -48.67 42.08 -5.28
CA ARG G 274 -48.98 41.23 -6.42
C ARG G 274 -49.94 41.91 -7.39
N GLN G 275 -50.92 42.68 -6.88
CA GLN G 275 -51.80 43.42 -7.78
C GLN G 275 -51.09 44.56 -8.48
N ILE G 276 -50.10 45.17 -7.83
CA ILE G 276 -49.33 46.23 -8.45
C ILE G 276 -48.49 45.68 -9.60
N HIS G 277 -47.77 44.59 -9.35
CA HIS G 277 -46.89 44.00 -10.35
C HIS G 277 -47.66 43.26 -11.45
N ASP G 278 -48.94 42.97 -11.24
CA ASP G 278 -49.76 42.41 -12.31
C ASP G 278 -49.94 43.41 -13.45
N LYS G 279 -49.94 44.71 -13.14
CA LYS G 279 -50.02 45.71 -14.18
C LYS G 279 -48.71 45.82 -14.96
N VAL G 280 -47.59 45.50 -14.31
CA VAL G 280 -46.32 45.40 -15.02
C VAL G 280 -46.32 44.21 -15.97
N LEU G 281 -46.83 43.07 -15.50
CA LEU G 281 -46.83 41.84 -16.29
C LEU G 281 -47.73 41.95 -17.51
N ASP G 282 -48.78 42.75 -17.44
CA ASP G 282 -49.68 42.95 -18.56
C ASP G 282 -49.13 43.87 -19.65
N THR G 283 -47.90 44.35 -19.52
CA THR G 283 -47.26 45.16 -20.56
C THR G 283 -46.11 44.44 -21.24
N LEU G 284 -45.76 43.24 -20.81
CA LEU G 284 -44.51 42.59 -21.20
C LEU G 284 -44.72 41.66 -22.40
N VAL G 285 -43.90 41.83 -23.44
CA VAL G 285 -43.80 40.80 -24.45
C VAL G 285 -42.72 39.78 -24.11
N TYR G 286 -41.77 40.14 -23.24
CA TYR G 286 -40.75 39.21 -22.79
C TYR G 286 -40.42 39.52 -21.34
N GLY G 287 -40.25 38.48 -20.55
CA GLY G 287 -39.84 38.62 -19.18
C GLY G 287 -40.95 38.37 -18.20
N PRO G 288 -40.66 38.48 -16.90
CA PRO G 288 -39.37 38.90 -16.33
C PRO G 288 -38.35 37.77 -16.16
N TYR G 289 -37.12 38.04 -16.56
CA TYR G 289 -36.00 37.15 -16.37
C TYR G 289 -34.98 37.87 -15.51
N ILE G 290 -34.65 37.30 -14.35
CA ILE G 290 -33.89 38.00 -13.32
C ILE G 290 -32.56 37.28 -13.12
N ARG G 291 -31.48 37.94 -13.49
CA ARG G 291 -30.14 37.45 -13.20
C ARG G 291 -29.68 37.97 -11.84
N VAL G 292 -28.86 37.18 -11.17
CA VAL G 292 -28.29 37.54 -9.88
C VAL G 292 -26.84 37.93 -10.11
N LEU G 293 -26.50 39.14 -9.72
CA LEU G 293 -25.17 39.69 -9.99
C LEU G 293 -24.45 40.01 -8.69
N ASN G 294 -23.13 39.88 -8.74
CA ASN G 294 -22.28 40.26 -7.61
C ASN G 294 -21.49 41.49 -7.98
N PRO G 295 -21.70 42.62 -7.32
CA PRO G 295 -20.93 43.83 -7.64
C PRO G 295 -19.53 43.84 -7.03
N MET G 296 -18.56 43.24 -7.73
CA MET G 296 -17.20 43.13 -7.20
C MET G 296 -16.50 44.49 -7.14
N MET G 297 -16.29 45.12 -8.29
CA MET G 297 -15.49 46.33 -8.39
C MET G 297 -16.41 47.51 -8.61
N GLU G 298 -16.25 48.55 -7.79
CA GLU G 298 -17.20 49.65 -7.78
C GLU G 298 -16.50 51.00 -7.73
N GLY G 299 -17.15 51.97 -8.33
CA GLY G 299 -16.81 53.38 -8.33
C GLY G 299 -17.85 54.18 -7.58
N THR G 300 -18.14 53.79 -6.33
CA THR G 300 -19.31 54.18 -5.53
C THR G 300 -19.66 55.67 -5.46
N TYR G 301 -18.77 56.54 -5.88
CA TYR G 301 -19.01 57.97 -5.99
C TYR G 301 -20.00 58.35 -7.10
N TRP G 302 -20.46 57.39 -7.92
CA TRP G 302 -21.55 57.70 -8.86
C TRP G 302 -22.86 57.95 -8.13
N ARG G 303 -23.04 57.36 -6.95
CA ARG G 303 -24.20 57.66 -6.14
C ARG G 303 -24.10 59.01 -5.44
N GLU G 304 -22.88 59.52 -5.25
CA GLU G 304 -22.73 60.89 -4.77
C GLU G 304 -23.20 61.89 -5.80
N TYR G 305 -22.94 61.61 -7.08
CA TYR G 305 -23.47 62.45 -8.15
C TYR G 305 -24.98 62.34 -8.25
N LEU G 306 -25.51 61.13 -8.04
CA LEU G 306 -26.95 60.90 -8.19
C LEU G 306 -27.73 61.55 -7.05
N ASN G 307 -27.24 61.42 -5.82
CA ASN G 307 -27.94 61.93 -4.65
C ASN G 307 -27.53 63.34 -4.27
N GLU G 308 -26.55 63.92 -4.98
CA GLU G 308 -26.09 65.31 -4.82
C GLU G 308 -25.57 65.57 -3.41
N TYR G 309 -24.93 64.57 -2.82
CA TYR G 309 -24.48 64.60 -1.44
C TYR G 309 -23.47 63.48 -1.27
N HIS G 310 -22.43 63.73 -0.48
CA HIS G 310 -21.43 62.70 -0.20
C HIS G 310 -21.35 62.45 1.30
N LEU G 311 -20.61 61.41 1.66
CA LEU G 311 -20.43 60.89 3.03
C LEU G 311 -21.75 60.59 3.75
N PRO H 2 23.82 -35.67 57.06
CA PRO H 2 24.90 -36.43 56.43
C PRO H 2 25.03 -36.07 54.95
N LYS H 3 26.01 -36.66 54.27
CA LYS H 3 26.17 -36.40 52.85
C LYS H 3 25.33 -37.38 52.05
N PRO H 4 24.37 -36.92 51.26
CA PRO H 4 23.60 -37.84 50.43
C PRO H 4 24.37 -38.29 49.20
N TYR H 5 23.77 -39.23 48.48
CA TYR H 5 24.26 -39.66 47.19
C TYR H 5 23.42 -39.01 46.10
N VAL H 6 24.03 -38.74 44.96
CA VAL H 6 23.38 -38.01 43.89
C VAL H 6 23.25 -38.91 42.67
N ALA H 7 22.04 -39.00 42.14
CA ALA H 7 21.80 -39.52 40.79
C ALA H 7 21.53 -38.32 39.88
N ILE H 8 22.26 -38.24 38.78
CA ILE H 8 22.11 -37.14 37.84
C ILE H 8 21.55 -37.70 36.53
N ASN H 9 20.28 -37.45 36.28
CA ASN H 9 19.64 -37.89 35.05
C ASN H 9 19.89 -36.86 33.96
N MET H 10 20.55 -37.29 32.88
CA MET H 10 20.94 -36.43 31.78
C MET H 10 20.15 -36.80 30.53
N VAL H 11 19.42 -35.84 29.98
CA VAL H 11 18.67 -36.01 28.75
C VAL H 11 18.89 -34.80 27.85
N GLU H 12 18.86 -35.04 26.55
CA GLU H 12 18.79 -33.97 25.55
C GLU H 12 17.39 -33.97 24.96
N VAL H 13 16.70 -32.84 25.04
CA VAL H 13 15.35 -32.71 24.53
C VAL H 13 15.31 -31.55 23.55
N ARG H 14 14.26 -31.51 22.74
CA ARG H 14 14.07 -30.41 21.80
C ARG H 14 13.79 -29.10 22.53
N ASN H 15 14.23 -28.00 21.96
CA ASN H 15 13.96 -26.66 22.52
C ASN H 15 12.78 -26.07 21.74
N ASP H 16 11.58 -26.39 22.19
CA ASP H 16 10.34 -25.94 21.57
C ASP H 16 9.32 -25.75 22.68
N PRO H 17 8.23 -25.01 22.42
CA PRO H 17 7.21 -24.81 23.46
C PRO H 17 6.52 -26.09 23.94
N LYS H 18 6.53 -27.16 23.15
CA LYS H 18 5.97 -28.42 23.62
C LYS H 18 6.78 -29.00 24.76
N THR H 19 8.11 -28.84 24.73
CA THR H 19 8.99 -29.39 25.75
C THR H 19 8.81 -28.69 27.10
N LEU H 20 8.64 -27.37 27.08
CA LEU H 20 8.44 -26.66 28.34
C LEU H 20 7.07 -26.92 28.96
N GLU H 21 6.12 -27.48 28.22
CA GLU H 21 4.93 -28.03 28.85
C GLU H 21 5.25 -29.30 29.63
N LEU H 22 6.24 -30.08 29.17
CA LEU H 22 6.63 -31.30 29.85
C LEU H 22 7.38 -31.03 31.15
N PHE H 23 7.90 -29.82 31.34
CA PHE H 23 8.51 -29.44 32.61
C PHE H 23 7.47 -29.38 33.72
N GLY H 24 6.27 -28.93 33.40
CA GLY H 24 5.25 -28.70 34.41
C GLY H 24 4.18 -29.76 34.47
N LYS H 25 4.14 -30.66 33.49
CA LYS H 25 3.11 -31.70 33.46
C LYS H 25 3.65 -33.10 33.67
N VAL H 26 4.96 -33.31 33.63
CA VAL H 26 5.57 -34.63 33.82
C VAL H 26 6.60 -34.61 34.94
N GLY H 27 7.50 -33.62 34.92
CA GLY H 27 8.44 -33.32 35.99
C GLY H 27 7.95 -33.39 37.42
N PRO H 28 6.83 -32.73 37.76
CA PRO H 28 6.29 -32.90 39.12
C PRO H 28 5.79 -34.31 39.41
N LYS H 29 5.29 -35.03 38.41
CA LYS H 29 4.80 -36.39 38.65
C LYS H 29 5.95 -37.36 38.91
N VAL H 30 7.09 -37.16 38.25
CA VAL H 30 8.26 -37.98 38.49
C VAL H 30 8.79 -37.77 39.90
N CYS H 31 8.79 -36.52 40.36
CA CYS H 31 9.20 -36.21 41.73
C CYS H 31 8.25 -36.80 42.76
N MET H 32 6.96 -36.89 42.44
CA MET H 32 5.99 -37.46 43.37
C MET H 32 6.11 -38.98 43.44
N VAL H 33 6.42 -39.64 42.32
CA VAL H 33 6.66 -41.08 42.33
C VAL H 33 7.97 -41.40 43.06
N THR H 34 8.98 -40.56 42.85
CA THR H 34 10.27 -40.72 43.50
C THR H 34 10.17 -40.54 45.01
N ALA H 35 9.25 -39.70 45.47
CA ALA H 35 9.05 -39.43 46.89
C ALA H 35 8.25 -40.51 47.61
N ARG H 36 7.86 -41.59 46.92
CA ARG H 36 7.32 -42.76 47.60
C ARG H 36 8.38 -43.49 48.42
N HIS H 37 9.65 -43.37 48.06
CA HIS H 37 10.73 -44.03 48.77
C HIS H 37 11.21 -43.18 49.94
N PRO H 38 11.44 -43.78 51.11
CA PRO H 38 11.87 -42.97 52.27
C PRO H 38 13.32 -42.50 52.19
N GLY H 39 14.15 -43.13 51.38
CA GLY H 39 15.52 -42.68 51.19
C GLY H 39 15.69 -41.47 50.29
N PHE H 40 14.62 -41.03 49.65
CA PHE H 40 14.65 -39.83 48.83
C PHE H 40 14.67 -38.61 49.73
N VAL H 41 15.67 -37.75 49.57
CA VAL H 41 15.79 -36.56 50.41
C VAL H 41 15.67 -35.27 49.62
N GLY H 42 15.51 -35.31 48.32
CA GLY H 42 15.31 -34.08 47.57
C GLY H 42 15.84 -34.16 46.17
N PHE H 43 15.69 -33.06 45.45
CA PHE H 43 16.06 -33.00 44.04
C PHE H 43 16.46 -31.58 43.67
N GLN H 44 17.10 -31.47 42.51
CA GLN H 44 17.45 -30.17 41.94
C GLN H 44 17.55 -30.35 40.44
N ASN H 45 16.64 -29.75 39.69
CA ASN H 45 16.56 -29.95 38.25
C ASN H 45 17.17 -28.76 37.51
N HIS H 46 17.97 -29.05 36.50
CA HIS H 46 18.70 -28.02 35.78
C HIS H 46 18.40 -28.07 34.29
N VAL H 47 18.49 -26.90 33.66
CA VAL H 47 18.55 -26.77 32.21
C VAL H 47 19.88 -26.09 31.89
N GLN H 48 20.63 -26.65 30.94
CA GLN H 48 21.85 -25.99 30.51
C GLN H 48 21.51 -24.75 29.69
N ILE H 49 22.07 -23.62 30.09
CA ILE H 49 21.86 -22.36 29.38
C ILE H 49 23.10 -21.91 28.63
N GLY H 50 24.24 -22.55 28.82
CA GLY H 50 25.43 -22.15 28.09
C GLY H 50 26.66 -22.90 28.58
N VAL H 51 27.81 -22.42 28.11
CA VAL H 51 29.12 -22.99 28.36
C VAL H 51 30.05 -21.84 28.71
N VAL H 52 30.93 -22.03 29.68
CA VAL H 52 31.97 -21.06 29.96
C VAL H 52 32.99 -21.10 28.82
N PRO H 53 33.19 -20.00 28.09
CA PRO H 53 34.06 -20.05 26.92
C PRO H 53 35.55 -20.07 27.24
N LEU H 54 35.93 -19.54 28.41
CA LEU H 54 37.32 -19.39 28.87
C LEU H 54 38.16 -18.63 27.84
N GLY H 55 37.78 -17.38 27.61
CA GLY H 55 38.36 -16.62 26.52
C GLY H 55 37.83 -17.11 25.19
N THR H 56 38.71 -17.61 24.32
CA THR H 56 38.31 -18.18 23.04
C THR H 56 38.58 -19.68 22.96
N ARG H 57 38.67 -20.36 24.09
CA ARG H 57 38.92 -21.80 24.08
C ARG H 57 37.74 -22.54 23.49
N TRP H 58 36.53 -22.22 23.94
CA TRP H 58 35.32 -22.55 23.20
C TRP H 58 34.65 -21.23 22.85
N GLY H 59 35.14 -20.60 21.79
CA GLY H 59 34.69 -19.27 21.43
C GLY H 59 33.36 -19.22 20.73
N GLY H 60 32.89 -20.35 20.22
CA GLY H 60 31.55 -20.44 19.68
C GLY H 60 30.47 -20.59 20.72
N ALA H 61 30.86 -20.72 21.97
CA ALA H 61 29.94 -20.91 23.08
C ALA H 61 29.85 -19.64 23.91
N LYS H 62 28.69 -19.43 24.52
CA LYS H 62 28.44 -18.29 25.38
C LYS H 62 27.84 -18.81 26.68
N MET H 63 27.89 -17.97 27.72
CA MET H 63 27.32 -18.38 28.99
C MET H 63 25.79 -18.38 28.97
N GLU H 64 25.20 -17.50 28.17
CA GLU H 64 23.74 -17.44 28.00
C GLU H 64 23.44 -17.58 26.52
N MET H 65 23.29 -18.83 26.06
CA MET H 65 23.01 -19.11 24.66
C MET H 65 21.76 -19.95 24.47
N SER H 66 20.88 -20.02 25.48
CA SER H 66 19.75 -20.93 25.43
C SER H 66 18.64 -20.47 24.50
N GLN H 67 18.59 -19.18 24.18
CA GLN H 67 17.59 -18.68 23.25
C GLN H 67 17.88 -19.08 21.81
N GLU H 68 19.10 -19.51 21.50
CA GLU H 68 19.48 -19.83 20.14
C GLU H 68 19.62 -21.33 19.87
N MET H 69 19.56 -22.17 20.90
CA MET H 69 19.81 -23.59 20.73
C MET H 69 18.56 -24.33 20.31
N HIS H 70 18.73 -25.33 19.44
CA HIS H 70 17.62 -26.18 19.03
C HIS H 70 17.31 -27.26 20.04
N SER H 71 18.24 -27.57 20.93
CA SER H 71 18.08 -28.67 21.87
C SER H 71 18.53 -28.24 23.25
N LEU H 72 17.90 -28.81 24.27
CA LEU H 72 18.17 -28.47 25.66
C LEU H 72 18.76 -29.66 26.38
N MET H 73 19.86 -29.44 27.09
CA MET H 73 20.44 -30.41 27.98
C MET H 73 19.83 -30.24 29.37
N LEU H 74 19.31 -31.33 29.95
CA LEU H 74 18.73 -31.31 31.28
C LEU H 74 19.56 -32.18 32.21
N MET H 75 19.86 -31.67 33.39
CA MET H 75 20.54 -32.41 34.45
C MET H 75 19.63 -32.43 35.66
N GLN H 76 19.02 -33.57 35.91
CA GLN H 76 18.05 -33.70 36.99
C GLN H 76 18.70 -34.46 38.14
N TYR H 77 19.06 -33.72 39.19
CA TYR H 77 19.70 -34.34 40.34
C TYR H 77 18.61 -34.89 41.24
N THR H 78 18.83 -36.09 41.76
CA THR H 78 18.05 -36.61 42.86
C THR H 78 19.01 -37.01 43.97
N PHE H 79 18.62 -36.76 45.21
CA PHE H 79 19.48 -36.95 46.35
C PHE H 79 18.95 -38.09 47.21
N TRP H 80 19.85 -38.96 47.67
CA TRP H 80 19.48 -40.23 48.28
C TRP H 80 20.32 -40.48 49.53
N LYS H 81 19.70 -41.08 50.55
CA LYS H 81 20.41 -41.45 51.77
C LYS H 81 21.48 -42.49 51.49
N ASN H 82 21.19 -43.44 50.60
CA ASN H 82 22.19 -44.35 50.05
C ASN H 82 21.87 -44.54 48.57
N TRP H 83 22.90 -44.86 47.78
CA TRP H 83 22.68 -45.04 46.36
C TRP H 83 21.88 -46.28 46.04
N LYS H 84 21.84 -47.26 46.96
CA LYS H 84 20.98 -48.41 46.78
C LYS H 84 19.51 -48.06 46.91
N ASP H 85 19.19 -46.98 47.64
CA ASP H 85 17.80 -46.51 47.72
C ASP H 85 17.30 -46.02 46.37
N HIS H 86 18.19 -45.46 45.55
CA HIS H 86 17.80 -45.03 44.22
C HIS H 86 17.54 -46.22 43.31
N GLU H 87 18.36 -47.27 43.40
CA GLU H 87 18.14 -48.45 42.58
C GLU H 87 16.93 -49.23 43.06
N GLU H 88 16.67 -49.25 44.36
CA GLU H 88 15.46 -49.88 44.87
C GLU H 88 14.20 -49.09 44.48
N MET H 89 14.31 -47.77 44.41
CA MET H 89 13.17 -46.95 44.00
C MET H 89 12.79 -47.22 42.56
N HIS H 90 13.77 -47.34 41.66
CA HIS H 90 13.48 -47.55 40.26
C HIS H 90 12.88 -48.91 39.99
N LYS H 91 13.28 -49.92 40.77
CA LYS H 91 12.72 -51.25 40.56
C LYS H 91 11.30 -51.35 41.09
N GLN H 92 11.02 -50.74 42.25
CA GLN H 92 9.70 -50.85 42.86
C GLN H 92 8.67 -49.97 42.17
N ASN H 93 9.09 -48.88 41.52
CA ASN H 93 8.18 -47.96 40.87
C ASN H 93 8.40 -47.94 39.37
N TRP H 94 8.75 -49.10 38.80
CA TRP H 94 9.21 -49.14 37.41
C TRP H 94 8.11 -48.86 36.42
N ALA H 95 6.89 -49.34 36.67
CA ALA H 95 5.80 -49.13 35.73
C ALA H 95 5.39 -47.66 35.67
N ASN H 96 5.30 -47.00 36.83
CA ASN H 96 4.92 -45.60 36.84
C ASN H 96 6.01 -44.71 36.25
N LEU H 97 7.27 -45.03 36.52
CA LEU H 97 8.37 -44.19 36.07
C LEU H 97 8.64 -44.36 34.58
N PHE H 98 8.51 -45.59 34.07
CA PHE H 98 8.66 -45.82 32.63
C PHE H 98 7.59 -45.09 31.84
N ARG H 99 6.35 -45.09 32.34
CA ARG H 99 5.25 -44.45 31.64
C ARG H 99 5.40 -42.93 31.64
N LEU H 100 5.92 -42.37 32.72
CA LEU H 100 6.14 -40.93 32.77
C LEU H 100 7.30 -40.51 31.87
N CYS H 101 8.36 -41.33 31.81
CA CYS H 101 9.51 -41.01 30.99
C CYS H 101 9.18 -41.09 29.50
N LEU H 102 8.24 -41.96 29.13
CA LEU H 102 7.81 -42.07 27.74
C LEU H 102 6.82 -41.00 27.34
N GLN H 103 6.36 -40.15 28.27
CA GLN H 103 5.61 -38.98 27.86
C GLN H 103 6.52 -37.91 27.27
N CYS H 104 7.82 -37.97 27.57
CA CYS H 104 8.81 -37.04 27.04
C CYS H 104 9.48 -37.60 25.78
N ALA H 105 8.92 -38.66 25.21
CA ALA H 105 9.61 -39.43 24.17
C ALA H 105 9.67 -38.67 22.86
N ASP H 106 8.59 -38.02 22.45
CA ASP H 106 8.57 -37.28 21.20
C ASP H 106 9.36 -35.98 21.24
N GLN H 107 9.94 -35.62 22.39
CA GLN H 107 10.88 -34.51 22.50
C GLN H 107 12.32 -34.95 22.69
N MET H 108 12.55 -36.21 23.08
CA MET H 108 13.88 -36.64 23.50
C MET H 108 14.78 -36.90 22.32
N ILE H 109 16.02 -36.43 22.42
CA ILE H 109 17.01 -36.57 21.37
C ILE H 109 18.12 -37.53 21.77
N TRP H 110 18.63 -37.40 22.99
CA TRP H 110 19.65 -38.27 23.52
C TRP H 110 19.30 -38.59 24.96
N GLY H 111 19.64 -39.79 25.40
CA GLY H 111 19.41 -40.17 26.77
C GLY H 111 18.20 -41.06 26.95
N PRO H 112 17.79 -41.32 28.20
CA PRO H 112 18.39 -40.85 29.46
C PRO H 112 19.65 -41.60 29.86
N TYR H 113 20.52 -40.90 30.58
CA TYR H 113 21.78 -41.43 31.05
C TYR H 113 21.94 -40.96 32.48
N GLU H 114 21.93 -41.89 33.44
CA GLU H 114 21.93 -41.54 34.86
C GLU H 114 23.15 -42.11 35.58
N PRO H 115 24.26 -41.39 35.60
CA PRO H 115 25.37 -41.78 36.48
C PRO H 115 25.05 -41.48 37.94
N LEU H 116 25.62 -42.28 38.82
CA LEU H 116 25.45 -42.13 40.26
C LEU H 116 26.72 -41.52 40.85
N TYR H 117 26.54 -40.64 41.83
CA TYR H 117 27.66 -39.88 42.37
C TYR H 117 27.68 -39.95 43.88
N GLU H 118 28.89 -39.92 44.42
CA GLU H 118 29.14 -39.76 45.85
C GLU H 118 29.65 -38.34 46.09
N ILE H 119 29.15 -37.69 47.13
CA ILE H 119 29.59 -36.35 47.49
C ILE H 119 30.92 -36.46 48.24
N VAL H 120 31.98 -35.97 47.63
CA VAL H 120 33.29 -35.96 48.26
C VAL H 120 33.40 -34.80 49.24
N TYR H 121 33.00 -33.61 48.81
CA TYR H 121 33.03 -32.40 49.60
C TYR H 121 31.72 -31.67 49.37
N ALA H 122 31.24 -30.97 50.40
CA ALA H 122 30.04 -30.17 50.24
C ALA H 122 30.12 -28.93 51.10
N ASN H 123 29.91 -27.78 50.48
CA ASN H 123 29.62 -26.52 51.17
C ASN H 123 28.38 -25.99 50.46
N MET H 124 27.21 -26.45 50.87
CA MET H 124 25.96 -26.11 50.20
C MET H 124 24.98 -25.60 51.25
N PRO H 125 24.75 -24.30 51.30
CA PRO H 125 23.90 -23.72 52.34
C PRO H 125 22.41 -23.99 52.08
N LEU H 126 21.61 -23.62 53.06
CA LEU H 126 20.17 -23.67 52.92
C LEU H 126 19.70 -22.61 51.93
N ASN H 127 18.77 -22.99 51.07
CA ASN H 127 18.19 -22.03 50.13
C ASN H 127 17.24 -21.10 50.88
N THR H 128 17.46 -19.80 50.74
CA THR H 128 16.59 -18.78 51.30
C THR H 128 16.19 -17.80 50.22
N GLU H 129 14.95 -17.35 50.27
CA GLU H 129 14.52 -16.22 49.46
C GLU H 129 15.04 -14.92 50.07
N MET H 130 14.84 -13.83 49.33
CA MET H 130 15.20 -12.52 49.87
C MET H 130 14.24 -12.06 50.97
N THR H 131 13.08 -12.70 51.11
CA THR H 131 12.19 -12.42 52.22
C THR H 131 12.56 -13.21 53.47
N ASP H 132 13.45 -14.18 53.37
CA ASP H 132 13.73 -15.10 54.47
C ASP H 132 15.03 -14.81 55.20
N PHE H 133 15.81 -13.80 54.78
CA PHE H 133 17.12 -13.61 55.41
C PHE H 133 17.03 -13.04 56.81
N THR H 134 15.93 -12.35 57.14
CA THR H 134 15.71 -11.88 58.50
C THR H 134 15.53 -13.05 59.47
N VAL H 135 14.89 -14.13 59.01
CA VAL H 135 14.78 -15.33 59.84
C VAL H 135 16.13 -16.01 59.95
N MET H 136 16.91 -16.00 58.88
CA MET H 136 18.17 -16.73 58.85
C MET H 136 19.22 -16.09 59.75
N VAL H 137 19.41 -14.77 59.63
CA VAL H 137 20.38 -14.11 60.48
C VAL H 137 19.88 -13.98 61.91
N GLY H 138 18.57 -14.01 62.13
CA GLY H 138 18.06 -13.93 63.49
C GLY H 138 18.28 -15.24 64.25
N LYS H 139 18.14 -16.36 63.56
CA LYS H 139 18.36 -17.66 64.20
C LYS H 139 19.84 -17.91 64.45
N LYS H 140 20.71 -17.45 63.56
CA LYS H 140 22.14 -17.67 63.73
C LYS H 140 22.75 -16.73 64.76
N PHE H 141 22.18 -15.53 64.92
CA PHE H 141 22.65 -14.65 65.99
C PHE H 141 22.18 -15.13 67.35
N ALA H 142 20.99 -15.71 67.43
CA ALA H 142 20.48 -16.19 68.71
C ALA H 142 21.20 -17.45 69.15
N ALA H 143 21.76 -18.21 68.21
CA ALA H 143 22.51 -19.40 68.52
C ALA H 143 24.00 -19.15 68.67
N GLY H 144 24.44 -17.90 68.58
CA GLY H 144 25.84 -17.57 68.67
C GLY H 144 26.69 -18.03 67.51
N GLU H 145 26.09 -18.17 66.32
CA GLU H 145 26.81 -18.62 65.15
C GLU H 145 26.79 -17.56 64.05
N ALA H 146 27.10 -16.31 64.41
CA ALA H 146 27.15 -15.24 63.43
C ALA H 146 28.29 -15.42 62.44
N VAL H 147 29.36 -16.12 62.83
CA VAL H 147 30.49 -16.31 61.94
C VAL H 147 30.17 -17.31 60.83
N SER H 148 29.13 -18.13 60.99
CA SER H 148 28.74 -19.12 60.00
C SER H 148 27.40 -18.77 59.36
N ILE H 149 27.16 -17.49 59.12
CA ILE H 149 25.95 -17.07 58.42
C ILE H 149 26.18 -17.27 56.92
N PRO H 150 25.32 -18.02 56.24
CA PRO H 150 25.56 -18.34 54.84
C PRO H 150 25.12 -17.22 53.92
N PRO H 151 25.54 -17.22 52.66
CA PRO H 151 25.00 -16.25 51.70
C PRO H 151 23.57 -16.59 51.32
N ILE H 152 22.86 -15.59 50.79
CA ILE H 152 21.47 -15.76 50.38
C ILE H 152 21.46 -16.50 49.04
N SER H 153 21.10 -17.77 49.07
CA SER H 153 21.05 -18.61 47.88
C SER H 153 19.59 -18.74 47.47
N GLN H 154 19.19 -18.00 46.47
CA GLN H 154 17.77 -17.92 46.11
C GLN H 154 17.35 -19.12 45.28
N PRO H 155 16.25 -19.78 45.63
CA PRO H 155 15.82 -20.95 44.86
C PRO H 155 15.05 -20.56 43.60
N TYR H 156 14.79 -21.59 42.78
CA TYR H 156 13.85 -21.57 41.65
C TYR H 156 14.26 -20.56 40.57
N GLY H 157 15.43 -20.80 40.00
CA GLY H 157 15.86 -20.10 38.81
C GLY H 157 16.56 -18.78 39.03
N LYS H 158 16.83 -18.39 40.27
CA LYS H 158 17.41 -17.09 40.56
C LYS H 158 18.91 -17.16 40.82
N ARG H 159 19.56 -18.24 40.41
CA ARG H 159 21.01 -18.36 40.48
C ARG H 159 21.45 -19.24 39.33
N VAL H 160 22.76 -19.38 39.16
CA VAL H 160 23.30 -20.20 38.09
C VAL H 160 24.24 -21.24 38.70
N VAL H 161 24.42 -22.32 37.96
CA VAL H 161 25.25 -23.44 38.39
C VAL H 161 26.34 -23.64 37.35
N ALA H 162 27.58 -23.74 37.80
CA ALA H 162 28.70 -24.16 36.97
C ALA H 162 28.91 -25.65 37.14
N PHE H 163 28.78 -26.39 36.05
CA PHE H 163 28.84 -27.85 36.02
C PHE H 163 30.19 -28.22 35.43
N GLY H 164 31.17 -28.48 36.29
CA GLY H 164 32.54 -28.70 35.87
C GLY H 164 32.95 -30.14 35.74
N GLU H 165 33.13 -30.59 34.50
CA GLU H 165 33.46 -32.00 34.25
C GLU H 165 34.97 -32.20 34.28
N HIS H 166 35.42 -33.15 35.08
CA HIS H 166 36.84 -33.46 35.22
C HIS H 166 37.02 -34.96 35.15
N ILE H 167 37.93 -35.43 34.30
CA ILE H 167 38.32 -36.84 34.27
C ILE H 167 39.77 -36.91 34.72
N VAL H 168 40.02 -37.69 35.78
CA VAL H 168 41.28 -37.67 36.49
C VAL H 168 42.03 -38.97 36.20
N LYS H 169 43.32 -38.85 35.90
CA LYS H 169 44.20 -39.99 35.66
C LYS H 169 44.21 -40.97 36.81
N GLU H 170 44.41 -42.26 36.48
CA GLU H 170 44.51 -43.32 37.46
C GLU H 170 45.69 -43.09 38.40
N GLY H 171 45.42 -43.08 39.69
CA GLY H 171 46.43 -42.86 40.70
C GLY H 171 46.53 -41.44 41.21
N LEU H 172 45.96 -40.48 40.48
CA LEU H 172 45.99 -39.08 40.88
C LEU H 172 44.66 -38.60 41.45
N GLU H 173 43.80 -39.52 41.90
CA GLU H 173 42.51 -39.12 42.46
C GLU H 173 42.66 -38.48 43.83
N ASN H 174 43.66 -38.89 44.61
CA ASN H 174 43.90 -38.26 45.90
C ASN H 174 44.45 -36.85 45.75
N GLN H 175 45.24 -36.60 44.70
CA GLN H 175 45.74 -35.25 44.47
C GLN H 175 44.64 -34.34 43.93
N PHE H 176 43.73 -34.87 43.12
CA PHE H 176 42.61 -34.06 42.64
C PHE H 176 41.74 -33.61 43.80
N GLU H 177 41.31 -34.55 44.64
CA GLU H 177 40.34 -34.24 45.69
C GLU H 177 40.91 -33.30 46.73
N GLU H 178 42.22 -33.36 46.98
CA GLU H 178 42.83 -32.46 47.95
C GLU H 178 42.82 -31.01 47.45
N TYR H 179 43.21 -30.80 46.21
CA TYR H 179 43.36 -29.44 45.69
C TYR H 179 42.10 -28.90 45.04
N ALA H 180 41.16 -29.75 44.63
CA ALA H 180 39.87 -29.24 44.21
C ALA H 180 39.06 -28.75 45.40
N ILE H 181 39.27 -29.36 46.57
CA ILE H 181 38.67 -28.86 47.80
C ILE H 181 39.25 -27.49 48.15
N LYS H 182 40.57 -27.35 48.05
CA LYS H 182 41.23 -26.07 48.32
C LYS H 182 40.82 -24.99 47.32
N THR H 183 40.48 -25.38 46.09
CA THR H 183 39.98 -24.43 45.11
C THR H 183 38.58 -23.95 45.50
N LEU H 184 37.75 -24.85 46.01
CA LEU H 184 36.40 -24.47 46.40
C LEU H 184 36.36 -23.69 47.70
N GLU H 185 37.34 -23.89 48.58
CA GLU H 185 37.46 -23.02 49.75
C GLU H 185 37.94 -21.63 49.36
N ALA H 186 38.75 -21.53 48.30
CA ALA H 186 39.18 -20.24 47.79
C ALA H 186 38.05 -19.49 47.11
N PHE H 187 37.03 -20.19 46.59
CA PHE H 187 35.90 -19.53 45.99
C PHE H 187 35.02 -18.82 47.02
N ARG H 188 35.15 -19.15 48.30
CA ARG H 188 34.39 -18.48 49.36
C ARG H 188 34.68 -16.98 49.41
N SER H 189 35.86 -16.56 48.96
CA SER H 189 36.18 -15.14 48.90
C SER H 189 35.58 -14.44 47.68
N ALA H 190 35.14 -15.19 46.67
CA ALA H 190 34.66 -14.58 45.45
C ALA H 190 33.27 -13.99 45.66
N PRO H 191 32.99 -12.82 45.09
CA PRO H 191 31.65 -12.24 45.21
C PRO H 191 30.62 -13.04 44.43
N GLY H 192 29.48 -13.25 45.05
CA GLY H 192 28.42 -14.02 44.43
C GLY H 192 28.57 -15.51 44.51
N PHE H 193 29.59 -16.03 45.17
CA PHE H 193 29.71 -17.46 45.36
C PHE H 193 28.67 -17.93 46.36
N LEU H 194 27.85 -18.89 45.95
CA LEU H 194 26.74 -19.36 46.77
C LEU H 194 26.98 -20.74 47.33
N GLY H 195 28.10 -21.38 47.02
CA GLY H 195 28.40 -22.69 47.55
C GLY H 195 28.80 -23.66 46.47
N GLY H 196 29.31 -24.80 46.93
CA GLY H 196 29.89 -25.75 46.01
C GLY H 196 29.97 -27.15 46.58
N MET H 197 30.04 -28.13 45.67
CA MET H 197 30.25 -29.51 46.07
C MET H 197 31.04 -30.23 44.98
N ILE H 198 31.71 -31.31 45.39
CA ILE H 198 32.50 -32.13 44.49
C ILE H 198 31.87 -33.51 44.45
N LEU H 199 31.49 -33.95 43.24
CA LEU H 199 30.82 -35.22 43.05
C LEU H 199 31.76 -36.21 42.37
N LYS H 200 31.75 -37.44 42.85
CA LYS H 200 32.61 -38.51 42.33
C LYS H 200 31.72 -39.62 41.80
N GLU H 201 31.87 -39.94 40.51
CA GLU H 201 31.03 -40.97 39.89
C GLU H 201 31.37 -42.35 40.41
N ILE H 202 30.35 -43.08 40.85
CA ILE H 202 30.51 -44.41 41.42
C ILE H 202 29.75 -45.48 40.65
N GLY H 203 29.04 -45.12 39.60
CA GLY H 203 28.26 -46.07 38.86
C GLY H 203 27.25 -45.38 37.98
N VAL H 204 26.53 -46.19 37.21
CA VAL H 204 25.47 -45.74 36.33
C VAL H 204 24.24 -46.60 36.57
N SER H 205 23.11 -45.97 36.86
CA SER H 205 21.86 -46.68 37.06
C SER H 205 21.37 -47.32 35.77
N PRO H 206 21.15 -48.63 35.71
CA PRO H 206 20.62 -49.23 34.47
C PRO H 206 19.17 -48.89 34.18
N LEU H 207 18.30 -48.91 35.20
CA LEU H 207 16.89 -48.62 34.97
C LEU H 207 16.67 -47.15 34.68
N GLY H 208 17.44 -46.27 35.33
CA GLY H 208 17.39 -44.86 35.03
C GLY H 208 17.94 -44.49 33.66
N SER H 209 18.76 -45.36 33.08
CA SER H 209 19.30 -45.14 31.75
C SER H 209 18.53 -45.90 30.68
N LEU H 210 17.43 -46.56 31.06
CA LEU H 210 16.61 -47.43 30.18
C LEU H 210 17.45 -48.51 29.52
N GLN H 211 18.38 -49.08 30.26
CA GLN H 211 19.27 -50.11 29.75
C GLN H 211 18.82 -51.45 30.31
N LEU H 212 18.08 -52.19 29.51
CA LEU H 212 17.59 -53.51 29.86
C LEU H 212 18.33 -54.56 29.04
N ASN H 213 17.94 -55.82 29.19
CA ASN H 213 18.46 -56.88 28.35
C ASN H 213 17.77 -56.82 26.98
N ALA H 214 18.00 -57.83 26.14
CA ALA H 214 17.52 -57.80 24.77
C ALA H 214 15.99 -57.85 24.68
N LYS H 215 15.36 -58.61 25.57
CA LYS H 215 13.90 -58.66 25.58
C LYS H 215 13.32 -57.34 26.10
N GLY H 216 13.94 -56.76 27.12
CA GLY H 216 13.47 -55.50 27.65
C GLY H 216 13.67 -54.33 26.71
N PHE H 217 14.77 -54.35 25.95
CA PHE H 217 15.04 -53.27 24.99
C PHE H 217 14.02 -53.27 23.86
N HIS H 218 13.60 -54.46 23.41
CA HIS H 218 12.61 -54.53 22.36
C HIS H 218 11.23 -54.11 22.86
N GLN H 219 10.91 -54.39 24.12
CA GLN H 219 9.64 -53.96 24.67
C GLN H 219 9.59 -52.44 24.86
N ILE H 220 10.75 -51.81 25.05
CA ILE H 220 10.79 -50.34 25.09
C ILE H 220 10.45 -49.77 23.72
N LEU H 221 11.01 -50.34 22.65
CA LEU H 221 10.73 -49.86 21.30
C LEU H 221 9.32 -50.18 20.86
N GLU H 222 8.73 -51.27 21.36
CA GLU H 222 7.47 -51.76 20.82
C GLU H 222 6.25 -51.18 21.53
N THR H 223 6.40 -50.58 22.70
CA THR H 223 5.24 -50.25 23.52
C THR H 223 4.52 -49.02 22.99
N ALA H 224 3.21 -49.00 23.21
CA ALA H 224 2.36 -47.87 22.87
C ALA H 224 2.19 -47.02 24.12
N ASN H 225 2.97 -45.94 24.20
CA ASN H 225 2.94 -44.93 25.27
C ASN H 225 3.25 -45.51 26.64
N GLY H 226 3.90 -46.66 26.72
CA GLY H 226 4.25 -47.25 27.98
C GLY H 226 3.21 -48.15 28.61
N MET H 227 2.06 -48.37 27.95
CA MET H 227 1.03 -49.27 28.48
C MET H 227 1.55 -50.70 28.58
N ASP H 228 2.45 -51.08 27.69
CA ASP H 228 3.10 -52.39 27.68
C ASP H 228 4.43 -52.23 28.40
N VAL H 229 4.46 -52.56 29.68
CA VAL H 229 5.64 -52.26 30.50
C VAL H 229 6.66 -53.37 30.32
N PRO H 230 7.92 -53.05 30.01
CA PRO H 230 8.95 -54.09 29.91
C PRO H 230 9.27 -54.68 31.27
N GLU H 231 9.68 -55.93 31.26
CA GLU H 231 10.17 -56.56 32.48
C GLU H 231 11.51 -55.94 32.83
N PRO H 232 11.68 -55.37 34.02
CA PRO H 232 12.89 -54.59 34.33
C PRO H 232 14.09 -55.46 34.71
N VAL H 233 14.50 -56.32 33.78
CA VAL H 233 15.67 -57.17 33.95
C VAL H 233 16.82 -56.52 33.20
N THR H 234 17.89 -56.22 33.93
CA THR H 234 19.10 -55.64 33.37
C THR H 234 20.21 -56.68 33.40
N ILE H 235 21.25 -56.43 32.59
CA ILE H 235 22.39 -57.34 32.55
C ILE H 235 23.48 -56.90 33.51
N TYR H 236 23.34 -55.76 34.16
CA TYR H 236 24.36 -55.26 35.07
C TYR H 236 23.69 -54.50 36.20
N GLU H 237 24.42 -54.38 37.30
CA GLU H 237 24.06 -53.46 38.37
C GLU H 237 24.95 -52.24 38.29
N ALA H 238 24.58 -51.22 39.06
CA ALA H 238 25.19 -49.89 38.89
C ALA H 238 26.71 -49.81 39.08
N PRO H 239 27.36 -50.47 40.06
CA PRO H 239 28.84 -50.40 40.09
C PRO H 239 29.54 -51.17 38.97
N GLU H 240 28.83 -52.00 38.20
CA GLU H 240 29.47 -52.68 37.08
C GLU H 240 29.67 -51.77 35.88
N PHE H 241 28.97 -50.64 35.81
CA PHE H 241 29.24 -49.60 34.84
C PHE H 241 29.76 -48.42 35.65
N ARG H 242 31.03 -48.48 35.99
CA ARG H 242 31.73 -47.39 36.65
C ARG H 242 32.86 -46.98 35.73
N ASN H 243 32.80 -45.75 35.25
CA ASN H 243 33.73 -45.30 34.22
C ASN H 243 35.13 -45.14 34.78
N ARG H 244 36.10 -45.72 34.10
CA ARG H 244 37.50 -45.53 34.38
C ARG H 244 38.15 -44.89 33.16
N PRO H 245 38.98 -43.85 33.33
CA PRO H 245 39.42 -43.14 34.54
C PRO H 245 38.31 -42.34 35.23
N GLN H 246 38.57 -41.91 36.47
CA GLN H 246 37.53 -41.47 37.37
C GLN H 246 36.94 -40.12 36.95
N ARG H 247 35.62 -40.08 36.85
CA ARG H 247 34.90 -38.85 36.51
C ARG H 247 34.56 -38.07 37.78
N TYR H 248 34.76 -36.76 37.72
CA TYR H 248 34.39 -35.88 38.80
C TYR H 248 33.53 -34.76 38.26
N ILE H 249 32.53 -34.36 39.04
CA ILE H 249 31.78 -33.14 38.78
C ILE H 249 32.16 -32.13 39.86
N VAL H 250 32.62 -30.96 39.44
CA VAL H 250 32.81 -29.83 40.33
C VAL H 250 31.62 -28.90 40.13
N HIS H 251 30.72 -28.90 41.10
CA HIS H 251 29.45 -28.18 41.04
C HIS H 251 29.57 -26.95 41.91
N THR H 252 29.50 -25.77 41.31
CA THR H 252 29.54 -24.51 42.05
C THR H 252 28.35 -23.65 41.67
N GLU H 253 27.86 -22.88 42.63
CA GLU H 253 26.67 -22.07 42.45
C GLU H 253 27.02 -20.60 42.62
N TRP H 254 26.43 -19.77 41.77
CA TRP H 254 26.79 -18.37 41.64
C TRP H 254 25.52 -17.55 41.50
N SER H 255 25.57 -16.30 41.95
CA SER H 255 24.37 -15.47 41.96
C SER H 255 23.96 -15.05 40.54
N ASP H 256 24.91 -14.88 39.64
CA ASP H 256 24.64 -14.55 38.25
C ASP H 256 25.81 -15.02 37.41
N THR H 257 25.69 -14.87 36.09
CA THR H 257 26.74 -15.38 35.20
C THR H 257 27.99 -14.51 35.22
N ASN H 258 27.86 -13.23 35.57
CA ASN H 258 29.04 -12.39 35.72
C ASN H 258 29.84 -12.81 36.94
N ALA H 259 29.17 -13.09 38.06
CA ALA H 259 29.85 -13.60 39.25
C ALA H 259 30.46 -14.97 38.98
N LEU H 260 29.80 -15.78 38.15
CA LEU H 260 30.36 -17.07 37.76
C LEU H 260 31.62 -16.91 36.93
N MET H 261 31.59 -16.01 35.94
CA MET H 261 32.69 -15.86 35.00
C MET H 261 33.95 -15.33 35.69
N PHE H 262 33.81 -14.31 36.53
CA PHE H 262 34.97 -13.79 37.22
C PHE H 262 35.31 -14.56 38.49
N GLY H 263 34.35 -15.29 39.06
CA GLY H 263 34.62 -16.11 40.22
C GLY H 263 35.37 -17.38 39.87
N LEU H 264 34.85 -18.13 38.90
CA LEU H 264 35.58 -19.30 38.39
C LEU H 264 36.87 -18.90 37.69
N GLY H 265 36.89 -17.71 37.10
CA GLY H 265 38.08 -17.17 36.44
C GLY H 265 39.24 -16.91 37.36
N ARG H 266 39.03 -16.92 38.68
CA ARG H 266 40.11 -16.75 39.65
C ARG H 266 41.16 -17.86 39.57
N VAL H 267 40.80 -19.04 39.04
CA VAL H 267 41.80 -20.07 38.77
C VAL H 267 42.69 -19.73 37.59
N LEU H 268 42.36 -18.68 36.84
CA LEU H 268 43.20 -18.18 35.76
C LEU H 268 43.82 -16.82 36.02
N ILE H 269 43.15 -15.94 36.76
CA ILE H 269 43.58 -14.55 36.86
C ILE H 269 44.03 -14.17 38.27
N TYR H 270 43.70 -14.95 39.29
CA TYR H 270 44.15 -14.66 40.65
C TYR H 270 45.35 -15.56 40.93
N PRO H 271 46.55 -15.00 41.10
CA PRO H 271 47.76 -15.84 41.14
C PRO H 271 47.84 -16.78 42.34
N GLU H 272 47.25 -16.45 43.48
CA GLU H 272 47.27 -17.36 44.62
C GLU H 272 46.35 -18.56 44.41
N VAL H 273 45.19 -18.36 43.80
CA VAL H 273 44.29 -19.46 43.50
C VAL H 273 44.78 -20.25 42.29
N ARG H 274 45.51 -19.58 41.39
CA ARG H 274 46.03 -20.20 40.18
C ARG H 274 47.05 -21.28 40.48
N GLN H 275 47.89 -21.10 41.51
CA GLN H 275 48.83 -22.16 41.89
C GLN H 275 48.11 -23.35 42.52
N ILE H 276 47.00 -23.11 43.22
CA ILE H 276 46.23 -24.20 43.81
C ILE H 276 45.60 -25.05 42.71
N HIS H 277 44.94 -24.40 41.75
CA HIS H 277 44.24 -25.10 40.69
C HIS H 277 45.19 -25.69 39.65
N ASP H 278 46.46 -25.27 39.63
CA ASP H 278 47.45 -25.92 38.78
C ASP H 278 47.69 -27.36 39.20
N LYS H 279 47.55 -27.66 40.49
CA LYS H 279 47.68 -29.04 40.95
C LYS H 279 46.47 -29.87 40.55
N VAL H 280 45.30 -29.25 40.40
CA VAL H 280 44.14 -29.93 39.84
C VAL H 280 44.36 -30.25 38.37
N LEU H 281 44.89 -29.29 37.62
CA LEU H 281 45.09 -29.45 36.18
C LEU H 281 46.13 -30.51 35.86
N ASP H 282 47.09 -30.73 36.74
CA ASP H 282 48.11 -31.74 36.54
C ASP H 282 47.63 -33.16 36.82
N THR H 283 46.36 -33.36 37.15
CA THR H 283 45.79 -34.69 37.35
C THR H 283 44.79 -35.07 36.27
N LEU H 284 44.48 -34.19 35.33
CA LEU H 284 43.36 -34.35 34.43
C LEU H 284 43.78 -34.99 33.11
N VAL H 285 43.09 -36.05 32.71
CA VAL H 285 43.19 -36.51 31.34
C VAL H 285 42.16 -35.84 30.44
N TYR H 286 41.09 -35.29 31.01
CA TYR H 286 40.10 -34.56 30.25
C TYR H 286 39.57 -33.43 31.12
N GLY H 287 39.38 -32.27 30.51
CA GLY H 287 38.79 -31.15 31.18
C GLY H 287 39.79 -30.07 31.51
N PRO H 288 39.32 -28.99 32.14
CA PRO H 288 37.95 -28.77 32.60
C PRO H 288 37.01 -28.19 31.54
N TYR H 289 35.82 -28.76 31.45
CA TYR H 289 34.75 -28.27 30.60
C TYR H 289 33.58 -27.91 31.49
N ILE H 290 33.15 -26.65 31.44
CA ILE H 290 32.22 -26.10 32.41
C ILE H 290 30.94 -25.71 31.69
N ARG H 291 29.86 -26.41 31.98
CA ARG H 291 28.54 -26.04 31.50
C ARG H 291 27.87 -25.10 32.49
N VAL H 292 27.04 -24.22 31.98
CA VAL H 292 26.29 -23.26 32.79
C VAL H 292 24.86 -23.75 32.85
N LEU H 293 24.36 -23.97 34.06
CA LEU H 293 23.05 -24.56 34.27
C LEU H 293 22.14 -23.60 35.02
N ASN H 294 20.85 -23.68 34.72
CA ASN H 294 19.85 -22.91 35.44
C ASN H 294 19.01 -23.86 36.28
N PRO H 295 19.05 -23.75 37.60
CA PRO H 295 18.23 -24.63 38.45
C PRO H 295 16.77 -24.20 38.55
N MET H 296 15.94 -24.63 37.59
CA MET H 296 14.55 -24.23 37.55
C MET H 296 13.74 -24.82 38.70
N MET H 297 13.62 -26.14 38.74
CA MET H 297 12.75 -26.83 39.68
C MET H 297 13.59 -27.49 40.75
N GLU H 298 13.26 -27.22 42.01
CA GLU H 298 14.10 -27.63 43.11
C GLU H 298 13.30 -28.24 44.25
N GLY H 299 13.94 -29.16 44.95
CA GLY H 299 13.49 -29.80 46.16
C GLY H 299 14.37 -29.41 47.33
N THR H 300 14.53 -28.10 47.56
CA THR H 300 15.56 -27.47 48.40
C THR H 300 15.79 -28.03 49.80
N TYR H 301 14.88 -28.87 50.29
CA TYR H 301 15.02 -29.59 51.56
C TYR H 301 16.11 -30.67 51.52
N TRP H 302 16.75 -30.94 50.38
CA TRP H 302 17.91 -31.82 50.38
C TRP H 302 19.10 -31.18 51.09
N ARG H 303 19.17 -29.86 51.09
CA ARG H 303 20.20 -29.17 51.85
C ARG H 303 19.91 -29.16 53.35
N GLU H 304 18.64 -29.31 53.73
CA GLU H 304 18.32 -29.49 55.15
C GLU H 304 18.83 -30.83 55.66
N TYR H 305 18.77 -31.87 54.81
CA TYR H 305 19.35 -33.16 55.17
C TYR H 305 20.87 -33.08 55.21
N LEU H 306 21.46 -32.31 54.29
CA LEU H 306 22.92 -32.22 54.21
C LEU H 306 23.50 -31.44 55.38
N ASN H 307 22.87 -30.32 55.73
CA ASN H 307 23.37 -29.45 56.78
C ASN H 307 22.81 -29.77 58.16
N GLU H 308 21.89 -30.73 58.24
CA GLU H 308 21.30 -31.24 59.49
C GLU H 308 20.59 -30.14 60.28
N TYR H 309 19.96 -29.22 59.55
CA TYR H 309 19.34 -28.04 60.12
C TYR H 309 18.41 -27.46 59.07
N HIS H 310 17.26 -26.95 59.50
CA HIS H 310 16.32 -26.32 58.58
C HIS H 310 16.08 -24.88 59.01
N LEU H 311 15.38 -24.15 58.13
CA LEU H 311 15.07 -22.71 58.23
C LEU H 311 16.31 -21.85 58.43
N PRO I 2 -38.80 -14.97 -58.02
CA PRO I 2 -40.12 -15.04 -57.39
C PRO I 2 -40.05 -14.72 -55.91
N LYS I 3 -41.20 -14.70 -55.24
CA LYS I 3 -41.21 -14.45 -53.81
C LYS I 3 -41.05 -15.76 -53.05
N PRO I 4 -40.00 -15.92 -52.26
CA PRO I 4 -39.86 -17.14 -51.47
C PRO I 4 -40.76 -17.14 -50.25
N TYR I 5 -40.78 -18.28 -49.57
CA TYR I 5 -41.44 -18.42 -48.29
C TYR I 5 -40.39 -18.37 -47.19
N VAL I 6 -40.77 -17.85 -46.03
CA VAL I 6 -39.84 -17.63 -44.93
C VAL I 6 -40.23 -18.50 -43.76
N ALA I 7 -39.27 -19.25 -43.24
CA ALA I 7 -39.36 -19.86 -41.92
C ALA I 7 -38.50 -19.03 -40.97
N ILE I 8 -39.08 -18.61 -39.86
CA ILE I 8 -38.36 -17.80 -38.88
C ILE I 8 -38.21 -18.62 -37.60
N ASN I 9 -37.01 -19.11 -37.35
CA ASN I 9 -36.72 -19.87 -36.15
C ASN I 9 -36.39 -18.91 -35.01
N MET I 10 -37.19 -18.95 -33.95
CA MET I 10 -37.05 -18.05 -32.82
C MET I 10 -36.60 -18.84 -31.59
N VAL I 11 -35.47 -18.45 -31.01
CA VAL I 11 -34.95 -19.04 -29.78
C VAL I 11 -34.49 -17.93 -28.85
N GLU I 12 -34.61 -18.20 -27.56
CA GLU I 12 -33.98 -17.38 -26.53
C GLU I 12 -32.81 -18.16 -25.94
N VAL I 13 -31.62 -17.58 -26.00
CA VAL I 13 -30.41 -18.23 -25.50
C VAL I 13 -29.76 -17.31 -24.47
N ARG I 14 -28.87 -17.87 -23.67
CA ARG I 14 -28.12 -17.09 -22.70
C ARG I 14 -27.16 -16.12 -23.40
N ASN I 15 -26.94 -14.97 -22.77
CA ASN I 15 -25.98 -13.99 -23.29
C ASN I 15 -24.68 -14.16 -22.50
N ASP I 16 -23.84 -15.06 -22.98
CA ASP I 16 -22.56 -15.38 -22.36
C ASP I 16 -21.59 -15.74 -23.46
N PRO I 17 -20.27 -15.71 -23.19
CA PRO I 17 -19.31 -16.07 -24.24
C PRO I 17 -19.41 -17.49 -24.77
N LYS I 18 -20.01 -18.42 -24.01
CA LYS I 18 -20.22 -19.76 -24.53
C LYS I 18 -21.21 -19.77 -25.69
N THR I 19 -22.23 -18.91 -25.63
CA THR I 19 -23.26 -18.86 -26.66
C THR I 19 -22.71 -18.33 -27.99
N LEU I 20 -21.85 -17.31 -27.93
CA LEU I 20 -21.29 -16.77 -29.17
C LEU I 20 -20.28 -17.72 -29.81
N GLU I 21 -19.79 -18.73 -29.09
CA GLU I 21 -19.08 -19.82 -29.76
C GLU I 21 -20.03 -20.68 -30.57
N LEU I 22 -21.29 -20.81 -30.13
CA LEU I 22 -22.28 -21.60 -30.85
C LEU I 22 -22.75 -20.92 -32.13
N PHE I 23 -22.52 -19.62 -32.27
CA PHE I 23 -22.82 -18.92 -33.52
C PHE I 23 -21.90 -19.40 -34.64
N GLY I 24 -20.64 -19.68 -34.32
CA GLY I 24 -19.66 -20.01 -35.33
C GLY I 24 -19.34 -21.48 -35.44
N LYS I 25 -19.80 -22.29 -34.49
CA LYS I 25 -19.51 -23.72 -34.51
C LYS I 25 -20.72 -24.60 -34.76
N VAL I 26 -21.93 -24.06 -34.72
CA VAL I 26 -23.16 -24.83 -34.94
C VAL I 26 -24.00 -24.21 -36.05
N GLY I 27 -24.22 -22.90 -35.99
CA GLY I 27 -24.83 -22.10 -37.04
C GLY I 27 -24.45 -22.37 -38.48
N PRO I 28 -23.15 -22.41 -38.81
CA PRO I 28 -22.77 -22.81 -40.17
C PRO I 28 -23.11 -24.25 -40.52
N LYS I 29 -23.09 -25.16 -39.55
CA LYS I 29 -23.42 -26.56 -39.84
C LYS I 29 -24.90 -26.74 -40.13
N VAL I 30 -25.76 -25.97 -39.44
CA VAL I 30 -27.19 -26.02 -39.70
C VAL I 30 -27.50 -25.51 -41.09
N CYS I 31 -26.82 -24.44 -41.51
CA CYS I 31 -26.98 -23.91 -42.86
C CYS I 31 -26.49 -24.88 -43.93
N MET I 32 -25.46 -25.67 -43.62
CA MET I 32 -24.95 -26.64 -44.58
C MET I 32 -25.88 -27.85 -44.70
N VAL I 33 -26.51 -28.27 -43.60
CA VAL I 33 -27.49 -29.35 -43.67
C VAL I 33 -28.75 -28.88 -44.39
N THR I 34 -29.15 -27.64 -44.14
CA THR I 34 -30.32 -27.04 -44.78
C THR I 34 -30.11 -26.89 -46.29
N ALA I 35 -28.89 -26.67 -46.73
CA ALA I 35 -28.55 -26.51 -48.14
C ALA I 35 -28.47 -27.82 -48.90
N ARG I 36 -28.73 -28.97 -48.25
CA ARG I 36 -28.91 -30.21 -48.99
C ARG I 36 -30.18 -30.23 -49.82
N HIS I 37 -31.19 -29.44 -49.44
CA HIS I 37 -32.45 -29.39 -50.16
C HIS I 37 -32.38 -28.37 -51.29
N PRO I 38 -32.88 -28.71 -52.49
CA PRO I 38 -32.79 -27.76 -53.61
C PRO I 38 -33.75 -26.57 -53.50
N GLY I 39 -34.80 -26.68 -52.70
CA GLY I 39 -35.71 -25.56 -52.48
C GLY I 39 -35.20 -24.49 -51.54
N PHE I 40 -34.07 -24.73 -50.89
CA PHE I 40 -33.45 -23.73 -50.03
C PHE I 40 -32.79 -22.67 -50.89
N VAL I 41 -33.16 -21.41 -50.69
CA VAL I 41 -32.61 -20.32 -51.48
C VAL I 41 -31.82 -19.32 -50.66
N GLY I 42 -31.72 -19.49 -49.36
CA GLY I 42 -30.89 -18.60 -48.57
C GLY I 42 -31.40 -18.42 -47.17
N PHE I 43 -30.68 -17.60 -46.41
CA PHE I 43 -30.97 -17.41 -45.00
C PHE I 43 -30.54 -16.01 -44.57
N GLN I 44 -31.02 -15.61 -43.40
CA GLN I 44 -30.61 -14.35 -42.78
C GLN I 44 -30.82 -14.50 -41.28
N ASN I 45 -29.74 -14.52 -40.53
CA ASN I 45 -29.79 -14.78 -39.09
C ASN I 45 -29.66 -13.47 -38.31
N HIS I 46 -30.50 -13.31 -37.30
CA HIS I 46 -30.56 -12.08 -36.54
C HIS I 46 -30.35 -12.34 -35.05
N VAL I 47 -29.80 -11.33 -34.39
CA VAL I 47 -29.79 -11.24 -32.93
C VAL I 47 -30.54 -9.95 -32.57
N GLN I 48 -31.48 -10.05 -31.64
CA GLN I 48 -32.15 -8.85 -31.17
C GLN I 48 -31.20 -8.02 -30.31
N ILE I 49 -31.06 -6.75 -30.67
CA ILE I 49 -30.20 -5.84 -29.92
C ILE I 49 -31.00 -4.81 -29.12
N GLY I 50 -32.31 -4.73 -29.33
CA GLY I 50 -33.09 -3.77 -28.59
C GLY I 50 -34.52 -3.71 -29.08
N VAL I 51 -35.23 -2.70 -28.58
CA VAL I 51 -36.64 -2.46 -28.85
C VAL I 51 -36.79 -0.97 -29.14
N VAL I 52 -37.63 -0.62 -30.11
CA VAL I 52 -37.97 0.77 -30.35
C VAL I 52 -38.86 1.25 -29.19
N PRO I 53 -38.44 2.25 -28.43
CA PRO I 53 -39.21 2.64 -27.24
C PRO I 53 -40.46 3.45 -27.56
N LEU I 54 -40.48 4.15 -28.70
CA LEU I 54 -41.56 5.04 -29.14
C LEU I 54 -41.87 6.10 -28.08
N GLY I 55 -40.87 6.93 -27.80
CA GLY I 55 -40.95 7.85 -26.68
C GLY I 55 -40.79 7.10 -25.38
N THR I 56 -41.81 7.13 -24.52
CA THR I 56 -41.80 6.40 -23.26
C THR I 56 -42.84 5.28 -23.23
N ARG I 57 -43.28 4.80 -24.40
CA ARG I 57 -44.27 3.72 -24.43
C ARG I 57 -43.68 2.44 -23.87
N TRP I 58 -42.49 2.07 -24.32
CA TRP I 58 -41.66 1.10 -23.61
C TRP I 58 -40.39 1.84 -23.22
N GLY I 59 -40.47 2.59 -22.13
CA GLY I 59 -39.37 3.46 -21.74
C GLY I 59 -38.24 2.75 -21.05
N GLY I 60 -38.46 1.53 -20.58
CA GLY I 60 -37.39 0.71 -20.06
C GLY I 60 -36.55 0.03 -21.11
N ALA I 61 -36.94 0.17 -22.36
CA ALA I 61 -36.25 -0.45 -23.48
C ALA I 61 -35.48 0.60 -24.28
N LYS I 62 -34.39 0.16 -24.89
CA LYS I 62 -33.55 1.01 -25.71
C LYS I 62 -33.32 0.30 -27.03
N MET I 63 -32.89 1.06 -28.04
CA MET I 63 -32.62 0.45 -29.33
C MET I 63 -31.34 -0.37 -29.32
N GLU I 64 -30.37 0.01 -28.50
CA GLU I 64 -29.12 -0.74 -28.35
C GLU I 64 -28.96 -1.07 -26.87
N MET I 65 -29.52 -2.22 -26.46
CA MET I 65 -29.45 -2.65 -25.07
C MET I 65 -28.86 -4.05 -24.93
N SER I 66 -28.15 -4.54 -25.94
CA SER I 66 -27.70 -5.93 -25.94
C SER I 66 -26.52 -6.17 -25.00
N GLN I 67 -25.78 -5.13 -24.64
CA GLN I 67 -24.68 -5.28 -23.71
C GLN I 67 -25.15 -5.52 -22.27
N GLU I 68 -26.41 -5.22 -21.97
CA GLU I 68 -26.92 -5.33 -20.61
C GLU I 68 -27.86 -6.52 -20.40
N MET I 69 -28.25 -7.23 -21.46
CA MET I 69 -29.24 -8.29 -21.33
C MET I 69 -28.59 -9.61 -20.96
N HIS I 70 -29.29 -10.37 -20.12
CA HIS I 70 -28.83 -11.70 -19.74
C HIS I 70 -29.14 -12.75 -20.80
N SER I 71 -30.08 -12.47 -21.69
CA SER I 71 -30.53 -13.45 -22.67
C SER I 71 -30.67 -12.79 -24.03
N LEU I 72 -30.44 -13.58 -25.08
CA LEU I 72 -30.46 -13.09 -26.45
C LEU I 72 -31.60 -13.75 -27.21
N MET I 73 -32.40 -12.94 -27.89
CA MET I 73 -33.40 -13.41 -28.82
C MET I 73 -32.79 -13.55 -30.20
N LEU I 74 -32.93 -14.73 -30.82
CA LEU I 74 -32.42 -14.98 -32.15
C LEU I 74 -33.58 -15.22 -33.10
N MET I 75 -33.54 -14.59 -34.27
CA MET I 75 -34.51 -14.80 -35.34
C MET I 75 -33.74 -15.28 -36.57
N GLN I 76 -33.85 -16.56 -36.86
CA GLN I 76 -33.09 -17.16 -37.95
C GLN I 76 -34.04 -17.39 -39.12
N TYR I 77 -33.93 -16.54 -40.14
CA TYR I 77 -34.79 -16.67 -41.30
C TYR I 77 -34.17 -17.70 -42.24
N THR I 78 -34.99 -18.57 -42.79
CA THR I 78 -34.61 -19.39 -43.92
C THR I 78 -35.63 -19.16 -45.03
N PHE I 79 -35.15 -19.13 -46.26
CA PHE I 79 -35.96 -18.78 -47.41
C PHE I 79 -36.13 -19.99 -48.31
N TRP I 80 -37.35 -20.21 -48.79
CA TRP I 80 -37.73 -21.45 -49.45
C TRP I 80 -38.55 -21.17 -50.69
N LYS I 81 -38.35 -21.97 -51.74
CA LYS I 81 -39.14 -21.85 -52.96
C LYS I 81 -40.61 -22.16 -52.72
N ASN I 82 -40.88 -23.14 -51.85
CA ASN I 82 -42.22 -23.38 -51.34
C ASN I 82 -42.07 -23.76 -49.87
N TRP I 83 -43.12 -23.49 -49.08
CA TRP I 83 -43.05 -23.82 -47.66
C TRP I 83 -43.06 -25.31 -47.39
N LYS I 84 -43.54 -26.11 -48.35
CA LYS I 84 -43.45 -27.56 -48.21
C LYS I 84 -42.02 -28.06 -48.35
N ASP I 85 -41.16 -27.30 -49.04
CA ASP I 85 -39.74 -27.66 -49.12
C ASP I 85 -39.07 -27.56 -47.77
N HIS I 86 -39.52 -26.64 -46.92
CA HIS I 86 -38.96 -26.54 -45.57
C HIS I 86 -39.40 -27.71 -44.71
N GLU I 87 -40.67 -28.14 -44.83
CA GLU I 87 -41.14 -29.28 -44.06
C GLU I 87 -40.54 -30.58 -44.57
N GLU I 88 -40.31 -30.69 -45.88
CA GLU I 88 -39.64 -31.85 -46.43
C GLU I 88 -38.16 -31.89 -46.02
N MET I 89 -37.52 -30.73 -45.90
CA MET I 89 -36.13 -30.67 -45.47
C MET I 89 -35.97 -31.16 -44.03
N HIS I 90 -36.87 -30.75 -43.14
CA HIS I 90 -36.75 -31.14 -41.75
C HIS I 90 -37.00 -32.62 -41.53
N LYS I 91 -37.87 -33.22 -42.34
CA LYS I 91 -38.12 -34.65 -42.19
C LYS I 91 -36.98 -35.48 -42.73
N GLN I 92 -36.40 -35.08 -43.87
CA GLN I 92 -35.35 -35.86 -44.50
C GLN I 92 -34.02 -35.72 -43.79
N ASN I 93 -33.78 -34.60 -43.10
CA ASN I 93 -32.53 -34.34 -42.43
C ASN I 93 -32.71 -34.26 -40.92
N TRP I 94 -33.65 -35.06 -40.39
CA TRP I 94 -34.07 -34.89 -39.00
C TRP I 94 -33.00 -35.29 -38.01
N ALA I 95 -32.24 -36.35 -38.29
CA ALA I 95 -31.22 -36.80 -37.35
C ALA I 95 -30.07 -35.79 -37.25
N ASN I 96 -29.63 -35.25 -38.39
CA ASN I 96 -28.54 -34.28 -38.35
C ASN I 96 -28.98 -32.96 -37.72
N LEU I 97 -30.21 -32.53 -37.99
CA LEU I 97 -30.69 -31.25 -37.49
C LEU I 97 -31.02 -31.29 -36.02
N PHE I 98 -31.58 -32.42 -35.54
CA PHE I 98 -31.85 -32.58 -34.12
C PHE I 98 -30.56 -32.58 -33.31
N ARG I 99 -29.52 -33.23 -33.82
CA ARG I 99 -28.25 -33.31 -33.11
C ARG I 99 -27.55 -31.97 -33.06
N LEU I 100 -27.67 -31.17 -34.11
CA LEU I 100 -27.07 -29.84 -34.11
C LEU I 100 -27.83 -28.89 -33.19
N CYS I 101 -29.16 -29.00 -33.15
CA CYS I 101 -29.96 -28.13 -32.30
C CYS I 101 -29.75 -28.44 -30.82
N LEU I 102 -29.43 -29.69 -30.49
CA LEU I 102 -29.14 -30.06 -29.11
C LEU I 102 -27.73 -29.71 -28.68
N GLN I 103 -26.88 -29.23 -29.58
CA GLN I 103 -25.62 -28.66 -29.14
C GLN I 103 -25.81 -27.29 -28.50
N CYS I 104 -26.92 -26.63 -28.78
CA CYS I 104 -27.26 -25.33 -28.22
C CYS I 104 -28.14 -25.48 -26.97
N ALA I 105 -28.25 -26.69 -26.44
CA ALA I 105 -29.26 -27.00 -25.43
C ALA I 105 -28.91 -26.37 -24.09
N ASP I 106 -27.65 -26.43 -23.67
CA ASP I 106 -27.25 -25.85 -22.39
C ASP I 106 -27.21 -24.34 -22.39
N GLN I 107 -27.48 -23.68 -23.51
CA GLN I 107 -27.66 -22.24 -23.57
C GLN I 107 -29.11 -21.82 -23.77
N MET I 108 -29.98 -22.73 -24.20
CA MET I 108 -31.33 -22.36 -24.62
C MET I 108 -32.24 -22.12 -23.43
N ILE I 109 -33.02 -21.06 -23.51
CA ILE I 109 -33.94 -20.67 -22.45
C ILE I 109 -35.39 -20.86 -22.88
N TRP I 110 -35.73 -20.43 -24.08
CA TRP I 110 -37.06 -20.59 -24.63
C TRP I 110 -36.92 -20.99 -26.09
N GLY I 111 -37.85 -21.80 -26.57
CA GLY I 111 -37.86 -22.20 -27.95
C GLY I 111 -37.32 -23.60 -28.17
N PRO I 112 -37.11 -23.99 -29.44
CA PRO I 112 -37.34 -23.23 -30.66
C PRO I 112 -38.81 -23.16 -31.08
N TYR I 113 -39.14 -22.07 -31.77
CA TYR I 113 -40.49 -21.82 -32.25
C TYR I 113 -40.35 -21.29 -33.66
N GLU I 114 -40.84 -22.04 -34.65
CA GLU I 114 -40.63 -21.69 -36.06
C GLU I 114 -41.96 -21.48 -36.78
N PRO I 115 -42.50 -20.27 -36.77
CA PRO I 115 -43.63 -19.97 -37.65
C PRO I 115 -43.19 -19.84 -39.10
N LEU I 116 -44.09 -20.17 -40.01
CA LEU I 116 -43.85 -20.08 -41.44
C LEU I 116 -44.58 -18.87 -41.99
N TYR I 117 -43.95 -18.19 -42.95
CA TYR I 117 -44.46 -16.93 -43.45
C TYR I 117 -44.50 -16.92 -44.96
N GLU I 118 -45.49 -16.22 -45.48
CA GLU I 118 -45.60 -15.89 -46.90
C GLU I 118 -45.26 -14.42 -47.08
N ILE I 119 -44.47 -14.12 -48.12
CA ILE I 119 -44.10 -12.74 -48.42
C ILE I 119 -45.27 -12.08 -49.16
N VAL I 120 -45.91 -11.11 -48.52
CA VAL I 120 -47.00 -10.37 -49.14
C VAL I 120 -46.45 -9.30 -50.08
N TYR I 121 -45.46 -8.54 -49.61
CA TYR I 121 -44.83 -7.48 -50.35
C TYR I 121 -43.33 -7.58 -50.11
N ALA I 122 -42.54 -7.23 -51.12
CA ALA I 122 -41.10 -7.21 -50.94
C ALA I 122 -40.48 -6.10 -51.76
N ASN I 123 -39.69 -5.27 -51.11
CA ASN I 123 -38.75 -4.35 -51.75
C ASN I 123 -37.43 -4.61 -51.04
N MET I 124 -36.70 -5.61 -51.48
CA MET I 124 -35.46 -6.03 -50.81
C MET I 124 -34.36 -6.09 -51.85
N PRO I 125 -33.45 -5.13 -51.85
CA PRO I 125 -32.41 -5.08 -52.88
C PRO I 125 -31.32 -6.11 -52.65
N LEU I 126 -30.44 -6.21 -53.63
CA LEU I 126 -29.25 -7.04 -53.50
C LEU I 126 -28.29 -6.43 -52.48
N ASN I 127 -27.72 -7.29 -51.65
CA ASN I 127 -26.73 -6.84 -50.68
C ASN I 127 -25.42 -6.55 -51.40
N THR I 128 -24.90 -5.34 -51.22
CA THR I 128 -23.61 -4.94 -51.75
C THR I 128 -22.75 -4.37 -50.64
N GLU I 129 -21.46 -4.67 -50.68
CA GLU I 129 -20.50 -3.98 -49.84
C GLU I 129 -20.22 -2.59 -50.40
N MET I 130 -19.47 -1.81 -49.64
CA MET I 130 -19.05 -0.50 -50.11
C MET I 130 -17.98 -0.59 -51.21
N THR I 131 -17.36 -1.75 -51.38
CA THR I 131 -16.45 -1.97 -52.50
C THR I 131 -17.17 -2.39 -53.77
N ASP I 132 -18.45 -2.72 -53.69
CA ASP I 132 -19.18 -3.30 -54.81
C ASP I 132 -20.10 -2.32 -55.52
N PHE I 133 -20.21 -1.06 -55.07
CA PHE I 133 -21.20 -0.18 -55.67
C PHE I 133 -20.79 0.30 -57.05
N THR I 134 -19.49 0.29 -57.36
CA THR I 134 -19.05 0.62 -58.71
C THR I 134 -19.51 -0.43 -59.72
N VAL I 135 -19.57 -1.69 -59.31
CA VAL I 135 -20.12 -2.73 -60.19
C VAL I 135 -21.63 -2.56 -60.31
N MET I 136 -22.29 -2.17 -59.22
CA MET I 136 -23.74 -2.10 -59.20
C MET I 136 -24.26 -0.96 -60.06
N VAL I 137 -23.70 0.25 -59.91
CA VAL I 137 -24.16 1.36 -60.72
C VAL I 137 -23.65 1.25 -62.15
N GLY I 138 -22.56 0.52 -62.38
CA GLY I 138 -22.08 0.35 -63.75
C GLY I 138 -22.96 -0.60 -64.55
N LYS I 139 -23.47 -1.64 -63.90
CA LYS I 139 -24.35 -2.59 -64.59
C LYS I 139 -25.72 -1.99 -64.83
N LYS I 140 -26.21 -1.16 -63.92
CA LYS I 140 -27.53 -0.56 -64.07
C LYS I 140 -27.52 0.60 -65.06
N PHE I 141 -26.39 1.30 -65.19
CA PHE I 141 -26.30 2.33 -66.22
C PHE I 141 -26.15 1.72 -67.61
N ALA I 142 -25.46 0.59 -67.71
CA ALA I 142 -25.28 -0.05 -69.02
C ALA I 142 -26.57 -0.69 -69.50
N ALA I 143 -27.46 -1.06 -68.59
CA ALA I 143 -28.74 -1.64 -68.92
C ALA I 143 -29.85 -0.61 -69.04
N GLY I 144 -29.53 0.67 -68.90
CA GLY I 144 -30.53 1.72 -68.97
C GLY I 144 -31.50 1.74 -67.82
N GLU I 145 -31.09 1.26 -66.64
CA GLU I 145 -31.96 1.24 -65.48
C GLU I 145 -31.37 2.07 -64.34
N ALA I 146 -30.95 3.30 -64.66
CA ALA I 146 -30.42 4.20 -63.64
C ALA I 146 -31.48 4.63 -62.64
N VAL I 147 -32.76 4.64 -63.04
CA VAL I 147 -33.82 5.06 -62.16
C VAL I 147 -34.10 4.01 -61.07
N SER I 148 -33.68 2.77 -61.28
CA SER I 148 -33.90 1.68 -60.33
C SER I 148 -32.58 1.23 -59.69
N ILE I 149 -31.69 2.16 -59.41
CA ILE I 149 -30.45 1.83 -58.70
C ILE I 149 -30.77 1.74 -57.21
N PRO I 150 -30.47 0.62 -56.56
CA PRO I 150 -30.86 0.43 -55.18
C PRO I 150 -29.89 1.10 -54.22
N PRO I 151 -30.25 1.29 -52.96
CA PRO I 151 -29.28 1.77 -51.97
C PRO I 151 -28.27 0.69 -51.62
N ILE I 152 -27.14 1.13 -51.07
CA ILE I 152 -26.07 0.21 -50.67
C ILE I 152 -26.48 -0.46 -49.36
N SER I 153 -26.87 -1.72 -49.44
CA SER I 153 -27.29 -2.50 -48.28
C SER I 153 -26.14 -3.41 -47.89
N GLN I 154 -25.41 -3.04 -46.86
CA GLN I 154 -24.18 -3.75 -46.52
C GLN I 154 -24.49 -5.02 -45.74
N PRO I 155 -23.93 -6.16 -46.12
CA PRO I 155 -24.21 -7.40 -45.39
C PRO I 155 -23.36 -7.54 -44.13
N TYR I 156 -23.71 -8.57 -43.35
CA TYR I 156 -22.93 -9.10 -42.24
C TYR I 156 -22.73 -8.08 -41.11
N GLY I 157 -23.85 -7.66 -40.53
CA GLY I 157 -23.84 -6.88 -39.32
C GLY I 157 -23.70 -5.38 -39.48
N LYS I 158 -23.71 -4.86 -40.71
CA LYS I 158 -23.49 -3.45 -40.95
C LYS I 158 -24.78 -2.68 -41.19
N ARG I 159 -25.91 -3.25 -40.82
CA ARG I 159 -27.20 -2.56 -40.88
C ARG I 159 -28.06 -3.10 -39.76
N VAL I 160 -29.23 -2.51 -39.58
CA VAL I 160 -30.15 -2.94 -38.53
C VAL I 160 -31.49 -3.28 -39.16
N VAL I 161 -32.24 -4.12 -38.46
CA VAL I 161 -33.54 -4.59 -38.92
C VAL I 161 -34.58 -4.20 -37.87
N ALA I 162 -35.67 -3.59 -38.32
CA ALA I 162 -36.84 -3.37 -37.50
C ALA I 162 -37.82 -4.49 -37.71
N PHE I 163 -38.13 -5.23 -36.65
CA PHE I 163 -38.97 -6.41 -36.67
C PHE I 163 -40.32 -6.01 -36.08
N GLY I 164 -41.27 -5.67 -36.94
CA GLY I 164 -42.53 -5.12 -36.50
C GLY I 164 -43.67 -6.11 -36.42
N GLU I 165 -44.08 -6.44 -35.21
CA GLU I 165 -45.12 -7.44 -34.99
C GLU I 165 -46.50 -6.79 -35.01
N HIS I 166 -47.39 -7.31 -35.84
CA HIS I 166 -48.74 -6.80 -35.97
C HIS I 166 -49.72 -7.96 -35.97
N ILE I 167 -50.74 -7.89 -35.12
CA ILE I 167 -51.83 -8.86 -35.14
C ILE I 167 -53.09 -8.12 -35.57
N VAL I 168 -53.71 -8.59 -36.65
CA VAL I 168 -54.75 -7.86 -37.36
C VAL I 168 -56.09 -8.56 -37.10
N LYS I 169 -57.11 -7.77 -36.79
CA LYS I 169 -58.47 -8.25 -36.56
C LYS I 169 -59.00 -9.03 -37.76
N GLU I 170 -59.87 -10.01 -37.47
CA GLU I 170 -60.52 -10.81 -38.49
C GLU I 170 -61.38 -9.95 -39.40
N GLY I 171 -61.13 -10.04 -40.70
CA GLY I 171 -61.85 -9.27 -41.68
C GLY I 171 -61.16 -8.01 -42.15
N LEU I 172 -60.16 -7.54 -41.39
CA LEU I 172 -59.42 -6.33 -41.74
C LEU I 172 -58.04 -6.63 -42.31
N GLU I 173 -57.81 -7.86 -42.80
CA GLU I 173 -56.51 -8.20 -43.35
C GLU I 173 -56.27 -7.55 -44.70
N ASN I 174 -57.33 -7.31 -45.48
CA ASN I 174 -57.18 -6.61 -46.76
C ASN I 174 -56.86 -5.13 -46.54
N GLN I 175 -57.41 -4.53 -45.48
CA GLN I 175 -57.09 -3.14 -45.19
C GLN I 175 -55.68 -2.99 -44.64
N PHE I 176 -55.21 -3.96 -43.85
CA PHE I 176 -53.84 -3.90 -43.36
C PHE I 176 -52.85 -3.96 -44.51
N GLU I 177 -52.99 -4.95 -45.39
CA GLU I 177 -52.00 -5.19 -46.43
C GLU I 177 -51.96 -4.05 -47.44
N GLU I 178 -53.09 -3.38 -47.67
CA GLU I 178 -53.10 -2.25 -48.61
C GLU I 178 -52.31 -1.07 -48.06
N TYR I 179 -52.53 -0.71 -46.80
CA TYR I 179 -51.92 0.48 -46.24
C TYR I 179 -50.58 0.23 -45.58
N ALA I 180 -50.26 -1.01 -45.21
CA ALA I 180 -48.90 -1.30 -44.79
C ALA I 180 -47.94 -1.29 -45.97
N ILE I 181 -48.44 -1.64 -47.16
CA ILE I 181 -47.65 -1.51 -48.37
C ILE I 181 -47.39 -0.03 -48.67
N LYS I 182 -48.42 0.80 -48.55
CA LYS I 182 -48.27 2.24 -48.77
C LYS I 182 -47.36 2.89 -47.74
N THR I 183 -47.30 2.33 -46.52
CA THR I 183 -46.37 2.83 -45.52
C THR I 183 -44.93 2.48 -45.90
N LEU I 184 -44.72 1.29 -46.46
CA LEU I 184 -43.37 0.89 -46.84
C LEU I 184 -42.90 1.57 -48.12
N GLU I 185 -43.82 1.96 -49.00
CA GLU I 185 -43.44 2.80 -50.13
C GLU I 185 -43.10 4.21 -49.69
N ALA I 186 -43.73 4.69 -48.62
CA ALA I 186 -43.40 5.99 -48.06
C ALA I 186 -42.05 5.99 -47.36
N PHE I 187 -41.58 4.83 -46.88
CA PHE I 187 -40.27 4.75 -46.27
C PHE I 187 -39.13 4.90 -47.28
N ARG I 188 -39.42 4.74 -48.58
CA ARG I 188 -38.40 4.93 -49.62
C ARG I 188 -37.83 6.35 -49.62
N SER I 189 -38.59 7.32 -49.14
CA SER I 189 -38.09 8.68 -49.02
C SER I 189 -37.22 8.90 -47.78
N ALA I 190 -37.27 7.99 -46.81
CA ALA I 190 -36.55 8.21 -45.57
C ALA I 190 -35.06 7.95 -45.77
N PRO I 191 -34.19 8.76 -45.16
CA PRO I 191 -32.74 8.52 -45.28
C PRO I 191 -32.33 7.26 -44.53
N GLY I 192 -31.48 6.49 -45.18
CA GLY I 192 -31.01 5.25 -44.60
C GLY I 192 -31.95 4.08 -44.72
N PHE I 193 -33.08 4.22 -45.39
CA PHE I 193 -33.96 3.09 -45.63
C PHE I 193 -33.33 2.17 -46.66
N LEU I 194 -33.16 0.91 -46.29
CA LEU I 194 -32.49 -0.06 -47.14
C LEU I 194 -33.43 -1.08 -47.73
N GLY I 195 -34.72 -1.01 -47.44
CA GLY I 195 -35.68 -1.92 -48.02
C GLY I 195 -36.55 -2.56 -46.97
N GLY I 196 -37.60 -3.22 -47.46
CA GLY I 196 -38.61 -3.74 -46.57
C GLY I 196 -39.43 -4.85 -47.18
N MET I 197 -40.04 -5.66 -46.32
CA MET I 197 -40.96 -6.69 -46.75
C MET I 197 -42.03 -6.90 -45.69
N ILE I 198 -43.16 -7.43 -46.12
CA ILE I 198 -44.29 -7.72 -45.24
C ILE I 198 -44.51 -9.22 -45.26
N LEU I 199 -44.44 -9.83 -44.07
CA LEU I 199 -44.57 -11.27 -43.93
C LEU I 199 -45.90 -11.61 -43.27
N LYS I 200 -46.56 -12.64 -43.80
CA LYS I 200 -47.87 -13.08 -43.31
C LYS I 200 -47.73 -14.52 -42.83
N GLU I 201 -48.05 -14.75 -41.55
CA GLU I 201 -47.91 -16.09 -40.97
C GLU I 201 -48.94 -17.04 -41.54
N ILE I 202 -48.47 -18.19 -42.01
CA ILE I 202 -49.33 -19.21 -42.63
C ILE I 202 -49.28 -20.54 -41.90
N GLY I 203 -48.50 -20.66 -40.85
CA GLY I 203 -48.37 -21.91 -40.15
C GLY I 203 -47.15 -21.91 -39.26
N VAL I 204 -47.00 -23.01 -38.52
CA VAL I 204 -45.87 -23.24 -37.63
C VAL I 204 -45.31 -24.62 -37.92
N SER I 205 -44.02 -24.70 -38.20
CA SER I 205 -43.34 -25.97 -38.43
C SER I 205 -43.29 -26.81 -37.17
N PRO I 206 -43.82 -28.03 -37.16
CA PRO I 206 -43.72 -28.86 -35.95
C PRO I 206 -42.32 -29.38 -35.66
N LEU I 207 -41.59 -29.84 -36.68
CA LEU I 207 -40.25 -30.36 -36.46
C LEU I 207 -39.27 -29.26 -36.13
N GLY I 208 -39.43 -28.09 -36.75
CA GLY I 208 -38.62 -26.94 -36.39
C GLY I 208 -38.90 -26.38 -35.01
N SER I 209 -40.07 -26.68 -34.45
CA SER I 209 -40.41 -26.25 -33.10
C SER I 209 -40.19 -27.34 -32.06
N LEU I 210 -39.62 -28.49 -32.48
CA LEU I 210 -39.42 -29.68 -31.64
C LEU I 210 -40.72 -30.16 -31.01
N GLN I 211 -41.80 -30.11 -31.76
CA GLN I 211 -43.12 -30.50 -31.28
C GLN I 211 -43.46 -31.85 -31.89
N LEU I 212 -43.25 -32.90 -31.12
CA LEU I 212 -43.55 -34.27 -31.52
C LEU I 212 -44.75 -34.77 -30.73
N ASN I 213 -45.10 -36.03 -30.93
CA ASN I 213 -46.13 -36.67 -30.12
C ASN I 213 -45.53 -37.05 -28.76
N ALA I 214 -46.29 -37.80 -27.96
CA ALA I 214 -45.88 -38.08 -26.58
C ALA I 214 -44.63 -38.95 -26.51
N LYS I 215 -44.50 -39.91 -27.44
CA LYS I 215 -43.30 -40.73 -27.46
C LYS I 215 -42.09 -39.93 -27.94
N GLY I 216 -42.29 -39.06 -28.94
CA GLY I 216 -41.20 -38.25 -29.42
C GLY I 216 -40.74 -37.19 -28.44
N PHE I 217 -41.68 -36.63 -27.67
CA PHE I 217 -41.33 -35.62 -26.67
C PHE I 217 -40.49 -36.22 -25.56
N HIS I 218 -40.79 -37.45 -25.16
CA HIS I 218 -40.00 -38.09 -24.11
C HIS I 218 -38.62 -38.47 -24.61
N GLN I 219 -38.49 -38.83 -25.88
CA GLN I 219 -37.18 -39.14 -26.43
C GLN I 219 -36.31 -37.89 -26.57
N ILE I 220 -36.93 -36.72 -26.73
CA ILE I 220 -36.17 -35.47 -26.71
C ILE I 220 -35.59 -35.22 -25.33
N LEU I 221 -36.38 -35.43 -24.27
CA LEU I 221 -35.90 -35.23 -22.91
C LEU I 221 -34.89 -36.28 -22.49
N GLU I 222 -34.99 -37.49 -23.04
CA GLU I 222 -34.20 -38.61 -22.54
C GLU I 222 -32.86 -38.77 -23.23
N THR I 223 -32.64 -38.14 -24.38
CA THR I 223 -31.48 -38.47 -25.20
C THR I 223 -30.21 -37.84 -24.64
N ALA I 224 -29.10 -38.53 -24.87
CA ALA I 224 -27.77 -38.06 -24.49
C ALA I 224 -27.16 -37.40 -25.72
N ASN I 225 -27.23 -36.06 -25.75
CA ASN I 225 -26.64 -35.20 -26.78
C ASN I 225 -27.20 -35.47 -28.18
N GLY I 226 -28.37 -36.07 -28.29
CA GLY I 226 -28.98 -36.33 -29.57
C GLY I 226 -28.58 -37.64 -30.23
N MET I 227 -27.75 -38.46 -29.59
CA MET I 227 -27.37 -39.76 -30.16
C MET I 227 -28.58 -40.67 -30.31
N ASP I 228 -29.55 -40.53 -29.42
CA ASP I 228 -30.80 -41.28 -29.46
C ASP I 228 -31.83 -40.39 -30.15
N VAL I 229 -32.02 -40.61 -31.44
CA VAL I 229 -32.84 -39.69 -32.25
C VAL I 229 -34.30 -40.07 -32.09
N PRO I 230 -35.19 -39.13 -31.75
CA PRO I 230 -36.62 -39.45 -31.68
C PRO I 230 -37.19 -39.72 -33.06
N GLU I 231 -38.22 -40.54 -33.09
CA GLU I 231 -38.96 -40.77 -34.32
C GLU I 231 -39.75 -39.50 -34.64
N PRO I 232 -39.56 -38.89 -35.81
CA PRO I 232 -40.15 -37.57 -36.07
C PRO I 232 -41.62 -37.64 -36.47
N VAL I 233 -42.45 -38.16 -35.57
CA VAL I 233 -43.89 -38.23 -35.75
C VAL I 233 -44.51 -37.09 -34.97
N THR I 234 -45.23 -36.23 -35.68
CA THR I 234 -45.94 -35.11 -35.09
C THR I 234 -47.44 -35.37 -35.14
N ILE I 235 -48.18 -34.63 -34.31
CA ILE I 235 -49.63 -34.78 -34.30
C ILE I 235 -50.31 -33.78 -35.23
N TYR I 236 -49.56 -32.87 -35.84
CA TYR I 236 -50.13 -31.87 -36.72
C TYR I 236 -49.15 -31.56 -37.83
N GLU I 237 -49.68 -31.02 -38.91
CA GLU I 237 -48.86 -30.41 -39.96
C GLU I 237 -48.96 -28.91 -39.84
N ALA I 238 -48.08 -28.22 -40.56
CA ALA I 238 -47.87 -26.78 -40.34
C ALA I 238 -49.09 -25.88 -40.51
N PRO I 239 -49.99 -26.04 -41.51
CA PRO I 239 -51.20 -25.19 -41.52
C PRO I 239 -52.22 -25.49 -40.43
N GLU I 240 -52.08 -26.60 -39.68
CA GLU I 240 -52.99 -26.86 -38.58
C GLU I 240 -52.68 -26.03 -37.35
N PHE I 241 -51.48 -25.46 -37.25
CA PHE I 241 -51.15 -24.47 -36.24
C PHE I 241 -50.94 -23.17 -37.01
N ARG I 242 -52.04 -22.52 -37.34
CA ARG I 242 -52.02 -21.21 -37.95
C ARG I 242 -52.76 -20.28 -37.00
N ASN I 243 -52.04 -19.29 -36.48
CA ASN I 243 -52.59 -18.45 -35.42
C ASN I 243 -53.67 -17.53 -35.96
N ARG I 244 -54.80 -17.52 -35.29
CA ARG I 244 -55.87 -16.59 -35.56
C ARG I 244 -56.08 -15.74 -34.31
N PRO I 245 -56.22 -14.41 -34.43
CA PRO I 245 -56.18 -13.54 -35.62
C PRO I 245 -54.81 -13.44 -36.28
N GLN I 246 -54.79 -12.90 -37.51
CA GLN I 246 -53.66 -13.06 -38.41
C GLN I 246 -52.44 -12.27 -37.95
N ARG I 247 -51.30 -12.95 -37.86
CA ARG I 247 -50.04 -12.32 -37.48
C ARG I 247 -49.31 -11.81 -38.72
N TYR I 248 -48.77 -10.61 -38.61
CA TYR I 248 -47.97 -10.03 -39.67
C TYR I 248 -46.64 -9.58 -39.10
N ILE I 249 -45.58 -9.76 -39.87
CA ILE I 249 -44.29 -9.15 -39.58
C ILE I 249 -44.05 -8.07 -40.62
N VAL I 250 -43.80 -6.85 -40.15
CA VAL I 250 -43.33 -5.77 -41.00
C VAL I 250 -41.84 -5.64 -40.78
N HIS I 251 -41.07 -6.10 -41.76
CA HIS I 251 -39.62 -6.19 -41.69
C HIS I 251 -39.03 -5.06 -42.51
N THR I 252 -38.34 -4.13 -41.87
CA THR I 252 -37.68 -3.03 -42.57
C THR I 252 -36.22 -2.96 -42.17
N GLU I 253 -35.38 -2.55 -43.11
CA GLU I 253 -33.94 -2.53 -42.92
C GLU I 253 -33.43 -1.10 -43.03
N TRP I 254 -32.50 -0.75 -42.15
CA TRP I 254 -32.04 0.62 -41.98
C TRP I 254 -30.53 0.61 -41.82
N SER I 255 -29.89 1.70 -42.23
CA SER I 255 -28.43 1.75 -42.22
C SER I 255 -27.87 1.82 -40.79
N ASP I 256 -28.59 2.46 -39.87
CA ASP I 256 -28.19 2.53 -38.48
C ASP I 256 -29.45 2.74 -37.65
N THR I 257 -29.28 2.76 -36.31
CA THR I 257 -30.44 2.87 -35.44
C THR I 257 -31.02 4.28 -35.42
N ASN I 258 -30.21 5.29 -35.72
CA ASN I 258 -30.74 6.64 -35.83
C ASN I 258 -31.63 6.78 -37.06
N ALA I 259 -31.20 6.21 -38.19
CA ALA I 259 -32.04 6.19 -39.39
C ALA I 259 -33.30 5.37 -39.16
N LEU I 260 -33.20 4.30 -38.37
CA LEU I 260 -34.37 3.51 -38.02
C LEU I 260 -35.35 4.30 -37.17
N MET I 261 -34.84 5.00 -36.15
CA MET I 261 -35.70 5.70 -35.20
C MET I 261 -36.46 6.85 -35.85
N PHE I 262 -35.78 7.66 -36.66
CA PHE I 262 -36.46 8.75 -37.32
C PHE I 262 -37.15 8.33 -38.61
N GLY I 263 -36.74 7.22 -39.21
CA GLY I 263 -37.40 6.72 -40.40
C GLY I 263 -38.72 6.05 -40.09
N LEU I 264 -38.70 5.10 -39.14
CA LEU I 264 -39.95 4.50 -38.66
C LEU I 264 -40.82 5.51 -37.95
N GLY I 265 -40.20 6.51 -37.31
CA GLY I 265 -40.92 7.57 -36.62
C GLY I 265 -41.74 8.46 -37.53
N ARG I 266 -41.55 8.39 -38.84
CA ARG I 266 -42.36 9.15 -39.79
C ARG I 266 -43.84 8.78 -39.74
N VAL I 267 -44.19 7.58 -39.26
CA VAL I 267 -45.60 7.26 -39.02
C VAL I 267 -46.16 7.98 -37.81
N LEU I 268 -45.33 8.66 -37.03
CA LEU I 268 -45.77 9.49 -35.92
C LEU I 268 -45.55 10.98 -36.13
N ILE I 269 -44.49 11.38 -36.84
CA ILE I 269 -44.10 12.78 -36.89
C ILE I 269 -44.26 13.40 -38.28
N TYR I 270 -44.39 12.60 -39.33
CA TYR I 270 -44.61 13.13 -40.68
C TYR I 270 -46.09 13.04 -40.97
N PRO I 271 -46.80 14.16 -41.12
CA PRO I 271 -48.27 14.12 -41.17
C PRO I 271 -48.83 13.42 -42.40
N GLU I 272 -48.14 13.41 -43.53
CA GLU I 272 -48.65 12.70 -44.70
C GLU I 272 -48.54 11.19 -44.55
N VAL I 273 -47.46 10.70 -43.94
CA VAL I 273 -47.30 9.28 -43.69
C VAL I 273 -48.16 8.85 -42.50
N ARG I 274 -48.41 9.77 -41.57
CA ARG I 274 -49.20 9.49 -40.38
C ARG I 274 -50.64 9.15 -40.71
N GLN I 275 -51.23 9.79 -41.73
CA GLN I 275 -52.59 9.43 -42.13
C GLN I 275 -52.63 8.06 -42.81
N ILE I 276 -51.56 7.68 -43.51
CA ILE I 276 -51.50 6.37 -44.15
C ILE I 276 -51.45 5.28 -43.08
N HIS I 277 -50.55 5.43 -42.11
CA HIS I 277 -50.35 4.43 -41.08
C HIS I 277 -51.48 4.41 -40.05
N ASP I 278 -52.32 5.45 -40.01
CA ASP I 278 -53.51 5.42 -39.17
C ASP I 278 -54.50 4.35 -39.63
N LYS I 279 -54.53 4.07 -40.94
CA LYS I 279 -55.38 3.00 -41.44
C LYS I 279 -54.82 1.63 -41.08
N VAL I 280 -53.50 1.52 -40.92
CA VAL I 280 -52.91 0.29 -40.41
C VAL I 280 -53.28 0.09 -38.94
N LEU I 281 -53.21 1.17 -38.15
CA LEU I 281 -53.48 1.08 -36.71
C LEU I 281 -54.93 0.75 -36.42
N ASP I 282 -55.85 1.12 -37.30
CA ASP I 282 -57.26 0.82 -37.13
C ASP I 282 -57.63 -0.62 -37.46
N THR I 283 -56.66 -1.47 -37.81
CA THR I 283 -56.91 -2.89 -38.06
C THR I 283 -56.28 -3.79 -37.00
N LEU I 284 -55.56 -3.25 -36.04
CA LEU I 284 -54.71 -4.02 -35.16
C LEU I 284 -55.43 -4.37 -33.86
N VAL I 285 -55.43 -5.66 -33.50
CA VAL I 285 -55.78 -6.04 -32.14
C VAL I 285 -54.55 -6.06 -31.23
N TYR I 286 -53.36 -6.17 -31.80
CA TYR I 286 -52.13 -6.12 -31.02
C TYR I 286 -51.06 -5.43 -31.86
N GLY I 287 -50.28 -4.58 -31.21
CA GLY I 287 -49.17 -3.94 -31.84
C GLY I 287 -49.41 -2.48 -32.13
N PRO I 288 -48.43 -1.80 -32.72
CA PRO I 288 -47.15 -2.35 -33.19
C PRO I 288 -46.06 -2.41 -32.12
N TYR I 289 -45.37 -3.55 -32.06
CA TYR I 289 -44.22 -3.74 -31.21
C TYR I 289 -43.03 -4.05 -32.09
N ILE I 290 -41.99 -3.22 -32.00
CA ILE I 290 -40.90 -3.24 -32.97
C ILE I 290 -39.62 -3.63 -32.24
N ARG I 291 -39.09 -4.80 -32.57
CA ARG I 291 -37.78 -5.22 -32.09
C ARG I 291 -36.71 -4.76 -33.06
N VAL I 292 -35.53 -4.49 -32.52
CA VAL I 292 -34.37 -4.07 -33.31
C VAL I 292 -33.44 -5.25 -33.40
N LEU I 293 -33.13 -5.67 -34.63
CA LEU I 293 -32.34 -6.87 -34.86
C LEU I 293 -31.05 -6.53 -35.59
N ASN I 294 -30.02 -7.31 -35.31
CA ASN I 294 -28.75 -7.19 -36.01
C ASN I 294 -28.56 -8.40 -36.89
N PRO I 295 -28.51 -8.25 -38.21
CA PRO I 295 -28.29 -9.40 -39.09
C PRO I 295 -26.84 -9.83 -39.19
N MET I 296 -26.39 -10.67 -38.26
CA MET I 296 -24.99 -11.10 -38.22
C MET I 296 -24.63 -11.99 -39.40
N MET I 297 -25.25 -13.16 -39.48
CA MET I 297 -24.88 -14.18 -40.45
C MET I 297 -25.93 -14.24 -41.54
N GLU I 298 -25.50 -14.16 -42.79
CA GLU I 298 -26.42 -14.00 -43.90
C GLU I 298 -26.06 -14.91 -45.07
N GLY I 299 -27.09 -15.30 -45.79
CA GLY I 299 -27.05 -16.04 -47.03
C GLY I 299 -27.56 -15.20 -48.17
N THR I 300 -26.98 -14.00 -48.36
CA THR I 300 -27.50 -12.88 -49.16
C THR I 300 -27.98 -13.19 -50.58
N TYR I 301 -27.67 -14.37 -51.11
CA TYR I 301 -28.16 -14.85 -52.39
C TYR I 301 -29.66 -15.16 -52.39
N TRP I 302 -30.36 -15.08 -51.25
CA TRP I 302 -31.82 -15.19 -51.27
C TRP I 302 -32.45 -13.98 -51.94
N ARG I 303 -31.80 -12.83 -51.90
CA ARG I 303 -32.28 -11.67 -52.62
C ARG I 303 -32.01 -11.76 -54.12
N GLU I 304 -31.03 -12.57 -54.53
CA GLU I 304 -30.84 -12.85 -55.95
C GLU I 304 -31.99 -13.67 -56.50
N TYR I 305 -32.52 -14.61 -55.69
CA TYR I 305 -33.70 -15.36 -56.09
C TYR I 305 -34.93 -14.46 -56.11
N LEU I 306 -35.02 -13.53 -55.16
CA LEU I 306 -36.20 -12.67 -55.06
C LEU I 306 -36.24 -11.65 -56.20
N ASN I 307 -35.10 -11.05 -56.52
CA ASN I 307 -35.05 -10.01 -57.53
C ASN I 307 -34.73 -10.53 -58.91
N GLU I 308 -34.48 -11.84 -59.04
CA GLU I 308 -34.25 -12.54 -60.32
C GLU I 308 -33.05 -11.98 -61.07
N TYR I 309 -32.03 -11.57 -60.33
CA TYR I 309 -30.86 -10.90 -60.86
C TYR I 309 -29.78 -10.96 -59.80
N HIS I 310 -28.52 -11.14 -60.22
CA HIS I 310 -27.41 -11.16 -59.29
C HIS I 310 -26.41 -10.06 -59.66
N LEU I 311 -25.44 -9.87 -58.77
CA LEU I 311 -24.40 -8.82 -58.83
C LEU I 311 -24.97 -7.41 -58.99
N PRO J 2 -41.25 -44.96 37.06
CA PRO J 2 -40.99 -44.45 38.41
C PRO J 2 -40.07 -43.24 38.37
N LYS J 3 -39.79 -42.65 39.53
CA LYS J 3 -38.89 -41.51 39.59
C LYS J 3 -37.46 -42.00 39.76
N PRO J 4 -36.56 -41.72 38.82
CA PRO J 4 -35.17 -42.12 39.00
C PRO J 4 -34.43 -41.21 39.96
N TYR J 5 -33.20 -41.61 40.26
CA TYR J 5 -32.28 -40.78 41.02
C TYR J 5 -31.29 -40.14 40.07
N VAL J 6 -30.82 -38.95 40.40
CA VAL J 6 -29.97 -38.18 39.53
C VAL J 6 -28.61 -37.99 40.17
N ALA J 7 -27.56 -38.32 39.43
CA ALA J 7 -26.20 -37.89 39.74
C ALA J 7 -25.85 -36.75 38.78
N ILE J 8 -25.40 -35.63 39.34
CA ILE J 8 -25.05 -34.47 38.53
C ILE J 8 -23.54 -34.25 38.65
N ASN J 9 -22.82 -34.59 37.59
CA ASN J 9 -21.38 -34.39 37.55
C ASN J 9 -21.08 -32.97 37.10
N MET J 10 -20.40 -32.20 37.96
CA MET J 10 -20.10 -30.80 37.72
C MET J 10 -18.60 -30.62 37.53
N VAL J 11 -18.20 -30.09 36.39
CA VAL J 11 -16.82 -29.78 36.08
C VAL J 11 -16.72 -28.39 35.47
N GLU J 12 -15.61 -27.72 35.72
CA GLU J 12 -15.24 -26.50 35.00
C GLU J 12 -14.09 -26.83 34.08
N VAL J 13 -14.27 -26.58 32.78
CA VAL J 13 -13.26 -26.87 31.78
C VAL J 13 -12.95 -25.58 31.02
N ARG J 14 -11.82 -25.57 30.32
CA ARG J 14 -11.45 -24.44 29.49
C ARG J 14 -12.40 -24.28 28.31
N ASN J 15 -12.63 -23.05 27.89
CA ASN J 15 -13.46 -22.77 26.71
C ASN J 15 -12.52 -22.53 25.53
N ASP J 16 -12.14 -23.61 24.87
CA ASP J 16 -11.22 -23.58 23.73
C ASP J 16 -11.64 -24.69 22.79
N PRO J 17 -11.20 -24.64 21.52
CA PRO J 17 -11.58 -25.71 20.58
C PRO J 17 -11.09 -27.10 20.95
N LYS J 18 -10.05 -27.22 21.77
CA LYS J 18 -9.62 -28.54 22.23
C LYS J 18 -10.67 -29.19 23.11
N THR J 19 -11.37 -28.40 23.94
CA THR J 19 -12.37 -28.92 24.86
C THR J 19 -13.59 -29.47 24.12
N LEU J 20 -14.04 -28.77 23.07
CA LEU J 20 -15.19 -29.26 22.32
C LEU J 20 -14.88 -30.50 21.49
N GLU J 21 -13.61 -30.83 21.28
CA GLU J 21 -13.28 -32.16 20.77
C GLU J 21 -13.52 -33.23 21.83
N LEU J 22 -13.35 -32.89 23.11
CA LEU J 22 -13.57 -33.84 24.19
C LEU J 22 -15.05 -34.13 24.43
N PHE J 23 -15.94 -33.28 23.92
CA PHE J 23 -17.37 -33.55 23.97
C PHE J 23 -17.74 -34.75 23.10
N GLY J 24 -17.08 -34.90 21.96
CA GLY J 24 -17.44 -35.91 21.00
C GLY J 24 -16.52 -37.12 20.99
N LYS J 25 -15.39 -37.04 21.68
CA LYS J 25 -14.43 -38.14 21.69
C LYS J 25 -14.29 -38.83 23.04
N VAL J 26 -14.83 -38.25 24.12
CA VAL J 26 -14.75 -38.84 25.46
C VAL J 26 -16.13 -39.01 26.07
N GLY J 27 -16.95 -37.97 26.01
CA GLY J 27 -18.37 -38.00 26.37
C GLY J 27 -19.20 -39.20 25.96
N PRO J 28 -19.17 -39.59 24.67
CA PRO J 28 -19.87 -40.83 24.30
C PRO J 28 -19.27 -42.09 24.92
N LYS J 29 -17.97 -42.13 25.15
CA LYS J 29 -17.36 -43.32 25.75
C LYS J 29 -17.74 -43.47 27.21
N VAL J 30 -17.88 -42.35 27.93
CA VAL J 30 -18.31 -42.39 29.32
C VAL J 30 -19.74 -42.90 29.42
N CYS J 31 -20.60 -42.46 28.50
CA CYS J 31 -21.98 -42.94 28.46
C CYS J 31 -22.07 -44.42 28.11
N MET J 32 -21.14 -44.92 27.30
CA MET J 32 -21.14 -46.34 26.94
C MET J 32 -20.64 -47.21 28.09
N VAL J 33 -19.67 -46.72 28.87
CA VAL J 33 -19.22 -47.45 30.05
C VAL J 33 -20.30 -47.44 31.13
N THR J 34 -20.98 -46.30 31.28
CA THR J 34 -22.06 -46.15 32.24
C THR J 34 -23.24 -47.06 31.91
N ALA J 35 -23.48 -47.33 30.63
CA ALA J 35 -24.57 -48.17 30.18
C ALA J 35 -24.29 -49.66 30.32
N ARG J 36 -23.13 -50.05 30.87
CA ARG J 36 -22.92 -51.44 31.25
C ARG J 36 -23.77 -51.85 32.44
N HIS J 37 -24.18 -50.91 33.28
CA HIS J 37 -24.99 -51.20 34.45
C HIS J 37 -26.47 -51.20 34.09
N PRO J 38 -27.24 -52.17 34.57
CA PRO J 38 -28.67 -52.23 34.20
C PRO J 38 -29.53 -51.16 34.89
N GLY J 39 -29.07 -50.59 36.00
CA GLY J 39 -29.78 -49.52 36.66
C GLY J 39 -29.66 -48.16 36.01
N PHE J 40 -28.81 -48.04 35.00
CA PHE J 40 -28.68 -46.80 34.24
C PHE J 40 -29.88 -46.65 33.31
N VAL J 41 -30.60 -45.54 33.43
CA VAL J 41 -31.78 -45.32 32.60
C VAL J 41 -31.65 -44.13 31.68
N GLY J 42 -30.55 -43.40 31.70
CA GLY J 42 -30.37 -42.32 30.75
C GLY J 42 -29.52 -41.20 31.31
N PHE J 43 -29.35 -40.17 30.48
CA PHE J 43 -28.47 -39.07 30.82
C PHE J 43 -28.96 -37.80 30.14
N GLN J 44 -28.43 -36.67 30.60
CA GLN J 44 -28.69 -35.37 29.98
C GLN J 44 -27.51 -34.47 30.32
N ASN J 45 -26.73 -34.11 29.32
CA ASN J 45 -25.51 -33.36 29.52
C ASN J 45 -25.72 -31.88 29.17
N HIS J 46 -25.23 -31.00 30.02
CA HIS J 46 -25.46 -29.57 29.87
C HIS J 46 -24.14 -28.81 29.82
N VAL J 47 -24.18 -27.69 29.12
CA VAL J 47 -23.14 -26.65 29.19
C VAL J 47 -23.83 -25.38 29.67
N GLN J 48 -23.25 -24.73 30.68
CA GLN J 48 -23.79 -23.45 31.11
C GLN J 48 -23.50 -22.38 30.06
N ILE J 49 -24.54 -21.69 29.63
CA ILE J 49 -24.40 -20.61 28.65
C ILE J 49 -24.62 -19.24 29.27
N GLY J 50 -25.07 -19.16 30.51
CA GLY J 50 -25.27 -17.87 31.13
C GLY J 50 -25.96 -17.98 32.48
N VAL J 51 -26.36 -16.82 32.99
CA VAL J 51 -26.97 -16.65 34.29
C VAL J 51 -28.17 -15.73 34.10
N VAL J 52 -29.27 -16.01 34.78
CA VAL J 52 -30.40 -15.10 34.80
C VAL J 52 -30.01 -13.88 35.64
N PRO J 53 -30.00 -12.68 35.07
CA PRO J 53 -29.51 -11.52 35.82
C PRO J 53 -30.49 -10.98 36.85
N LEU J 54 -31.80 -11.22 36.65
CA LEU J 54 -32.90 -10.71 37.48
C LEU J 54 -32.83 -9.19 37.63
N GLY J 55 -32.97 -8.51 36.50
CA GLY J 55 -32.73 -7.09 36.46
C GLY J 55 -31.25 -6.79 36.55
N THR J 56 -30.82 -6.09 37.60
CA THR J 56 -29.41 -5.80 37.83
C THR J 56 -28.87 -6.49 39.08
N ARG J 57 -29.51 -7.57 39.53
CA ARG J 57 -29.05 -8.27 40.72
C ARG J 57 -27.70 -8.93 40.46
N TRP J 58 -27.58 -9.63 39.34
CA TRP J 58 -26.28 -9.98 38.79
C TRP J 58 -26.21 -9.32 37.42
N GLY J 59 -25.89 -8.03 37.41
CA GLY J 59 -25.93 -7.25 36.18
C GLY J 59 -24.75 -7.46 35.27
N GLY J 60 -23.67 -8.03 35.78
CA GLY J 60 -22.55 -8.42 34.94
C GLY J 60 -22.75 -9.71 34.20
N ALA J 61 -23.85 -10.39 34.46
CA ALA J 61 -24.17 -11.67 33.85
C ALA J 61 -25.28 -11.50 32.82
N LYS J 62 -25.25 -12.35 31.81
CA LYS J 62 -26.25 -12.36 30.75
C LYS J 62 -26.74 -13.79 30.59
N MET J 63 -27.90 -13.94 29.94
CA MET J 63 -28.42 -15.28 29.72
C MET J 63 -27.65 -16.03 28.65
N GLU J 64 -27.10 -15.32 27.68
CA GLU J 64 -26.26 -15.92 26.62
C GLU J 64 -24.92 -15.21 26.64
N MET J 65 -23.98 -15.72 27.45
CA MET J 65 -22.66 -15.13 27.57
C MET J 65 -21.55 -16.14 27.30
N SER J 66 -21.87 -17.26 26.64
CA SER J 66 -20.90 -18.34 26.50
C SER J 66 -19.81 -18.04 25.47
N GLN J 67 -20.07 -17.11 24.55
CA GLN J 67 -19.06 -16.73 23.57
C GLN J 67 -17.93 -15.91 24.18
N GLU J 68 -18.12 -15.34 25.37
CA GLU J 68 -17.14 -14.47 25.98
C GLU J 68 -16.40 -15.10 27.16
N MET J 69 -16.82 -16.28 27.62
CA MET J 69 -16.24 -16.87 28.82
C MET J 69 -15.00 -17.68 28.49
N HIS J 70 -14.02 -17.61 29.39
CA HIS J 70 -12.80 -18.41 29.25
C HIS J 70 -12.98 -19.84 29.70
N SER J 71 -14.01 -20.12 30.50
CA SER J 71 -14.20 -21.43 31.08
C SER J 71 -15.67 -21.83 30.98
N LEU J 72 -15.90 -23.13 30.85
CA LEU J 72 -17.24 -23.68 30.68
C LEU J 72 -17.61 -24.53 31.88
N MET J 73 -18.79 -24.29 32.43
CA MET J 73 -19.37 -25.13 33.45
C MET J 73 -20.20 -26.23 32.79
N LEU J 74 -19.94 -27.49 33.14
CA LEU J 74 -20.68 -28.62 32.60
C LEU J 74 -21.46 -29.29 33.72
N MET J 75 -22.72 -29.60 33.46
CA MET J 75 -23.58 -30.35 34.38
C MET J 75 -24.05 -31.60 33.65
N GLN J 76 -23.47 -32.73 34.00
CA GLN J 76 -23.76 -33.98 33.32
C GLN J 76 -24.66 -34.82 34.21
N TYR J 77 -25.95 -34.88 33.86
CA TYR J 77 -26.90 -35.64 34.64
C TYR J 77 -26.83 -37.10 34.19
N THR J 78 -26.84 -38.01 35.14
CA THR J 78 -27.10 -39.41 34.87
C THR J 78 -28.26 -39.86 35.74
N PHE J 79 -29.12 -40.70 35.18
CA PHE J 79 -30.35 -41.10 35.82
C PHE J 79 -30.28 -42.58 36.18
N TRP J 80 -30.74 -42.92 37.39
CA TRP J 80 -30.51 -44.23 37.97
C TRP J 80 -31.78 -44.75 38.63
N LYS J 81 -32.01 -46.06 38.53
CA LYS J 81 -33.16 -46.68 39.19
C LYS J 81 -33.05 -46.58 40.70
N ASN J 82 -31.85 -46.71 41.24
CA ASN J 82 -31.55 -46.39 42.63
C ASN J 82 -30.18 -45.72 42.66
N TRP J 83 -29.96 -44.88 43.68
CA TRP J 83 -28.68 -44.19 43.77
C TRP J 83 -27.53 -45.12 44.12
N LYS J 84 -27.83 -46.29 44.70
CA LYS J 84 -26.79 -47.29 44.92
C LYS J 84 -26.31 -47.92 43.63
N ASP J 85 -27.14 -47.91 42.58
CA ASP J 85 -26.70 -48.39 41.26
C ASP J 85 -25.62 -47.50 40.68
N HIS J 86 -25.66 -46.21 40.98
CA HIS J 86 -24.61 -45.30 40.51
C HIS J 86 -23.31 -45.55 41.25
N GLU J 87 -23.36 -45.80 42.56
CA GLU J 87 -22.15 -46.09 43.31
C GLU J 87 -21.59 -47.45 42.97
N GLU J 88 -22.45 -48.43 42.68
CA GLU J 88 -21.99 -49.73 42.23
C GLU J 88 -21.39 -49.66 40.83
N MET J 89 -21.92 -48.79 39.97
CA MET J 89 -21.37 -48.63 38.63
C MET J 89 -19.96 -48.07 38.67
N HIS J 90 -19.72 -47.07 39.52
CA HIS J 90 -18.40 -46.44 39.59
C HIS J 90 -17.35 -47.37 40.16
N LYS J 91 -17.74 -48.26 41.08
CA LYS J 91 -16.76 -49.18 41.64
C LYS J 91 -16.42 -50.30 40.66
N GLN J 92 -17.42 -50.81 39.94
CA GLN J 92 -17.19 -51.93 39.03
C GLN J 92 -16.50 -51.51 37.75
N ASN J 93 -16.65 -50.25 37.33
CA ASN J 93 -16.07 -49.76 36.10
C ASN J 93 -15.03 -48.69 36.37
N TRP J 94 -14.31 -48.82 37.48
CA TRP J 94 -13.45 -47.73 37.95
C TRP J 94 -12.26 -47.49 37.06
N ALA J 95 -11.65 -48.55 36.52
CA ALA J 95 -10.46 -48.39 35.68
C ALA J 95 -10.81 -47.70 34.36
N ASN J 96 -11.92 -48.10 33.74
CA ASN J 96 -12.31 -47.48 32.48
C ASN J 96 -12.76 -46.04 32.66
N LEU J 97 -13.47 -45.75 33.76
CA LEU J 97 -14.00 -44.42 33.99
C LEU J 97 -12.93 -43.44 34.42
N PHE J 98 -11.97 -43.89 35.23
CA PHE J 98 -10.85 -43.04 35.63
C PHE J 98 -10.00 -42.65 34.42
N ARG J 99 -9.77 -43.60 33.51
CA ARG J 99 -8.95 -43.34 32.34
C ARG J 99 -9.63 -42.38 31.38
N LEU J 100 -10.95 -42.47 31.26
CA LEU J 100 -11.68 -41.55 30.39
C LEU J 100 -11.74 -40.15 30.99
N CYS J 101 -11.89 -40.06 32.31
CA CYS J 101 -11.96 -38.76 32.97
C CYS J 101 -10.62 -38.03 32.93
N LEU J 102 -9.51 -38.78 32.90
CA LEU J 102 -8.19 -38.18 32.80
C LEU J 102 -7.82 -37.80 31.38
N GLN J 103 -8.64 -38.13 30.38
CA GLN J 103 -8.44 -37.57 29.06
C GLN J 103 -8.86 -36.11 29.00
N CYS J 104 -9.72 -35.67 29.93
CA CYS J 104 -10.18 -34.29 30.02
C CYS J 104 -9.32 -33.48 30.99
N ALA J 105 -8.17 -34.02 31.39
CA ALA J 105 -7.41 -33.46 32.51
C ALA J 105 -6.74 -32.15 32.13
N ASP J 106 -6.16 -32.06 30.94
CA ASP J 106 -5.48 -30.84 30.52
C ASP J 106 -6.43 -29.71 30.16
N GLN J 107 -7.75 -29.94 30.21
CA GLN J 107 -8.74 -28.88 30.07
C GLN J 107 -9.43 -28.54 31.38
N MET J 108 -9.34 -29.40 32.40
CA MET J 108 -10.15 -29.24 33.60
C MET J 108 -9.58 -28.18 34.53
N ILE J 109 -10.46 -27.35 35.06
CA ILE J 109 -10.10 -26.26 35.94
C ILE J 109 -10.57 -26.51 37.37
N TRP J 110 -11.81 -26.95 37.53
CA TRP J 110 -12.38 -27.28 38.82
C TRP J 110 -13.18 -28.56 38.67
N GLY J 111 -13.20 -29.36 39.72
CA GLY J 111 -13.98 -30.57 39.71
C GLY J 111 -13.15 -31.82 39.47
N PRO J 112 -13.81 -32.97 39.26
CA PRO J 112 -15.26 -33.19 39.25
C PRO J 112 -15.90 -33.24 40.63
N TYR J 113 -17.16 -32.86 40.68
CA TYR J 113 -17.94 -32.83 41.90
C TYR J 113 -19.31 -33.38 41.56
N GLU J 114 -19.66 -34.54 42.13
CA GLU J 114 -20.89 -35.23 41.75
C GLU J 114 -21.82 -35.40 42.96
N PRO J 115 -22.68 -34.44 43.23
CA PRO J 115 -23.75 -34.66 44.21
C PRO J 115 -24.84 -35.57 43.65
N LEU J 116 -25.46 -36.31 44.54
CA LEU J 116 -26.55 -37.22 44.19
C LEU J 116 -27.88 -36.60 44.61
N TYR J 117 -28.90 -36.80 43.78
CA TYR J 117 -30.18 -36.13 43.98
C TYR J 117 -31.32 -37.12 43.92
N GLU J 118 -32.35 -36.83 44.70
CA GLU J 118 -33.64 -37.51 44.64
C GLU J 118 -34.65 -36.58 43.98
N ILE J 119 -35.46 -37.13 43.08
CA ILE J 119 -36.49 -36.35 42.41
C ILE J 119 -37.69 -36.22 43.36
N VAL J 120 -37.95 -35.00 43.82
CA VAL J 120 -39.09 -34.74 44.68
C VAL J 120 -40.37 -34.62 43.85
N TYR J 121 -40.31 -33.86 42.77
CA TYR J 121 -41.42 -33.64 41.87
C TYR J 121 -40.89 -33.73 40.46
N ALA J 122 -41.72 -34.22 39.53
CA ALA J 122 -41.33 -34.26 38.14
C ALA J 122 -42.53 -34.04 37.25
N ASN J 123 -42.42 -33.09 36.34
CA ASN J 123 -43.30 -32.94 35.19
C ASN J 123 -42.36 -32.81 34.01
N MET J 124 -41.91 -33.93 33.47
CA MET J 124 -40.91 -33.94 32.41
C MET J 124 -41.44 -34.81 31.27
N PRO J 125 -41.88 -34.20 30.19
CA PRO J 125 -42.49 -34.96 29.09
C PRO J 125 -41.44 -35.70 28.26
N LEU J 126 -41.95 -36.51 27.35
CA LEU J 126 -41.09 -37.18 26.38
C LEU J 126 -40.54 -36.17 25.39
N ASN J 127 -39.26 -36.32 25.07
CA ASN J 127 -38.64 -35.46 24.07
C ASN J 127 -39.12 -35.88 22.68
N THR J 128 -39.64 -34.92 21.93
CA THR J 128 -40.05 -35.12 20.55
C THR J 128 -39.42 -34.06 19.67
N GLU J 129 -39.02 -34.46 18.47
CA GLU J 129 -38.64 -33.51 17.44
C GLU J 129 -39.89 -32.87 16.84
N MET J 130 -39.67 -31.87 15.99
CA MET J 130 -40.79 -31.27 15.28
C MET J 130 -41.34 -32.18 14.19
N THR J 131 -40.61 -33.23 13.81
CA THR J 131 -41.14 -34.23 12.89
C THR J 131 -41.96 -35.30 13.60
N ASP J 132 -41.93 -35.35 14.92
CA ASP J 132 -42.54 -36.43 15.68
C ASP J 132 -43.87 -36.07 16.32
N PHE J 133 -44.35 -34.82 16.19
CA PHE J 133 -45.55 -34.45 16.93
C PHE J 133 -46.82 -35.06 16.34
N THR J 134 -46.80 -35.41 15.05
CA THR J 134 -47.93 -36.12 14.46
C THR J 134 -48.11 -37.50 15.06
N VAL J 135 -47.00 -38.17 15.42
CA VAL J 135 -47.10 -39.45 16.11
C VAL J 135 -47.59 -39.23 17.54
N MET J 136 -47.15 -38.15 18.17
CA MET J 136 -47.46 -37.91 19.58
C MET J 136 -48.93 -37.59 19.79
N VAL J 137 -49.47 -36.64 19.00
CA VAL J 137 -50.87 -36.31 19.15
C VAL J 137 -51.77 -37.39 18.58
N GLY J 138 -51.27 -38.21 17.66
CA GLY J 138 -52.10 -39.29 17.13
C GLY J 138 -52.26 -40.42 18.14
N LYS J 139 -51.21 -40.71 18.89
CA LYS J 139 -51.28 -41.76 19.90
C LYS J 139 -52.11 -41.32 21.10
N LYS J 140 -52.05 -40.04 21.46
CA LYS J 140 -52.80 -39.55 22.61
C LYS J 140 -54.27 -39.35 22.29
N PHE J 141 -54.60 -39.04 21.04
CA PHE J 141 -56.01 -38.97 20.66
C PHE J 141 -56.63 -40.35 20.55
N ALA J 142 -55.86 -41.34 20.11
CA ALA J 142 -56.40 -42.70 19.98
C ALA J 142 -56.59 -43.34 21.34
N ALA J 143 -55.84 -42.91 22.34
CA ALA J 143 -55.97 -43.42 23.69
C ALA J 143 -56.93 -42.61 24.55
N GLY J 144 -57.57 -41.60 23.98
CA GLY J 144 -58.48 -40.75 24.73
C GLY J 144 -57.82 -39.86 25.75
N GLU J 145 -56.56 -39.49 25.53
CA GLU J 145 -55.83 -38.64 26.45
C GLU J 145 -55.40 -37.33 25.78
N ALA J 146 -56.34 -36.68 25.09
CA ALA J 146 -56.05 -35.40 24.45
C ALA J 146 -55.78 -34.30 25.46
N VAL J 147 -56.33 -34.42 26.68
CA VAL J 147 -56.13 -33.39 27.69
C VAL J 147 -54.72 -33.43 28.26
N SER J 148 -53.99 -34.53 28.10
CA SER J 148 -52.64 -34.69 28.60
C SER J 148 -51.62 -34.75 27.46
N ILE J 149 -51.83 -33.98 26.41
CA ILE J 149 -50.86 -33.90 25.32
C ILE J 149 -49.75 -32.94 25.75
N PRO J 150 -48.49 -33.38 25.74
CA PRO J 150 -47.41 -32.56 26.26
C PRO J 150 -46.93 -31.55 25.23
N PRO J 151 -46.18 -30.53 25.63
CA PRO J 151 -45.56 -29.63 24.65
C PRO J 151 -44.42 -30.32 23.92
N ILE J 152 -44.07 -29.76 22.76
CA ILE J 152 -42.99 -30.30 21.94
C ILE J 152 -41.66 -29.88 22.57
N SER J 153 -40.98 -30.83 23.21
CA SER J 153 -39.71 -30.59 23.86
C SER J 153 -38.62 -31.15 22.96
N GLN J 154 -37.95 -30.28 22.24
CA GLN J 154 -37.01 -30.72 21.22
C GLN J 154 -35.67 -31.10 21.84
N PRO J 155 -35.13 -32.27 21.50
CA PRO J 155 -33.85 -32.68 22.09
C PRO J 155 -32.65 -32.05 21.38
N TYR J 156 -31.48 -32.26 21.99
CA TYR J 156 -30.16 -32.00 21.41
C TYR J 156 -29.93 -30.52 21.08
N GLY J 157 -29.98 -29.70 22.12
CA GLY J 157 -29.56 -28.33 22.03
C GLY J 157 -30.61 -27.34 21.57
N LYS J 158 -31.86 -27.76 21.38
CA LYS J 158 -32.90 -26.90 20.86
C LYS J 158 -33.81 -26.34 21.93
N ARG J 159 -33.39 -26.38 23.18
CA ARG J 159 -34.11 -25.76 24.29
C ARG J 159 -33.09 -25.32 25.31
N VAL J 160 -33.56 -24.63 26.34
CA VAL J 160 -32.67 -24.15 27.40
C VAL J 160 -33.19 -24.67 28.74
N VAL J 161 -32.28 -24.74 29.70
CA VAL J 161 -32.56 -25.24 31.03
C VAL J 161 -32.23 -24.14 32.03
N ALA J 162 -33.15 -23.86 32.94
CA ALA J 162 -32.90 -23.02 34.09
C ALA J 162 -32.54 -23.89 35.27
N PHE J 163 -31.33 -23.69 35.80
CA PHE J 163 -30.75 -24.49 36.87
C PHE J 163 -30.83 -23.64 38.13
N GLY J 164 -31.86 -23.85 38.93
CA GLY J 164 -32.13 -23.01 40.08
C GLY J 164 -31.65 -23.56 41.40
N GLU J 165 -30.61 -22.95 41.96
CA GLU J 165 -30.01 -23.44 43.20
C GLU J 165 -30.71 -22.81 44.40
N HIS J 166 -31.16 -23.64 45.32
CA HIS J 166 -31.85 -23.19 46.53
C HIS J 166 -31.28 -23.94 47.72
N ILE J 167 -30.89 -23.21 48.76
CA ILE J 167 -30.49 -23.81 50.03
C ILE J 167 -31.53 -23.40 51.06
N VAL J 168 -32.15 -24.40 51.70
CA VAL J 168 -33.34 -24.20 52.51
C VAL J 168 -32.96 -24.39 53.98
N LYS J 169 -33.43 -23.48 54.83
CA LYS J 169 -33.21 -23.54 56.28
C LYS J 169 -33.71 -24.85 56.88
N GLU J 170 -33.03 -25.28 57.95
CA GLU J 170 -33.41 -26.47 58.69
C GLU J 170 -34.81 -26.34 59.28
N GLY J 171 -35.67 -27.29 58.97
CA GLY J 171 -37.03 -27.29 59.44
C GLY J 171 -38.05 -26.74 58.47
N LEU J 172 -37.60 -26.00 57.45
CA LEU J 172 -38.48 -25.43 56.44
C LEU J 172 -38.45 -26.18 55.12
N GLU J 173 -38.00 -27.44 55.13
CA GLU J 173 -37.95 -28.21 53.89
C GLU J 173 -39.33 -28.64 53.43
N ASN J 174 -40.26 -28.86 54.36
CA ASN J 174 -41.62 -29.19 53.97
C ASN J 174 -42.35 -28.00 53.37
N GLN J 175 -42.04 -26.79 53.85
CA GLN J 175 -42.65 -25.60 53.26
C GLN J 175 -42.06 -25.28 51.90
N PHE J 176 -40.77 -25.54 51.70
CA PHE J 176 -40.18 -25.33 50.38
C PHE J 176 -40.81 -26.25 49.35
N GLU J 177 -40.87 -27.55 49.64
CA GLU J 177 -41.31 -28.53 48.65
C GLU J 177 -42.78 -28.35 48.30
N GLU J 178 -43.59 -27.88 49.24
CA GLU J 178 -45.01 -27.66 48.95
C GLU J 178 -45.20 -26.51 47.97
N TYR J 179 -44.53 -25.39 48.20
CA TYR J 179 -44.76 -24.20 47.39
C TYR J 179 -43.85 -24.11 46.17
N ALA J 180 -42.72 -24.82 46.15
CA ALA J 180 -41.96 -24.91 44.91
C ALA J 180 -42.67 -25.79 43.90
N ILE J 181 -43.43 -26.78 44.38
CA ILE J 181 -44.27 -27.58 43.50
C ILE J 181 -45.38 -26.71 42.91
N LYS J 182 -46.02 -25.89 43.75
CA LYS J 182 -47.07 -24.98 43.28
C LYS J 182 -46.54 -23.92 42.33
N THR J 183 -45.27 -23.54 42.47
CA THR J 183 -44.66 -22.62 41.52
C THR J 183 -44.45 -23.30 40.17
N LEU J 184 -44.06 -24.57 40.18
CA LEU J 184 -43.84 -25.28 38.92
C LEU J 184 -45.14 -25.67 38.23
N GLU J 185 -46.22 -25.85 38.99
CA GLU J 185 -47.53 -26.02 38.36
C GLU J 185 -48.03 -24.72 37.76
N ALA J 186 -47.66 -23.59 38.34
CA ALA J 186 -48.01 -22.29 37.78
C ALA J 186 -47.22 -21.99 36.52
N PHE J 187 -46.04 -22.59 36.34
CA PHE J 187 -45.28 -22.39 35.12
C PHE J 187 -45.91 -23.08 33.91
N ARG J 188 -46.84 -24.02 34.13
CA ARG J 188 -47.54 -24.68 33.03
C ARG J 188 -48.33 -23.70 32.17
N SER J 189 -48.74 -22.57 32.75
CA SER J 189 -49.42 -21.54 31.98
C SER J 189 -48.47 -20.67 31.17
N ALA J 190 -47.18 -20.68 31.47
CA ALA J 190 -46.24 -19.79 30.81
C ALA J 190 -45.95 -20.28 29.39
N PRO J 191 -45.85 -19.38 28.42
CA PRO J 191 -45.51 -19.80 27.05
C PRO J 191 -44.07 -20.29 26.97
N GLY J 192 -43.90 -21.39 26.26
CA GLY J 192 -42.59 -21.99 26.10
C GLY J 192 -42.11 -22.83 27.25
N PHE J 193 -42.92 -23.03 28.28
CA PHE J 193 -42.55 -23.93 29.36
C PHE J 193 -42.61 -25.36 28.88
N LEU J 194 -41.50 -26.07 29.00
CA LEU J 194 -41.39 -27.43 28.49
C LEU J 194 -41.37 -28.47 29.58
N GLY J 195 -41.44 -28.08 30.85
CA GLY J 195 -41.47 -29.03 31.94
C GLY J 195 -40.45 -28.71 32.99
N GLY J 196 -40.59 -29.40 34.12
CA GLY J 196 -39.79 -29.08 35.28
C GLY J 196 -39.70 -30.22 36.27
N MET J 197 -38.65 -30.17 37.09
CA MET J 197 -38.50 -31.12 38.18
C MET J 197 -37.77 -30.45 39.34
N ILE J 198 -37.97 -31.00 40.53
CA ILE J 198 -37.35 -30.51 41.75
C ILE J 198 -36.44 -31.60 42.27
N LEU J 199 -35.15 -31.29 42.42
CA LEU J 199 -34.15 -32.25 42.86
C LEU J 199 -33.70 -31.91 44.28
N LYS J 200 -33.57 -32.94 45.10
CA LYS J 200 -33.16 -32.80 46.50
C LYS J 200 -31.87 -33.56 46.70
N GLU J 201 -30.82 -32.85 47.15
CA GLU J 201 -29.52 -33.48 47.34
C GLU J 201 -29.53 -34.44 48.50
N ILE J 202 -29.06 -35.67 48.26
CA ILE J 202 -29.04 -36.73 49.27
C ILE J 202 -27.64 -37.24 49.55
N GLY J 203 -26.63 -36.72 48.88
CA GLY J 203 -25.29 -37.21 49.07
C GLY J 203 -24.39 -36.76 47.95
N VAL J 204 -23.10 -37.10 48.08
CA VAL J 204 -22.08 -36.82 47.08
C VAL J 204 -21.31 -38.10 46.81
N SER J 205 -21.23 -38.49 45.55
CA SER J 205 -20.47 -39.66 45.15
C SER J 205 -18.98 -39.46 45.36
N PRO J 206 -18.30 -40.30 46.14
CA PRO J 206 -16.84 -40.12 46.29
C PRO J 206 -16.03 -40.48 45.06
N LEU J 207 -16.37 -41.58 44.38
CA LEU J 207 -15.61 -41.98 43.20
C LEU J 207 -15.88 -41.05 42.03
N GLY J 208 -17.11 -40.57 41.89
CA GLY J 208 -17.42 -39.58 40.89
C GLY J 208 -16.80 -38.22 41.13
N SER J 209 -16.41 -37.93 42.38
CA SER J 209 -15.74 -36.69 42.71
C SER J 209 -14.23 -36.84 42.80
N LEU J 210 -13.71 -38.03 42.46
CA LEU J 210 -12.28 -38.39 42.57
C LEU J 210 -11.75 -38.17 43.98
N GLN J 211 -12.55 -38.51 44.97
CA GLN J 211 -12.19 -38.33 46.37
C GLN J 211 -11.86 -39.69 46.95
N LEU J 212 -10.57 -39.99 47.02
CA LEU J 212 -10.05 -41.23 47.57
C LEU J 212 -9.37 -40.94 48.90
N ASN J 213 -8.79 -41.98 49.50
CA ASN J 213 -7.98 -41.80 50.69
C ASN J 213 -6.60 -41.24 50.28
N ALA J 214 -5.66 -41.18 51.22
CA ALA J 214 -4.38 -40.53 50.98
C ALA J 214 -3.54 -41.28 49.95
N LYS J 215 -3.60 -42.61 49.97
CA LYS J 215 -2.86 -43.38 48.97
C LYS J 215 -3.50 -43.24 47.59
N GLY J 216 -4.83 -43.23 47.53
CA GLY J 216 -5.51 -43.08 46.26
C GLY J 216 -5.36 -41.69 45.66
N PHE J 217 -5.32 -40.67 46.51
CA PHE J 217 -5.15 -39.29 46.02
C PHE J 217 -3.78 -39.10 45.40
N HIS J 218 -2.75 -39.71 45.99
CA HIS J 218 -1.41 -39.59 45.42
C HIS J 218 -1.28 -40.36 44.12
N GLN J 219 -1.98 -41.48 43.98
CA GLN J 219 -1.94 -42.22 42.73
C GLN J 219 -2.67 -41.49 41.61
N ILE J 220 -3.65 -40.65 41.96
CA ILE J 220 -4.29 -39.80 40.96
C ILE J 220 -3.31 -38.77 40.43
N LEU J 221 -2.53 -38.14 41.32
CA LEU J 221 -1.56 -37.14 40.90
C LEU J 221 -0.38 -37.77 40.17
N GLU J 222 -0.03 -39.01 40.48
CA GLU J 222 1.20 -39.60 39.98
C GLU J 222 1.04 -40.33 38.66
N THR J 223 -0.18 -40.65 38.24
CA THR J 223 -0.36 -41.56 37.12
C THR J 223 -0.10 -40.88 35.79
N ALA J 224 0.37 -41.67 34.84
CA ALA J 224 0.61 -41.22 33.47
C ALA J 224 -0.61 -41.61 32.64
N ASN J 225 -1.50 -40.64 32.43
CA ASN J 225 -2.71 -40.74 31.60
C ASN J 225 -3.69 -41.80 32.11
N GLY J 226 -3.60 -42.19 33.37
CA GLY J 226 -4.52 -43.15 33.93
C GLY J 226 -4.11 -44.60 33.78
N MET J 227 -2.94 -44.89 33.18
CA MET J 227 -2.48 -46.28 33.05
C MET J 227 -2.23 -46.91 34.41
N ASP J 228 -1.85 -46.11 35.39
CA ASP J 228 -1.63 -46.54 36.76
C ASP J 228 -2.91 -46.22 37.53
N VAL J 229 -3.78 -47.22 37.67
CA VAL J 229 -5.11 -46.97 38.23
C VAL J 229 -5.03 -46.98 39.75
N PRO J 230 -5.55 -45.96 40.43
CA PRO J 230 -5.56 -45.99 41.89
C PRO J 230 -6.53 -47.03 42.42
N GLU J 231 -6.23 -47.54 43.59
CA GLU J 231 -7.14 -48.43 44.28
C GLU J 231 -8.34 -47.62 44.76
N PRO J 232 -9.56 -47.96 44.37
CA PRO J 232 -10.72 -47.08 44.65
C PRO J 232 -11.25 -47.22 46.07
N VAL J 233 -10.40 -46.93 47.04
CA VAL J 233 -10.77 -46.93 48.45
C VAL J 233 -11.03 -45.50 48.87
N THR J 234 -12.24 -45.24 49.34
CA THR J 234 -12.65 -43.94 49.84
C THR J 234 -12.80 -44.00 51.35
N ILE J 235 -12.80 -42.81 51.98
CA ILE J 235 -12.97 -42.75 53.42
C ILE J 235 -14.43 -42.54 53.80
N TYR J 236 -15.32 -42.36 52.84
CA TYR J 236 -16.72 -42.13 53.13
C TYR J 236 -17.56 -42.75 52.02
N GLU J 237 -18.81 -43.00 52.36
CA GLU J 237 -19.83 -43.33 51.36
C GLU J 237 -20.71 -42.12 51.14
N ALA J 238 -21.53 -42.19 50.10
CA ALA J 238 -22.24 -41.01 49.60
C ALA J 238 -23.17 -40.31 50.59
N PRO J 239 -23.98 -40.99 51.44
CA PRO J 239 -24.76 -40.22 52.43
C PRO J 239 -23.94 -39.60 53.56
N GLU J 240 -22.66 -39.95 53.71
CA GLU J 240 -21.85 -39.31 54.73
C GLU J 240 -21.39 -37.92 54.34
N PHE J 241 -21.45 -37.57 53.05
CA PHE J 241 -21.26 -36.21 52.59
C PHE J 241 -22.62 -35.77 52.06
N ARG J 242 -23.49 -35.38 52.97
CA ARG J 242 -24.78 -34.81 52.63
C ARG J 242 -24.80 -33.41 53.22
N ASN J 243 -24.90 -32.42 52.35
CA ASN J 243 -24.75 -31.03 52.78
C ASN J 243 -25.95 -30.58 53.60
N ARG J 244 -25.67 -30.00 54.74
CA ARG J 244 -26.66 -29.36 55.57
C ARG J 244 -26.31 -27.88 55.68
N PRO J 245 -27.27 -26.96 55.53
CA PRO J 245 -28.71 -27.10 55.23
C PRO J 245 -29.00 -27.63 53.82
N GLN J 246 -30.26 -28.03 53.60
CA GLN J 246 -30.61 -28.88 52.48
C GLN J 246 -30.54 -28.13 51.14
N ARG J 247 -29.83 -28.71 50.19
CA ARG J 247 -29.70 -28.14 48.85
C ARG J 247 -30.82 -28.66 47.95
N TYR J 248 -31.40 -27.76 47.18
CA TYR J 248 -32.40 -28.12 46.20
C TYR J 248 -32.01 -27.56 44.85
N ILE J 249 -32.27 -28.33 43.80
CA ILE J 249 -32.20 -27.83 42.44
C ILE J 249 -33.62 -27.74 41.90
N VAL J 250 -34.00 -26.56 41.43
CA VAL J 250 -35.24 -26.37 40.69
C VAL J 250 -34.86 -26.30 39.22
N HIS J 251 -35.16 -27.37 38.50
CA HIS J 251 -34.77 -27.56 37.11
C HIS J 251 -35.99 -27.34 36.25
N THR J 252 -35.98 -26.30 35.42
CA THR J 252 -37.07 -26.02 34.50
C THR J 252 -36.54 -25.88 33.08
N GLU J 253 -37.35 -26.28 32.11
CA GLU J 253 -36.95 -26.31 30.72
C GLU J 253 -37.84 -25.38 29.91
N TRP J 254 -37.23 -24.65 28.98
CA TRP J 254 -37.88 -23.57 28.26
C TRP J 254 -37.47 -23.65 26.80
N SER J 255 -38.34 -23.18 25.92
CA SER J 255 -38.09 -23.31 24.49
C SER J 255 -36.96 -22.38 24.02
N ASP J 256 -36.82 -21.22 24.65
CA ASP J 256 -35.75 -20.28 24.34
C ASP J 256 -35.49 -19.43 25.58
N THR J 257 -34.48 -18.56 25.50
CA THR J 257 -34.12 -17.77 26.67
C THR J 257 -35.10 -16.64 26.94
N ASN J 258 -35.82 -16.18 25.91
CA ASN J 258 -36.87 -15.19 26.14
C ASN J 258 -38.04 -15.80 26.89
N ALA J 259 -38.44 -17.02 26.52
CA ALA J 259 -39.49 -17.72 27.25
C ALA J 259 -39.03 -18.04 28.68
N LEU J 260 -37.74 -18.32 28.86
CA LEU J 260 -37.20 -18.54 30.19
C LEU J 260 -37.25 -17.28 31.03
N MET J 261 -36.84 -16.15 30.46
CA MET J 261 -36.73 -14.90 31.22
C MET J 261 -38.09 -14.39 31.67
N PHE J 262 -39.08 -14.41 30.78
CA PHE J 262 -40.40 -13.95 31.17
C PHE J 262 -41.23 -15.04 31.84
N GLY J 263 -40.90 -16.30 31.63
CA GLY J 263 -41.60 -17.38 32.30
C GLY J 263 -41.19 -17.52 33.75
N LEU J 264 -39.87 -17.60 34.00
CA LEU J 264 -39.38 -17.59 35.38
C LEU J 264 -39.65 -16.27 36.06
N GLY J 265 -39.68 -15.18 35.29
CA GLY J 265 -39.98 -13.85 35.81
C GLY J 265 -41.37 -13.69 36.36
N ARG J 266 -42.28 -14.64 36.11
CA ARG J 266 -43.63 -14.61 36.67
C ARG J 266 -43.64 -14.68 38.19
N VAL J 267 -42.58 -15.21 38.82
CA VAL J 267 -42.46 -15.13 40.27
C VAL J 267 -42.13 -13.73 40.76
N LEU J 268 -41.82 -12.81 39.85
CA LEU J 268 -41.60 -11.41 40.18
C LEU J 268 -42.66 -10.47 39.64
N ILE J 269 -43.25 -10.76 38.48
CA ILE J 269 -44.10 -9.80 37.80
C ILE J 269 -45.56 -10.24 37.72
N TYR J 270 -45.87 -11.51 37.95
CA TYR J 270 -47.25 -11.98 37.96
C TYR J 270 -47.70 -12.07 39.41
N PRO J 271 -48.65 -11.25 39.85
CA PRO J 271 -48.95 -11.15 41.29
C PRO J 271 -49.53 -12.42 41.90
N GLU J 272 -50.24 -13.25 41.15
CA GLU J 272 -50.76 -14.50 41.72
C GLU J 272 -49.66 -15.53 41.94
N VAL J 273 -48.69 -15.61 41.03
CA VAL J 273 -47.57 -16.52 41.19
C VAL J 273 -46.57 -15.96 42.20
N ARG J 274 -46.51 -14.63 42.31
CA ARG J 274 -45.58 -13.96 43.22
C ARG J 274 -45.89 -14.26 44.68
N GLN J 275 -47.17 -14.39 45.05
CA GLN J 275 -47.50 -14.77 46.43
C GLN J 275 -47.15 -16.23 46.71
N ILE J 276 -47.23 -17.10 45.70
CA ILE J 276 -46.86 -18.49 45.88
C ILE J 276 -45.36 -18.61 46.12
N HIS J 277 -44.56 -17.96 45.28
CA HIS J 277 -43.10 -18.04 45.37
C HIS J 277 -42.54 -17.24 46.55
N ASP J 278 -43.33 -16.35 47.15
CA ASP J 278 -42.91 -15.68 48.37
C ASP J 278 -42.77 -16.67 49.53
N LYS J 279 -43.57 -17.74 49.53
CA LYS J 279 -43.43 -18.76 50.55
C LYS J 279 -42.18 -19.61 50.32
N VAL J 280 -41.74 -19.74 49.07
CA VAL J 280 -40.46 -20.37 48.79
C VAL J 280 -39.31 -19.51 49.29
N LEU J 281 -39.39 -18.20 49.05
CA LEU J 281 -38.31 -17.28 49.42
C LEU J 281 -38.15 -17.17 50.93
N ASP J 282 -39.22 -17.37 51.69
CA ASP J 282 -39.17 -17.32 53.14
C ASP J 282 -38.57 -18.57 53.78
N THR J 283 -38.11 -19.54 52.99
CA THR J 283 -37.44 -20.73 53.52
C THR J 283 -35.96 -20.77 53.17
N LEU J 284 -35.45 -19.82 52.41
CA LEU J 284 -34.13 -19.91 51.81
C LEU J 284 -33.07 -19.23 52.67
N VAL J 285 -31.99 -19.94 52.97
CA VAL J 285 -30.80 -19.29 53.48
C VAL J 285 -29.87 -18.85 52.35
N TYR J 286 -30.00 -19.44 51.17
CA TYR J 286 -29.21 -19.03 50.02
C TYR J 286 -30.07 -19.19 48.77
N GLY J 287 -29.98 -18.22 47.88
CA GLY J 287 -30.65 -18.29 46.61
C GLY J 287 -31.84 -17.37 46.53
N PRO J 288 -32.53 -17.37 45.38
CA PRO J 288 -32.29 -18.24 44.22
C PRO J 288 -31.24 -17.70 43.24
N TYR J 289 -30.35 -18.58 42.82
CA TYR J 289 -29.36 -18.30 41.79
C TYR J 289 -29.60 -19.24 40.64
N ILE J 290 -29.87 -18.69 39.45
CA ILE J 290 -30.37 -19.47 38.33
C ILE J 290 -29.33 -19.43 37.21
N ARG J 291 -28.74 -20.57 36.92
CA ARG J 291 -27.86 -20.72 35.77
C ARG J 291 -28.67 -21.13 34.55
N VAL J 292 -28.22 -20.72 33.39
CA VAL J 292 -28.85 -21.06 32.12
C VAL J 292 -27.99 -22.10 31.45
N LEU J 293 -28.59 -23.26 31.15
CA LEU J 293 -27.85 -24.39 30.62
C LEU J 293 -28.37 -24.77 29.24
N ASN J 294 -27.46 -25.29 28.42
CA ASN J 294 -27.83 -25.80 27.11
C ASN J 294 -27.68 -27.31 27.12
N PRO J 295 -28.75 -28.07 26.95
CA PRO J 295 -28.64 -29.53 26.92
C PRO J 295 -28.16 -30.09 25.59
N MET J 296 -26.84 -30.15 25.39
CA MET J 296 -26.28 -30.59 24.12
C MET J 296 -26.52 -32.08 23.88
N MET J 297 -25.96 -32.93 24.72
CA MET J 297 -25.96 -34.37 24.52
C MET J 297 -26.94 -35.01 25.48
N GLU J 298 -27.85 -35.83 24.95
CA GLU J 298 -28.95 -36.34 25.74
C GLU J 298 -29.18 -37.82 25.51
N GLY J 299 -29.66 -38.47 26.55
CA GLY J 299 -30.11 -39.84 26.58
C GLY J 299 -31.60 -39.92 26.82
N THR J 300 -32.39 -39.22 25.99
CA THR J 300 -33.80 -38.86 26.20
C THR J 300 -34.77 -39.97 26.64
N TYR J 301 -34.35 -41.22 26.55
CA TYR J 301 -35.10 -42.37 27.05
C TYR J 301 -35.18 -42.43 28.57
N TRP J 302 -34.51 -41.54 29.31
CA TRP J 302 -34.73 -41.46 30.76
C TRP J 302 -36.12 -40.94 31.08
N ARG J 303 -36.70 -40.13 30.20
CA ARG J 303 -38.07 -39.69 30.37
C ARG J 303 -39.08 -40.78 30.03
N GLU J 304 -38.68 -41.76 29.21
CA GLU J 304 -39.53 -42.93 28.99
C GLU J 304 -39.64 -43.77 30.25
N TYR J 305 -38.54 -43.87 31.01
CA TYR J 305 -38.59 -44.55 32.30
C TYR J 305 -39.41 -43.76 33.31
N LEU J 306 -39.30 -42.43 33.27
CA LEU J 306 -40.00 -41.59 34.24
C LEU J 306 -41.51 -41.58 33.99
N ASN J 307 -41.91 -41.48 32.73
CA ASN J 307 -43.32 -41.38 32.38
C ASN J 307 -43.97 -42.72 32.09
N GLU J 308 -43.18 -43.80 32.12
CA GLU J 308 -43.65 -45.20 31.95
C GLU J 308 -44.34 -45.41 30.61
N TYR J 309 -43.85 -44.73 29.58
CA TYR J 309 -44.45 -44.72 28.27
C TYR J 309 -43.41 -44.19 27.29
N HIS J 310 -43.38 -44.75 26.08
CA HIS J 310 -42.46 -44.28 25.06
C HIS J 310 -43.25 -43.83 23.83
N LEU J 311 -42.52 -43.20 22.90
CA LEU J 311 -43.03 -42.58 21.66
C LEU J 311 -44.15 -41.58 21.91
N PRO K 2 10.23 -70.65 -0.49
CA PRO K 2 8.86 -71.08 -0.78
C PRO K 2 7.94 -69.88 -0.98
N LYS K 3 6.68 -70.13 -1.30
CA LYS K 3 5.73 -69.05 -1.48
C LYS K 3 5.08 -68.72 -0.14
N PRO K 4 5.24 -67.50 0.37
CA PRO K 4 4.58 -67.15 1.62
C PRO K 4 3.10 -66.85 1.42
N TYR K 5 2.41 -66.65 2.54
CA TYR K 5 1.04 -66.19 2.54
C TYR K 5 1.02 -64.70 2.87
N VAL K 6 0.05 -63.99 2.33
CA VAL K 6 -0.01 -62.55 2.46
C VAL K 6 -1.25 -62.16 3.23
N ALA K 7 -1.08 -61.34 4.26
CA ALA K 7 -2.16 -60.60 4.89
C ALA K 7 -2.07 -59.15 4.41
N ILE K 8 -3.17 -58.62 3.90
CA ILE K 8 -3.20 -57.26 3.39
C ILE K 8 -4.12 -56.44 4.29
N ASN K 9 -3.54 -55.60 5.13
CA ASN K 9 -4.30 -54.73 6.01
C ASN K 9 -4.68 -53.46 5.25
N MET K 10 -5.98 -53.22 5.11
CA MET K 10 -6.51 -52.10 4.36
C MET K 10 -7.19 -51.11 5.30
N VAL K 11 -6.72 -49.87 5.31
CA VAL K 11 -7.30 -48.80 6.09
C VAL K 11 -7.44 -47.55 5.23
N GLU K 12 -8.46 -46.76 5.51
CA GLU K 12 -8.58 -45.41 4.98
C GLU K 12 -8.31 -44.42 6.10
N VAL K 13 -7.33 -43.54 5.91
CA VAL K 13 -6.95 -42.56 6.91
C VAL K 13 -7.04 -41.17 6.28
N ARG K 14 -7.06 -40.16 7.13
CA ARG K 14 -7.07 -38.78 6.66
C ARG K 14 -5.75 -38.41 5.98
N ASN K 15 -5.81 -37.54 4.99
CA ASN K 15 -4.61 -37.05 4.31
C ASN K 15 -4.27 -35.69 4.90
N ASP K 16 -3.51 -35.71 5.98
CA ASP K 16 -3.11 -34.50 6.71
C ASP K 16 -1.73 -34.76 7.27
N PRO K 17 -0.99 -33.70 7.66
CA PRO K 17 0.35 -33.92 8.22
C PRO K 17 0.38 -34.72 9.52
N LYS K 18 -0.72 -34.78 10.27
CA LYS K 18 -0.75 -35.62 11.46
C LYS K 18 -0.64 -37.10 11.11
N THR K 19 -1.25 -37.52 9.99
CA THR K 19 -1.25 -38.92 9.57
C THR K 19 0.15 -39.39 9.16
N LEU K 20 0.89 -38.54 8.44
CA LEU K 20 2.24 -38.93 8.04
C LEU K 20 3.22 -38.97 9.20
N GLU K 21 2.89 -38.38 10.35
CA GLU K 21 3.65 -38.67 11.56
C GLU K 21 3.39 -40.08 12.06
N LEU K 22 2.18 -40.61 11.83
CA LEU K 22 1.85 -41.97 12.25
C LEU K 22 2.52 -43.03 11.39
N PHE K 23 3.01 -42.66 10.21
CA PHE K 23 3.79 -43.59 9.39
C PHE K 23 5.13 -43.91 10.05
N GLY K 24 5.73 -42.94 10.72
CA GLY K 24 7.06 -43.11 11.26
C GLY K 24 7.10 -43.34 12.76
N LYS K 25 5.98 -43.15 13.44
CA LYS K 25 5.93 -43.32 14.89
C LYS K 25 5.10 -44.51 15.36
N VAL K 26 4.32 -45.13 14.48
CA VAL K 26 3.48 -46.28 14.84
C VAL K 26 3.77 -47.47 13.94
N GLY K 27 3.80 -47.24 12.63
CA GLY K 27 4.24 -48.20 11.62
C GLY K 27 5.45 -49.06 11.92
N PRO K 28 6.59 -48.46 12.33
CA PRO K 28 7.73 -49.30 12.74
C PRO K 28 7.46 -50.12 13.99
N LYS K 29 6.65 -49.63 14.92
CA LYS K 29 6.37 -50.40 16.14
C LYS K 29 5.49 -51.61 15.85
N VAL K 30 4.56 -51.49 14.90
CA VAL K 30 3.72 -52.61 14.50
C VAL K 30 4.56 -53.69 13.85
N CYS K 31 5.53 -53.29 13.01
CA CYS K 31 6.44 -54.24 12.38
C CYS K 31 7.34 -54.93 13.40
N MET K 32 7.71 -54.23 14.48
CA MET K 32 8.55 -54.83 15.50
C MET K 32 7.78 -55.81 16.37
N VAL K 33 6.49 -55.54 16.64
CA VAL K 33 5.66 -56.48 17.38
C VAL K 33 5.36 -57.71 16.51
N THR K 34 5.13 -57.48 15.22
CA THR K 34 4.87 -58.56 14.27
C THR K 34 6.08 -59.47 14.11
N ALA K 35 7.28 -58.94 14.24
CA ALA K 35 8.52 -59.70 14.10
C ALA K 35 8.87 -60.51 15.34
N ARG K 36 8.03 -60.50 16.39
CA ARG K 36 8.19 -61.44 17.48
C ARG K 36 7.87 -62.87 17.07
N HIS K 37 7.04 -63.06 16.04
CA HIS K 37 6.67 -64.39 15.58
C HIS K 37 7.68 -64.90 14.57
N PRO K 38 8.09 -66.17 14.67
CA PRO K 38 9.10 -66.70 13.73
C PRO K 38 8.57 -66.95 12.32
N GLY K 39 7.26 -67.08 12.15
CA GLY K 39 6.67 -67.23 10.83
C GLY K 39 6.57 -65.97 10.01
N PHE K 40 6.87 -64.83 10.61
CA PHE K 40 6.89 -63.56 9.90
C PHE K 40 8.14 -63.49 9.03
N VAL K 41 7.96 -63.28 7.73
CA VAL K 41 9.09 -63.23 6.81
C VAL K 41 9.25 -61.88 6.14
N GLY K 42 8.40 -60.91 6.40
CA GLY K 42 8.60 -59.59 5.84
C GLY K 42 7.30 -58.86 5.60
N PHE K 43 7.43 -57.65 5.08
CA PHE K 43 6.28 -56.78 4.88
C PHE K 43 6.54 -55.85 3.70
N GLN K 44 5.46 -55.22 3.24
CA GLN K 44 5.55 -54.20 2.19
C GLN K 44 4.34 -53.29 2.36
N ASN K 45 4.57 -52.05 2.74
CA ASN K 45 3.50 -51.12 3.05
C ASN K 45 3.28 -50.15 1.89
N HIS K 46 2.03 -49.92 1.54
CA HIS K 46 1.68 -49.11 0.39
C HIS K 46 0.75 -47.97 0.78
N VAL K 47 0.86 -46.89 0.03
CA VAL K 47 -0.13 -45.81 0.02
C VAL K 47 -0.67 -45.72 -1.41
N GLN K 48 -1.99 -45.68 -1.54
CA GLN K 48 -2.57 -45.49 -2.86
C GLN K 48 -2.34 -44.05 -3.32
N ILE K 49 -1.77 -43.90 -4.51
CA ILE K 49 -1.53 -42.58 -5.08
C ILE K 49 -2.45 -42.29 -6.26
N GLY K 50 -3.21 -43.25 -6.74
CA GLY K 50 -4.11 -42.99 -7.84
C GLY K 50 -4.75 -44.26 -8.36
N VAL K 51 -5.41 -44.11 -9.50
CA VAL K 51 -6.18 -45.16 -10.16
C VAL K 51 -5.81 -45.11 -11.64
N VAL K 52 -5.66 -46.26 -12.27
CA VAL K 52 -5.49 -46.31 -13.72
C VAL K 52 -6.82 -45.94 -14.38
N PRO K 53 -6.88 -44.87 -15.17
CA PRO K 53 -8.17 -44.42 -15.70
C PRO K 53 -8.69 -45.26 -16.86
N LEU K 54 -7.78 -45.93 -17.59
CA LEU K 54 -8.08 -46.73 -18.79
C LEU K 54 -8.83 -45.90 -19.83
N GLY K 55 -8.18 -44.86 -20.31
CA GLY K 55 -8.84 -43.88 -21.15
C GLY K 55 -9.77 -43.01 -20.32
N THR K 56 -11.07 -43.05 -20.60
CA THR K 56 -12.06 -42.31 -19.83
C THR K 56 -13.01 -43.24 -19.07
N ARG K 57 -12.60 -44.47 -18.81
CA ARG K 57 -13.46 -45.41 -18.08
C ARG K 57 -13.67 -44.94 -16.65
N TRP K 58 -12.59 -44.58 -15.97
CA TRP K 58 -12.67 -43.77 -14.76
C TRP K 58 -11.92 -42.48 -15.06
N GLY K 59 -12.59 -41.56 -15.75
CA GLY K 59 -11.95 -40.35 -16.22
C GLY K 59 -11.75 -39.29 -15.17
N GLY K 60 -12.45 -39.40 -14.05
CA GLY K 60 -12.20 -38.53 -12.92
C GLY K 60 -11.01 -38.91 -12.08
N ALA K 61 -10.39 -40.03 -12.40
CA ALA K 61 -9.25 -40.55 -11.67
C ALA K 61 -7.97 -40.36 -12.48
N LYS K 62 -6.87 -40.20 -11.77
CA LYS K 62 -5.55 -40.04 -12.38
C LYS K 62 -4.61 -41.02 -11.70
N MET K 63 -3.48 -41.28 -12.36
CA MET K 63 -2.50 -42.19 -11.77
C MET K 63 -1.76 -41.55 -10.60
N GLU K 64 -1.58 -40.24 -10.63
CA GLU K 64 -0.94 -39.50 -9.53
C GLU K 64 -1.91 -38.42 -9.09
N MET K 65 -2.79 -38.76 -8.13
CA MET K 65 -3.78 -37.82 -7.63
C MET K 65 -3.72 -37.67 -6.12
N SER K 66 -2.60 -38.07 -5.49
CA SER K 66 -2.54 -38.11 -4.03
C SER K 66 -2.41 -36.73 -3.40
N GLN K 67 -1.95 -35.74 -4.15
CA GLN K 67 -1.85 -34.39 -3.62
C GLN K 67 -3.22 -33.72 -3.46
N GLU K 68 -4.26 -34.24 -4.10
CA GLU K 68 -5.57 -33.62 -4.07
C GLU K 68 -6.59 -34.36 -3.21
N MET K 69 -6.26 -35.56 -2.71
CA MET K 69 -7.23 -36.37 -1.99
C MET K 69 -7.27 -36.00 -0.52
N HIS K 70 -8.47 -36.04 0.05
CA HIS K 70 -8.65 -35.79 1.48
C HIS K 70 -8.32 -37.01 2.32
N SER K 71 -8.32 -38.19 1.73
CA SER K 71 -8.13 -39.43 2.47
C SER K 71 -7.17 -40.34 1.73
N LEU K 72 -6.43 -41.14 2.49
CA LEU K 72 -5.41 -42.02 1.94
C LEU K 72 -5.80 -43.47 2.19
N MET K 73 -5.74 -44.28 1.14
CA MET K 73 -5.89 -45.71 1.24
C MET K 73 -4.53 -46.35 1.48
N LEU K 74 -4.41 -47.17 2.53
CA LEU K 74 -3.17 -47.86 2.85
C LEU K 74 -3.37 -49.37 2.68
N MET K 75 -2.43 -50.02 2.03
CA MET K 75 -2.40 -51.47 1.88
C MET K 75 -1.11 -51.98 2.49
N GLN K 76 -1.21 -52.57 3.66
CA GLN K 76 -0.03 -53.01 4.40
C GLN K 76 0.07 -54.52 4.28
N TYR K 77 1.01 -54.98 3.45
CA TYR K 77 1.19 -56.41 3.25
C TYR K 77 2.08 -56.93 4.36
N THR K 78 1.73 -58.08 4.91
CA THR K 78 2.63 -58.85 5.75
C THR K 78 2.73 -60.25 5.17
N PHE K 79 3.92 -60.82 5.21
CA PHE K 79 4.20 -62.09 4.57
C PHE K 79 4.49 -63.14 5.63
N TRP K 80 3.93 -64.34 5.44
CA TRP K 80 3.90 -65.36 6.48
C TRP K 80 4.23 -66.72 5.90
N LYS K 81 4.95 -67.54 6.66
CA LYS K 81 5.27 -68.90 6.24
C LYS K 81 4.02 -69.75 6.11
N ASN K 82 3.05 -69.56 7.01
CA ASN K 82 1.71 -70.10 6.87
C ASN K 82 0.73 -69.04 7.36
N TRP K 83 -0.50 -69.09 6.84
CA TRP K 83 -1.48 -68.09 7.25
C TRP K 83 -1.94 -68.27 8.68
N LYS K 84 -1.77 -69.47 9.25
CA LYS K 84 -2.06 -69.67 10.66
C LYS K 84 -1.05 -68.97 11.55
N ASP K 85 0.17 -68.72 11.05
CA ASP K 85 1.15 -67.94 11.81
C ASP K 85 0.70 -66.51 12.00
N HIS K 86 -0.03 -65.96 11.03
CA HIS K 86 -0.55 -64.61 11.17
C HIS K 86 -1.67 -64.56 12.20
N GLU K 87 -2.55 -65.57 12.23
CA GLU K 87 -3.62 -65.59 13.22
C GLU K 87 -3.08 -65.89 14.61
N GLU K 88 -2.03 -66.72 14.71
CA GLU K 88 -1.39 -66.95 15.99
C GLU K 88 -0.64 -65.72 16.49
N MET K 89 -0.07 -64.93 15.57
CA MET K 89 0.62 -63.71 15.96
C MET K 89 -0.34 -62.69 16.55
N HIS K 90 -1.52 -62.53 15.94
CA HIS K 90 -2.47 -61.54 16.42
C HIS K 90 -3.06 -61.91 17.77
N LYS K 91 -3.22 -63.21 18.04
CA LYS K 91 -3.76 -63.60 19.34
C LYS K 91 -2.73 -63.46 20.44
N GLN K 92 -1.47 -63.81 20.17
CA GLN K 92 -0.43 -63.77 21.19
C GLN K 92 0.03 -62.36 21.49
N ASN K 93 -0.07 -61.44 20.53
CA ASN K 93 0.38 -60.07 20.70
C ASN K 93 -0.77 -59.09 20.65
N TRP K 94 -1.94 -59.51 21.16
CA TRP K 94 -3.16 -58.74 20.95
C TRP K 94 -3.17 -57.43 21.71
N ALA K 95 -2.63 -57.40 22.93
CA ALA K 95 -2.64 -56.17 23.72
C ALA K 95 -1.74 -55.10 23.10
N ASN K 96 -0.54 -55.50 22.65
CA ASN K 96 0.37 -54.53 22.05
C ASN K 96 -0.13 -54.04 20.70
N LEU K 97 -0.74 -54.93 19.90
CA LEU K 97 -1.18 -54.57 18.57
C LEU K 97 -2.45 -53.73 18.60
N PHE K 98 -3.36 -54.02 19.53
CA PHE K 98 -4.57 -53.21 19.68
C PHE K 98 -4.22 -51.79 20.11
N ARG K 99 -3.25 -51.64 21.01
CA ARG K 99 -2.87 -50.33 21.51
C ARG K 99 -2.18 -49.51 20.43
N LEU K 100 -1.39 -50.15 19.58
CA LEU K 100 -0.73 -49.44 18.49
C LEU K 100 -1.73 -49.03 17.41
N CYS K 101 -2.71 -49.89 17.13
CA CYS K 101 -3.71 -49.59 16.10
C CYS K 101 -4.63 -48.46 16.54
N LEU K 102 -4.86 -48.32 17.85
CA LEU K 102 -5.68 -47.23 18.37
C LEU K 102 -4.93 -45.92 18.48
N GLN K 103 -3.62 -45.90 18.22
CA GLN K 103 -2.94 -44.63 18.08
C GLN K 103 -3.27 -43.96 16.75
N CYS K 104 -3.73 -44.73 15.76
CA CYS K 104 -4.13 -44.21 14.46
C CYS K 104 -5.63 -43.92 14.41
N ALA K 105 -6.29 -43.91 15.56
CA ALA K 105 -7.75 -43.91 15.61
C ALA K 105 -8.33 -42.56 15.19
N ASP K 106 -7.74 -41.46 15.64
CA ASP K 106 -8.24 -40.13 15.29
C ASP K 106 -7.95 -39.73 13.86
N GLN K 107 -7.24 -40.56 13.09
CA GLN K 107 -7.07 -40.37 11.65
C GLN K 107 -7.87 -41.34 10.81
N MET K 108 -8.35 -42.45 11.40
CA MET K 108 -8.93 -43.53 10.62
C MET K 108 -10.35 -43.21 10.19
N ILE K 109 -10.66 -43.51 8.93
CA ILE K 109 -11.96 -43.25 8.35
C ILE K 109 -12.72 -44.54 8.07
N TRP K 110 -12.04 -45.53 7.50
CA TRP K 110 -12.62 -46.83 7.22
C TRP K 110 -11.59 -47.88 7.57
N GLY K 111 -12.06 -49.03 8.03
CA GLY K 111 -11.18 -50.13 8.33
C GLY K 111 -10.90 -50.28 9.82
N PRO K 112 -9.95 -51.15 10.18
CA PRO K 112 -9.13 -52.01 9.32
C PRO K 112 -9.85 -53.24 8.79
N TYR K 113 -9.41 -53.68 7.62
CA TYR K 113 -9.98 -54.84 6.95
C TYR K 113 -8.81 -55.64 6.41
N GLU K 114 -8.61 -56.85 6.93
CA GLU K 114 -7.43 -57.64 6.58
C GLU K 114 -7.82 -58.98 5.95
N PRO K 115 -7.99 -59.03 4.63
CA PRO K 115 -8.13 -60.32 3.96
C PRO K 115 -6.78 -61.04 3.88
N LEU K 116 -6.86 -62.36 3.88
CA LEU K 116 -5.68 -63.22 3.79
C LEU K 116 -5.59 -63.79 2.38
N TYR K 117 -4.37 -63.90 1.87
CA TYR K 117 -4.15 -64.29 0.49
C TYR K 117 -3.13 -65.40 0.39
N GLU K 118 -3.34 -66.25 -0.60
CA GLU K 118 -2.38 -67.27 -1.03
C GLU K 118 -1.75 -66.82 -2.34
N ILE K 119 -0.43 -66.98 -2.45
CA ILE K 119 0.28 -66.62 -3.67
C ILE K 119 0.09 -67.75 -4.68
N VAL K 120 -0.62 -67.46 -5.76
CA VAL K 120 -0.82 -68.44 -6.83
C VAL K 120 0.40 -68.49 -7.74
N TYR K 121 0.90 -67.33 -8.14
CA TYR K 121 2.05 -67.20 -9.00
C TYR K 121 2.91 -66.08 -8.44
N ALA K 122 4.23 -66.20 -8.60
CA ALA K 122 5.12 -65.14 -8.18
C ALA K 122 6.32 -65.06 -9.10
N ASN K 123 6.57 -63.87 -9.62
CA ASN K 123 7.84 -63.50 -10.25
C ASN K 123 8.22 -62.20 -9.57
N MET K 124 8.86 -62.28 -8.42
CA MET K 124 9.19 -61.10 -7.62
C MET K 124 10.67 -61.15 -7.29
N PRO K 125 11.48 -60.34 -7.93
CA PRO K 125 12.93 -60.38 -7.73
C PRO K 125 13.35 -59.76 -6.41
N LEU K 126 14.62 -59.91 -6.11
CA LEU K 126 15.21 -59.25 -4.95
C LEU K 126 15.29 -57.75 -5.19
N ASN K 127 14.96 -56.99 -4.16
CA ASN K 127 15.07 -55.54 -4.24
C ASN K 127 16.54 -55.14 -4.17
N THR K 128 16.99 -54.37 -5.15
CA THR K 128 18.34 -53.82 -5.17
C THR K 128 18.27 -52.33 -5.40
N GLU K 129 19.15 -51.59 -4.74
CA GLU K 129 19.37 -50.19 -5.06
C GLU K 129 20.20 -50.07 -6.33
N MET K 130 20.33 -48.84 -6.81
CA MET K 130 21.19 -48.60 -7.96
C MET K 130 22.68 -48.72 -7.62
N THR K 131 23.03 -48.72 -6.33
CA THR K 131 24.40 -48.99 -5.92
C THR K 131 24.69 -50.48 -5.80
N ASP K 132 23.68 -51.33 -5.86
CA ASP K 132 23.85 -52.75 -5.59
C ASP K 132 23.87 -53.62 -6.84
N PHE K 133 23.70 -53.05 -8.04
CA PHE K 133 23.58 -53.92 -9.22
C PHE K 133 24.91 -54.54 -9.62
N THR K 134 26.03 -53.92 -9.25
CA THR K 134 27.33 -54.52 -9.50
C THR K 134 27.52 -55.81 -8.70
N VAL K 135 26.97 -55.86 -7.48
CA VAL K 135 27.00 -57.10 -6.71
C VAL K 135 26.06 -58.12 -7.32
N MET K 136 24.92 -57.68 -7.84
CA MET K 136 23.90 -58.59 -8.34
C MET K 136 24.34 -59.28 -9.62
N VAL K 137 24.83 -58.50 -10.60
CA VAL K 137 25.28 -59.11 -11.83
C VAL K 137 26.60 -59.83 -11.66
N GLY K 138 27.39 -59.47 -10.65
CA GLY K 138 28.64 -60.19 -10.42
C GLY K 138 28.40 -61.57 -9.83
N LYS K 139 27.42 -61.68 -8.95
CA LYS K 139 27.11 -62.97 -8.35
C LYS K 139 26.42 -63.90 -9.34
N LYS K 140 25.60 -63.35 -10.23
CA LYS K 140 24.89 -64.17 -11.20
C LYS K 140 25.78 -64.60 -12.35
N PHE K 141 26.79 -63.79 -12.69
CA PHE K 141 27.75 -64.22 -13.70
C PHE K 141 28.70 -65.27 -13.16
N ALA K 142 29.05 -65.18 -11.88
CA ALA K 142 29.97 -66.16 -11.29
C ALA K 142 29.28 -67.50 -11.08
N ALA K 143 27.96 -67.50 -10.95
CA ALA K 143 27.20 -68.72 -10.80
C ALA K 143 26.69 -69.28 -12.12
N GLY K 144 27.04 -68.66 -13.23
CA GLY K 144 26.58 -69.10 -14.53
C GLY K 144 25.10 -68.89 -14.79
N GLU K 145 24.49 -67.90 -14.14
CA GLU K 145 23.08 -67.62 -14.31
C GLU K 145 22.85 -66.22 -14.87
N ALA K 146 23.59 -65.87 -15.93
CA ALA K 146 23.41 -64.57 -16.57
C ALA K 146 22.06 -64.44 -17.24
N VAL K 147 21.44 -65.55 -17.65
CA VAL K 147 20.16 -65.50 -18.32
C VAL K 147 19.03 -65.17 -17.35
N SER K 148 19.25 -65.34 -16.05
CA SER K 148 18.25 -65.06 -15.03
C SER K 148 18.64 -63.86 -14.17
N ILE K 149 19.24 -62.85 -14.78
CA ILE K 149 19.56 -61.62 -14.05
C ILE K 149 18.29 -60.77 -13.98
N PRO K 150 17.85 -60.38 -12.79
CA PRO K 150 16.58 -59.68 -12.65
C PRO K 150 16.72 -58.20 -12.94
N PRO K 151 15.63 -57.48 -13.16
CA PRO K 151 15.71 -56.02 -13.27
C PRO K 151 15.99 -55.38 -11.92
N ILE K 152 16.47 -54.14 -11.97
CA ILE K 152 16.78 -53.38 -10.76
C ILE K 152 15.47 -52.87 -10.17
N SER K 153 15.03 -53.48 -9.09
CA SER K 153 13.79 -53.11 -8.41
C SER K 153 14.17 -52.31 -7.18
N GLN K 154 14.03 -51.01 -7.26
CA GLN K 154 14.53 -50.14 -6.19
C GLN K 154 13.55 -50.08 -5.04
N PRO K 155 14.00 -50.27 -3.80
CA PRO K 155 13.08 -50.23 -2.66
C PRO K 155 12.78 -48.81 -2.20
N TYR K 156 11.81 -48.72 -1.29
CA TYR K 156 11.49 -47.54 -0.48
C TYR K 156 11.04 -46.35 -1.34
N GLY K 157 9.93 -46.56 -2.04
CA GLY K 157 9.24 -45.49 -2.71
C GLY K 157 9.71 -45.15 -4.11
N LYS K 158 10.65 -45.91 -4.67
CA LYS K 158 11.22 -45.60 -5.97
C LYS K 158 10.63 -46.42 -7.10
N ARG K 159 9.47 -47.03 -6.87
CA ARG K 159 8.74 -47.73 -7.91
C ARG K 159 7.26 -47.61 -7.59
N VAL K 160 6.42 -48.10 -8.50
CA VAL K 160 4.98 -48.04 -8.30
C VAL K 160 4.41 -49.45 -8.41
N VAL K 161 3.25 -49.64 -7.80
CA VAL K 161 2.58 -50.93 -7.77
C VAL K 161 1.20 -50.75 -8.39
N ALA K 162 0.85 -51.63 -9.31
CA ALA K 162 -0.50 -51.74 -9.83
C ALA K 162 -1.24 -52.81 -9.06
N PHE K 163 -2.32 -52.42 -8.40
CA PHE K 163 -3.11 -53.28 -7.52
C PHE K 163 -4.39 -53.62 -8.27
N GLY K 164 -4.40 -54.78 -8.93
CA GLY K 164 -5.49 -55.16 -9.81
C GLY K 164 -6.52 -56.07 -9.19
N GLU K 165 -7.71 -55.54 -8.94
CA GLU K 165 -8.76 -56.31 -8.28
C GLU K 165 -9.59 -57.06 -9.31
N HIS K 166 -9.74 -58.36 -9.13
CA HIS K 166 -10.50 -59.22 -10.03
C HIS K 166 -11.40 -60.12 -9.20
N ILE K 167 -12.68 -60.16 -9.53
CA ILE K 167 -13.62 -61.11 -8.94
C ILE K 167 -14.06 -62.06 -10.04
N VAL K 168 -13.83 -63.35 -9.83
CA VAL K 168 -13.95 -64.36 -10.88
C VAL K 168 -15.18 -65.21 -10.60
N LYS K 169 -15.98 -65.46 -11.64
CA LYS K 169 -17.17 -66.30 -11.57
C LYS K 169 -16.85 -67.69 -11.05
N GLU K 170 -17.84 -68.29 -10.36
CA GLU K 170 -17.73 -69.64 -9.85
C GLU K 170 -17.55 -70.65 -10.98
N GLY K 171 -16.50 -71.44 -10.89
CA GLY K 171 -16.18 -72.43 -11.88
C GLY K 171 -15.15 -72.00 -12.91
N LEU K 172 -14.89 -70.70 -13.02
CA LEU K 172 -13.91 -70.18 -13.97
C LEU K 172 -12.61 -69.76 -13.30
N GLU K 173 -12.33 -70.27 -12.09
CA GLU K 173 -11.09 -69.91 -11.41
C GLU K 173 -9.88 -70.56 -12.03
N ASN K 174 -10.04 -71.76 -12.62
CA ASN K 174 -8.93 -72.39 -13.31
C ASN K 174 -8.59 -71.69 -14.61
N GLN K 175 -9.60 -71.12 -15.29
CA GLN K 175 -9.33 -70.37 -16.51
C GLN K 175 -8.70 -69.02 -16.20
N PHE K 176 -9.08 -68.39 -15.09
CA PHE K 176 -8.45 -67.13 -14.71
C PHE K 176 -6.98 -67.33 -14.42
N GLU K 177 -6.64 -68.30 -13.57
CA GLU K 177 -5.27 -68.46 -13.11
C GLU K 177 -4.34 -68.89 -14.23
N GLU K 178 -4.85 -69.62 -15.22
CA GLU K 178 -4.01 -70.03 -16.35
C GLU K 178 -3.62 -68.83 -17.21
N TYR K 179 -4.59 -67.98 -17.55
CA TYR K 179 -4.33 -66.89 -18.47
C TYR K 179 -3.89 -65.60 -17.80
N ALA K 180 -4.15 -65.43 -16.50
CA ALA K 180 -3.54 -64.31 -15.80
C ALA K 180 -2.05 -64.54 -15.58
N ILE K 181 -1.64 -65.81 -15.47
CA ILE K 181 -0.23 -66.14 -15.42
C ILE K 181 0.43 -65.82 -16.77
N LYS K 182 -0.23 -66.21 -17.87
CA LYS K 182 0.28 -65.91 -19.21
C LYS K 182 0.33 -64.42 -19.50
N THR K 183 -0.57 -63.64 -18.88
CA THR K 183 -0.52 -62.20 -19.02
C THR K 183 0.69 -61.62 -18.28
N LEU K 184 1.01 -62.18 -17.11
CA LEU K 184 2.15 -61.68 -16.35
C LEU K 184 3.48 -62.13 -16.93
N GLU K 185 3.51 -63.26 -17.63
CA GLU K 185 4.71 -63.62 -18.37
C GLU K 185 4.90 -62.74 -19.59
N ALA K 186 3.80 -62.26 -20.18
CA ALA K 186 3.88 -61.32 -21.29
C ALA K 186 4.34 -59.95 -20.85
N PHE K 187 4.14 -59.58 -19.57
CA PHE K 187 4.61 -58.31 -19.07
C PHE K 187 6.13 -58.27 -18.93
N ARG K 188 6.80 -59.42 -18.94
CA ARG K 188 8.27 -59.47 -18.87
C ARG K 188 8.92 -58.74 -20.05
N SER K 189 8.23 -58.66 -21.18
CA SER K 189 8.74 -57.92 -22.32
C SER K 189 8.54 -56.41 -22.20
N ALA K 190 7.67 -55.96 -21.30
CA ALA K 190 7.35 -54.54 -21.22
C ALA K 190 8.49 -53.79 -20.55
N PRO K 191 8.82 -52.59 -21.03
CA PRO K 191 9.87 -51.79 -20.37
C PRO K 191 9.42 -51.29 -19.01
N GLY K 192 10.33 -51.40 -18.05
CA GLY K 192 10.03 -50.98 -16.70
C GLY K 192 9.25 -51.96 -15.87
N PHE K 193 8.95 -53.14 -16.38
CA PHE K 193 8.29 -54.16 -15.58
C PHE K 193 9.28 -54.72 -14.56
N LEU K 194 8.91 -54.65 -13.30
CA LEU K 194 9.80 -55.06 -12.22
C LEU K 194 9.38 -56.36 -11.57
N GLY K 195 8.28 -56.97 -12.00
CA GLY K 195 7.84 -58.23 -11.45
C GLY K 195 6.39 -58.19 -11.04
N GLY K 196 5.88 -59.38 -10.75
CA GLY K 196 4.46 -59.52 -10.51
C GLY K 196 4.11 -60.77 -9.73
N MET K 197 2.94 -60.73 -9.08
CA MET K 197 2.42 -61.90 -8.40
C MET K 197 0.89 -61.88 -8.46
N ILE K 198 0.30 -63.05 -8.32
CA ILE K 198 -1.14 -63.22 -8.33
C ILE K 198 -1.56 -63.74 -6.97
N LEU K 199 -2.44 -63.00 -6.30
CA LEU K 199 -2.88 -63.33 -4.95
C LEU K 199 -4.33 -63.80 -4.99
N LYS K 200 -4.61 -64.86 -4.24
CA LYS K 200 -5.95 -65.46 -4.18
C LYS K 200 -6.44 -65.38 -2.74
N GLU K 201 -7.59 -64.72 -2.54
CA GLU K 201 -8.13 -64.54 -1.20
C GLU K 201 -8.63 -65.85 -0.63
N ILE K 202 -8.18 -66.17 0.58
CA ILE K 202 -8.54 -67.41 1.26
C ILE K 202 -9.24 -67.19 2.58
N GLY K 203 -9.44 -65.95 2.99
CA GLY K 203 -10.06 -65.67 4.26
C GLY K 203 -9.83 -64.24 4.67
N VAL K 204 -10.43 -63.87 5.80
CA VAL K 204 -10.28 -62.56 6.41
C VAL K 204 -9.95 -62.74 7.88
N SER K 205 -8.86 -62.12 8.32
CA SER K 205 -8.45 -62.16 9.72
C SER K 205 -9.44 -61.42 10.61
N PRO K 206 -10.04 -62.06 11.61
CA PRO K 206 -10.95 -61.32 12.50
C PRO K 206 -10.26 -60.33 13.42
N LEU K 207 -9.13 -60.72 14.02
CA LEU K 207 -8.44 -59.81 14.93
C LEU K 207 -7.78 -58.66 14.19
N GLY K 208 -7.26 -58.92 13.00
CA GLY K 208 -6.73 -57.87 12.16
C GLY K 208 -7.78 -56.91 11.62
N SER K 209 -9.04 -57.34 11.59
CA SER K 209 -10.14 -56.49 11.15
C SER K 209 -10.89 -55.86 12.32
N LEU K 210 -10.41 -56.07 13.55
CA LEU K 210 -11.06 -55.63 14.80
C LEU K 210 -12.50 -56.13 14.90
N GLN K 211 -12.72 -57.36 14.49
CA GLN K 211 -14.05 -57.97 14.50
C GLN K 211 -14.11 -58.96 15.65
N LEU K 212 -14.68 -58.53 16.76
CA LEU K 212 -14.86 -59.34 17.95
C LEU K 212 -16.34 -59.67 18.11
N ASN K 213 -16.67 -60.36 19.20
CA ASN K 213 -18.06 -60.59 19.54
C ASN K 213 -18.65 -59.31 20.16
N ALA K 214 -19.87 -59.41 20.69
CA ALA K 214 -20.58 -58.22 21.15
C ALA K 214 -19.91 -57.58 22.36
N LYS K 215 -19.36 -58.39 23.26
CA LYS K 215 -18.65 -57.83 24.40
C LYS K 215 -17.33 -57.20 23.97
N GLY K 216 -16.62 -57.83 23.04
CA GLY K 216 -15.37 -57.28 22.56
C GLY K 216 -15.55 -56.02 21.74
N PHE K 217 -16.63 -55.94 20.97
CA PHE K 217 -16.90 -54.74 20.16
C PHE K 217 -17.18 -53.53 21.04
N HIS K 218 -17.89 -53.74 22.16
CA HIS K 218 -18.18 -52.64 23.05
C HIS K 218 -16.93 -52.19 23.80
N GLN K 219 -16.02 -53.11 24.11
CA GLN K 219 -14.79 -52.73 24.77
C GLN K 219 -13.85 -51.96 23.83
N ILE K 220 -13.98 -52.20 22.52
CA ILE K 220 -13.23 -51.39 21.56
C ILE K 220 -13.73 -49.95 21.57
N LEU K 221 -15.06 -49.76 21.59
CA LEU K 221 -15.62 -48.41 21.61
C LEU K 221 -15.39 -47.71 22.94
N GLU K 222 -15.30 -48.46 24.04
CA GLU K 222 -15.29 -47.86 25.37
C GLU K 222 -13.90 -47.53 25.88
N THR K 223 -12.84 -48.07 25.28
CA THR K 223 -11.53 -47.98 25.89
C THR K 223 -10.91 -46.61 25.70
N ALA K 224 -10.10 -46.22 26.68
CA ALA K 224 -9.34 -44.97 26.64
C ALA K 224 -7.95 -45.29 26.13
N ASN K 225 -7.73 -45.04 24.84
CA ASN K 225 -6.45 -45.19 24.13
C ASN K 225 -5.93 -46.62 24.14
N GLY K 226 -6.79 -47.61 24.37
CA GLY K 226 -6.37 -48.99 24.36
C GLY K 226 -5.87 -49.53 25.69
N MET K 227 -5.87 -48.73 26.76
CA MET K 227 -5.45 -49.21 28.07
C MET K 227 -6.36 -50.32 28.58
N ASP K 228 -7.62 -50.28 28.20
CA ASP K 228 -8.61 -51.30 28.54
C ASP K 228 -8.69 -52.25 27.35
N VAL K 229 -7.97 -53.36 27.43
CA VAL K 229 -7.83 -54.25 26.27
C VAL K 229 -9.03 -55.17 26.20
N PRO K 230 -9.71 -55.28 25.06
CA PRO K 230 -10.82 -56.23 24.94
C PRO K 230 -10.32 -57.66 24.95
N GLU K 231 -11.16 -58.55 25.43
CA GLU K 231 -10.87 -59.97 25.35
C GLU K 231 -10.98 -60.40 23.90
N PRO K 232 -9.93 -60.97 23.31
CA PRO K 232 -9.93 -61.23 21.85
C PRO K 232 -10.69 -62.48 21.46
N VAL K 233 -11.99 -62.50 21.76
CA VAL K 233 -12.88 -63.58 21.39
C VAL K 233 -13.65 -63.15 20.16
N THR K 234 -13.51 -63.91 19.08
CA THR K 234 -14.22 -63.67 17.84
C THR K 234 -15.28 -64.74 17.64
N ILE K 235 -16.24 -64.45 16.76
CA ILE K 235 -17.29 -65.42 16.46
C ILE K 235 -16.94 -66.28 15.26
N TYR K 236 -15.83 -66.01 14.58
CA TYR K 236 -15.45 -66.77 13.41
C TYR K 236 -13.93 -66.86 13.35
N GLU K 237 -13.46 -67.85 12.62
CA GLU K 237 -12.06 -67.93 12.22
C GLU K 237 -11.95 -67.52 10.77
N ALA K 238 -10.70 -67.32 10.33
CA ALA K 238 -10.45 -66.67 9.04
C ALA K 238 -11.03 -67.37 7.80
N PRO K 239 -11.00 -68.71 7.64
CA PRO K 239 -11.68 -69.29 6.46
C PRO K 239 -13.21 -69.23 6.51
N GLU K 240 -13.82 -68.89 7.64
CA GLU K 240 -15.27 -68.75 7.68
C GLU K 240 -15.75 -67.45 7.05
N PHE K 241 -14.88 -66.46 6.88
CA PHE K 241 -15.17 -65.28 6.09
C PHE K 241 -14.26 -65.38 4.87
N ARG K 242 -14.68 -66.17 3.91
CA ARG K 242 -14.01 -66.28 2.62
C ARG K 242 -15.02 -65.84 1.57
N ASN K 243 -14.70 -64.76 0.87
CA ASN K 243 -15.66 -64.15 -0.04
C ASN K 243 -15.88 -65.02 -1.26
N ARG K 244 -17.14 -65.27 -1.58
CA ARG K 244 -17.53 -65.92 -2.80
C ARG K 244 -18.39 -64.95 -3.60
N PRO K 245 -18.17 -64.80 -4.91
CA PRO K 245 -17.17 -65.42 -5.80
C PRO K 245 -15.73 -64.99 -5.52
N GLN K 246 -14.77 -65.72 -6.10
CA GLN K 246 -13.39 -65.68 -5.65
C GLN K 246 -12.71 -64.35 -6.02
N ARG K 247 -12.09 -63.73 -5.03
CA ARG K 247 -11.36 -62.48 -5.23
C ARG K 247 -9.90 -62.78 -5.57
N TYR K 248 -9.38 -62.06 -6.55
CA TYR K 248 -7.98 -62.16 -6.91
C TYR K 248 -7.37 -60.78 -6.92
N ILE K 249 -6.12 -60.69 -6.47
CA ILE K 249 -5.31 -59.49 -6.65
C ILE K 249 -4.24 -59.82 -7.67
N VAL K 250 -4.17 -59.03 -8.73
CA VAL K 250 -3.05 -59.07 -9.68
C VAL K 250 -2.14 -57.91 -9.33
N HIS K 251 -1.00 -58.23 -8.73
CA HIS K 251 -0.06 -57.26 -8.20
C HIS K 251 1.13 -57.20 -9.15
N THR K 252 1.33 -56.06 -9.80
CA THR K 252 2.47 -55.86 -10.69
C THR K 252 3.23 -54.61 -10.29
N GLU K 253 4.55 -54.64 -10.49
CA GLU K 253 5.43 -53.57 -10.07
C GLU K 253 6.12 -52.97 -11.29
N TRP K 254 6.23 -51.65 -11.29
CA TRP K 254 6.68 -50.89 -12.45
C TRP K 254 7.62 -49.79 -11.98
N SER K 255 8.55 -49.41 -12.85
CA SER K 255 9.57 -48.44 -12.46
C SER K 255 8.99 -47.04 -12.29
N ASP K 256 7.96 -46.68 -13.05
CA ASP K 256 7.29 -45.40 -12.94
C ASP K 256 5.88 -45.56 -13.46
N THR K 257 5.08 -44.49 -13.35
CA THR K 257 3.68 -44.59 -13.76
C THR K 257 3.51 -44.60 -15.27
N ASN K 258 4.47 -44.04 -16.01
CA ASN K 258 4.41 -44.14 -17.46
C ASN K 258 4.66 -45.57 -17.92
N ALA K 259 5.64 -46.25 -17.31
CA ALA K 259 5.88 -47.66 -17.62
C ALA K 259 4.69 -48.51 -17.20
N LEU K 260 4.03 -48.14 -16.10
CA LEU K 260 2.83 -48.84 -15.68
C LEU K 260 1.69 -48.67 -16.68
N MET K 261 1.47 -47.44 -17.14
CA MET K 261 0.33 -47.13 -18.00
C MET K 261 0.46 -47.81 -19.36
N PHE K 262 1.64 -47.76 -19.97
CA PHE K 262 1.81 -48.41 -21.26
C PHE K 262 2.14 -49.89 -21.13
N GLY K 263 2.65 -50.33 -19.99
CA GLY K 263 2.92 -51.73 -19.77
C GLY K 263 1.66 -52.53 -19.51
N LEU K 264 0.85 -52.07 -18.55
CA LEU K 264 -0.46 -52.68 -18.32
C LEU K 264 -1.39 -52.48 -19.51
N GLY K 265 -1.22 -51.38 -20.23
CA GLY K 265 -2.00 -51.09 -21.43
C GLY K 265 -1.80 -52.04 -22.57
N ARG K 266 -0.77 -52.90 -22.51
CA ARG K 266 -0.54 -53.93 -23.53
C ARG K 266 -1.68 -54.94 -23.62
N VAL K 267 -2.47 -55.11 -22.56
CA VAL K 267 -3.68 -55.92 -22.65
C VAL K 267 -4.78 -55.25 -23.45
N LEU K 268 -4.61 -53.98 -23.80
CA LEU K 268 -5.54 -53.26 -24.66
C LEU K 268 -4.98 -52.90 -26.02
N ILE K 269 -3.67 -52.63 -26.13
CA ILE K 269 -3.11 -52.08 -27.35
C ILE K 269 -2.15 -53.02 -28.06
N TYR K 270 -1.66 -54.07 -27.40
CA TYR K 270 -0.79 -55.04 -28.05
C TYR K 270 -1.64 -56.24 -28.42
N PRO K 271 -1.83 -56.53 -29.71
CA PRO K 271 -2.84 -57.53 -30.11
C PRO K 271 -2.51 -58.96 -29.67
N GLU K 272 -1.24 -59.33 -29.52
CA GLU K 272 -0.91 -60.67 -29.06
C GLU K 272 -1.22 -60.86 -27.58
N VAL K 273 -0.97 -59.84 -26.76
CA VAL K 273 -1.28 -59.90 -25.34
C VAL K 273 -2.78 -59.71 -25.12
N ARG K 274 -3.43 -58.97 -26.03
CA ARG K 274 -4.86 -58.69 -25.93
C ARG K 274 -5.70 -59.95 -26.05
N GLN K 275 -5.30 -60.91 -26.90
CA GLN K 275 -6.04 -62.18 -26.97
C GLN K 275 -5.84 -63.03 -25.72
N ILE K 276 -4.68 -62.93 -25.08
CA ILE K 276 -4.43 -63.67 -23.85
C ILE K 276 -5.32 -63.13 -22.73
N HIS K 277 -5.34 -61.81 -22.55
CA HIS K 277 -6.10 -61.19 -21.48
C HIS K 277 -7.60 -61.18 -21.75
N ASP K 278 -8.03 -61.44 -22.99
CA ASP K 278 -9.45 -61.61 -23.26
C ASP K 278 -10.01 -62.85 -22.57
N LYS K 279 -9.18 -63.88 -22.38
CA LYS K 279 -9.62 -65.05 -21.64
C LYS K 279 -9.72 -64.77 -20.15
N VAL K 280 -8.93 -63.83 -19.64
CA VAL K 280 -9.09 -63.37 -18.27
C VAL K 280 -10.39 -62.60 -18.11
N LEU K 281 -10.70 -61.73 -19.07
CA LEU K 281 -11.90 -60.88 -18.99
C LEU K 281 -13.18 -61.70 -19.09
N ASP K 282 -13.15 -62.84 -19.76
CA ASP K 282 -14.31 -63.70 -19.88
C ASP K 282 -14.59 -64.53 -18.64
N THR K 283 -13.82 -64.37 -17.56
CA THR K 283 -14.08 -65.05 -16.30
C THR K 283 -14.53 -64.10 -15.20
N LEU K 284 -14.59 -62.81 -15.44
CA LEU K 284 -14.75 -61.81 -14.40
C LEU K 284 -16.21 -61.42 -14.21
N VAL K 285 -16.69 -61.48 -12.97
CA VAL K 285 -17.94 -60.82 -12.64
C VAL K 285 -17.72 -59.38 -12.20
N TYR K 286 -16.51 -59.04 -11.77
CA TYR K 286 -16.18 -57.67 -11.41
C TYR K 286 -14.73 -57.41 -11.79
N GLY K 287 -14.48 -56.23 -12.33
CA GLY K 287 -13.14 -55.80 -12.65
C GLY K 287 -12.86 -55.82 -14.13
N PRO K 288 -11.63 -55.44 -14.51
CA PRO K 288 -10.51 -55.08 -13.64
C PRO K 288 -10.50 -53.62 -13.19
N TYR K 289 -10.26 -53.41 -11.91
CA TYR K 289 -10.08 -52.09 -11.33
C TYR K 289 -8.69 -52.03 -10.73
N ILE K 290 -7.88 -51.09 -11.20
CA ILE K 290 -6.45 -51.08 -10.92
C ILE K 290 -6.12 -49.82 -10.12
N ARG K 291 -5.73 -50.00 -8.87
CA ARG K 291 -5.23 -48.92 -8.05
C ARG K 291 -3.72 -48.80 -8.22
N VAL K 292 -3.22 -47.58 -8.10
CA VAL K 292 -1.79 -47.30 -8.20
C VAL K 292 -1.29 -47.05 -6.80
N LEU K 293 -0.30 -47.83 -6.38
CA LEU K 293 0.20 -47.78 -5.01
C LEU K 293 1.67 -47.39 -4.99
N ASN K 294 2.06 -46.71 -3.92
CA ASN K 294 3.46 -46.36 -3.70
C ASN K 294 3.98 -47.17 -2.53
N PRO K 295 4.95 -48.05 -2.74
CA PRO K 295 5.51 -48.83 -1.62
C PRO K 295 6.52 -48.06 -0.79
N MET K 296 6.04 -47.30 0.20
CA MET K 296 6.91 -46.47 1.02
C MET K 296 7.82 -47.30 1.92
N MET K 297 7.24 -48.05 2.85
CA MET K 297 7.98 -48.76 3.87
C MET K 297 7.99 -50.24 3.55
N GLU K 298 9.17 -50.84 3.54
CA GLU K 298 9.32 -52.20 3.05
C GLU K 298 10.21 -53.03 3.96
N GLY K 299 9.92 -54.32 3.99
CA GLY K 299 10.67 -55.36 4.64
C GLY K 299 11.26 -56.31 3.62
N THR K 300 12.01 -55.78 2.64
CA THR K 300 12.40 -56.42 1.38
C THR K 300 12.99 -57.83 1.44
N TYR K 301 13.36 -58.30 2.63
CA TYR K 301 13.82 -59.67 2.87
C TYR K 301 12.71 -60.71 2.73
N TRP K 302 11.45 -60.32 2.50
CA TRP K 302 10.42 -61.30 2.17
C TRP K 302 10.65 -61.91 0.79
N ARG K 303 11.29 -61.17 -0.11
CA ARG K 303 11.66 -61.72 -1.40
C ARG K 303 12.87 -62.65 -1.31
N GLU K 304 13.69 -62.50 -0.27
CA GLU K 304 14.75 -63.47 -0.03
C GLU K 304 14.18 -64.82 0.38
N TYR K 305 13.09 -64.80 1.17
CA TYR K 305 12.40 -66.04 1.50
C TYR K 305 11.71 -66.64 0.28
N LEU K 306 11.16 -65.78 -0.58
CA LEU K 306 10.42 -66.26 -1.74
C LEU K 306 11.36 -66.86 -2.79
N ASN K 307 12.48 -66.21 -3.04
CA ASN K 307 13.41 -66.64 -4.08
C ASN K 307 14.50 -67.57 -3.56
N GLU K 308 14.52 -67.82 -2.24
CA GLU K 308 15.45 -68.76 -1.58
C GLU K 308 16.90 -68.38 -1.80
N TYR K 309 17.18 -67.08 -1.84
CA TYR K 309 18.48 -66.55 -2.16
C TYR K 309 18.50 -65.10 -1.72
N HIS K 310 19.63 -64.63 -1.20
CA HIS K 310 19.77 -63.24 -0.80
C HIS K 310 20.93 -62.60 -1.57
N LEU K 311 21.02 -61.28 -1.42
CA LEU K 311 21.98 -60.39 -2.10
C LEU K 311 21.94 -60.52 -3.62
N PRO L 2 46.51 -53.93 4.93
CA PRO L 2 46.30 -54.29 6.34
C PRO L 2 45.21 -53.43 6.97
N LYS L 3 44.89 -53.68 8.23
CA LYS L 3 43.90 -52.88 8.92
C LYS L 3 44.56 -51.68 9.57
N PRO L 4 44.20 -50.46 9.19
CA PRO L 4 44.79 -49.29 9.85
C PRO L 4 44.17 -49.03 11.21
N TYR L 5 44.74 -48.07 11.92
CA TYR L 5 44.19 -47.56 13.16
C TYR L 5 43.49 -46.24 12.88
N VAL L 6 42.45 -45.96 13.64
CA VAL L 6 41.61 -44.80 13.40
C VAL L 6 41.71 -43.85 14.59
N ALA L 7 42.00 -42.59 14.31
CA ALA L 7 41.78 -41.50 15.26
C ALA L 7 40.53 -40.75 14.82
N ILE L 8 39.60 -40.57 15.75
CA ILE L 8 38.33 -39.89 15.46
C ILE L 8 38.32 -38.58 16.24
N ASN L 9 38.52 -37.47 15.55
CA ASN L 9 38.48 -36.16 16.18
C ASN L 9 37.04 -35.67 16.22
N MET L 10 36.53 -35.44 17.44
CA MET L 10 35.15 -35.04 17.66
C MET L 10 35.11 -33.61 18.18
N VAL L 11 34.41 -32.74 17.46
CA VAL L 11 34.20 -31.36 17.85
C VAL L 11 32.73 -30.98 17.66
N GLU L 12 32.25 -30.09 18.51
CA GLU L 12 30.97 -29.43 18.31
C GLU L 12 31.24 -27.99 17.91
N VAL L 13 30.72 -27.57 16.76
CA VAL L 13 30.91 -26.23 16.24
C VAL L 13 29.54 -25.61 15.99
N ARG L 14 29.53 -24.29 15.86
CA ARG L 14 28.30 -23.57 15.54
C ARG L 14 27.81 -23.90 14.14
N ASN L 15 26.50 -23.90 13.95
CA ASN L 15 25.91 -24.13 12.62
C ASN L 15 25.55 -22.76 12.04
N ASP L 16 26.52 -22.14 11.38
CA ASP L 16 26.37 -20.82 10.79
C ASP L 16 27.22 -20.80 9.53
N PRO L 17 26.97 -19.85 8.61
CA PRO L 17 27.80 -19.78 7.39
C PRO L 17 29.28 -19.53 7.61
N LYS L 18 29.66 -18.96 8.75
CA LYS L 18 31.08 -18.79 9.04
C LYS L 18 31.78 -20.13 9.23
N THR L 19 31.10 -21.11 9.83
CA THR L 19 31.67 -22.42 10.09
C THR L 19 31.93 -23.20 8.81
N LEU L 20 30.99 -23.13 7.85
CA LEU L 20 31.19 -23.84 6.59
C LEU L 20 32.28 -23.22 5.72
N GLU L 21 32.70 -21.98 6.00
CA GLU L 21 33.93 -21.48 5.40
C GLU L 21 35.15 -22.18 5.99
N LEU L 22 35.09 -22.58 7.26
CA LEU L 22 36.21 -23.27 7.90
C LEU L 22 36.36 -24.70 7.42
N PHE L 23 35.33 -25.28 6.78
CA PHE L 23 35.46 -26.59 6.16
C PHE L 23 36.42 -26.55 4.97
N GLY L 24 36.41 -25.46 4.22
CA GLY L 24 37.18 -25.37 3.00
C GLY L 24 38.45 -24.56 3.11
N LYS L 25 38.64 -23.84 4.21
CA LYS L 25 39.82 -23.00 4.39
C LYS L 25 40.76 -23.48 5.48
N VAL L 26 40.35 -24.43 6.32
CA VAL L 26 41.19 -24.95 7.40
C VAL L 26 41.33 -26.46 7.31
N GLY L 27 40.21 -27.16 7.14
CA GLY L 27 40.15 -28.59 6.85
C GLY L 27 41.15 -29.17 5.87
N PRO L 28 41.29 -28.59 4.66
CA PRO L 28 42.35 -29.07 3.76
C PRO L 28 43.76 -28.82 4.27
N LYS L 29 43.98 -27.75 5.03
CA LYS L 29 45.32 -27.49 5.55
C LYS L 29 45.72 -28.47 6.63
N VAL L 30 44.76 -28.90 7.46
CA VAL L 30 45.01 -29.90 8.48
C VAL L 30 45.37 -31.23 7.85
N CYS L 31 44.68 -31.60 6.77
CA CYS L 31 44.98 -32.82 6.04
C CYS L 31 46.35 -32.76 5.37
N MET L 32 46.78 -31.58 4.93
CA MET L 32 48.09 -31.45 4.31
C MET L 32 49.22 -31.51 5.33
N VAL L 33 49.00 -30.98 6.54
CA VAL L 33 49.99 -31.10 7.61
C VAL L 33 50.07 -32.54 8.10
N THR L 34 48.91 -33.20 8.19
CA THR L 34 48.84 -34.60 8.61
C THR L 34 49.53 -35.52 7.61
N ALA L 35 49.51 -35.18 6.33
CA ALA L 35 50.13 -35.98 5.28
C ALA L 35 51.64 -35.80 5.19
N ARG L 36 52.26 -35.00 6.08
CA ARG L 36 53.71 -35.00 6.20
C ARG L 36 54.25 -36.30 6.78
N HIS L 37 53.44 -37.02 7.56
CA HIS L 37 53.86 -38.27 8.17
C HIS L 37 53.63 -39.44 7.22
N PRO L 38 54.59 -40.35 7.10
CA PRO L 38 54.42 -41.48 6.16
C PRO L 38 53.42 -42.54 6.64
N GLY L 39 53.13 -42.60 7.93
CA GLY L 39 52.13 -43.52 8.45
C GLY L 39 50.70 -43.10 8.22
N PHE L 40 50.47 -41.90 7.73
CA PHE L 40 49.13 -41.43 7.39
C PHE L 40 48.67 -42.10 6.11
N VAL L 41 47.53 -42.78 6.15
CA VAL L 41 47.03 -43.48 4.97
C VAL L 41 45.70 -42.93 4.48
N GLY L 42 45.12 -41.95 5.13
CA GLY L 42 43.91 -41.35 4.61
C GLY L 42 43.01 -40.83 5.71
N PHE L 43 41.87 -40.29 5.30
CA PHE L 43 40.95 -39.64 6.21
C PHE L 43 39.53 -39.76 5.69
N GLN L 44 38.58 -39.47 6.57
CA GLN L 44 37.16 -39.42 6.20
C GLN L 44 36.48 -38.49 7.20
N ASN L 45 36.02 -37.35 6.73
CA ASN L 45 35.45 -36.33 7.61
C ASN L 45 33.93 -36.35 7.53
N HIS L 46 33.29 -36.27 8.69
CA HIS L 46 31.84 -36.39 8.78
C HIS L 46 31.24 -35.17 9.46
N VAL L 47 30.00 -34.88 9.08
CA VAL L 47 29.12 -33.97 9.82
C VAL L 47 27.90 -34.78 10.22
N GLN L 48 27.52 -34.69 11.50
CA GLN L 48 26.30 -35.35 11.93
C GLN L 48 25.08 -34.61 11.38
N ILE L 49 24.21 -35.35 10.71
CA ILE L 49 22.99 -34.78 10.15
C ILE L 49 21.75 -35.23 10.91
N GLY L 50 21.86 -36.18 11.82
CA GLY L 50 20.70 -36.61 12.56
C GLY L 50 21.00 -37.82 13.43
N VAL L 51 19.92 -38.39 13.96
CA VAL L 51 19.94 -39.52 14.88
C VAL L 51 18.87 -40.50 14.41
N VAL L 52 19.16 -41.78 14.47
CA VAL L 52 18.15 -42.80 14.21
C VAL L 52 17.17 -42.81 15.39
N PRO L 53 15.89 -42.53 15.17
CA PRO L 53 14.96 -42.40 16.29
C PRO L 53 14.53 -43.73 16.90
N LEU L 54 14.57 -44.81 16.11
CA LEU L 54 14.13 -46.16 16.48
C LEU L 54 12.68 -46.15 16.97
N GLY L 55 11.78 -45.76 16.08
CA GLY L 55 10.41 -45.52 16.47
C GLY L 55 10.30 -44.22 17.24
N THR L 56 9.87 -44.28 18.50
CA THR L 56 9.79 -43.11 19.36
C THR L 56 10.76 -43.19 20.54
N ARG L 57 11.82 -43.97 20.42
CA ARG L 57 12.79 -44.09 21.50
C ARG L 57 13.53 -42.78 21.70
N TRP L 58 14.01 -42.19 20.62
CA TRP L 58 14.39 -40.78 20.61
C TRP L 58 13.49 -40.11 19.58
N GLY L 59 12.26 -39.80 20.00
CA GLY L 59 11.26 -39.28 19.08
C GLY L 59 11.41 -37.83 18.74
N GLY L 60 12.19 -37.09 19.52
CA GLY L 60 12.52 -35.72 19.17
C GLY L 60 13.62 -35.59 18.15
N ALA L 61 14.21 -36.70 17.76
CA ALA L 61 15.30 -36.73 16.80
C ALA L 61 14.82 -37.28 15.46
N LYS L 62 15.46 -36.82 14.40
CA LYS L 62 15.15 -37.25 13.04
C LYS L 62 16.46 -37.64 12.37
N MET L 63 16.35 -38.40 11.28
CA MET L 63 17.55 -38.79 10.56
C MET L 63 18.17 -37.63 9.79
N GLU L 64 17.34 -36.70 9.33
CA GLU L 64 17.81 -35.50 8.63
C GLU L 64 17.27 -34.29 9.37
N MET L 65 18.03 -33.81 10.37
CA MET L 65 17.63 -32.67 11.16
C MET L 65 18.68 -31.57 11.17
N SER L 66 19.60 -31.58 10.22
CA SER L 66 20.74 -30.66 10.26
C SER L 66 20.36 -29.23 9.89
N GLN L 67 19.25 -29.04 9.18
CA GLN L 67 18.81 -27.70 8.83
C GLN L 67 18.24 -26.94 10.03
N GLU L 68 17.90 -27.63 11.11
CA GLU L 68 17.28 -27.00 12.27
C GLU L 68 18.20 -26.86 13.47
N MET L 69 19.39 -27.46 13.44
CA MET L 69 20.27 -27.47 14.60
C MET L 69 21.12 -26.22 14.67
N HIS L 70 21.35 -25.74 15.89
CA HIS L 70 22.22 -24.59 16.10
C HIS L 70 23.69 -24.98 16.10
N SER L 71 24.00 -26.25 16.30
CA SER L 71 25.38 -26.70 16.44
C SER L 71 25.59 -27.98 15.64
N LEU L 72 26.80 -28.15 15.13
CA LEU L 72 27.15 -29.28 14.29
C LEU L 72 28.18 -30.15 15.00
N MET L 73 27.92 -31.45 15.03
CA MET L 73 28.88 -32.43 15.49
C MET L 73 29.72 -32.90 14.31
N LEU L 74 31.04 -32.84 14.45
CA LEU L 74 31.97 -33.28 13.41
C LEU L 74 32.76 -34.48 13.91
N MET L 75 32.87 -35.51 13.08
CA MET L 75 33.69 -36.69 13.35
C MET L 75 34.71 -36.81 12.24
N GLN L 76 35.94 -36.46 12.54
CA GLN L 76 37.01 -36.43 11.54
C GLN L 76 37.89 -37.65 11.75
N TYR L 77 37.74 -38.65 10.88
CA TYR L 77 38.54 -39.85 10.99
C TYR L 77 39.87 -39.61 10.31
N THR L 78 40.94 -40.06 10.93
CA THR L 78 42.22 -40.19 10.27
C THR L 78 42.70 -41.62 10.43
N PHE L 79 43.32 -42.15 9.39
CA PHE L 79 43.70 -43.55 9.34
C PHE L 79 45.23 -43.66 9.35
N TRP L 80 45.73 -44.61 10.15
CA TRP L 80 47.15 -44.68 10.46
C TRP L 80 47.65 -46.11 10.38
N LYS L 81 48.88 -46.30 9.90
CA LYS L 81 49.49 -47.62 9.85
C LYS L 81 49.69 -48.20 11.25
N ASN L 82 50.06 -47.35 12.21
CA ASN L 82 50.05 -47.69 13.62
C ASN L 82 49.55 -46.46 14.39
N TRP L 83 48.96 -46.70 15.56
CA TRP L 83 48.44 -45.58 16.34
C TRP L 83 49.54 -44.72 16.92
N LYS L 84 50.76 -45.25 17.04
CA LYS L 84 51.89 -44.43 17.46
C LYS L 84 52.30 -43.44 16.39
N ASP L 85 52.00 -43.73 15.12
CA ASP L 85 52.26 -42.76 14.04
C ASP L 85 51.40 -41.52 14.19
N HIS L 86 50.20 -41.67 14.73
CA HIS L 86 49.34 -40.51 14.96
C HIS L 86 49.87 -39.66 16.11
N GLU L 87 50.36 -40.30 17.18
CA GLU L 87 50.92 -39.54 18.29
C GLU L 87 52.24 -38.91 17.92
N GLU L 88 53.05 -39.57 17.09
CA GLU L 88 54.28 -38.97 16.60
C GLU L 88 54.00 -37.81 15.64
N MET L 89 52.93 -37.90 14.86
CA MET L 89 52.57 -36.82 13.95
C MET L 89 52.19 -35.56 14.71
N HIS L 90 51.40 -35.70 15.79
CA HIS L 90 50.95 -34.54 16.54
C HIS L 90 52.08 -33.86 17.28
N LYS L 91 53.08 -34.63 17.73
CA LYS L 91 54.20 -34.01 18.42
C LYS L 91 55.13 -33.29 17.47
N GLN L 92 55.39 -33.87 16.29
CA GLN L 92 56.33 -33.29 15.35
C GLN L 92 55.74 -32.10 14.61
N ASN L 93 54.42 -32.03 14.46
CA ASN L 93 53.76 -30.96 13.73
C ASN L 93 52.88 -30.13 14.65
N TRP L 94 53.31 -29.97 15.91
CA TRP L 94 52.43 -29.40 16.93
C TRP L 94 52.16 -27.93 16.71
N ALA L 95 53.14 -27.16 16.26
CA ALA L 95 52.95 -25.73 16.07
C ALA L 95 51.99 -25.45 14.91
N ASN L 96 52.13 -26.18 13.80
CA ASN L 96 51.25 -25.96 12.67
C ASN L 96 49.83 -26.43 12.96
N LEU L 97 49.68 -27.54 13.69
CA LEU L 97 48.37 -28.10 13.95
C LEU L 97 47.62 -27.32 15.01
N PHE L 98 48.32 -26.82 16.03
CA PHE L 98 47.69 -25.97 17.04
C PHE L 98 47.17 -24.68 16.43
N ARG L 99 47.94 -24.08 15.52
CA ARG L 99 47.55 -22.83 14.90
C ARG L 99 46.36 -23.00 13.98
N LEU L 100 46.27 -24.14 13.29
CA LEU L 100 45.13 -24.40 12.43
C LEU L 100 43.87 -24.70 13.24
N CYS L 101 44.02 -25.41 14.36
CA CYS L 101 42.88 -25.74 15.19
C CYS L 101 42.31 -24.51 15.89
N LEU L 102 43.15 -23.52 16.17
CA LEU L 102 42.69 -22.28 16.77
C LEU L 102 42.09 -21.32 15.77
N GLN L 103 42.13 -21.62 14.47
CA GLN L 103 41.35 -20.85 13.53
C GLN L 103 39.86 -21.19 13.62
N CYS L 104 39.53 -22.36 14.17
CA CYS L 104 38.15 -22.79 14.36
C CYS L 104 37.64 -22.43 15.76
N ALA L 105 38.37 -21.59 16.48
CA ALA L 105 38.13 -21.39 17.90
C ALA L 105 36.85 -20.60 18.15
N ASP L 106 36.60 -19.55 17.38
CA ASP L 106 35.39 -18.74 17.56
C ASP L 106 34.12 -19.42 17.09
N GLN L 107 34.21 -20.63 16.53
CA GLN L 107 33.04 -21.45 16.22
C GLN L 107 32.88 -22.64 17.15
N MET L 108 33.93 -23.02 17.89
CA MET L 108 33.93 -24.27 18.64
C MET L 108 33.13 -24.15 19.92
N ILE L 109 32.33 -25.17 20.20
CA ILE L 109 31.47 -25.21 21.37
C ILE L 109 31.95 -26.27 22.37
N TRP L 110 32.27 -27.45 21.88
CA TRP L 110 32.78 -28.53 22.70
C TRP L 110 33.91 -29.21 21.94
N GLY L 111 34.90 -29.70 22.67
CA GLY L 111 35.99 -30.41 22.07
C GLY L 111 37.25 -29.58 21.93
N PRO L 112 38.26 -30.10 21.21
CA PRO L 112 38.31 -31.40 20.53
C PRO L 112 38.56 -32.57 21.46
N TYR L 113 38.05 -33.73 21.05
CA TYR L 113 38.18 -34.96 21.80
C TYR L 113 38.50 -36.05 20.80
N GLU L 114 39.70 -36.63 20.89
CA GLU L 114 40.17 -37.58 19.88
C GLU L 114 40.47 -38.94 20.50
N PRO L 115 39.48 -39.83 20.59
CA PRO L 115 39.78 -41.21 20.94
C PRO L 115 40.44 -41.96 19.79
N LEU L 116 41.26 -42.93 20.14
CA LEU L 116 41.96 -43.76 19.16
C LEU L 116 41.29 -45.13 19.10
N TYR L 117 41.21 -45.69 17.90
CA TYR L 117 40.47 -46.92 17.68
C TYR L 117 41.29 -47.93 16.91
N GLU L 118 41.05 -49.19 17.23
CA GLU L 118 41.56 -50.33 16.48
C GLU L 118 40.41 -50.93 15.68
N ILE L 119 40.68 -51.28 14.42
CA ILE L 119 39.67 -51.90 13.57
C ILE L 119 39.60 -53.39 13.92
N VAL L 120 38.48 -53.80 14.48
CA VAL L 120 38.26 -55.21 14.81
C VAL L 120 37.86 -55.99 13.56
N TYR L 121 36.90 -55.45 12.80
CA TYR L 121 36.39 -56.05 11.60
C TYR L 121 36.26 -54.96 10.56
N ALA L 122 36.47 -55.30 9.29
CA ALA L 122 36.28 -54.33 8.23
C ALA L 122 35.76 -55.02 6.98
N ASN L 123 34.67 -54.51 6.45
CA ASN L 123 34.21 -54.80 5.09
C ASN L 123 33.96 -53.43 4.48
N MET L 124 34.99 -52.80 3.96
CA MET L 124 34.90 -51.44 3.45
C MET L 124 35.46 -51.42 2.03
N PRO L 125 34.62 -51.34 1.03
CA PRO L 125 35.07 -51.41 -0.36
C PRO L 125 35.75 -50.12 -0.81
N LEU L 126 36.31 -50.18 -2.00
CA LEU L 126 36.87 -49.00 -2.64
C LEU L 126 35.75 -48.05 -3.05
N ASN L 127 35.97 -46.77 -2.81
CA ASN L 127 35.01 -45.75 -3.24
C ASN L 127 35.09 -45.58 -4.75
N THR L 128 33.95 -45.71 -5.42
CA THR L 128 33.84 -45.47 -6.85
C THR L 128 32.71 -44.50 -7.12
N GLU L 129 32.91 -43.62 -8.08
CA GLU L 129 31.82 -42.82 -8.61
C GLU L 129 30.94 -43.67 -9.53
N MET L 130 29.83 -43.08 -9.96
CA MET L 130 28.98 -43.76 -10.93
C MET L 130 29.60 -43.80 -12.33
N THR L 131 30.63 -42.99 -12.58
CA THR L 131 31.36 -43.07 -13.83
C THR L 131 32.45 -44.13 -13.79
N ASP L 132 32.76 -44.69 -12.64
CA ASP L 132 33.90 -45.59 -12.48
C ASP L 132 33.52 -47.06 -12.40
N PHE L 133 32.23 -47.41 -12.43
CA PHE L 133 31.88 -48.82 -12.21
C PHE L 133 32.22 -49.70 -13.40
N THR L 134 32.32 -49.12 -14.61
CA THR L 134 32.76 -49.88 -15.77
C THR L 134 34.22 -50.33 -15.62
N VAL L 135 35.05 -49.50 -14.99
CA VAL L 135 36.43 -49.92 -14.71
C VAL L 135 36.44 -50.97 -13.61
N MET L 136 35.55 -50.85 -12.63
CA MET L 136 35.56 -51.74 -11.48
C MET L 136 35.12 -53.15 -11.85
N VAL L 137 34.00 -53.27 -12.56
CA VAL L 137 33.54 -54.59 -12.95
C VAL L 137 34.39 -55.17 -14.08
N GLY L 138 35.06 -54.32 -14.85
CA GLY L 138 35.92 -54.85 -15.90
C GLY L 138 37.20 -55.45 -15.34
N LYS L 139 37.74 -54.84 -14.30
CA LYS L 139 38.96 -55.37 -13.68
C LYS L 139 38.67 -56.63 -12.88
N LYS L 140 37.50 -56.72 -12.25
CA LYS L 140 37.16 -57.89 -11.45
C LYS L 140 36.74 -59.07 -12.32
N PHE L 141 36.16 -58.81 -13.49
CA PHE L 141 35.86 -59.90 -14.41
C PHE L 141 37.12 -60.43 -15.08
N ALA L 142 38.08 -59.56 -15.35
CA ALA L 142 39.32 -60.00 -15.99
C ALA L 142 40.20 -60.78 -15.03
N ALA L 143 40.05 -60.54 -13.73
CA ALA L 143 40.80 -61.26 -12.72
C ALA L 143 40.06 -62.49 -12.19
N GLY L 144 38.90 -62.80 -12.74
CA GLY L 144 38.12 -63.94 -12.29
C GLY L 144 37.52 -63.78 -10.91
N GLU L 145 37.26 -62.54 -10.48
CA GLU L 145 36.69 -62.29 -9.17
C GLU L 145 35.33 -61.59 -9.29
N ALA L 146 34.46 -62.12 -10.15
CA ALA L 146 33.12 -61.56 -10.30
C ALA L 146 32.27 -61.75 -9.05
N VAL L 147 32.56 -62.77 -8.24
CA VAL L 147 31.78 -63.03 -7.05
C VAL L 147 32.09 -62.01 -5.95
N SER L 148 33.21 -61.30 -6.04
CA SER L 148 33.60 -60.31 -5.05
C SER L 148 33.56 -58.89 -5.63
N ILE L 149 32.57 -58.62 -6.47
CA ILE L 149 32.39 -57.26 -6.99
C ILE L 149 31.68 -56.44 -5.93
N PRO L 150 32.23 -55.31 -5.51
CA PRO L 150 31.65 -54.55 -4.41
C PRO L 150 30.51 -53.66 -4.88
N PRO L 151 29.68 -53.15 -3.98
CA PRO L 151 28.68 -52.15 -4.38
C PRO L 151 29.34 -50.81 -4.69
N ILE L 152 28.60 -49.98 -5.42
CA ILE L 152 29.09 -48.66 -5.81
C ILE L 152 28.95 -47.73 -4.60
N SER L 153 30.07 -47.42 -3.96
CA SER L 153 30.11 -46.56 -2.79
C SER L 153 30.59 -45.19 -3.24
N GLN L 154 29.69 -44.26 -3.39
CA GLN L 154 30.01 -42.97 -3.99
C GLN L 154 30.66 -42.05 -2.96
N PRO L 155 31.79 -41.43 -3.28
CA PRO L 155 32.44 -40.54 -2.32
C PRO L 155 31.82 -39.15 -2.29
N TYR L 156 32.27 -38.37 -1.30
CA TYR L 156 32.05 -36.92 -1.19
C TYR L 156 30.57 -36.55 -1.05
N GLY L 157 29.97 -37.04 0.03
CA GLY L 157 28.65 -36.61 0.43
C GLY L 157 27.49 -37.34 -0.20
N LYS L 158 27.73 -38.38 -0.99
CA LYS L 158 26.67 -39.07 -1.71
C LYS L 158 26.23 -40.36 -1.03
N ARG L 159 26.57 -40.53 0.24
CA ARG L 159 26.10 -41.66 1.04
C ARG L 159 25.98 -41.18 2.47
N VAL L 160 25.45 -42.05 3.33
CA VAL L 160 25.29 -41.71 4.75
C VAL L 160 25.99 -42.77 5.59
N VAL L 161 26.35 -42.37 6.80
CA VAL L 161 27.07 -43.22 7.73
C VAL L 161 26.23 -43.34 9.00
N ALA L 162 26.03 -44.57 9.46
CA ALA L 162 25.46 -44.84 10.76
C ALA L 162 26.57 -45.04 11.76
N PHE L 163 26.62 -44.19 12.78
CA PHE L 163 27.67 -44.15 13.79
C PHE L 163 27.08 -44.76 15.06
N GLY L 164 27.33 -46.04 15.27
CA GLY L 164 26.70 -46.78 16.35
C GLY L 164 27.55 -46.93 17.59
N GLU L 165 27.17 -46.24 18.65
CA GLU L 165 27.96 -46.25 19.89
C GLU L 165 27.50 -47.39 20.79
N HIS L 166 28.44 -48.22 21.22
CA HIS L 166 28.16 -49.36 22.08
C HIS L 166 29.18 -49.38 23.20
N ILE L 167 28.72 -49.48 24.44
CA ILE L 167 29.59 -49.69 25.59
C ILE L 167 29.29 -51.07 26.15
N VAL L 168 30.31 -51.92 26.22
CA VAL L 168 30.15 -53.34 26.47
C VAL L 168 30.66 -53.65 27.88
N LYS L 169 29.89 -54.43 28.63
CA LYS L 169 30.25 -54.87 29.97
C LYS L 169 31.58 -55.60 30.00
N GLU L 170 32.29 -55.47 31.13
CA GLU L 170 33.56 -56.14 31.35
C GLU L 170 33.38 -57.66 31.31
N GLY L 171 34.15 -58.31 30.45
CA GLY L 171 34.10 -59.74 30.29
C GLY L 171 33.26 -60.22 29.13
N LEU L 172 32.39 -59.36 28.59
CA LEU L 172 31.54 -59.70 27.46
C LEU L 172 32.02 -59.11 26.14
N GLU L 173 33.30 -58.72 26.06
CA GLU L 173 33.82 -58.14 24.83
C GLU L 173 33.99 -59.19 23.74
N ASN L 174 34.29 -60.43 24.11
CA ASN L 174 34.39 -61.49 23.11
C ASN L 174 33.03 -61.87 22.54
N GLN L 175 31.97 -61.78 23.36
CA GLN L 175 30.63 -62.06 22.85
C GLN L 175 30.12 -60.92 21.98
N PHE L 176 30.48 -59.68 22.29
CA PHE L 176 30.08 -58.56 21.44
C PHE L 176 30.71 -58.69 20.06
N GLU L 177 32.02 -58.89 20.00
CA GLU L 177 32.73 -58.87 18.73
C GLU L 177 32.34 -60.02 17.84
N GLU L 178 31.97 -61.17 18.42
CA GLU L 178 31.54 -62.31 17.61
C GLU L 178 30.21 -62.03 16.92
N TYR L 179 29.24 -61.52 17.66
CA TYR L 179 27.90 -61.34 17.12
C TYR L 179 27.67 -60.00 16.46
N ALA L 180 28.48 -58.98 16.76
CA ALA L 180 28.41 -57.76 15.98
C ALA L 180 29.00 -57.96 14.59
N ILE L 181 29.97 -58.87 14.47
CA ILE L 181 30.48 -59.25 13.16
C ILE L 181 29.40 -59.97 12.37
N LYS L 182 28.70 -60.91 13.01
CA LYS L 182 27.61 -61.63 12.36
C LYS L 182 26.45 -60.72 11.98
N THR L 183 26.24 -59.64 12.73
CA THR L 183 25.24 -58.65 12.37
C THR L 183 25.64 -57.89 11.12
N LEU L 184 26.93 -57.56 11.01
CA LEU L 184 27.41 -56.81 9.84
C LEU L 184 27.51 -57.69 8.60
N GLU L 185 27.71 -58.99 8.76
CA GLU L 185 27.61 -59.89 7.62
C GLU L 185 26.18 -60.06 7.16
N ALA L 186 25.22 -59.97 8.09
CA ALA L 186 23.81 -60.02 7.74
C ALA L 186 23.36 -58.76 7.03
N PHE L 187 24.04 -57.62 7.24
CA PHE L 187 23.69 -56.40 6.54
C PHE L 187 24.06 -56.45 5.06
N ARG L 188 24.92 -57.39 4.65
CA ARG L 188 25.27 -57.55 3.23
C ARG L 188 24.06 -57.86 2.36
N SER L 189 23.02 -58.47 2.94
CA SER L 189 21.80 -58.73 2.21
C SER L 189 20.90 -57.50 2.09
N ALA L 190 21.11 -56.48 2.91
CA ALA L 190 20.21 -55.34 2.92
C ALA L 190 20.45 -54.46 1.70
N PRO L 191 19.39 -53.93 1.09
CA PRO L 191 19.58 -53.03 -0.06
C PRO L 191 20.19 -51.71 0.37
N GLY L 192 21.15 -51.25 -0.42
CA GLY L 192 21.84 -50.01 -0.13
C GLY L 192 22.94 -50.10 0.89
N PHE L 193 23.25 -51.29 1.40
CA PHE L 193 24.37 -51.44 2.31
C PHE L 193 25.67 -51.30 1.54
N LEU L 194 26.51 -50.36 1.97
CA LEU L 194 27.74 -50.06 1.26
C LEU L 194 28.97 -50.54 1.99
N GLY L 195 28.82 -51.15 3.16
CA GLY L 195 29.95 -51.68 3.90
C GLY L 195 29.97 -51.21 5.33
N GLY L 196 30.85 -51.84 6.10
CA GLY L 196 30.84 -51.63 7.53
C GLY L 196 32.15 -52.00 8.18
N MET L 197 32.39 -51.41 9.36
CA MET L 197 33.54 -51.77 10.16
C MET L 197 33.19 -51.61 11.64
N ILE L 198 33.93 -52.33 12.48
CA ILE L 198 33.76 -52.29 13.92
C ILE L 198 35.03 -51.73 14.52
N LEU L 199 34.89 -50.63 15.27
CA LEU L 199 36.02 -49.94 15.87
C LEU L 199 36.02 -50.15 17.38
N LYS L 200 37.20 -50.41 17.92
CA LYS L 200 37.38 -50.66 19.36
C LYS L 200 38.30 -49.59 19.92
N GLU L 201 37.81 -48.84 20.91
CA GLU L 201 38.60 -47.76 21.49
C GLU L 201 39.77 -48.29 22.30
N ILE L 202 40.96 -47.79 22.01
CA ILE L 202 42.19 -48.23 22.67
C ILE L 202 42.90 -47.10 23.40
N GLY L 203 42.38 -45.89 23.36
CA GLY L 203 43.04 -44.77 23.99
C GLY L 203 42.48 -43.46 23.48
N VAL L 204 42.99 -42.37 24.07
CA VAL L 204 42.62 -41.01 23.69
C VAL L 204 43.90 -40.22 23.50
N SER L 205 44.04 -39.60 22.34
CA SER L 205 45.20 -38.75 22.05
C SER L 205 45.20 -37.50 22.91
N PRO L 206 46.25 -37.24 23.70
CA PRO L 206 46.27 -36.00 24.50
C PRO L 206 46.46 -34.74 23.68
N LEU L 207 47.37 -34.76 22.69
CA LEU L 207 47.61 -33.56 21.89
C LEU L 207 46.45 -33.27 20.96
N GLY L 208 45.81 -34.31 20.42
CA GLY L 208 44.62 -34.14 19.63
C GLY L 208 43.41 -33.67 20.41
N SER L 209 43.42 -33.87 21.73
CA SER L 209 42.34 -33.39 22.59
C SER L 209 42.67 -32.07 23.27
N LEU L 210 43.82 -31.47 22.93
CA LEU L 210 44.35 -30.25 23.56
C LEU L 210 44.47 -30.38 25.07
N GLN L 211 44.90 -31.55 25.52
CA GLN L 211 45.04 -31.83 26.94
C GLN L 211 46.52 -31.81 27.28
N LEU L 212 46.97 -30.69 27.83
CA LEU L 212 48.34 -30.48 28.26
C LEU L 212 48.39 -30.45 29.78
N ASN L 213 49.58 -30.20 30.32
CA ASN L 213 49.72 -29.99 31.75
C ASN L 213 49.25 -28.57 32.10
N ALA L 214 49.48 -28.14 33.34
CA ALA L 214 48.94 -26.88 33.82
C ALA L 214 49.56 -25.68 33.11
N LYS L 215 50.86 -25.75 32.80
CA LYS L 215 51.49 -24.67 32.07
C LYS L 215 51.02 -24.63 30.62
N GLY L 216 50.85 -25.80 30.00
CA GLY L 216 50.38 -25.85 28.63
C GLY L 216 48.93 -25.43 28.48
N PHE L 217 48.10 -25.76 29.47
CA PHE L 217 46.68 -25.37 29.42
C PHE L 217 46.52 -23.86 29.50
N HIS L 218 47.35 -23.20 30.32
CA HIS L 218 47.27 -21.75 30.42
C HIS L 218 47.77 -21.07 29.16
N GLN L 219 48.77 -21.65 28.49
CA GLN L 219 49.25 -21.08 27.25
C GLN L 219 48.24 -21.24 26.11
N ILE L 220 47.38 -22.26 26.19
CA ILE L 220 46.29 -22.39 25.23
C ILE L 220 45.29 -21.25 25.41
N LEU L 221 44.93 -20.94 26.67
CA LEU L 221 43.99 -19.86 26.93
C LEU L 221 44.58 -18.49 26.66
N GLU L 222 45.89 -18.34 26.80
CA GLU L 222 46.51 -17.01 26.75
C GLU L 222 46.94 -16.59 25.36
N THR L 223 47.04 -17.51 24.40
CA THR L 223 47.69 -17.19 23.14
C THR L 223 46.79 -16.36 22.24
N ALA L 224 47.44 -15.53 21.43
CA ALA L 224 46.75 -14.71 20.43
C ALA L 224 46.84 -15.45 19.10
N ASN L 225 45.75 -16.14 18.75
CA ASN L 225 45.56 -16.86 17.49
C ASN L 225 46.58 -17.98 17.28
N GLY L 226 47.21 -18.47 18.34
CA GLY L 226 48.17 -19.53 18.22
C GLY L 226 49.60 -19.12 17.94
N MET L 227 49.89 -17.82 17.85
CA MET L 227 51.25 -17.37 17.62
C MET L 227 52.17 -17.75 18.78
N ASP L 228 51.62 -17.82 19.98
CA ASP L 228 52.34 -18.24 21.18
C ASP L 228 52.04 -19.72 21.38
N VAL L 229 52.94 -20.57 20.91
CA VAL L 229 52.66 -22.02 20.89
C VAL L 229 52.98 -22.60 22.25
N PRO L 230 52.06 -23.36 22.86
CA PRO L 230 52.36 -24.02 24.13
C PRO L 230 53.37 -25.13 23.94
N GLU L 231 54.13 -25.38 24.99
CA GLU L 231 55.04 -26.52 25.00
C GLU L 231 54.20 -27.79 25.10
N PRO L 232 54.32 -28.72 24.16
CA PRO L 232 53.40 -29.87 24.11
C PRO L 232 53.75 -30.98 25.10
N VAL L 233 53.75 -30.64 26.38
CA VAL L 233 53.99 -31.59 27.46
C VAL L 233 52.64 -31.99 28.03
N THR L 234 52.35 -33.28 27.99
CA THR L 234 51.13 -33.84 28.54
C THR L 234 51.47 -34.64 29.79
N ILE L 235 50.44 -34.90 30.60
CA ILE L 235 50.63 -35.69 31.81
C ILE L 235 50.35 -37.17 31.57
N TYR L 236 49.88 -37.54 30.38
CA TYR L 236 49.56 -38.93 30.09
C TYR L 236 49.85 -39.21 28.63
N GLU L 237 50.04 -40.48 28.33
CA GLU L 237 50.05 -40.96 26.96
C GLU L 237 48.73 -41.63 26.66
N ALA L 238 48.51 -41.91 25.38
CA ALA L 238 47.18 -42.31 24.90
C ALA L 238 46.59 -43.58 25.53
N PRO L 239 47.32 -44.69 25.77
CA PRO L 239 46.68 -45.82 26.48
C PRO L 239 46.39 -45.56 27.96
N GLU L 240 46.89 -44.49 28.56
CA GLU L 240 46.57 -44.19 29.94
C GLU L 240 45.18 -43.60 30.10
N PHE L 241 44.58 -43.07 29.03
CA PHE L 241 43.19 -42.68 29.01
C PHE L 241 42.52 -43.66 28.06
N ARG L 242 42.21 -44.84 28.57
CA ARG L 242 41.45 -45.85 27.85
C ARG L 242 40.19 -46.11 28.67
N ASN L 243 39.05 -45.80 28.09
CA ASN L 243 37.80 -45.84 28.84
C ASN L 243 37.38 -47.27 29.15
N ARG L 244 37.07 -47.51 30.40
CA ARG L 244 36.50 -48.76 30.85
C ARG L 244 35.12 -48.47 31.42
N PRO L 245 34.09 -49.25 31.08
CA PRO L 245 34.01 -50.41 30.18
C PRO L 245 34.21 -50.07 28.71
N GLN L 246 34.43 -51.10 27.88
CA GLN L 246 35.00 -50.94 26.56
C GLN L 246 34.01 -50.27 25.59
N ARG L 247 34.47 -49.23 24.93
CA ARG L 247 33.67 -48.52 23.93
C ARG L 247 33.88 -49.13 22.55
N TYR L 248 32.79 -49.30 21.83
CA TYR L 248 32.84 -49.78 20.46
C TYR L 248 32.08 -48.83 19.57
N ILE L 249 32.59 -48.61 18.37
CA ILE L 249 31.85 -47.94 17.31
C ILE L 249 31.50 -48.98 16.26
N VAL L 250 30.21 -49.10 15.95
CA VAL L 250 29.75 -49.88 14.81
C VAL L 250 29.44 -48.90 13.70
N HIS L 251 30.31 -48.86 12.70
CA HIS L 251 30.27 -47.91 11.61
C HIS L 251 29.75 -48.62 10.38
N THR L 252 28.58 -48.23 9.89
CA THR L 252 28.00 -48.80 8.68
C THR L 252 27.65 -47.70 7.70
N GLU L 253 27.77 -48.01 6.41
CA GLU L 253 27.57 -47.03 5.35
C GLU L 253 26.41 -47.47 4.47
N TRP L 254 25.58 -46.50 4.08
CA TRP L 254 24.32 -46.75 3.41
C TRP L 254 24.15 -45.74 2.29
N SER L 255 23.44 -46.14 1.24
CA SER L 255 23.31 -45.28 0.07
C SER L 255 22.43 -44.06 0.35
N ASP L 256 21.44 -44.18 1.22
CA ASP L 256 20.58 -43.08 1.62
C ASP L 256 20.03 -43.38 2.99
N THR L 257 19.27 -42.42 3.55
CA THR L 257 18.77 -42.60 4.91
C THR L 257 17.61 -43.59 4.98
N ASN L 258 16.88 -43.78 3.88
CA ASN L 258 15.85 -44.80 3.85
C ASN L 258 16.46 -46.19 3.87
N ALA L 259 17.53 -46.40 3.11
CA ALA L 259 18.25 -47.68 3.14
C ALA L 259 18.88 -47.90 4.52
N LEU L 260 19.33 -46.82 5.16
CA LEU L 260 19.88 -46.92 6.51
C LEU L 260 18.80 -47.33 7.51
N MET L 261 17.63 -46.69 7.44
CA MET L 261 16.57 -46.91 8.42
C MET L 261 16.01 -48.32 8.35
N PHE L 262 15.74 -48.82 7.15
CA PHE L 262 15.23 -50.17 7.03
C PHE L 262 16.33 -51.23 7.03
N GLY L 263 17.56 -50.85 6.70
CA GLY L 263 18.66 -51.79 6.75
C GLY L 263 19.13 -52.06 8.17
N LEU L 264 19.40 -50.99 8.93
CA LEU L 264 19.71 -51.15 10.35
C LEU L 264 18.52 -51.67 11.13
N GLY L 265 17.31 -51.35 10.68
CA GLY L 265 16.09 -51.83 11.30
C GLY L 265 15.88 -53.32 11.23
N ARG L 266 16.66 -54.03 10.41
CA ARG L 266 16.59 -55.50 10.34
C ARG L 266 16.95 -56.17 11.65
N VAL L 267 17.70 -55.51 12.54
CA VAL L 267 17.92 -56.03 13.88
C VAL L 267 16.69 -55.93 14.75
N LEU L 268 15.65 -55.24 14.30
CA LEU L 268 14.37 -55.17 14.99
C LEU L 268 13.23 -55.87 14.27
N ILE L 269 13.23 -55.89 12.94
CA ILE L 269 12.07 -56.35 12.19
C ILE L 269 12.32 -57.63 11.41
N TYR L 270 13.57 -58.03 11.20
CA TYR L 270 13.88 -59.28 10.51
C TYR L 270 14.20 -60.32 11.57
N PRO L 271 13.38 -61.36 11.73
CA PRO L 271 13.53 -62.25 12.89
C PRO L 271 14.82 -63.06 12.90
N GLU L 272 15.41 -63.38 11.75
CA GLU L 272 16.68 -64.11 11.75
C GLU L 272 17.84 -63.23 12.18
N VAL L 273 17.86 -61.97 11.78
CA VAL L 273 18.90 -61.05 12.20
C VAL L 273 18.66 -60.58 13.63
N ARG L 274 17.39 -60.56 14.05
CA ARG L 274 17.01 -60.12 15.39
C ARG L 274 17.57 -61.04 16.47
N GLN L 275 17.61 -62.36 16.23
CA GLN L 275 18.23 -63.26 17.20
C GLN L 275 19.73 -63.09 17.28
N ILE L 276 20.37 -62.73 16.17
CA ILE L 276 21.81 -62.49 16.17
C ILE L 276 22.14 -61.25 17.00
N HIS L 277 21.43 -60.15 16.74
CA HIS L 277 21.69 -58.89 17.43
C HIS L 277 21.19 -58.89 18.87
N ASP L 278 20.36 -59.85 19.26
CA ASP L 278 19.99 -60.00 20.67
C ASP L 278 21.19 -60.39 21.52
N LYS L 279 22.14 -61.13 20.94
CA LYS L 279 23.36 -61.47 21.67
C LYS L 279 24.27 -60.26 21.81
N VAL L 280 24.20 -59.31 20.87
CA VAL L 280 24.91 -58.05 21.03
C VAL L 280 24.29 -57.22 22.15
N LEU L 281 22.96 -57.17 22.20
CA LEU L 281 22.26 -56.35 23.19
C LEU L 281 22.46 -56.88 24.60
N ASP L 282 22.68 -58.17 24.77
CA ASP L 282 22.92 -58.76 26.07
C ASP L 282 24.33 -58.52 26.61
N THR L 283 25.17 -57.78 25.90
CA THR L 283 26.51 -57.42 26.38
C THR L 283 26.64 -55.94 26.70
N LEU L 284 25.62 -55.13 26.46
CA LEU L 284 25.73 -53.68 26.47
C LEU L 284 25.35 -53.10 27.83
N VAL L 285 26.23 -52.27 28.39
CA VAL L 285 25.82 -51.42 29.50
C VAL L 285 25.27 -50.08 29.00
N TYR L 286 25.60 -49.69 27.78
CA TYR L 286 25.07 -48.47 27.19
C TYR L 286 24.89 -48.70 25.70
N GLY L 287 23.78 -48.21 25.17
CA GLY L 287 23.53 -48.25 23.76
C GLY L 287 22.49 -49.27 23.38
N PRO L 288 22.19 -49.39 22.08
CA PRO L 288 22.83 -48.67 20.97
C PRO L 288 22.24 -47.30 20.68
N TYR L 289 23.11 -46.32 20.49
CA TYR L 289 22.74 -44.98 20.08
C TYR L 289 23.41 -44.70 18.75
N ILE L 290 22.62 -44.41 17.72
CA ILE L 290 23.10 -44.38 16.35
C ILE L 290 22.95 -42.95 15.82
N ARG L 291 24.08 -42.31 15.56
CA ARG L 291 24.10 -41.02 14.89
C ARG L 291 24.18 -41.22 13.39
N VAL L 292 23.59 -40.29 12.65
CA VAL L 292 23.61 -40.31 11.19
C VAL L 292 24.60 -39.25 10.74
N LEU L 293 25.59 -39.68 9.97
CA LEU L 293 26.68 -38.80 9.57
C LEU L 293 26.72 -38.66 8.05
N ASN L 294 27.16 -37.49 7.60
CA ASN L 294 27.37 -37.25 6.18
C ASN L 294 28.86 -37.14 5.92
N PRO L 295 29.45 -38.04 5.15
CA PRO L 295 30.89 -37.95 4.84
C PRO L 295 31.21 -36.94 3.75
N MET L 296 31.38 -35.67 4.13
CA MET L 296 31.63 -34.61 3.16
C MET L 296 33.01 -34.74 2.51
N MET L 297 34.06 -34.62 3.30
CA MET L 297 35.43 -34.55 2.79
C MET L 297 36.13 -35.86 3.08
N GLU L 298 36.72 -36.46 2.05
CA GLU L 298 37.25 -37.80 2.15
C GLU L 298 38.63 -37.92 1.52
N GLY L 299 39.41 -38.82 2.09
CA GLY L 299 40.71 -39.26 1.62
C GLY L 299 40.66 -40.70 1.18
N THR L 300 39.73 -41.04 0.27
CA THR L 300 39.27 -42.39 -0.07
C THR L 300 40.34 -43.46 -0.34
N TYR L 301 41.58 -43.07 -0.52
CA TYR L 301 42.72 -43.98 -0.66
C TYR L 301 43.06 -44.72 0.63
N TRP L 302 42.41 -44.43 1.76
CA TRP L 302 42.59 -45.27 2.95
C TRP L 302 41.99 -46.65 2.76
N ARG L 303 40.97 -46.77 1.92
CA ARG L 303 40.42 -48.07 1.59
C ARG L 303 41.31 -48.84 0.62
N GLU L 304 42.15 -48.14 -0.15
CA GLU L 304 43.15 -48.82 -0.96
C GLU L 304 44.20 -49.48 -0.09
N TYR L 305 44.57 -48.83 1.02
CA TYR L 305 45.48 -49.45 1.98
C TYR L 305 44.82 -50.62 2.69
N LEU L 306 43.52 -50.48 2.99
CA LEU L 306 42.81 -51.53 3.73
C LEU L 306 42.59 -52.77 2.88
N ASN L 307 42.20 -52.58 1.62
CA ASN L 307 41.88 -53.70 0.74
C ASN L 307 43.06 -54.17 -0.09
N GLU L 308 44.21 -53.49 0.03
CA GLU L 308 45.49 -53.85 -0.63
C GLU L 308 45.36 -53.89 -2.14
N TYR L 309 44.55 -52.98 -2.69
CA TYR L 309 44.22 -52.94 -4.09
C TYR L 309 43.62 -51.58 -4.39
N HIS L 310 43.93 -51.02 -5.56
CA HIS L 310 43.38 -49.74 -5.96
C HIS L 310 42.62 -49.90 -7.27
N LEU L 311 41.90 -48.83 -7.63
CA LEU L 311 41.01 -48.73 -8.80
C LEU L 311 39.95 -49.84 -8.84
N PRO M 2 -2.88 68.08 21.28
CA PRO M 2 -1.96 68.66 20.30
C PRO M 2 -1.46 67.62 19.32
N LYS M 3 -0.65 68.03 18.35
CA LYS M 3 -0.10 67.09 17.40
C LYS M 3 1.21 66.52 17.93
N PRO M 4 1.31 65.22 18.15
CA PRO M 4 2.58 64.65 18.61
C PRO M 4 3.58 64.51 17.48
N TYR M 5 4.80 64.13 17.85
CA TYR M 5 5.83 63.79 16.90
C TYR M 5 5.94 62.27 16.81
N VAL M 6 6.31 61.77 15.65
CA VAL M 6 6.33 60.33 15.39
C VAL M 6 7.74 59.89 15.12
N ALA M 7 8.18 58.86 15.84
CA ALA M 7 9.36 58.09 15.47
C ALA M 7 8.88 56.77 14.86
N ILE M 8 9.38 56.46 13.67
CA ILE M 8 8.98 55.24 12.98
C ILE M 8 10.20 54.32 12.91
N ASN M 9 10.20 53.27 13.72
CA ASN M 9 11.27 52.29 13.72
C ASN M 9 11.00 51.25 12.64
N MET M 10 11.92 51.15 11.67
CA MET M 10 11.77 50.26 10.53
C MET M 10 12.81 49.15 10.62
N VAL M 11 12.36 47.90 10.63
CA VAL M 11 13.22 46.73 10.63
C VAL M 11 12.69 45.71 9.63
N GLU M 12 13.60 44.96 9.04
CA GLU M 12 13.26 43.77 8.27
C GLU M 12 13.67 42.55 9.07
N VAL M 13 12.72 41.66 9.34
CA VAL M 13 12.97 40.46 10.12
C VAL M 13 12.54 39.25 9.29
N ARG M 14 13.01 38.08 9.69
CA ARG M 14 12.62 36.84 9.04
C ARG M 14 11.14 36.54 9.27
N ASN M 15 10.51 35.90 8.29
CA ASN M 15 9.11 35.48 8.41
C ASN M 15 9.12 34.00 8.77
N ASP M 16 9.19 33.72 10.07
CA ASP M 16 9.24 32.38 10.60
C ASP M 16 8.52 32.39 11.94
N PRO M 17 8.10 31.22 12.46
CA PRO M 17 7.43 31.20 13.76
C PRO M 17 8.26 31.70 14.94
N LYS M 18 9.59 31.69 14.83
CA LYS M 18 10.42 32.25 15.89
C LYS M 18 10.23 33.75 16.01
N THR M 19 10.04 34.44 14.88
CA THR M 19 9.89 35.90 14.87
C THR M 19 8.58 36.34 15.53
N LEU M 20 7.49 35.61 15.27
CA LEU M 20 6.22 35.98 15.88
C LEU M 20 6.17 35.69 17.38
N GLU M 21 7.09 34.89 17.91
CA GLU M 21 7.28 34.85 19.36
C GLU M 21 7.90 36.14 19.88
N LEU M 22 8.74 36.80 19.07
CA LEU M 22 9.37 38.05 19.48
C LEU M 22 8.39 39.22 19.47
N PHE M 23 7.24 39.08 18.81
CA PHE M 23 6.20 40.10 18.87
C PHE M 23 5.59 40.17 20.27
N GLY M 24 5.46 39.03 20.94
CA GLY M 24 4.77 38.97 22.21
C GLY M 24 5.68 38.87 23.41
N LYS M 25 6.98 38.63 23.19
CA LYS M 25 7.92 38.48 24.29
C LYS M 25 8.95 39.60 24.39
N VAL M 26 9.06 40.46 23.37
CA VAL M 26 10.03 41.56 23.37
C VAL M 26 9.34 42.90 23.13
N GLY M 27 8.48 42.95 22.12
CA GLY M 27 7.58 44.07 21.83
C GLY M 27 6.89 44.75 23.00
N PRO M 28 6.21 44.00 23.88
CA PRO M 28 5.64 44.63 25.08
C PRO M 28 6.69 45.18 26.04
N LYS M 29 7.86 44.57 26.12
CA LYS M 29 8.90 45.07 27.03
C LYS M 29 9.49 46.38 26.54
N VAL M 30 9.62 46.53 25.22
CA VAL M 30 10.11 47.78 24.64
C VAL M 30 9.14 48.91 24.90
N CYS M 31 7.84 48.63 24.78
CA CYS M 31 6.81 49.62 25.08
C CYS M 31 6.78 49.99 26.55
N MET M 32 7.11 49.06 27.44
CA MET M 32 7.14 49.36 28.87
C MET M 32 8.36 50.19 29.25
N VAL M 33 9.50 49.95 28.61
CA VAL M 33 10.68 50.77 28.85
C VAL M 33 10.47 52.18 28.27
N THR M 34 9.83 52.25 27.11
CA THR M 34 9.53 53.53 26.46
C THR M 34 8.56 54.36 27.29
N ALA M 35 7.65 53.72 28.02
CA ALA M 35 6.67 54.40 28.85
C ALA M 35 7.22 54.89 30.17
N ARG M 36 8.53 54.72 30.44
CA ARG M 36 9.15 55.39 31.57
C ARG M 36 9.26 56.89 31.37
N HIS M 37 9.28 57.36 30.13
CA HIS M 37 9.38 58.78 29.83
C HIS M 37 8.00 59.43 29.81
N PRO M 38 7.84 60.61 30.41
CA PRO M 38 6.51 61.24 30.45
C PRO M 38 6.08 61.83 29.11
N GLY M 39 7.00 62.10 28.19
CA GLY M 39 6.65 62.58 26.87
C GLY M 39 6.13 61.54 25.91
N PHE M 40 6.18 60.27 26.31
CA PHE M 40 5.62 59.19 25.50
C PHE M 40 4.11 59.21 25.60
N VAL M 41 3.42 59.30 24.47
CA VAL M 41 1.97 59.37 24.47
C VAL M 41 1.32 58.18 23.77
N GLY M 42 2.08 57.25 23.23
CA GLY M 42 1.48 56.07 22.64
C GLY M 42 2.29 55.53 21.50
N PHE M 43 1.76 54.44 20.92
CA PHE M 43 2.47 53.72 19.88
C PHE M 43 1.47 53.05 18.94
N GLN M 44 1.96 52.62 17.80
CA GLN M 44 1.18 51.85 16.84
C GLN M 44 2.15 51.02 16.01
N ASN M 45 2.11 49.71 16.18
CA ASN M 45 3.09 48.82 15.54
C ASN M 45 2.45 48.14 14.33
N HIS M 46 3.20 48.10 13.23
CA HIS M 46 2.69 47.59 11.97
C HIS M 46 3.57 46.46 11.45
N VAL M 47 2.94 45.56 10.71
CA VAL M 47 3.62 44.59 9.85
C VAL M 47 3.15 44.85 8.43
N GLN M 48 4.09 44.94 7.50
CA GLN M 48 3.72 45.09 6.10
C GLN M 48 3.15 43.77 5.59
N ILE M 49 1.95 43.84 5.01
CA ILE M 49 1.31 42.66 4.44
C ILE M 49 1.28 42.69 2.92
N GLY M 50 1.64 43.80 2.30
CA GLY M 50 1.64 43.85 0.85
C GLY M 50 1.92 45.25 0.34
N VAL M 51 1.71 45.41 -0.97
CA VAL M 51 1.98 46.63 -1.71
C VAL M 51 0.77 46.87 -2.61
N VAL M 52 0.35 48.11 -2.75
CA VAL M 52 -0.68 48.47 -3.72
C VAL M 52 -0.07 48.35 -5.12
N PRO M 53 -0.60 47.48 -5.98
CA PRO M 53 0.04 47.26 -7.28
C PRO M 53 -0.21 48.37 -8.29
N LEU M 54 -1.32 49.11 -8.14
CA LEU M 54 -1.77 50.17 -9.06
C LEU M 54 -1.89 49.65 -10.49
N GLY M 55 -2.78 48.68 -10.67
CA GLY M 55 -2.85 47.96 -11.93
C GLY M 55 -1.68 47.01 -12.06
N THR M 56 -0.84 47.21 -13.07
CA THR M 56 0.36 46.40 -13.27
C THR M 56 1.64 47.21 -13.08
N ARG M 57 1.58 48.33 -12.36
CA ARG M 57 2.78 49.14 -12.15
C ARG M 57 3.79 48.40 -11.29
N TRP M 58 3.34 47.81 -10.19
CA TRP M 58 4.09 46.77 -9.51
C TRP M 58 3.22 45.52 -9.55
N GLY M 59 3.24 44.82 -10.68
CA GLY M 59 2.36 43.71 -10.90
C GLY M 59 2.77 42.44 -10.21
N GLY M 60 4.03 42.35 -9.78
CA GLY M 60 4.47 41.23 -8.96
C GLY M 60 4.09 41.33 -7.51
N ALA M 61 3.49 42.45 -7.12
CA ALA M 61 3.09 42.70 -5.75
C ALA M 61 1.58 42.60 -5.61
N LYS M 62 1.14 42.21 -4.43
CA LYS M 62 -0.27 42.08 -4.10
C LYS M 62 -0.52 42.81 -2.79
N MET M 63 -1.79 43.12 -2.53
CA MET M 63 -2.11 43.80 -1.29
C MET M 63 -2.01 42.87 -0.08
N GLU M 64 -2.28 41.59 -0.27
CA GLU M 64 -2.15 40.58 0.78
C GLU M 64 -1.20 39.50 0.28
N MET M 65 0.11 39.70 0.53
CA MET M 65 1.12 38.75 0.10
C MET M 65 1.99 38.28 1.25
N SER M 66 1.54 38.44 2.49
CA SER M 66 2.40 38.16 3.64
C SER M 66 2.59 36.67 3.90
N GLN M 67 1.69 35.83 3.40
CA GLN M 67 1.83 34.39 3.57
C GLN M 67 2.95 33.81 2.70
N GLU M 68 3.40 34.54 1.68
CA GLU M 68 4.40 34.03 0.76
C GLU M 68 5.79 34.65 0.94
N MET M 69 5.93 35.67 1.78
CA MET M 69 7.19 36.38 1.90
C MET M 69 8.11 35.71 2.90
N HIS M 70 9.41 35.71 2.59
CA HIS M 70 10.41 35.18 3.50
C HIS M 70 10.77 36.15 4.61
N SER M 71 10.49 37.44 4.42
CA SER M 71 10.90 38.46 5.36
C SER M 71 9.76 39.44 5.60
N LEU M 72 9.71 39.99 6.80
CA LEU M 72 8.65 40.89 7.22
C LEU M 72 9.22 42.28 7.47
N MET M 73 8.58 43.29 6.90
CA MET M 73 8.86 44.68 7.19
C MET M 73 8.00 45.13 8.35
N LEU M 74 8.62 45.70 9.39
CA LEU M 74 7.92 46.22 10.54
C LEU M 74 8.08 47.72 10.62
N MET M 75 6.98 48.43 10.86
CA MET M 75 6.98 49.87 11.08
C MET M 75 6.39 50.13 12.45
N GLN M 76 7.24 50.46 13.40
CA GLN M 76 6.81 50.64 14.78
C GLN M 76 6.77 52.13 15.09
N TYR M 77 5.56 52.69 15.13
CA TYR M 77 5.41 54.11 15.41
C TYR M 77 5.44 54.31 16.91
N THR M 78 6.14 55.33 17.36
CA THR M 78 6.01 55.83 18.71
C THR M 78 5.69 57.31 18.64
N PHE M 79 4.82 57.77 19.53
CA PHE M 79 4.30 59.11 19.50
C PHE M 79 4.82 59.89 20.71
N TRP M 80 5.24 61.14 20.48
CA TRP M 80 5.98 61.91 21.46
C TRP M 80 5.46 63.34 21.52
N LYS M 81 5.43 63.91 22.73
CA LYS M 81 5.03 65.30 22.90
C LYS M 81 6.00 66.26 22.21
N ASN M 82 7.29 65.94 22.24
CA ASN M 82 8.29 66.61 21.43
C ASN M 82 9.28 65.54 20.96
N TRP M 83 9.92 65.80 19.81
CA TRP M 83 10.87 64.82 19.29
C TRP M 83 12.13 64.72 20.13
N LYS M 84 12.44 65.75 20.93
CA LYS M 84 13.55 65.66 21.86
C LYS M 84 13.27 64.70 23.00
N ASP M 85 11.98 64.48 23.32
CA ASP M 85 11.63 63.48 24.34
C ASP M 85 11.98 62.08 23.89
N HIS M 86 11.92 61.81 22.59
CA HIS M 86 12.31 60.50 22.08
C HIS M 86 13.81 60.32 22.15
N GLU M 87 14.59 61.36 21.84
CA GLU M 87 16.04 61.25 21.94
C GLU M 87 16.50 61.20 23.38
N GLU M 88 15.82 61.90 24.29
CA GLU M 88 16.12 61.81 25.70
C GLU M 88 15.76 60.44 26.27
N MET M 89 14.69 59.83 25.76
CA MET M 89 14.29 58.50 26.22
C MET M 89 15.34 57.45 25.85
N HIS M 90 15.86 57.52 24.62
CA HIS M 90 16.83 56.52 24.18
C HIS M 90 18.15 56.64 24.91
N LYS M 91 18.54 57.85 25.30
CA LYS M 91 19.79 58.00 26.03
C LYS M 91 19.66 57.54 27.47
N GLN M 92 18.54 57.85 28.12
CA GLN M 92 18.36 57.51 29.53
C GLN M 92 18.08 56.03 29.73
N ASN M 93 17.49 55.35 28.75
CA ASN M 93 17.14 53.95 28.86
C ASN M 93 17.93 53.09 27.89
N TRP M 94 19.19 53.48 27.65
CA TRP M 94 19.96 52.87 26.56
C TRP M 94 20.33 51.43 26.84
N ALA M 95 20.67 51.10 28.09
CA ALA M 95 21.07 49.73 28.41
C ALA M 95 19.90 48.76 28.28
N ASN M 96 18.71 49.15 28.77
CA ASN M 96 17.55 48.27 28.67
C ASN M 96 17.08 48.12 27.23
N LEU M 97 17.12 49.21 26.45
CA LEU M 97 16.62 49.18 25.09
C LEU M 97 17.56 48.45 24.15
N PHE M 98 18.87 48.61 24.34
CA PHE M 98 19.84 47.88 23.53
C PHE M 98 19.73 46.37 23.76
N ARG M 99 19.52 45.96 25.01
CA ARG M 99 19.43 44.55 25.34
C ARG M 99 18.16 43.93 24.78
N LEU M 100 17.07 44.68 24.77
CA LEU M 100 15.82 44.17 24.20
C LEU M 100 15.90 44.08 22.67
N CYS M 101 16.57 45.06 22.04
CA CYS M 101 16.69 45.06 20.59
C CYS M 101 17.58 43.94 20.10
N LEU M 102 18.56 43.53 20.91
CA LEU M 102 19.44 42.43 20.56
C LEU M 102 18.82 41.07 20.82
N GLN M 103 17.64 41.00 21.43
CA GLN M 103 16.92 39.75 21.48
C GLN M 103 16.30 39.40 20.13
N CYS M 104 16.12 40.39 19.26
CA CYS M 104 15.58 40.21 17.92
C CYS M 104 16.69 40.06 16.89
N ALA M 105 17.93 39.84 17.34
CA ALA M 105 19.09 39.94 16.47
C ALA M 105 19.18 38.77 15.51
N ASP M 106 18.92 37.56 15.98
CA ASP M 106 18.99 36.38 15.11
C ASP M 106 17.84 36.28 14.13
N GLN M 107 16.88 37.20 14.16
CA GLN M 107 15.84 37.30 13.15
C GLN M 107 16.02 38.50 12.23
N MET M 108 16.83 39.48 12.62
CA MET M 108 16.89 40.75 11.90
C MET M 108 17.71 40.64 10.62
N ILE M 109 17.19 41.23 9.55
CA ILE M 109 17.83 41.20 8.25
C ILE M 109 18.34 42.58 7.85
N TRP M 110 17.54 43.61 8.05
CA TRP M 110 17.92 44.97 7.76
C TRP M 110 17.41 45.85 8.89
N GLY M 111 18.15 46.90 9.20
CA GLY M 111 17.74 47.84 10.21
C GLY M 111 18.45 47.65 11.53
N PRO M 112 18.00 48.34 12.59
CA PRO M 112 16.89 49.29 12.63
C PRO M 112 17.22 50.66 12.05
N TYR M 113 16.19 51.32 11.54
CA TYR M 113 16.31 52.63 10.93
C TYR M 113 15.12 53.44 11.42
N GLU M 114 15.37 54.49 12.20
CA GLU M 114 14.29 55.25 12.84
C GLU M 114 14.31 56.71 12.41
N PRO M 115 13.63 57.06 11.32
CA PRO M 115 13.42 58.47 11.01
C PRO M 115 12.38 59.09 11.94
N LEU M 116 12.53 60.38 12.19
CA LEU M 116 11.63 61.14 13.03
C LEU M 116 10.73 62.00 12.15
N TYR M 117 9.46 62.13 12.55
CA TYR M 117 8.47 62.79 11.72
C TYR M 117 7.70 63.81 12.52
N GLU M 118 7.31 64.87 11.82
CA GLU M 118 6.37 65.87 12.32
C GLU M 118 5.03 65.67 11.63
N ILE M 119 3.96 65.75 12.39
CA ILE M 119 2.61 65.61 11.83
C ILE M 119 2.21 66.95 11.20
N VAL M 120 2.08 66.95 9.88
CA VAL M 120 1.65 68.15 9.17
C VAL M 120 0.12 68.30 9.26
N TYR M 121 -0.60 67.22 9.00
CA TYR M 121 -2.04 67.19 9.04
C TYR M 121 -2.45 65.92 9.75
N ALA M 122 -3.57 65.97 10.48
CA ALA M 122 -4.08 64.78 11.12
C ALA M 122 -5.60 64.80 11.14
N ASN M 123 -6.20 63.74 10.65
CA ASN M 123 -7.61 63.42 10.89
C ASN M 123 -7.59 61.98 11.35
N MET M 124 -7.37 61.76 12.64
CA MET M 124 -7.22 60.42 13.19
C MET M 124 -8.17 60.28 14.37
N PRO M 125 -9.27 59.55 14.21
CA PRO M 125 -10.27 59.45 15.26
C PRO M 125 -9.81 58.53 16.39
N LEU M 126 -10.62 58.51 17.44
CA LEU M 126 -10.41 57.58 18.53
C LEU M 126 -10.73 56.16 18.08
N ASN M 127 -9.89 55.22 18.49
CA ASN M 127 -10.14 53.82 18.18
C ASN M 127 -11.27 53.29 19.06
N THR M 128 -12.30 52.73 18.43
CA THR M 128 -13.40 52.10 19.13
C THR M 128 -13.61 50.70 18.59
N GLU M 129 -13.94 49.78 19.48
CA GLU M 129 -14.41 48.46 19.07
C GLU M 129 -15.86 48.56 18.60
N MET M 130 -16.36 47.46 18.05
CA MET M 130 -17.76 47.40 17.67
C MET M 130 -18.70 47.33 18.87
N THR M 131 -18.17 47.03 20.06
CA THR M 131 -18.97 47.09 21.28
C THR M 131 -19.01 48.49 21.87
N ASP M 132 -18.20 49.41 21.39
CA ASP M 132 -18.05 50.73 22.00
C ASP M 132 -18.77 51.84 21.26
N PHE M 133 -19.43 51.57 20.13
CA PHE M 133 -20.00 52.67 19.35
C PHE M 133 -21.24 53.26 20.00
N THR M 134 -21.93 52.48 20.84
CA THR M 134 -23.06 53.03 21.60
C THR M 134 -22.61 54.09 22.59
N VAL M 135 -21.42 53.92 23.18
CA VAL M 135 -20.87 54.96 24.05
C VAL M 135 -20.44 56.16 23.23
N MET M 136 -19.90 55.92 22.03
CA MET M 136 -19.34 57.00 21.22
C MET M 136 -20.43 57.90 20.67
N VAL M 137 -21.48 57.33 20.08
CA VAL M 137 -22.55 58.15 19.55
C VAL M 137 -23.42 58.72 20.67
N GLY M 138 -23.44 58.09 21.83
CA GLY M 138 -24.21 58.65 22.93
C GLY M 138 -23.57 59.87 23.54
N LYS M 139 -22.23 59.87 23.61
CA LYS M 139 -21.52 61.03 24.16
C LYS M 139 -21.53 62.19 23.18
N LYS M 140 -21.47 61.92 21.88
CA LYS M 140 -21.46 62.98 20.89
C LYS M 140 -22.84 63.57 20.67
N PHE M 141 -23.90 62.79 20.86
CA PHE M 141 -25.25 63.35 20.78
C PHE M 141 -25.57 64.18 22.02
N ALA M 142 -25.06 63.78 23.18
CA ALA M 142 -25.33 64.54 24.40
C ALA M 142 -24.57 65.85 24.42
N ALA M 143 -23.46 65.93 23.71
CA ALA M 143 -22.66 67.14 23.61
C ALA M 143 -23.05 68.00 22.42
N GLY M 144 -24.07 67.61 21.66
CA GLY M 144 -24.47 68.37 20.49
C GLY M 144 -23.49 68.33 19.34
N GLU M 145 -22.69 67.27 19.23
CA GLU M 145 -21.71 67.14 18.17
C GLU M 145 -21.99 65.92 17.30
N ALA M 146 -23.25 65.76 16.88
CA ALA M 146 -23.61 64.64 16.01
C ALA M 146 -22.98 64.76 14.64
N VAL M 147 -22.67 65.98 14.19
CA VAL M 147 -22.09 66.18 12.87
C VAL M 147 -20.62 65.72 12.83
N SER M 148 -19.97 65.60 13.99
CA SER M 148 -18.58 65.18 14.07
C SER M 148 -18.44 63.80 14.71
N ILE M 149 -19.37 62.90 14.40
CA ILE M 149 -19.26 61.52 14.88
C ILE M 149 -18.29 60.78 13.96
N PRO M 150 -17.24 60.17 14.51
CA PRO M 150 -16.22 59.56 13.68
C PRO M 150 -16.63 58.17 13.22
N PRO M 151 -15.96 57.60 12.22
CA PRO M 151 -16.21 56.20 11.87
C PRO M 151 -15.63 55.25 12.92
N ILE M 152 -16.14 54.02 12.91
CA ILE M 152 -15.69 53.00 13.85
C ILE M 152 -14.34 52.47 13.38
N SER M 153 -13.28 52.88 14.05
CA SER M 153 -11.92 52.46 13.71
C SER M 153 -11.51 51.38 14.71
N GLN M 154 -11.55 50.14 14.28
CA GLN M 154 -11.35 49.02 15.20
C GLN M 154 -9.87 48.79 15.45
N PRO M 155 -9.44 48.67 16.71
CA PRO M 155 -8.02 48.46 16.99
C PRO M 155 -7.61 47.00 16.83
N TYR M 156 -6.29 46.79 16.91
CA TYR M 156 -5.63 45.49 17.06
C TYR M 156 -5.90 44.55 15.87
N GLY M 157 -5.45 45.00 14.70
CA GLY M 157 -5.41 44.15 13.54
C GLY M 157 -6.67 44.09 12.70
N LYS M 158 -7.70 44.88 13.03
CA LYS M 158 -8.97 44.81 12.34
C LYS M 158 -9.14 45.90 11.29
N ARG M 159 -8.05 46.54 10.88
CA ARG M 159 -8.08 47.50 9.79
C ARG M 159 -6.73 47.43 9.09
N VAL M 160 -6.60 48.16 7.99
CA VAL M 160 -5.35 48.18 7.23
C VAL M 160 -4.88 49.62 7.10
N VAL M 161 -3.58 49.76 6.89
CA VAL M 161 -2.93 51.05 6.77
C VAL M 161 -2.25 51.12 5.41
N ALA M 162 -2.49 52.21 4.69
CA ALA M 162 -1.75 52.53 3.48
C ALA M 162 -0.61 53.46 3.84
N PHE M 163 0.61 53.01 3.59
CA PHE M 163 1.85 53.72 3.94
C PHE M 163 2.40 54.32 2.66
N GLY M 164 2.10 55.58 2.41
CA GLY M 164 2.43 56.22 1.15
C GLY M 164 3.68 57.06 1.17
N GLU M 165 4.73 56.58 0.51
CA GLU M 165 6.02 57.27 0.52
C GLU M 165 6.08 58.28 -0.61
N HIS M 166 6.41 59.52 -0.28
CA HIS M 166 6.52 60.60 -1.25
C HIS M 166 7.80 61.38 -0.99
N ILE M 167 8.60 61.58 -2.02
CA ILE M 167 9.77 62.45 -1.94
C ILE M 167 9.50 63.65 -2.85
N VAL M 168 9.56 64.85 -2.27
CA VAL M 168 9.08 66.06 -2.91
C VAL M 168 10.28 66.92 -3.28
N LYS M 169 10.27 67.45 -4.50
CA LYS M 169 11.31 68.34 -5.01
C LYS M 169 11.49 69.57 -4.12
N GLU M 170 12.74 70.07 -4.08
CA GLU M 170 13.07 71.27 -3.34
C GLU M 170 12.31 72.48 -3.86
N GLY M 171 11.60 73.15 -2.97
CA GLY M 171 10.81 74.30 -3.31
C GLY M 171 9.34 74.04 -3.53
N LEU M 172 8.97 72.77 -3.74
CA LEU M 172 7.58 72.39 -3.96
C LEU M 172 6.94 71.74 -2.73
N GLU M 173 7.51 71.95 -1.54
CA GLU M 173 6.94 71.36 -0.34
C GLU M 173 5.65 72.04 0.09
N ASN M 174 5.51 73.34 -0.20
CA ASN M 174 4.26 74.03 0.11
C ASN M 174 3.13 73.59 -0.82
N GLN M 175 3.46 73.27 -2.07
CA GLN M 175 2.43 72.78 -2.99
C GLN M 175 2.03 71.35 -2.66
N PHE M 176 2.97 70.52 -2.20
CA PHE M 176 2.62 69.17 -1.79
C PHE M 176 1.66 69.19 -0.62
N GLU M 177 2.00 69.92 0.44
CA GLU M 177 1.23 69.88 1.68
C GLU M 177 -0.16 70.46 1.50
N GLU M 178 -0.32 71.43 0.59
CA GLU M 178 -1.64 72.00 0.35
C GLU M 178 -2.57 70.99 -0.32
N TYR M 179 -2.09 70.32 -1.35
CA TYR M 179 -2.95 69.44 -2.13
C TYR M 179 -2.98 68.00 -1.62
N ALA M 180 -1.98 67.58 -0.84
CA ALA M 180 -2.11 66.29 -0.18
C ALA M 180 -3.12 66.35 0.96
N ILE M 181 -3.27 67.53 1.57
CA ILE M 181 -4.33 67.73 2.56
C ILE M 181 -5.69 67.66 1.88
N LYS M 182 -5.83 68.32 0.73
CA LYS M 182 -7.08 68.29 -0.03
C LYS M 182 -7.41 66.90 -0.54
N THR M 183 -6.39 66.08 -0.80
CA THR M 183 -6.62 64.69 -1.19
C THR M 183 -7.15 63.88 0.00
N LEU M 184 -6.63 64.14 1.19
CA LEU M 184 -7.09 63.41 2.36
C LEU M 184 -8.46 63.87 2.85
N GLU M 185 -8.83 65.12 2.59
CA GLU M 185 -10.20 65.54 2.85
C GLU M 185 -11.17 64.93 1.85
N ALA M 186 -10.72 64.67 0.63
CA ALA M 186 -11.54 64.00 -0.36
C ALA M 186 -11.73 62.52 -0.04
N PHE M 187 -10.80 61.91 0.71
CA PHE M 187 -10.96 60.53 1.11
C PHE M 187 -12.06 60.34 2.15
N ARG M 188 -12.50 61.41 2.81
CA ARG M 188 -13.60 61.33 3.78
C ARG M 188 -14.90 60.84 3.14
N SER M 189 -15.07 61.05 1.84
CA SER M 189 -16.23 60.53 1.14
C SER M 189 -16.11 59.05 0.77
N ALA M 190 -14.90 58.50 0.81
CA ALA M 190 -14.72 57.12 0.37
C ALA M 190 -15.25 56.15 1.42
N PRO M 191 -15.90 55.06 1.01
CA PRO M 191 -16.38 54.06 1.98
C PRO M 191 -15.22 53.32 2.62
N GLY M 192 -15.31 53.15 3.92
CA GLY M 192 -14.28 52.47 4.67
C GLY M 192 -13.09 53.30 5.03
N PHE M 193 -13.07 54.59 4.71
CA PHE M 193 -11.99 55.45 5.13
C PHE M 193 -12.09 55.70 6.62
N LEU M 194 -11.02 55.39 7.34
CA LEU M 194 -11.01 55.49 8.79
C LEU M 194 -10.17 56.63 9.30
N GLY M 195 -9.54 57.41 8.42
CA GLY M 195 -8.76 58.55 8.84
C GLY M 195 -7.38 58.53 8.25
N GLY M 196 -6.70 59.67 8.40
CA GLY M 196 -5.44 59.87 7.74
C GLY M 196 -4.59 60.94 8.38
N MET M 197 -3.29 60.86 8.13
CA MET M 197 -2.36 61.88 8.57
C MET M 197 -1.21 61.98 7.58
N ILE M 198 -0.57 63.15 7.57
CA ILE M 198 0.57 63.43 6.70
C ILE M 198 1.77 63.66 7.59
N LEU M 199 2.82 62.86 7.38
CA LEU M 199 4.03 62.93 8.19
C LEU M 199 5.17 63.51 7.37
N LYS M 200 5.94 64.40 7.99
CA LYS M 200 7.07 65.07 7.34
C LYS M 200 8.33 64.72 8.10
N GLU M 201 9.30 64.12 7.40
CA GLU M 201 10.55 63.70 8.04
C GLU M 201 11.40 64.89 8.44
N ILE M 202 11.82 64.90 9.70
CA ILE M 202 12.61 65.99 10.26
C ILE M 202 13.96 65.54 10.77
N GLY M 203 14.28 64.26 10.68
CA GLY M 203 15.53 63.76 11.20
C GLY M 203 15.49 62.26 11.34
N VAL M 204 16.63 61.71 11.75
CA VAL M 204 16.79 60.28 12.00
C VAL M 204 17.45 60.11 13.36
N SER M 205 16.83 59.34 14.23
CA SER M 205 17.38 59.04 15.55
C SER M 205 18.65 58.21 15.45
N PRO M 206 19.79 58.66 15.98
CA PRO M 206 21.00 57.81 15.92
C PRO M 206 20.96 56.60 16.83
N LEU M 207 20.47 56.75 18.06
CA LEU M 207 20.43 55.62 18.99
C LEU M 207 19.37 54.62 18.58
N GLY M 208 18.24 55.09 18.06
CA GLY M 208 17.23 54.20 17.53
C GLY M 208 17.64 53.47 16.27
N SER M 209 18.64 53.99 15.55
CA SER M 209 19.16 53.34 14.36
C SER M 209 20.42 52.54 14.63
N LEU M 210 20.83 52.44 15.91
CA LEU M 210 22.07 51.78 16.35
C LEU M 210 23.30 52.36 15.65
N GLN M 211 23.31 53.67 15.46
CA GLN M 211 24.40 54.35 14.78
C GLN M 211 25.23 55.07 15.82
N LEU M 212 26.34 54.46 16.21
CA LEU M 212 27.28 55.00 17.17
C LEU M 212 28.56 55.41 16.45
N ASN M 213 29.54 55.86 17.21
CA ASN M 213 30.86 56.12 16.66
C ASN M 213 31.60 54.79 16.48
N ALA M 214 32.89 54.87 16.15
CA ALA M 214 33.65 53.66 15.80
C ALA M 214 33.82 52.72 16.99
N LYS M 215 34.01 53.27 18.19
CA LYS M 215 34.12 52.43 19.37
C LYS M 215 32.77 51.80 19.72
N GLY M 216 31.70 52.57 19.59
CA GLY M 216 30.38 52.04 19.89
C GLY M 216 29.91 51.00 18.89
N PHE M 217 30.27 51.17 17.62
CA PHE M 217 29.89 50.20 16.58
C PHE M 217 30.56 48.86 16.81
N HIS M 218 31.83 48.88 17.25
CA HIS M 218 32.52 47.63 17.52
C HIS M 218 31.97 46.93 18.75
N GLN M 219 31.53 47.69 19.75
CA GLN M 219 30.94 47.09 20.93
C GLN M 219 29.57 46.47 20.63
N ILE M 220 28.87 46.99 19.62
CA ILE M 220 27.63 46.36 19.18
C ILE M 220 27.92 44.99 18.57
N LEU M 221 28.95 44.90 17.72
CA LEU M 221 29.30 43.63 17.10
C LEU M 221 29.90 42.65 18.09
N GLU M 222 30.56 43.13 19.14
CA GLU M 222 31.34 42.26 20.01
C GLU M 222 30.54 41.72 21.19
N THR M 223 29.38 42.29 21.51
CA THR M 223 28.73 41.97 22.77
C THR M 223 28.03 40.63 22.71
N ALA M 224 27.97 39.98 23.87
CA ALA M 224 27.26 38.71 24.04
C ALA M 224 25.89 39.03 24.59
N ASN M 225 24.89 39.04 23.69
CA ASN M 225 23.46 39.25 23.98
C ASN M 225 23.17 40.60 24.63
N GLY M 226 24.05 41.58 24.48
CA GLY M 226 23.83 42.89 25.03
C GLY M 226 24.30 43.09 26.46
N MET M 227 24.91 42.08 27.09
CA MET M 227 25.43 42.23 28.45
C MET M 227 26.54 43.27 28.51
N ASP M 228 27.29 43.41 27.43
CA ASP M 228 28.35 44.41 27.29
C ASP M 228 27.75 45.59 26.55
N VAL M 229 27.32 46.60 27.30
CA VAL M 229 26.55 47.71 26.70
C VAL M 229 27.53 48.72 26.11
N PRO M 230 27.36 49.11 24.85
CA PRO M 230 28.22 50.15 24.28
C PRO M 230 27.94 51.50 24.91
N GLU M 231 28.97 52.33 24.94
CA GLU M 231 28.80 53.70 25.37
C GLU M 231 28.01 54.45 24.30
N PRO M 232 26.87 55.06 24.63
CA PRO M 232 25.99 55.62 23.59
C PRO M 232 26.44 56.98 23.08
N VAL M 233 27.64 57.03 22.52
CA VAL M 233 28.19 58.24 21.91
C VAL M 233 27.99 58.14 20.41
N THR M 234 27.28 59.10 19.86
CA THR M 234 27.04 59.19 18.42
C THR M 234 27.83 60.36 17.85
N ILE M 235 28.01 60.34 16.53
CA ILE M 235 28.71 61.42 15.87
C ILE M 235 27.77 62.50 15.36
N TYR M 236 26.46 62.30 15.48
CA TYR M 236 25.49 63.27 15.00
C TYR M 236 24.27 63.25 15.91
N GLU M 237 23.54 64.34 15.87
CA GLU M 237 22.20 64.39 16.45
C GLU M 237 21.17 64.31 15.34
N ALA M 238 19.92 64.10 15.74
CA ALA M 238 18.87 63.73 14.78
C ALA M 238 18.61 64.72 13.64
N PRO M 239 18.59 66.06 13.82
CA PRO M 239 18.43 66.93 12.64
C PRO M 239 19.65 66.99 11.72
N GLU M 240 20.81 66.45 12.12
CA GLU M 240 21.95 66.41 11.22
C GLU M 240 21.84 65.33 10.16
N PHE M 241 20.97 64.34 10.35
CA PHE M 241 20.62 63.38 9.33
C PHE M 241 19.16 63.67 8.99
N ARG M 242 18.95 64.68 8.18
CA ARG M 242 17.64 65.01 7.64
C ARG M 242 17.74 64.89 6.13
N ASN M 243 16.98 63.97 5.57
CA ASN M 243 17.12 63.65 4.16
C ASN M 243 16.60 64.77 3.29
N ARG M 244 17.41 65.18 2.32
CA ARG M 244 17.00 66.11 1.30
C ARG M 244 17.10 65.41 -0.05
N PRO M 245 16.10 65.53 -0.93
CA PRO M 245 14.82 66.24 -0.85
C PRO M 245 13.84 65.65 0.16
N GLN M 246 12.78 66.41 0.48
CA GLN M 246 11.98 66.17 1.66
C GLN M 246 11.11 64.92 1.53
N ARG M 247 11.21 64.04 2.52
CA ARG M 247 10.41 62.81 2.55
C ARG M 247 9.09 63.07 3.26
N TYR M 248 8.02 62.54 2.69
CA TYR M 248 6.71 62.60 3.30
C TYR M 248 6.12 61.21 3.38
N ILE M 249 5.42 60.94 4.47
CA ILE M 249 4.58 59.75 4.57
C ILE M 249 3.13 60.21 4.55
N VAL M 250 2.36 59.66 3.62
CA VAL M 250 0.92 59.83 3.60
C VAL M 250 0.32 58.55 4.18
N HIS M 251 -0.17 58.64 5.41
CA HIS M 251 -0.65 57.51 6.18
C HIS M 251 -2.17 57.56 6.19
N THR M 252 -2.82 56.58 5.58
CA THR M 252 -4.28 56.50 5.58
C THR M 252 -4.72 55.14 6.08
N GLU M 253 -5.87 55.11 6.74
CA GLU M 253 -6.38 53.90 7.37
C GLU M 253 -7.72 53.53 6.76
N TRP M 254 -7.91 52.23 6.54
CA TRP M 254 -9.03 51.71 5.78
C TRP M 254 -9.56 50.48 6.48
N SER M 255 -10.86 50.22 6.31
CA SER M 255 -11.49 49.12 7.03
C SER M 255 -11.03 47.75 6.50
N ASP M 256 -10.74 47.65 5.21
CA ASP M 256 -10.24 46.43 4.60
C ASP M 256 -9.44 46.81 3.36
N THR M 257 -8.84 45.80 2.72
CA THR M 257 -7.99 46.10 1.56
C THR M 257 -8.79 46.45 0.32
N ASN M 258 -10.04 45.99 0.24
CA ASN M 258 -10.89 46.41 -0.87
C ASN M 258 -11.26 47.88 -0.75
N ALA M 259 -11.60 48.33 0.46
CA ALA M 259 -11.87 49.75 0.69
C ALA M 259 -10.61 50.58 0.45
N LEU M 260 -9.44 50.03 0.78
CA LEU M 260 -8.19 50.71 0.51
C LEU M 260 -7.94 50.85 -0.98
N MET M 261 -8.14 49.77 -1.74
CA MET M 261 -7.81 49.75 -3.16
C MET M 261 -8.70 50.69 -3.96
N PHE M 262 -10.01 50.68 -3.70
CA PHE M 262 -10.89 51.58 -4.42
C PHE M 262 -10.96 52.97 -3.80
N GLY M 263 -10.61 53.11 -2.53
CA GLY M 263 -10.57 54.41 -1.90
C GLY M 263 -9.37 55.22 -2.31
N LEU M 264 -8.18 54.63 -2.18
CA LEU M 264 -6.96 55.27 -2.69
C LEU M 264 -6.99 55.41 -4.20
N GLY M 265 -7.66 54.48 -4.88
CA GLY M 265 -7.81 54.51 -6.33
C GLY M 265 -8.61 55.69 -6.86
N ARG M 266 -9.31 56.42 -5.99
CA ARG M 266 -10.04 57.62 -6.40
C ARG M 266 -9.13 58.71 -6.95
N VAL M 267 -7.83 58.71 -6.61
CA VAL M 267 -6.89 59.62 -7.24
C VAL M 267 -6.58 59.22 -8.68
N LEU M 268 -7.02 58.04 -9.11
CA LEU M 268 -6.89 57.60 -10.50
C LEU M 268 -8.21 57.50 -11.25
N ILE M 269 -9.31 57.17 -10.58
CA ILE M 269 -10.54 56.85 -11.27
C ILE M 269 -11.66 57.85 -11.01
N TYR M 270 -11.55 58.68 -9.98
CA TYR M 270 -12.56 59.71 -9.71
C TYR M 270 -12.03 61.02 -10.26
N PRO M 271 -12.66 61.60 -11.29
CA PRO M 271 -12.05 62.73 -12.00
C PRO M 271 -11.92 64.01 -11.16
N GLU M 272 -12.79 64.23 -10.18
CA GLU M 272 -12.66 65.41 -9.34
C GLU M 272 -11.49 65.29 -8.37
N VAL M 273 -11.26 64.11 -7.82
CA VAL M 273 -10.12 63.90 -6.93
C VAL M 273 -8.83 63.77 -7.73
N ARG M 274 -8.94 63.30 -8.98
CA ARG M 274 -7.79 63.11 -9.85
C ARG M 274 -7.11 64.43 -10.19
N GLN M 275 -7.87 65.52 -10.38
CA GLN M 275 -7.25 66.82 -10.62
C GLN M 275 -6.56 67.36 -9.36
N ILE M 276 -7.08 67.04 -8.18
CA ILE M 276 -6.45 67.47 -6.94
C ILE M 276 -5.11 66.78 -6.77
N HIS M 277 -5.09 65.45 -6.93
CA HIS M 277 -3.87 64.67 -6.73
C HIS M 277 -2.87 64.84 -7.86
N ASP M 278 -3.28 65.39 -9.00
CA ASP M 278 -2.33 65.73 -10.06
C ASP M 278 -1.37 66.82 -9.61
N LYS M 279 -1.82 67.72 -8.73
CA LYS M 279 -0.93 68.74 -8.19
C LYS M 279 0.07 68.15 -7.20
N VAL M 280 -0.32 67.06 -6.52
CA VAL M 280 0.62 66.33 -5.69
C VAL M 280 1.68 65.65 -6.54
N LEU M 281 1.26 65.03 -7.64
CA LEU M 281 2.18 64.28 -8.51
C LEU M 281 3.18 65.19 -9.20
N ASP M 282 2.82 66.44 -9.44
CA ASP M 282 3.72 67.40 -10.07
C ASP M 282 4.78 67.96 -9.12
N THR M 283 4.83 67.51 -7.87
CA THR M 283 5.87 67.92 -6.93
C THR M 283 6.83 66.80 -6.59
N LEU M 284 6.63 65.59 -7.09
CA LEU M 284 7.32 64.40 -6.61
C LEU M 284 8.55 64.10 -7.46
N VAL M 285 9.70 63.92 -6.81
CA VAL M 285 10.83 63.31 -7.48
C VAL M 285 10.82 61.79 -7.32
N TYR M 286 10.11 61.27 -6.32
CA TYR M 286 9.97 59.83 -6.14
C TYR M 286 8.58 59.56 -5.59
N GLY M 287 7.96 58.50 -6.10
CA GLY M 287 6.69 58.06 -5.60
C GLY M 287 5.55 58.37 -6.53
N PRO M 288 4.33 57.99 -6.15
CA PRO M 288 3.97 57.37 -4.87
C PRO M 288 4.13 55.84 -4.84
N TYR M 289 4.72 55.35 -3.77
CA TYR M 289 4.85 53.92 -3.51
C TYR M 289 4.12 53.63 -2.21
N ILE M 290 3.11 52.75 -2.26
CA ILE M 290 2.18 52.57 -1.16
C ILE M 290 2.32 51.15 -0.63
N ARG M 291 2.81 51.03 0.59
CA ARG M 291 2.84 49.75 1.29
C ARG M 291 1.54 49.56 2.06
N VAL M 292 1.14 48.31 2.20
CA VAL M 292 -0.06 47.94 2.95
C VAL M 292 0.39 47.36 4.27
N LEU M 293 -0.06 47.96 5.37
CA LEU M 293 0.39 47.58 6.70
C LEU M 293 -0.77 47.08 7.54
N ASN M 294 -0.46 46.15 8.44
CA ASN M 294 -1.44 45.66 9.39
C ASN M 294 -1.07 46.15 10.78
N PRO M 295 -1.89 46.98 11.41
CA PRO M 295 -1.57 47.45 12.77
C PRO M 295 -1.90 46.45 13.86
N MET M 296 -0.97 45.53 14.14
CA MET M 296 -1.20 44.48 15.12
C MET M 296 -1.30 45.02 16.55
N MET M 297 -0.20 45.60 17.04
CA MET M 297 -0.09 46.01 18.43
C MET M 297 -0.19 47.52 18.51
N GLU M 298 -1.08 48.02 19.37
CA GLU M 298 -1.39 49.43 19.39
C GLU M 298 -1.46 49.98 20.80
N GLY M 299 -1.11 51.24 20.92
CA GLY M 299 -1.21 52.07 22.11
C GLY M 299 -2.23 53.16 21.91
N THR M 300 -3.47 52.80 21.52
CA THR M 300 -4.51 53.66 20.95
C THR M 300 -4.82 54.98 21.67
N TYR M 301 -4.33 55.14 22.90
CA TYR M 301 -4.44 56.38 23.65
C TYR M 301 -3.58 57.52 23.08
N TRP M 302 -2.77 57.29 22.05
CA TRP M 302 -2.10 58.40 21.37
C TRP M 302 -3.08 59.27 20.61
N ARG M 303 -4.20 58.70 20.17
CA ARG M 303 -5.24 59.48 19.55
C ARG M 303 -6.06 60.27 20.56
N GLU M 304 -6.07 59.84 21.83
CA GLU M 304 -6.67 60.65 22.88
C GLU M 304 -5.87 61.91 23.12
N TYR M 305 -4.54 61.81 23.04
CA TYR M 305 -3.69 63.00 23.13
C TYR M 305 -3.87 63.90 21.91
N LEU M 306 -4.03 63.30 20.73
CA LEU M 306 -4.14 64.07 19.50
C LEU M 306 -5.48 64.81 19.42
N ASN M 307 -6.56 64.14 19.79
CA ASN M 307 -7.89 64.72 19.68
C ASN M 307 -8.35 65.42 20.94
N GLU M 308 -7.54 65.38 22.00
CA GLU M 308 -7.77 66.08 23.28
C GLU M 308 -9.08 65.65 23.94
N TYR M 309 -9.42 64.37 23.79
CA TYR M 309 -10.68 63.82 24.25
C TYR M 309 -10.52 62.31 24.27
N HIS M 310 -11.13 61.66 25.27
CA HIS M 310 -11.09 60.21 25.36
C HIS M 310 -12.51 59.66 25.35
N LEU M 311 -12.60 58.33 25.24
CA LEU M 311 -13.84 57.54 25.12
C LEU M 311 -14.75 58.01 23.99
N PRO N 2 -4.54 30.11 -64.57
CA PRO N 2 -3.11 30.14 -64.90
C PRO N 2 -2.27 29.51 -63.81
N LYS N 3 -0.96 29.43 -64.01
CA LYS N 3 -0.08 28.87 -63.00
C LYS N 3 0.36 29.97 -62.04
N PRO N 4 0.05 29.88 -60.76
CA PRO N 4 0.52 30.89 -59.82
C PRO N 4 1.98 30.69 -59.45
N TYR N 5 2.51 31.65 -58.71
CA TYR N 5 3.83 31.56 -58.12
C TYR N 5 3.69 31.19 -56.65
N VAL N 6 4.66 30.47 -56.12
CA VAL N 6 4.60 29.95 -54.77
C VAL N 6 5.69 30.56 -53.94
N ALA N 7 5.32 31.11 -52.79
CA ALA N 7 6.26 31.42 -51.71
C ALA N 7 6.11 30.35 -50.64
N ILE N 8 7.23 29.74 -50.25
CA ILE N 8 7.22 28.67 -49.25
C ILE N 8 7.95 29.19 -48.01
N ASN N 9 7.20 29.52 -46.97
CA ASN N 9 7.78 29.98 -45.72
C ASN N 9 8.15 28.77 -44.87
N MET N 10 9.44 28.64 -44.55
CA MET N 10 9.97 27.52 -43.81
C MET N 10 10.44 27.98 -42.43
N VAL N 11 9.88 27.39 -41.38
CA VAL N 11 10.28 27.66 -40.00
C VAL N 11 10.42 26.34 -39.25
N GLU N 12 11.33 26.33 -38.30
CA GLU N 12 11.41 25.26 -37.31
C GLU N 12 10.93 25.81 -35.98
N VAL N 13 9.91 25.17 -35.40
CA VAL N 13 9.33 25.59 -34.14
C VAL N 13 9.39 24.42 -33.16
N ARG N 14 9.23 24.73 -31.88
CA ARG N 14 9.19 23.70 -30.85
C ARG N 14 7.94 22.84 -30.99
N ASN N 15 8.06 21.57 -30.63
CA ASN N 15 6.92 20.64 -30.64
C ASN N 15 6.41 20.55 -29.20
N ASP N 16 5.52 21.46 -28.85
CA ASP N 16 4.94 21.55 -27.52
C ASP N 16 3.51 22.05 -27.67
N PRO N 17 2.65 21.87 -26.65
CA PRO N 17 1.27 22.37 -26.76
C PRO N 17 1.14 23.88 -26.93
N LYS N 18 2.14 24.66 -26.52
CA LYS N 18 2.09 26.09 -26.75
C LYS N 18 2.14 26.43 -28.24
N THR N 19 2.92 25.66 -29.01
CA THR N 19 3.07 25.91 -30.44
C THR N 19 1.78 25.64 -31.22
N LEU N 20 1.07 24.57 -30.86
CA LEU N 20 -0.18 24.27 -31.56
C LEU N 20 -1.29 25.25 -31.21
N GLU N 21 -1.16 26.04 -30.15
CA GLU N 21 -2.04 27.20 -29.97
C GLU N 21 -1.73 28.28 -30.99
N LEU N 22 -0.47 28.41 -31.41
CA LEU N 22 -0.08 29.42 -32.40
C LEU N 22 -0.56 29.07 -33.80
N PHE N 23 -0.92 27.80 -34.05
CA PHE N 23 -1.52 27.43 -35.33
C PHE N 23 -2.90 28.06 -35.50
N GLY N 24 -3.65 28.16 -34.42
CA GLY N 24 -5.02 28.63 -34.50
C GLY N 24 -5.24 30.06 -34.06
N LYS N 25 -4.22 30.69 -33.46
CA LYS N 25 -4.35 32.05 -32.98
C LYS N 25 -3.50 33.06 -33.73
N VAL N 26 -2.56 32.62 -34.57
CA VAL N 26 -1.69 33.51 -35.33
C VAL N 26 -1.76 33.21 -36.82
N GLY N 27 -1.65 31.94 -37.19
CA GLY N 27 -1.88 31.43 -38.54
C GLY N 27 -3.05 31.98 -39.33
N PRO N 28 -4.28 31.99 -38.77
CA PRO N 28 -5.38 32.64 -39.47
C PRO N 28 -5.22 34.15 -39.63
N LYS N 29 -4.56 34.82 -38.69
CA LYS N 29 -4.38 36.26 -38.81
C LYS N 29 -3.39 36.62 -39.91
N VAL N 30 -2.35 35.79 -40.09
CA VAL N 30 -1.39 36.00 -41.16
C VAL N 30 -2.05 35.83 -42.52
N CYS N 31 -2.93 34.83 -42.64
CA CYS N 31 -3.68 34.62 -43.87
C CYS N 31 -4.65 35.76 -44.16
N MET N 32 -5.20 36.38 -43.12
CA MET N 32 -6.11 37.50 -43.32
C MET N 32 -5.37 38.78 -43.72
N VAL N 33 -4.17 38.99 -43.19
CA VAL N 33 -3.36 40.13 -43.62
C VAL N 33 -2.86 39.93 -45.05
N THR N 34 -2.49 38.69 -45.37
CA THR N 34 -2.03 38.34 -46.71
C THR N 34 -3.13 38.51 -47.75
N ALA N 35 -4.39 38.29 -47.37
CA ALA N 35 -5.52 38.41 -48.26
C ALA N 35 -5.96 39.85 -48.50
N ARG N 36 -5.27 40.85 -47.93
CA ARG N 36 -5.49 42.23 -48.32
C ARG N 36 -5.01 42.52 -49.73
N HIS N 37 -4.05 41.75 -50.24
CA HIS N 37 -3.52 41.95 -51.58
C HIS N 37 -4.35 41.20 -52.60
N PRO N 38 -4.67 41.83 -53.75
CA PRO N 38 -5.51 41.14 -54.74
C PRO N 38 -4.79 40.04 -55.51
N GLY N 39 -3.46 40.04 -55.54
CA GLY N 39 -2.70 38.98 -56.17
C GLY N 39 -2.60 37.71 -55.39
N PHE N 40 -3.06 37.70 -54.14
CA PHE N 40 -3.09 36.50 -53.32
C PHE N 40 -4.22 35.59 -53.79
N VAL N 41 -3.89 34.35 -54.15
CA VAL N 41 -4.90 33.42 -54.64
C VAL N 41 -5.08 32.21 -53.74
N GLY N 42 -4.35 32.09 -52.66
CA GLY N 42 -4.58 30.99 -51.74
C GLY N 42 -3.31 30.56 -51.05
N PHE N 43 -3.47 29.53 -50.20
CA PHE N 43 -2.39 29.06 -49.36
C PHE N 43 -2.56 27.57 -49.08
N GLN N 44 -1.50 26.96 -48.58
CA GLN N 44 -1.52 25.58 -48.13
C GLN N 44 -0.42 25.41 -47.10
N ASN N 45 -0.80 25.18 -45.86
CA ASN N 45 0.17 25.13 -44.75
C ASN N 45 0.44 23.69 -44.36
N HIS N 46 1.71 23.37 -44.16
CA HIS N 46 2.13 22.01 -43.89
C HIS N 46 2.91 21.92 -42.58
N VAL N 47 2.81 20.76 -41.95
CA VAL N 47 3.71 20.35 -40.87
C VAL N 47 4.40 19.09 -41.34
N GLN N 48 5.73 19.04 -41.20
CA GLN N 48 6.46 17.83 -41.52
C GLN N 48 6.18 16.76 -40.47
N ILE N 49 5.75 15.59 -40.92
CA ILE N 49 5.48 14.48 -40.02
C ILE N 49 6.52 13.37 -40.14
N GLY N 50 7.40 13.43 -41.13
CA GLY N 50 8.40 12.40 -41.26
C GLY N 50 9.21 12.55 -42.53
N VAL N 51 9.99 11.51 -42.82
CA VAL N 51 10.91 11.45 -43.94
C VAL N 51 10.73 10.07 -44.58
N VAL N 52 10.76 10.01 -45.90
CA VAL N 52 10.77 8.73 -46.59
C VAL N 52 12.14 8.08 -46.38
N PRO N 53 12.21 6.91 -45.76
CA PRO N 53 13.52 6.33 -45.43
C PRO N 53 14.24 5.71 -46.62
N LEU N 54 13.49 5.28 -47.64
CA LEU N 54 14.00 4.59 -48.83
C LEU N 54 14.81 3.35 -48.45
N GLY N 55 14.14 2.41 -47.81
CA GLY N 55 14.83 1.28 -47.21
C GLY N 55 15.57 1.71 -45.97
N THR N 56 16.90 1.57 -45.96
CA THR N 56 17.73 2.02 -44.84
C THR N 56 18.64 3.18 -45.23
N ARG N 57 18.30 3.93 -46.27
CA ARG N 57 19.13 5.06 -46.67
C ARG N 57 19.12 6.15 -45.62
N TRP N 58 17.94 6.51 -45.13
CA TRP N 58 17.81 7.23 -43.87
C TRP N 58 17.00 6.33 -42.95
N GLY N 59 17.67 5.36 -42.34
CA GLY N 59 17.00 4.36 -41.55
C GLY N 59 16.59 4.81 -40.18
N GLY N 60 17.15 5.91 -39.70
CA GLY N 60 16.70 6.52 -38.46
C GLY N 60 15.45 7.34 -38.59
N ALA N 61 14.96 7.51 -39.80
CA ALA N 61 13.78 8.30 -40.09
C ALA N 61 12.61 7.39 -40.44
N LYS N 62 11.41 7.86 -40.13
CA LYS N 62 10.18 7.15 -40.41
C LYS N 62 9.23 8.12 -41.11
N MET N 63 8.22 7.56 -41.77
CA MET N 63 7.25 8.41 -42.44
C MET N 63 6.32 9.12 -41.46
N GLU N 64 6.04 8.49 -40.33
CA GLU N 64 5.22 9.09 -39.27
C GLU N 64 6.03 9.08 -37.99
N MET N 65 6.81 10.15 -37.77
CA MET N 65 7.65 10.27 -36.59
C MET N 65 7.39 11.55 -35.81
N SER N 66 6.24 12.19 -36.04
CA SER N 66 5.99 13.51 -35.45
C SER N 66 5.68 13.46 -33.96
N GLN N 67 5.25 12.31 -33.46
CA GLN N 67 4.97 12.17 -32.03
C GLN N 67 6.25 12.12 -31.20
N GLU N 68 7.40 11.87 -31.81
CA GLU N 68 8.65 11.72 -31.08
C GLU N 68 9.60 12.90 -31.24
N MET N 69 9.31 13.84 -32.13
CA MET N 69 10.24 14.92 -32.42
C MET N 69 10.07 16.08 -31.45
N HIS N 70 11.19 16.70 -31.09
CA HIS N 70 11.17 17.88 -30.23
C HIS N 70 10.83 19.15 -30.99
N SER N 71 11.00 19.14 -32.31
CA SER N 71 10.82 20.34 -33.11
C SER N 71 10.03 20.00 -34.37
N LEU N 72 9.26 20.98 -34.84
CA LEU N 72 8.39 20.80 -36.00
C LEU N 72 8.86 21.70 -37.13
N MET N 73 8.99 21.11 -38.32
CA MET N 73 9.24 21.85 -39.54
C MET N 73 7.91 22.24 -40.17
N LEU N 74 7.74 23.52 -40.47
CA LEU N 74 6.53 24.03 -41.10
C LEU N 74 6.86 24.56 -42.49
N MET N 75 6.06 24.20 -43.48
CA MET N 75 6.16 24.71 -44.84
C MET N 75 4.84 25.38 -45.19
N GLN N 76 4.84 26.69 -45.20
CA GLN N 76 3.62 27.46 -45.42
C GLN N 76 3.65 28.01 -46.83
N TYR N 77 2.87 27.39 -47.72
CA TYR N 77 2.82 27.85 -49.10
C TYR N 77 1.84 28.99 -49.20
N THR N 78 2.21 30.02 -49.94
CA THR N 78 1.27 31.04 -50.38
C THR N 78 1.36 31.13 -51.90
N PHE N 79 0.22 31.33 -52.54
CA PHE N 79 0.12 31.30 -53.98
C PHE N 79 -0.22 32.70 -54.50
N TRP N 80 0.46 33.10 -55.57
CA TRP N 80 0.44 34.48 -56.03
C TRP N 80 0.29 34.54 -57.55
N LYS N 81 -0.46 35.53 -58.04
CA LYS N 81 -0.61 35.73 -59.47
C LYS N 81 0.71 36.09 -60.13
N ASN N 82 1.54 36.88 -59.44
CA ASN N 82 2.92 37.11 -59.83
C ASN N 82 3.75 37.15 -58.54
N TRP N 83 5.04 36.80 -58.66
CA TRP N 83 5.88 36.80 -57.47
C TRP N 83 6.17 38.19 -56.95
N LYS N 84 6.02 39.22 -57.80
CA LYS N 84 6.14 40.59 -57.33
C LYS N 84 4.98 41.00 -56.44
N ASP N 85 3.82 40.34 -56.59
CA ASP N 85 2.69 40.60 -55.69
C ASP N 85 3.00 40.17 -54.27
N HIS N 86 3.80 39.12 -54.11
CA HIS N 86 4.20 38.68 -52.78
C HIS N 86 5.16 39.68 -52.14
N GLU N 87 6.11 40.21 -52.92
CA GLU N 87 7.04 41.19 -52.38
C GLU N 87 6.36 42.52 -52.12
N GLU N 88 5.38 42.90 -52.94
CA GLU N 88 4.60 44.10 -52.69
C GLU N 88 3.70 43.93 -51.45
N MET N 89 3.19 42.72 -51.22
CA MET N 89 2.37 42.47 -50.05
C MET N 89 3.17 42.62 -48.75
N HIS N 90 4.39 42.10 -48.73
CA HIS N 90 5.19 42.16 -47.52
C HIS N 90 5.64 43.57 -47.19
N LYS N 91 5.86 44.40 -48.22
CA LYS N 91 6.26 45.78 -47.94
C LYS N 91 5.09 46.62 -47.47
N GLN N 92 3.91 46.43 -48.06
CA GLN N 92 2.76 47.25 -47.71
C GLN N 92 2.15 46.85 -46.38
N ASN N 93 2.30 45.60 -45.96
CA ASN N 93 1.72 45.11 -44.72
C ASN N 93 2.79 44.72 -43.72
N TRP N 94 3.91 45.45 -43.73
CA TRP N 94 5.09 45.02 -42.98
C TRP N 94 4.90 45.11 -41.48
N ALA N 95 4.22 46.14 -40.99
CA ALA N 95 4.03 46.29 -39.55
C ALA N 95 3.13 45.21 -38.98
N ASN N 96 2.03 44.89 -39.68
CA ASN N 96 1.12 43.85 -39.19
C ASN N 96 1.76 42.47 -39.27
N LEU N 97 2.53 42.20 -40.34
CA LEU N 97 3.11 40.88 -40.53
C LEU N 97 4.29 40.64 -39.62
N PHE N 98 5.10 41.67 -39.36
CA PHE N 98 6.21 41.54 -38.42
C PHE N 98 5.70 41.26 -37.01
N ARG N 99 4.62 41.93 -36.61
CA ARG N 99 4.08 41.76 -35.27
C ARG N 99 3.46 40.38 -35.08
N LEU N 100 2.85 39.84 -36.13
CA LEU N 100 2.27 38.50 -36.05
C LEU N 100 3.36 37.43 -36.02
N CYS N 101 4.44 37.64 -36.79
CA CYS N 101 5.53 36.68 -36.84
C CYS N 101 6.30 36.63 -35.52
N LEU N 102 6.35 37.75 -34.81
CA LEU N 102 7.01 37.80 -33.51
C LEU N 102 6.15 37.26 -32.38
N GLN N 103 4.88 36.91 -32.64
CA GLN N 103 4.13 36.17 -31.65
C GLN N 103 4.57 34.71 -31.58
N CYS N 104 5.21 34.21 -32.63
CA CYS N 104 5.73 32.85 -32.69
C CYS N 104 7.19 32.79 -32.27
N ALA N 105 7.70 33.87 -31.67
CA ALA N 105 9.14 34.02 -31.47
C ALA N 105 9.66 33.10 -30.38
N ASP N 106 8.94 32.97 -29.27
CA ASP N 106 9.37 32.10 -28.18
C ASP N 106 9.23 30.62 -28.48
N GLN N 107 8.69 30.25 -29.64
CA GLN N 107 8.69 28.87 -30.11
C GLN N 107 9.66 28.61 -31.24
N MET N 108 10.14 29.66 -31.91
CA MET N 108 10.91 29.49 -33.14
C MET N 108 12.34 29.08 -32.87
N ILE N 109 12.82 28.11 -33.64
CA ILE N 109 14.16 27.58 -33.50
C ILE N 109 15.05 27.96 -34.68
N TRP N 110 14.53 27.84 -35.89
CA TRP N 110 15.24 28.21 -37.09
C TRP N 110 14.25 28.91 -38.02
N GLY N 111 14.75 29.87 -38.78
CA GLY N 111 13.93 30.56 -39.74
C GLY N 111 13.48 31.93 -39.27
N PRO N 112 12.56 32.57 -40.01
CA PRO N 112 11.93 32.11 -41.24
C PRO N 112 12.80 32.24 -42.49
N TYR N 113 12.55 31.36 -43.45
CA TYR N 113 13.29 31.32 -44.69
C TYR N 113 12.26 31.10 -45.79
N GLU N 114 12.09 32.08 -46.68
CA GLU N 114 11.03 32.03 -47.68
C GLU N 114 11.60 32.09 -49.10
N PRO N 115 11.94 30.94 -49.69
CA PRO N 115 12.25 30.94 -51.11
C PRO N 115 10.99 31.08 -51.96
N LEU N 116 11.16 31.67 -53.14
CA LEU N 116 10.08 31.88 -54.09
C LEU N 116 10.22 30.87 -55.22
N TYR N 117 9.08 30.37 -55.70
CA TYR N 117 9.07 29.29 -56.66
C TYR N 117 8.16 29.61 -57.83
N GLU N 118 8.56 29.12 -58.99
CA GLU N 118 7.74 29.12 -60.20
C GLU N 118 7.25 27.70 -60.44
N ILE N 119 5.98 27.57 -60.80
CA ILE N 119 5.40 26.27 -61.10
C ILE N 119 5.79 25.87 -62.53
N VAL N 120 6.61 24.84 -62.64
CA VAL N 120 7.02 24.34 -63.95
C VAL N 120 5.91 23.46 -64.54
N TYR N 121 5.39 22.53 -63.75
CA TYR N 121 4.35 21.62 -64.14
C TYR N 121 3.34 21.56 -63.01
N ALA N 122 2.07 21.36 -63.36
CA ALA N 122 1.05 21.20 -62.33
C ALA N 122 -0.02 20.25 -62.81
N ASN N 123 -0.30 19.24 -62.00
CA ASN N 123 -1.50 18.41 -62.11
C ASN N 123 -2.07 18.41 -60.70
N MET N 124 -2.84 19.42 -60.36
CA MET N 124 -3.35 19.59 -59.00
C MET N 124 -4.86 19.79 -59.08
N PRO N 125 -5.65 18.79 -58.73
CA PRO N 125 -7.09 18.88 -58.88
C PRO N 125 -7.72 19.76 -57.80
N LEU N 126 -9.01 19.99 -57.97
CA LEU N 126 -9.79 20.68 -56.95
C LEU N 126 -9.95 19.80 -55.72
N ASN N 127 -9.81 20.40 -54.56
CA ASN N 127 -10.03 19.68 -53.31
C ASN N 127 -11.52 19.45 -53.10
N THR N 128 -11.91 18.20 -52.90
CA THR N 128 -13.28 17.83 -52.59
C THR N 128 -13.30 16.97 -51.34
N GLU N 129 -14.31 17.17 -50.51
CA GLU N 129 -14.60 16.24 -49.43
C GLU N 129 -15.26 14.98 -49.98
N MET N 130 -15.44 14.00 -49.11
CA MET N 130 -16.16 12.80 -49.49
C MET N 130 -17.66 13.05 -49.64
N THR N 131 -18.17 14.17 -49.13
CA THR N 131 -19.56 14.55 -49.36
C THR N 131 -19.75 15.29 -50.67
N ASP N 132 -18.68 15.69 -51.33
CA ASP N 132 -18.76 16.55 -52.51
C ASP N 132 -18.56 15.82 -53.82
N PHE N 133 -18.28 14.51 -53.83
CA PHE N 133 -17.95 13.85 -55.08
C PHE N 133 -19.16 13.66 -55.98
N THR N 134 -20.37 13.63 -55.40
CA THR N 134 -21.58 13.58 -56.22
C THR N 134 -21.76 14.85 -57.04
N VAL N 135 -21.37 16.00 -56.49
CA VAL N 135 -21.40 17.24 -57.27
C VAL N 135 -20.31 17.22 -58.33
N MET N 136 -19.15 16.65 -58.01
CA MET N 136 -18.01 16.69 -58.91
C MET N 136 -18.22 15.81 -60.13
N VAL N 137 -18.66 14.56 -59.92
CA VAL N 137 -18.89 13.68 -61.06
C VAL N 137 -20.17 14.06 -61.80
N GLY N 138 -21.10 14.74 -61.14
CA GLY N 138 -22.30 15.17 -61.84
C GLY N 138 -22.05 16.32 -62.78
N LYS N 139 -21.17 17.24 -62.38
CA LYS N 139 -20.84 18.37 -63.24
C LYS N 139 -19.96 17.95 -64.41
N LYS N 140 -19.07 16.98 -64.20
CA LYS N 140 -18.19 16.53 -65.26
C LYS N 140 -18.90 15.62 -66.25
N PHE N 141 -19.91 14.87 -65.81
CA PHE N 141 -20.70 14.09 -66.74
C PHE N 141 -21.64 14.97 -67.57
N ALA N 142 -22.15 16.04 -66.97
CA ALA N 142 -23.05 16.94 -67.71
C ALA N 142 -22.30 17.76 -68.73
N ALA N 143 -21.01 17.99 -68.52
CA ALA N 143 -20.16 18.73 -69.44
C ALA N 143 -19.46 17.84 -70.44
N GLY N 144 -19.72 16.53 -70.41
CA GLY N 144 -19.06 15.61 -71.31
C GLY N 144 -17.59 15.40 -71.05
N GLU N 145 -17.14 15.59 -69.80
CA GLU N 145 -15.74 15.43 -69.46
C GLU N 145 -15.56 14.32 -68.42
N ALA N 146 -16.18 13.17 -68.66
CA ALA N 146 -16.03 12.03 -67.76
C ALA N 146 -14.61 11.47 -67.76
N VAL N 147 -13.87 11.65 -68.85
CA VAL N 147 -12.52 11.13 -68.94
C VAL N 147 -11.55 11.94 -68.07
N SER N 148 -11.91 13.16 -67.69
CA SER N 148 -11.07 14.03 -66.88
C SER N 148 -11.66 14.24 -65.48
N ILE N 149 -12.26 13.19 -64.92
CA ILE N 149 -12.76 13.27 -63.55
C ILE N 149 -11.59 13.06 -62.60
N PRO N 150 -11.33 13.98 -61.68
CA PRO N 150 -10.15 13.90 -60.84
C PRO N 150 -10.37 12.97 -59.66
N PRO N 151 -9.31 12.54 -58.97
CA PRO N 151 -9.50 11.78 -57.73
C PRO N 151 -9.99 12.68 -56.60
N ILE N 152 -10.56 12.04 -55.58
CA ILE N 152 -11.08 12.77 -54.42
C ILE N 152 -9.89 13.17 -53.54
N SER N 153 -9.55 14.44 -53.57
CA SER N 153 -8.43 14.98 -52.79
C SER N 153 -9.02 15.70 -51.58
N GLN N 154 -8.99 15.07 -50.44
CA GLN N 154 -9.68 15.58 -49.26
C GLN N 154 -8.85 16.67 -48.59
N PRO N 155 -9.44 17.82 -48.28
CA PRO N 155 -8.68 18.89 -47.64
C PRO N 155 -8.54 18.69 -46.13
N TYR N 156 -7.71 19.55 -45.54
CA TYR N 156 -7.59 19.76 -44.09
C TYR N 156 -7.13 18.51 -43.34
N GLY N 157 -5.92 18.06 -43.69
CA GLY N 157 -5.24 17.04 -42.94
C GLY N 157 -5.56 15.61 -43.30
N LYS N 158 -6.36 15.37 -44.34
CA LYS N 158 -6.79 14.03 -44.70
C LYS N 158 -5.99 13.43 -45.84
N ARG N 159 -4.82 14.00 -46.15
CA ARG N 159 -3.92 13.43 -47.13
C ARG N 159 -2.51 13.78 -46.70
N VAL N 160 -1.53 13.25 -47.42
CA VAL N 160 -0.12 13.52 -47.11
C VAL N 160 0.56 14.08 -48.35
N VAL N 161 1.64 14.81 -48.11
CA VAL N 161 2.41 15.46 -49.15
C VAL N 161 3.83 14.94 -49.09
N ALA N 162 4.36 14.53 -50.23
CA ALA N 162 5.77 14.22 -50.39
C ALA N 162 6.49 15.44 -50.92
N PHE N 163 7.44 15.94 -50.14
CA PHE N 163 8.19 17.17 -50.43
C PHE N 163 9.57 16.75 -50.90
N GLY N 164 9.75 16.68 -52.22
CA GLY N 164 10.97 16.15 -52.79
C GLY N 164 11.98 17.18 -53.22
N GLU N 165 13.08 17.27 -52.49
CA GLU N 165 14.11 18.28 -52.76
C GLU N 165 15.12 17.75 -53.77
N HIS N 166 15.34 18.51 -54.83
CA HIS N 166 16.28 18.14 -55.88
C HIS N 166 17.13 19.35 -56.22
N ILE N 167 18.44 19.17 -56.24
CA ILE N 167 19.36 20.20 -56.72
C ILE N 167 20.01 19.67 -57.98
N VAL N 168 19.87 20.41 -59.08
CA VAL N 168 20.19 19.94 -60.41
C VAL N 168 21.44 20.66 -60.90
N LYS N 169 22.38 19.90 -61.47
CA LYS N 169 23.62 20.43 -62.03
C LYS N 169 23.35 21.49 -63.10
N GLU N 170 24.28 22.45 -63.21
CA GLU N 170 24.21 23.50 -64.21
C GLU N 170 24.26 22.92 -65.62
N GLY N 171 23.27 23.26 -66.42
CA GLY N 171 23.16 22.79 -67.77
C GLY N 171 22.23 21.61 -67.97
N LEU N 172 21.89 20.91 -66.89
CA LEU N 172 21.00 19.76 -66.95
C LEU N 172 19.59 20.07 -66.45
N GLU N 173 19.20 21.35 -66.42
CA GLU N 173 17.87 21.70 -65.95
C GLU N 173 16.80 21.33 -66.97
N ASN N 174 17.12 21.36 -68.26
CA ASN N 174 16.16 20.94 -69.28
C ASN N 174 15.93 19.43 -69.24
N GLN N 175 16.97 18.66 -68.91
CA GLN N 175 16.79 17.21 -68.80
C GLN N 175 16.03 16.84 -67.54
N PHE N 176 16.22 17.58 -66.45
CA PHE N 176 15.45 17.32 -65.24
C PHE N 176 13.97 17.54 -65.47
N GLU N 177 13.61 18.71 -66.01
CA GLU N 177 12.21 19.08 -66.13
C GLU N 177 11.46 18.20 -67.11
N GLU N 178 12.15 17.68 -68.13
CA GLU N 178 11.49 16.79 -69.09
C GLU N 178 11.12 15.46 -68.44
N TYR N 179 12.05 14.86 -67.71
CA TYR N 179 11.83 13.53 -67.17
C TYR N 179 11.21 13.52 -65.78
N ALA N 180 11.29 14.63 -65.04
CA ALA N 180 10.51 14.71 -63.81
C ALA N 180 9.03 14.89 -64.11
N ILE N 181 8.71 15.52 -65.24
CA ILE N 181 7.32 15.59 -65.69
C ILE N 181 6.83 14.20 -66.07
N LYS N 182 7.64 13.44 -66.81
CA LYS N 182 7.28 12.08 -67.19
C LYS N 182 7.16 11.15 -65.99
N THR N 183 7.91 11.43 -64.92
CA THR N 183 7.76 10.67 -63.69
C THR N 183 6.43 10.97 -63.01
N LEU N 184 6.01 12.23 -63.04
CA LEU N 184 4.75 12.61 -62.41
C LEU N 184 3.54 12.18 -63.23
N GLU N 185 3.69 12.06 -64.54
CA GLU N 185 2.62 11.46 -65.34
C GLU N 185 2.52 9.97 -65.11
N ALA N 186 3.64 9.31 -64.79
CA ALA N 186 3.62 7.90 -64.45
C ALA N 186 3.00 7.65 -63.08
N PHE N 187 3.02 8.64 -62.18
CA PHE N 187 2.39 8.49 -60.89
C PHE N 187 0.86 8.47 -60.98
N ARG N 188 0.29 8.93 -62.10
CA ARG N 188 -1.16 8.89 -62.29
C ARG N 188 -1.72 7.47 -62.25
N SER N 189 -0.90 6.47 -62.57
CA SER N 189 -1.32 5.09 -62.46
C SER N 189 -1.25 4.55 -61.03
N ALA N 190 -0.53 5.22 -60.14
CA ALA N 190 -0.35 4.68 -58.80
C ALA N 190 -1.62 4.86 -57.97
N PRO N 191 -1.98 3.87 -57.16
CA PRO N 191 -3.16 4.02 -56.29
C PRO N 191 -2.93 5.05 -55.20
N GLY N 192 -3.92 5.89 -54.99
CA GLY N 192 -3.84 6.93 -54.00
C GLY N 192 -3.10 8.17 -54.41
N PHE N 193 -2.64 8.26 -55.65
CA PHE N 193 -2.01 9.48 -56.13
C PHE N 193 -3.07 10.55 -56.32
N LEU N 194 -2.87 11.68 -55.66
CA LEU N 194 -3.85 12.76 -55.68
C LEU N 194 -3.41 13.95 -56.48
N GLY N 195 -2.23 13.92 -57.09
CA GLY N 195 -1.76 15.00 -57.92
C GLY N 195 -0.39 15.47 -57.53
N GLY N 196 0.18 16.30 -58.40
CA GLY N 196 1.56 16.68 -58.25
C GLY N 196 1.90 17.96 -58.98
N MET N 197 2.97 18.61 -58.53
CA MET N 197 3.50 19.78 -59.20
C MET N 197 5.01 19.83 -59.01
N ILE N 198 5.68 20.53 -59.93
CA ILE N 198 7.12 20.70 -59.91
C ILE N 198 7.40 22.18 -59.73
N LEU N 199 8.13 22.52 -58.66
CA LEU N 199 8.42 23.90 -58.32
C LEU N 199 9.90 24.19 -58.58
N LYS N 200 10.17 25.36 -59.16
CA LYS N 200 11.52 25.78 -59.50
C LYS N 200 11.83 27.06 -58.75
N GLU N 201 12.88 27.04 -57.93
CA GLU N 201 13.23 28.20 -57.12
C GLU N 201 13.77 29.34 -57.98
N ILE N 202 13.19 30.52 -57.80
CA ILE N 202 13.56 31.70 -58.57
C ILE N 202 14.07 32.84 -57.70
N GLY N 203 14.12 32.67 -56.40
CA GLY N 203 14.55 33.73 -55.52
C GLY N 203 14.15 33.44 -54.09
N VAL N 204 14.57 34.35 -53.20
CA VAL N 204 14.26 34.28 -51.78
C VAL N 204 13.75 35.65 -51.35
N SER N 205 12.57 35.68 -50.75
CA SER N 205 12.00 36.92 -50.23
C SER N 205 12.81 37.46 -49.06
N PRO N 206 13.32 38.69 -49.12
CA PRO N 206 14.06 39.22 -47.96
C PRO N 206 13.18 39.56 -46.77
N LEU N 207 12.02 40.17 -46.99
CA LEU N 207 11.15 40.53 -45.88
C LEU N 207 10.50 39.31 -45.25
N GLY N 208 10.15 38.31 -46.08
CA GLY N 208 9.66 37.06 -45.55
C GLY N 208 10.69 36.24 -44.80
N SER N 209 11.97 36.50 -45.04
CA SER N 209 13.04 35.81 -44.33
C SER N 209 13.60 36.64 -43.18
N LEU N 210 12.98 37.79 -42.89
CA LEU N 210 13.43 38.76 -41.87
C LEU N 210 14.88 39.19 -42.10
N GLN N 211 15.25 39.38 -43.35
CA GLN N 211 16.61 39.76 -43.71
C GLN N 211 16.60 41.23 -44.10
N LEU N 212 16.99 42.08 -43.16
CA LEU N 212 17.09 43.51 -43.35
C LEU N 212 18.55 43.92 -43.39
N ASN N 213 18.80 45.22 -43.48
CA ASN N 213 20.15 45.74 -43.37
C ASN N 213 20.56 45.77 -41.89
N ALA N 214 21.70 46.39 -41.60
CA ALA N 214 22.25 46.33 -40.24
C ALA N 214 21.39 47.07 -39.23
N LYS N 215 20.79 48.19 -39.64
CA LYS N 215 19.90 48.91 -38.73
C LYS N 215 18.60 48.14 -38.52
N GLY N 216 18.08 47.53 -39.58
CA GLY N 216 16.85 46.75 -39.45
C GLY N 216 17.03 45.48 -38.65
N PHE N 217 18.19 44.84 -38.78
CA PHE N 217 18.46 43.61 -38.02
C PHE N 217 18.54 43.88 -36.53
N HIS N 218 19.12 45.03 -36.15
CA HIS N 218 19.20 45.36 -34.74
C HIS N 218 17.84 45.73 -34.17
N GLN N 219 16.97 46.35 -34.97
CA GLN N 219 15.64 46.67 -34.50
C GLN N 219 14.77 45.41 -34.34
N ILE N 220 15.08 44.36 -35.10
CA ILE N 220 14.40 43.08 -34.89
C ILE N 220 14.78 42.49 -33.54
N LEU N 221 16.07 42.53 -33.19
CA LEU N 221 16.52 42.00 -31.91
C LEU N 221 16.08 42.86 -30.74
N GLU N 222 15.91 44.16 -30.94
CA GLU N 222 15.69 45.08 -29.83
C GLU N 222 14.22 45.28 -29.49
N THR N 223 13.29 44.90 -30.36
CA THR N 223 11.90 45.31 -30.19
C THR N 223 11.21 44.48 -29.12
N ALA N 224 10.25 45.12 -28.45
CA ALA N 224 9.41 44.47 -27.45
C ALA N 224 8.13 44.05 -28.13
N ASN N 225 8.05 42.76 -28.49
CA ASN N 225 6.89 42.10 -29.09
C ASN N 225 6.48 42.70 -30.43
N GLY N 226 7.38 43.40 -31.11
CA GLY N 226 7.07 43.99 -32.39
C GLY N 226 6.45 45.37 -32.37
N MET N 227 6.26 45.97 -31.19
CA MET N 227 5.72 47.32 -31.10
C MET N 227 6.63 48.34 -31.76
N ASP N 228 7.93 48.08 -31.73
CA ASP N 228 8.94 48.91 -32.37
C ASP N 228 9.25 48.28 -33.72
N VAL N 229 8.61 48.79 -34.77
CA VAL N 229 8.69 48.13 -36.08
C VAL N 229 9.96 48.59 -36.78
N PRO N 230 10.78 47.66 -37.28
CA PRO N 230 11.97 48.06 -38.05
C PRO N 230 11.58 48.67 -39.39
N GLU N 231 12.43 49.54 -39.87
CA GLU N 231 12.26 50.09 -41.20
C GLU N 231 12.58 48.99 -42.21
N PRO N 232 11.66 48.64 -43.11
CA PRO N 232 11.86 47.45 -43.96
C PRO N 232 12.77 47.72 -45.16
N VAL N 233 14.01 48.10 -44.87
CA VAL N 233 15.03 48.32 -45.89
C VAL N 233 15.91 47.08 -45.94
N THR N 234 15.97 46.45 -47.10
CA THR N 234 16.80 45.29 -47.34
C THR N 234 17.96 45.67 -48.25
N ILE N 235 19.00 44.83 -48.25
CA ILE N 235 20.14 45.07 -49.10
C ILE N 235 20.02 44.36 -50.44
N TYR N 236 18.99 43.55 -50.64
CA TYR N 236 18.81 42.81 -51.87
C TYR N 236 17.34 42.66 -52.17
N GLU N 237 17.04 42.43 -53.43
CA GLU N 237 15.71 42.00 -53.84
C GLU N 237 15.74 40.51 -54.13
N ALA N 238 14.55 39.93 -54.29
CA ALA N 238 14.41 38.47 -54.30
C ALA N 238 15.19 37.72 -55.38
N PRO N 239 15.29 38.17 -56.66
CA PRO N 239 16.16 37.43 -57.60
C PRO N 239 17.65 37.56 -57.34
N GLU N 240 18.10 38.46 -56.46
CA GLU N 240 19.51 38.55 -56.13
C GLU N 240 19.97 37.46 -55.19
N PHE N 241 19.05 36.79 -54.49
CA PHE N 241 19.34 35.59 -53.74
C PHE N 241 18.60 34.48 -54.47
N ARG N 242 19.20 34.00 -55.54
CA ARG N 242 18.71 32.84 -56.28
C ARG N 242 19.80 31.79 -56.22
N ASN N 243 19.49 30.67 -55.60
CA ASN N 243 20.51 29.66 -55.32
C ASN N 243 20.95 28.96 -56.60
N ARG N 244 22.26 28.90 -56.80
CA ARG N 244 22.84 28.12 -57.86
C ARG N 244 23.72 27.04 -57.24
N PRO N 245 23.65 25.79 -57.70
CA PRO N 245 22.82 25.19 -58.76
C PRO N 245 21.33 25.14 -58.43
N GLN N 246 20.51 24.87 -59.46
CA GLN N 246 19.08 25.14 -59.40
C GLN N 246 18.35 24.18 -58.47
N ARG N 247 17.57 24.74 -57.55
CA ARG N 247 16.77 23.94 -56.62
C ARG N 247 15.40 23.66 -57.21
N TYR N 248 14.95 22.43 -57.06
CA TYR N 248 13.62 22.03 -57.48
C TYR N 248 12.91 21.37 -56.33
N ILE N 249 11.61 21.63 -56.21
CA ILE N 249 10.74 20.87 -55.33
C ILE N 249 9.83 20.02 -56.20
N VAL N 250 9.83 18.71 -55.95
CA VAL N 250 8.86 17.82 -56.54
C VAL N 250 7.81 17.53 -55.47
N HIS N 251 6.64 18.13 -55.63
CA HIS N 251 5.57 18.09 -54.66
C HIS N 251 4.51 17.12 -55.16
N THR N 252 4.29 16.02 -54.46
CA THR N 252 3.26 15.05 -54.81
C THR N 252 2.36 14.79 -53.62
N GLU N 253 1.09 14.53 -53.89
CA GLU N 253 0.08 14.35 -52.86
C GLU N 253 -0.49 12.95 -52.94
N TRP N 254 -0.71 12.35 -51.78
CA TRP N 254 -1.06 10.95 -51.65
C TRP N 254 -2.14 10.80 -50.60
N SER N 255 -2.98 9.78 -50.74
CA SER N 255 -4.11 9.62 -49.84
C SER N 255 -3.67 9.20 -48.44
N ASP N 256 -2.59 8.44 -48.33
CA ASP N 256 -2.04 8.03 -47.04
C ASP N 256 -0.56 7.74 -47.24
N THR N 257 0.13 7.42 -46.13
CA THR N 257 1.58 7.22 -46.22
C THR N 257 1.93 5.88 -46.87
N ASN N 258 1.04 4.89 -46.81
CA ASN N 258 1.28 3.65 -47.52
C ASN N 258 1.20 3.86 -49.02
N ALA N 259 0.21 4.62 -49.49
CA ALA N 259 0.12 4.96 -50.91
C ALA N 259 1.31 5.81 -51.34
N LEU N 260 1.80 6.67 -50.45
CA LEU N 260 2.99 7.46 -50.74
C LEU N 260 4.22 6.57 -50.88
N MET N 261 4.41 5.63 -49.95
CA MET N 261 5.62 4.82 -49.91
C MET N 261 5.71 3.89 -51.12
N PHE N 262 4.62 3.23 -51.48
CA PHE N 262 4.65 2.36 -52.64
C PHE N 262 4.43 3.10 -53.95
N GLY N 263 3.82 4.28 -53.91
CA GLY N 263 3.65 5.08 -55.11
C GLY N 263 4.91 5.76 -55.55
N LEU N 264 5.56 6.48 -54.62
CA LEU N 264 6.88 7.05 -54.90
C LEU N 264 7.92 5.98 -55.12
N GLY N 265 7.76 4.83 -54.47
CA GLY N 265 8.65 3.70 -54.63
C GLY N 265 8.68 3.09 -56.01
N ARG N 266 7.72 3.43 -56.87
CA ARG N 266 7.70 2.96 -58.26
C ARG N 266 8.92 3.42 -59.06
N VAL N 267 9.59 4.51 -58.65
CA VAL N 267 10.85 4.88 -59.27
C VAL N 267 11.99 3.96 -58.87
N LEU N 268 11.77 3.07 -57.91
CA LEU N 268 12.74 2.05 -57.52
C LEU N 268 12.31 0.62 -57.86
N ILE N 269 11.02 0.31 -57.84
CA ILE N 269 10.58 -1.07 -57.93
C ILE N 269 9.80 -1.36 -59.21
N TYR N 270 9.31 -0.34 -59.92
CA TYR N 270 8.60 -0.55 -61.18
C TYR N 270 9.59 -0.28 -62.30
N PRO N 271 9.96 -1.29 -63.09
CA PRO N 271 11.08 -1.13 -64.03
C PRO N 271 10.82 -0.13 -65.16
N GLU N 272 9.57 0.06 -65.59
CA GLU N 272 9.29 1.05 -66.63
C GLU N 272 9.42 2.48 -66.11
N VAL N 273 8.99 2.74 -64.88
CA VAL N 273 9.14 4.06 -64.29
C VAL N 273 10.57 4.29 -63.83
N ARG N 274 11.27 3.20 -63.48
CA ARG N 274 12.65 3.28 -63.01
C ARG N 274 13.59 3.80 -64.08
N GLN N 275 13.38 3.43 -65.35
CA GLN N 275 14.21 3.99 -66.42
C GLN N 275 13.93 5.45 -66.67
N ILE N 276 12.69 5.90 -66.45
CA ILE N 276 12.35 7.31 -66.60
C ILE N 276 13.05 8.14 -65.53
N HIS N 277 12.94 7.71 -64.27
CA HIS N 277 13.51 8.45 -63.16
C HIS N 277 15.03 8.32 -63.08
N ASP N 278 15.63 7.37 -63.79
CA ASP N 278 17.08 7.31 -63.89
C ASP N 278 17.64 8.52 -64.62
N LYS N 279 16.88 9.08 -65.56
CA LYS N 279 17.31 10.29 -66.24
C LYS N 279 17.22 11.51 -65.33
N VAL N 280 16.29 11.48 -64.36
CA VAL N 280 16.24 12.52 -63.34
C VAL N 280 17.45 12.42 -62.42
N LEU N 281 17.80 11.20 -62.02
CA LEU N 281 18.91 10.99 -61.08
C LEU N 281 20.25 11.37 -61.69
N ASP N 282 20.39 11.27 -63.00
CA ASP N 282 21.62 11.63 -63.68
C ASP N 282 21.81 13.14 -63.85
N THR N 283 20.91 13.96 -63.33
CA THR N 283 21.06 15.42 -63.36
C THR N 283 21.29 16.01 -61.98
N LEU N 284 21.28 15.22 -60.92
CA LEU N 284 21.22 15.72 -59.56
C LEU N 284 22.62 15.84 -58.95
N VAL N 285 22.94 17.01 -58.41
CA VAL N 285 24.08 17.11 -57.52
C VAL N 285 23.69 16.84 -56.07
N TYR N 286 22.42 16.98 -55.73
CA TYR N 286 21.94 16.67 -54.39
C TYR N 286 20.53 16.10 -54.51
N GLY N 287 20.26 15.07 -53.72
CA GLY N 287 18.95 14.50 -53.64
C GLY N 287 18.85 13.16 -54.33
N PRO N 288 17.66 12.55 -54.31
CA PRO N 288 16.41 13.09 -53.75
C PRO N 288 16.23 12.83 -52.26
N TYR N 289 15.82 13.87 -51.55
CA TYR N 289 15.47 13.79 -50.14
C TYR N 289 14.01 14.19 -50.00
N ILE N 290 13.19 13.28 -49.47
CA ILE N 290 11.74 13.42 -49.52
C ILE N 290 11.22 13.55 -48.09
N ARG N 291 10.69 14.72 -47.76
CA ARG N 291 10.00 14.93 -46.50
C ARG N 291 8.53 14.60 -46.66
N VAL N 292 7.92 14.13 -45.58
CA VAL N 292 6.50 13.81 -45.55
C VAL N 292 5.80 14.92 -44.78
N LEU N 293 4.83 15.55 -45.43
CA LEU N 293 4.16 16.71 -44.85
C LEU N 293 2.68 16.44 -44.68
N ASN N 294 2.11 17.06 -43.66
CA ASN N 294 0.67 17.00 -43.42
C ASN N 294 0.06 18.35 -43.70
N PRO N 295 -0.80 18.49 -44.71
CA PRO N 295 -1.43 19.79 -44.99
C PRO N 295 -2.59 20.11 -44.06
N MET N 296 -2.30 20.70 -42.90
CA MET N 296 -3.33 20.99 -41.91
C MET N 296 -4.28 22.09 -42.38
N MET N 297 -3.76 23.30 -42.57
CA MET N 297 -4.57 24.47 -42.86
C MET N 297 -4.42 24.84 -44.32
N GLU N 298 -5.54 25.00 -45.01
CA GLU N 298 -5.52 25.16 -46.45
C GLU N 298 -6.45 26.27 -46.92
N GLY N 299 -6.06 26.89 -48.01
CA GLY N 299 -6.80 27.88 -48.76
C GLY N 299 -7.19 27.34 -50.12
N THR N 300 -7.85 26.17 -50.16
CA THR N 300 -8.03 25.29 -51.33
C THR N 300 -8.51 25.94 -52.63
N TYR N 301 -8.99 27.17 -52.58
CA TYR N 301 -9.36 27.95 -53.75
C TYR N 301 -8.16 28.38 -54.61
N TRP N 302 -6.92 28.10 -54.20
CA TRP N 302 -5.78 28.32 -55.10
C TRP N 302 -5.79 27.35 -56.26
N ARG N 303 -6.37 26.16 -56.08
CA ARG N 303 -6.53 25.23 -57.17
C ARG N 303 -7.66 25.63 -58.11
N GLU N 304 -8.62 26.42 -57.63
CA GLU N 304 -9.62 26.99 -58.53
C GLU N 304 -9.00 27.99 -59.48
N TYR N 305 -8.03 28.77 -58.99
CA TYR N 305 -7.29 29.68 -59.87
C TYR N 305 -6.41 28.91 -60.84
N LEU N 306 -5.82 27.80 -60.38
CA LEU N 306 -4.91 27.03 -61.22
C LEU N 306 -5.65 26.29 -62.33
N ASN N 307 -6.79 25.68 -61.99
CA ASN N 307 -7.54 24.88 -62.94
C ASN N 307 -8.61 25.67 -63.68
N GLU N 308 -8.78 26.95 -63.34
CA GLU N 308 -9.70 27.90 -64.01
C GLU N 308 -11.15 27.42 -63.95
N TYR N 309 -11.51 26.78 -62.84
CA TYR N 309 -12.81 26.15 -62.66
C TYR N 309 -12.99 25.90 -61.18
N HIS N 310 -14.22 26.07 -60.68
CA HIS N 310 -14.51 25.80 -59.29
C HIS N 310 -15.60 24.74 -59.18
N LEU N 311 -15.82 24.28 -57.95
CA LEU N 311 -16.75 23.20 -57.58
C LEU N 311 -16.52 21.90 -58.35
N PRO O 2 -5.14 -10.98 70.35
CA PRO O 2 -5.97 -12.19 70.33
C PRO O 2 -6.26 -12.64 68.91
N LYS O 3 -6.97 -13.75 68.75
CA LYS O 3 -7.33 -14.23 67.43
C LYS O 3 -8.65 -13.60 66.99
N PRO O 4 -8.67 -12.84 65.91
CA PRO O 4 -9.93 -12.28 65.45
C PRO O 4 -10.78 -13.30 64.71
N TYR O 5 -11.99 -12.90 64.38
CA TYR O 5 -12.87 -13.67 63.53
C TYR O 5 -12.85 -13.08 62.13
N VAL O 6 -13.03 -13.93 61.12
CA VAL O 6 -12.90 -13.53 59.74
C VAL O 6 -14.24 -13.68 59.04
N ALA O 7 -14.68 -12.62 58.38
CA ALA O 7 -15.74 -12.69 57.38
C ALA O 7 -15.08 -12.62 56.00
N ILE O 8 -15.40 -13.58 55.14
CA ILE O 8 -14.83 -13.63 53.80
C ILE O 8 -15.95 -13.38 52.80
N ASN O 9 -15.97 -12.19 52.21
CA ASN O 9 -16.96 -11.84 51.21
C ASN O 9 -16.47 -12.32 49.84
N MET O 10 -17.25 -13.21 49.22
CA MET O 10 -16.90 -13.82 47.95
C MET O 10 -17.85 -13.33 46.86
N VAL O 11 -17.30 -12.73 45.82
CA VAL O 11 -18.06 -12.27 44.67
C VAL O 11 -17.33 -12.68 43.39
N GLU O 12 -18.10 -12.94 42.34
CA GLU O 12 -17.58 -13.08 40.99
C GLU O 12 -17.99 -11.85 40.20
N VAL O 13 -17.01 -11.14 39.64
CA VAL O 13 -17.26 -9.93 38.87
C VAL O 13 -16.63 -10.10 37.49
N ARG O 14 -17.06 -9.26 36.56
CA ARG O 14 -16.49 -9.26 35.21
C ARG O 14 -15.04 -8.81 35.23
N ASN O 15 -14.24 -9.35 34.32
CA ASN O 15 -12.84 -8.95 34.18
C ASN O 15 -12.76 -7.96 33.01
N ASP O 16 -12.99 -6.69 33.31
CA ASP O 16 -12.99 -5.62 32.32
C ASP O 16 -12.46 -4.37 33.01
N PRO O 17 -12.02 -3.36 32.25
CA PRO O 17 -11.51 -2.13 32.88
C PRO O 17 -12.52 -1.37 33.73
N LYS O 18 -13.82 -1.57 33.50
CA LYS O 18 -14.82 -0.94 34.36
C LYS O 18 -14.77 -1.48 35.78
N THR O 19 -14.49 -2.78 35.94
CA THR O 19 -14.45 -3.42 37.24
C THR O 19 -13.27 -2.93 38.08
N LEU O 20 -12.11 -2.75 37.46
CA LEU O 20 -10.95 -2.27 38.21
C LEU O 20 -11.07 -0.80 38.60
N GLU O 21 -12.00 -0.05 38.01
CA GLU O 21 -12.36 1.25 38.57
C GLU O 21 -13.13 1.09 39.88
N LEU O 22 -13.91 0.02 40.01
CA LEU O 22 -14.68 -0.23 41.22
C LEU O 22 -13.81 -0.67 42.39
N PHE O 23 -12.57 -1.13 42.12
CA PHE O 23 -11.63 -1.43 43.19
C PHE O 23 -11.21 -0.16 43.93
N GLY O 24 -11.07 0.94 43.22
CA GLY O 24 -10.55 2.16 43.81
C GLY O 24 -11.60 3.21 44.12
N LYS O 25 -12.83 3.02 43.65
CA LYS O 25 -13.89 3.99 43.88
C LYS O 25 -15.00 3.50 44.79
N VAL O 26 -15.06 2.21 45.09
CA VAL O 26 -16.10 1.64 45.96
C VAL O 26 -15.49 0.89 47.13
N GLY O 27 -14.52 0.02 46.85
CA GLY O 27 -13.68 -0.66 47.84
C GLY O 27 -13.19 0.14 49.04
N PRO O 28 -12.58 1.31 48.83
CA PRO O 28 -12.22 2.14 49.99
C PRO O 28 -13.41 2.67 50.76
N LYS O 29 -14.54 2.93 50.10
CA LYS O 29 -15.71 3.43 50.81
C LYS O 29 -16.34 2.37 51.70
N VAL O 30 -16.32 1.11 51.25
CA VAL O 30 -16.83 0.01 52.05
C VAL O 30 -15.98 -0.18 53.29
N CYS O 31 -14.66 -0.06 53.15
CA CYS O 31 -13.76 -0.16 54.29
C CYS O 31 -13.95 0.99 55.27
N MET O 32 -14.31 2.18 54.78
CA MET O 32 -14.53 3.32 55.66
C MET O 32 -15.85 3.20 56.41
N VAL O 33 -16.89 2.63 55.78
CA VAL O 33 -18.15 2.39 56.47
C VAL O 33 -17.98 1.27 57.50
N THR O 34 -17.21 0.25 57.15
CA THR O 34 -16.93 -0.87 58.04
C THR O 34 -16.13 -0.43 59.27
N ALA O 35 -15.29 0.58 59.12
CA ALA O 35 -14.46 1.10 60.21
C ALA O 35 -15.22 2.02 61.16
N ARG O 36 -16.53 2.23 60.95
CA ARG O 36 -17.34 2.89 61.96
C ARG O 36 -17.54 2.04 63.20
N HIS O 37 -17.44 0.72 63.08
CA HIS O 37 -17.61 -0.19 64.21
C HIS O 37 -16.30 -0.38 64.95
N PRO O 38 -16.31 -0.35 66.28
CA PRO O 38 -15.05 -0.50 67.03
C PRO O 38 -14.49 -1.92 67.03
N GLY O 39 -15.31 -2.93 66.76
CA GLY O 39 -14.84 -4.30 66.66
C GLY O 39 -14.13 -4.64 65.38
N PHE O 40 -14.12 -3.74 64.41
CA PHE O 40 -13.39 -3.93 63.17
C PHE O 40 -11.90 -3.74 63.43
N VAL O 41 -11.09 -4.74 63.10
CA VAL O 41 -9.65 -4.65 63.34
C VAL O 41 -8.84 -4.70 62.06
N GLY O 42 -9.44 -4.83 60.91
CA GLY O 42 -8.69 -4.77 59.67
C GLY O 42 -9.30 -5.62 58.58
N PHE O 43 -8.62 -5.62 57.43
CA PHE O 43 -9.14 -6.28 56.25
C PHE O 43 -7.97 -6.74 55.38
N GLN O 44 -8.30 -7.62 54.43
CA GLN O 44 -7.33 -8.07 53.43
C GLN O 44 -8.13 -8.51 52.21
N ASN O 45 -8.01 -7.78 51.12
CA ASN O 45 -8.80 -8.03 49.93
C ASN O 45 -7.98 -8.76 48.87
N HIS O 46 -8.58 -9.78 48.27
CA HIS O 46 -7.89 -10.64 47.33
C HIS O 46 -8.60 -10.67 45.98
N VAL O 47 -7.81 -10.89 44.94
CA VAL O 47 -8.30 -11.27 43.61
C VAL O 47 -7.68 -12.61 43.29
N GLN O 48 -8.51 -13.57 42.86
CA GLN O 48 -7.97 -14.85 42.42
C GLN O 48 -7.23 -14.68 41.10
N ILE O 49 -5.99 -15.13 41.06
CA ILE O 49 -5.18 -15.06 39.84
C ILE O 49 -4.96 -16.44 39.22
N GLY O 50 -5.33 -17.51 39.89
CA GLY O 50 -5.15 -18.82 39.32
C GLY O 50 -5.48 -19.93 40.31
N VAL O 51 -5.12 -21.14 39.90
CA VAL O 51 -5.39 -22.37 40.64
C VAL O 51 -4.10 -23.19 40.61
N VAL O 52 -3.77 -23.83 41.72
CA VAL O 52 -2.65 -24.77 41.74
C VAL O 52 -3.07 -26.02 40.96
N PRO O 53 -2.37 -26.36 39.88
CA PRO O 53 -2.82 -27.47 39.04
C PRO O 53 -2.54 -28.85 39.62
N LEU O 54 -1.52 -28.96 40.48
CA LEU O 54 -1.04 -30.21 41.09
C LEU O 54 -0.70 -31.25 40.02
N GLY O 55 0.28 -30.91 39.19
CA GLY O 55 0.57 -31.71 38.02
C GLY O 55 -0.50 -31.50 36.96
N THR O 56 -1.22 -32.55 36.59
CA THR O 56 -2.32 -32.46 35.64
C THR O 56 -3.67 -32.76 36.28
N ARG O 57 -3.79 -32.60 37.59
CA ARG O 57 -5.06 -32.86 38.27
C ARG O 57 -6.11 -31.85 37.84
N TRP O 58 -5.76 -30.58 37.86
CA TRP O 58 -6.51 -29.56 37.12
C TRP O 58 -5.54 -28.97 36.11
N GLY O 59 -5.38 -29.68 34.99
CA GLY O 59 -4.38 -29.30 34.00
C GLY O 59 -4.78 -28.16 33.11
N GLY O 60 -6.06 -27.83 33.07
CA GLY O 60 -6.52 -26.64 32.37
C GLY O 60 -6.33 -25.36 33.14
N ALA O 61 -5.88 -25.46 34.37
CA ALA O 61 -5.68 -24.32 35.24
C ALA O 61 -4.19 -24.04 35.40
N LYS O 62 -3.87 -22.77 35.62
CA LYS O 62 -2.51 -22.31 35.82
C LYS O 62 -2.48 -21.45 37.08
N MET O 63 -1.29 -21.25 37.63
CA MET O 63 -1.17 -20.42 38.81
C MET O 63 -1.35 -18.94 38.49
N GLU O 64 -0.96 -18.52 37.30
CA GLU O 64 -1.14 -17.14 36.84
C GLU O 64 -1.94 -17.18 35.54
N MET O 65 -3.27 -17.15 35.65
CA MET O 65 -4.15 -17.19 34.49
C MET O 65 -5.12 -16.03 34.46
N SER O 66 -4.84 -14.96 35.20
CA SER O 66 -5.81 -13.87 35.34
C SER O 66 -5.92 -12.99 34.10
N GLN O 67 -4.90 -12.99 33.25
CA GLN O 67 -4.95 -12.22 32.02
C GLN O 67 -5.89 -12.83 30.99
N GLU O 68 -6.28 -14.09 31.14
CA GLU O 68 -7.11 -14.77 30.16
C GLU O 68 -8.55 -14.98 30.61
N MET O 69 -8.87 -14.71 31.87
CA MET O 69 -10.19 -15.01 32.40
C MET O 69 -11.18 -13.89 32.11
N HIS O 70 -12.42 -14.27 31.82
CA HIS O 70 -13.48 -13.29 31.61
C HIS O 70 -14.06 -12.77 32.92
N SER O 71 -13.85 -13.49 34.02
CA SER O 71 -14.46 -13.13 35.29
C SER O 71 -13.43 -13.26 36.41
N LEU O 72 -13.58 -12.43 37.43
CA LEU O 72 -12.65 -12.38 38.54
C LEU O 72 -13.36 -12.81 39.82
N MET O 73 -12.73 -13.72 40.55
CA MET O 73 -13.16 -14.10 41.88
C MET O 73 -12.49 -13.20 42.90
N LEU O 74 -13.28 -12.58 43.78
CA LEU O 74 -12.76 -11.71 44.83
C LEU O 74 -13.05 -12.32 46.19
N MET O 75 -12.05 -12.34 47.06
CA MET O 75 -12.19 -12.78 48.44
C MET O 75 -11.80 -11.63 49.35
N GLN O 76 -12.78 -10.99 49.94
CA GLN O 76 -12.56 -9.80 50.76
C GLN O 76 -12.66 -10.19 52.22
N TYR O 77 -11.52 -10.30 52.89
CA TYR O 77 -11.51 -10.67 54.30
C TYR O 77 -11.75 -9.42 55.12
N THR O 78 -12.58 -9.53 56.14
CA THR O 78 -12.66 -8.53 57.19
C THR O 78 -12.44 -9.23 58.52
N PHE O 79 -11.74 -8.57 59.42
CA PHE O 79 -11.32 -9.16 60.67
C PHE O 79 -12.05 -8.46 61.83
N TRP O 80 -12.53 -9.25 62.78
CA TRP O 80 -13.44 -8.77 63.81
C TRP O 80 -13.05 -9.31 65.17
N LYS O 81 -13.22 -8.49 66.21
CA LYS O 81 -12.95 -8.92 67.58
C LYS O 81 -13.89 -10.04 68.01
N ASN O 82 -15.15 -9.97 67.59
CA ASN O 82 -16.10 -11.07 67.70
C ASN O 82 -16.93 -11.10 66.42
N TRP O 83 -17.44 -12.28 66.07
CA TRP O 83 -18.23 -12.38 64.85
C TRP O 83 -19.58 -11.69 64.96
N LYS O 84 -20.06 -11.46 66.19
CA LYS O 84 -21.28 -10.68 66.37
C LYS O 84 -21.06 -9.21 66.05
N ASP O 85 -19.82 -8.73 66.15
CA ASP O 85 -19.51 -7.35 65.75
C ASP O 85 -19.70 -7.15 64.25
N HIS O 86 -19.45 -8.19 63.46
CA HIS O 86 -19.67 -8.10 62.02
C HIS O 86 -21.16 -8.06 61.70
N GLU O 87 -21.97 -8.87 62.40
CA GLU O 87 -23.41 -8.85 62.16
C GLU O 87 -24.04 -7.57 62.68
N GLU O 88 -23.53 -7.02 63.79
CA GLU O 88 -24.01 -5.74 64.28
C GLU O 88 -23.60 -4.59 63.35
N MET O 89 -22.43 -4.69 62.72
CA MET O 89 -22.00 -3.67 61.78
C MET O 89 -22.90 -3.61 60.56
N HIS O 90 -23.27 -4.78 60.01
CA HIS O 90 -24.09 -4.81 58.82
C HIS O 90 -25.50 -4.31 59.07
N LYS O 91 -26.03 -4.53 60.27
CA LYS O 91 -27.37 -4.05 60.56
C LYS O 91 -27.39 -2.55 60.79
N GLN O 92 -26.38 -2.01 61.49
CA GLN O 92 -26.36 -0.59 61.81
C GLN O 92 -25.99 0.27 60.62
N ASN O 93 -25.24 -0.27 59.66
CA ASN O 93 -24.78 0.49 58.51
C ASN O 93 -25.39 -0.06 57.22
N TRP O 94 -26.63 -0.55 57.30
CA TRP O 94 -27.21 -1.31 56.19
C TRP O 94 -27.49 -0.45 54.98
N ALA O 95 -27.95 0.78 55.18
CA ALA O 95 -28.28 1.64 54.05
C ALA O 95 -27.04 2.06 53.27
N ASN O 96 -25.96 2.41 53.98
CA ASN O 96 -24.74 2.80 53.30
C ASN O 96 -24.07 1.62 52.61
N LEU O 97 -24.10 0.44 53.23
CA LEU O 97 -23.43 -0.72 52.68
C LEU O 97 -24.18 -1.32 51.50
N PHE O 98 -25.52 -1.31 51.56
CA PHE O 98 -26.32 -1.78 50.43
C PHE O 98 -26.12 -0.91 49.21
N ARG O 99 -26.04 0.41 49.40
CA ARG O 99 -25.88 1.33 48.30
C ARG O 99 -24.51 1.21 47.66
N LEU O 100 -23.48 0.95 48.46
CA LEU O 100 -22.14 0.77 47.92
C LEU O 100 -22.02 -0.56 47.17
N CYS O 101 -22.66 -1.61 47.68
CA CYS O 101 -22.60 -2.92 47.04
C CYS O 101 -23.35 -2.93 45.71
N LEU O 102 -24.38 -2.10 45.58
CA LEU O 102 -25.12 -1.99 44.33
C LEU O 102 -24.44 -1.11 43.31
N GLN O 103 -23.34 -0.44 43.67
CA GLN O 103 -22.54 0.22 42.65
C GLN O 103 -21.73 -0.79 41.84
N CYS O 104 -21.51 -1.99 42.38
CA CYS O 104 -20.80 -3.06 41.70
C CYS O 104 -21.76 -4.00 40.97
N ALA O 105 -23.02 -3.60 40.83
CA ALA O 105 -24.07 -4.51 40.39
C ALA O 105 -23.95 -4.86 38.92
N ASP O 106 -23.65 -3.88 38.07
CA ASP O 106 -23.52 -4.14 36.63
C ASP O 106 -22.25 -4.88 36.26
N GLN O 107 -21.38 -5.18 37.22
CA GLN O 107 -20.23 -6.05 37.01
C GLN O 107 -20.39 -7.42 37.65
N MET O 108 -21.32 -7.57 38.59
CA MET O 108 -21.38 -8.78 39.41
C MET O 108 -22.02 -9.93 38.66
N ILE O 109 -21.43 -11.11 38.78
CA ILE O 109 -21.88 -12.31 38.11
C ILE O 109 -22.46 -13.32 39.11
N TRP O 110 -21.77 -13.54 40.21
CA TRP O 110 -22.21 -14.43 41.26
C TRP O 110 -21.92 -13.76 42.60
N GLY O 111 -22.77 -14.02 43.58
CA GLY O 111 -22.56 -13.50 44.90
C GLY O 111 -23.42 -12.29 45.21
N PRO O 112 -23.16 -11.62 46.35
CA PRO O 112 -22.14 -11.92 47.36
C PRO O 112 -22.50 -13.06 48.29
N TYR O 113 -21.47 -13.73 48.78
CA TYR O 113 -21.61 -14.87 49.67
C TYR O 113 -20.56 -14.70 50.75
N GLU O 114 -20.99 -14.49 52.00
CA GLU O 114 -20.07 -14.16 53.09
C GLU O 114 -20.14 -15.20 54.20
N PRO O 115 -19.36 -16.28 54.12
CA PRO O 115 -19.22 -17.15 55.28
C PRO O 115 -18.36 -16.52 56.37
N LEU O 116 -18.65 -16.89 57.60
CA LEU O 116 -17.91 -16.41 58.76
C LEU O 116 -16.98 -17.50 59.26
N TYR O 117 -15.79 -17.10 59.70
CA TYR O 117 -14.76 -18.06 60.06
C TYR O 117 -14.17 -17.74 61.42
N GLU O 118 -13.78 -18.80 62.11
CA GLU O 118 -13.00 -18.73 63.34
C GLU O 118 -11.57 -19.15 63.03
N ILE O 119 -10.60 -18.42 63.57
CA ILE O 119 -9.19 -18.75 63.37
C ILE O 119 -8.83 -19.88 64.34
N VAL O 120 -8.53 -21.05 63.79
CA VAL O 120 -8.11 -22.18 64.60
C VAL O 120 -6.64 -22.05 64.97
N TYR O 121 -5.79 -21.74 63.99
CA TYR O 121 -4.37 -21.58 64.15
C TYR O 121 -3.95 -20.35 63.38
N ALA O 122 -2.94 -19.64 63.88
CA ALA O 122 -2.42 -18.50 63.15
C ALA O 122 -0.93 -18.37 63.38
N ASN O 123 -0.18 -18.29 62.29
CA ASN O 123 1.20 -17.83 62.28
C ASN O 123 1.24 -16.77 61.20
N MET O 124 0.88 -15.55 61.53
CA MET O 124 0.77 -14.47 60.55
C MET O 124 1.57 -13.28 61.05
N PRO O 125 2.72 -13.02 60.48
CA PRO O 125 3.59 -11.95 60.97
C PRO O 125 3.08 -10.57 60.57
N LEU O 126 3.74 -9.56 61.12
CA LEU O 126 3.47 -8.19 60.73
C LEU O 126 3.96 -7.94 59.31
N ASN O 127 3.15 -7.23 58.54
CA ASN O 127 3.55 -6.86 57.18
C ASN O 127 4.60 -5.75 57.25
N THR O 128 5.73 -5.98 56.60
CA THR O 128 6.78 -4.99 56.47
C THR O 128 7.17 -4.83 55.01
N GLU O 129 7.45 -3.61 54.61
CA GLU O 129 8.08 -3.35 53.33
C GLU O 129 9.56 -3.71 53.39
N MET O 130 10.21 -3.66 52.22
CA MET O 130 11.65 -3.87 52.19
C MET O 130 12.43 -2.69 52.77
N THR O 131 11.78 -1.54 52.94
CA THR O 131 12.41 -0.42 53.63
C THR O 131 12.27 -0.51 55.14
N ASP O 132 11.45 -1.41 55.65
CA ASP O 132 11.13 -1.46 57.07
C ASP O 132 11.84 -2.56 57.84
N PHE O 133 12.66 -3.40 57.18
CA PHE O 133 13.23 -4.53 57.90
C PHE O 133 14.33 -4.11 58.87
N THR O 134 14.98 -2.97 58.63
CA THR O 134 15.95 -2.45 59.58
C THR O 134 15.29 -2.06 60.91
N VAL O 135 14.06 -1.56 60.86
CA VAL O 135 13.33 -1.28 62.09
C VAL O 135 12.91 -2.59 62.75
N MET O 136 12.55 -3.59 61.96
CA MET O 136 12.01 -4.83 62.49
C MET O 136 13.08 -5.64 63.21
N VAL O 137 14.24 -5.82 62.56
CA VAL O 137 15.30 -6.59 63.21
C VAL O 137 15.98 -5.77 64.31
N GLY O 138 15.90 -4.45 64.25
CA GLY O 138 16.49 -3.65 65.32
C GLY O 138 15.67 -3.71 66.59
N LYS O 139 14.35 -3.75 66.46
CA LYS O 139 13.48 -3.83 67.63
C LYS O 139 13.52 -5.22 68.26
N LYS O 140 13.66 -6.26 67.44
CA LYS O 140 13.68 -7.62 67.95
C LYS O 140 15.03 -7.97 68.57
N PHE O 141 16.12 -7.38 68.07
CA PHE O 141 17.41 -7.58 68.71
C PHE O 141 17.51 -6.82 70.03
N ALA O 142 16.89 -5.65 70.12
CA ALA O 142 16.95 -4.87 71.36
C ALA O 142 16.09 -5.50 72.44
N ALA O 143 15.07 -6.26 72.05
CA ALA O 143 14.21 -6.94 73.00
C ALA O 143 14.67 -8.36 73.30
N GLY O 144 15.79 -8.78 72.76
CA GLY O 144 16.29 -10.13 72.97
C GLY O 144 15.47 -11.22 72.31
N GLU O 145 14.77 -10.90 71.22
CA GLU O 145 13.95 -11.88 70.53
C GLU O 145 14.43 -12.08 69.09
N ALA O 146 15.73 -12.29 68.93
CA ALA O 146 16.29 -12.54 67.60
C ALA O 146 15.83 -13.88 67.03
N VAL O 147 15.48 -14.84 67.89
CA VAL O 147 15.06 -16.14 67.42
C VAL O 147 13.65 -16.09 66.82
N SER O 148 12.87 -15.06 67.12
CA SER O 148 11.52 -14.90 66.61
C SER O 148 11.41 -13.73 65.63
N ILE O 149 12.44 -13.53 64.81
CA ILE O 149 12.38 -12.51 63.78
C ILE O 149 11.59 -13.06 62.60
N PRO O 150 10.53 -12.40 62.16
CA PRO O 150 9.67 -12.95 61.12
C PRO O 150 10.24 -12.71 59.73
N PRO O 151 9.75 -13.40 58.71
CA PRO O 151 10.15 -13.07 57.34
C PRO O 151 9.52 -11.76 56.88
N ILE O 152 10.12 -11.18 55.84
CA ILE O 152 9.64 -9.92 55.28
C ILE O 152 8.40 -10.22 54.43
N SER O 153 7.23 -9.88 54.94
CA SER O 153 5.97 -10.10 54.26
C SER O 153 5.52 -8.77 53.68
N GLN O 154 5.71 -8.59 52.39
CA GLN O 154 5.49 -7.29 51.77
C GLN O 154 4.00 -7.09 51.48
N PRO O 155 3.44 -5.94 51.87
CA PRO O 155 2.01 -5.71 51.62
C PRO O 155 1.74 -5.23 50.20
N TYR O 156 0.44 -5.18 49.88
CA TYR O 156 -0.12 -4.51 48.70
C TYR O 156 0.36 -5.13 47.38
N GLY O 157 0.03 -6.41 47.22
CA GLY O 157 0.20 -7.08 45.95
C GLY O 157 1.56 -7.70 45.70
N LYS O 158 2.47 -7.68 46.67
CA LYS O 158 3.82 -8.17 46.47
C LYS O 158 4.04 -9.57 47.01
N ARG O 159 2.96 -10.30 47.26
CA ARG O 159 3.04 -11.71 47.65
C ARG O 159 1.81 -12.40 47.12
N VAL O 160 1.76 -13.72 47.28
CA VAL O 160 0.62 -14.50 46.81
C VAL O 160 0.06 -15.30 47.98
N VAL O 161 -1.22 -15.65 47.85
CA VAL O 161 -1.95 -16.38 48.87
C VAL O 161 -2.45 -17.68 48.26
N ALA O 162 -2.21 -18.78 48.95
CA ALA O 162 -2.82 -20.06 48.62
C ALA O 162 -4.06 -20.25 49.46
N PHE O 163 -5.21 -20.37 48.81
CA PHE O 163 -6.52 -20.46 49.43
C PHE O 163 -6.95 -21.92 49.34
N GLY O 164 -6.72 -22.68 50.40
CA GLY O 164 -6.94 -24.11 50.39
C GLY O 164 -8.25 -24.56 50.99
N GLU O 165 -9.16 -25.02 50.14
CA GLU O 165 -10.50 -25.41 50.60
C GLU O 165 -10.50 -26.88 51.00
N HIS O 166 -10.96 -27.16 52.21
CA HIS O 166 -11.02 -28.51 52.75
C HIS O 166 -12.38 -28.72 53.39
N ILE O 167 -13.07 -29.80 53.03
CA ILE O 167 -14.30 -30.21 53.69
C ILE O 167 -14.02 -31.52 54.40
N VAL O 168 -14.23 -31.54 55.71
CA VAL O 168 -13.77 -32.62 56.58
C VAL O 168 -14.99 -33.43 57.04
N LYS O 169 -14.86 -34.75 56.98
CA LYS O 169 -15.90 -35.68 57.43
C LYS O 169 -16.29 -35.44 58.88
N GLU O 170 -17.56 -35.73 59.19
CA GLU O 170 -18.09 -35.61 60.54
C GLU O 170 -17.35 -36.56 61.49
N GLY O 171 -16.82 -36.01 62.57
CA GLY O 171 -16.09 -36.76 63.55
C GLY O 171 -14.58 -36.73 63.39
N LEU O 172 -14.09 -36.33 62.22
CA LEU O 172 -12.66 -36.24 61.96
C LEU O 172 -12.13 -34.82 62.00
N GLU O 173 -12.86 -33.89 62.62
CA GLU O 173 -12.40 -32.51 62.69
C GLU O 173 -11.23 -32.34 63.64
N ASN O 174 -11.16 -33.15 64.70
CA ASN O 174 -10.02 -33.08 65.60
C ASN O 174 -8.75 -33.63 64.95
N GLN O 175 -8.89 -34.63 64.08
CA GLN O 175 -7.72 -35.15 63.38
C GLN O 175 -7.25 -34.19 62.29
N PHE O 176 -8.18 -33.49 61.64
CA PHE O 176 -7.77 -32.49 60.65
C PHE O 176 -6.97 -31.38 61.29
N GLU O 177 -7.50 -30.79 62.36
CA GLU O 177 -6.88 -29.61 62.95
C GLU O 177 -5.54 -29.91 63.57
N GLU O 178 -5.34 -31.14 64.07
CA GLU O 178 -4.05 -31.50 64.64
C GLU O 178 -2.96 -31.58 63.57
N TYR O 179 -3.26 -32.24 62.46
CA TYR O 179 -2.24 -32.48 61.44
C TYR O 179 -2.17 -31.39 60.38
N ALA O 180 -3.22 -30.58 60.21
CA ALA O 180 -3.07 -29.41 59.37
C ALA O 180 -2.22 -28.34 60.04
N ILE O 181 -2.24 -28.30 61.38
CA ILE O 181 -1.34 -27.43 62.12
C ILE O 181 0.10 -27.90 61.93
N LYS O 182 0.33 -29.21 62.04
CA LYS O 182 1.67 -29.77 61.84
C LYS O 182 2.17 -29.59 60.42
N THR O 183 1.25 -29.54 59.44
CA THR O 183 1.64 -29.24 58.07
C THR O 183 2.08 -27.80 57.92
N LEU O 184 1.40 -26.88 58.61
CA LEU O 184 1.76 -25.46 58.52
C LEU O 184 3.02 -25.14 59.31
N GLU O 185 3.32 -25.89 60.36
CA GLU O 185 4.61 -25.74 61.02
C GLU O 185 5.74 -26.28 60.17
N ALA O 186 5.46 -27.30 59.35
CA ALA O 186 6.45 -27.82 58.43
C ALA O 186 6.71 -26.86 57.28
N PHE O 187 5.76 -25.99 56.93
CA PHE O 187 5.97 -25.01 55.89
C PHE O 187 6.95 -23.91 56.31
N ARG O 188 7.21 -23.76 57.61
CA ARG O 188 8.19 -22.78 58.09
C ARG O 188 9.59 -23.03 57.54
N SER O 189 9.90 -24.27 57.19
CA SER O 189 11.18 -24.58 56.57
C SER O 189 11.22 -24.24 55.08
N ALA O 190 10.07 -24.06 54.44
CA ALA O 190 10.05 -23.86 53.00
C ALA O 190 10.52 -22.45 52.66
N PRO O 191 11.30 -22.29 51.59
CA PRO O 191 11.72 -20.94 51.18
C PRO O 191 10.55 -20.13 50.64
N GLY O 192 10.50 -18.88 51.06
CA GLY O 192 9.44 -17.99 50.65
C GLY O 192 8.14 -18.13 51.40
N PHE O 193 8.07 -18.99 52.41
CA PHE O 193 6.88 -19.09 53.23
C PHE O 193 6.77 -17.86 54.11
N LEU O 194 5.65 -17.16 54.01
CA LEU O 194 5.45 -15.91 54.72
C LEU O 194 4.47 -16.03 55.86
N GLY O 195 3.89 -17.21 56.09
CA GLY O 195 2.98 -17.41 57.19
C GLY O 195 1.69 -18.03 56.75
N GLY O 196 0.91 -18.45 57.75
CA GLY O 196 -0.27 -19.23 57.48
C GLY O 196 -1.28 -19.20 58.60
N MET O 197 -2.53 -19.48 58.25
CA MET O 197 -3.58 -19.62 59.25
C MET O 197 -4.61 -20.64 58.77
N ILE O 198 -5.33 -21.22 59.72
CA ILE O 198 -6.36 -22.20 59.45
C ILE O 198 -7.68 -21.61 59.90
N LEU O 199 -8.63 -21.52 58.96
CA LEU O 199 -9.93 -20.92 59.22
C LEU O 199 -11.01 -22.00 59.24
N LYS O 200 -11.91 -21.90 60.20
CA LYS O 200 -13.00 -22.87 60.38
C LYS O 200 -14.32 -22.14 60.24
N GLU O 201 -15.14 -22.57 59.28
CA GLU O 201 -16.42 -21.91 59.02
C GLU O 201 -17.40 -22.15 60.15
N ILE O 202 -17.98 -21.06 60.66
CA ILE O 202 -18.91 -21.12 61.77
C ILE O 202 -20.28 -20.56 61.42
N GLY O 203 -20.48 -20.09 60.20
CA GLY O 203 -21.74 -19.51 59.82
C GLY O 203 -21.61 -18.71 58.55
N VAL O 204 -22.75 -18.18 58.09
CA VAL O 204 -22.83 -17.34 56.90
C VAL O 204 -23.64 -16.11 57.26
N SER O 205 -23.07 -14.94 57.02
CA SER O 205 -23.76 -13.67 57.26
C SER O 205 -24.93 -13.49 56.31
N PRO O 206 -26.16 -13.31 56.80
CA PRO O 206 -27.28 -13.08 55.87
C PRO O 206 -27.26 -11.73 55.18
N LEU O 207 -26.95 -10.66 55.92
CA LEU O 207 -26.93 -9.33 55.31
C LEU O 207 -25.76 -9.16 54.37
N GLY O 208 -24.61 -9.75 54.70
CA GLY O 208 -23.47 -9.75 53.81
C GLY O 208 -23.67 -10.58 52.56
N SER O 209 -24.60 -11.53 52.59
CA SER O 209 -24.92 -12.34 51.43
C SER O 209 -26.14 -11.84 50.67
N LEU O 210 -26.69 -10.69 51.08
CA LEU O 210 -27.93 -10.11 50.54
C LEU O 210 -29.10 -11.08 50.59
N GLN O 211 -29.19 -11.83 51.68
CA GLN O 211 -30.23 -12.83 51.86
C GLN O 211 -31.24 -12.28 52.85
N LEU O 212 -32.34 -11.75 52.33
CA LEU O 212 -33.43 -11.21 53.11
C LEU O 212 -34.64 -12.13 53.00
N ASN O 213 -35.74 -11.73 53.61
CA ASN O 213 -37.00 -12.44 53.44
C ASN O 213 -37.61 -12.07 52.08
N ALA O 214 -38.85 -12.49 51.84
CA ALA O 214 -39.45 -12.33 50.52
C ALA O 214 -39.70 -10.87 50.17
N LYS O 215 -40.08 -10.06 51.16
CA LYS O 215 -40.27 -8.64 50.91
C LYS O 215 -38.94 -7.94 50.67
N GLY O 216 -37.91 -8.31 51.43
CA GLY O 216 -36.60 -7.71 51.25
C GLY O 216 -35.93 -8.11 49.95
N PHE O 217 -36.15 -9.35 49.51
CA PHE O 217 -35.56 -9.80 48.24
C PHE O 217 -36.16 -9.06 47.06
N HIS O 218 -37.46 -8.77 47.11
CA HIS O 218 -38.08 -8.04 46.02
C HIS O 218 -37.64 -6.58 46.00
N GLN O 219 -37.39 -5.99 47.17
CA GLN O 219 -36.91 -4.62 47.21
C GLN O 219 -35.47 -4.51 46.71
N ILE O 220 -34.69 -5.59 46.82
CA ILE O 220 -33.36 -5.60 46.22
C ILE O 220 -33.46 -5.57 44.70
N LEU O 221 -34.37 -6.36 44.12
CA LEU O 221 -34.54 -6.38 42.68
C LEU O 221 -35.17 -5.11 42.15
N GLU O 222 -36.00 -4.44 42.95
CA GLU O 222 -36.81 -3.33 42.46
C GLU O 222 -36.12 -1.98 42.58
N THR O 223 -35.06 -1.86 43.38
CA THR O 223 -34.55 -0.54 43.72
C THR O 223 -33.74 0.06 42.58
N ALA O 224 -33.78 1.38 42.51
CA ALA O 224 -33.00 2.15 41.54
C ALA O 224 -31.73 2.61 42.24
N ASN O 225 -30.64 1.88 41.99
CA ASN O 225 -29.28 2.16 42.47
C ASN O 225 -29.18 2.16 43.99
N GLY O 226 -30.11 1.52 44.69
CA GLY O 226 -30.06 1.46 46.13
C GLY O 226 -30.72 2.60 46.87
N MET O 227 -31.32 3.57 46.16
CA MET O 227 -32.01 4.67 46.82
C MET O 227 -33.20 4.18 47.64
N ASP O 228 -33.82 3.09 47.20
CA ASP O 228 -34.93 2.45 47.90
C ASP O 228 -34.34 1.31 48.71
N VAL O 229 -34.08 1.56 49.99
CA VAL O 229 -33.34 0.60 50.81
C VAL O 229 -34.31 -0.45 51.34
N PRO O 230 -34.01 -1.74 51.17
CA PRO O 230 -34.87 -2.78 51.74
C PRO O 230 -34.78 -2.80 53.25
N GLU O 231 -35.86 -3.23 53.87
CA GLU O 231 -35.87 -3.43 55.31
C GLU O 231 -35.01 -4.66 55.61
N PRO O 232 -33.97 -4.55 56.43
CA PRO O 232 -33.01 -5.65 56.60
C PRO O 232 -33.50 -6.74 57.54
N VAL O 233 -34.62 -7.36 57.19
CA VAL O 233 -35.18 -8.48 57.94
C VAL O 233 -34.79 -9.76 57.22
N THR O 234 -34.09 -10.63 57.94
CA THR O 234 -33.68 -11.93 57.43
C THR O 234 -34.48 -13.02 58.12
N ILE O 235 -34.49 -14.21 57.51
CA ILE O 235 -35.20 -15.34 58.10
C ILE O 235 -34.27 -16.19 58.96
N TYR O 236 -32.98 -15.89 59.00
CA TYR O 236 -32.04 -16.67 59.77
C TYR O 236 -30.94 -15.77 60.30
N GLU O 237 -30.30 -16.22 61.35
CA GLU O 237 -29.05 -15.62 61.82
C GLU O 237 -27.89 -16.49 61.39
N ALA O 238 -26.69 -15.95 61.54
CA ALA O 238 -25.50 -16.56 60.93
C ALA O 238 -25.17 -17.99 61.35
N PRO O 239 -25.28 -18.42 62.63
CA PRO O 239 -25.05 -19.85 62.91
C PRO O 239 -26.14 -20.80 62.40
N GLU O 240 -27.29 -20.30 61.95
CA GLU O 240 -28.31 -21.17 61.39
C GLU O 240 -27.98 -21.62 59.98
N PHE O 241 -27.07 -20.94 59.29
CA PHE O 241 -26.52 -21.41 58.03
C PHE O 241 -25.06 -21.71 58.33
N ARG O 242 -24.83 -22.88 58.90
CA ARG O 242 -23.49 -23.40 59.13
C ARG O 242 -23.39 -24.71 58.36
N ASN O 243 -22.49 -24.74 57.39
CA ASN O 243 -22.43 -25.87 56.47
C ASN O 243 -21.88 -27.11 57.16
N ARG O 244 -22.60 -28.20 57.01
CA ARG O 244 -22.15 -29.50 57.45
C ARG O 244 -22.02 -30.40 56.22
N PRO O 245 -20.93 -31.16 56.08
CA PRO O 245 -19.73 -31.31 56.91
C PRO O 245 -18.84 -30.07 56.94
N GLN O 246 -17.89 -30.04 57.90
CA GLN O 246 -17.23 -28.81 58.29
C GLN O 246 -16.26 -28.31 57.21
N ARG O 247 -16.41 -27.04 56.85
CA ARG O 247 -15.53 -26.41 55.87
C ARG O 247 -14.33 -25.78 56.57
N TYR O 248 -13.16 -25.98 55.99
CA TYR O 248 -11.94 -25.36 56.48
C TYR O 248 -11.26 -24.62 55.34
N ILE O 249 -10.68 -23.47 55.66
CA ILE O 249 -9.77 -22.79 54.75
C ILE O 249 -8.37 -22.90 55.33
N VAL O 250 -7.45 -23.43 54.53
CA VAL O 250 -6.03 -23.39 54.85
C VAL O 250 -5.41 -22.27 54.04
N HIS O 251 -5.10 -21.17 54.71
CA HIS O 251 -4.62 -19.95 54.10
C HIS O 251 -3.13 -19.85 54.34
N THR O 252 -2.33 -19.90 53.28
CA THR O 252 -0.88 -19.76 53.39
C THR O 252 -0.40 -18.67 52.44
N GLU O 253 0.65 -17.97 52.85
CA GLU O 253 1.17 -16.84 52.11
C GLU O 253 2.60 -17.12 51.68
N TRP O 254 2.92 -16.72 50.45
CA TRP O 254 4.17 -17.08 49.80
C TRP O 254 4.70 -15.87 49.06
N SER O 255 6.02 -15.80 48.93
CA SER O 255 6.64 -14.62 48.33
C SER O 255 6.36 -14.52 46.83
N ASP O 256 6.24 -15.66 46.14
CA ASP O 256 5.92 -15.69 44.73
C ASP O 256 5.26 -17.03 44.43
N THR O 257 4.82 -17.21 43.18
CA THR O 257 4.10 -18.43 42.83
C THR O 257 5.02 -19.63 42.71
N ASN O 258 6.31 -19.42 42.42
CA ASN O 258 7.26 -20.52 42.42
C ASN O 258 7.49 -21.03 43.83
N ALA O 259 7.64 -20.13 44.80
CA ALA O 259 7.77 -20.53 46.20
C ALA O 259 6.49 -21.21 46.68
N LEU O 260 5.33 -20.76 46.19
CA LEU O 260 4.07 -21.40 46.52
C LEU O 260 4.00 -22.82 45.97
N MET O 261 4.38 -23.00 44.70
CA MET O 261 4.23 -24.28 44.03
C MET O 261 5.14 -25.35 44.63
N PHE O 262 6.40 -25.01 44.90
CA PHE O 262 7.29 -25.98 45.50
C PHE O 262 7.17 -26.04 47.02
N GLY O 263 6.66 -24.99 47.65
CA GLY O 263 6.45 -25.01 49.08
C GLY O 263 5.24 -25.83 49.48
N LEU O 264 4.09 -25.55 48.85
CA LEU O 264 2.91 -26.38 49.06
C LEU O 264 3.11 -27.79 48.53
N GLY O 265 3.93 -27.93 47.48
CA GLY O 265 4.26 -29.22 46.91
C GLY O 265 5.01 -30.16 47.82
N ARG O 266 5.55 -29.66 48.94
CA ARG O 266 6.23 -30.50 49.93
C ARG O 266 5.31 -31.54 50.55
N VAL O 267 3.99 -31.33 50.54
CA VAL O 267 3.06 -32.38 50.95
C VAL O 267 2.96 -33.51 49.94
N LEU O 268 3.55 -33.34 48.76
CA LEU O 268 3.62 -34.39 47.75
C LEU O 268 5.02 -34.92 47.49
N ILE O 269 6.06 -34.08 47.63
CA ILE O 269 7.40 -34.46 47.19
C ILE O 269 8.39 -34.59 48.34
N TYR O 270 8.09 -34.05 49.52
CA TYR O 270 8.97 -34.18 50.67
C TYR O 270 8.42 -35.30 51.55
N PRO O 271 9.12 -36.42 51.69
CA PRO O 271 8.52 -37.60 52.32
C PRO O 271 8.19 -37.43 53.81
N GLU O 272 8.91 -36.59 54.54
CA GLU O 272 8.58 -36.37 55.95
C GLU O 272 7.31 -35.54 56.11
N VAL O 273 7.10 -34.54 55.26
CA VAL O 273 5.89 -33.74 55.31
C VAL O 273 4.72 -34.51 54.69
N ARG O 274 5.02 -35.40 53.75
CA ARG O 274 4.00 -36.19 53.06
C ARG O 274 3.27 -37.12 54.00
N GLN O 275 3.97 -37.72 54.99
CA GLN O 275 3.28 -38.55 55.97
C GLN O 275 2.40 -37.74 56.90
N ILE O 276 2.79 -36.50 57.20
CA ILE O 276 1.98 -35.63 58.04
C ILE O 276 0.67 -35.26 57.33
N HIS O 277 0.78 -34.83 56.07
CA HIS O 277 -0.38 -34.40 55.31
C HIS O 277 -1.24 -35.56 54.84
N ASP O 278 -0.74 -36.80 54.90
CA ASP O 278 -1.57 -37.96 54.62
C ASP O 278 -2.67 -38.12 55.67
N LYS O 279 -2.40 -37.70 56.91
CA LYS O 279 -3.43 -37.74 57.94
C LYS O 279 -4.48 -36.66 57.72
N VAL O 280 -4.11 -35.55 57.08
CA VAL O 280 -5.09 -34.56 56.68
C VAL O 280 -5.97 -35.10 55.57
N LEU O 281 -5.37 -35.77 54.59
CA LEU O 281 -6.11 -36.29 53.43
C LEU O 281 -7.09 -37.38 53.82
N ASP O 282 -6.80 -38.13 54.88
CA ASP O 282 -7.69 -39.18 55.35
C ASP O 282 -8.89 -38.67 56.13
N THR O 283 -9.07 -37.36 56.25
CA THR O 283 -10.25 -36.78 56.90
C THR O 283 -11.15 -36.05 55.92
N LEU O 284 -10.79 -35.95 54.66
CA LEU O 284 -11.44 -35.05 53.72
C LEU O 284 -12.53 -35.77 52.92
N VAL O 285 -13.73 -35.20 52.91
CA VAL O 285 -14.72 -35.61 51.92
C VAL O 285 -14.61 -34.80 50.64
N TYR O 286 -14.00 -33.62 50.69
CA TYR O 286 -13.77 -32.81 49.51
C TYR O 286 -12.44 -32.09 49.67
N GLY O 287 -11.68 -32.02 48.59
CA GLY O 287 -10.46 -31.28 48.57
C GLY O 287 -9.24 -32.16 48.58
N PRO O 288 -8.05 -31.56 48.57
CA PRO O 288 -7.80 -30.11 48.61
C PRO O 288 -7.84 -29.43 47.24
N TYR O 289 -8.52 -28.29 47.19
CA TYR O 289 -8.56 -27.43 46.01
C TYR O 289 -7.99 -26.09 46.40
N ILE O 290 -6.92 -25.67 45.73
CA ILE O 290 -6.12 -24.54 46.16
C ILE O 290 -6.21 -23.44 45.10
N ARG O 291 -6.84 -22.33 45.46
CA ARG O 291 -6.86 -21.15 44.62
C ARG O 291 -5.66 -20.27 44.94
N VAL O 292 -5.18 -19.56 43.94
CA VAL O 292 -4.06 -18.63 44.09
C VAL O 292 -4.63 -17.22 44.08
N LEU O 293 -4.36 -16.48 45.14
CA LEU O 293 -4.95 -15.16 45.32
C LEU O 293 -3.86 -14.10 45.39
N ASN O 294 -4.21 -12.91 44.91
CA ASN O 294 -3.32 -11.76 45.01
C ASN O 294 -3.90 -10.77 46.00
N PRO O 295 -3.24 -10.51 47.12
CA PRO O 295 -3.76 -9.53 48.09
C PRO O 295 -3.49 -8.09 47.70
N MET O 296 -4.38 -7.50 46.89
CA MET O 296 -4.18 -6.14 46.40
C MET O 296 -4.31 -5.10 47.52
N MET O 297 -5.50 -5.00 48.11
CA MET O 297 -5.81 -3.95 49.06
C MET O 297 -5.85 -4.54 50.46
N GLU O 298 -5.12 -3.93 51.38
CA GLU O 298 -4.92 -4.51 52.69
C GLU O 298 -5.07 -3.49 53.80
N GLY O 299 -5.53 -3.97 54.94
CA GLY O 299 -5.64 -3.27 56.20
C GLY O 299 -4.69 -3.85 57.22
N THR O 300 -3.40 -3.94 56.88
CA THR O 300 -2.36 -4.76 57.54
C THR O 300 -2.25 -4.66 59.07
N TYR O 301 -2.90 -3.69 59.68
CA TYR O 301 -2.98 -3.56 61.14
C TYR O 301 -3.85 -4.63 61.79
N TRP O 302 -4.51 -5.52 61.03
CA TRP O 302 -5.17 -6.66 61.65
C TRP O 302 -4.17 -7.65 62.22
N ARG O 303 -2.97 -7.71 61.66
CA ARG O 303 -1.92 -8.53 62.22
C ARG O 303 -1.30 -7.91 63.47
N GLU O 304 -1.41 -6.59 63.63
CA GLU O 304 -1.01 -5.97 64.88
C GLU O 304 -1.94 -6.37 66.02
N TYR O 305 -3.24 -6.51 65.72
CA TYR O 305 -4.18 -7.02 66.72
C TYR O 305 -3.92 -8.49 67.01
N LEU O 306 -3.56 -9.26 65.98
CA LEU O 306 -3.36 -10.70 66.16
C LEU O 306 -2.09 -10.99 66.95
N ASN O 307 -1.00 -10.28 66.65
CA ASN O 307 0.28 -10.53 67.28
C ASN O 307 0.52 -9.68 68.52
N GLU O 308 -0.42 -8.78 68.83
CA GLU O 308 -0.40 -7.93 70.04
C GLU O 308 0.84 -7.05 70.11
N TYR O 309 1.30 -6.59 68.95
CA TYR O 309 2.53 -5.84 68.81
C TYR O 309 2.49 -5.16 67.45
N HIS O 310 3.01 -3.93 67.38
CA HIS O 310 3.08 -3.21 66.12
C HIS O 310 4.53 -2.86 65.81
N LEU O 311 4.73 -2.36 64.58
CA LEU O 311 6.04 -2.02 63.98
C LEU O 311 7.04 -3.18 64.02
N PRO P 2 -29.13 47.86 44.24
CA PRO P 2 -28.06 47.91 45.24
C PRO P 2 -26.89 47.03 44.86
N LYS P 3 -25.84 47.02 45.67
CA LYS P 3 -24.70 46.18 45.40
C LYS P 3 -24.91 44.81 46.04
N PRO P 4 -24.95 43.73 45.27
CA PRO P 4 -25.09 42.41 45.87
C PRO P 4 -23.78 41.91 46.46
N TYR P 5 -23.87 40.77 47.14
CA TYR P 5 -22.71 40.06 47.62
C TYR P 5 -22.43 38.89 46.70
N VAL P 6 -21.17 38.52 46.56
CA VAL P 6 -20.75 37.50 45.61
C VAL P 6 -20.16 36.33 46.36
N ALA P 7 -20.66 35.14 46.06
CA ALA P 7 -19.99 33.89 46.40
C ALA P 7 -19.33 33.35 45.13
N ILE P 8 -18.04 33.05 45.22
CA ILE P 8 -17.30 32.54 44.07
C ILE P 8 -16.89 31.10 44.37
N ASN P 9 -17.56 30.15 43.73
CA ASN P 9 -17.25 28.74 43.89
C ASN P 9 -16.13 28.37 42.93
N MET P 10 -15.00 27.91 43.47
CA MET P 10 -13.81 27.59 42.71
C MET P 10 -13.57 26.08 42.75
N VAL P 11 -13.53 25.44 41.59
CA VAL P 11 -13.23 24.02 41.46
C VAL P 11 -12.24 23.82 40.33
N GLU P 12 -11.40 22.81 40.47
CA GLU P 12 -10.57 22.30 39.38
C GLU P 12 -11.14 20.97 38.94
N VAL P 13 -11.48 20.86 37.65
CA VAL P 13 -12.06 19.64 37.10
C VAL P 13 -11.19 19.19 35.93
N ARG P 14 -11.36 17.94 35.53
CA ARG P 14 -10.65 17.41 34.37
C ARG P 14 -11.12 18.08 33.08
N ASN P 15 -10.22 18.21 32.13
CA ASN P 15 -10.55 18.76 30.81
C ASN P 15 -10.73 17.58 29.85
N ASP P 16 -11.95 17.06 29.82
CA ASP P 16 -12.31 15.92 29.00
C ASP P 16 -13.75 16.09 28.57
N PRO P 17 -14.20 15.38 27.52
CA PRO P 17 -15.60 15.53 27.09
C PRO P 17 -16.64 15.11 28.12
N LYS P 18 -16.28 14.28 29.10
CA LYS P 18 -17.22 13.95 30.16
C LYS P 18 -17.55 15.16 31.02
N THR P 19 -16.56 16.03 31.26
CA THR P 19 -16.75 17.21 32.11
C THR P 19 -17.69 18.23 31.46
N LEU P 20 -17.56 18.44 30.15
CA LEU P 20 -18.44 19.39 29.48
C LEU P 20 -19.88 18.89 29.36
N GLU P 21 -20.13 17.59 29.57
CA GLU P 21 -21.50 17.14 29.77
C GLU P 21 -22.04 17.60 31.12
N LEU P 22 -21.17 17.72 32.13
CA LEU P 22 -21.59 18.16 33.45
C LEU P 22 -21.90 19.65 33.49
N PHE P 23 -21.46 20.42 32.50
CA PHE P 23 -21.84 21.83 32.39
C PHE P 23 -23.32 21.97 32.08
N GLY P 24 -23.87 21.07 31.27
CA GLY P 24 -25.23 21.19 30.81
C GLY P 24 -26.22 20.29 31.51
N LYS P 25 -25.73 19.33 32.29
CA LYS P 25 -26.61 18.39 32.98
C LYS P 25 -26.63 18.55 34.49
N VAL P 26 -25.72 19.32 35.08
CA VAL P 26 -25.66 19.53 36.52
C VAL P 26 -25.71 21.01 36.87
N GLY P 27 -24.89 21.81 36.20
CA GLY P 27 -24.92 23.27 36.25
C GLY P 27 -26.26 23.97 36.26
N PRO P 28 -27.17 23.66 35.31
CA PRO P 28 -28.51 24.23 35.39
C PRO P 28 -29.31 23.77 36.60
N LYS P 29 -29.10 22.55 37.08
CA LYS P 29 -29.85 22.07 38.24
C LYS P 29 -29.41 22.77 39.52
N VAL P 30 -28.11 23.08 39.63
CA VAL P 30 -27.60 23.82 40.78
C VAL P 30 -28.17 25.22 40.82
N CYS P 31 -28.27 25.86 39.65
CA CYS P 31 -28.87 27.19 39.55
C CYS P 31 -30.35 27.18 39.88
N MET P 32 -31.05 26.08 39.57
CA MET P 32 -32.47 25.99 39.88
C MET P 32 -32.71 25.74 41.36
N VAL P 33 -31.83 24.98 42.03
CA VAL P 33 -31.94 24.79 43.47
C VAL P 33 -31.58 26.09 44.20
N THR P 34 -30.57 26.79 43.70
CA THR P 34 -30.15 28.07 44.27
C THR P 34 -31.23 29.13 44.14
N ALA P 35 -32.04 29.08 43.10
CA ALA P 35 -33.12 30.03 42.86
C ALA P 35 -34.36 29.77 43.69
N ARG P 36 -34.35 28.75 44.57
CA ARG P 36 -35.41 28.61 45.56
C ARG P 36 -35.37 29.71 46.62
N HIS P 37 -34.21 30.30 46.86
CA HIS P 37 -34.06 31.35 47.85
C HIS P 37 -34.38 32.71 47.24
N PRO P 38 -35.14 33.57 47.95
CA PRO P 38 -35.50 34.87 47.37
C PRO P 38 -34.34 35.87 47.34
N GLY P 39 -33.30 35.67 48.15
CA GLY P 39 -32.13 36.53 48.12
C GLY P 39 -31.18 36.29 46.97
N PHE P 40 -31.41 35.24 46.20
CA PHE P 40 -30.61 34.96 45.01
C PHE P 40 -31.00 35.92 43.90
N VAL P 41 -30.03 36.66 43.38
CA VAL P 41 -30.31 37.64 42.33
C VAL P 41 -29.62 37.32 41.02
N GLY P 42 -28.84 36.26 40.93
CA GLY P 42 -28.25 35.89 39.66
C GLY P 42 -26.92 35.21 39.82
N PHE P 43 -26.32 34.86 38.68
CA PHE P 43 -25.09 34.10 38.66
C PHE P 43 -24.29 34.44 37.41
N GLN P 44 -23.03 34.04 37.43
CA GLN P 44 -22.15 34.17 36.26
C GLN P 44 -21.07 33.11 36.39
N ASN P 45 -21.09 32.13 35.50
CA ASN P 45 -20.19 30.98 35.59
C ASN P 45 -19.04 31.14 34.59
N HIS P 46 -17.83 30.87 35.05
CA HIS P 46 -16.64 31.07 34.25
C HIS P 46 -15.83 29.79 34.12
N VAL P 47 -15.12 29.68 33.01
CA VAL P 47 -14.05 28.71 32.81
C VAL P 47 -12.78 29.50 32.54
N GLN P 48 -11.70 29.17 33.25
CA GLN P 48 -10.43 29.81 32.96
C GLN P 48 -9.88 29.30 31.63
N ILE P 49 -9.56 30.23 30.74
CA ILE P 49 -8.99 29.89 29.44
C ILE P 49 -7.51 30.25 29.34
N GLY P 50 -6.97 30.98 30.30
CA GLY P 50 -5.57 31.33 30.24
C GLY P 50 -5.17 32.29 31.34
N VAL P 51 -3.95 32.82 31.20
CA VAL P 51 -3.32 33.71 32.15
C VAL P 51 -2.70 34.85 31.34
N VAL P 52 -2.79 36.07 31.85
CA VAL P 52 -2.08 37.19 31.24
C VAL P 52 -0.58 37.01 31.53
N PRO P 53 0.26 36.89 30.50
CA PRO P 53 1.67 36.59 30.74
C PRO P 53 2.48 37.78 31.22
N LEU P 54 2.04 39.01 30.89
CA LEU P 54 2.73 40.27 31.19
C LEU P 54 4.16 40.26 30.66
N GLY P 55 4.28 40.15 29.34
CA GLY P 55 5.57 39.93 28.73
C GLY P 55 6.04 38.51 28.97
N THR P 56 7.16 38.33 29.66
CA THR P 56 7.67 37.01 30.01
C THR P 56 7.64 36.76 31.51
N ARG P 57 6.79 37.48 32.25
CA ARG P 57 6.72 37.27 33.70
C ARG P 57 6.17 35.90 34.02
N TRP P 58 5.07 35.52 33.38
CA TRP P 58 4.67 34.12 33.29
C TRP P 58 4.68 33.76 31.81
N GLY P 59 5.87 33.46 31.30
CA GLY P 59 6.04 33.25 29.88
C GLY P 59 5.60 31.89 29.40
N GLY P 60 5.43 30.94 30.31
CA GLY P 60 4.84 29.65 29.96
C GLY P 60 3.35 29.66 29.84
N ALA P 61 2.72 30.79 30.15
CA ALA P 61 1.28 30.94 30.12
C ALA P 61 0.87 31.80 28.93
N LYS P 62 -0.32 31.54 28.42
CA LYS P 62 -0.89 32.27 27.30
C LYS P 62 -2.30 32.69 27.69
N MET P 63 -2.83 33.68 26.96
CA MET P 63 -4.18 34.12 27.25
C MET P 63 -5.24 33.12 26.79
N GLU P 64 -4.95 32.37 25.74
CA GLU P 64 -5.84 31.32 25.24
C GLU P 64 -5.05 30.02 25.20
N MET P 65 -5.06 29.28 26.32
CA MET P 65 -4.34 28.03 26.43
C MET P 65 -5.24 26.88 26.85
N SER P 66 -6.56 27.02 26.70
CA SER P 66 -7.48 26.03 27.24
C SER P 66 -7.53 24.75 26.41
N GLN P 67 -7.12 24.80 25.15
CA GLN P 67 -7.09 23.61 24.32
C GLN P 67 -5.96 22.65 24.71
N GLU P 68 -4.97 23.11 25.47
CA GLU P 68 -3.82 22.30 25.81
C GLU P 68 -3.80 21.83 27.27
N MET P 69 -4.71 22.33 28.11
CA MET P 69 -4.67 22.03 29.53
C MET P 69 -5.39 20.73 29.84
N HIS P 70 -4.85 19.97 30.79
CA HIS P 70 -5.49 18.75 31.25
C HIS P 70 -6.60 19.01 32.24
N SER P 71 -6.62 20.18 32.86
CA SER P 71 -7.58 20.48 33.91
C SER P 71 -8.14 21.88 33.72
N LEU P 72 -9.39 22.07 34.13
CA LEU P 72 -10.10 23.33 33.96
C LEU P 72 -10.40 23.94 35.31
N MET P 73 -10.07 25.22 35.46
CA MET P 73 -10.46 26.00 36.62
C MET P 73 -11.81 26.64 36.35
N LEU P 74 -12.77 26.45 37.26
CA LEU P 74 -14.10 27.04 37.14
C LEU P 74 -14.31 28.04 38.27
N MET P 75 -14.83 29.21 37.94
CA MET P 75 -15.21 30.23 38.90
C MET P 75 -16.70 30.51 38.73
N GLN P 76 -17.50 30.02 39.64
CA GLN P 76 -18.94 30.13 39.54
C GLN P 76 -19.42 31.20 40.51
N TYR P 77 -19.76 32.37 39.97
CA TYR P 77 -20.22 33.46 40.81
C TYR P 77 -21.71 33.27 41.07
N THR P 78 -22.12 33.49 42.30
CA THR P 78 -23.53 33.65 42.63
C THR P 78 -23.68 34.98 43.36
N PHE P 79 -24.77 35.67 43.07
CA PHE P 79 -25.00 37.01 43.57
C PHE P 79 -26.16 37.01 44.55
N TRP P 80 -26.00 37.71 45.67
CA TRP P 80 -26.91 37.61 46.80
C TRP P 80 -27.23 38.98 47.36
N LYS P 81 -28.48 39.17 47.80
CA LYS P 81 -28.88 40.42 48.43
C LYS P 81 -28.14 40.66 49.74
N ASN P 82 -27.89 39.60 50.50
CA ASN P 82 -26.98 39.63 51.63
C ASN P 82 -26.21 38.31 51.64
N TRP P 83 -25.00 38.33 52.21
CA TRP P 83 -24.20 37.12 52.23
C TRP P 83 -24.77 36.06 53.17
N LYS P 84 -25.60 36.46 54.13
CA LYS P 84 -26.29 35.49 54.97
C LYS P 84 -27.35 34.72 54.20
N ASP P 85 -27.88 35.30 53.12
CA ASP P 85 -28.82 34.57 52.26
C ASP P 85 -28.16 33.40 51.57
N HIS P 86 -26.87 33.52 51.26
CA HIS P 86 -26.15 32.41 50.65
C HIS P 86 -25.91 31.30 51.66
N GLU P 87 -25.58 31.64 52.91
CA GLU P 87 -25.39 30.62 53.93
C GLU P 87 -26.70 29.98 54.34
N GLU P 88 -27.79 30.75 54.35
CA GLU P 88 -29.11 30.19 54.62
C GLU P 88 -29.57 29.28 53.47
N MET P 89 -29.21 29.61 52.23
CA MET P 89 -29.58 28.79 51.10
C MET P 89 -28.90 27.42 51.16
N HIS P 90 -27.61 27.39 51.51
CA HIS P 90 -26.88 26.14 51.55
C HIS P 90 -27.36 25.22 52.66
N LYS P 91 -27.80 25.80 53.78
CA LYS P 91 -28.29 24.96 54.87
C LYS P 91 -29.67 24.40 54.57
N GLN P 92 -30.55 25.20 53.96
CA GLN P 92 -31.92 24.76 53.71
C GLN P 92 -32.00 23.80 52.53
N ASN P 93 -31.07 23.88 51.58
CA ASN P 93 -31.09 23.04 50.40
C ASN P 93 -29.90 22.10 50.36
N TRP P 94 -29.46 21.64 51.54
CA TRP P 94 -28.19 20.93 51.64
C TRP P 94 -28.23 19.57 50.99
N ALA P 95 -29.34 18.84 51.10
CA ALA P 95 -29.42 17.50 50.52
C ALA P 95 -29.40 17.56 48.99
N ASN P 96 -30.15 18.50 48.40
CA ASN P 96 -30.17 18.60 46.95
C ASN P 96 -28.84 19.10 46.39
N LEU P 97 -28.20 20.04 47.09
CA LEU P 97 -26.96 20.63 46.60
C LEU P 97 -25.78 19.69 46.76
N PHE P 98 -25.74 18.93 47.86
CA PHE P 98 -24.68 17.94 48.05
C PHE P 98 -24.75 16.85 46.99
N ARG P 99 -25.96 16.41 46.64
CA ARG P 99 -26.14 15.35 45.67
C ARG P 99 -25.76 15.81 44.27
N LEU P 100 -26.05 17.06 43.95
CA LEU P 100 -25.67 17.60 42.64
C LEU P 100 -24.16 17.81 42.54
N CYS P 101 -23.53 18.25 43.63
CA CYS P 101 -22.09 18.48 43.62
C CYS P 101 -21.31 17.18 43.52
N LEU P 102 -21.87 16.08 44.05
CA LEU P 102 -21.23 14.78 43.95
C LEU P 102 -21.45 14.11 42.61
N GLN P 103 -22.27 14.68 41.72
CA GLN P 103 -22.30 14.20 40.36
C GLN P 103 -21.06 14.62 39.58
N CYS P 104 -20.36 15.66 40.03
CA CYS P 104 -19.14 16.15 39.42
C CYS P 104 -17.90 15.54 40.08
N ALA P 105 -18.09 14.50 40.89
CA ALA P 105 -17.03 14.02 41.77
C ALA P 105 -15.94 13.30 41.00
N ASP P 106 -16.30 12.46 40.03
CA ASP P 106 -15.31 11.73 39.25
C ASP P 106 -14.56 12.59 38.26
N GLN P 107 -14.88 13.88 38.14
CA GLN P 107 -14.10 14.84 37.37
C GLN P 107 -13.31 15.80 38.23
N MET P 108 -13.64 15.93 39.52
CA MET P 108 -13.08 16.98 40.35
C MET P 108 -11.67 16.65 40.80
N ILE P 109 -10.79 17.64 40.73
CA ILE P 109 -9.39 17.50 41.09
C ILE P 109 -9.07 18.27 42.37
N TRP P 110 -9.53 19.51 42.46
CA TRP P 110 -9.33 20.34 43.62
C TRP P 110 -10.64 21.08 43.90
N GLY P 111 -10.92 21.32 45.17
CA GLY P 111 -12.09 22.07 45.55
C GLY P 111 -13.22 21.19 46.04
N PRO P 112 -14.42 21.77 46.24
CA PRO P 112 -14.78 23.17 46.03
C PRO P 112 -14.31 24.10 47.15
N TYR P 113 -14.08 25.35 46.77
CA TYR P 113 -13.62 26.38 47.69
C TYR P 113 -14.41 27.63 47.36
N GLU P 114 -15.24 28.09 48.30
CA GLU P 114 -16.16 29.20 48.04
C GLU P 114 -15.90 30.36 48.99
N PRO P 115 -15.01 31.28 48.64
CA PRO P 115 -14.91 32.53 49.39
C PRO P 115 -16.09 33.46 49.08
N LEU P 116 -16.45 34.27 50.07
CA LEU P 116 -17.53 35.23 49.95
C LEU P 116 -16.94 36.62 49.78
N TYR P 117 -17.59 37.44 48.95
CA TYR P 117 -17.04 38.73 48.59
C TYR P 117 -18.08 39.82 48.74
N GLU P 118 -17.60 41.00 49.10
CA GLU P 118 -18.38 42.23 49.10
C GLU P 118 -17.93 43.08 47.91
N ILE P 119 -18.90 43.67 47.20
CA ILE P 119 -18.59 44.53 46.07
C ILE P 119 -18.20 45.91 46.62
N VAL P 120 -16.94 46.28 46.43
CA VAL P 120 -16.46 47.59 46.85
C VAL P 120 -16.85 48.66 45.83
N TYR P 121 -16.63 48.37 44.55
CA TYR P 121 -16.93 49.25 43.45
C TYR P 121 -17.56 48.42 42.35
N ALA P 122 -18.48 49.02 41.60
CA ALA P 122 -19.07 48.32 40.47
C ALA P 122 -19.38 49.30 39.36
N ASN P 123 -18.90 49.00 38.17
CA ASN P 123 -19.35 49.61 36.92
C ASN P 123 -19.64 48.43 36.01
N MET P 124 -20.82 47.85 36.12
CA MET P 124 -21.18 46.64 35.38
C MET P 124 -22.49 46.89 34.66
N PRO P 125 -22.46 47.08 33.36
CA PRO P 125 -23.67 47.43 32.61
C PRO P 125 -24.58 46.22 32.41
N LEU P 126 -25.75 46.49 31.88
CA LEU P 126 -26.67 45.44 31.48
C LEU P 126 -26.12 44.69 30.28
N ASN P 127 -26.26 43.37 30.31
CA ASN P 127 -25.84 42.55 29.18
C ASN P 127 -26.85 42.69 28.05
N THR P 128 -26.37 43.06 26.87
CA THR P 128 -27.19 43.15 25.67
C THR P 128 -26.54 42.35 24.55
N GLU P 129 -27.36 41.69 23.76
CA GLU P 129 -26.90 41.10 22.51
C GLU P 129 -26.73 42.19 21.46
N MET P 130 -26.17 41.81 20.32
CA MET P 130 -26.05 42.74 19.21
C MET P 130 -27.40 43.03 18.54
N THR P 131 -28.42 42.22 18.82
CA THR P 131 -29.77 42.52 18.35
C THR P 131 -30.51 43.46 19.28
N ASP P 132 -29.99 43.72 20.47
CA ASP P 132 -30.71 44.48 21.49
C ASP P 132 -30.26 45.92 21.63
N PHE P 133 -29.25 46.38 20.88
CA PHE P 133 -28.72 47.72 21.13
C PHE P 133 -29.66 48.81 20.63
N THR P 134 -30.53 48.49 19.66
CA THR P 134 -31.54 49.45 19.23
C THR P 134 -32.55 49.75 20.34
N VAL P 135 -32.87 48.74 21.15
CA VAL P 135 -33.74 48.98 22.31
C VAL P 135 -32.99 49.77 23.37
N MET P 136 -31.70 49.50 23.53
CA MET P 136 -30.92 50.11 24.61
C MET P 136 -30.70 51.59 24.36
N VAL P 137 -30.25 51.96 23.14
CA VAL P 137 -30.04 53.37 22.86
C VAL P 137 -31.35 54.11 22.66
N GLY P 138 -32.42 53.40 22.31
CA GLY P 138 -33.71 54.08 22.16
C GLY P 138 -34.31 54.44 23.51
N LYS P 139 -34.13 53.58 24.50
CA LYS P 139 -34.66 53.87 25.84
C LYS P 139 -33.85 54.95 26.53
N LYS P 140 -32.54 54.98 26.30
CA LYS P 140 -31.69 55.97 26.94
C LYS P 140 -31.80 57.34 26.29
N PHE P 141 -32.10 57.39 24.99
CA PHE P 141 -32.35 58.68 24.35
C PHE P 141 -33.71 59.24 24.74
N ALA P 142 -34.69 58.38 24.94
CA ALA P 142 -36.03 58.85 25.32
C ALA P 142 -36.05 59.33 26.76
N ALA P 143 -35.15 58.84 27.60
CA ALA P 143 -35.05 59.25 28.98
C ALA P 143 -34.06 60.39 29.18
N GLY P 144 -33.47 60.90 28.12
CA GLY P 144 -32.49 61.97 28.23
C GLY P 144 -31.18 61.56 28.85
N GLU P 145 -30.80 60.29 28.74
CA GLU P 145 -29.56 59.80 29.32
C GLU P 145 -28.63 59.25 28.24
N ALA P 146 -28.44 60.02 27.17
CA ALA P 146 -27.53 59.61 26.11
C ALA P 146 -26.09 59.58 26.56
N VAL P 147 -25.73 60.39 27.57
CA VAL P 147 -24.36 60.44 28.05
C VAL P 147 -23.99 59.18 28.84
N SER P 148 -24.98 58.43 29.32
CA SER P 148 -24.75 57.22 30.09
C SER P 148 -25.18 55.97 29.32
N ILE P 149 -24.96 55.96 28.01
CA ILE P 149 -25.24 54.76 27.22
C ILE P 149 -24.08 53.79 27.39
N PRO P 150 -24.34 52.55 27.81
CA PRO P 150 -23.27 51.63 28.12
C PRO P 150 -22.74 50.95 26.87
N PRO P 151 -21.57 50.31 26.92
CA PRO P 151 -21.12 49.51 25.78
C PRO P 151 -21.92 48.22 25.66
N ILE P 152 -21.87 47.63 24.47
CA ILE P 152 -22.59 46.39 24.20
C ILE P 152 -21.80 45.24 24.83
N SER P 153 -22.31 44.72 25.93
CA SER P 153 -21.67 43.61 26.65
C SER P 153 -22.43 42.34 26.32
N GLN P 154 -21.88 41.54 25.43
CA GLN P 154 -22.62 40.39 24.91
C GLN P 154 -22.55 39.22 25.89
N PRO P 155 -23.68 38.60 26.21
CA PRO P 155 -23.66 37.48 27.15
C PRO P 155 -23.26 36.16 26.49
N TYR P 156 -23.06 35.16 27.34
CA TYR P 156 -22.94 33.74 26.98
C TYR P 156 -21.72 33.46 26.08
N GLY P 157 -20.55 33.75 26.63
CA GLY P 157 -19.31 33.35 26.02
C GLY P 157 -18.73 34.28 24.98
N LYS P 158 -19.32 35.45 24.76
CA LYS P 158 -18.89 36.36 23.71
C LYS P 158 -18.03 37.49 24.23
N ARG P 159 -17.49 37.36 25.44
CA ARG P 159 -16.54 38.32 25.99
C ARG P 159 -15.60 37.56 26.90
N VAL P 160 -14.59 38.25 27.40
CA VAL P 160 -13.61 37.63 28.29
C VAL P 160 -13.56 38.42 29.59
N VAL P 161 -13.12 37.75 30.64
CA VAL P 161 -13.03 38.32 31.98
C VAL P 161 -11.58 38.23 32.44
N ALA P 162 -11.05 39.34 32.93
CA ALA P 162 -9.77 39.36 33.61
C ALA P 162 -10.01 39.25 35.10
N PHE P 163 -9.48 38.20 35.71
CA PHE P 163 -9.67 37.86 37.12
C PHE P 163 -8.38 38.23 37.84
N GLY P 164 -8.34 39.41 38.43
CA GLY P 164 -7.12 39.93 39.01
C GLY P 164 -7.01 39.76 40.51
N GLU P 165 -6.11 38.88 40.93
CA GLU P 165 -5.95 38.57 42.35
C GLU P 165 -4.95 39.52 42.99
N HIS P 166 -5.36 40.16 44.08
CA HIS P 166 -4.51 41.09 44.80
C HIS P 166 -4.62 40.80 46.29
N ILE P 167 -3.48 40.67 46.96
CA ILE P 167 -3.43 40.55 48.41
C ILE P 167 -2.74 41.80 48.94
N VAL P 168 -3.43 42.53 49.81
CA VAL P 168 -3.04 43.87 50.21
C VAL P 168 -2.55 43.83 51.65
N LYS P 169 -1.42 44.48 51.91
CA LYS P 169 -0.83 44.59 53.24
C LYS P 169 -1.80 45.19 54.25
N GLU P 170 -1.66 44.77 55.51
CA GLU P 170 -2.46 45.29 56.61
C GLU P 170 -2.24 46.78 56.80
N GLY P 171 -3.32 47.54 56.77
CA GLY P 171 -3.27 48.97 56.92
C GLY P 171 -3.30 49.76 55.63
N LEU P 172 -3.02 49.10 54.50
CA LEU P 172 -3.03 49.74 53.19
C LEU P 172 -4.27 49.41 52.37
N GLU P 173 -5.35 48.95 53.02
CA GLU P 173 -6.56 48.62 52.28
C GLU P 173 -7.29 49.85 51.80
N ASN P 174 -7.20 50.97 52.53
CA ASN P 174 -7.81 52.21 52.07
C ASN P 174 -7.07 52.80 50.88
N GLN P 175 -5.75 52.61 50.82
CA GLN P 175 -5.00 53.10 49.67
C GLN P 175 -5.23 52.23 48.45
N PHE P 176 -5.41 50.92 48.64
CA PHE P 176 -5.71 50.05 47.51
C PHE P 176 -7.04 50.42 46.88
N GLU P 177 -8.09 50.53 47.69
CA GLU P 177 -9.44 50.72 47.17
C GLU P 177 -9.59 52.08 46.50
N GLU P 178 -8.86 53.09 46.96
CA GLU P 178 -8.94 54.41 46.33
C GLU P 178 -8.35 54.39 44.93
N TYR P 179 -7.17 53.81 44.77
CA TYR P 179 -6.47 53.86 43.49
C TYR P 179 -6.81 52.71 42.56
N ALA P 180 -7.33 51.59 43.08
CA ALA P 180 -7.85 50.58 42.18
C ALA P 180 -9.16 51.03 41.54
N ILE P 181 -9.92 51.87 42.25
CA ILE P 181 -11.10 52.48 41.66
C ILE P 181 -10.69 53.44 40.55
N LYS P 182 -9.68 54.26 40.80
CA LYS P 182 -9.17 55.19 39.79
C LYS P 182 -8.57 54.48 38.59
N THR P 183 -8.03 53.27 38.79
CA THR P 183 -7.54 52.48 37.68
C THR P 183 -8.70 51.96 36.83
N LEU P 184 -9.80 51.57 37.47
CA LEU P 184 -10.94 51.07 36.72
C LEU P 184 -11.73 52.18 36.04
N GLU P 185 -11.69 53.40 36.57
CA GLU P 185 -12.25 54.53 35.84
C GLU P 185 -11.40 54.90 34.64
N ALA P 186 -10.09 54.68 34.73
CA ALA P 186 -9.20 54.91 33.60
C ALA P 186 -9.38 53.87 32.51
N PHE P 187 -9.87 52.67 32.84
CA PHE P 187 -10.13 51.66 31.84
C PHE P 187 -11.33 52.00 30.96
N ARG P 188 -12.18 52.94 31.39
CA ARG P 188 -13.32 53.37 30.57
C ARG P 188 -12.89 53.97 29.24
N SER P 189 -11.67 54.51 29.16
CA SER P 189 -11.15 55.01 27.91
C SER P 189 -10.61 53.91 26.99
N ALA P 190 -10.35 52.72 27.52
CA ALA P 190 -9.73 51.68 26.72
C ALA P 190 -10.74 51.07 25.76
N PRO P 191 -10.34 50.77 24.53
CA PRO P 191 -11.26 50.12 23.58
C PRO P 191 -11.58 48.70 24.00
N GLY P 192 -12.85 48.35 23.89
CA GLY P 192 -13.30 47.03 24.28
C GLY P 192 -13.52 46.82 25.74
N PHE P 193 -13.35 47.83 26.58
CA PHE P 193 -13.65 47.69 27.99
C PHE P 193 -15.16 47.63 28.19
N LEU P 194 -15.62 46.56 28.83
CA LEU P 194 -17.05 46.33 28.99
C LEU P 194 -17.51 46.53 30.41
N GLY P 195 -16.63 46.89 31.34
CA GLY P 195 -17.02 47.15 32.70
C GLY P 195 -16.17 46.39 33.69
N GLY P 196 -16.33 46.78 34.96
CA GLY P 196 -15.46 46.26 35.98
C GLY P 196 -16.05 46.37 37.37
N MET P 197 -15.55 45.54 38.28
CA MET P 197 -15.92 45.61 39.68
C MET P 197 -14.75 45.17 40.54
N ILE P 198 -14.75 45.63 41.78
CA ILE P 198 -13.72 45.30 42.76
C ILE P 198 -14.38 44.52 43.88
N LEU P 199 -13.89 43.30 44.12
CA LEU P 199 -14.46 42.41 45.12
C LEU P 199 -13.51 42.29 46.30
N LYS P 200 -14.07 42.33 47.50
CA LYS P 200 -13.30 42.25 48.75
C LYS P 200 -13.76 41.02 49.51
N GLU P 201 -12.82 40.11 49.79
CA GLU P 201 -13.16 38.87 50.49
C GLU P 201 -13.53 39.13 51.93
N ILE P 202 -14.68 38.60 52.35
CA ILE P 202 -15.20 38.79 53.70
C ILE P 202 -15.39 37.48 54.45
N GLY P 203 -15.10 36.35 53.83
CA GLY P 203 -15.30 35.08 54.47
C GLY P 203 -15.28 33.96 53.46
N VAL P 204 -15.39 32.74 53.98
CA VAL P 204 -15.45 31.52 53.18
C VAL P 204 -16.63 30.69 53.65
N SER P 205 -17.51 30.32 52.73
CA SER P 205 -18.65 29.48 53.04
C SER P 205 -18.21 28.07 53.43
N PRO P 206 -18.57 27.57 54.61
CA PRO P 206 -18.18 26.19 54.96
C PRO P 206 -18.94 25.12 54.19
N LEU P 207 -20.25 25.28 54.01
CA LEU P 207 -21.03 24.28 53.29
C LEU P 207 -20.72 24.29 51.81
N GLY P 208 -20.48 25.47 51.24
CA GLY P 208 -20.05 25.56 49.86
C GLY P 208 -18.66 25.02 49.60
N SER P 209 -17.83 24.93 50.64
CA SER P 209 -16.50 24.37 50.52
C SER P 209 -16.43 22.91 50.96
N LEU P 210 -17.59 22.31 51.28
CA LEU P 210 -17.70 20.94 51.81
C LEU P 210 -16.85 20.74 53.06
N GLN P 211 -16.82 21.74 53.92
CA GLN P 211 -16.03 21.70 55.14
C GLN P 211 -16.97 21.48 56.31
N LEU P 212 -17.07 20.24 56.75
CA LEU P 212 -17.89 19.85 57.88
C LEU P 212 -16.99 19.48 59.06
N ASN P 213 -17.60 19.03 60.15
CA ASN P 213 -16.84 18.51 61.27
C ASN P 213 -16.37 17.08 60.93
N ALA P 214 -15.81 16.39 61.92
CA ALA P 214 -15.19 15.09 61.67
C ALA P 214 -16.20 14.02 61.26
N LYS P 215 -17.40 14.07 61.84
CA LYS P 215 -18.43 13.12 61.45
C LYS P 215 -18.96 13.43 60.06
N GLY P 216 -19.13 14.72 59.74
CA GLY P 216 -19.60 15.10 58.43
C GLY P 216 -18.60 14.84 57.32
N PHE P 217 -17.31 15.00 57.63
CA PHE P 217 -16.27 14.74 56.63
C PHE P 217 -16.20 13.27 56.26
N HIS P 218 -16.40 12.39 57.25
CA HIS P 218 -16.38 10.96 56.96
C HIS P 218 -17.61 10.53 56.17
N GLN P 219 -18.75 11.17 56.41
CA GLN P 219 -19.95 10.84 55.65
C GLN P 219 -19.85 11.32 54.20
N ILE P 220 -19.05 12.37 53.95
CA ILE P 220 -18.79 12.78 52.58
C ILE P 220 -17.98 11.71 51.85
N LEU P 221 -16.95 11.16 52.51
CA LEU P 221 -16.13 10.13 51.89
C LEU P 221 -16.87 8.81 51.75
N GLU P 222 -17.81 8.53 52.64
CA GLU P 222 -18.42 7.20 52.70
C GLU P 222 -19.66 7.06 51.83
N THR P 223 -20.26 8.15 51.36
CA THR P 223 -21.57 8.07 50.75
C THR P 223 -21.49 7.53 49.33
N ALA P 224 -22.56 6.84 48.94
CA ALA P 224 -22.71 6.31 47.58
C ALA P 224 -23.55 7.31 46.79
N ASN P 225 -22.86 8.14 46.00
CA ASN P 225 -23.44 9.13 45.09
C ASN P 225 -24.28 10.19 45.81
N GLY P 226 -24.08 10.38 47.10
CA GLY P 226 -24.81 11.38 47.84
C GLY P 226 -26.14 10.93 48.42
N MET P 227 -26.52 9.66 48.25
CA MET P 227 -27.77 9.16 48.83
C MET P 227 -27.73 9.21 50.35
N ASP P 228 -26.55 9.07 50.93
CA ASP P 228 -26.34 9.16 52.37
C ASP P 228 -25.86 10.58 52.66
N VAL P 229 -26.79 11.44 53.05
CA VAL P 229 -26.48 12.87 53.17
C VAL P 229 -25.83 13.13 54.52
N PRO P 230 -24.68 13.80 54.57
CA PRO P 230 -24.08 14.14 55.87
C PRO P 230 -24.90 15.19 56.59
N GLU P 231 -24.83 15.14 57.91
CA GLU P 231 -25.44 16.18 58.72
C GLU P 231 -24.63 17.46 58.55
N PRO P 232 -25.24 18.57 58.12
CA PRO P 232 -24.46 19.76 57.76
C PRO P 232 -24.04 20.60 58.96
N VAL P 233 -23.26 19.99 59.85
CA VAL P 233 -22.71 20.66 61.02
C VAL P 233 -21.27 21.03 60.71
N THR P 234 -20.98 22.32 60.77
CA THR P 234 -19.64 22.84 60.56
C THR P 234 -19.06 23.33 61.88
N ILE P 235 -17.73 23.48 61.91
CA ILE P 235 -17.08 23.97 63.11
C ILE P 235 -16.89 25.48 63.07
N TYR P 236 -17.23 26.14 61.97
CA TYR P 236 -17.06 27.57 61.85
C TYR P 236 -18.17 28.14 60.99
N GLU P 237 -18.40 29.43 61.16
CA GLU P 237 -19.23 30.19 60.23
C GLU P 237 -18.33 31.02 59.34
N ALA P 238 -18.93 31.58 58.29
CA ALA P 238 -18.16 32.17 57.19
C ALA P 238 -17.21 33.32 57.58
N PRO P 239 -17.55 34.28 58.46
CA PRO P 239 -16.52 35.28 58.84
C PRO P 239 -15.40 34.75 59.72
N GLU P 240 -15.50 33.52 60.26
CA GLU P 240 -14.41 32.96 61.03
C GLU P 240 -13.27 32.45 60.16
N PHE P 241 -13.51 32.22 58.87
CA PHE P 241 -12.47 31.95 57.90
C PHE P 241 -12.45 33.17 56.98
N ARG P 242 -11.81 34.22 57.44
CA ARG P 242 -11.58 35.42 56.64
C ARG P 242 -10.07 35.58 56.53
N ASN P 243 -9.56 35.50 55.31
CA ASN P 243 -8.12 35.47 55.11
C ASN P 243 -7.50 36.82 55.40
N ARG P 244 -6.46 36.81 56.20
CA ARG P 244 -5.64 37.98 56.45
C ARG P 244 -4.23 37.68 55.97
N PRO P 245 -3.57 38.59 55.24
CA PRO P 245 -3.98 39.92 54.76
C PRO P 245 -5.08 39.89 53.71
N GLN P 246 -5.68 41.06 53.44
CA GLN P 246 -6.96 41.14 52.76
C GLN P 246 -6.84 40.79 51.28
N ARG P 247 -7.69 39.87 50.84
CA ARG P 247 -7.73 39.46 49.43
C ARG P 247 -8.71 40.34 48.66
N TYR P 248 -8.29 40.75 47.47
CA TYR P 248 -9.14 41.50 46.57
C TYR P 248 -9.17 40.83 45.22
N ILE P 249 -10.34 40.84 44.59
CA ILE P 249 -10.46 40.47 43.19
C ILE P 249 -10.76 41.73 42.40
N VAL P 250 -9.94 42.01 41.40
CA VAL P 250 -10.23 43.06 40.42
C VAL P 250 -10.75 42.37 39.18
N HIS P 251 -12.05 42.48 38.96
CA HIS P 251 -12.77 41.79 37.90
C HIS P 251 -13.07 42.80 36.80
N THR P 252 -12.49 42.61 35.62
CA THR P 252 -12.75 43.47 34.48
C THR P 252 -13.16 42.64 33.28
N GLU P 253 -14.03 43.21 32.45
CA GLU P 253 -14.60 42.50 31.32
C GLU P 253 -14.21 43.21 30.03
N TRP P 254 -13.88 42.42 29.01
CA TRP P 254 -13.30 42.90 27.78
C TRP P 254 -13.94 42.18 26.61
N SER P 255 -13.99 42.84 25.46
CA SER P 255 -14.68 42.27 24.31
C SER P 255 -13.92 41.08 23.72
N ASP P 256 -12.60 41.10 23.78
CA ASP P 256 -11.77 40.00 23.31
C ASP P 256 -10.46 40.04 24.07
N THR P 257 -9.60 39.04 23.81
CA THR P 257 -8.34 38.96 24.57
C THR P 257 -7.33 40.00 24.11
N ASN P 258 -7.43 40.47 22.87
CA ASN P 258 -6.56 41.55 22.43
C ASN P 258 -6.91 42.86 23.13
N ALA P 259 -8.21 43.15 23.27
CA ALA P 259 -8.65 44.33 24.01
C ALA P 259 -8.28 44.20 25.49
N LEU P 260 -8.31 42.97 26.02
CA LEU P 260 -7.88 42.74 27.39
C LEU P 260 -6.40 43.00 27.57
N MET P 261 -5.58 42.48 26.65
CA MET P 261 -4.12 42.56 26.79
C MET P 261 -3.62 43.99 26.69
N PHE P 262 -4.12 44.76 25.73
CA PHE P 262 -3.69 46.14 25.61
C PHE P 262 -4.47 47.08 26.52
N GLY P 263 -5.66 46.70 26.96
CA GLY P 263 -6.42 47.51 27.88
C GLY P 263 -5.88 47.44 29.29
N LEU P 264 -5.71 46.21 29.81
CA LEU P 264 -5.05 46.02 31.10
C LEU P 264 -3.60 46.46 31.07
N GLY P 265 -2.96 46.34 29.91
CA GLY P 265 -1.58 46.77 29.72
C GLY P 265 -1.36 48.25 29.87
N ARG P 266 -2.41 49.06 29.88
CA ARG P 266 -2.30 50.50 30.10
C ARG P 266 -1.71 50.85 31.47
N VAL P 267 -1.80 49.95 32.45
CA VAL P 267 -1.10 50.16 33.72
C VAL P 267 0.40 49.97 33.59
N LEU P 268 0.87 49.47 32.45
CA LEU P 268 2.30 49.35 32.17
C LEU P 268 2.80 50.27 31.07
N ILE P 269 1.97 50.58 30.07
CA ILE P 269 2.45 51.28 28.88
C ILE P 269 1.87 52.68 28.73
N TYR P 270 0.79 53.01 29.43
CA TYR P 270 0.22 54.35 29.37
C TYR P 270 0.70 55.11 30.59
N PRO P 271 1.52 56.15 30.43
CA PRO P 271 2.19 56.76 31.59
C PRO P 271 1.25 57.45 32.58
N GLU P 272 0.11 57.96 32.15
CA GLU P 272 -0.83 58.57 33.09
C GLU P 272 -1.54 57.54 33.95
N VAL P 273 -1.89 56.39 33.38
CA VAL P 273 -2.52 55.32 34.14
C VAL P 273 -1.47 54.58 34.97
N ARG P 274 -0.22 54.56 34.50
CA ARG P 274 0.86 53.88 35.18
C ARG P 274 1.18 54.50 36.53
N GLN P 275 1.09 55.83 36.67
CA GLN P 275 1.29 56.45 37.97
C GLN P 275 0.13 56.14 38.93
N ILE P 276 -1.08 55.99 38.41
CA ILE P 276 -2.22 55.65 39.25
C ILE P 276 -2.05 54.24 39.81
N HIS P 277 -1.74 53.28 38.94
CA HIS P 277 -1.62 51.88 39.34
C HIS P 277 -0.34 51.61 40.13
N ASP P 278 0.63 52.52 40.11
CA ASP P 278 1.80 52.39 40.97
C ASP P 278 1.42 52.50 42.45
N LYS P 279 0.38 53.26 42.76
CA LYS P 279 -0.10 53.34 44.13
C LYS P 279 -0.81 52.06 44.55
N VAL P 280 -1.41 51.35 43.60
CA VAL P 280 -1.97 50.04 43.87
C VAL P 280 -0.86 49.04 44.16
N LEU P 281 0.21 49.08 43.36
CA LEU P 281 1.32 48.12 43.49
C LEU P 281 2.07 48.31 44.80
N ASP P 282 2.10 49.51 45.34
CA ASP P 282 2.77 49.78 46.60
C ASP P 282 1.98 49.33 47.83
N THR P 283 0.83 48.69 47.65
CA THR P 283 0.06 48.14 48.77
C THR P 283 0.04 46.62 48.77
N LEU P 284 0.63 45.96 47.78
CA LEU P 284 0.43 44.54 47.55
C LEU P 284 1.53 43.71 48.21
N VAL P 285 1.13 42.72 49.00
CA VAL P 285 2.07 41.68 49.39
C VAL P 285 2.08 40.53 48.39
N TYR P 286 1.04 40.38 47.59
CA TYR P 286 1.00 39.36 46.55
C TYR P 286 0.23 39.92 45.36
N GLY P 287 0.73 39.64 44.17
CA GLY P 287 0.05 40.02 42.96
C GLY P 287 0.71 41.17 42.25
N PRO P 288 0.15 41.59 41.11
CA PRO P 288 -1.10 41.08 40.52
C PRO P 288 -0.92 39.85 39.63
N TYR P 289 -1.79 38.87 39.82
CA TYR P 289 -1.86 37.68 38.98
C TYR P 289 -3.23 37.65 38.34
N ILE P 290 -3.27 37.65 37.01
CA ILE P 290 -4.50 37.88 36.26
C ILE P 290 -4.83 36.62 35.47
N ARG P 291 -5.91 35.96 35.83
CA ARG P 291 -6.44 34.85 35.06
C ARG P 291 -7.42 35.37 34.02
N VAL P 292 -7.49 34.67 32.90
CA VAL P 292 -8.41 35.00 31.81
C VAL P 292 -9.53 34.00 31.85
N LEU P 293 -10.76 34.50 31.98
CA LEU P 293 -11.93 33.64 32.16
C LEU P 293 -12.91 33.84 31.02
N ASN P 294 -13.62 32.76 30.70
CA ASN P 294 -14.69 32.82 29.70
C ASN P 294 -16.02 32.65 30.40
N PRO P 295 -16.89 33.66 30.38
CA PRO P 295 -18.21 33.52 31.02
C PRO P 295 -19.22 32.75 30.19
N MET P 296 -19.21 31.42 30.30
CA MET P 296 -20.09 30.58 29.49
C MET P 296 -21.56 30.74 29.88
N MET P 297 -21.90 30.37 31.11
CA MET P 297 -23.28 30.31 31.56
C MET P 297 -23.55 31.47 32.49
N GLU P 298 -24.61 32.23 32.21
CA GLU P 298 -24.85 33.47 32.91
C GLU P 298 -26.31 33.62 33.31
N GLY P 299 -26.51 34.31 34.42
CA GLY P 299 -27.78 34.74 34.96
C GLY P 299 -27.90 36.24 34.92
N THR P 300 -27.71 36.84 33.73
CA THR P 300 -27.45 38.26 33.48
C THR P 300 -28.37 39.29 34.16
N TYR P 301 -29.49 38.84 34.72
CA TYR P 301 -30.39 39.67 35.51
C TYR P 301 -29.81 40.09 36.86
N TRP P 302 -28.61 39.61 37.25
CA TRP P 302 -27.96 40.15 38.44
C TRP P 302 -27.50 41.59 38.22
N ARG P 303 -27.21 41.97 36.98
CA ARG P 303 -26.90 43.35 36.68
C ARG P 303 -28.13 44.24 36.66
N GLU P 304 -29.32 43.66 36.45
CA GLU P 304 -30.55 44.42 36.61
C GLU P 304 -30.78 44.80 38.06
N TYR P 305 -30.43 43.89 38.99
CA TYR P 305 -30.50 44.22 40.41
C TYR P 305 -29.45 45.25 40.78
N LEU P 306 -28.26 45.16 40.18
CA LEU P 306 -27.17 46.06 40.53
C LEU P 306 -27.43 47.48 40.01
N ASN P 307 -27.92 47.59 38.78
CA ASN P 307 -28.13 48.89 38.16
C ASN P 307 -29.53 49.43 38.37
N GLU P 308 -30.41 48.66 39.02
CA GLU P 308 -31.78 49.06 39.40
C GLU P 308 -32.62 49.44 38.18
N TYR P 309 -32.39 48.73 37.07
CA TYR P 309 -33.01 49.03 35.80
C TYR P 309 -32.83 47.81 34.92
N HIS P 310 -33.84 47.49 34.10
CA HIS P 310 -33.76 46.38 33.18
C HIS P 310 -33.96 46.87 31.75
N LEU P 311 -33.71 45.97 30.80
CA LEU P 311 -33.74 46.20 29.35
C LEU P 311 -32.86 47.36 28.90
N PRO Q 2 58.63 38.89 12.11
CA PRO Q 2 59.22 38.07 13.18
C PRO Q 2 58.39 36.84 13.45
N LYS Q 3 58.85 35.99 14.37
CA LYS Q 3 58.09 34.81 14.73
C LYS Q 3 57.12 35.13 15.85
N PRO Q 4 55.82 34.99 15.64
CA PRO Q 4 54.87 35.24 16.72
C PRO Q 4 54.81 34.09 17.71
N TYR Q 5 54.08 34.31 18.79
CA TYR Q 5 53.76 33.28 19.75
C TYR Q 5 52.35 32.79 19.51
N VAL Q 6 52.10 31.52 19.79
CA VAL Q 6 50.83 30.88 19.49
C VAL Q 6 50.15 30.47 20.78
N ALA Q 7 48.90 30.87 20.94
CA ALA Q 7 48.00 30.27 21.92
C ALA Q 7 47.05 29.34 21.17
N ILE Q 8 46.95 28.10 21.63
CA ILE Q 8 46.09 27.11 20.99
C ILE Q 8 44.97 26.77 21.96
N ASN Q 9 43.77 27.26 21.69
CA ASN Q 9 42.61 26.97 22.51
C ASN Q 9 41.99 25.66 22.05
N MET Q 10 41.94 24.68 22.95
CA MET Q 10 41.44 23.35 22.65
C MET Q 10 40.14 23.10 23.40
N VAL Q 11 39.08 22.79 22.67
CA VAL Q 11 37.78 22.45 23.24
C VAL Q 11 37.22 21.23 22.52
N GLU Q 12 36.46 20.44 23.26
CA GLU Q 12 35.64 19.38 22.68
C GLU Q 12 34.19 19.81 22.77
N VAL Q 13 33.50 19.86 21.63
CA VAL Q 13 32.11 20.28 21.56
C VAL Q 13 31.31 19.17 20.90
N ARG Q 14 29.99 19.23 21.07
CA ARG Q 14 29.10 18.27 20.43
C ARG Q 14 29.10 18.45 18.91
N ASN Q 15 28.91 17.36 18.19
CA ASN Q 15 28.81 17.40 16.73
C ASN Q 15 27.32 17.35 16.37
N ASP Q 16 26.71 18.52 16.34
CA ASP Q 16 25.29 18.67 16.05
C ASP Q 16 25.11 19.98 15.31
N PRO Q 17 23.98 20.18 14.61
CA PRO Q 17 23.76 21.46 13.91
C PRO Q 17 23.72 22.69 14.79
N LYS Q 18 23.43 22.55 16.08
CA LYS Q 18 23.48 23.69 16.98
C LYS Q 18 24.90 24.22 17.14
N THR Q 19 25.89 23.33 17.16
CA THR Q 19 27.29 23.71 17.34
C THR Q 19 27.83 24.50 16.15
N LEU Q 20 27.47 24.08 14.93
CA LEU Q 20 27.94 24.80 13.75
C LEU Q 20 27.28 26.17 13.59
N GLU Q 21 26.18 26.44 14.29
CA GLU Q 21 25.71 27.82 14.40
C GLU Q 21 26.64 28.65 15.28
N LEU Q 22 27.27 28.03 16.28
CA LEU Q 22 28.19 28.74 17.16
C LEU Q 22 29.51 29.08 16.48
N PHE Q 23 29.83 28.42 15.36
CA PHE Q 23 31.00 28.79 14.57
C PHE Q 23 30.83 30.18 13.95
N GLY Q 24 29.63 30.50 13.53
CA GLY Q 24 29.39 31.74 12.81
C GLY Q 24 28.76 32.85 13.62
N LYS Q 25 28.29 32.53 14.83
CA LYS Q 25 27.64 33.53 15.67
C LYS Q 25 28.42 33.89 16.93
N VAL Q 26 29.47 33.14 17.28
CA VAL Q 26 30.27 33.41 18.47
C VAL Q 26 31.75 33.56 18.11
N GLY Q 27 32.27 32.62 17.33
CA GLY Q 27 33.60 32.67 16.73
C GLY Q 27 34.09 34.00 16.16
N PRO Q 28 33.30 34.66 15.29
CA PRO Q 28 33.70 36.00 14.85
C PRO Q 28 33.72 37.04 15.95
N LYS Q 29 32.85 36.93 16.95
CA LYS Q 29 32.84 37.91 18.04
C LYS Q 29 34.06 37.77 18.94
N VAL Q 30 34.52 36.54 19.15
CA VAL Q 30 35.73 36.31 19.94
C VAL Q 30 36.94 36.89 19.24
N CYS Q 31 37.01 36.73 17.91
CA CYS Q 31 38.10 37.31 17.13
C CYS Q 31 38.06 38.83 17.14
N MET Q 32 36.87 39.43 17.21
CA MET Q 32 36.76 40.88 17.24
C MET Q 32 37.15 41.44 18.61
N VAL Q 33 36.84 40.73 19.70
CA VAL Q 33 37.27 41.15 21.03
C VAL Q 33 38.78 40.98 21.16
N THR Q 34 39.32 39.89 20.61
CA THR Q 34 40.75 39.62 20.63
C THR Q 34 41.54 40.67 19.84
N ALA Q 35 40.95 41.22 18.79
CA ALA Q 35 41.59 42.23 17.96
C ALA Q 35 41.57 43.63 18.56
N ARG Q 36 41.03 43.80 19.78
CA ARG Q 36 41.21 45.05 20.50
C ARG Q 36 42.65 45.26 20.96
N HIS Q 37 43.41 44.19 21.13
CA HIS Q 37 44.80 44.28 21.57
C HIS Q 37 45.73 44.47 20.38
N PRO Q 38 46.71 45.38 20.48
CA PRO Q 38 47.60 45.62 19.33
C PRO Q 38 48.61 44.50 19.09
N GLY Q 39 48.89 43.67 20.08
CA GLY Q 39 49.77 42.53 19.91
C GLY Q 39 49.17 41.35 19.19
N PHE Q 40 47.87 41.38 18.93
CA PHE Q 40 47.21 40.33 18.17
C PHE Q 40 47.56 40.47 16.70
N VAL Q 41 48.10 39.42 16.10
CA VAL Q 41 48.50 39.48 14.69
C VAL Q 41 47.73 38.51 13.82
N GLY Q 42 46.83 37.72 14.36
CA GLY Q 42 46.02 36.86 13.53
C GLY Q 42 45.63 35.58 14.22
N PHE Q 43 44.89 34.74 13.49
CA PHE Q 43 44.33 33.53 14.05
C PHE Q 43 44.19 32.48 12.96
N GLN Q 44 43.98 31.24 13.39
CA GLN Q 44 43.70 30.13 12.48
C GLN Q 44 42.92 29.09 13.27
N ASN Q 45 41.66 28.90 12.92
CA ASN Q 45 40.77 28.01 13.67
C ASN Q 45 40.61 26.68 12.95
N HIS Q 46 40.69 25.60 13.71
CA HIS Q 46 40.66 24.26 13.15
C HIS Q 46 39.55 23.43 13.76
N VAL Q 47 39.05 22.49 12.97
CA VAL Q 47 38.21 21.39 13.44
C VAL Q 47 38.94 20.11 13.09
N GLN Q 48 39.07 19.20 14.07
CA GLN Q 48 39.66 17.91 13.79
C GLN Q 48 38.70 17.07 12.94
N ILE Q 49 39.20 16.57 11.82
CA ILE Q 49 38.40 15.72 10.94
C ILE Q 49 38.84 14.26 10.98
N GLY Q 50 39.96 13.96 11.61
CA GLY Q 50 40.40 12.58 11.67
C GLY Q 50 41.77 12.45 12.29
N VAL Q 51 42.32 11.24 12.17
CA VAL Q 51 43.60 10.85 12.74
C VAL Q 51 44.35 10.08 11.66
N VAL Q 52 45.64 10.29 11.54
CA VAL Q 52 46.47 9.48 10.66
C VAL Q 52 46.60 8.08 11.27
N PRO Q 53 46.14 7.04 10.59
CA PRO Q 53 46.13 5.71 11.21
C PRO Q 53 47.50 5.04 11.26
N LEU Q 54 48.41 5.41 10.35
CA LEU Q 54 49.75 4.83 10.19
C LEU Q 54 49.67 3.31 10.00
N GLY Q 55 49.02 2.91 8.92
CA GLY Q 55 48.70 1.50 8.74
C GLY Q 55 47.58 1.08 9.66
N THR Q 56 47.84 0.14 10.56
CA THR Q 56 46.86 -0.29 11.55
C THR Q 56 47.27 0.07 12.97
N ARG Q 57 48.14 1.07 13.14
CA ARG Q 57 48.56 1.46 14.48
C ARG Q 57 47.40 2.05 15.26
N TRP Q 58 46.67 2.96 14.65
CA TRP Q 58 45.33 3.32 15.12
C TRP Q 58 44.38 2.97 13.98
N GLY Q 59 44.02 1.69 13.89
CA GLY Q 59 43.24 1.21 12.77
C GLY Q 59 41.77 1.52 12.86
N GLY Q 60 41.28 1.88 14.04
CA GLY Q 60 39.92 2.35 14.19
C GLY Q 60 39.71 3.78 13.79
N ALA Q 61 40.79 4.47 13.45
CA ALA Q 61 40.75 5.87 13.07
C ALA Q 61 40.97 6.02 11.57
N LYS Q 62 40.39 7.07 11.01
CA LYS Q 62 40.51 7.38 9.59
C LYS Q 62 40.90 8.85 9.47
N MET Q 63 41.42 9.22 8.30
CA MET Q 63 41.79 10.61 8.10
C MET Q 63 40.58 11.51 7.93
N GLU Q 64 39.49 10.99 7.39
CA GLU Q 64 38.23 11.73 7.24
C GLU Q 64 37.14 10.94 7.93
N MET Q 65 36.95 11.19 9.24
CA MET Q 65 35.95 10.49 10.02
C MET Q 65 34.99 11.45 10.72
N SER Q 66 34.92 12.69 10.27
CA SER Q 66 34.15 13.71 11.00
C SER Q 66 32.64 13.56 10.83
N GLN Q 67 32.20 12.87 9.78
CA GLN Q 67 30.78 12.64 9.58
C GLN Q 67 30.21 11.62 10.56
N GLU Q 68 31.06 10.82 11.21
CA GLU Q 68 30.60 9.77 12.10
C GLU Q 68 30.80 10.07 13.58
N MET Q 69 31.50 11.15 13.92
CA MET Q 69 31.84 11.42 15.31
C MET Q 69 30.73 12.18 16.01
N HIS Q 70 30.52 11.85 17.29
CA HIS Q 70 29.54 12.56 18.10
C HIS Q 70 30.07 13.87 18.64
N SER Q 71 31.39 14.04 18.67
CA SER Q 71 32.00 15.22 19.27
C SER Q 71 33.11 15.74 18.37
N LEU Q 72 33.32 17.05 18.41
CA LEU Q 72 34.30 17.72 17.57
C LEU Q 72 35.39 18.32 18.43
N MET Q 73 36.64 18.06 18.07
CA MET Q 73 37.80 18.71 18.66
C MET Q 73 38.11 19.97 17.88
N LEU Q 74 38.23 21.09 18.57
CA LEU Q 74 38.55 22.37 17.96
C LEU Q 74 39.91 22.85 18.46
N MET Q 75 40.76 23.30 17.56
CA MET Q 75 42.05 23.90 17.88
C MET Q 75 42.06 25.31 17.31
N GLN Q 76 41.92 26.29 18.18
CA GLN Q 76 41.81 27.68 17.76
C GLN Q 76 43.14 28.37 18.05
N TYR Q 77 43.92 28.60 17.00
CA TYR Q 77 45.21 29.26 17.17
C TYR Q 77 44.99 30.75 17.18
N THR Q 78 45.66 31.43 18.09
CA THR Q 78 45.80 32.88 18.03
C THR Q 78 47.28 33.21 18.06
N PHE Q 79 47.66 34.22 17.29
CA PHE Q 79 49.05 34.57 17.09
C PHE Q 79 49.33 35.93 17.73
N TRP Q 80 50.47 36.03 18.43
CA TRP Q 80 50.75 37.16 19.29
C TRP Q 80 52.19 37.62 19.12
N LYS Q 81 52.41 38.93 19.18
CA LYS Q 81 53.76 39.49 19.10
C LYS Q 81 54.61 39.05 20.28
N ASN Q 82 54.01 38.96 21.47
CA ASN Q 82 54.62 38.33 22.63
C ASN Q 82 53.52 37.57 23.36
N TRP Q 83 53.91 36.51 24.08
CA TRP Q 83 52.92 35.72 24.80
C TRP Q 83 52.31 36.47 25.97
N LYS Q 84 52.99 37.50 26.48
CA LYS Q 84 52.40 38.34 27.51
C LYS Q 84 51.26 39.20 26.97
N ASP Q 85 51.26 39.48 25.65
CA ASP Q 85 50.14 40.20 25.04
C ASP Q 85 48.87 39.38 25.08
N HIS Q 86 48.98 38.06 25.00
CA HIS Q 86 47.81 37.20 25.10
C HIS Q 86 47.26 37.19 26.52
N GLU Q 87 48.14 37.15 27.53
CA GLU Q 87 47.68 37.17 28.91
C GLU Q 87 47.13 38.53 29.29
N GLU Q 88 47.71 39.61 28.75
CA GLU Q 88 47.17 40.94 28.98
C GLU Q 88 45.82 41.13 28.28
N MET Q 89 45.63 40.51 27.12
CA MET Q 89 44.36 40.60 26.42
C MET Q 89 43.24 39.93 27.20
N HIS Q 90 43.50 38.76 27.77
CA HIS Q 90 42.47 38.04 28.50
C HIS Q 90 42.07 38.74 29.78
N LYS Q 91 43.02 39.42 30.43
CA LYS Q 91 42.67 40.13 31.66
C LYS Q 91 41.89 41.40 31.37
N GLN Q 92 42.26 42.14 30.32
CA GLN Q 92 41.60 43.41 30.02
C GLN Q 92 40.24 43.22 29.39
N ASN Q 93 40.00 42.10 28.71
CA ASN Q 93 38.74 41.84 28.03
C ASN Q 93 38.01 40.66 28.65
N TRP Q 94 38.15 40.49 29.97
CA TRP Q 94 37.69 39.26 30.62
C TRP Q 94 36.19 39.13 30.63
N ALA Q 95 35.46 40.23 30.83
CA ALA Q 95 34.01 40.16 30.90
C ALA Q 95 33.40 39.81 29.54
N ASN Q 96 33.91 40.41 28.46
CA ASN Q 96 33.38 40.12 27.14
C ASN Q 96 33.74 38.71 26.69
N LEU Q 97 34.96 38.25 27.02
CA LEU Q 97 35.41 36.94 26.57
C LEU Q 97 34.77 35.81 27.35
N PHE Q 98 34.55 36.00 28.65
CA PHE Q 98 33.86 35.00 29.46
C PHE Q 98 32.42 34.82 29.00
N ARG Q 99 31.75 35.92 28.65
CA ARG Q 99 30.36 35.86 28.23
C ARG Q 99 30.22 35.19 26.87
N LEU Q 100 31.18 35.40 25.98
CA LEU Q 100 31.15 34.75 24.67
C LEU Q 100 31.46 33.26 24.79
N CYS Q 101 32.39 32.89 25.67
CA CYS Q 101 32.75 31.49 25.84
C CYS Q 101 31.62 30.69 26.48
N LEU Q 102 30.80 31.34 27.31
CA LEU Q 102 29.65 30.68 27.92
C LEU Q 102 28.46 30.59 27.00
N GLN Q 103 28.51 31.19 25.81
CA GLN Q 103 27.49 30.92 24.82
C GLN Q 103 27.67 29.54 24.19
N CYS Q 104 28.87 28.98 24.27
CA CYS Q 104 29.19 27.65 23.75
C CYS Q 104 29.06 26.59 24.84
N ALA Q 105 28.45 26.94 25.98
CA ALA Q 105 28.51 26.09 27.17
C ALA Q 105 27.65 24.85 27.02
N ASP Q 106 26.45 24.97 26.46
CA ASP Q 106 25.56 23.82 26.29
C ASP Q 106 26.00 22.88 25.19
N GLN Q 107 27.07 23.19 24.46
CA GLN Q 107 27.69 22.27 23.51
C GLN Q 107 29.01 21.70 24.00
N MET Q 108 29.63 22.31 25.01
CA MET Q 108 31.00 21.96 25.38
C MET Q 108 31.05 20.68 26.20
N ILE Q 109 32.00 19.83 25.87
CA ILE Q 109 32.18 18.54 26.53
C ILE Q 109 33.45 18.52 27.36
N TRP Q 110 34.55 19.01 26.81
CA TRP Q 110 35.81 19.09 27.51
C TRP Q 110 36.45 20.43 27.17
N GLY Q 111 37.18 20.99 28.12
CA GLY Q 111 37.88 22.22 27.90
C GLY Q 111 37.18 23.43 28.50
N PRO Q 112 37.65 24.64 28.18
CA PRO Q 112 38.79 24.97 27.32
C PRO Q 112 40.15 24.77 27.98
N TYR Q 113 41.14 24.48 27.15
CA TYR Q 113 42.50 24.25 27.59
C TYR Q 113 43.40 24.97 26.60
N GLU Q 114 44.12 25.99 27.06
CA GLU Q 114 44.90 26.85 26.16
C GLU Q 114 46.38 26.82 26.53
N PRO Q 115 47.16 25.88 25.99
CA PRO Q 115 48.61 25.98 26.12
C PRO Q 115 49.18 27.07 25.22
N LEU Q 116 50.29 27.64 25.66
CA LEU Q 116 50.98 28.68 24.92
C LEU Q 116 52.23 28.09 24.28
N TYR Q 117 52.54 28.55 23.06
CA TYR Q 117 53.60 27.95 22.28
C TYR Q 117 54.53 29.02 21.73
N GLU Q 118 55.80 28.64 21.62
CA GLU Q 118 56.82 29.42 20.93
C GLU Q 118 57.12 28.73 19.61
N ILE Q 119 57.24 29.52 18.54
CA ILE Q 119 57.58 28.98 17.23
C ILE Q 119 59.09 28.74 17.17
N VAL Q 120 59.48 27.48 17.09
CA VAL Q 120 60.89 27.12 16.98
C VAL Q 120 61.36 27.30 15.54
N TYR Q 121 60.59 26.78 14.59
CA TYR Q 121 60.88 26.84 13.18
C TYR Q 121 59.60 27.20 12.46
N ALA Q 122 59.71 27.94 11.35
CA ALA Q 122 58.54 28.25 10.56
C ALA Q 122 58.91 28.32 9.09
N ASN Q 123 58.19 27.58 8.27
CA ASN Q 123 58.15 27.75 6.82
C ASN Q 123 56.67 27.81 6.49
N MET Q 124 56.08 28.98 6.61
CA MET Q 124 54.64 29.15 6.42
C MET Q 124 54.41 30.28 5.42
N PRO Q 125 54.03 29.95 4.20
CA PRO Q 125 53.89 30.97 3.16
C PRO Q 125 52.61 31.80 3.34
N LEU Q 126 52.51 32.82 2.52
CA LEU Q 126 51.29 33.62 2.46
C LEU Q 126 50.16 32.81 1.84
N ASN Q 127 48.98 32.92 2.43
CA ASN Q 127 47.81 32.26 1.87
C ASN Q 127 47.34 32.99 0.62
N THR Q 128 47.22 32.27 -0.48
CA THR Q 128 46.70 32.80 -1.73
C THR Q 128 45.58 31.91 -2.23
N GLU Q 129 44.56 32.53 -2.80
CA GLU Q 129 43.55 31.79 -3.55
C GLU Q 129 44.11 31.39 -4.91
N MET Q 130 43.34 30.60 -5.64
CA MET Q 130 43.71 30.24 -7.00
C MET Q 130 43.54 31.41 -7.97
N THR Q 131 42.82 32.46 -7.57
CA THR Q 131 42.74 33.67 -8.38
C THR Q 131 43.90 34.62 -8.11
N ASP Q 132 44.70 34.38 -7.09
CA ASP Q 132 45.73 35.32 -6.67
C ASP Q 132 47.14 34.93 -7.08
N PHE Q 133 47.34 33.78 -7.75
CA PHE Q 133 48.70 33.34 -8.02
C PHE Q 133 49.37 34.16 -9.11
N THR Q 134 48.58 34.78 -9.99
CA THR Q 134 49.15 35.69 -10.99
C THR Q 134 49.77 36.92 -10.34
N VAL Q 135 49.18 37.41 -9.25
CA VAL Q 135 49.79 38.51 -8.51
C VAL Q 135 51.03 38.03 -7.78
N MET Q 136 51.01 36.80 -7.27
CA MET Q 136 52.10 36.29 -6.45
C MET Q 136 53.34 36.04 -7.27
N VAL Q 137 53.21 35.35 -8.41
CA VAL Q 137 54.37 35.08 -9.24
C VAL Q 137 54.81 36.33 -10.00
N GLY Q 138 53.91 37.29 -10.20
CA GLY Q 138 54.31 38.52 -10.87
C GLY Q 138 55.15 39.41 -9.97
N LYS Q 139 54.82 39.45 -8.69
CA LYS Q 139 55.59 40.26 -7.75
C LYS Q 139 56.94 39.64 -7.45
N LYS Q 140 57.02 38.31 -7.42
CA LYS Q 140 58.27 37.64 -7.12
C LYS Q 140 59.21 37.63 -8.32
N PHE Q 141 58.67 37.62 -9.54
CA PHE Q 141 59.52 37.74 -10.71
C PHE Q 141 60.05 39.16 -10.88
N ALA Q 142 59.25 40.16 -10.52
CA ALA Q 142 59.69 41.55 -10.65
C ALA Q 142 60.73 41.90 -9.61
N ALA Q 143 60.74 41.20 -8.48
CA ALA Q 143 61.72 41.41 -7.43
C ALA Q 143 62.93 40.51 -7.56
N GLY Q 144 63.01 39.70 -8.60
CA GLY Q 144 64.12 38.79 -8.79
C GLY Q 144 64.16 37.64 -7.80
N GLU Q 145 63.01 37.23 -7.27
CA GLU Q 145 62.96 36.15 -6.30
C GLU Q 145 62.10 34.99 -6.83
N ALA Q 146 62.36 34.58 -8.07
CA ALA Q 146 61.63 33.45 -8.64
C ALA Q 146 61.97 32.13 -7.95
N VAL Q 147 63.16 32.03 -7.35
CA VAL Q 147 63.56 30.80 -6.69
C VAL Q 147 62.80 30.60 -5.37
N SER Q 148 62.22 31.66 -4.81
CA SER Q 148 61.49 31.59 -3.56
C SER Q 148 59.99 31.83 -3.77
N ILE Q 149 59.45 31.32 -4.87
CA ILE Q 149 58.01 31.40 -5.10
C ILE Q 149 57.33 30.30 -4.29
N PRO Q 150 56.38 30.63 -3.43
CA PRO Q 150 55.79 29.63 -2.54
C PRO Q 150 54.71 28.83 -3.24
N PRO Q 151 54.29 27.70 -2.69
CA PRO Q 151 53.13 26.99 -3.24
C PRO Q 151 51.83 27.73 -2.94
N ILE Q 152 50.80 27.41 -3.71
CA ILE Q 152 49.49 28.03 -3.55
C ILE Q 152 48.81 27.39 -2.34
N SER Q 153 48.76 28.12 -1.24
CA SER Q 153 48.14 27.64 0.00
C SER Q 153 46.78 28.30 0.11
N GLN Q 154 45.74 27.56 -0.20
CA GLN Q 154 44.40 28.14 -0.29
C GLN Q 154 43.78 28.27 1.09
N PRO Q 155 43.23 29.44 1.42
CA PRO Q 155 42.63 29.61 2.75
C PRO Q 155 41.20 29.06 2.82
N TYR Q 156 40.69 29.04 4.05
CA TYR Q 156 39.27 28.82 4.38
C TYR Q 156 38.78 27.43 3.95
N GLY Q 157 39.40 26.41 4.53
CA GLY Q 157 38.91 25.06 4.42
C GLY Q 157 39.37 24.28 3.21
N LYS Q 158 40.26 24.83 2.38
CA LYS Q 158 40.68 24.18 1.15
C LYS Q 158 42.02 23.47 1.28
N ARG Q 159 42.46 23.21 2.50
CA ARG Q 159 43.67 22.43 2.74
C ARG Q 159 43.47 21.70 4.05
N VAL Q 160 44.43 20.84 4.39
CA VAL Q 160 44.35 20.07 5.64
C VAL Q 160 45.63 20.32 6.43
N VAL Q 161 45.51 20.12 7.74
CA VAL Q 161 46.60 20.34 8.68
C VAL Q 161 46.87 19.03 9.40
N ALA Q 162 48.14 18.63 9.45
CA ALA Q 162 48.59 17.54 10.29
C ALA Q 162 49.10 18.10 11.59
N PHE Q 163 48.47 17.70 12.70
CA PHE Q 163 48.75 18.20 14.04
C PHE Q 163 49.52 17.11 14.76
N GLY Q 164 50.85 17.22 14.77
CA GLY Q 164 51.70 16.17 15.29
C GLY Q 164 52.19 16.39 16.70
N GLU Q 165 51.68 15.59 17.62
CA GLU Q 165 52.02 15.75 19.04
C GLU Q 165 53.25 14.93 19.38
N HIS Q 166 54.24 15.58 19.97
CA HIS Q 166 55.49 14.93 20.36
C HIS Q 166 55.85 15.36 21.77
N ILE Q 167 56.13 14.39 22.64
CA ILE Q 167 56.65 14.67 23.97
C ILE Q 167 58.07 14.13 24.02
N VAL Q 168 59.03 15.01 24.33
CA VAL Q 168 60.45 14.73 24.17
C VAL Q 168 61.07 14.57 25.55
N LYS Q 169 61.90 13.54 25.71
CA LYS Q 169 62.62 13.26 26.94
C LYS Q 169 63.49 14.44 27.37
N GLU Q 170 63.66 14.58 28.69
CA GLU Q 170 64.50 15.62 29.27
C GLU Q 170 65.95 15.46 28.83
N GLY Q 171 66.51 16.51 28.26
CA GLY Q 171 67.86 16.52 27.77
C GLY Q 171 68.01 16.27 26.29
N LEU Q 172 66.97 15.74 25.64
CA LEU Q 172 66.99 15.47 24.21
C LEU Q 172 66.21 16.49 23.39
N GLU Q 173 65.95 17.67 23.95
CA GLU Q 173 65.20 18.69 23.22
C GLU Q 173 66.03 19.31 22.11
N ASN Q 174 67.35 19.40 22.28
CA ASN Q 174 68.21 19.91 21.21
C ASN Q 174 68.31 18.93 20.05
N GLN Q 175 68.26 17.63 20.34
CA GLN Q 175 68.29 16.64 19.26
C GLN Q 175 66.96 16.59 18.53
N PHE Q 176 65.85 16.78 19.23
CA PHE Q 176 64.55 16.82 18.56
C PHE Q 176 64.48 17.98 17.59
N GLU Q 177 64.80 19.19 18.05
CA GLU Q 177 64.61 20.38 17.24
C GLU Q 177 65.52 20.41 16.04
N GLU Q 178 66.71 19.80 16.14
CA GLU Q 178 67.62 19.76 14.99
C GLU Q 178 67.07 18.87 13.88
N TYR Q 179 66.60 17.68 14.23
CA TYR Q 179 66.18 16.72 13.22
C TYR Q 179 64.71 16.82 12.85
N ALA Q 180 63.87 17.43 13.69
CA ALA Q 180 62.52 17.73 13.24
C ALA Q 180 62.51 18.86 12.23
N ILE Q 181 63.48 19.78 12.33
CA ILE Q 181 63.65 20.81 11.32
C ILE Q 181 64.09 20.17 10.00
N LYS Q 182 65.05 19.25 10.06
CA LYS Q 182 65.51 18.54 8.86
C LYS Q 182 64.42 17.68 8.24
N THR Q 183 63.48 17.18 9.06
CA THR Q 183 62.35 16.45 8.52
C THR Q 183 61.40 17.37 7.78
N LEU Q 184 61.20 18.59 8.30
CA LEU Q 184 60.30 19.54 7.64
C LEU Q 184 60.92 20.16 6.40
N GLU Q 185 62.25 20.25 6.34
CA GLU Q 185 62.89 20.66 5.09
C GLU Q 185 62.81 19.56 4.05
N ALA Q 186 62.79 18.30 4.47
CA ALA Q 186 62.62 17.19 3.55
C ALA Q 186 61.20 17.11 3.02
N PHE Q 187 60.21 17.64 3.75
CA PHE Q 187 58.84 17.65 3.26
C PHE Q 187 58.65 18.63 2.10
N ARG Q 188 59.58 19.57 1.90
CA ARG Q 188 59.49 20.51 0.78
C ARG Q 188 59.51 19.80 -0.58
N SER Q 189 60.09 18.61 -0.64
CA SER Q 189 60.07 17.82 -1.86
C SER Q 189 58.75 17.08 -2.07
N ALA Q 190 57.94 16.93 -1.04
CA ALA Q 190 56.72 16.13 -1.16
C ALA Q 190 55.66 16.89 -1.94
N PRO Q 191 54.91 16.22 -2.80
CA PRO Q 191 53.82 16.90 -3.53
C PRO Q 191 52.69 17.28 -2.60
N GLY Q 192 52.19 18.50 -2.79
CA GLY Q 192 51.12 19.00 -1.96
C GLY Q 192 51.52 19.55 -0.62
N PHE Q 193 52.81 19.58 -0.30
CA PHE Q 193 53.26 20.18 0.94
C PHE Q 193 53.12 21.69 0.85
N LEU Q 194 52.38 22.27 1.79
CA LEU Q 194 52.08 23.69 1.76
C LEU Q 194 52.82 24.47 2.82
N GLY Q 195 53.64 23.82 3.65
CA GLY Q 195 54.42 24.50 4.65
C GLY Q 195 54.24 23.89 6.02
N GLY Q 196 55.10 24.33 6.93
CA GLY Q 196 55.17 23.71 8.23
C GLY Q 196 55.80 24.59 9.28
N MET Q 197 55.49 24.30 10.54
CA MET Q 197 56.11 24.97 11.66
C MET Q 197 56.21 24.01 12.84
N ILE Q 198 57.15 24.30 13.73
CA ILE Q 198 57.38 23.51 14.93
C ILE Q 198 57.09 24.39 16.13
N LEU Q 199 56.15 23.95 16.97
CA LEU Q 199 55.71 24.71 18.13
C LEU Q 199 56.21 24.05 19.40
N LYS Q 200 56.70 24.86 20.33
CA LYS Q 200 57.24 24.39 21.60
C LYS Q 200 56.41 24.99 22.73
N GLU Q 201 55.82 24.12 23.56
CA GLU Q 201 54.96 24.59 24.64
C GLU Q 201 55.77 25.28 25.73
N ILE Q 202 55.35 26.49 26.10
CA ILE Q 202 56.04 27.29 27.09
C ILE Q 202 55.16 27.63 28.29
N GLY Q 203 53.91 27.19 28.30
CA GLY Q 203 53.02 27.52 29.39
C GLY Q 203 51.59 27.26 29.00
N VAL Q 204 50.69 27.47 29.97
CA VAL Q 204 49.26 27.33 29.79
C VAL Q 204 48.58 28.57 30.34
N SER Q 205 47.77 29.22 29.52
CA SER Q 205 47.01 30.39 29.94
C SER Q 205 45.96 30.03 30.98
N PRO Q 206 45.98 30.63 32.17
CA PRO Q 206 44.93 30.31 33.16
C PRO Q 206 43.56 30.86 32.80
N LEU Q 207 43.48 32.11 32.32
CA LEU Q 207 42.19 32.69 31.99
C LEU Q 207 41.60 32.07 30.74
N GLY Q 208 42.45 31.72 29.77
CA GLY Q 208 41.99 30.99 28.60
C GLY Q 208 41.55 29.57 28.88
N SER Q 209 42.00 29.00 30.00
CA SER Q 209 41.58 27.66 30.39
C SER Q 209 40.47 27.67 31.43
N LEU Q 210 39.94 28.86 31.75
CA LEU Q 210 38.92 29.08 32.80
C LEU Q 210 39.36 28.52 34.15
N GLN Q 211 40.63 28.70 34.47
CA GLN Q 211 41.20 28.19 35.71
C GLN Q 211 41.41 29.37 36.65
N LEU Q 212 40.47 29.55 37.56
CA LEU Q 212 40.50 30.60 38.57
C LEU Q 212 40.78 29.97 39.93
N ASN Q 213 40.77 30.80 40.97
CA ASN Q 213 40.86 30.31 42.33
C ASN Q 213 39.49 29.76 42.75
N ALA Q 214 39.35 29.43 44.03
CA ALA Q 214 38.14 28.74 44.50
C ALA Q 214 36.90 29.63 44.41
N LYS Q 215 37.05 30.93 44.68
CA LYS Q 215 35.92 31.83 44.55
C LYS Q 215 35.55 32.04 43.08
N GLY Q 216 36.56 32.15 42.21
CA GLY Q 216 36.28 32.33 40.80
C GLY Q 216 35.69 31.10 40.14
N PHE Q 217 36.11 29.91 40.58
CA PHE Q 217 35.56 28.67 40.02
C PHE Q 217 34.09 28.51 40.36
N HIS Q 218 33.70 28.90 41.58
CA HIS Q 218 32.30 28.80 41.95
C HIS Q 218 31.44 29.82 41.22
N GLN Q 219 31.99 31.00 40.92
CA GLN Q 219 31.24 31.99 40.17
C GLN Q 219 31.06 31.57 38.71
N ILE Q 220 31.99 30.76 38.18
CA ILE Q 220 31.80 30.19 36.85
C ILE Q 220 30.62 29.23 36.83
N LEU Q 221 30.52 28.36 37.85
CA LEU Q 221 29.42 27.41 37.92
C LEU Q 221 28.09 28.09 38.24
N GLU Q 222 28.11 29.20 38.95
CA GLU Q 222 26.88 29.79 39.47
C GLU Q 222 26.25 30.80 38.53
N THR Q 223 26.97 31.29 37.52
CA THR Q 223 26.48 32.44 36.77
C THR Q 223 25.40 32.04 35.78
N ALA Q 224 24.50 32.98 35.53
CA ALA Q 224 23.43 32.82 34.54
C ALA Q 224 23.90 33.48 33.25
N ASN Q 225 24.39 32.64 32.32
CA ASN Q 225 24.83 33.02 30.98
C ASN Q 225 25.99 34.01 30.98
N GLY Q 226 26.74 34.10 32.07
CA GLY Q 226 27.86 35.00 32.13
C GLY Q 226 27.56 36.41 32.58
N MET Q 227 26.31 36.73 32.92
CA MET Q 227 25.97 38.06 33.41
C MET Q 227 26.67 38.37 34.72
N ASP Q 228 26.91 37.35 35.53
CA ASP Q 228 27.63 37.46 36.79
C ASP Q 228 29.08 37.08 36.51
N VAL Q 229 29.92 38.08 36.29
CA VAL Q 229 31.29 37.83 35.83
C VAL Q 229 32.17 37.51 37.03
N PRO Q 230 32.92 36.40 37.00
CA PRO Q 230 33.84 36.11 38.10
C PRO Q 230 35.00 37.08 38.12
N GLU Q 231 35.53 37.30 39.31
CA GLU Q 231 36.74 38.09 39.45
C GLU Q 231 37.91 37.29 38.89
N PRO Q 232 38.66 37.80 37.91
CA PRO Q 232 39.66 36.97 37.22
C PRO Q 232 40.97 36.84 37.99
N VAL Q 233 40.88 36.28 39.19
CA VAL Q 233 42.04 36.01 40.03
C VAL Q 233 42.40 34.54 39.87
N THR Q 234 43.62 34.28 39.42
CA THR Q 234 44.14 32.94 39.26
C THR Q 234 45.20 32.68 40.32
N ILE Q 235 45.50 31.39 40.53
CA ILE Q 235 46.52 31.02 41.50
C ILE Q 235 47.88 30.86 40.84
N TYR Q 236 47.97 30.95 39.52
CA TYR Q 236 49.23 30.78 38.82
C TYR Q 236 49.25 31.67 37.60
N GLU Q 237 50.45 31.95 37.13
CA GLU Q 237 50.65 32.57 35.82
C GLU Q 237 51.11 31.50 34.85
N ALA Q 238 51.10 31.86 33.57
CA ALA Q 238 51.26 30.87 32.50
C ALA Q 238 52.55 30.05 32.51
N PRO Q 239 53.76 30.58 32.79
CA PRO Q 239 54.92 29.68 32.89
C PRO Q 239 54.94 28.78 34.12
N GLU Q 240 54.06 28.97 35.10
CA GLU Q 240 54.00 28.08 36.24
C GLU Q 240 53.30 26.77 35.92
N PHE Q 241 52.52 26.71 34.85
CA PHE Q 241 51.98 25.48 34.32
C PHE Q 241 52.68 25.28 32.98
N ARG Q 242 53.89 24.76 33.04
CA ARG Q 242 54.65 24.38 31.86
C ARG Q 242 54.92 22.89 31.99
N ASN Q 243 54.39 22.12 31.06
CA ASN Q 243 54.43 20.67 31.17
C ASN Q 243 55.84 20.14 30.95
N ARG Q 244 56.28 19.31 31.86
CA ARG Q 244 57.52 18.58 31.73
C ARG Q 244 57.21 17.09 31.71
N PRO Q 245 57.79 16.30 30.80
CA PRO Q 245 58.73 16.61 29.71
C PRO Q 245 58.14 17.45 28.59
N GLN Q 246 59.01 17.99 27.73
CA GLN Q 246 58.65 19.09 26.85
C GLN Q 246 57.72 18.64 25.72
N ARG Q 247 56.61 19.35 25.57
CA ARG Q 247 55.64 19.08 24.51
C ARG Q 247 55.99 19.87 23.26
N TYR Q 248 55.90 19.20 22.12
CA TYR Q 248 56.10 19.84 20.84
C TYR Q 248 54.92 19.56 19.94
N ILE Q 249 54.53 20.55 19.15
CA ILE Q 249 53.58 20.36 18.06
C ILE Q 249 54.36 20.50 16.76
N VAL Q 250 54.27 19.47 15.91
CA VAL Q 250 54.76 19.55 14.55
C VAL Q 250 53.55 19.77 13.66
N HIS Q 251 53.42 21.00 13.16
CA HIS Q 251 52.27 21.45 12.39
C HIS Q 251 52.67 21.51 10.93
N THR Q 252 52.07 20.68 10.10
CA THR Q 252 52.33 20.69 8.66
C THR Q 252 51.02 20.82 7.90
N GLU Q 253 51.09 21.48 6.75
CA GLU Q 253 49.91 21.78 5.95
C GLU Q 253 50.04 21.12 4.59
N TRP Q 254 48.93 20.56 4.11
CA TRP Q 254 48.90 19.72 2.93
C TRP Q 254 47.68 20.08 2.10
N SER Q 255 47.79 19.89 0.79
CA SER Q 255 46.71 20.30 -0.10
C SER Q 255 45.47 19.41 0.04
N ASP Q 256 45.66 18.13 0.35
CA ASP Q 256 44.56 17.20 0.59
C ASP Q 256 45.06 16.09 1.49
N THR Q 257 44.15 15.18 1.87
CA THR Q 257 44.54 14.13 2.81
C THR Q 257 45.39 13.05 2.15
N ASN Q 258 45.28 12.87 0.83
CA ASN Q 258 46.15 11.94 0.14
C ASN Q 258 47.58 12.47 0.12
N ALA Q 259 47.76 13.76 -0.15
CA ALA Q 259 49.09 14.37 -0.09
C ALA Q 259 49.64 14.34 1.33
N LEU Q 260 48.76 14.47 2.33
CA LEU Q 260 49.18 14.37 3.72
C LEU Q 260 49.65 12.95 4.05
N MET Q 261 48.89 11.94 3.63
CA MET Q 261 49.18 10.56 3.99
C MET Q 261 50.48 10.07 3.38
N PHE Q 262 50.70 10.35 2.09
CA PHE Q 262 51.94 9.92 1.48
C PHE Q 262 53.09 10.90 1.70
N GLY Q 263 52.80 12.15 2.02
CA GLY Q 263 53.84 13.10 2.33
C GLY Q 263 54.43 12.90 3.71
N LEU Q 264 53.57 12.82 4.73
CA LEU Q 264 54.02 12.47 6.07
C LEU Q 264 54.56 11.06 6.14
N GLY Q 265 54.03 10.17 5.30
CA GLY Q 265 54.48 8.80 5.21
C GLY Q 265 55.91 8.62 4.73
N ARG Q 266 56.52 9.66 4.18
CA ARG Q 266 57.93 9.62 3.77
C ARG Q 266 58.88 9.36 4.92
N VAL Q 267 58.48 9.65 6.17
CA VAL Q 267 59.29 9.26 7.32
C VAL Q 267 59.22 7.76 7.58
N LEU Q 268 58.34 7.04 6.90
CA LEU Q 268 58.27 5.58 6.98
C LEU Q 268 58.69 4.87 5.71
N ILE Q 269 58.45 5.45 4.53
CA ILE Q 269 58.62 4.73 3.28
C ILE Q 269 59.75 5.28 2.41
N TYR Q 270 60.23 6.49 2.67
CA TYR Q 270 61.35 7.06 1.92
C TYR Q 270 62.60 6.87 2.76
N PRO Q 271 63.56 6.05 2.32
CA PRO Q 271 64.67 5.66 3.20
C PRO Q 271 65.60 6.81 3.58
N GLU Q 272 65.76 7.83 2.75
CA GLU Q 272 66.61 8.96 3.12
C GLU Q 272 65.96 9.83 4.20
N VAL Q 273 64.65 10.03 4.13
CA VAL Q 273 63.95 10.80 5.15
C VAL Q 273 63.75 9.96 6.40
N ARG Q 274 63.67 8.63 6.24
CA ARG Q 274 63.46 7.71 7.35
C ARG Q 274 64.62 7.73 8.33
N GLN Q 275 65.87 7.86 7.84
CA GLN Q 275 67.00 7.97 8.76
C GLN Q 275 67.02 9.28 9.50
N ILE Q 276 66.52 10.36 8.88
CA ILE Q 276 66.45 11.65 9.55
C ILE Q 276 65.43 11.60 10.69
N HIS Q 277 64.24 11.08 10.41
CA HIS Q 277 63.17 11.03 11.40
C HIS Q 277 63.40 9.96 12.45
N ASP Q 278 64.32 9.02 12.23
CA ASP Q 278 64.70 8.07 13.27
C ASP Q 278 65.38 8.77 14.44
N LYS Q 279 66.09 9.87 14.17
CA LYS Q 279 66.69 10.64 15.25
C LYS Q 279 65.64 11.41 16.04
N VAL Q 280 64.53 11.78 15.40
CA VAL Q 280 63.40 12.36 16.11
C VAL Q 280 62.75 11.33 17.02
N LEU Q 281 62.56 10.11 16.51
CA LEU Q 281 61.88 9.05 17.26
C LEU Q 281 62.68 8.60 18.47
N ASP Q 282 64.00 8.72 18.42
CA ASP Q 282 64.86 8.35 19.53
C ASP Q 282 64.88 9.38 20.66
N THR Q 283 64.11 10.46 20.56
CA THR Q 283 64.01 11.45 21.63
C THR Q 283 62.64 11.45 22.29
N LEU Q 284 61.69 10.65 21.83
CA LEU Q 284 60.30 10.77 22.21
C LEU Q 284 59.95 9.84 23.37
N VAL Q 285 59.35 10.38 24.42
CA VAL Q 285 58.69 9.54 25.41
C VAL Q 285 57.23 9.29 25.04
N TYR Q 286 56.64 10.13 24.20
CA TYR Q 286 55.28 9.92 23.72
C TYR Q 286 55.20 10.41 22.29
N GLY Q 287 54.49 9.66 21.46
CA GLY Q 287 54.23 10.05 20.11
C GLY Q 287 55.04 9.27 19.10
N PRO Q 288 54.87 9.57 17.81
CA PRO Q 288 54.02 10.64 17.27
C PRO Q 288 52.56 10.25 17.07
N TYR Q 289 51.67 11.14 17.49
CA TYR Q 289 50.24 11.00 17.27
C TYR Q 289 49.78 12.19 16.45
N ILE Q 290 49.21 11.93 15.28
CA ILE Q 290 48.97 12.97 14.29
C ILE Q 290 47.46 13.09 14.08
N ARG Q 291 46.91 14.22 14.48
CA ARG Q 291 45.52 14.55 14.18
C ARG Q 291 45.43 15.28 12.85
N VAL Q 292 44.32 15.09 12.16
CA VAL Q 292 44.06 15.75 10.89
C VAL Q 292 43.05 16.85 11.15
N LEU Q 293 43.42 18.08 10.80
CA LEU Q 293 42.60 19.24 11.11
C LEU Q 293 42.18 19.95 9.83
N ASN Q 294 41.00 20.56 9.88
CA ASN Q 294 40.51 21.37 8.78
C ASN Q 294 40.51 22.82 9.20
N PRO Q 295 41.31 23.68 8.58
CA PRO Q 295 41.32 25.11 8.94
C PRO Q 295 40.16 25.89 8.35
N MET Q 296 39.01 25.90 9.03
CA MET Q 296 37.82 26.56 8.52
C MET Q 296 37.97 28.08 8.51
N MET Q 297 38.12 28.68 9.68
CA MET Q 297 38.11 30.13 9.83
C MET Q 297 39.52 30.62 10.09
N GLU Q 298 39.96 31.60 9.31
CA GLU Q 298 41.35 32.01 9.33
C GLU Q 298 41.50 33.52 9.33
N GLY Q 299 42.57 33.96 9.96
CA GLY Q 299 43.04 35.33 10.00
C GLY Q 299 44.36 35.46 9.27
N THR Q 300 44.41 35.02 8.01
CA THR Q 300 45.61 34.73 7.22
C THR Q 300 46.72 35.80 7.19
N TYR Q 301 46.44 37.00 7.65
CA TYR Q 301 47.42 38.07 7.81
C TYR Q 301 48.43 37.80 8.92
N TRP Q 302 48.30 36.72 9.70
CA TRP Q 302 49.37 36.35 10.64
C TRP Q 302 50.61 35.88 9.90
N ARG Q 303 50.46 35.33 8.70
CA ARG Q 303 51.60 34.97 7.89
C ARG Q 303 52.26 36.18 7.25
N GLU Q 304 51.51 37.28 7.09
CA GLU Q 304 52.13 38.53 6.65
C GLU Q 304 53.06 39.08 7.71
N TYR Q 305 52.68 38.93 8.99
CA TYR Q 305 53.57 39.32 10.08
C TYR Q 305 54.78 38.40 10.16
N LEU Q 306 54.57 37.10 9.90
CA LEU Q 306 55.65 36.13 10.02
C LEU Q 306 56.67 36.29 8.90
N ASN Q 307 56.20 36.49 7.67
CA ASN Q 307 57.08 36.57 6.52
C ASN Q 307 57.50 37.99 6.19
N GLU Q 308 56.99 38.98 6.93
CA GLU Q 308 57.36 40.41 6.82
C GLU Q 308 57.08 40.96 5.42
N TYR Q 309 56.01 40.49 4.81
CA TYR Q 309 55.66 40.81 3.44
C TYR Q 309 54.21 40.42 3.24
N HIS Q 310 53.47 41.22 2.46
CA HIS Q 310 52.08 40.92 2.16
C HIS Q 310 51.89 40.80 0.65
N LEU Q 311 50.71 40.34 0.27
CA LEU Q 311 50.29 40.05 -1.12
C LEU Q 311 51.24 39.10 -1.85
N PRO R 2 -62.54 -11.03 32.60
CA PRO R 2 -63.20 -9.76 32.26
C PRO R 2 -62.31 -8.90 31.38
N LYS R 3 -62.82 -7.74 30.97
CA LYS R 3 -62.02 -6.84 30.16
C LYS R 3 -61.22 -5.90 31.06
N PRO R 4 -59.90 -5.92 31.00
CA PRO R 4 -59.12 -5.00 31.81
C PRO R 4 -59.10 -3.60 31.22
N TYR R 5 -58.52 -2.68 31.98
CA TYR R 5 -58.25 -1.33 31.51
C TYR R 5 -56.78 -1.22 31.15
N VAL R 6 -56.48 -0.39 30.17
CA VAL R 6 -55.14 -0.28 29.63
C VAL R 6 -54.59 1.11 29.90
N ALA R 7 -53.40 1.18 30.48
CA ALA R 7 -52.59 2.39 30.49
C ALA R 7 -51.48 2.21 29.46
N ILE R 8 -51.35 3.17 28.56
CA ILE R 8 -50.34 3.11 27.51
C ILE R 8 -49.32 4.22 27.76
N ASN R 9 -48.14 3.85 28.24
CA ASN R 9 -47.07 4.80 28.48
C ASN R 9 -46.30 5.02 27.18
N MET R 10 -46.28 6.26 26.70
CA MET R 10 -45.65 6.62 25.45
C MET R 10 -44.44 7.50 25.71
N VAL R 11 -43.27 7.07 25.26
CA VAL R 11 -42.04 7.82 25.36
C VAL R 11 -41.30 7.78 24.03
N GLU R 12 -40.58 8.85 23.73
CA GLU R 12 -39.61 8.87 22.65
C GLU R 12 -38.22 8.86 23.25
N VAL R 13 -37.40 7.88 22.89
CA VAL R 13 -36.05 7.74 23.41
C VAL R 13 -35.08 7.71 22.23
N ARG R 14 -33.81 7.94 22.52
CA ARG R 14 -32.77 7.85 21.50
C ARG R 14 -32.59 6.42 21.01
N ASN R 15 -32.24 6.28 19.74
CA ASN R 15 -31.95 4.96 19.16
C ASN R 15 -30.45 4.79 19.15
N ASP R 16 -29.91 4.28 20.25
CA ASP R 16 -28.48 4.08 20.44
C ASP R 16 -28.32 2.84 21.32
N PRO R 17 -27.12 2.22 21.33
CA PRO R 17 -26.93 1.04 22.18
C PRO R 17 -27.09 1.28 23.68
N LYS R 18 -26.95 2.52 24.15
CA LYS R 18 -27.20 2.81 25.55
C LYS R 18 -28.67 2.61 25.92
N THR R 19 -29.59 2.94 25.00
CA THR R 19 -31.02 2.83 25.25
C THR R 19 -31.46 1.37 25.37
N LEU R 20 -30.92 0.50 24.51
CA LEU R 20 -31.30 -0.91 24.59
C LEU R 20 -30.73 -1.61 25.82
N GLU R 21 -29.75 -1.03 26.50
CA GLU R 21 -29.41 -1.50 27.84
C GLU R 21 -30.50 -1.16 28.84
N LEU R 22 -31.20 -0.04 28.65
CA LEU R 22 -32.28 0.37 29.54
C LEU R 22 -33.52 -0.49 29.39
N PHE R 23 -33.65 -1.23 28.28
CA PHE R 23 -34.74 -2.19 28.12
C PHE R 23 -34.60 -3.35 29.11
N GLY R 24 -33.38 -3.77 29.38
CA GLY R 24 -33.15 -4.95 30.19
C GLY R 24 -32.72 -4.66 31.61
N LYS R 25 -32.39 -3.40 31.92
CA LYS R 25 -31.92 -3.05 33.25
C LYS R 25 -32.88 -2.15 34.02
N VAL R 26 -33.90 -1.59 33.37
CA VAL R 26 -34.87 -0.71 34.02
C VAL R 26 -36.29 -1.20 33.81
N GLY R 27 -36.64 -1.53 32.57
CA GLY R 27 -37.89 -2.19 32.19
C GLY R 27 -38.40 -3.32 33.07
N PRO R 28 -37.56 -4.32 33.38
CA PRO R 28 -38.01 -5.35 34.34
C PRO R 28 -38.25 -4.83 35.74
N LYS R 29 -37.50 -3.82 36.18
CA LYS R 29 -37.70 -3.28 37.54
C LYS R 29 -39.01 -2.52 37.64
N VAL R 30 -39.40 -1.81 36.58
CA VAL R 30 -40.67 -1.10 36.56
C VAL R 30 -41.83 -2.08 36.62
N CYS R 31 -41.72 -3.20 35.90
CA CYS R 31 -42.75 -4.24 35.94
C CYS R 31 -42.83 -4.90 37.31
N MET R 32 -41.70 -5.01 38.02
CA MET R 32 -41.72 -5.61 39.35
C MET R 32 -42.32 -4.67 40.39
N VAL R 33 -42.09 -3.37 40.26
CA VAL R 33 -42.72 -2.40 41.16
C VAL R 33 -44.22 -2.32 40.88
N THR R 34 -44.59 -2.38 39.60
CA THR R 34 -45.99 -2.35 39.19
C THR R 34 -46.75 -3.58 39.68
N ALA R 35 -46.08 -4.72 39.79
CA ALA R 35 -46.69 -5.96 40.25
C ALA R 35 -46.85 -6.03 41.76
N ARG R 36 -46.48 -4.98 42.51
CA ARG R 36 -46.85 -4.91 43.92
C ARG R 36 -48.35 -4.71 44.12
N HIS R 37 -49.04 -4.14 43.15
CA HIS R 37 -50.47 -3.89 43.25
C HIS R 37 -51.26 -5.11 42.78
N PRO R 38 -52.30 -5.50 43.51
CA PRO R 38 -53.06 -6.71 43.12
C PRO R 38 -53.95 -6.50 41.89
N GLY R 39 -54.28 -5.27 41.54
CA GLY R 39 -55.05 -4.99 40.34
C GLY R 39 -54.27 -5.06 39.04
N PHE R 40 -52.96 -5.20 39.12
CA PHE R 40 -52.12 -5.36 37.94
C PHE R 40 -52.29 -6.77 37.39
N VAL R 41 -52.68 -6.88 36.13
CA VAL R 41 -52.90 -8.19 35.52
C VAL R 41 -51.95 -8.48 34.37
N GLY R 42 -51.07 -7.58 34.01
CA GLY R 42 -50.09 -7.87 32.98
C GLY R 42 -49.69 -6.64 32.20
N PHE R 43 -48.81 -6.88 31.23
CA PHE R 43 -48.23 -5.80 30.45
C PHE R 43 -47.87 -6.30 29.06
N GLN R 44 -47.62 -5.35 28.16
CA GLN R 44 -47.14 -5.64 26.82
C GLN R 44 -46.39 -4.42 26.33
N ASN R 45 -45.08 -4.54 26.16
CA ASN R 45 -44.24 -3.41 25.82
C ASN R 45 -43.88 -3.45 24.33
N HIS R 46 -43.96 -2.30 23.68
CA HIS R 46 -43.76 -2.20 22.25
C HIS R 46 -42.67 -1.20 21.91
N VAL R 47 -42.01 -1.46 20.79
CA VAL R 47 -41.15 -0.48 20.11
C VAL R 47 -41.73 -0.27 18.72
N GLN R 48 -41.90 0.98 18.33
CA GLN R 48 -42.36 1.26 16.98
C GLN R 48 -41.23 0.96 15.99
N ILE R 49 -41.54 0.14 14.99
CA ILE R 49 -40.58 -0.21 13.96
C ILE R 49 -40.91 0.43 12.62
N GLY R 50 -42.07 1.05 12.47
CA GLY R 50 -42.40 1.68 11.21
C GLY R 50 -43.84 2.18 11.20
N VAL R 51 -44.26 2.57 10.00
CA VAL R 51 -45.57 3.15 9.73
C VAL R 51 -46.11 2.47 8.48
N VAL R 52 -47.40 2.17 8.46
CA VAL R 52 -48.04 1.68 7.25
C VAL R 52 -48.13 2.84 6.25
N PRO R 53 -47.51 2.73 5.08
CA PRO R 53 -47.48 3.87 4.16
C PRO R 53 -48.79 4.11 3.41
N LEU R 54 -49.60 3.05 3.24
CA LEU R 54 -50.86 3.06 2.48
C LEU R 54 -50.64 3.58 1.06
N GLY R 55 -49.83 2.85 0.31
CA GLY R 55 -49.39 3.32 -0.99
C GLY R 55 -48.35 4.42 -0.82
N THR R 56 -48.65 5.62 -1.31
CA THR R 56 -47.77 6.78 -1.14
C THR R 56 -48.39 7.86 -0.26
N ARG R 57 -49.33 7.50 0.60
CA ARG R 57 -49.96 8.49 1.47
C ARG R 57 -48.96 9.01 2.49
N TRP R 58 -48.22 8.12 3.13
CA TRP R 58 -46.99 8.48 3.82
C TRP R 58 -45.88 7.69 3.14
N GLY R 59 -45.41 8.20 2.00
CA GLY R 59 -44.46 7.49 1.18
C GLY R 59 -43.04 7.55 1.68
N GLY R 60 -42.74 8.48 2.57
CA GLY R 60 -41.44 8.50 3.23
C GLY R 60 -41.30 7.52 4.36
N ALA R 61 -42.38 6.83 4.70
CA ALA R 61 -42.40 5.88 5.78
C ALA R 61 -42.44 4.45 5.24
N LYS R 62 -41.88 3.53 6.00
CA LYS R 62 -41.84 2.12 5.66
C LYS R 62 -42.33 1.34 6.86
N MET R 63 -42.72 0.08 6.62
CA MET R 63 -43.18 -0.75 7.73
C MET R 63 -42.03 -1.20 8.62
N GLU R 64 -40.84 -1.37 8.05
CA GLU R 64 -39.64 -1.73 8.81
C GLU R 64 -38.58 -0.67 8.54
N MET R 65 -38.58 0.39 9.35
CA MET R 65 -37.63 1.48 9.19
C MET R 65 -36.85 1.76 10.47
N SER R 66 -36.81 0.81 11.40
CA SER R 66 -36.23 1.07 12.71
C SER R 66 -34.70 1.10 12.69
N GLN R 67 -34.08 0.50 11.68
CA GLN R 67 -32.63 0.54 11.57
C GLN R 67 -32.11 1.91 11.15
N GLU R 68 -32.97 2.78 10.62
CA GLU R 68 -32.55 4.07 10.12
C GLU R 68 -32.95 5.25 11.01
N MET R 69 -33.78 5.02 12.03
CA MET R 69 -34.30 6.11 12.83
C MET R 69 -33.35 6.49 13.95
N HIS R 70 -33.28 7.79 14.23
CA HIS R 70 -32.47 8.28 15.34
C HIS R 70 -33.17 8.14 16.68
N SER R 71 -34.48 7.98 16.68
CA SER R 71 -35.26 7.95 17.91
C SER R 71 -36.29 6.83 17.85
N LEU R 72 -36.59 6.27 19.01
CA LEU R 72 -37.51 5.14 19.12
C LEU R 72 -38.75 5.56 19.89
N MET R 73 -39.92 5.25 19.34
CA MET R 73 -41.17 5.41 20.03
C MET R 73 -41.49 4.12 20.78
N LEU R 74 -41.78 4.23 22.08
CA LEU R 74 -42.13 3.10 22.91
C LEU R 74 -43.57 3.23 23.38
N MET R 75 -44.34 2.15 23.28
CA MET R 75 -45.70 2.07 23.80
C MET R 75 -45.75 0.94 24.81
N GLN R 76 -45.79 1.29 26.07
CA GLN R 76 -45.75 0.30 27.14
C GLN R 76 -47.14 0.15 27.73
N TYR R 77 -47.81 -0.95 27.38
CA TYR R 77 -49.16 -1.19 27.87
C TYR R 77 -49.05 -1.82 29.25
N THR R 78 -49.89 -1.37 30.16
CA THR R 78 -50.12 -2.07 31.41
C THR R 78 -51.62 -2.31 31.53
N PHE R 79 -51.98 -3.48 32.05
CA PHE R 79 -53.36 -3.91 32.10
C PHE R 79 -53.83 -3.97 33.55
N TRP R 80 -55.04 -3.48 33.81
CA TRP R 80 -55.52 -3.23 35.16
C TRP R 80 -56.96 -3.70 35.31
N LYS R 81 -57.29 -4.25 36.48
CA LYS R 81 -58.65 -4.67 36.77
C LYS R 81 -59.61 -3.49 36.79
N ASN R 82 -59.16 -2.35 37.30
CA ASN R 82 -59.85 -1.08 37.16
C ASN R 82 -58.80 0.00 36.93
N TRP R 83 -59.20 1.09 36.26
CA TRP R 83 -58.24 2.15 35.98
C TRP R 83 -57.84 2.92 37.23
N LYS R 84 -58.66 2.86 38.29
CA LYS R 84 -58.27 3.45 39.56
C LYS R 84 -57.15 2.67 40.23
N ASP R 85 -57.01 1.38 39.92
CA ASP R 85 -55.87 0.60 40.43
C ASP R 85 -54.56 1.10 39.88
N HIS R 86 -54.56 1.61 38.65
CA HIS R 86 -53.34 2.16 38.08
C HIS R 86 -52.97 3.48 38.74
N GLU R 87 -53.97 4.33 39.04
CA GLU R 87 -53.69 5.59 39.71
C GLU R 87 -53.30 5.37 41.16
N GLU R 88 -53.89 4.37 41.82
CA GLU R 88 -53.48 4.02 43.17
C GLU R 88 -52.08 3.42 43.21
N MET R 89 -51.70 2.67 42.17
CA MET R 89 -50.36 2.10 42.11
C MET R 89 -49.30 3.18 42.00
N HIS R 90 -49.54 4.20 41.16
CA HIS R 90 -48.55 5.25 40.96
C HIS R 90 -48.37 6.11 42.19
N LYS R 91 -49.45 6.31 42.97
CA LYS R 91 -49.31 7.12 44.17
C LYS R 91 -48.60 6.36 45.28
N GLN R 92 -48.89 5.07 45.44
CA GLN R 92 -48.31 4.29 46.52
C GLN R 92 -46.86 3.92 46.25
N ASN R 93 -46.45 3.82 44.99
CA ASN R 93 -45.11 3.43 44.62
C ASN R 93 -44.37 4.56 43.93
N TRP R 94 -44.65 5.81 44.33
CA TRP R 94 -44.19 6.97 43.57
C TRP R 94 -42.69 7.15 43.65
N ALA R 95 -42.09 6.91 44.82
CA ALA R 95 -40.65 7.11 44.96
C ALA R 95 -39.85 6.10 44.13
N ASN R 96 -40.27 4.83 44.14
CA ASN R 96 -39.55 3.81 43.37
C ASN R 96 -39.75 4.02 41.87
N LEU R 97 -40.95 4.42 41.45
CA LEU R 97 -41.24 4.56 40.03
C LEU R 97 -40.61 5.81 39.44
N PHE R 98 -40.58 6.91 40.21
CA PHE R 98 -39.91 8.13 39.75
C PHE R 98 -38.42 7.90 39.57
N ARG R 99 -37.80 7.16 40.48
CA ARG R 99 -36.37 6.92 40.42
C ARG R 99 -36.01 6.01 39.25
N LEU R 100 -36.86 5.05 38.94
CA LEU R 100 -36.62 4.17 37.80
C LEU R 100 -36.82 4.91 36.47
N CYS R 101 -37.83 5.80 36.42
CA CYS R 101 -38.10 6.55 35.19
C CYS R 101 -36.99 7.55 34.90
N LEU R 102 -36.34 8.07 35.94
CA LEU R 102 -35.23 9.00 35.75
C LEU R 102 -33.92 8.31 35.42
N GLN R 103 -33.87 6.97 35.44
CA GLN R 103 -32.71 6.29 34.89
C GLN R 103 -32.71 6.33 33.37
N CYS R 104 -33.87 6.55 32.75
CA CYS R 104 -34.01 6.66 31.31
C CYS R 104 -33.93 8.11 30.84
N ALA R 105 -33.50 9.01 31.72
CA ALA R 105 -33.64 10.45 31.47
C ALA R 105 -32.68 10.93 30.40
N ASP R 106 -31.43 10.48 30.43
CA ASP R 106 -30.44 10.90 29.44
C ASP R 106 -30.66 10.31 28.06
N GLN R 107 -31.66 9.43 27.89
CA GLN R 107 -32.07 8.95 26.58
C GLN R 107 -33.40 9.53 26.12
N MET R 108 -34.18 10.10 27.02
CA MET R 108 -35.56 10.49 26.70
C MET R 108 -35.61 11.78 25.91
N ILE R 109 -36.45 11.80 24.88
CA ILE R 109 -36.60 12.94 24.00
C ILE R 109 -37.97 13.60 24.18
N TRP R 110 -39.02 12.80 24.24
CA TRP R 110 -40.37 13.29 24.45
C TRP R 110 -41.06 12.34 25.42
N GLY R 111 -41.94 12.89 26.24
CA GLY R 111 -42.70 12.09 27.16
C GLY R 111 -42.18 12.14 28.58
N PRO R 112 -42.70 11.28 29.47
CA PRO R 112 -43.75 10.28 29.25
C PRO R 112 -45.15 10.85 29.19
N TYR R 113 -46.01 10.16 28.44
CA TYR R 113 -47.39 10.55 28.25
C TYR R 113 -48.21 9.28 28.35
N GLU R 114 -49.06 9.18 29.38
CA GLU R 114 -49.79 7.93 29.65
C GLU R 114 -51.30 8.16 29.61
N PRO R 115 -51.92 8.03 28.44
CA PRO R 115 -53.38 8.00 28.39
C PRO R 115 -53.92 6.66 28.91
N LEU R 116 -55.11 6.72 29.47
CA LEU R 116 -55.79 5.54 30.00
C LEU R 116 -56.90 5.13 29.03
N TYR R 117 -57.08 3.82 28.87
CA TYR R 117 -58.00 3.30 27.87
C TYR R 117 -58.93 2.27 28.47
N GLU R 118 -60.13 2.24 27.93
CA GLU R 118 -61.12 1.19 28.19
C GLU R 118 -61.20 0.29 26.97
N ILE R 119 -61.25 -1.01 27.20
CA ILE R 119 -61.37 -1.97 26.11
C ILE R 119 -62.84 -2.04 25.68
N VAL R 120 -63.12 -1.58 24.47
CA VAL R 120 -64.47 -1.64 23.92
C VAL R 120 -64.77 -3.04 23.38
N TYR R 121 -63.84 -3.60 22.62
CA TYR R 121 -63.96 -4.91 22.03
C TYR R 121 -62.63 -5.61 22.20
N ALA R 122 -62.66 -6.93 22.36
CA ALA R 122 -61.43 -7.68 22.44
C ALA R 122 -61.62 -9.06 21.83
N ASN R 123 -60.74 -9.40 20.90
CA ASN R 123 -60.54 -10.77 20.43
C ASN R 123 -59.04 -10.98 20.53
N MET R 124 -58.55 -11.34 21.70
CA MET R 124 -57.12 -11.47 21.95
C MET R 124 -56.86 -12.84 22.55
N PRO R 125 -56.31 -13.77 21.78
CA PRO R 125 -56.11 -15.13 22.26
C PRO R 125 -54.95 -15.23 23.23
N LEU R 126 -54.81 -16.42 23.81
CA LEU R 126 -53.67 -16.73 24.65
C LEU R 126 -52.41 -16.83 23.79
N ASN R 127 -51.32 -16.27 24.30
CA ASN R 127 -50.04 -16.38 23.61
C ASN R 127 -49.49 -17.79 23.79
N THR R 128 -49.17 -18.44 22.67
CA THR R 128 -48.54 -19.75 22.68
C THR R 128 -47.30 -19.71 21.80
N GLU R 129 -46.26 -20.41 22.24
CA GLU R 129 -45.11 -20.68 21.38
C GLU R 129 -45.46 -21.76 20.38
N MET R 130 -44.54 -21.99 19.44
CA MET R 130 -44.72 -23.08 18.49
C MET R 130 -44.52 -24.45 19.13
N THR R 131 -43.93 -24.51 20.33
CA THR R 131 -43.85 -25.76 21.08
C THR R 131 -45.10 -26.04 21.89
N ASP R 132 -46.00 -25.08 22.02
CA ASP R 132 -47.15 -25.20 22.91
C ASP R 132 -48.46 -25.51 22.20
N PHE R 133 -48.48 -25.60 20.86
CA PHE R 133 -49.77 -25.76 20.19
C PHE R 133 -50.36 -27.15 20.36
N THR R 134 -49.52 -28.16 20.64
CA THR R 134 -50.02 -29.49 20.94
C THR R 134 -50.82 -29.51 22.24
N VAL R 135 -50.41 -28.70 23.22
CA VAL R 135 -51.19 -28.58 24.45
C VAL R 135 -52.47 -27.81 24.18
N MET R 136 -52.41 -26.81 23.31
CA MET R 136 -53.55 -25.93 23.08
C MET R 136 -54.67 -26.66 22.33
N VAL R 137 -54.33 -27.35 21.23
CA VAL R 137 -55.36 -28.07 20.50
C VAL R 137 -55.79 -29.33 21.24
N GLY R 138 -54.95 -29.87 22.11
CA GLY R 138 -55.36 -31.04 22.87
C GLY R 138 -56.37 -30.71 23.95
N LYS R 139 -56.21 -29.54 24.58
CA LYS R 139 -57.15 -29.12 25.62
C LYS R 139 -58.48 -28.69 25.02
N LYS R 140 -58.46 -28.07 23.84
CA LYS R 140 -59.68 -27.61 23.21
C LYS R 140 -60.46 -28.75 22.56
N PHE R 141 -59.77 -29.79 22.10
CA PHE R 141 -60.48 -30.96 21.59
C PHE R 141 -61.08 -31.78 22.72
N ALA R 142 -60.42 -31.84 23.86
CA ALA R 142 -60.95 -32.61 24.99
C ALA R 142 -62.14 -31.92 25.63
N ALA R 143 -62.22 -30.60 25.49
CA ALA R 143 -63.35 -29.83 26.01
C ALA R 143 -64.46 -29.64 25.00
N GLY R 144 -64.33 -30.23 23.81
CA GLY R 144 -65.34 -30.07 22.78
C GLY R 144 -65.42 -28.68 22.18
N GLU R 145 -64.32 -27.93 22.19
CA GLU R 145 -64.30 -26.59 21.65
C GLU R 145 -63.30 -26.48 20.50
N ALA R 146 -63.36 -27.42 19.56
CA ALA R 146 -62.49 -27.38 18.39
C ALA R 146 -62.80 -26.20 17.48
N VAL R 147 -64.05 -25.71 17.49
CA VAL R 147 -64.43 -24.61 16.63
C VAL R 147 -63.84 -23.29 17.12
N SER R 148 -63.41 -23.21 18.38
CA SER R 148 -62.84 -22.00 18.95
C SER R 148 -61.35 -22.17 19.26
N ILE R 149 -60.63 -22.89 18.39
CA ILE R 149 -59.19 -23.02 18.55
C ILE R 149 -58.54 -21.75 18.00
N PRO R 150 -57.72 -21.06 18.79
CA PRO R 150 -57.17 -19.78 18.36
C PRO R 150 -55.95 -19.96 17.47
N PRO R 151 -55.52 -18.93 16.75
CA PRO R 151 -54.25 -19.02 16.03
C PRO R 151 -53.06 -18.98 16.98
N ILE R 152 -51.92 -19.45 16.49
CA ILE R 152 -50.69 -19.47 17.28
C ILE R 152 -50.12 -18.06 17.31
N SER R 153 -50.26 -17.39 18.45
CA SER R 153 -49.78 -16.03 18.64
C SER R 153 -48.49 -16.11 19.44
N GLN R 154 -47.37 -15.98 18.78
CA GLN R 154 -46.08 -16.22 19.42
C GLN R 154 -45.64 -15.00 20.22
N PRO R 155 -45.23 -15.17 21.47
CA PRO R 155 -44.82 -14.02 22.28
C PRO R 155 -43.38 -13.60 21.99
N TYR R 156 -43.02 -12.45 22.57
CA TYR R 156 -41.65 -11.95 22.70
C TYR R 156 -40.99 -11.68 21.33
N GLY R 157 -41.60 -10.76 20.60
CA GLY R 157 -41.00 -10.22 19.40
C GLY R 157 -41.24 -10.99 18.12
N LYS R 158 -42.06 -12.03 18.14
CA LYS R 158 -42.27 -12.88 16.98
C LYS R 158 -43.55 -12.56 16.24
N ARG R 159 -44.13 -11.38 16.48
CA ARG R 159 -45.28 -10.92 15.73
C ARG R 159 -45.20 -9.41 15.67
N VAL R 160 -46.12 -8.80 14.93
CA VAL R 160 -46.14 -7.34 14.80
C VAL R 160 -47.52 -6.84 15.21
N VAL R 161 -47.56 -5.57 15.60
CA VAL R 161 -48.77 -4.92 16.07
C VAL R 161 -49.03 -3.71 15.17
N ALA R 162 -50.25 -3.59 14.68
CA ALA R 162 -50.72 -2.40 14.01
C ALA R 162 -51.43 -1.52 15.01
N PHE R 163 -50.91 -0.32 15.21
CA PHE R 163 -51.40 0.65 16.21
C PHE R 163 -52.17 1.72 15.45
N GLY R 164 -53.49 1.57 15.38
CA GLY R 164 -54.32 2.43 14.57
C GLY R 164 -54.99 3.56 15.31
N GLU R 165 -54.54 4.78 15.06
CA GLU R 165 -55.06 5.94 15.78
C GLU R 165 -56.27 6.51 15.03
N HIS R 166 -57.37 6.68 15.75
CA HIS R 166 -58.61 7.21 15.18
C HIS R 166 -59.16 8.26 16.13
N ILE R 167 -59.48 9.44 15.60
CA ILE R 167 -60.19 10.46 16.36
C ILE R 167 -61.56 10.64 15.73
N VAL R 168 -62.60 10.45 16.52
CA VAL R 168 -63.97 10.31 16.03
C VAL R 168 -64.75 11.57 16.40
N LYS R 169 -65.50 12.11 15.44
CA LYS R 169 -66.36 13.27 15.65
C LYS R 169 -67.35 13.06 16.77
N GLU R 170 -67.70 14.17 17.45
CA GLU R 170 -68.69 14.16 18.51
C GLU R 170 -70.05 13.72 18.00
N GLY R 171 -70.61 12.70 18.63
CA GLY R 171 -71.89 12.16 18.25
C GLY R 171 -71.83 10.93 17.37
N LEU R 172 -70.68 10.67 16.75
CA LEU R 172 -70.50 9.51 15.88
C LEU R 172 -69.70 8.39 16.54
N GLU R 173 -69.61 8.39 17.87
CA GLU R 173 -68.86 7.34 18.55
C GLU R 173 -69.59 6.01 18.53
N ASN R 174 -70.93 6.02 18.51
CA ASN R 174 -71.67 4.77 18.40
C ASN R 174 -71.55 4.16 17.01
N GLN R 175 -71.44 5.00 15.97
CA GLN R 175 -71.26 4.47 14.63
C GLN R 175 -69.84 3.95 14.42
N PHE R 176 -68.85 4.58 15.05
CA PHE R 176 -67.48 4.07 14.95
C PHE R 176 -67.38 2.69 15.58
N GLU R 177 -67.85 2.54 16.81
CA GLU R 177 -67.65 1.30 17.56
C GLU R 177 -68.41 0.14 16.94
N GLU R 178 -69.55 0.41 16.30
CA GLU R 178 -70.30 -0.67 15.65
C GLU R 178 -69.55 -1.22 14.44
N TYR R 179 -69.04 -0.35 13.59
CA TYR R 179 -68.42 -0.79 12.34
C TYR R 179 -66.93 -1.05 12.46
N ALA R 180 -66.25 -0.50 13.47
CA ALA R 180 -64.88 -0.93 13.71
C ALA R 180 -64.83 -2.33 14.29
N ILE R 181 -65.88 -2.72 15.03
CA ILE R 181 -66.00 -4.11 15.49
C ILE R 181 -66.21 -5.03 14.30
N LYS R 182 -67.10 -4.64 13.38
CA LYS R 182 -67.35 -5.44 12.17
C LYS R 182 -66.13 -5.52 11.27
N THR R 183 -65.27 -4.50 11.29
CA THR R 183 -64.02 -4.56 10.55
C THR R 183 -63.06 -5.57 11.18
N LEU R 184 -63.02 -5.62 12.51
CA LEU R 184 -62.13 -6.56 13.18
C LEU R 184 -62.63 -7.99 13.12
N GLU R 185 -63.94 -8.19 13.02
CA GLU R 185 -64.45 -9.53 12.75
C GLU R 185 -64.16 -9.98 11.34
N ALA R 186 -64.10 -9.03 10.39
CA ALA R 186 -63.72 -9.35 9.03
C ALA R 186 -62.24 -9.69 8.90
N PHE R 187 -61.39 -9.19 9.82
CA PHE R 187 -59.99 -9.52 9.79
C PHE R 187 -59.72 -10.97 10.19
N ARG R 188 -60.69 -11.64 10.82
CA ARG R 188 -60.54 -13.06 11.18
C ARG R 188 -60.32 -13.95 9.96
N SER R 189 -60.80 -13.53 8.79
CA SER R 189 -60.57 -14.27 7.57
C SER R 189 -59.18 -14.02 6.97
N ALA R 190 -58.50 -12.96 7.40
CA ALA R 190 -57.22 -12.62 6.78
C ALA R 190 -56.13 -13.57 7.26
N PRO R 191 -55.22 -13.99 6.38
CA PRO R 191 -54.11 -14.86 6.81
C PRO R 191 -53.13 -14.11 7.70
N GLY R 192 -52.72 -14.77 8.76
CA GLY R 192 -51.80 -14.18 9.70
C GLY R 192 -52.41 -13.25 10.71
N PHE R 193 -53.73 -13.08 10.72
CA PHE R 193 -54.37 -12.28 11.75
C PHE R 193 -54.33 -13.02 13.07
N LEU R 194 -53.77 -12.38 14.08
CA LEU R 194 -53.59 -13.00 15.38
C LEU R 194 -54.52 -12.47 16.44
N GLY R 195 -55.37 -11.50 16.11
CA GLY R 195 -56.31 -10.97 17.07
C GLY R 195 -56.26 -9.47 17.13
N GLY R 196 -57.27 -8.92 17.81
CA GLY R 196 -57.45 -7.48 17.80
C GLY R 196 -58.27 -6.99 18.97
N MET R 197 -58.09 -5.70 19.29
CA MET R 197 -58.91 -5.05 20.30
C MET R 197 -59.08 -3.59 19.94
N ILE R 198 -60.15 -2.99 20.47
CA ILE R 198 -60.46 -1.59 20.25
C ILE R 198 -60.39 -0.89 21.59
N LEU R 199 -59.53 0.13 21.68
CA LEU R 199 -59.31 0.86 22.92
C LEU R 199 -59.91 2.26 22.81
N LYS R 200 -60.57 2.69 23.88
CA LYS R 200 -61.23 3.99 23.94
C LYS R 200 -60.60 4.79 25.07
N GLU R 201 -60.04 5.96 24.73
CA GLU R 201 -59.37 6.79 25.72
C GLU R 201 -60.36 7.40 26.70
N ILE R 202 -60.09 7.22 27.99
CA ILE R 202 -60.95 7.70 29.06
C ILE R 202 -60.26 8.69 29.99
N GLY R 203 -59.00 8.99 29.76
CA GLY R 203 -58.28 9.88 30.63
C GLY R 203 -56.79 9.76 30.41
N VAL R 204 -56.04 10.60 31.13
CA VAL R 204 -54.59 10.62 31.10
C VAL R 204 -54.09 10.61 32.54
N SER R 205 -53.23 9.66 32.87
CA SER R 205 -52.63 9.57 34.19
C SER R 205 -51.69 10.74 34.45
N PRO R 206 -51.90 11.54 35.50
CA PRO R 206 -50.96 12.64 35.77
C PRO R 206 -49.60 12.19 36.29
N LEU R 207 -49.57 11.21 37.20
CA LEU R 207 -48.29 10.75 37.74
C LEU R 207 -47.50 9.96 36.71
N GLY R 208 -48.19 9.19 35.87
CA GLY R 208 -47.54 8.50 34.78
C GLY R 208 -47.02 9.41 33.69
N SER R 209 -47.56 10.63 33.60
CA SER R 209 -47.10 11.61 32.63
C SER R 209 -46.13 12.62 33.23
N LEU R 210 -45.74 12.42 34.50
CA LEU R 210 -44.88 13.33 35.27
C LEU R 210 -45.45 14.75 35.30
N GLN R 211 -46.75 14.86 35.44
CA GLN R 211 -47.44 16.15 35.45
C GLN R 211 -47.84 16.45 36.88
N LEU R 212 -47.05 17.26 37.56
CA LEU R 212 -47.29 17.69 38.92
C LEU R 212 -47.68 19.16 38.92
N ASN R 213 -47.87 19.72 40.11
CA ASN R 213 -48.09 21.15 40.25
C ASN R 213 -46.74 21.88 40.11
N ALA R 214 -46.73 23.18 40.39
CA ALA R 214 -45.55 24.00 40.13
C ALA R 214 -44.38 23.62 41.04
N LYS R 215 -44.67 23.27 42.29
CA LYS R 215 -43.60 22.84 43.19
C LYS R 215 -43.07 21.47 42.79
N GLY R 216 -43.97 20.57 42.39
CA GLY R 216 -43.53 19.24 41.96
C GLY R 216 -42.76 19.25 40.66
N PHE R 217 -43.14 20.14 39.73
CA PHE R 217 -42.44 20.23 38.45
C PHE R 217 -41.01 20.72 38.64
N HIS R 218 -40.80 21.66 39.57
CA HIS R 218 -39.46 22.15 39.81
C HIS R 218 -38.60 21.11 40.51
N GLN R 219 -39.20 20.28 41.37
CA GLN R 219 -38.44 19.23 42.02
C GLN R 219 -38.05 18.12 41.04
N ILE R 220 -38.83 17.94 39.97
CA ILE R 220 -38.43 17.01 38.91
C ILE R 220 -37.19 17.52 38.19
N LEU R 221 -37.15 18.82 37.87
CA LEU R 221 -35.99 19.39 37.19
C LEU R 221 -34.78 19.48 38.09
N GLU R 222 -34.97 19.62 39.40
CA GLU R 222 -33.87 19.92 40.31
C GLU R 222 -33.20 18.68 40.88
N THR R 223 -33.82 17.51 40.79
CA THR R 223 -33.34 16.36 41.55
C THR R 223 -32.12 15.74 40.90
N ALA R 224 -31.27 15.17 41.75
CA ALA R 224 -30.08 14.44 41.31
C ALA R 224 -30.43 12.97 41.28
N ASN R 225 -30.73 12.47 40.07
CA ASN R 225 -31.02 11.06 39.76
C ASN R 225 -32.25 10.53 40.51
N GLY R 226 -33.13 11.41 40.97
CA GLY R 226 -34.33 10.98 41.65
C GLY R 226 -34.20 10.78 43.15
N MET R 227 -33.02 11.03 43.74
CA MET R 227 -32.85 10.90 45.19
C MET R 227 -33.73 11.89 45.94
N ASP R 228 -33.99 13.04 45.34
CA ASP R 228 -34.87 14.06 45.90
C ASP R 228 -36.24 13.87 45.26
N VAL R 229 -37.12 13.16 45.95
CA VAL R 229 -38.40 12.76 45.35
C VAL R 229 -39.40 13.91 45.47
N PRO R 230 -40.04 14.31 44.38
CA PRO R 230 -41.07 15.35 44.48
C PRO R 230 -42.30 14.84 45.21
N GLU R 231 -42.99 15.76 45.86
CA GLU R 231 -44.26 15.44 46.47
C GLU R 231 -45.29 15.21 45.36
N PRO R 232 -45.93 14.06 45.30
CA PRO R 232 -46.78 13.72 44.14
C PRO R 232 -48.16 14.37 44.19
N VAL R 233 -48.19 15.69 44.22
CA VAL R 233 -49.42 16.47 44.19
C VAL R 233 -49.64 16.95 42.77
N THR R 234 -50.76 16.57 42.19
CA THR R 234 -51.16 16.98 40.85
C THR R 234 -52.32 17.96 40.95
N ILE R 235 -52.54 18.70 39.86
CA ILE R 235 -53.64 19.64 39.82
C ILE R 235 -54.89 19.03 39.21
N TYR R 236 -54.82 17.80 38.71
CA TYR R 236 -55.96 17.15 38.10
C TYR R 236 -55.90 15.66 38.37
N GLU R 237 -57.05 15.03 38.26
CA GLU R 237 -57.13 13.57 38.22
C GLU R 237 -57.38 13.14 36.79
N ALA R 238 -57.24 11.84 36.56
CA ALA R 238 -57.18 11.31 35.19
C ALA R 238 -58.40 11.59 34.30
N PRO R 239 -59.67 11.50 34.75
CA PRO R 239 -60.77 11.90 33.84
C PRO R 239 -60.86 13.40 33.56
N GLU R 240 -60.13 14.25 34.28
CA GLU R 240 -60.15 15.67 33.97
C GLU R 240 -59.31 16.02 32.76
N PHE R 241 -58.40 15.15 32.34
CA PHE R 241 -57.70 15.27 31.07
C PHE R 241 -58.21 14.11 30.22
N ARG R 242 -59.38 14.30 29.64
CA ARG R 242 -59.95 13.36 28.69
C ARG R 242 -60.12 14.11 27.38
N ASN R 243 -59.41 13.66 26.36
CA ASN R 243 -59.36 14.40 25.11
C ASN R 243 -60.68 14.33 24.37
N ARG R 244 -61.18 15.49 23.97
CA ARG R 244 -62.33 15.59 23.10
C ARG R 244 -61.89 16.26 21.80
N PRO R 245 -62.29 15.75 20.63
CA PRO R 245 -63.11 14.57 20.32
C PRO R 245 -62.45 13.23 20.66
N GLN R 246 -63.25 12.16 20.66
CA GLN R 246 -62.87 10.91 21.30
C GLN R 246 -61.76 10.19 20.53
N ARG R 247 -60.71 9.82 21.24
CA ARG R 247 -59.59 9.07 20.66
C ARG R 247 -59.85 7.57 20.78
N TYR R 248 -59.56 6.86 19.70
CA TYR R 248 -59.65 5.41 19.69
C TYR R 248 -58.34 4.83 19.20
N ILE R 249 -57.94 3.72 19.80
CA ILE R 249 -56.85 2.90 19.27
C ILE R 249 -57.46 1.62 18.73
N VAL R 250 -57.19 1.33 17.47
CA VAL R 250 -57.52 0.04 16.88
C VAL R 250 -56.22 -0.77 16.84
N HIS R 251 -56.13 -1.74 17.74
CA HIS R 251 -54.93 -2.53 17.95
C HIS R 251 -55.15 -3.90 17.33
N THR R 252 -54.38 -4.23 16.30
CA THR R 252 -54.46 -5.54 15.65
C THR R 252 -53.08 -6.17 15.60
N GLU R 253 -53.05 -7.50 15.69
CA GLU R 253 -51.81 -8.25 15.76
C GLU R 253 -51.71 -9.18 14.56
N TRP R 254 -50.51 -9.28 14.00
CA TRP R 254 -50.27 -9.96 12.74
C TRP R 254 -48.99 -10.76 12.85
N SER R 255 -48.92 -11.85 12.10
CA SER R 255 -47.77 -12.75 12.22
C SER R 255 -46.49 -12.13 11.64
N ASP R 256 -46.62 -11.30 10.61
CA ASP R 256 -45.49 -10.59 10.02
C ASP R 256 -46.01 -9.33 9.36
N THR R 257 -45.09 -8.52 8.82
CA THR R 257 -45.51 -7.24 8.24
C THR R 257 -46.18 -7.42 6.89
N ASN R 258 -45.89 -8.51 6.18
CA ASN R 258 -46.60 -8.78 4.93
C ASN R 258 -48.05 -9.15 5.21
N ALA R 259 -48.29 -9.97 6.23
CA ALA R 259 -49.66 -10.30 6.63
C ALA R 259 -50.38 -9.05 7.15
N LEU R 260 -49.65 -8.15 7.81
CA LEU R 260 -50.23 -6.90 8.26
C LEU R 260 -50.63 -6.02 7.09
N MET R 261 -49.74 -5.88 6.09
CA MET R 261 -49.96 -4.96 4.98
C MET R 261 -51.13 -5.40 4.12
N PHE R 262 -51.22 -6.69 3.78
CA PHE R 262 -52.33 -7.15 2.98
C PHE R 262 -53.57 -7.46 3.80
N GLY R 263 -53.42 -7.71 5.10
CA GLY R 263 -54.57 -7.93 5.96
C GLY R 263 -55.31 -6.67 6.29
N LEU R 264 -54.57 -5.65 6.77
CA LEU R 264 -55.17 -4.34 6.99
C LEU R 264 -55.60 -3.69 5.68
N GLY R 265 -54.89 -4.01 4.59
CA GLY R 265 -55.23 -3.51 3.26
C GLY R 265 -56.55 -3.97 2.73
N ARG R 266 -57.18 -4.97 3.35
CA ARG R 266 -58.51 -5.43 2.95
C ARG R 266 -59.58 -4.36 3.10
N VAL R 267 -59.37 -3.35 3.95
CA VAL R 267 -60.27 -2.20 3.99
C VAL R 267 -60.13 -1.30 2.78
N LEU R 268 -59.12 -1.53 1.95
CA LEU R 268 -58.94 -0.80 0.69
C LEU R 268 -59.13 -1.66 -0.55
N ILE R 269 -58.80 -2.95 -0.51
CA ILE R 269 -58.76 -3.75 -1.71
C ILE R 269 -59.81 -4.86 -1.73
N TYR R 270 -60.41 -5.20 -0.60
CA TYR R 270 -61.46 -6.21 -0.57
C TYR R 270 -62.79 -5.48 -0.53
N PRO R 271 -63.62 -5.58 -1.57
CA PRO R 271 -64.80 -4.71 -1.68
C PRO R 271 -65.87 -4.95 -0.60
N GLU R 272 -65.99 -6.16 -0.07
CA GLU R 272 -66.97 -6.39 0.99
C GLU R 272 -66.53 -5.77 2.32
N VAL R 273 -65.24 -5.82 2.63
CA VAL R 273 -64.74 -5.19 3.85
C VAL R 273 -64.63 -3.68 3.66
N ARG R 274 -64.43 -3.24 2.42
CA ARG R 274 -64.29 -1.82 2.11
C ARG R 274 -65.57 -1.04 2.39
N GLN R 275 -66.74 -1.63 2.14
CA GLN R 275 -67.99 -0.95 2.49
C GLN R 275 -68.20 -0.88 4.00
N ILE R 276 -67.72 -1.87 4.74
CA ILE R 276 -67.83 -1.84 6.19
C ILE R 276 -66.97 -0.72 6.77
N HIS R 277 -65.71 -0.65 6.34
CA HIS R 277 -64.77 0.34 6.86
C HIS R 277 -65.04 1.74 6.33
N ASP R 278 -65.85 1.89 5.27
CA ASP R 278 -66.28 3.21 4.83
C ASP R 278 -67.15 3.89 5.87
N LYS R 279 -67.91 3.11 6.65
CA LYS R 279 -68.70 3.68 7.73
C LYS R 279 -67.83 4.13 8.90
N VAL R 280 -66.67 3.48 9.08
CA VAL R 280 -65.69 3.95 10.05
C VAL R 280 -65.08 5.26 9.60
N LEU R 281 -64.73 5.36 8.32
CA LEU R 281 -64.07 6.55 7.78
C LEU R 281 -64.99 7.77 7.81
N ASP R 282 -66.29 7.57 7.72
CA ASP R 282 -67.25 8.67 7.77
C ASP R 282 -67.50 9.21 9.17
N THR R 283 -66.81 8.70 10.19
CA THR R 283 -66.91 9.23 11.55
C THR R 283 -65.64 9.93 12.01
N LEU R 284 -64.59 9.95 11.21
CA LEU R 284 -63.26 10.34 11.66
C LEU R 284 -63.00 11.82 11.37
N VAL R 285 -62.57 12.56 12.39
CA VAL R 285 -61.98 13.86 12.15
C VAL R 285 -60.47 13.76 11.95
N TYR R 286 -59.85 12.68 12.41
CA TYR R 286 -58.43 12.46 12.19
C TYR R 286 -58.20 10.96 12.02
N GLY R 287 -57.34 10.61 11.07
CA GLY R 287 -56.95 9.25 10.87
C GLY R 287 -57.56 8.64 9.64
N PRO R 288 -57.25 7.37 9.37
CA PRO R 288 -56.43 6.48 10.20
C PRO R 288 -54.93 6.58 9.95
N TYR R 289 -54.17 6.64 11.03
CA TYR R 289 -52.72 6.62 11.00
C TYR R 289 -52.25 5.39 11.76
N ILE R 290 -51.52 4.50 11.09
CA ILE R 290 -51.24 3.17 11.62
C ILE R 290 -49.73 3.05 11.83
N ARG R 291 -49.32 2.95 13.08
CA ARG R 291 -47.94 2.65 13.42
C ARG R 291 -47.74 1.14 13.50
N VAL R 292 -46.54 0.70 13.18
CA VAL R 292 -46.17 -0.71 13.24
C VAL R 292 -45.29 -0.89 14.46
N LEU R 293 -45.71 -1.77 15.36
CA LEU R 293 -45.03 -1.95 16.64
C LEU R 293 -44.51 -3.38 16.77
N ASN R 294 -43.40 -3.51 17.48
CA ASN R 294 -42.84 -4.81 17.80
C ASN R 294 -43.01 -5.08 19.27
N PRO R 295 -43.79 -6.08 19.67
CA PRO R 295 -43.95 -6.38 21.10
C PRO R 295 -42.79 -7.17 21.69
N MET R 296 -41.74 -6.47 22.13
CA MET R 296 -40.55 -7.13 22.66
C MET R 296 -40.81 -7.83 23.99
N MET R 297 -41.16 -7.06 25.02
CA MET R 297 -41.28 -7.57 26.37
C MET R 297 -42.74 -7.67 26.74
N GLU R 298 -43.16 -8.84 27.22
CA GLU R 298 -44.57 -9.11 27.42
C GLU R 298 -44.83 -9.79 28.76
N GLY R 299 -46.00 -9.51 29.29
CA GLY R 299 -46.59 -10.10 30.47
C GLY R 299 -47.81 -10.92 30.11
N THR R 300 -47.66 -11.86 29.16
CA THR R 300 -48.73 -12.53 28.41
C THR R 300 -49.91 -13.12 29.20
N TYR R 301 -49.78 -13.22 30.52
CA TYR R 301 -50.86 -13.63 31.42
C TYR R 301 -51.98 -12.59 31.53
N TRP R 302 -51.86 -11.41 30.92
CA TRP R 302 -53.00 -10.49 30.86
C TRP R 302 -54.10 -11.03 29.97
N ARG R 303 -53.76 -11.85 28.98
CA ARG R 303 -54.76 -12.50 28.16
C ARG R 303 -55.42 -13.67 28.88
N GLU R 304 -54.75 -14.24 29.89
CA GLU R 304 -55.41 -15.23 30.73
C GLU R 304 -56.50 -14.60 31.57
N TYR R 305 -56.27 -13.37 32.04
CA TYR R 305 -57.32 -12.63 32.75
C TYR R 305 -58.45 -12.25 31.80
N LEU R 306 -58.11 -11.88 30.56
CA LEU R 306 -59.12 -11.43 29.61
C LEU R 306 -60.00 -12.58 29.14
N ASN R 307 -59.39 -13.73 28.85
CA ASN R 307 -60.13 -14.87 28.31
C ASN R 307 -60.62 -15.83 29.38
N GLU R 308 -60.28 -15.56 30.65
CA GLU R 308 -60.74 -16.33 31.83
C GLU R 308 -60.34 -17.79 31.75
N TYR R 309 -59.16 -18.05 31.20
CA TYR R 309 -58.67 -19.39 30.93
C TYR R 309 -57.18 -19.28 30.69
N HIS R 310 -56.41 -20.27 31.16
CA HIS R 310 -54.98 -20.30 30.93
C HIS R 310 -54.60 -21.58 30.20
N LEU R 311 -53.34 -21.63 29.77
CA LEU R 311 -52.73 -22.70 28.96
C LEU R 311 -53.50 -23.01 27.68
N PRO S 2 19.52 20.53 65.52
CA PRO S 2 18.33 21.33 65.88
C PRO S 2 17.29 21.29 64.77
N LYS S 3 16.15 21.93 64.99
CA LYS S 3 15.12 21.97 63.97
C LYS S 3 15.35 23.17 63.05
N PRO S 4 15.58 22.96 61.76
CA PRO S 4 15.74 24.10 60.86
C PRO S 4 14.41 24.74 60.50
N TYR S 5 14.50 25.86 59.80
CA TYR S 5 13.35 26.52 59.22
C TYR S 5 13.28 26.19 57.74
N VAL S 6 12.08 26.13 57.19
CA VAL S 6 11.87 25.70 55.83
C VAL S 6 11.29 26.85 55.02
N ALA S 7 11.91 27.14 53.89
CA ALA S 7 11.30 27.95 52.84
C ALA S 7 10.85 27.01 51.73
N ILE S 8 9.59 27.12 51.33
CA ILE S 8 9.03 26.25 50.29
C ILE S 8 8.71 27.13 49.08
N ASN S 9 9.53 27.03 48.04
CA ASN S 9 9.31 27.78 46.82
C ASN S 9 8.35 27.00 45.93
N MET S 10 7.20 27.60 45.62
CA MET S 10 6.15 26.97 44.84
C MET S 10 6.02 27.66 43.49
N VAL S 11 6.17 26.90 42.41
CA VAL S 11 6.01 27.39 41.06
C VAL S 11 5.18 26.39 40.25
N GLU S 12 4.42 26.90 39.31
CA GLU S 12 3.77 26.09 38.28
C GLU S 12 4.50 26.33 36.96
N VAL S 13 5.00 25.26 36.35
CA VAL S 13 5.74 25.35 35.10
C VAL S 13 5.06 24.43 34.09
N ARG S 14 5.37 24.65 32.82
CA ARG S 14 4.86 23.80 31.75
C ARG S 14 5.44 22.39 31.84
N ASN S 15 4.65 21.40 31.44
CA ASN S 15 5.11 20.01 31.41
C ASN S 15 5.50 19.70 29.97
N ASP S 16 6.74 19.99 29.63
CA ASP S 16 7.28 19.80 28.30
C ASP S 16 8.76 19.44 28.46
N PRO S 17 9.39 18.85 27.42
CA PRO S 17 10.82 18.52 27.54
C PRO S 17 11.75 19.70 27.75
N LYS S 18 11.34 20.92 27.38
CA LYS S 18 12.16 22.08 27.67
C LYS S 18 12.28 22.34 29.16
N THR S 19 11.21 22.09 29.92
CA THR S 19 11.20 22.34 31.36
C THR S 19 12.12 21.38 32.11
N LEU S 20 12.14 20.11 31.71
CA LEU S 20 13.03 19.16 32.38
C LEU S 20 14.50 19.38 32.06
N GLU S 21 14.83 20.15 31.02
CA GLU S 21 16.19 20.65 30.88
C GLU S 21 16.52 21.69 31.94
N LEU S 22 15.52 22.48 32.38
CA LEU S 22 15.73 23.49 33.40
C LEU S 22 15.93 22.89 34.78
N PHE S 23 15.54 21.62 34.99
CA PHE S 23 15.83 20.94 36.24
C PHE S 23 17.33 20.71 36.42
N GLY S 24 18.03 20.43 35.34
CA GLY S 24 19.43 20.07 35.42
C GLY S 24 20.39 21.18 35.03
N LYS S 25 19.88 22.27 34.46
CA LYS S 25 20.74 23.36 34.03
C LYS S 25 20.56 24.65 34.82
N VAL S 26 19.53 24.75 35.65
CA VAL S 26 19.27 25.95 36.46
C VAL S 26 19.16 25.61 37.94
N GLY S 27 18.37 24.59 38.26
CA GLY S 27 18.28 23.99 39.59
C GLY S 27 19.55 23.79 40.38
N PRO S 28 20.59 23.15 39.80
CA PRO S 28 21.86 23.07 40.52
C PRO S 28 22.54 24.42 40.74
N LYS S 29 22.37 25.37 39.83
CA LYS S 29 22.99 26.68 40.00
C LYS S 29 22.35 27.47 41.12
N VAL S 30 21.03 27.34 41.28
CA VAL S 30 20.32 28.00 42.37
C VAL S 30 20.77 27.45 43.71
N CYS S 31 20.96 26.13 43.79
CA CYS S 31 21.46 25.50 45.01
C CYS S 31 22.89 25.92 45.33
N MET S 32 23.71 26.18 44.30
CA MET S 32 25.08 26.62 44.53
C MET S 32 25.15 28.07 44.99
N VAL S 33 24.26 28.92 44.48
CA VAL S 33 24.20 30.31 44.95
C VAL S 33 23.65 30.35 46.38
N THR S 34 22.66 29.51 46.66
CA THR S 34 22.07 29.42 47.99
C THR S 34 23.08 28.92 49.03
N ALA S 35 24.02 28.07 48.62
CA ALA S 35 25.03 27.53 49.51
C ALA S 35 26.18 28.49 49.79
N ARG S 36 26.14 29.72 49.26
CA ARG S 36 27.07 30.74 49.70
C ARG S 36 26.81 31.20 51.13
N HIS S 37 25.59 31.06 51.62
CA HIS S 37 25.23 31.47 52.97
C HIS S 37 25.52 30.35 53.96
N PRO S 38 26.11 30.66 55.11
CA PRO S 38 26.44 29.59 56.08
C PRO S 38 25.22 29.03 56.82
N GLY S 39 24.11 29.76 56.86
CA GLY S 39 22.89 29.26 57.47
C GLY S 39 22.12 28.27 56.64
N PHE S 40 22.51 28.06 55.39
CA PHE S 40 21.89 27.07 54.53
C PHE S 40 22.34 25.68 54.95
N VAL S 41 21.39 24.80 55.27
CA VAL S 41 21.73 23.46 55.72
C VAL S 41 21.23 22.38 54.78
N GLY S 42 20.55 22.71 53.70
CA GLY S 42 20.17 21.70 52.74
C GLY S 42 18.87 22.04 52.04
N PHE S 43 18.46 21.13 51.16
CA PHE S 43 17.30 21.35 50.32
C PHE S 43 16.64 20.02 49.98
N GLN S 44 15.42 20.10 49.47
CA GLN S 44 14.69 18.94 48.98
C GLN S 44 13.69 19.44 47.95
N ASN S 45 13.89 19.09 46.69
CA ASN S 45 13.07 19.60 45.61
C ASN S 45 12.06 18.55 45.16
N HIS S 46 10.82 18.99 44.96
CA HIS S 46 9.73 18.09 44.65
C HIS S 46 9.04 18.48 43.35
N VAL S 47 8.50 17.48 42.68
CA VAL S 47 7.53 17.66 41.59
C VAL S 47 6.26 16.96 42.02
N GLN S 48 5.13 17.65 41.89
CA GLN S 48 3.85 17.02 42.18
C GLN S 48 3.52 16.01 41.09
N ILE S 49 3.23 14.78 41.49
CA ILE S 49 2.86 13.73 40.56
C ILE S 49 1.39 13.36 40.66
N GLY S 50 0.67 13.85 41.65
CA GLY S 50 -0.74 13.53 41.75
C GLY S 50 -1.34 14.05 43.04
N VAL S 51 -2.57 13.60 43.29
CA VAL S 51 -3.39 14.00 44.42
C VAL S 51 -3.99 12.73 45.01
N VAL S 52 -4.06 12.65 46.33
CA VAL S 52 -4.77 11.56 46.98
C VAL S 52 -6.27 11.77 46.76
N PRO S 53 -6.96 10.84 46.10
CA PRO S 53 -8.37 11.08 45.76
C PRO S 53 -9.33 10.91 46.93
N LEU S 54 -8.94 10.11 47.93
CA LEU S 54 -9.76 9.76 49.11
C LEU S 54 -11.11 9.18 48.69
N GLY S 55 -11.05 8.05 48.01
CA GLY S 55 -12.23 7.49 47.39
C GLY S 55 -12.61 8.30 46.16
N THR S 56 -13.80 8.91 46.16
CA THR S 56 -14.24 9.77 45.07
C THR S 56 -14.38 11.23 45.50
N ARG S 57 -13.70 11.64 46.56
CA ARG S 57 -13.79 13.02 47.02
C ARG S 57 -13.17 13.96 46.00
N TRP S 58 -11.98 13.64 45.51
CA TRP S 58 -11.46 14.22 44.28
C TRP S 58 -11.26 13.06 43.32
N GLY S 59 -12.35 12.63 42.68
CA GLY S 59 -12.33 11.45 41.84
C GLY S 59 -11.72 11.66 40.48
N GLY S 60 -11.59 12.91 40.05
CA GLY S 60 -10.87 13.21 38.83
C GLY S 60 -9.37 13.21 38.98
N ALA S 61 -8.88 13.05 40.19
CA ALA S 61 -7.47 13.06 40.49
C ALA S 61 -6.98 11.65 40.80
N LYS S 62 -5.71 11.40 40.49
CA LYS S 62 -5.07 10.12 40.74
C LYS S 62 -3.76 10.39 41.46
N MET S 63 -3.22 9.35 42.09
CA MET S 63 -1.95 9.52 42.78
C MET S 63 -0.77 9.64 41.82
N GLU S 64 -0.86 9.00 40.66
CA GLU S 64 0.16 9.09 39.61
C GLU S 64 -0.52 9.57 38.34
N MET S 65 -0.58 10.90 38.17
CA MET S 65 -1.21 11.50 37.00
C MET S 65 -0.29 12.45 36.27
N SER S 66 1.02 12.36 36.50
CA SER S 66 1.95 13.35 35.96
C SER S 66 2.20 13.19 34.47
N GLN S 67 1.95 12.01 33.92
CA GLN S 67 2.11 11.79 32.49
C GLN S 67 1.02 12.48 31.67
N GLU S 68 -0.09 12.87 32.28
CA GLU S 68 -1.21 13.45 31.56
C GLU S 68 -1.37 14.95 31.77
N MET S 69 -0.61 15.55 32.69
CA MET S 69 -0.81 16.95 33.03
C MET S 69 -0.03 17.86 32.09
N HIS S 70 -0.63 19.00 31.76
CA HIS S 70 0.04 20.01 30.95
C HIS S 70 1.00 20.87 31.75
N SER S 71 0.85 20.90 33.07
CA SER S 71 1.64 21.78 33.91
C SER S 71 2.11 21.03 35.15
N LEU S 72 3.28 21.41 35.64
CA LEU S 72 3.90 20.75 36.78
C LEU S 72 3.98 21.72 37.95
N MET S 73 3.54 21.26 39.12
CA MET S 73 3.72 21.97 40.36
C MET S 73 5.04 21.55 41.00
N LEU S 74 5.88 22.52 41.34
CA LEU S 74 7.16 22.27 41.98
C LEU S 74 7.16 22.84 43.39
N MET S 75 7.63 22.07 44.35
CA MET S 75 7.80 22.51 45.73
C MET S 75 9.27 22.34 46.09
N GLN S 76 9.98 23.44 46.15
CA GLN S 76 11.43 23.41 46.38
C GLN S 76 11.69 23.84 47.82
N TYR S 77 12.00 22.87 48.67
CA TYR S 77 12.27 23.18 50.07
C TYR S 77 13.71 23.60 50.20
N THR S 78 13.95 24.64 50.98
CA THR S 78 15.29 24.96 51.44
C THR S 78 15.25 25.04 52.96
N PHE S 79 16.31 24.56 53.59
CA PHE S 79 16.36 24.43 55.03
C PHE S 79 17.40 25.40 55.60
N TRP S 80 17.04 26.07 56.69
CA TRP S 80 17.81 27.20 57.20
C TRP S 80 17.95 27.12 58.71
N LYS S 81 19.11 27.52 59.23
CA LYS S 81 19.33 27.56 60.67
C LYS S 81 18.41 28.56 61.35
N ASN S 82 18.15 29.69 60.71
CA ASN S 82 17.11 30.62 61.11
C ASN S 82 16.45 31.15 59.84
N TRP S 83 15.18 31.55 59.95
CA TRP S 83 14.48 32.05 58.77
C TRP S 83 15.00 33.40 58.31
N LYS S 84 15.68 34.15 59.19
CA LYS S 84 16.33 35.38 58.77
C LYS S 84 17.54 35.12 57.88
N ASP S 85 18.15 33.93 58.00
CA ASP S 85 19.25 33.57 57.10
C ASP S 85 18.77 33.42 55.67
N HIS S 86 17.52 32.99 55.48
CA HIS S 86 16.97 32.88 54.13
C HIS S 86 16.71 34.26 53.54
N GLU S 87 16.19 35.20 54.35
CA GLU S 87 15.95 36.54 53.86
C GLU S 87 17.25 37.29 53.63
N GLU S 88 18.27 37.05 54.46
CA GLU S 88 19.57 37.64 54.23
C GLU S 88 20.25 37.06 52.99
N MET S 89 20.02 35.77 52.71
CA MET S 89 20.59 35.16 51.52
C MET S 89 20.02 35.76 50.25
N HIS S 90 18.71 35.99 50.21
CA HIS S 90 18.08 36.52 49.01
C HIS S 90 18.48 37.96 48.74
N LYS S 91 18.73 38.74 49.79
CA LYS S 91 19.15 40.12 49.57
C LYS S 91 20.59 40.20 49.11
N GLN S 92 21.47 39.38 49.68
CA GLN S 92 22.89 39.46 49.35
C GLN S 92 23.20 38.84 48.00
N ASN S 93 22.39 37.89 47.54
CA ASN S 93 22.63 37.20 46.28
C ASN S 93 21.52 37.49 45.28
N TRP S 94 20.98 38.71 45.32
CA TRP S 94 19.77 39.02 44.57
C TRP S 94 19.99 39.04 43.07
N ALA S 95 21.12 39.56 42.62
CA ALA S 95 21.38 39.63 41.18
C ALA S 95 21.56 38.25 40.56
N ASN S 96 22.30 37.36 41.24
CA ASN S 96 22.50 36.01 40.70
C ASN S 96 21.21 35.20 40.75
N LEU S 97 20.41 35.36 41.81
CA LEU S 97 19.21 34.56 41.96
C LEU S 97 18.09 35.03 41.05
N PHE S 98 17.97 36.34 40.84
CA PHE S 98 16.98 36.87 39.90
C PHE S 98 17.27 36.41 38.48
N ARG S 99 18.54 36.39 38.09
CA ARG S 99 18.92 36.00 36.74
C ARG S 99 18.69 34.52 36.50
N LEU S 100 18.90 33.69 37.52
CA LEU S 100 18.66 32.26 37.39
C LEU S 100 17.16 31.96 37.34
N CYS S 101 16.36 32.70 38.13
CA CYS S 101 14.92 32.48 38.15
C CYS S 101 14.27 32.90 36.84
N LEU S 102 14.84 33.90 36.16
CA LEU S 102 14.33 34.34 34.87
C LEU S 102 14.77 33.46 33.72
N GLN S 103 15.64 32.47 33.95
CA GLN S 103 15.88 31.47 32.93
C GLN S 103 14.72 30.49 32.82
N CYS S 104 13.90 30.38 33.86
CA CYS S 104 12.72 29.52 33.87
C CYS S 104 11.46 30.29 33.46
N ALA S 105 11.63 31.49 32.91
CA ALA S 105 10.51 32.40 32.73
C ALA S 105 9.58 31.95 31.61
N ASP S 106 10.13 31.48 30.49
CA ASP S 106 9.30 31.03 29.37
C ASP S 106 8.61 29.70 29.62
N GLN S 107 8.85 29.06 30.76
CA GLN S 107 8.10 27.88 31.18
C GLN S 107 7.13 28.16 32.32
N MET S 108 7.29 29.27 33.03
CA MET S 108 6.54 29.51 34.26
C MET S 108 5.12 29.95 33.99
N ILE S 109 4.18 29.38 34.73
CA ILE S 109 2.77 29.66 34.58
C ILE S 109 2.22 30.42 35.78
N TRP S 110 2.58 29.99 36.99
CA TRP S 110 2.17 30.65 38.21
C TRP S 110 3.37 30.67 39.15
N GLY S 111 3.46 31.72 39.95
CA GLY S 111 4.52 31.82 40.92
C GLY S 111 5.64 32.74 40.50
N PRO S 112 6.76 32.75 41.25
CA PRO S 112 7.03 31.97 42.47
C PRO S 112 6.35 32.52 43.71
N TYR S 113 6.07 31.61 44.64
CA TYR S 113 5.42 31.93 45.89
C TYR S 113 6.15 31.15 46.97
N GLU S 114 6.82 31.85 47.89
CA GLU S 114 7.68 31.19 48.88
C GLU S 114 7.21 31.50 50.30
N PRO S 115 6.29 30.71 50.86
CA PRO S 115 6.02 30.82 52.28
C PRO S 115 7.14 30.23 53.13
N LEU S 116 7.30 30.78 54.31
CA LEU S 116 8.32 30.33 55.26
C LEU S 116 7.65 29.52 56.36
N TYR S 117 8.32 28.46 56.80
CA TYR S 117 7.73 27.52 57.74
C TYR S 117 8.66 27.26 58.91
N GLU S 118 8.05 27.02 60.05
CA GLU S 118 8.72 26.53 61.25
C GLU S 118 8.36 25.06 61.44
N ILE S 119 9.35 24.25 61.78
CA ILE S 119 9.12 22.83 62.03
C ILE S 119 8.57 22.67 63.44
N VAL S 120 7.32 22.24 63.54
CA VAL S 120 6.69 22.00 64.83
C VAL S 120 7.13 20.64 65.38
N TYR S 121 7.07 19.61 64.54
CA TYR S 121 7.44 18.26 64.90
C TYR S 121 8.27 17.70 63.76
N ALA S 122 9.23 16.83 64.08
CA ALA S 122 10.00 16.18 63.04
C ALA S 122 10.38 14.78 63.47
N ASN S 123 10.07 13.81 62.63
CA ASN S 123 10.63 12.46 62.69
C ASN S 123 11.12 12.20 61.28
N MET S 124 12.32 12.64 60.96
CA MET S 124 12.86 12.55 59.61
C MET S 124 14.23 11.90 59.68
N PRO S 125 14.35 10.64 59.29
CA PRO S 125 15.61 9.92 59.42
C PRO S 125 16.63 10.36 58.37
N LEU S 126 17.84 9.84 58.53
CA LEU S 126 18.88 10.03 57.53
C LEU S 126 18.55 9.25 56.27
N ASN S 127 18.77 9.87 55.13
CA ASN S 127 18.57 9.19 53.86
C ASN S 127 19.70 8.19 53.63
N THR S 128 19.35 6.94 53.38
CA THR S 128 20.30 5.90 53.04
C THR S 128 19.86 5.20 51.76
N GLU S 129 20.83 4.85 50.93
CA GLU S 129 20.57 3.96 49.81
C GLU S 129 20.44 2.52 50.31
N MET S 130 20.06 1.63 49.39
CA MET S 130 20.01 0.22 49.74
C MET S 130 21.41 -0.39 49.87
N THR S 131 22.45 0.29 49.40
CA THR S 131 23.82 -0.16 49.63
C THR S 131 24.36 0.32 50.97
N ASP S 132 23.68 1.22 51.65
CA ASP S 132 24.20 1.85 52.86
C ASP S 132 23.62 1.30 54.15
N PHE S 133 22.68 0.35 54.10
CA PHE S 133 22.03 -0.06 55.34
C PHE S 133 22.93 -0.91 56.22
N THR S 134 23.94 -1.58 55.64
CA THR S 134 24.91 -2.31 56.43
C THR S 134 25.75 -1.37 57.30
N VAL S 135 26.05 -0.17 56.79
CA VAL S 135 26.74 0.82 57.61
C VAL S 135 25.80 1.36 58.68
N MET S 136 24.53 1.52 58.35
CA MET S 136 23.58 2.15 59.27
C MET S 136 23.27 1.25 60.46
N VAL S 137 22.96 -0.02 60.20
CA VAL S 137 22.67 -0.93 61.30
C VAL S 137 23.94 -1.33 62.04
N GLY S 138 25.09 -1.25 61.40
CA GLY S 138 26.33 -1.57 62.10
C GLY S 138 26.74 -0.50 63.08
N LYS S 139 26.50 0.77 62.72
CA LYS S 139 26.83 1.87 63.62
C LYS S 139 25.85 1.95 64.78
N LYS S 140 24.58 1.63 64.55
CA LYS S 140 23.58 1.70 65.61
C LYS S 140 23.67 0.51 66.56
N PHE S 141 24.12 -0.65 66.08
CA PHE S 141 24.35 -1.77 66.98
C PHE S 141 25.60 -1.56 67.82
N ALA S 142 26.62 -0.92 67.26
CA ALA S 142 27.85 -0.69 68.02
C ALA S 142 27.66 0.38 69.07
N ALA S 143 26.70 1.28 68.87
CA ALA S 143 26.39 2.33 69.84
C ALA S 143 25.30 1.92 70.81
N GLY S 144 24.82 0.69 70.74
CA GLY S 144 23.75 0.24 71.61
C GLY S 144 22.40 0.88 71.36
N GLU S 145 22.14 1.32 70.12
CA GLU S 145 20.88 1.96 69.78
C GLU S 145 20.14 1.16 68.71
N ALA S 146 20.03 -0.15 68.91
CA ALA S 146 19.29 -0.99 67.96
C ALA S 146 17.80 -0.69 67.96
N VAL S 147 17.27 -0.17 69.07
CA VAL S 147 15.85 0.12 69.15
C VAL S 147 15.49 1.36 68.33
N SER S 148 16.46 2.20 67.98
CA SER S 148 16.23 3.41 67.21
C SER S 148 16.85 3.32 65.82
N ILE S 149 16.80 2.13 65.21
CA ILE S 149 17.27 1.97 63.84
C ILE S 149 16.18 2.47 62.89
N PRO S 150 16.48 3.41 62.01
CA PRO S 150 15.45 4.02 61.18
C PRO S 150 15.14 3.16 59.96
N PRO S 151 14.03 3.40 59.27
CA PRO S 151 13.78 2.70 58.00
C PRO S 151 14.69 3.23 56.90
N ILE S 152 14.84 2.42 55.86
CA ILE S 152 15.68 2.79 54.72
C ILE S 152 14.91 3.80 53.86
N SER S 153 15.31 5.06 53.93
CA SER S 153 14.68 6.13 53.19
C SER S 153 15.58 6.46 52.00
N GLN S 154 15.22 5.99 50.83
CA GLN S 154 16.09 6.09 49.67
C GLN S 154 15.99 7.47 49.04
N PRO S 155 17.12 8.12 48.77
CA PRO S 155 17.07 9.46 48.17
C PRO S 155 16.86 9.42 46.66
N TYR S 156 16.63 10.61 46.11
CA TYR S 156 16.66 10.91 44.67
C TYR S 156 15.60 10.13 43.88
N GLY S 157 14.34 10.40 44.23
CA GLY S 157 13.22 9.94 43.45
C GLY S 157 12.71 8.56 43.76
N LYS S 158 13.23 7.89 44.78
CA LYS S 158 12.86 6.52 45.09
C LYS S 158 11.86 6.41 46.22
N ARG S 159 11.18 7.51 46.55
CA ARG S 159 10.11 7.48 47.53
C ARG S 159 9.12 8.57 47.13
N VAL S 160 8.00 8.63 47.84
CA VAL S 160 6.97 9.63 47.55
C VAL S 160 6.69 10.43 48.81
N VAL S 161 6.18 11.63 48.61
CA VAL S 161 5.88 12.56 49.68
C VAL S 161 4.40 12.90 49.62
N ALA S 162 3.72 12.81 50.75
CA ALA S 162 2.37 13.31 50.91
C ALA S 162 2.43 14.70 51.49
N PHE S 163 1.91 15.67 50.74
CA PHE S 163 1.95 17.09 51.08
C PHE S 163 0.55 17.48 51.55
N GLY S 164 0.35 17.47 52.86
CA GLY S 164 -0.97 17.67 53.44
C GLY S 164 -1.26 19.07 53.91
N GLU S 165 -2.13 19.77 53.19
CA GLU S 165 -2.44 21.16 53.50
C GLU S 165 -3.58 21.23 54.50
N HIS S 166 -3.37 21.95 55.59
CA HIS S 166 -4.36 22.12 56.65
C HIS S 166 -4.43 23.58 57.04
N ILE S 167 -5.63 24.15 57.06
CA ILE S 167 -5.85 25.49 57.58
C ILE S 167 -6.70 25.36 58.84
N VAL S 168 -6.18 25.86 59.95
CA VAL S 168 -6.72 25.59 61.28
C VAL S 168 -7.39 26.87 61.80
N LYS S 169 -8.59 26.72 62.35
CA LYS S 169 -9.34 27.81 62.96
C LYS S 169 -8.56 28.52 64.05
N GLU S 170 -8.82 29.83 64.20
CA GLU S 170 -8.20 30.64 65.23
C GLU S 170 -8.57 30.13 66.62
N GLY S 171 -7.56 29.85 67.43
CA GLY S 171 -7.73 29.34 68.76
C GLY S 171 -7.61 27.84 68.90
N LEU S 172 -7.69 27.11 67.79
CA LEU S 172 -7.57 25.65 67.81
C LEU S 172 -6.21 25.17 67.31
N GLU S 173 -5.19 26.03 67.31
CA GLU S 173 -3.87 25.62 66.85
C GLU S 173 -3.19 24.69 67.84
N ASN S 174 -3.45 24.85 69.14
CA ASN S 174 -2.89 23.93 70.12
C ASN S 174 -3.52 22.55 70.04
N GLN S 175 -4.81 22.48 69.69
CA GLN S 175 -5.44 21.17 69.52
C GLN S 175 -4.99 20.49 68.24
N PHE S 176 -4.73 21.25 67.18
CA PHE S 176 -4.22 20.65 65.95
C PHE S 176 -2.86 20.03 66.19
N GLU S 177 -1.93 20.79 66.76
CA GLU S 177 -0.55 20.34 66.88
C GLU S 177 -0.42 19.16 67.82
N GLU S 178 -1.28 19.06 68.83
CA GLU S 178 -1.22 17.92 69.75
C GLU S 178 -1.63 16.63 69.05
N TYR S 179 -2.73 16.65 68.31
CA TYR S 179 -3.27 15.44 67.72
C TYR S 179 -2.73 15.14 66.33
N ALA S 180 -2.19 16.14 65.62
CA ALA S 180 -1.48 15.83 64.39
C ALA S 180 -0.14 15.16 64.68
N ILE S 181 0.46 15.48 65.83
CA ILE S 181 1.66 14.77 66.27
C ILE S 181 1.31 13.32 66.59
N LYS S 182 0.21 13.10 67.31
CA LYS S 182 -0.23 11.75 67.64
C LYS S 182 -0.62 10.95 66.41
N THR S 183 -1.09 11.62 65.35
CA THR S 183 -1.36 10.95 64.10
C THR S 183 -0.08 10.50 63.42
N LEU S 184 0.96 11.33 63.48
CA LEU S 184 2.23 10.98 62.85
C LEU S 184 3.00 9.94 63.65
N GLU S 185 2.80 9.87 64.96
CA GLU S 185 3.36 8.76 65.72
C GLU S 185 2.64 7.46 65.44
N ALA S 186 1.34 7.53 65.11
CA ALA S 186 0.59 6.35 64.72
C ALA S 186 0.99 5.85 63.34
N PHE S 187 1.52 6.72 62.47
CA PHE S 187 1.98 6.29 61.17
C PHE S 187 3.25 5.45 61.24
N ARG S 188 3.97 5.48 62.37
CA ARG S 188 5.17 4.66 62.55
C ARG S 188 4.86 3.16 62.44
N SER S 189 3.63 2.76 62.74
CA SER S 189 3.23 1.38 62.58
C SER S 189 2.90 1.01 61.14
N ALA S 190 2.66 2.00 60.28
CA ALA S 190 2.23 1.69 58.92
C ALA S 190 3.40 1.18 58.09
N PRO S 191 3.18 0.18 57.23
CA PRO S 191 4.26 -0.31 56.36
C PRO S 191 4.64 0.72 55.31
N GLY S 192 5.93 0.89 55.12
CA GLY S 192 6.44 1.84 54.16
C GLY S 192 6.49 3.27 54.63
N PHE S 193 6.13 3.55 55.88
CA PHE S 193 6.26 4.90 56.40
C PHE S 193 7.74 5.22 56.62
N LEU S 194 8.19 6.30 56.00
CA LEU S 194 9.60 6.67 56.04
C LEU S 194 9.87 7.87 56.91
N GLY S 195 8.85 8.47 57.51
CA GLY S 195 9.04 9.60 58.39
C GLY S 195 8.14 10.76 58.02
N GLY S 196 8.11 11.73 58.93
CA GLY S 196 7.16 12.81 58.80
C GLY S 196 7.56 14.04 59.58
N MET S 197 7.02 15.18 59.16
CA MET S 197 7.20 16.43 59.89
C MET S 197 5.97 17.30 59.71
N ILE S 198 5.78 18.21 60.66
CA ILE S 198 4.67 19.15 60.66
C ILE S 198 5.24 20.54 60.53
N LEU S 199 4.82 21.26 59.49
CA LEU S 199 5.33 22.59 59.20
C LEU S 199 4.25 23.63 59.48
N LYS S 200 4.64 24.73 60.11
CA LYS S 200 3.74 25.81 60.48
C LYS S 200 4.19 27.08 59.77
N GLU S 201 3.30 27.66 58.96
CA GLU S 201 3.64 28.86 58.20
C GLU S 201 3.80 30.07 59.10
N ILE S 202 4.93 30.75 58.96
CA ILE S 202 5.26 31.91 59.78
C ILE S 202 5.46 33.18 58.95
N GLY S 203 5.34 33.11 57.64
CA GLY S 203 5.56 34.26 56.81
C GLY S 203 5.75 33.85 55.37
N VAL S 204 5.90 34.87 54.51
CA VAL S 204 6.14 34.70 53.09
C VAL S 204 7.32 35.58 52.70
N SER S 205 8.33 34.99 52.09
CA SER S 205 9.49 35.73 51.61
C SER S 205 9.12 36.67 50.47
N PRO S 206 9.36 37.97 50.58
CA PRO S 206 9.04 38.86 49.44
C PRO S 206 9.97 38.71 48.25
N LEU S 207 11.28 38.58 48.49
CA LEU S 207 12.21 38.45 47.37
C LEU S 207 12.10 37.10 46.70
N GLY S 208 11.84 36.05 47.48
CA GLY S 208 11.58 34.74 46.91
C GLY S 208 10.28 34.64 46.14
N SER S 209 9.34 35.54 46.41
CA SER S 209 8.07 35.58 45.68
C SER S 209 8.07 36.61 44.56
N LEU S 210 9.22 37.26 44.31
CA LEU S 210 9.38 38.34 43.33
C LEU S 210 8.39 39.48 43.59
N GLN S 211 8.17 39.80 44.85
CA GLN S 211 7.24 40.85 45.24
C GLN S 211 8.04 42.06 45.67
N LEU S 212 8.18 43.02 44.77
CA LEU S 212 8.88 44.27 45.01
C LEU S 212 7.87 45.41 45.08
N ASN S 213 8.37 46.63 45.22
CA ASN S 213 7.52 47.80 45.14
C ASN S 213 7.21 48.10 43.67
N ALA S 214 6.59 49.25 43.40
CA ALA S 214 6.10 49.55 42.06
C ALA S 214 7.25 49.73 41.06
N LYS S 215 8.35 50.33 41.50
CA LYS S 215 9.50 50.48 40.61
C LYS S 215 10.17 49.14 40.36
N GLY S 216 10.27 48.31 41.39
CA GLY S 216 10.88 46.99 41.22
C GLY S 216 10.04 46.05 40.38
N PHE S 217 8.72 46.14 40.50
CA PHE S 217 7.83 45.28 39.71
C PHE S 217 7.93 45.61 38.23
N HIS S 218 8.07 46.89 37.89
CA HIS S 218 8.20 47.26 36.49
C HIS S 218 9.55 46.85 35.92
N GLN S 219 10.60 46.87 36.74
CA GLN S 219 11.90 46.43 36.26
C GLN S 219 11.94 44.92 36.05
N ILE S 220 11.11 44.17 36.78
CA ILE S 220 10.99 42.74 36.51
C ILE S 220 10.36 42.50 35.15
N LEU S 221 9.30 43.25 34.81
CA LEU S 221 8.65 43.09 33.52
C LEU S 221 9.50 43.61 32.37
N GLU S 222 10.35 44.60 32.62
CA GLU S 222 11.05 45.29 31.54
C GLU S 222 12.39 44.67 31.20
N THR S 223 12.95 43.82 32.04
CA THR S 223 14.34 43.41 31.87
C THR S 223 14.48 42.38 30.76
N ALA S 224 15.64 42.42 30.11
CA ALA S 224 16.00 41.45 29.07
C ALA S 224 16.84 40.38 29.73
N ASN S 225 16.20 39.24 30.04
CA ASN S 225 16.81 38.03 30.61
C ASN S 225 17.47 38.27 31.96
N GLY S 226 17.09 39.32 32.68
CA GLY S 226 17.66 39.60 33.97
C GLY S 226 18.92 40.42 33.99
N MET S 227 19.42 40.86 32.83
CA MET S 227 20.61 41.70 32.79
C MET S 227 20.39 43.04 33.49
N ASP S 228 19.16 43.52 33.46
CA ASP S 228 18.76 44.75 34.14
C ASP S 228 18.15 44.34 35.47
N VAL S 229 18.95 44.38 36.53
CA VAL S 229 18.51 43.83 37.82
C VAL S 229 17.69 44.88 38.55
N PRO S 230 16.49 44.53 39.03
CA PRO S 230 15.70 45.48 39.82
C PRO S 230 16.34 45.73 41.17
N GLU S 231 16.10 46.92 41.69
CA GLU S 231 16.53 47.23 43.04
C GLU S 231 15.65 46.45 44.02
N PRO S 232 16.22 45.63 44.89
CA PRO S 232 15.40 44.71 45.71
C PRO S 232 14.77 45.38 46.92
N VAL S 233 13.94 46.38 46.66
CA VAL S 233 13.19 47.09 47.70
C VAL S 233 11.78 46.53 47.71
N THR S 234 11.38 45.99 48.86
CA THR S 234 10.04 45.46 49.06
C THR S 234 9.27 46.38 49.99
N ILE S 235 7.94 46.24 49.97
CA ILE S 235 7.10 47.04 50.85
C ILE S 235 6.80 46.33 52.16
N TYR S 236 7.23 45.08 52.31
CA TYR S 236 6.96 44.32 53.52
C TYR S 236 8.12 43.38 53.80
N GLU S 237 8.23 42.98 55.04
CA GLU S 237 9.10 41.88 55.43
C GLU S 237 8.26 40.64 55.66
N ALA S 238 8.94 39.51 55.79
CA ALA S 238 8.27 38.20 55.75
C ALA S 238 7.19 37.96 56.82
N PRO S 239 7.34 38.35 58.10
CA PRO S 239 6.20 38.16 59.03
C PRO S 239 5.02 39.10 58.78
N GLU S 240 5.15 40.13 57.95
CA GLU S 240 4.02 40.98 57.64
C GLU S 240 3.04 40.35 56.67
N PHE S 241 3.46 39.31 55.93
CA PHE S 241 2.57 38.49 55.14
C PHE S 241 2.58 37.13 55.82
N ARG S 242 1.80 37.01 56.89
CA ARG S 242 1.58 35.75 57.58
C ARG S 242 0.09 35.47 57.49
N ASN S 243 -0.26 34.38 56.83
CA ASN S 243 -1.65 34.10 56.53
C ASN S 243 -2.42 33.70 57.79
N ARG S 244 -3.55 34.36 58.00
CA ARG S 244 -4.47 33.99 59.04
C ARG S 244 -5.79 33.58 58.39
N PRO S 245 -6.42 32.48 58.80
CA PRO S 245 -6.06 31.49 59.84
C PRO S 245 -4.83 30.64 59.49
N GLN S 246 -4.30 29.94 60.50
CA GLN S 246 -2.95 29.39 60.43
C GLN S 246 -2.86 28.22 59.45
N ARG S 247 -1.89 28.29 58.56
CA ARG S 247 -1.64 27.23 57.59
C ARG S 247 -0.64 26.22 58.16
N TYR S 248 -0.94 24.95 57.96
CA TYR S 248 -0.04 23.88 58.35
C TYR S 248 0.21 22.97 57.17
N ILE S 249 1.44 22.49 57.05
CA ILE S 249 1.77 21.42 56.13
C ILE S 249 2.06 20.18 56.96
N VAL S 250 1.35 19.09 56.67
CA VAL S 250 1.67 17.79 57.22
C VAL S 250 2.41 17.02 56.13
N HIS S 251 3.71 16.87 56.30
CA HIS S 251 4.60 16.30 55.31
C HIS S 251 4.96 14.89 55.77
N THR S 252 4.55 13.87 55.02
CA THR S 252 4.88 12.49 55.33
C THR S 252 5.51 11.82 54.12
N GLU S 253 6.43 10.90 54.38
CA GLU S 253 7.19 10.24 53.33
C GLU S 253 6.91 8.75 53.35
N TRP S 254 6.77 8.17 52.16
CA TRP S 254 6.31 6.80 51.99
C TRP S 254 7.15 6.13 50.92
N SER S 255 7.30 4.82 51.02
CA SER S 255 8.17 4.10 50.10
C SER S 255 7.58 4.03 48.69
N ASP S 256 6.26 3.98 48.56
CA ASP S 256 5.59 3.99 47.27
C ASP S 256 4.19 4.54 47.47
N THR S 257 3.45 4.69 46.36
CA THR S 257 2.13 5.30 46.46
C THR S 257 1.10 4.35 47.06
N ASN S 258 1.31 3.04 46.96
CA ASN S 258 0.42 2.10 47.63
C ASN S 258 0.59 2.18 49.14
N ALA S 259 1.83 2.27 49.62
CA ALA S 259 2.07 2.45 51.05
C ALA S 259 1.53 3.79 51.52
N LEU S 260 1.60 4.82 50.67
CA LEU S 260 1.03 6.11 50.99
C LEU S 260 -0.49 6.04 51.12
N MET S 261 -1.15 5.38 50.16
CA MET S 261 -2.61 5.35 50.10
C MET S 261 -3.20 4.59 51.28
N PHE S 262 -2.65 3.43 51.61
CA PHE S 262 -3.17 2.67 52.74
C PHE S 262 -2.58 3.13 54.07
N GLY S 263 -1.43 3.79 54.07
CA GLY S 263 -0.87 4.32 55.29
C GLY S 263 -1.56 5.57 55.76
N LEU S 264 -1.71 6.55 54.87
CA LEU S 264 -2.50 7.74 55.19
C LEU S 264 -3.97 7.40 55.38
N GLY S 265 -4.45 6.37 54.68
CA GLY S 265 -5.81 5.91 54.81
C GLY S 265 -6.18 5.36 56.16
N ARG S 266 -5.20 5.10 57.03
CA ARG S 266 -5.45 4.65 58.40
C ARG S 266 -6.23 5.66 59.23
N VAL S 267 -6.20 6.95 58.86
CA VAL S 267 -7.06 7.93 59.50
C VAL S 267 -8.51 7.79 59.09
N LEU S 268 -8.80 6.95 58.10
CA LEU S 268 -10.17 6.64 57.69
C LEU S 268 -10.59 5.21 57.97
N ILE S 269 -9.68 4.24 57.92
CA ILE S 269 -10.05 2.84 57.97
C ILE S 269 -9.57 2.13 59.22
N TYR S 270 -8.62 2.69 59.96
CA TYR S 270 -8.15 2.09 61.21
C TYR S 270 -8.84 2.81 62.35
N PRO S 271 -9.71 2.14 63.11
CA PRO S 271 -10.57 2.85 64.07
C PRO S 271 -9.82 3.51 65.23
N GLU S 272 -8.67 2.97 65.64
CA GLU S 272 -7.91 3.61 66.71
C GLU S 272 -7.24 4.90 66.25
N VAL S 273 -6.72 4.92 65.02
CA VAL S 273 -6.12 6.14 64.48
C VAL S 273 -7.20 7.12 64.04
N ARG S 274 -8.37 6.60 63.67
CA ARG S 274 -9.48 7.43 63.21
C ARG S 274 -10.00 8.35 64.31
N GLN S 275 -10.04 7.88 65.57
CA GLN S 275 -10.44 8.76 66.66
C GLN S 275 -9.41 9.83 66.96
N ILE S 276 -8.13 9.53 66.74
CA ILE S 276 -7.08 10.53 66.94
C ILE S 276 -7.19 11.64 65.90
N HIS S 277 -7.33 11.26 64.63
CA HIS S 277 -7.39 12.23 63.55
C HIS S 277 -8.73 12.95 63.48
N ASP S 278 -9.76 12.46 64.17
CA ASP S 278 -11.02 13.19 64.28
C ASP S 278 -10.84 14.49 65.05
N LYS S 279 -9.90 14.51 66.01
CA LYS S 279 -9.61 15.74 66.73
C LYS S 279 -8.86 16.74 65.86
N VAL S 280 -8.09 16.25 64.89
CA VAL S 280 -7.47 17.12 63.90
C VAL S 280 -8.53 17.73 62.99
N LEU S 281 -9.48 16.92 62.55
CA LEU S 281 -10.52 17.37 61.61
C LEU S 281 -11.45 18.40 62.25
N ASP S 282 -11.63 18.35 63.56
CA ASP S 282 -12.48 19.30 64.26
C ASP S 282 -11.82 20.65 64.49
N THR S 283 -10.60 20.87 63.99
CA THR S 283 -9.94 22.17 64.07
C THR S 283 -9.80 22.85 62.72
N LEU S 284 -10.21 22.22 61.63
CA LEU S 284 -9.87 22.65 60.29
C LEU S 284 -10.98 23.53 59.70
N VAL S 285 -10.60 24.70 59.20
CA VAL S 285 -11.50 25.44 58.32
C VAL S 285 -11.30 25.06 56.86
N TYR S 286 -10.15 24.49 56.51
CA TYR S 286 -9.91 24.01 55.16
C TYR S 286 -9.04 22.76 55.24
N GLY S 287 -9.36 21.78 54.41
CA GLY S 287 -8.57 20.59 54.31
C GLY S 287 -9.22 19.40 54.95
N PRO S 288 -8.55 18.24 54.90
CA PRO S 288 -7.21 18.03 54.34
C PRO S 288 -7.18 17.77 52.84
N TYR S 289 -6.26 18.44 52.16
CA TYR S 289 -6.00 18.23 50.75
C TYR S 289 -4.56 17.77 50.61
N ILE S 290 -4.35 16.59 50.04
CA ILE S 290 -3.06 15.92 50.07
C ILE S 290 -2.54 15.79 48.65
N ARG S 291 -1.46 16.49 48.35
CA ARG S 291 -0.75 16.34 47.09
C ARG S 291 0.30 15.26 47.22
N VAL S 292 0.57 14.57 46.13
CA VAL S 292 1.59 13.53 46.06
C VAL S 292 2.79 14.10 45.33
N LEU S 293 3.93 14.09 45.99
CA LEU S 293 5.13 14.72 45.45
C LEU S 293 6.24 13.69 45.25
N ASN S 294 7.06 13.93 44.24
CA ASN S 294 8.23 13.10 43.99
C ASN S 294 9.48 13.90 44.32
N PRO S 295 10.26 13.51 45.31
CA PRO S 295 11.49 14.25 45.63
C PRO S 295 12.66 13.92 44.71
N MET S 296 12.74 14.61 43.57
CA MET S 296 13.78 14.33 42.58
C MET S 296 15.17 14.72 43.08
N MET S 297 15.38 16.01 43.32
CA MET S 297 16.70 16.54 43.64
C MET S 297 16.76 16.88 45.11
N GLU S 298 17.78 16.38 45.80
CA GLU S 298 17.84 16.47 47.24
C GLU S 298 19.22 16.88 47.73
N GLY S 299 19.22 17.57 48.85
CA GLY S 299 20.36 17.98 49.63
C GLY S 299 20.38 17.27 50.97
N THR S 300 20.30 15.93 50.96
CA THR S 300 19.96 15.06 52.09
C THR S 300 20.71 15.29 53.41
N TYR S 301 21.78 16.07 53.40
CA TYR S 301 22.50 16.48 54.60
C TYR S 301 21.72 17.45 55.48
N TRP S 302 20.53 17.92 55.07
CA TRP S 302 19.69 18.69 55.99
C TRP S 302 19.15 17.82 57.12
N ARG S 303 19.00 16.52 56.88
CA ARG S 303 18.61 15.61 57.94
C ARG S 303 19.77 15.30 58.88
N GLU S 304 21.01 15.46 58.42
CA GLU S 304 22.15 15.36 59.33
C GLU S 304 22.17 16.51 60.32
N TYR S 305 21.78 17.70 59.87
CA TYR S 305 21.64 18.84 60.79
C TYR S 305 20.47 18.63 61.74
N LEU S 306 19.38 18.04 61.24
CA LEU S 306 18.19 17.86 62.07
C LEU S 306 18.40 16.80 63.14
N ASN S 307 19.03 15.69 62.77
CA ASN S 307 19.21 14.57 63.69
C ASN S 307 20.53 14.63 64.45
N GLU S 308 21.37 15.62 64.14
CA GLU S 308 22.65 15.89 64.84
C GLU S 308 23.60 14.70 64.75
N TYR S 309 23.58 14.01 63.61
CA TYR S 309 24.33 12.78 63.40
C TYR S 309 24.35 12.53 61.91
N HIS S 310 25.48 12.02 61.40
CA HIS S 310 25.60 11.68 60.00
C HIS S 310 25.94 10.20 59.85
N LEU S 311 25.89 9.74 58.60
CA LEU S 311 26.08 8.34 58.18
C LEU S 311 25.17 7.35 58.91
N PRO T 2 39.66 56.26 -18.93
CA PRO T 2 39.19 57.21 -17.91
C PRO T 2 38.19 56.57 -16.97
N LYS T 3 37.73 57.33 -15.98
CA LYS T 3 36.74 56.80 -15.05
C LYS T 3 35.34 57.06 -15.59
N PRO T 4 34.55 56.03 -15.85
CA PRO T 4 33.19 56.26 -16.32
C PRO T 4 32.26 56.65 -15.18
N TYR T 5 31.04 57.00 -15.55
CA TYR T 5 29.97 57.24 -14.61
C TYR T 5 29.05 56.03 -14.57
N VAL T 6 28.46 55.76 -13.42
CA VAL T 6 27.66 54.57 -13.22
C VAL T 6 26.23 54.96 -12.95
N ALA T 7 25.31 54.36 -13.69
CA ALA T 7 23.89 54.33 -13.34
C ALA T 7 23.58 52.95 -12.78
N ILE T 8 22.97 52.91 -11.60
CA ILE T 8 22.64 51.65 -10.94
C ILE T 8 21.11 51.54 -10.90
N ASN T 9 20.55 50.69 -11.75
CA ASN T 9 19.12 50.46 -11.77
C ASN T 9 18.77 49.40 -10.73
N MET T 10 17.93 49.77 -9.76
CA MET T 10 17.56 48.91 -8.66
C MET T 10 16.08 48.55 -8.77
N VAL T 11 15.79 47.26 -8.83
CA VAL T 11 14.42 46.74 -8.86
C VAL T 11 14.31 45.57 -7.90
N GLU T 12 13.13 45.41 -7.33
CA GLU T 12 12.76 44.20 -6.60
C GLU T 12 11.76 43.43 -7.44
N VAL T 13 12.08 42.18 -7.75
CA VAL T 13 11.23 41.33 -8.57
C VAL T 13 10.92 40.06 -7.79
N ARG T 14 9.89 39.34 -8.23
CA ARG T 14 9.54 38.06 -7.62
C ARG T 14 10.62 37.02 -7.88
N ASN T 15 10.79 36.11 -6.93
CA ASN T 15 11.74 35.00 -7.08
C ASN T 15 10.93 33.77 -7.49
N ASP T 16 10.73 33.62 -8.79
CA ASP T 16 9.97 32.54 -9.37
C ASP T 16 10.59 32.21 -10.72
N PRO T 17 10.31 31.02 -11.28
CA PRO T 17 10.88 30.68 -12.60
C PRO T 17 10.46 31.59 -13.74
N LYS T 18 9.34 32.30 -13.62
CA LYS T 18 8.96 33.26 -14.65
C LYS T 18 9.93 34.42 -14.72
N THR T 19 10.45 34.86 -13.57
CA THR T 19 11.38 35.99 -13.51
C THR T 19 12.72 35.68 -14.16
N LEU T 20 13.24 34.46 -13.94
CA LEU T 20 14.51 34.10 -14.55
C LEU T 20 14.41 33.89 -16.06
N GLU T 21 13.20 33.73 -16.61
CA GLU T 21 13.04 33.86 -18.06
C GLU T 21 13.23 35.29 -18.53
N LEU T 22 12.87 36.27 -17.69
CA LEU T 22 13.03 37.68 -18.04
C LEU T 22 14.48 38.12 -18.01
N PHE T 23 15.37 37.36 -17.35
CA PHE T 23 16.80 37.65 -17.40
C PHE T 23 17.36 37.43 -18.80
N GLY T 24 16.86 36.42 -19.50
CA GLY T 24 17.42 36.05 -20.79
C GLY T 24 16.61 36.50 -21.98
N LYS T 25 15.39 37.00 -21.76
CA LYS T 25 14.53 37.42 -22.85
C LYS T 25 14.28 38.92 -22.90
N VAL T 26 14.63 39.67 -21.86
CA VAL T 26 14.43 41.11 -21.81
C VAL T 26 15.73 41.85 -21.52
N GLY T 27 16.47 41.40 -20.52
CA GLY T 27 17.83 41.84 -20.21
C GLY T 27 18.79 42.07 -21.35
N PRO T 28 18.96 41.10 -22.27
CA PRO T 28 19.79 41.36 -23.45
C PRO T 28 19.23 42.43 -24.38
N LYS T 29 17.91 42.55 -24.47
CA LYS T 29 17.32 43.57 -25.35
C LYS T 29 17.53 44.97 -24.81
N VAL T 30 17.49 45.13 -23.48
CA VAL T 30 17.75 46.42 -22.86
C VAL T 30 19.19 46.85 -23.09
N CYS T 31 20.12 45.90 -22.99
CA CYS T 31 21.53 46.18 -23.26
C CYS T 31 21.77 46.53 -24.72
N MET T 32 20.99 45.95 -25.64
CA MET T 32 21.15 46.27 -27.06
C MET T 32 20.58 47.64 -27.40
N VAL T 33 19.48 48.04 -26.75
CA VAL T 33 18.94 49.39 -26.95
C VAL T 33 19.88 50.43 -26.33
N THR T 34 20.44 50.11 -25.17
CA THR T 34 21.38 50.99 -24.49
C THR T 34 22.66 51.18 -25.29
N ALA T 35 23.08 50.17 -26.05
CA ALA T 35 24.28 50.24 -26.86
C ALA T 35 24.10 51.01 -28.17
N ARG T 36 22.91 51.57 -28.43
CA ARG T 36 22.76 52.52 -29.53
C ARG T 36 23.49 53.83 -29.27
N HIS T 37 23.72 54.19 -28.01
CA HIS T 37 24.40 55.43 -27.66
C HIS T 37 25.91 55.22 -27.64
N PRO T 38 26.69 56.15 -28.20
CA PRO T 38 28.15 55.95 -28.23
C PRO T 38 28.82 56.16 -26.87
N GLY T 39 28.19 56.86 -25.94
CA GLY T 39 28.72 57.03 -24.61
C GLY T 39 28.58 55.83 -23.70
N PHE T 40 27.86 54.81 -24.13
CA PHE T 40 27.73 53.57 -23.37
C PHE T 40 29.02 52.77 -23.48
N VAL T 41 29.63 52.44 -22.35
CA VAL T 41 30.89 51.70 -22.37
C VAL T 41 30.78 50.33 -21.72
N GLY T 42 29.63 49.94 -21.20
CA GLY T 42 29.48 48.61 -20.67
C GLY T 42 28.50 48.55 -19.53
N PHE T 43 28.34 47.34 -18.99
CA PHE T 43 27.34 47.08 -17.97
C PHE T 43 27.81 45.94 -17.07
N GLN T 44 27.15 45.81 -15.93
CA GLN T 44 27.38 44.70 -15.01
C GLN T 44 26.10 44.51 -14.21
N ASN T 45 25.43 43.40 -14.41
CA ASN T 45 24.12 43.15 -13.79
C ASN T 45 24.27 42.20 -12.62
N HIS T 46 23.61 42.53 -11.52
CA HIS T 46 23.74 41.78 -10.28
C HIS T 46 22.39 41.30 -9.79
N VAL T 47 22.42 40.17 -9.08
CA VAL T 47 21.31 39.70 -8.26
C VAL T 47 21.83 39.61 -6.84
N GLN T 48 21.09 40.17 -5.89
CA GLN T 48 21.46 40.04 -4.49
C GLN T 48 21.22 38.60 -4.03
N ILE T 49 22.25 37.99 -3.46
CA ILE T 49 22.15 36.63 -2.94
C ILE T 49 22.17 36.59 -1.42
N GLY T 50 22.47 37.70 -0.76
CA GLY T 50 22.48 37.69 0.69
C GLY T 50 23.00 39.00 1.26
N VAL T 51 23.25 38.97 2.56
CA VAL T 51 23.68 40.11 3.35
C VAL T 51 24.81 39.63 4.25
N VAL T 52 25.84 40.44 4.42
CA VAL T 52 26.88 40.14 5.40
C VAL T 52 26.30 40.33 6.80
N PRO T 53 26.26 39.28 7.62
CA PRO T 53 25.59 39.40 8.92
C PRO T 53 26.39 40.16 9.97
N LEU T 54 27.73 40.18 9.83
CA LEU T 54 28.67 40.79 10.78
C LEU T 54 28.47 40.24 12.19
N GLY T 55 28.69 38.94 12.33
CA GLY T 55 28.35 38.25 13.56
C GLY T 55 26.85 38.09 13.67
N THR T 56 26.24 38.67 14.70
CA THR T 56 24.79 38.64 14.88
C THR T 56 24.16 40.03 14.74
N ARG T 57 24.83 40.96 14.05
CA ARG T 57 24.27 42.29 13.88
C ARG T 57 23.02 42.25 13.01
N TRP T 58 23.09 41.55 11.89
CA TRP T 58 21.90 41.11 11.17
C TRP T 58 21.96 39.59 11.16
N GLY T 59 21.54 38.97 12.26
CA GLY T 59 21.68 37.55 12.44
C GLY T 59 20.64 36.74 11.71
N GLY T 60 19.55 37.36 11.29
CA GLY T 60 18.58 36.69 10.44
C GLY T 60 18.97 36.62 8.99
N ALA T 61 20.08 37.24 8.63
CA ALA T 61 20.57 37.29 7.27
C ALA T 61 21.78 36.38 7.11
N LYS T 62 21.95 35.85 5.91
CA LYS T 62 23.07 34.99 5.56
C LYS T 62 23.69 35.52 4.28
N MET T 63 24.92 35.10 4.01
CA MET T 63 25.58 35.53 2.79
C MET T 63 25.00 34.85 1.55
N GLU T 64 24.52 33.62 1.70
CA GLU T 64 23.88 32.88 0.61
C GLU T 64 22.49 32.48 1.08
N MET T 65 21.50 33.36 0.85
CA MET T 65 20.13 33.10 1.26
C MET T 65 19.15 33.22 0.11
N SER T 66 19.64 33.15 -1.13
CA SER T 66 18.78 33.43 -2.29
C SER T 66 17.81 32.29 -2.60
N GLN T 67 18.10 31.08 -2.13
CA GLN T 67 17.20 29.96 -2.35
C GLN T 67 15.94 30.05 -1.49
N GLU T 68 15.94 30.87 -0.45
CA GLU T 68 14.82 30.96 0.47
C GLU T 68 13.99 32.23 0.33
N MET T 69 14.44 33.20 -0.47
CA MET T 69 13.77 34.48 -0.56
C MET T 69 12.64 34.45 -1.57
N HIS T 70 11.55 35.15 -1.25
CA HIS T 70 10.43 35.28 -2.17
C HIS T 70 10.67 36.33 -3.23
N SER T 71 11.60 37.25 -3.00
CA SER T 71 11.82 38.36 -3.91
C SER T 71 13.32 38.57 -4.12
N LEU T 72 13.67 39.05 -5.31
CA LEU T 72 15.06 39.24 -5.70
C LEU T 72 15.33 40.72 -5.90
N MET T 73 16.41 41.20 -5.30
CA MET T 73 16.93 42.53 -5.54
C MET T 73 17.92 42.49 -6.69
N LEU T 74 17.72 43.34 -7.69
CA LEU T 74 18.60 43.42 -8.85
C LEU T 74 19.28 44.78 -8.87
N MET T 75 20.59 44.79 -9.09
CA MET T 75 21.38 46.00 -9.26
C MET T 75 22.03 45.95 -10.63
N GLN T 76 21.51 46.72 -11.56
CA GLN T 76 21.97 46.69 -12.95
C GLN T 76 22.82 47.92 -13.19
N TYR T 77 24.14 47.73 -13.23
CA TYR T 77 25.04 48.85 -13.47
C TYR T 77 25.14 49.08 -14.96
N THR T 78 25.11 50.34 -15.36
CA THR T 78 25.51 50.73 -16.70
C THR T 78 26.59 51.80 -16.57
N PHE T 79 27.57 51.74 -17.46
CA PHE T 79 28.74 52.59 -17.39
C PHE T 79 28.74 53.56 -18.57
N TRP T 80 29.06 54.82 -18.28
CA TRP T 80 28.87 55.91 -19.23
C TRP T 80 30.08 56.83 -19.25
N LYS T 81 30.43 57.34 -20.43
CA LYS T 81 31.53 58.29 -20.56
C LYS T 81 31.23 59.59 -19.83
N ASN T 82 29.97 60.03 -19.86
CA ASN T 82 29.48 61.11 -19.01
C ASN T 82 28.07 60.73 -18.57
N TRP T 83 27.66 61.25 -17.41
CA TRP T 83 26.33 60.93 -16.91
C TRP T 83 25.22 61.56 -17.74
N LYS T 84 25.53 62.62 -18.49
CA LYS T 84 24.56 63.18 -19.42
C LYS T 84 24.29 62.27 -20.60
N ASP T 85 25.25 61.39 -20.94
CA ASP T 85 25.02 60.40 -21.99
C ASP T 85 23.95 59.40 -21.59
N HIS T 86 23.85 59.10 -20.30
CA HIS T 86 22.80 58.19 -19.83
C HIS T 86 21.43 58.86 -19.90
N GLU T 87 21.35 60.14 -19.54
CA GLU T 87 20.07 60.85 -19.62
C GLU T 87 19.67 61.10 -21.06
N GLU T 88 20.64 61.35 -21.95
CA GLU T 88 20.35 61.49 -23.37
C GLU T 88 19.91 60.16 -23.99
N MET T 89 20.48 59.05 -23.51
CA MET T 89 20.09 57.74 -24.02
C MET T 89 18.64 57.41 -23.67
N HIS T 90 18.22 57.71 -22.44
CA HIS T 90 16.87 57.39 -22.03
C HIS T 90 15.83 58.22 -22.74
N LYS T 91 16.16 59.47 -23.08
CA LYS T 91 15.20 60.30 -23.79
C LYS T 91 15.08 59.89 -25.25
N GLN T 92 16.19 59.56 -25.90
CA GLN T 92 16.17 59.24 -27.32
C GLN T 92 15.61 57.85 -27.58
N ASN T 93 15.72 56.93 -26.62
CA ASN T 93 15.26 55.56 -26.79
C ASN T 93 14.11 55.24 -25.84
N TRP T 94 13.26 56.24 -25.57
CA TRP T 94 12.28 56.11 -24.50
C TRP T 94 11.19 55.12 -24.83
N ALA T 95 10.73 55.07 -26.07
CA ALA T 95 9.66 54.14 -26.43
C ALA T 95 10.11 52.69 -26.36
N ASN T 96 11.32 52.39 -26.84
CA ASN T 96 11.81 51.01 -26.79
C ASN T 96 12.12 50.59 -25.36
N LEU T 97 12.66 51.49 -24.55
CA LEU T 97 13.06 51.15 -23.19
C LEU T 97 11.87 51.02 -22.26
N PHE T 98 10.85 51.87 -22.44
CA PHE T 98 9.63 51.75 -21.65
C PHE T 98 8.91 50.44 -21.93
N ARG T 99 8.87 50.02 -23.19
CA ARG T 99 8.18 48.80 -23.57
C ARG T 99 8.90 47.57 -23.05
N LEU T 100 10.23 47.61 -23.01
CA LEU T 100 10.99 46.48 -22.48
C LEU T 100 10.86 46.40 -20.96
N CYS T 101 10.83 47.56 -20.28
CA CYS T 101 10.72 47.57 -18.83
C CYS T 101 9.34 47.10 -18.37
N LEU T 102 8.31 47.33 -19.19
CA LEU T 102 6.97 46.86 -18.87
C LEU T 102 6.75 45.40 -19.18
N GLN T 103 7.72 44.72 -19.81
CA GLN T 103 7.63 43.28 -19.91
C GLN T 103 7.95 42.60 -18.57
N CYS T 104 8.64 43.31 -17.67
CA CYS T 104 8.98 42.81 -16.35
C CYS T 104 7.95 43.25 -15.31
N ALA T 105 6.80 43.76 -15.76
CA ALA T 105 5.87 44.45 -14.88
C ALA T 105 5.15 43.48 -13.95
N ASP T 106 4.71 42.33 -14.46
CA ASP T 106 4.00 41.36 -13.64
C ASP T 106 4.91 40.61 -12.67
N GLN T 107 6.21 40.86 -12.69
CA GLN T 107 7.13 40.35 -11.68
C GLN T 107 7.62 41.42 -10.71
N MET T 108 7.48 42.69 -11.06
CA MET T 108 8.11 43.77 -10.30
C MET T 108 7.35 44.08 -9.02
N ILE T 109 8.09 44.25 -7.93
CA ILE T 109 7.53 44.52 -6.62
C ILE T 109 7.84 45.95 -6.17
N TRP T 110 9.08 46.38 -6.34
CA TRP T 110 9.49 47.72 -6.01
C TRP T 110 10.42 48.22 -7.11
N GLY T 111 10.37 49.52 -7.37
CA GLY T 111 11.23 50.11 -8.35
C GLY T 111 10.55 50.39 -9.68
N PRO T 112 11.31 50.76 -10.71
CA PRO T 112 12.76 50.95 -10.73
C PRO T 112 13.22 52.26 -10.10
N TYR T 113 14.44 52.23 -9.58
CA TYR T 113 15.05 53.38 -8.93
C TYR T 113 16.49 53.42 -9.40
N GLU T 114 16.86 54.47 -10.13
CA GLU T 114 18.18 54.54 -10.76
C GLU T 114 18.96 55.76 -10.28
N PRO T 115 19.71 55.65 -9.18
CA PRO T 115 20.65 56.70 -8.84
C PRO T 115 21.87 56.69 -9.75
N LEU T 116 22.44 57.87 -9.95
CA LEU T 116 23.63 58.04 -10.77
C LEU T 116 24.84 58.24 -9.87
N TYR T 117 25.98 57.68 -10.28
CA TYR T 117 27.15 57.66 -9.44
C TYR T 117 28.37 58.13 -10.21
N GLU T 118 29.27 58.78 -9.48
CA GLU T 118 30.60 59.13 -9.95
C GLU T 118 31.61 58.21 -9.28
N ILE T 119 32.56 57.72 -10.05
CA ILE T 119 33.61 56.85 -9.52
C ILE T 119 34.67 57.73 -8.84
N VAL T 120 34.77 57.61 -7.52
CA VAL T 120 35.77 58.36 -6.77
C VAL T 120 37.13 57.66 -6.88
N TYR T 121 37.15 56.35 -6.66
CA TYR T 121 38.34 55.55 -6.72
C TYR T 121 38.01 54.28 -7.48
N ALA T 122 38.98 53.74 -8.21
CA ALA T 122 38.76 52.48 -8.90
C ALA T 122 40.05 51.68 -8.94
N ASN T 123 39.98 50.44 -8.49
CA ASN T 123 40.99 49.42 -8.75
C ASN T 123 40.19 48.23 -9.27
N MET T 124 39.90 48.22 -10.55
CA MET T 124 39.05 47.19 -11.15
C MET T 124 39.78 46.60 -12.34
N PRO T 125 40.30 45.39 -12.22
CA PRO T 125 41.10 44.80 -13.29
C PRO T 125 40.23 44.31 -14.44
N LEU T 126 40.91 43.90 -15.50
CA LEU T 126 40.24 43.26 -16.62
C LEU T 126 39.73 41.88 -16.22
N ASN T 127 38.53 41.56 -16.64
CA ASN T 127 37.97 40.24 -16.40
C ASN T 127 38.64 39.22 -17.30
N THR T 128 39.19 38.17 -16.71
CA THR T 128 39.78 37.06 -17.44
C THR T 128 39.18 35.76 -16.95
N GLU T 129 38.97 34.83 -17.88
CA GLU T 129 38.65 33.46 -17.52
C GLU T 129 39.91 32.74 -17.05
N MET T 130 39.73 31.52 -16.56
CA MET T 130 40.87 30.70 -16.19
C MET T 130 41.62 30.17 -17.40
N THR T 131 41.03 30.25 -18.60
CA THR T 131 41.75 29.91 -19.82
C THR T 131 42.55 31.09 -20.36
N ASP T 132 42.36 32.28 -19.84
CA ASP T 132 42.96 33.49 -20.40
C ASP T 132 44.16 34.00 -19.63
N PHE T 133 44.56 33.38 -18.52
CA PHE T 133 45.62 33.96 -17.71
C PHE T 133 46.99 33.80 -18.35
N THR T 134 47.16 32.81 -19.23
CA THR T 134 48.41 32.68 -19.97
C THR T 134 48.62 33.85 -20.93
N VAL T 135 47.54 34.37 -21.51
CA VAL T 135 47.65 35.57 -22.34
C VAL T 135 47.93 36.79 -21.47
N MET T 136 47.34 36.84 -20.28
CA MET T 136 47.44 38.01 -19.42
C MET T 136 48.84 38.16 -18.85
N VAL T 137 49.41 37.09 -18.30
CA VAL T 137 50.75 37.18 -17.75
C VAL T 137 51.80 37.22 -18.85
N GLY T 138 51.48 36.73 -20.04
CA GLY T 138 52.44 36.81 -21.13
C GLY T 138 52.57 38.20 -21.68
N LYS T 139 51.46 38.93 -21.74
CA LYS T 139 51.50 40.31 -22.24
C LYS T 139 52.12 41.25 -21.22
N LYS T 140 51.91 41.01 -19.93
CA LYS T 140 52.47 41.86 -18.90
C LYS T 140 53.96 41.60 -18.68
N PHE T 141 54.42 40.37 -18.90
CA PHE T 141 55.85 40.11 -18.82
C PHE T 141 56.59 40.67 -20.03
N ALA T 142 55.96 40.66 -21.20
CA ALA T 142 56.61 41.19 -22.40
C ALA T 142 56.68 42.70 -22.37
N ALA T 143 55.78 43.35 -21.64
CA ALA T 143 55.77 44.80 -21.49
C ALA T 143 56.55 45.27 -20.27
N GLY T 144 57.19 44.36 -19.54
CA GLY T 144 57.92 44.73 -18.35
C GLY T 144 57.07 45.19 -17.19
N GLU T 145 55.82 44.73 -17.11
CA GLU T 145 54.92 45.13 -16.04
C GLU T 145 54.48 43.91 -15.22
N ALA T 146 55.44 43.08 -14.82
CA ALA T 146 55.13 41.92 -13.99
C ALA T 146 54.65 42.31 -12.60
N VAL T 147 55.05 43.49 -12.11
CA VAL T 147 54.65 43.92 -10.79
C VAL T 147 53.18 44.34 -10.75
N SER T 148 52.58 44.63 -11.90
CA SER T 148 51.18 45.04 -11.99
C SER T 148 50.32 43.98 -12.67
N ILE T 149 50.61 42.70 -12.40
CA ILE T 149 49.77 41.63 -12.92
C ILE T 149 48.54 41.50 -12.03
N PRO T 150 47.34 41.58 -12.58
CA PRO T 150 46.14 41.59 -11.76
C PRO T 150 45.72 40.19 -11.36
N PRO T 151 44.84 40.04 -10.37
CA PRO T 151 44.28 38.72 -10.07
C PRO T 151 43.30 38.28 -11.15
N ILE T 152 43.06 36.97 -11.19
CA ILE T 152 42.13 36.39 -12.16
C ILE T 152 40.71 36.67 -11.69
N SER T 153 40.04 37.60 -12.34
CA SER T 153 38.67 37.98 -12.00
C SER T 153 37.75 37.34 -13.03
N GLN T 154 37.10 36.26 -12.65
CA GLN T 154 36.34 35.46 -13.60
C GLN T 154 34.97 36.09 -13.84
N PRO T 155 34.56 36.26 -15.10
CA PRO T 155 33.26 36.87 -15.37
C PRO T 155 32.11 35.86 -15.26
N TYR T 156 30.90 36.40 -15.33
CA TYR T 156 29.64 35.67 -15.52
C TYR T 156 29.34 34.70 -14.37
N GLY T 157 29.20 35.27 -13.18
CA GLY T 157 28.69 34.55 -12.05
C GLY T 157 29.71 33.78 -11.23
N LYS T 158 31.00 33.90 -11.53
CA LYS T 158 32.03 33.13 -10.86
C LYS T 158 32.75 33.91 -9.78
N ARG T 159 32.17 35.02 -9.33
CA ARG T 159 32.71 35.77 -8.21
C ARG T 159 31.53 36.42 -7.50
N VAL T 160 31.81 37.07 -6.38
CA VAL T 160 30.76 37.74 -5.61
C VAL T 160 31.15 39.20 -5.41
N VAL T 161 30.13 40.02 -5.19
CA VAL T 161 30.29 41.45 -5.02
C VAL T 161 29.74 41.83 -3.65
N ALA T 162 30.52 42.59 -2.89
CA ALA T 162 30.07 43.21 -1.67
C ALA T 162 29.62 44.63 -1.98
N PHE T 163 28.35 44.91 -1.73
CA PHE T 163 27.70 46.19 -2.05
C PHE T 163 27.55 46.94 -0.74
N GLY T 164 28.49 47.83 -0.45
CA GLY T 164 28.54 48.50 0.83
C GLY T 164 27.95 49.89 0.85
N GLU T 165 26.81 50.03 1.51
CA GLU T 165 26.10 51.31 1.53
C GLU T 165 26.58 52.16 2.70
N HIS T 166 26.98 53.39 2.41
CA HIS T 166 27.47 54.31 3.42
C HIS T 166 26.82 55.67 3.20
N ILE T 167 26.25 56.24 4.25
CA ILE T 167 25.75 57.61 4.22
C ILE T 167 26.61 58.44 5.16
N VAL T 168 27.22 59.49 4.62
CA VAL T 168 28.28 60.23 5.30
C VAL T 168 27.73 61.59 5.71
N LYS T 169 28.02 61.98 6.96
CA LYS T 169 27.62 63.28 7.50
C LYS T 169 28.14 64.44 6.66
N GLU T 170 27.37 65.54 6.65
CA GLU T 170 27.75 66.75 5.94
C GLU T 170 29.05 67.33 6.50
N GLY T 171 30.02 67.54 5.63
CA GLY T 171 31.30 68.07 6.00
C GLY T 171 32.39 67.03 6.21
N LEU T 172 32.01 65.76 6.36
CA LEU T 172 32.97 64.68 6.55
C LEU T 172 33.16 63.83 5.30
N GLU T 173 32.81 64.36 4.12
CA GLU T 173 32.97 63.60 2.89
C GLU T 173 34.43 63.48 2.49
N ASN T 174 35.26 64.49 2.81
CA ASN T 174 36.69 64.39 2.51
C ASN T 174 37.38 63.38 3.41
N GLN T 175 36.92 63.25 4.66
CA GLN T 175 37.50 62.24 5.54
C GLN T 175 37.07 60.84 5.16
N PHE T 176 35.84 60.67 4.68
CA PHE T 176 35.40 59.36 4.23
C PHE T 176 36.22 58.89 3.04
N GLU T 177 36.35 59.73 2.01
CA GLU T 177 36.99 59.32 0.77
C GLU T 177 38.47 59.04 0.96
N GLU T 178 39.12 59.74 1.89
CA GLU T 178 40.54 59.49 2.14
C GLU T 178 40.76 58.12 2.76
N TYR T 179 39.98 57.78 3.78
CA TYR T 179 40.21 56.54 4.51
C TYR T 179 39.46 55.34 3.96
N ALA T 180 38.40 55.56 3.17
CA ALA T 180 37.82 54.43 2.46
C ALA T 180 38.71 53.97 1.32
N ILE T 181 39.48 54.90 0.75
CA ILE T 181 40.49 54.52 -0.24
C ILE T 181 41.59 53.71 0.42
N LYS T 182 42.05 54.14 1.59
CA LYS T 182 43.08 53.41 2.33
C LYS T 182 42.59 52.04 2.80
N THR T 183 41.29 51.90 3.04
CA THR T 183 40.72 50.60 3.36
C THR T 183 40.74 49.67 2.16
N LEU T 184 40.46 50.22 0.98
CA LEU T 184 40.45 49.39 -0.23
C LEU T 184 41.86 49.05 -0.71
N GLU T 185 42.84 49.89 -0.41
CA GLU T 185 44.23 49.51 -0.67
C GLU T 185 44.70 48.44 0.29
N ALA T 186 44.17 48.42 1.51
CA ALA T 186 44.48 47.38 2.47
C ALA T 186 43.85 46.04 2.09
N PHE T 187 42.74 46.06 1.33
CA PHE T 187 42.12 44.83 0.89
C PHE T 187 42.96 44.11 -0.17
N ARG T 188 43.92 44.79 -0.80
CA ARG T 188 44.81 44.16 -1.78
C ARG T 188 45.63 43.02 -1.17
N SER T 189 45.86 43.06 0.14
CA SER T 189 46.55 41.97 0.81
C SER T 189 45.64 40.78 1.11
N ALA T 190 44.32 40.97 1.07
CA ALA T 190 43.42 39.90 1.46
C ALA T 190 43.35 38.83 0.37
N PRO T 191 43.30 37.56 0.75
CA PRO T 191 43.16 36.50 -0.26
C PRO T 191 41.79 36.52 -0.92
N GLY T 192 41.79 36.37 -2.23
CA GLY T 192 40.56 36.39 -2.99
C GLY T 192 40.01 37.75 -3.31
N PHE T 193 40.70 38.82 -2.94
CA PHE T 193 40.26 40.16 -3.32
C PHE T 193 40.50 40.36 -4.80
N LEU T 194 39.44 40.71 -5.52
CA LEU T 194 39.50 40.85 -6.96
C LEU T 194 39.43 42.27 -7.42
N GLY T 195 39.31 43.24 -6.52
CA GLY T 195 39.28 44.64 -6.88
C GLY T 195 38.11 45.36 -6.28
N GLY T 196 38.16 46.68 -6.39
CA GLY T 196 37.20 47.51 -5.70
C GLY T 196 37.07 48.89 -6.30
N MET T 197 35.94 49.53 -6.04
CA MET T 197 35.72 50.90 -6.44
C MET T 197 34.80 51.58 -5.43
N ILE T 198 34.89 52.91 -5.37
CA ILE T 198 34.08 53.72 -4.48
C ILE T 198 33.21 54.61 -5.35
N LEU T 199 31.89 54.50 -5.16
CA LEU T 199 30.92 55.24 -5.96
C LEU T 199 30.27 56.32 -5.10
N LYS T 200 30.11 57.51 -5.68
CA LYS T 200 29.53 58.66 -5.00
C LYS T 200 28.28 59.08 -5.76
N GLU T 201 27.14 59.08 -5.06
CA GLU T 201 25.87 59.42 -5.70
C GLU T 201 25.81 60.90 -6.05
N ILE T 202 25.48 61.18 -7.31
CA ILE T 202 25.42 62.55 -7.82
C ILE T 202 24.03 62.92 -8.34
N GLY T 203 23.07 62.02 -8.29
CA GLY T 203 21.76 62.30 -8.81
C GLY T 203 20.98 61.02 -9.01
N VAL T 204 19.72 61.20 -9.43
CA VAL T 204 18.81 60.10 -9.73
C VAL T 204 18.18 60.36 -11.08
N SER T 205 18.29 59.40 -11.99
CA SER T 205 17.68 59.50 -13.31
C SER T 205 16.16 59.49 -13.22
N PRO T 206 15.46 60.50 -13.72
CA PRO T 206 13.98 60.45 -13.68
C PRO T 206 13.37 59.44 -14.63
N LEU T 207 13.87 59.35 -15.86
CA LEU T 207 13.30 58.41 -16.83
C LEU T 207 13.64 56.98 -16.47
N GLY T 208 14.84 56.74 -15.94
CA GLY T 208 15.20 55.43 -15.45
C GLY T 208 14.44 54.99 -14.21
N SER T 209 13.88 55.95 -13.47
CA SER T 209 13.08 55.64 -12.30
C SER T 209 11.58 55.67 -12.59
N LEU T 210 11.20 55.85 -13.86
CA LEU T 210 9.81 55.99 -14.31
C LEU T 210 9.09 57.12 -13.57
N GLN T 211 9.78 58.21 -13.34
CA GLN T 211 9.24 59.36 -12.62
C GLN T 211 8.94 60.45 -13.63
N LEU T 212 7.68 60.55 -14.03
CA LEU T 212 7.20 61.55 -14.97
C LEU T 212 6.34 62.56 -14.22
N ASN T 213 5.76 63.50 -14.95
CA ASN T 213 4.80 64.42 -14.38
C ASN T 213 3.44 63.70 -14.24
N ALA T 214 2.40 64.45 -13.89
CA ALA T 214 1.11 63.84 -13.58
C ALA T 214 0.46 63.19 -14.79
N LYS T 215 0.62 63.80 -15.97
CA LYS T 215 0.08 63.19 -17.18
C LYS T 215 0.87 61.95 -17.57
N GLY T 216 2.19 62.00 -17.42
CA GLY T 216 3.01 60.84 -17.75
C GLY T 216 2.83 59.68 -16.79
N PHE T 217 2.61 59.98 -15.51
CA PHE T 217 2.39 58.92 -14.52
C PHE T 217 1.10 58.18 -14.78
N HIS T 218 0.05 58.89 -15.21
CA HIS T 218 -1.21 58.23 -15.51
C HIS T 218 -1.12 57.39 -16.78
N GLN T 219 -0.32 57.82 -17.75
CA GLN T 219 -0.14 57.04 -18.96
C GLN T 219 0.67 55.77 -18.70
N ILE T 220 1.53 55.79 -17.68
CA ILE T 220 2.22 54.56 -17.27
C ILE T 220 1.23 53.55 -16.70
N LEU T 221 0.30 54.01 -15.85
CA LEU T 221 -0.69 53.11 -15.27
C LEU T 221 -1.71 52.65 -16.29
N GLU T 222 -2.00 53.45 -17.31
CA GLU T 222 -3.11 53.17 -18.21
C GLU T 222 -2.72 52.33 -19.41
N THR T 223 -1.44 52.19 -19.72
CA THR T 223 -1.05 51.61 -21.00
C THR T 223 -1.19 50.10 -20.99
N ALA T 224 -1.48 49.56 -22.17
CA ALA T 224 -1.58 48.12 -22.39
C ALA T 224 -0.24 47.66 -22.94
N ASN T 225 0.59 47.10 -22.06
CA ASN T 225 1.90 46.50 -22.36
C ASN T 225 2.89 47.50 -22.96
N GLY T 226 2.68 48.79 -22.76
CA GLY T 226 3.58 49.79 -23.29
C GLY T 226 3.31 50.27 -24.69
N MET T 227 2.26 49.77 -25.35
CA MET T 227 1.92 50.23 -26.69
C MET T 227 1.56 51.71 -26.71
N ASP T 228 0.99 52.19 -25.62
CA ASP T 228 0.64 53.60 -25.44
C ASP T 228 1.78 54.24 -24.66
N VAL T 229 2.70 54.88 -25.38
CA VAL T 229 3.93 55.37 -24.75
C VAL T 229 3.65 56.73 -24.12
N PRO T 230 4.01 56.92 -22.84
CA PRO T 230 3.84 58.24 -22.23
C PRO T 230 4.82 59.25 -22.81
N GLU T 231 4.41 60.50 -22.79
CA GLU T 231 5.30 61.58 -23.18
C GLU T 231 6.36 61.74 -22.10
N PRO T 232 7.65 61.64 -22.42
CA PRO T 232 8.68 61.59 -21.37
C PRO T 232 9.04 62.96 -20.81
N VAL T 233 8.05 63.63 -20.23
CA VAL T 233 8.24 64.92 -19.58
C VAL T 233 8.33 64.68 -18.09
N THR T 234 9.45 65.08 -17.50
CA THR T 234 9.69 64.98 -16.07
C THR T 234 9.66 66.36 -15.45
N ILE T 235 9.48 66.40 -14.13
CA ILE T 235 9.47 67.66 -13.42
C ILE T 235 10.84 68.04 -12.89
N TYR T 236 11.84 67.16 -13.03
CA TYR T 236 13.17 67.43 -12.53
C TYR T 236 14.19 66.78 -13.44
N GLU T 237 15.40 67.30 -13.37
CA GLU T 237 16.56 66.63 -13.97
C GLU T 237 17.36 65.97 -12.88
N ALA T 238 18.30 65.13 -13.29
CA ALA T 238 18.97 64.21 -12.36
C ALA T 238 19.72 64.86 -11.19
N PRO T 239 20.47 65.98 -11.32
CA PRO T 239 21.06 66.59 -10.11
C PRO T 239 20.06 67.26 -9.18
N GLU T 240 18.80 67.45 -9.57
CA GLU T 240 17.81 68.01 -8.67
C GLU T 240 17.31 67.01 -7.66
N PHE T 241 17.49 65.71 -7.89
CA PHE T 241 17.26 64.68 -6.90
C PHE T 241 18.63 64.12 -6.58
N ARG T 242 19.35 64.82 -5.72
CA ARG T 242 20.63 64.37 -5.19
C ARG T 242 20.47 64.27 -3.69
N ASN T 243 20.60 63.07 -3.17
CA ASN T 243 20.29 62.82 -1.76
C ASN T 243 21.33 63.45 -0.85
N ARG T 244 20.86 64.20 0.13
CA ARG T 244 21.70 64.72 1.18
C ARG T 244 21.22 64.14 2.50
N PRO T 245 22.11 63.67 3.38
CA PRO T 245 23.58 63.57 3.31
C PRO T 245 24.09 62.58 2.27
N GLN T 246 25.40 62.66 1.96
CA GLN T 246 25.95 62.06 0.76
C GLN T 246 25.99 60.53 0.85
N ARG T 247 25.45 59.88 -0.17
CA ARG T 247 25.45 58.42 -0.25
C ARG T 247 26.70 57.94 -0.97
N TYR T 248 27.31 56.89 -0.43
CA TYR T 248 28.45 56.26 -1.05
C TYR T 248 28.19 54.77 -1.18
N ILE T 249 28.64 54.19 -2.29
CA ILE T 249 28.70 52.75 -2.44
C ILE T 249 30.16 52.35 -2.41
N VAL T 250 30.50 51.43 -1.51
CA VAL T 250 31.80 50.79 -1.51
C VAL T 250 31.62 49.41 -2.14
N HIS T 251 32.08 49.27 -3.37
CA HIS T 251 31.88 48.09 -4.18
C HIS T 251 33.19 47.30 -4.20
N THR T 252 33.20 46.10 -3.64
CA THR T 252 34.37 45.24 -3.65
C THR T 252 34.01 43.87 -4.20
N GLU T 253 34.96 43.25 -4.88
CA GLU T 253 34.74 41.99 -5.56
C GLU T 253 35.66 40.92 -4.97
N TRP T 254 35.11 39.72 -4.79
CA TRP T 254 35.76 38.65 -4.07
C TRP T 254 35.54 37.35 -4.81
N SER T 255 36.48 36.42 -4.67
CA SER T 255 36.42 35.18 -5.43
C SER T 255 35.29 34.27 -4.94
N ASP T 256 34.98 34.30 -3.66
CA ASP T 256 33.89 33.53 -3.09
C ASP T 256 33.42 34.23 -1.83
N THR T 257 32.35 33.69 -1.21
CA THR T 257 31.78 34.36 -0.04
C THR T 257 32.64 34.18 1.20
N ASN T 258 33.44 33.11 1.27
CA ASN T 258 34.37 32.96 2.37
C ASN T 258 35.48 33.99 2.30
N ALA T 259 36.02 34.23 1.11
CA ALA T 259 37.02 35.28 0.92
C ALA T 259 36.42 36.66 1.20
N LEU T 260 35.14 36.84 0.86
CA LEU T 260 34.45 38.09 1.16
C LEU T 260 34.30 38.29 2.67
N MET T 261 33.88 37.24 3.39
CA MET T 261 33.58 37.36 4.81
C MET T 261 34.82 37.63 5.63
N PHE T 262 35.92 36.92 5.36
CA PHE T 262 37.14 37.17 6.10
C PHE T 262 37.96 38.32 5.53
N GLY T 263 37.76 38.67 4.26
CA GLY T 263 38.44 39.81 3.68
C GLY T 263 37.87 41.13 4.13
N LEU T 264 36.55 41.29 4.00
CA LEU T 264 35.87 42.46 4.54
C LEU T 264 35.96 42.51 6.06
N GLY T 265 36.00 41.34 6.70
CA GLY T 265 36.13 41.24 8.13
C GLY T 265 37.43 41.78 8.70
N ARG T 266 38.43 42.04 7.86
CA ARG T 266 39.69 42.63 8.30
C ARG T 266 39.52 44.02 8.89
N VAL T 267 38.43 44.74 8.57
CA VAL T 267 38.13 45.99 9.24
C VAL T 267 37.63 45.77 10.66
N LEU T 268 37.36 44.53 11.05
CA LEU T 268 36.99 44.19 12.42
C LEU T 268 38.04 43.36 13.16
N ILE T 269 38.79 42.51 12.47
CA ILE T 269 39.64 41.54 13.14
C ILE T 269 41.13 41.78 12.90
N TYR T 270 41.50 42.58 11.90
CA TYR T 270 42.91 42.90 11.66
C TYR T 270 43.17 44.27 12.26
N PRO T 271 44.00 44.37 13.30
CA PRO T 271 44.10 45.63 14.05
C PRO T 271 44.69 46.80 13.26
N GLU T 272 45.56 46.55 12.28
CA GLU T 272 46.10 47.64 11.48
C GLU T 272 45.06 48.21 10.52
N VAL T 273 44.23 47.36 9.93
CA VAL T 273 43.16 47.83 9.05
C VAL T 273 42.01 48.40 9.86
N ARG T 274 41.83 47.90 11.08
CA ARG T 274 40.75 48.34 11.96
C ARG T 274 40.89 49.81 12.35
N GLN T 275 42.13 50.29 12.57
CA GLN T 275 42.31 51.72 12.85
C GLN T 275 42.04 52.58 11.64
N ILE T 276 42.31 52.08 10.44
CA ILE T 276 42.03 52.83 9.22
C ILE T 276 40.52 52.98 9.02
N HIS T 277 39.79 51.87 9.15
CA HIS T 277 38.35 51.88 8.93
C HIS T 277 37.59 52.53 10.08
N ASP T 278 38.22 52.73 11.24
CA ASP T 278 37.59 53.50 12.31
C ASP T 278 37.39 54.95 11.92
N LYS T 279 38.26 55.49 11.06
CA LYS T 279 38.08 56.85 10.57
C LYS T 279 36.93 56.93 9.57
N VAL T 280 36.67 55.83 8.85
CA VAL T 280 35.49 55.76 8.00
C VAL T 280 34.22 55.73 8.84
N LEU T 281 34.22 54.94 9.91
CA LEU T 281 33.04 54.79 10.76
C LEU T 281 32.69 56.07 11.49
N ASP T 282 33.66 56.92 11.78
CA ASP T 282 33.43 58.19 12.44
C ASP T 282 32.85 59.26 11.53
N THR T 283 32.57 58.96 10.27
CA THR T 283 31.94 59.90 9.35
C THR T 283 30.52 59.49 8.98
N LEU T 284 30.03 58.35 9.44
CA LEU T 284 28.81 57.75 8.93
C LEU T 284 27.60 58.14 9.78
N VAL T 285 26.55 58.64 9.13
CA VAL T 285 25.26 58.71 9.79
C VAL T 285 24.45 57.44 9.58
N TYR T 286 24.77 56.65 8.56
CA TYR T 286 24.11 55.38 8.32
C TYR T 286 25.13 54.41 7.75
N GLY T 287 25.07 53.17 8.21
CA GLY T 287 25.90 52.13 7.68
C GLY T 287 27.01 51.73 8.62
N PRO T 288 27.84 50.77 8.21
CA PRO T 288 27.81 50.09 6.90
C PRO T 288 26.86 48.90 6.83
N TYR T 289 26.10 48.84 5.74
CA TYR T 289 25.22 47.73 5.44
C TYR T 289 25.68 47.13 4.12
N ILE T 290 26.05 45.85 4.13
CA ILE T 290 26.75 45.23 3.02
C ILE T 290 25.86 44.13 2.44
N ARG T 291 25.40 44.33 1.22
CA ARG T 291 24.69 43.30 0.48
C ARG T 291 25.68 42.47 -0.32
N VAL T 292 25.34 41.20 -0.51
CA VAL T 292 26.15 40.27 -1.28
C VAL T 292 25.47 40.07 -2.62
N LEU T 293 26.19 40.37 -3.69
CA LEU T 293 25.61 40.34 -5.03
C LEU T 293 26.33 39.32 -5.90
N ASN T 294 25.57 38.74 -6.83
CA ASN T 294 26.14 37.83 -7.81
C ASN T 294 26.10 38.49 -9.17
N PRO T 295 27.25 38.77 -9.79
CA PRO T 295 27.25 39.38 -11.12
C PRO T 295 26.99 38.39 -12.25
N MET T 296 25.72 38.14 -12.56
CA MET T 296 25.35 37.16 -13.58
C MET T 296 25.74 37.62 -14.98
N MET T 297 25.14 38.71 -15.45
CA MET T 297 25.29 39.17 -16.82
C MET T 297 26.19 40.39 -16.85
N GLU T 298 27.21 40.35 -17.70
CA GLU T 298 28.25 41.36 -17.67
C GLU T 298 28.62 41.83 -19.07
N GLY T 299 29.02 43.09 -19.14
CA GLY T 299 29.56 43.77 -20.29
C GLY T 299 31.01 44.12 -20.07
N THR T 300 31.84 43.13 -19.70
CA THR T 300 33.18 43.27 -19.11
C THR T 300 34.16 44.23 -19.80
N TYR T 301 33.86 44.68 -21.01
CA TYR T 301 34.63 45.69 -21.72
C TYR T 301 34.53 47.09 -21.10
N TRP T 302 33.70 47.30 -20.07
CA TRP T 302 33.73 48.57 -19.35
C TRP T 302 35.03 48.73 -18.57
N ARG T 303 35.65 47.64 -18.16
CA ARG T 303 36.95 47.70 -17.52
C ARG T 303 38.07 47.96 -18.51
N GLU T 304 37.86 47.63 -19.79
CA GLU T 304 38.82 48.02 -20.82
C GLU T 304 38.83 49.53 -21.01
N TYR T 305 37.66 50.16 -20.91
CA TYR T 305 37.60 51.63 -20.96
C TYR T 305 38.22 52.24 -19.71
N LEU T 306 38.02 51.60 -18.56
CA LEU T 306 38.52 52.15 -17.30
C LEU T 306 40.04 52.04 -17.21
N ASN T 307 40.59 50.90 -17.61
CA ASN T 307 42.02 50.66 -17.49
C ASN T 307 42.80 51.04 -18.73
N GLU T 308 42.10 51.49 -19.79
CA GLU T 308 42.70 51.99 -21.05
C GLU T 308 43.57 50.94 -21.73
N TYR T 309 43.15 49.69 -21.63
CA TYR T 309 43.92 48.55 -22.12
C TYR T 309 42.97 47.37 -22.20
N HIS T 310 43.13 46.53 -23.22
CA HIS T 310 42.31 45.34 -23.36
C HIS T 310 43.20 44.10 -23.39
N LEU T 311 42.55 42.94 -23.32
CA LEU T 311 43.16 41.60 -23.24
C LEU T 311 44.17 41.45 -22.10
N PRO U 2 -42.40 24.70 -51.85
CA PRO U 2 -42.34 26.13 -51.52
C PRO U 2 -41.41 26.39 -50.36
N LYS U 3 -41.24 27.66 -49.99
CA LYS U 3 -40.40 27.99 -48.86
C LYS U 3 -41.23 27.99 -47.58
N PRO U 4 -40.93 27.14 -46.61
CA PRO U 4 -41.68 27.16 -45.36
C PRO U 4 -41.25 28.31 -44.46
N TYR U 5 -41.99 28.47 -43.37
CA TYR U 5 -41.64 29.39 -42.31
C TYR U 5 -41.01 28.62 -41.17
N VAL U 6 -40.10 29.25 -40.45
CA VAL U 6 -39.33 28.59 -39.40
C VAL U 6 -39.65 29.22 -38.07
N ALA U 7 -40.00 28.39 -37.10
CA ALA U 7 -39.99 28.77 -35.69
C ALA U 7 -38.76 28.15 -35.05
N ILE U 8 -37.96 28.97 -34.37
CA ILE U 8 -36.74 28.50 -33.73
C ILE U 8 -36.92 28.63 -32.22
N ASN U 9 -37.12 27.50 -31.56
CA ASN U 9 -37.26 27.48 -30.11
C ASN U 9 -35.88 27.42 -29.47
N MET U 10 -35.55 28.43 -28.67
CA MET U 10 -34.24 28.57 -28.05
C MET U 10 -34.38 28.39 -26.54
N VAL U 11 -33.66 27.43 -25.98
CA VAL U 11 -33.61 27.18 -24.55
C VAL U 11 -32.17 26.96 -24.12
N GLU U 12 -31.87 27.35 -22.90
CA GLU U 12 -30.62 26.98 -22.23
C GLU U 12 -30.95 25.97 -21.15
N VAL U 13 -30.33 24.79 -21.22
CA VAL U 13 -30.56 23.72 -20.27
C VAL U 13 -29.22 23.33 -19.64
N ARG U 14 -29.29 22.63 -18.52
CA ARG U 14 -28.09 22.12 -17.87
C ARG U 14 -27.41 21.05 -18.72
N ASN U 15 -26.09 20.99 -18.63
CA ASN U 15 -25.32 19.95 -19.33
C ASN U 15 -25.00 18.86 -18.30
N ASP U 16 -25.92 17.92 -18.17
CA ASP U 16 -25.81 16.82 -17.23
C ASP U 16 -26.49 15.61 -17.86
N PRO U 17 -26.21 14.39 -17.37
CA PRO U 17 -26.86 13.21 -17.95
C PRO U 17 -28.38 13.17 -17.81
N LYS U 18 -28.96 13.91 -16.86
CA LYS U 18 -30.41 13.98 -16.76
C LYS U 18 -31.02 14.68 -17.96
N THR U 19 -30.33 15.71 -18.48
CA THR U 19 -30.84 16.48 -19.62
C THR U 19 -30.87 15.66 -20.91
N LEU U 20 -29.83 14.85 -21.14
CA LEU U 20 -29.81 14.03 -22.35
C LEU U 20 -30.83 12.89 -22.30
N GLU U 21 -31.37 12.55 -21.13
CA GLU U 21 -32.56 11.70 -21.10
C GLU U 21 -33.79 12.44 -21.62
N LEU U 22 -33.85 13.76 -21.42
CA LEU U 22 -34.98 14.55 -21.90
C LEU U 22 -34.96 14.74 -23.41
N PHE U 23 -33.83 14.50 -24.06
CA PHE U 23 -33.77 14.52 -25.52
C PHE U 23 -34.57 13.37 -26.12
N GLY U 24 -34.55 12.21 -25.47
CA GLY U 24 -35.16 11.03 -26.02
C GLY U 24 -36.50 10.67 -25.41
N LYS U 25 -36.88 11.32 -24.30
CA LYS U 25 -38.13 11.01 -23.63
C LYS U 25 -39.17 12.12 -23.71
N VAL U 26 -38.79 13.33 -24.14
CA VAL U 26 -39.71 14.46 -24.24
C VAL U 26 -39.73 15.04 -25.65
N GLY U 27 -38.54 15.28 -26.21
CA GLY U 27 -38.33 15.66 -27.60
C GLY U 27 -39.15 14.96 -28.67
N PRO U 28 -39.19 13.62 -28.69
CA PRO U 28 -40.08 12.94 -29.64
C PRO U 28 -41.56 13.18 -29.37
N LYS U 29 -41.96 13.37 -28.12
CA LYS U 29 -43.38 13.60 -27.82
C LYS U 29 -43.82 14.98 -28.29
N VAL U 30 -42.94 15.98 -28.19
CA VAL U 30 -43.25 17.32 -28.67
C VAL U 30 -43.42 17.32 -30.18
N CYS U 31 -42.56 16.57 -30.88
CA CYS U 31 -42.68 16.44 -32.33
C CYS U 31 -43.95 15.71 -32.74
N MET U 32 -44.42 14.76 -31.93
CA MET U 32 -45.65 14.05 -32.24
C MET U 32 -46.89 14.90 -32.00
N VAL U 33 -46.86 15.75 -30.97
CA VAL U 33 -47.97 16.68 -30.74
C VAL U 33 -47.99 17.75 -31.83
N THR U 34 -46.81 18.22 -32.23
CA THR U 34 -46.68 19.22 -33.29
C THR U 34 -47.16 18.68 -34.64
N ALA U 35 -47.01 17.38 -34.88
CA ALA U 35 -47.43 16.76 -36.12
C ALA U 35 -48.93 16.49 -36.19
N ARG U 36 -49.71 16.87 -35.18
CA ARG U 36 -51.16 16.86 -35.30
C ARG U 36 -51.66 17.92 -36.28
N HIS U 37 -50.91 18.99 -36.49
CA HIS U 37 -51.31 20.07 -37.39
C HIS U 37 -50.86 19.76 -38.81
N PRO U 38 -51.73 19.98 -39.81
CA PRO U 38 -51.35 19.65 -41.19
C PRO U 38 -50.34 20.62 -41.80
N GLY U 39 -50.21 21.83 -41.26
CA GLY U 39 -49.21 22.77 -41.73
C GLY U 39 -47.80 22.51 -41.29
N PHE U 40 -47.61 21.54 -40.39
CA PHE U 40 -46.28 21.14 -39.95
C PHE U 40 -45.61 20.32 -41.04
N VAL U 41 -44.44 20.75 -41.49
CA VAL U 41 -43.74 20.05 -42.56
C VAL U 41 -42.41 19.48 -42.12
N GLY U 42 -41.99 19.66 -40.89
CA GLY U 42 -40.76 19.04 -40.43
C GLY U 42 -40.07 19.86 -39.38
N PHE U 43 -38.93 19.33 -38.93
CA PHE U 43 -38.19 19.93 -37.84
C PHE U 43 -36.70 19.63 -37.99
N GLN U 44 -35.89 20.36 -37.24
CA GLN U 44 -34.45 20.12 -37.17
C GLN U 44 -33.97 20.65 -35.83
N ASN U 45 -33.55 19.77 -34.95
CA ASN U 45 -33.18 20.14 -33.58
C ASN U 45 -31.66 20.20 -33.45
N HIS U 46 -31.18 21.25 -32.79
CA HIS U 46 -29.75 21.49 -32.68
C HIS U 46 -29.33 21.61 -31.22
N VAL U 47 -28.08 21.24 -30.97
CA VAL U 47 -27.37 21.56 -29.73
C VAL U 47 -26.15 22.38 -30.13
N GLN U 48 -25.94 23.50 -29.45
CA GLN U 48 -24.74 24.28 -29.70
C GLN U 48 -23.53 23.55 -29.13
N ILE U 49 -22.52 23.35 -29.97
CA ILE U 49 -21.29 22.70 -29.54
C ILE U 49 -20.12 23.67 -29.45
N GLY U 50 -20.27 24.90 -29.93
CA GLY U 50 -19.18 25.84 -29.85
C GLY U 50 -19.49 27.13 -30.58
N VAL U 51 -18.45 27.94 -30.73
CA VAL U 51 -18.50 29.26 -31.34
C VAL U 51 -17.31 29.36 -32.28
N VAL U 52 -17.50 29.96 -33.44
CA VAL U 52 -16.39 30.26 -34.34
C VAL U 52 -15.56 31.39 -33.71
N PRO U 53 -14.29 31.17 -33.40
CA PRO U 53 -13.52 32.19 -32.68
C PRO U 53 -13.07 33.35 -33.55
N LEU U 54 -12.93 33.12 -34.86
CA LEU U 54 -12.43 34.09 -35.85
C LEU U 54 -11.06 34.64 -35.44
N GLY U 55 -10.09 33.74 -35.37
CA GLY U 55 -8.80 34.08 -34.81
C GLY U 55 -8.89 34.21 -33.30
N THR U 56 -8.62 35.39 -32.77
CA THR U 56 -8.74 35.65 -31.33
C THR U 56 -9.84 36.66 -31.02
N ARG U 57 -10.82 36.82 -31.92
CA ARG U 57 -11.90 37.76 -31.66
C ARG U 57 -12.76 37.30 -30.50
N TRP U 58 -13.15 36.03 -30.50
CA TRP U 58 -13.63 35.37 -29.29
C TRP U 58 -12.66 34.22 -29.02
N GLY U 59 -11.52 34.55 -28.42
CA GLY U 59 -10.46 33.59 -28.24
C GLY U 59 -10.68 32.62 -27.10
N GLY U 60 -11.60 32.93 -26.19
CA GLY U 60 -12.00 31.99 -25.17
C GLY U 60 -12.96 30.93 -25.63
N ALA U 61 -13.42 31.03 -26.87
CA ALA U 61 -14.37 30.10 -27.44
C ALA U 61 -13.68 29.19 -28.45
N LYS U 62 -14.22 27.99 -28.58
CA LYS U 62 -13.71 26.99 -29.51
C LYS U 62 -14.89 26.46 -30.32
N MET U 63 -14.58 25.83 -31.45
CA MET U 63 -15.65 25.27 -32.26
C MET U 63 -16.25 24.01 -31.64
N GLU U 64 -15.45 23.26 -30.91
CA GLU U 64 -15.92 22.06 -30.19
C GLU U 64 -15.58 22.23 -28.73
N MET U 65 -16.49 22.85 -27.96
CA MET U 65 -16.28 23.09 -26.55
C MET U 65 -17.41 22.52 -25.69
N SER U 66 -18.21 21.60 -26.23
CA SER U 66 -19.40 21.14 -25.53
C SER U 66 -19.09 20.20 -24.37
N GLN U 67 -17.92 19.58 -24.37
CA GLN U 67 -17.54 18.71 -23.27
C GLN U 67 -17.19 19.49 -22.00
N GLU U 68 -16.94 20.78 -22.10
CA GLU U 68 -16.52 21.58 -20.97
C GLU U 68 -17.59 22.52 -20.44
N MET U 69 -18.72 22.66 -21.13
CA MET U 69 -19.73 23.64 -20.75
C MET U 69 -20.68 23.08 -19.72
N HIS U 70 -21.09 23.93 -18.78
CA HIS U 70 -22.08 23.55 -17.78
C HIS U 70 -23.50 23.60 -18.30
N SER U 71 -23.73 24.33 -19.39
CA SER U 71 -25.07 24.53 -19.91
C SER U 71 -25.08 24.37 -21.42
N LEU U 72 -26.20 23.91 -21.94
CA LEU U 72 -26.36 23.63 -23.36
C LEU U 72 -27.40 24.56 -23.96
N MET U 73 -27.04 25.19 -25.08
CA MET U 73 -27.98 25.96 -25.88
C MET U 73 -28.62 25.05 -26.91
N LEU U 74 -29.96 25.04 -26.96
CA LEU U 74 -30.70 24.25 -27.91
C LEU U 74 -31.45 25.16 -28.87
N MET U 75 -31.37 24.87 -30.16
CA MET U 75 -32.12 25.57 -31.20
C MET U 75 -32.99 24.54 -31.92
N GLN U 76 -34.27 24.56 -31.63
CA GLN U 76 -35.19 23.58 -32.18
C GLN U 76 -36.01 24.23 -33.28
N TYR U 77 -35.67 23.91 -34.53
CA TYR U 77 -36.37 24.49 -35.66
C TYR U 77 -37.62 23.66 -35.91
N THR U 78 -38.73 24.33 -36.17
CA THR U 78 -39.91 23.70 -36.73
C THR U 78 -40.29 24.44 -38.00
N PHE U 79 -40.73 23.70 -39.00
CA PHE U 79 -40.99 24.24 -40.32
C PHE U 79 -42.48 24.19 -40.61
N TRP U 80 -43.02 25.27 -41.17
CA TRP U 80 -44.46 25.47 -41.28
C TRP U 80 -44.82 26.01 -42.65
N LYS U 81 -45.96 25.56 -43.18
CA LYS U 81 -46.46 26.06 -44.46
C LYS U 81 -46.79 27.54 -44.39
N ASN U 82 -47.34 27.99 -43.26
CA ASN U 82 -47.48 29.41 -42.96
C ASN U 82 -47.18 29.59 -41.47
N TRP U 83 -46.72 30.79 -41.10
CA TRP U 83 -46.40 31.03 -39.70
C TRP U 83 -47.62 31.08 -38.81
N LYS U 84 -48.81 31.33 -39.39
CA LYS U 84 -50.04 31.25 -38.62
C LYS U 84 -50.39 29.82 -38.25
N ASP U 85 -49.91 28.84 -39.02
CA ASP U 85 -50.11 27.43 -38.65
C ASP U 85 -49.37 27.08 -37.38
N HIS U 86 -48.23 27.71 -37.12
CA HIS U 86 -47.51 27.48 -35.88
C HIS U 86 -48.24 28.08 -34.70
N GLU U 87 -48.81 29.28 -34.86
CA GLU U 87 -49.56 29.89 -33.77
C GLU U 87 -50.88 29.18 -33.53
N GLU U 88 -51.51 28.67 -34.59
CA GLU U 88 -52.72 27.87 -34.43
C GLU U 88 -52.42 26.52 -33.76
N MET U 89 -51.25 25.94 -34.05
CA MET U 89 -50.87 24.68 -33.43
C MET U 89 -50.68 24.84 -31.92
N HIS U 90 -50.03 25.92 -31.49
CA HIS U 90 -49.77 26.11 -30.08
C HIS U 90 -51.03 26.38 -29.29
N LYS U 91 -52.01 27.04 -29.90
CA LYS U 91 -53.26 27.30 -29.19
C LYS U 91 -54.11 26.05 -29.08
N GLN U 92 -54.17 25.25 -30.14
CA GLN U 92 -55.03 24.07 -30.14
C GLN U 92 -54.45 22.93 -29.32
N ASN U 93 -53.13 22.87 -29.17
CA ASN U 93 -52.47 21.80 -28.44
C ASN U 93 -51.78 22.31 -27.19
N TRP U 94 -52.37 23.33 -26.56
CA TRP U 94 -51.68 24.06 -25.50
C TRP U 94 -51.49 23.23 -24.25
N ALA U 95 -52.49 22.42 -23.88
CA ALA U 95 -52.38 21.62 -22.66
C ALA U 95 -51.30 20.54 -22.79
N ASN U 96 -51.25 19.86 -23.94
CA ASN U 96 -50.24 18.81 -24.12
C ASN U 96 -48.84 19.40 -24.24
N LEU U 97 -48.70 20.56 -24.90
CA LEU U 97 -47.39 21.15 -25.12
C LEU U 97 -46.84 21.80 -23.87
N PHE U 98 -47.71 22.43 -23.07
CA PHE U 98 -47.28 23.01 -21.80
C PHE U 98 -46.79 21.93 -20.84
N ARG U 99 -47.48 20.79 -20.80
CA ARG U 99 -47.11 19.72 -19.90
C ARG U 99 -45.80 19.07 -20.30
N LEU U 100 -45.55 18.96 -21.60
CA LEU U 100 -44.29 18.39 -22.07
C LEU U 100 -43.12 19.35 -21.82
N CYS U 101 -43.36 20.66 -21.99
CA CYS U 101 -42.30 21.64 -21.79
C CYS U 101 -41.92 21.75 -20.32
N LEU U 102 -42.87 21.50 -19.41
CA LEU U 102 -42.59 21.52 -17.98
C LEU U 102 -41.94 20.25 -17.48
N GLN U 103 -41.79 19.22 -18.33
CA GLN U 103 -40.96 18.10 -17.95
C GLN U 103 -39.48 18.44 -18.02
N CYS U 104 -39.12 19.48 -18.78
CA CYS U 104 -37.75 19.95 -18.92
C CYS U 104 -37.45 21.08 -17.93
N ALA U 105 -38.33 21.29 -16.96
CA ALA U 105 -38.28 22.49 -16.13
C ALA U 105 -37.11 22.47 -15.16
N ASP U 106 -36.84 21.33 -14.53
CA ASP U 106 -35.74 21.23 -13.57
C ASP U 106 -34.37 21.21 -14.23
N GLN U 107 -34.30 21.24 -15.56
CA GLN U 107 -33.04 21.42 -16.28
C GLN U 107 -32.91 22.79 -16.91
N MET U 108 -34.00 23.52 -17.07
CA MET U 108 -33.99 24.75 -17.86
C MET U 108 -33.38 25.91 -17.10
N ILE U 109 -32.54 26.67 -17.78
CA ILE U 109 -31.84 27.81 -17.21
C ILE U 109 -32.35 29.13 -17.78
N TRP U 110 -32.52 29.19 -19.09
CA TRP U 110 -33.04 30.36 -19.76
C TRP U 110 -34.01 29.89 -20.84
N GLY U 111 -35.04 30.69 -21.08
CA GLY U 111 -35.98 30.39 -22.12
C GLY U 111 -37.28 29.79 -21.59
N PRO U 112 -38.15 29.30 -22.49
CA PRO U 112 -38.01 29.26 -23.94
C PRO U 112 -38.28 30.60 -24.63
N TYR U 113 -37.64 30.78 -25.78
CA TYR U 113 -37.76 31.99 -26.57
C TYR U 113 -37.87 31.55 -28.01
N GLU U 114 -39.02 31.80 -28.64
CA GLU U 114 -39.28 31.28 -29.99
C GLU U 114 -39.55 32.42 -30.97
N PRO U 115 -38.52 32.97 -31.60
CA PRO U 115 -38.74 33.88 -32.72
C PRO U 115 -39.19 33.12 -33.97
N LEU U 116 -39.98 33.80 -34.80
CA LEU U 116 -40.48 33.25 -36.04
C LEU U 116 -39.71 33.85 -37.20
N TYR U 117 -39.44 33.03 -38.22
CA TYR U 117 -38.57 33.44 -39.31
C TYR U 117 -39.21 33.14 -40.65
N GLU U 118 -38.91 34.00 -41.61
CA GLU U 118 -39.24 33.79 -43.01
C GLU U 118 -37.95 33.44 -43.76
N ILE U 119 -38.04 32.45 -44.64
CA ILE U 119 -36.89 32.05 -45.44
C ILE U 119 -36.74 33.02 -46.61
N VAL U 120 -35.66 33.79 -46.59
CA VAL U 120 -35.38 34.73 -47.68
C VAL U 120 -34.75 33.99 -48.87
N TYR U 121 -33.77 33.15 -48.59
CA TYR U 121 -33.06 32.38 -49.59
C TYR U 121 -32.89 30.98 -49.04
N ALA U 122 -32.91 29.98 -49.93
CA ALA U 122 -32.67 28.62 -49.50
C ALA U 122 -31.95 27.85 -50.59
N ASN U 123 -30.83 27.23 -50.22
CA ASN U 123 -30.19 26.19 -51.01
C ASN U 123 -29.97 25.06 -50.02
N MET U 124 -30.98 24.23 -49.82
CA MET U 124 -30.93 23.17 -48.81
C MET U 124 -31.31 21.86 -49.48
N PRO U 125 -30.35 20.98 -49.72
CA PRO U 125 -30.62 19.75 -50.45
C PRO U 125 -31.34 18.73 -49.58
N LEU U 126 -31.74 17.64 -50.22
CA LEU U 126 -32.30 16.50 -49.51
C LEU U 126 -31.22 15.81 -48.70
N ASN U 127 -31.57 15.42 -47.48
CA ASN U 127 -30.64 14.67 -46.64
C ASN U 127 -30.54 13.24 -47.14
N THR U 128 -29.33 12.79 -47.41
CA THR U 128 -29.06 11.42 -47.81
C THR U 128 -27.98 10.84 -46.91
N GLU U 129 -28.12 9.57 -46.57
CA GLU U 129 -27.04 8.82 -45.95
C GLU U 129 -26.00 8.45 -46.99
N MET U 130 -24.88 7.90 -46.52
CA MET U 130 -23.87 7.40 -47.44
C MET U 130 -24.30 6.12 -48.15
N THR U 131 -25.35 5.45 -47.66
CA THR U 131 -25.92 4.31 -48.37
C THR U 131 -26.92 4.73 -49.44
N ASP U 132 -27.32 5.99 -49.47
CA ASP U 132 -28.40 6.44 -50.35
C ASP U 132 -27.92 7.19 -51.58
N PHE U 133 -26.61 7.42 -51.76
CA PHE U 133 -26.18 8.26 -52.86
C PHE U 133 -26.30 7.57 -54.21
N THR U 134 -26.29 6.23 -54.22
CA THR U 134 -26.53 5.50 -55.46
C THR U 134 -27.95 5.71 -55.98
N VAL U 135 -28.92 5.84 -55.08
CA VAL U 135 -30.28 6.17 -55.50
C VAL U 135 -30.35 7.62 -55.97
N MET U 136 -29.60 8.51 -55.32
CA MET U 136 -29.69 9.93 -55.61
C MET U 136 -29.09 10.26 -56.97
N VAL U 137 -27.88 9.77 -57.26
CA VAL U 137 -27.28 10.04 -58.55
C VAL U 137 -27.93 9.22 -59.66
N GLY U 138 -28.56 8.10 -59.32
CA GLY U 138 -29.25 7.34 -60.35
C GLY U 138 -30.53 7.99 -60.81
N LYS U 139 -31.25 8.62 -59.88
CA LYS U 139 -32.49 9.31 -60.24
C LYS U 139 -32.20 10.61 -60.98
N LYS U 140 -31.12 11.31 -60.64
CA LYS U 140 -30.79 12.55 -61.30
C LYS U 140 -30.18 12.34 -62.67
N PHE U 141 -29.48 11.22 -62.88
CA PHE U 141 -28.98 10.92 -64.21
C PHE U 141 -30.10 10.45 -65.13
N ALA U 142 -31.08 9.75 -64.59
CA ALA U 142 -32.20 9.27 -65.42
C ALA U 142 -33.12 10.41 -65.81
N ALA U 143 -33.16 11.47 -65.03
CA ALA U 143 -33.97 12.65 -65.31
C ALA U 143 -33.21 13.71 -66.09
N GLY U 144 -31.96 13.44 -66.46
CA GLY U 144 -31.17 14.42 -67.18
C GLY U 144 -30.75 15.63 -66.37
N GLU U 145 -30.64 15.48 -65.05
CA GLU U 145 -30.26 16.58 -64.18
C GLU U 145 -28.96 16.27 -63.44
N ALA U 146 -27.95 15.81 -64.17
CA ALA U 146 -26.65 15.53 -63.57
C ALA U 146 -25.96 16.79 -63.09
N VAL U 147 -26.26 17.95 -63.69
CA VAL U 147 -25.62 19.19 -63.31
C VAL U 147 -26.14 19.69 -61.95
N SER U 148 -27.29 19.22 -61.51
CA SER U 148 -27.89 19.63 -60.24
C SER U 148 -27.88 18.49 -59.22
N ILE U 149 -26.82 17.68 -59.22
CA ILE U 149 -26.68 16.64 -58.21
C ILE U 149 -26.16 17.28 -56.93
N PRO U 150 -26.86 17.11 -55.80
CA PRO U 150 -26.48 17.80 -54.58
C PRO U 150 -25.37 17.07 -53.85
N PRO U 151 -24.70 17.71 -52.89
CA PRO U 151 -23.74 16.99 -52.05
C PRO U 151 -24.45 16.07 -51.07
N ILE U 152 -23.70 15.10 -50.56
CA ILE U 152 -24.24 14.13 -49.60
C ILE U 152 -24.33 14.81 -48.24
N SER U 153 -25.54 15.16 -47.83
CA SER U 153 -25.78 15.82 -46.55
C SER U 153 -26.32 14.77 -45.58
N GLN U 154 -25.47 14.29 -44.70
CA GLN U 154 -25.82 13.16 -43.85
C GLN U 154 -26.66 13.62 -42.67
N PRO U 155 -27.79 12.97 -42.39
CA PRO U 155 -28.63 13.39 -41.27
C PRO U 155 -28.12 12.84 -39.93
N TYR U 156 -28.75 13.34 -38.87
CA TYR U 156 -28.67 12.82 -37.50
C TYR U 156 -27.24 12.89 -36.92
N GLY U 157 -26.75 14.12 -36.82
CA GLY U 157 -25.53 14.39 -36.10
C GLY U 157 -24.24 14.24 -36.87
N LYS U 158 -24.30 13.98 -38.17
CA LYS U 158 -23.11 13.73 -38.97
C LYS U 158 -22.66 14.94 -39.77
N ARG U 159 -23.14 16.13 -39.41
CA ARG U 159 -22.68 17.36 -40.02
C ARG U 159 -22.79 18.45 -38.96
N VAL U 160 -22.30 19.64 -39.29
CA VAL U 160 -22.35 20.77 -38.36
C VAL U 160 -23.07 21.93 -39.03
N VAL U 161 -23.60 22.81 -38.19
CA VAL U 161 -24.36 23.96 -38.64
C VAL U 161 -23.68 25.21 -38.09
N ALA U 162 -23.45 26.19 -38.96
CA ALA U 162 -23.02 27.51 -38.57
C ALA U 162 -24.24 28.41 -38.45
N PHE U 163 -24.47 28.93 -37.26
CA PHE U 163 -25.64 29.74 -36.92
C PHE U 163 -25.17 31.18 -36.84
N GLY U 164 -25.34 31.93 -37.93
CA GLY U 164 -24.80 33.26 -38.03
C GLY U 164 -25.78 34.38 -37.75
N GLU U 165 -25.60 35.04 -36.62
CA GLU U 165 -26.53 36.09 -36.19
C GLU U 165 -26.10 37.44 -36.77
N HIS U 166 -27.02 38.11 -37.43
CA HIS U 166 -26.76 39.41 -38.04
C HIS U 166 -27.91 40.34 -37.71
N ILE U 167 -27.60 41.53 -37.20
CA ILE U 167 -28.59 42.58 -37.00
C ILE U 167 -28.25 43.72 -37.95
N VAL U 168 -29.21 44.07 -38.81
CA VAL U 168 -28.97 44.95 -39.95
C VAL U 168 -29.63 46.29 -39.68
N LYS U 169 -28.89 47.37 -39.95
CA LYS U 169 -29.38 48.74 -39.80
C LYS U 169 -30.65 48.98 -40.62
N GLU U 170 -31.50 49.88 -40.10
CA GLU U 170 -32.73 50.28 -40.77
C GLU U 170 -32.44 50.93 -42.12
N GLY U 171 -33.04 50.39 -43.17
CA GLY U 171 -32.85 50.88 -44.51
C GLY U 171 -31.84 50.12 -45.33
N LEU U 172 -30.98 49.33 -44.69
CA LEU U 172 -29.97 48.54 -45.38
C LEU U 172 -30.33 47.06 -45.47
N GLU U 173 -31.61 46.72 -45.32
CA GLU U 173 -32.02 45.32 -45.40
C GLU U 173 -31.98 44.79 -46.83
N ASN U 174 -32.22 45.66 -47.82
CA ASN U 174 -32.10 45.23 -49.22
C ASN U 174 -30.66 44.99 -49.62
N GLN U 175 -29.72 45.77 -49.05
CA GLN U 175 -28.31 45.54 -49.35
C GLN U 175 -27.79 44.30 -48.66
N PHE U 176 -28.28 44.00 -47.45
CA PHE U 176 -27.87 42.77 -46.78
C PHE U 176 -28.30 41.55 -47.57
N GLU U 177 -29.58 41.48 -47.94
CA GLU U 177 -30.12 40.27 -48.55
C GLU U 177 -29.53 40.03 -49.93
N GLU U 178 -29.15 41.09 -50.64
CA GLU U 178 -28.54 40.90 -51.96
C GLU U 178 -27.15 40.27 -51.85
N TYR U 179 -26.32 40.77 -50.95
CA TYR U 179 -24.94 40.32 -50.86
C TYR U 179 -24.74 39.15 -49.91
N ALA U 180 -25.66 38.91 -48.97
CA ALA U 180 -25.59 37.67 -48.21
C ALA U 180 -25.98 36.48 -49.07
N ILE U 181 -26.85 36.70 -50.05
CA ILE U 181 -27.16 35.65 -51.02
C ILE U 181 -25.94 35.35 -51.88
N LYS U 182 -25.25 36.40 -52.34
CA LYS U 182 -24.03 36.22 -53.14
C LYS U 182 -22.91 35.57 -52.34
N THR U 183 -22.89 35.78 -51.02
CA THR U 183 -21.92 35.10 -50.18
C THR U 183 -22.24 33.61 -50.08
N LEU U 184 -23.52 33.26 -50.00
CA LEU U 184 -23.89 31.86 -49.90
C LEU U 184 -23.77 31.12 -51.23
N GLU U 185 -23.90 31.83 -52.35
CA GLU U 185 -23.58 31.22 -53.64
C GLU U 185 -22.09 31.00 -53.81
N ALA U 186 -21.27 31.86 -53.20
CA ALA U 186 -19.83 31.68 -53.22
C ALA U 186 -19.39 30.51 -52.35
N PHE U 187 -20.18 30.15 -51.32
CA PHE U 187 -19.84 29.01 -50.49
C PHE U 187 -20.02 27.68 -51.22
N ARG U 188 -20.74 27.67 -52.35
CA ARG U 188 -20.90 26.45 -53.15
C ARG U 188 -19.57 25.91 -53.66
N SER U 189 -18.57 26.77 -53.81
CA SER U 189 -17.25 26.33 -54.21
C SER U 189 -16.43 25.75 -53.05
N ALA U 190 -16.83 26.02 -51.81
CA ALA U 190 -16.03 25.58 -50.67
C ALA U 190 -16.18 24.08 -50.45
N PRO U 191 -15.10 23.39 -50.11
CA PRO U 191 -15.21 21.95 -49.82
C PRO U 191 -15.98 21.69 -48.53
N GLY U 192 -16.86 20.72 -48.59
CA GLY U 192 -17.67 20.37 -47.45
C GLY U 192 -18.87 21.23 -47.22
N PHE U 193 -19.16 22.19 -48.10
CA PHE U 193 -20.37 22.98 -47.98
C PHE U 193 -21.57 22.13 -48.35
N LEU U 194 -22.52 22.03 -47.44
CA LEU U 194 -23.68 21.18 -47.62
C LEU U 194 -24.95 21.94 -47.88
N GLY U 195 -24.91 23.27 -47.92
CA GLY U 195 -26.08 24.06 -48.21
C GLY U 195 -26.30 25.13 -47.17
N GLY U 196 -27.22 26.04 -47.51
CA GLY U 196 -27.41 27.22 -46.70
C GLY U 196 -28.76 27.86 -46.92
N MET U 197 -29.19 28.63 -45.92
CA MET U 197 -30.40 29.42 -46.03
C MET U 197 -30.25 30.69 -45.21
N ILE U 198 -31.04 31.70 -45.57
CA ILE U 198 -31.05 32.99 -44.90
C ILE U 198 -32.42 33.18 -44.29
N LEU U 199 -32.46 33.38 -42.97
CA LEU U 199 -33.71 33.51 -42.24
C LEU U 199 -33.88 34.95 -41.77
N LYS U 200 -35.10 35.47 -41.91
CA LYS U 200 -35.43 36.84 -41.54
C LYS U 200 -36.50 36.79 -40.46
N GLU U 201 -36.20 37.38 -39.30
CA GLU U 201 -37.14 37.36 -38.18
C GLU U 201 -38.36 38.23 -38.45
N ILE U 202 -39.54 37.65 -38.28
CA ILE U 202 -40.80 38.33 -38.54
C ILE U 202 -41.69 38.43 -37.30
N GLY U 203 -41.26 37.90 -36.18
CA GLY U 203 -42.07 37.92 -34.99
C GLY U 203 -41.56 36.93 -33.97
N VAL U 204 -42.22 36.93 -32.81
CA VAL U 204 -41.92 36.02 -31.71
C VAL U 204 -43.22 35.39 -31.24
N SER U 205 -43.27 34.07 -31.21
CA SER U 205 -44.44 33.34 -30.72
C SER U 205 -44.65 33.56 -29.23
N PRO U 206 -45.80 34.07 -28.80
CA PRO U 206 -46.02 34.23 -27.34
C PRO U 206 -46.20 32.92 -26.60
N LEU U 207 -46.97 31.98 -27.15
CA LEU U 207 -47.20 30.71 -26.46
C LEU U 207 -45.96 29.84 -26.46
N GLY U 208 -45.19 29.88 -27.55
CA GLY U 208 -43.92 29.19 -27.59
C GLY U 208 -42.86 29.77 -26.67
N SER U 209 -43.02 31.03 -26.28
CA SER U 209 -42.10 31.67 -25.35
C SER U 209 -42.61 31.67 -23.92
N LEU U 210 -43.75 31.01 -23.67
CA LEU U 210 -44.45 30.98 -22.37
C LEU U 210 -44.75 32.38 -21.86
N GLN U 211 -45.14 33.27 -22.75
CA GLN U 211 -45.44 34.65 -22.41
C GLN U 211 -46.94 34.84 -22.42
N LEU U 212 -47.54 34.79 -21.25
CA LEU U 212 -48.97 34.97 -21.05
C LEU U 212 -49.21 36.32 -20.37
N ASN U 213 -50.47 36.59 -20.06
CA ASN U 213 -50.81 37.76 -19.27
C ASN U 213 -50.51 37.48 -17.79
N ALA U 214 -50.93 38.39 -16.92
CA ALA U 214 -50.54 38.29 -15.50
C ALA U 214 -51.16 37.07 -14.82
N LYS U 215 -52.40 36.73 -15.18
CA LYS U 215 -53.02 35.55 -14.60
C LYS U 215 -52.37 34.27 -15.14
N GLY U 216 -52.04 34.26 -16.43
CA GLY U 216 -51.40 33.09 -17.01
C GLY U 216 -49.98 32.88 -16.52
N PHE U 217 -49.25 33.98 -16.28
CA PHE U 217 -47.88 33.87 -15.77
C PHE U 217 -47.85 33.29 -14.37
N HIS U 218 -48.82 33.66 -13.53
CA HIS U 218 -48.86 33.11 -12.19
C HIS U 218 -49.26 31.65 -12.19
N GLN U 219 -50.11 31.23 -13.12
CA GLN U 219 -50.48 29.83 -13.21
C GLN U 219 -49.32 28.97 -13.71
N ILE U 220 -48.41 29.56 -14.49
CA ILE U 220 -47.20 28.84 -14.87
C ILE U 220 -46.32 28.58 -13.66
N LEU U 221 -46.15 29.59 -12.79
CA LEU U 221 -45.33 29.42 -11.60
C LEU U 221 -45.99 28.52 -10.57
N GLU U 222 -47.32 28.47 -10.53
CA GLU U 222 -48.02 27.80 -9.45
C GLU U 222 -48.31 26.33 -9.73
N THR U 223 -48.21 25.88 -10.97
CA THR U 223 -48.73 24.56 -11.32
C THR U 223 -47.79 23.46 -10.86
N ALA U 224 -48.39 22.32 -10.54
CA ALA U 224 -47.65 21.11 -10.16
C ALA U 224 -47.52 20.25 -11.40
N ASN U 225 -46.34 20.32 -12.03
CA ASN U 225 -45.94 19.53 -13.20
C ASN U 225 -46.83 19.76 -14.42
N GLY U 226 -47.55 20.87 -14.47
CA GLY U 226 -48.39 21.17 -15.60
C GLY U 226 -49.81 20.62 -15.53
N MET U 227 -50.19 19.94 -14.45
CA MET U 227 -51.55 19.43 -14.31
C MET U 227 -52.57 20.56 -14.27
N ASP U 228 -52.17 21.71 -13.74
CA ASP U 228 -52.99 22.91 -13.69
C ASP U 228 -52.60 23.77 -14.88
N VAL U 229 -53.37 23.66 -15.96
CA VAL U 229 -52.98 24.30 -17.22
C VAL U 229 -53.42 25.77 -17.20
N PRO U 230 -52.52 26.70 -17.49
CA PRO U 230 -52.93 28.11 -17.57
C PRO U 230 -53.83 28.36 -18.77
N GLU U 231 -54.69 29.34 -18.63
CA GLU U 231 -55.49 29.78 -19.76
C GLU U 231 -54.58 30.50 -20.75
N PRO U 232 -54.51 30.07 -22.01
CA PRO U 232 -53.50 30.60 -22.94
C PRO U 232 -53.89 31.95 -23.54
N VAL U 233 -54.07 32.94 -22.68
CA VAL U 233 -54.37 34.31 -23.09
C VAL U 233 -53.08 35.11 -23.03
N THR U 234 -52.69 35.66 -24.17
CA THR U 234 -51.51 36.50 -24.28
C THR U 234 -51.93 37.94 -24.50
N ILE U 235 -50.99 38.86 -24.24
CA ILE U 235 -51.27 40.27 -24.45
C ILE U 235 -50.85 40.74 -25.84
N TYR U 236 -50.21 39.89 -26.63
CA TYR U 236 -49.75 40.26 -27.95
C TYR U 236 -49.84 39.06 -28.87
N GLU U 237 -49.88 39.34 -30.15
CA GLU U 237 -49.68 38.33 -31.18
C GLU U 237 -48.29 38.46 -31.75
N ALA U 238 -47.88 37.46 -32.52
CA ALA U 238 -46.48 37.31 -32.92
C ALA U 238 -45.87 38.49 -33.70
N PRO U 239 -46.54 39.14 -34.68
CA PRO U 239 -45.91 40.32 -35.30
C PRO U 239 -45.83 41.55 -34.41
N GLU U 240 -46.49 41.57 -33.24
CA GLU U 240 -46.36 42.70 -32.34
C GLU U 240 -45.05 42.69 -31.56
N PHE U 241 -44.37 41.55 -31.49
CA PHE U 241 -43.02 41.46 -30.97
C PHE U 241 -42.15 41.10 -32.18
N ARG U 242 -41.83 42.11 -32.97
CA ARG U 242 -40.90 41.97 -34.08
C ARG U 242 -39.74 42.91 -33.80
N ASN U 243 -38.56 42.35 -33.63
CA ASN U 243 -37.42 43.13 -33.18
C ASN U 243 -36.94 44.07 -34.27
N ARG U 244 -36.77 45.33 -33.91
CA ARG U 244 -36.16 46.32 -34.76
C ARG U 244 -34.89 46.82 -34.08
N PRO U 245 -33.76 46.94 -34.79
CA PRO U 245 -33.48 46.65 -36.21
C PRO U 245 -33.53 45.17 -36.57
N GLN U 246 -33.55 44.88 -37.88
CA GLN U 246 -33.96 43.58 -38.37
C GLN U 246 -32.92 42.50 -38.08
N ARG U 247 -33.37 41.40 -37.48
CA ARG U 247 -32.51 40.26 -37.18
C ARG U 247 -32.50 39.29 -38.35
N TYR U 248 -31.31 38.80 -38.68
CA TYR U 248 -31.16 37.79 -39.71
C TYR U 248 -30.36 36.63 -39.15
N ILE U 249 -30.74 35.42 -39.54
CA ILE U 249 -29.92 34.24 -39.30
C ILE U 249 -29.37 33.79 -40.64
N VAL U 250 -28.05 33.66 -40.72
CA VAL U 250 -27.39 33.04 -41.85
C VAL U 250 -27.02 31.62 -41.42
N HIS U 251 -27.75 30.65 -41.93
CA HIS U 251 -27.65 29.26 -41.54
C HIS U 251 -26.92 28.51 -42.65
N THR U 252 -25.73 28.00 -42.36
CA THR U 252 -24.97 27.21 -43.33
C THR U 252 -24.58 25.88 -42.72
N GLU U 253 -24.52 24.85 -43.57
CA GLU U 253 -24.26 23.49 -43.13
C GLU U 253 -22.97 22.99 -43.76
N TRP U 254 -22.18 22.28 -42.96
CA TRP U 254 -20.83 21.89 -43.31
C TRP U 254 -20.60 20.45 -42.88
N SER U 255 -19.73 19.75 -43.59
CA SER U 255 -19.52 18.34 -43.32
C SER U 255 -18.79 18.11 -41.99
N ASP U 256 -17.90 19.02 -41.61
CA ASP U 256 -17.19 18.95 -40.34
C ASP U 256 -16.79 20.36 -39.94
N THR U 257 -16.19 20.49 -38.75
CA THR U 257 -15.85 21.82 -38.26
C THR U 257 -14.63 22.41 -38.97
N ASN U 258 -13.76 21.56 -39.52
CA ASN U 258 -12.65 22.07 -40.32
C ASN U 258 -13.16 22.67 -41.63
N ALA U 259 -14.10 21.99 -42.28
CA ALA U 259 -14.71 22.54 -43.49
C ALA U 259 -15.50 23.81 -43.18
N LEU U 260 -16.11 23.87 -41.99
CA LEU U 260 -16.80 25.08 -41.57
C LEU U 260 -15.83 26.24 -41.36
N MET U 261 -14.71 25.98 -40.68
CA MET U 261 -13.78 27.04 -40.31
C MET U 261 -13.11 27.64 -41.53
N PHE U 262 -12.65 26.81 -42.47
CA PHE U 262 -12.02 27.34 -43.66
C PHE U 262 -13.03 27.73 -44.74
N GLY U 263 -14.23 27.17 -44.70
CA GLY U 263 -15.26 27.56 -45.65
C GLY U 263 -15.87 28.90 -45.34
N LEU U 264 -16.32 29.08 -44.09
CA LEU U 264 -16.79 30.39 -43.65
C LEU U 264 -15.67 31.42 -43.64
N GLY U 265 -14.44 30.97 -43.39
CA GLY U 265 -13.27 31.83 -43.40
C GLY U 265 -12.95 32.44 -44.74
N ARG U 266 -13.55 31.97 -45.83
CA ARG U 266 -13.37 32.56 -47.15
C ARG U 266 -13.84 34.00 -47.24
N VAL U 267 -14.74 34.44 -46.35
CA VAL U 267 -15.09 35.85 -46.28
C VAL U 267 -13.99 36.68 -45.65
N LEU U 268 -12.96 36.05 -45.10
CA LEU U 268 -11.78 36.74 -44.57
C LEU U 268 -10.51 36.49 -45.36
N ILE U 269 -10.34 35.32 -45.96
CA ILE U 269 -9.06 34.94 -46.54
C ILE U 269 -9.11 34.80 -48.06
N TYR U 270 -10.29 34.68 -48.66
CA TYR U 270 -10.41 34.60 -50.11
C TYR U 270 -10.78 35.98 -50.62
N PRO U 271 -9.91 36.65 -51.38
CA PRO U 271 -10.13 38.07 -51.70
C PRO U 271 -11.35 38.35 -52.57
N GLU U 272 -11.76 37.41 -53.43
CA GLU U 272 -12.96 37.63 -54.24
C GLU U 272 -14.23 37.54 -53.42
N VAL U 273 -14.29 36.62 -52.46
CA VAL U 273 -15.45 36.51 -51.59
C VAL U 273 -15.42 37.59 -50.52
N ARG U 274 -14.22 38.06 -50.17
CA ARG U 274 -14.06 39.09 -49.15
C ARG U 274 -14.66 40.42 -49.57
N GLN U 275 -14.58 40.78 -50.86
CA GLN U 275 -15.23 42.01 -51.32
C GLN U 275 -16.75 41.87 -51.32
N ILE U 276 -17.27 40.68 -51.56
CA ILE U 276 -18.71 40.46 -51.53
C ILE U 276 -19.24 40.62 -50.11
N HIS U 277 -18.59 39.96 -49.14
CA HIS U 277 -19.03 39.99 -47.76
C HIS U 277 -18.73 41.32 -47.07
N ASP U 278 -17.87 42.16 -47.65
CA ASP U 278 -17.67 43.51 -47.13
C ASP U 278 -18.93 44.35 -47.26
N LYS U 279 -19.75 44.09 -48.29
CA LYS U 279 -21.01 44.79 -48.43
C LYS U 279 -22.03 44.32 -47.40
N VAL U 280 -21.92 43.06 -46.96
CA VAL U 280 -22.74 42.58 -45.85
C VAL U 280 -22.33 43.26 -44.55
N LEU U 281 -21.03 43.39 -44.32
CA LEU U 281 -20.51 43.97 -43.07
C LEU U 281 -20.85 45.44 -42.95
N ASP U 282 -20.99 46.15 -44.06
CA ASP U 282 -21.35 47.56 -44.05
C ASP U 282 -22.82 47.82 -43.78
N THR U 283 -23.63 46.79 -43.53
CA THR U 283 -25.04 46.96 -43.17
C THR U 283 -25.32 46.57 -41.73
N LEU U 284 -24.35 46.09 -40.98
CA LEU U 284 -24.58 45.44 -39.70
C LEU U 284 -24.42 46.43 -38.54
N VAL U 285 -25.42 46.49 -37.67
CA VAL U 285 -25.22 47.13 -36.38
C VAL U 285 -24.72 46.14 -35.33
N TYR U 286 -24.92 44.85 -35.55
CA TYR U 286 -24.41 43.82 -34.65
C TYR U 286 -24.03 42.61 -35.48
N GLY U 287 -22.91 42.00 -35.13
CA GLY U 287 -22.48 40.78 -35.75
C GLY U 287 -21.32 40.98 -36.69
N PRO U 288 -20.86 39.90 -37.32
CA PRO U 288 -21.41 38.54 -37.24
C PRO U 288 -20.89 37.71 -36.06
N TYR U 289 -21.81 37.04 -35.38
CA TYR U 289 -21.50 36.11 -34.32
C TYR U 289 -22.01 34.74 -34.73
N ILE U 290 -21.12 33.76 -34.81
CA ILE U 290 -21.42 32.48 -35.44
C ILE U 290 -21.33 31.39 -34.38
N ARG U 291 -22.46 30.79 -34.06
CA ARG U 291 -22.49 29.61 -33.20
C ARG U 291 -22.37 28.35 -34.04
N VAL U 292 -21.77 27.33 -33.46
CA VAL U 292 -21.60 26.03 -34.10
C VAL U 292 -22.60 25.09 -33.48
N LEU U 293 -23.46 24.51 -34.32
CA LEU U 293 -24.55 23.67 -33.84
C LEU U 293 -24.42 22.26 -34.39
N ASN U 294 -24.89 21.30 -33.59
CA ASN U 294 -24.94 19.91 -34.01
C ASN U 294 -26.38 19.51 -34.21
N PRO U 295 -26.80 19.17 -35.43
CA PRO U 295 -28.19 18.75 -35.65
C PRO U 295 -28.45 17.30 -35.27
N MET U 296 -28.77 17.06 -33.99
CA MET U 296 -28.97 15.70 -33.50
C MET U 296 -30.24 15.07 -34.07
N MET U 297 -31.40 15.64 -33.75
CA MET U 297 -32.69 15.06 -34.08
C MET U 297 -33.31 15.84 -35.22
N GLU U 298 -33.73 15.13 -36.27
CA GLU U 298 -34.16 15.78 -37.49
C GLU U 298 -35.43 15.17 -38.04
N GLY U 299 -36.20 16.01 -38.70
CA GLY U 299 -37.40 15.69 -39.45
C GLY U 299 -37.18 15.93 -40.93
N THR U 300 -36.12 15.34 -41.50
CA THR U 300 -35.51 15.68 -42.80
C THR U 300 -36.44 15.83 -44.01
N TYR U 301 -37.69 15.40 -43.89
CA TYR U 301 -38.72 15.59 -44.90
C TYR U 301 -39.17 17.04 -45.05
N TRP U 302 -38.69 17.97 -44.22
CA TRP U 302 -38.95 19.39 -44.48
C TRP U 302 -38.23 19.88 -45.72
N ARG U 303 -37.10 19.27 -46.06
CA ARG U 303 -36.42 19.59 -47.30
C ARG U 303 -37.11 18.99 -48.52
N GLU U 304 -37.90 17.93 -48.33
CA GLU U 304 -38.74 17.43 -49.42
C GLU U 304 -39.84 18.42 -49.76
N TYR U 305 -40.39 19.09 -48.75
CA TYR U 305 -41.36 20.15 -49.00
C TYR U 305 -40.70 21.36 -49.65
N LEU U 306 -39.47 21.67 -49.24
CA LEU U 306 -38.78 22.85 -49.76
C LEU U 306 -38.36 22.66 -51.21
N ASN U 307 -37.83 21.48 -51.53
CA ASN U 307 -37.32 21.21 -52.87
C ASN U 307 -38.34 20.59 -53.79
N GLU U 308 -39.55 20.30 -53.28
CA GLU U 308 -40.70 19.78 -54.05
C GLU U 308 -40.38 18.45 -54.72
N TYR U 309 -39.58 17.63 -54.05
CA TYR U 309 -39.07 16.38 -54.59
C TYR U 309 -38.56 15.56 -53.42
N HIS U 310 -38.77 14.24 -53.46
CA HIS U 310 -38.26 13.36 -52.43
C HIS U 310 -37.33 12.32 -53.03
N LEU U 311 -36.67 11.58 -52.15
CA LEU U 311 -35.64 10.56 -52.46
C LEU U 311 -34.50 11.09 -53.33
N PRO V 2 -68.30 -19.76 -6.32
CA PRO V 2 -68.31 -20.12 -7.74
C PRO V 2 -66.92 -19.97 -8.35
N LYS V 3 -66.78 -20.31 -9.63
CA LYS V 3 -65.50 -20.16 -10.30
C LYS V 3 -65.40 -18.76 -10.90
N PRO V 4 -64.44 -17.95 -10.49
CA PRO V 4 -64.29 -16.63 -11.10
C PRO V 4 -63.61 -16.70 -12.45
N TYR V 5 -63.56 -15.56 -13.12
CA TYR V 5 -62.81 -15.39 -14.35
C TYR V 5 -61.51 -14.68 -14.04
N VAL V 6 -60.47 -14.98 -14.79
CA VAL V 6 -59.14 -14.47 -14.53
C VAL V 6 -58.70 -13.58 -15.67
N ALA V 7 -58.26 -12.38 -15.35
CA ALA V 7 -57.47 -11.54 -16.26
C ALA V 7 -56.02 -11.61 -15.81
N ILE V 8 -55.13 -11.94 -16.74
CA ILE V 8 -53.70 -12.07 -16.44
C ILE V 8 -52.97 -10.95 -17.18
N ASN V 9 -52.54 -9.93 -16.45
CA ASN V 9 -51.79 -8.83 -17.03
C ASN V 9 -50.31 -9.21 -17.07
N MET V 10 -49.75 -9.24 -18.28
CA MET V 10 -48.37 -9.65 -18.51
C MET V 10 -47.55 -8.45 -18.97
N VAL V 11 -46.49 -8.13 -18.24
CA VAL V 11 -45.57 -7.07 -18.58
C VAL V 11 -44.14 -7.56 -18.39
N GLU V 12 -43.24 -7.05 -19.21
CA GLU V 12 -41.80 -7.20 -19.00
C GLU V 12 -41.25 -5.86 -18.55
N VAL V 13 -40.60 -5.83 -17.39
CA VAL V 13 -40.04 -4.62 -16.83
C VAL V 13 -38.55 -4.85 -16.57
N ARG V 14 -37.82 -3.75 -16.39
CA ARG V 14 -36.40 -3.83 -16.06
C ARG V 14 -36.19 -4.42 -14.67
N ASN V 15 -35.09 -5.14 -14.50
CA ASN V 15 -34.73 -5.70 -13.19
C ASN V 15 -33.70 -4.77 -12.57
N ASP V 16 -34.18 -3.75 -11.87
CA ASP V 16 -33.34 -2.74 -11.24
C ASP V 16 -34.05 -2.31 -9.97
N PRO V 17 -33.34 -1.67 -9.02
CA PRO V 17 -34.01 -1.21 -7.79
C PRO V 17 -35.11 -0.19 -7.99
N LYS V 18 -35.11 0.54 -9.10
CA LYS V 18 -36.21 1.46 -9.37
C LYS V 18 -37.52 0.73 -9.59
N THR V 19 -37.47 -0.45 -10.24
CA THR V 19 -38.66 -1.23 -10.54
C THR V 19 -39.32 -1.79 -9.28
N LEU V 20 -38.51 -2.27 -8.33
CA LEU V 20 -39.07 -2.80 -7.10
C LEU V 20 -39.65 -1.72 -6.19
N GLU V 21 -39.33 -0.44 -6.42
CA GLU V 21 -40.10 0.63 -5.80
C GLU V 21 -41.50 0.73 -6.39
N LEU V 22 -41.65 0.40 -7.68
CA LEU V 22 -42.96 0.45 -8.34
C LEU V 22 -43.87 -0.68 -7.90
N PHE V 23 -43.32 -1.75 -7.29
CA PHE V 23 -44.16 -2.79 -6.71
C PHE V 23 -44.95 -2.28 -5.51
N GLY V 24 -44.35 -1.40 -4.73
CA GLY V 24 -44.96 -0.95 -3.50
C GLY V 24 -45.59 0.43 -3.56
N LYS V 25 -45.34 1.17 -4.65
CA LYS V 25 -45.88 2.52 -4.77
C LYS V 25 -46.92 2.67 -5.87
N VAL V 26 -47.08 1.68 -6.75
CA VAL V 26 -48.06 1.74 -7.84
C VAL V 26 -49.00 0.54 -7.80
N GLY V 27 -48.44 -0.66 -7.67
CA GLY V 27 -49.17 -1.90 -7.42
C GLY V 27 -50.34 -1.88 -6.45
N PRO V 28 -50.15 -1.35 -5.23
CA PRO V 28 -51.30 -1.21 -4.33
C PRO V 28 -52.35 -0.22 -4.82
N LYS V 29 -51.95 0.82 -5.54
CA LYS V 29 -52.92 1.79 -6.04
C LYS V 29 -53.78 1.22 -7.15
N VAL V 30 -53.19 0.37 -7.99
CA VAL V 30 -53.95 -0.30 -9.05
C VAL V 30 -54.98 -1.24 -8.46
N CYS V 31 -54.60 -1.96 -7.40
CA CYS V 31 -55.53 -2.85 -6.71
C CYS V 31 -56.66 -2.08 -6.03
N MET V 32 -56.38 -0.87 -5.55
CA MET V 32 -57.41 -0.06 -4.91
C MET V 32 -58.38 0.53 -5.93
N VAL V 33 -57.90 0.90 -7.11
CA VAL V 33 -58.79 1.38 -8.17
C VAL V 33 -59.63 0.22 -8.71
N THR V 34 -59.02 -0.95 -8.83
CA THR V 34 -59.71 -2.15 -9.30
C THR V 34 -60.80 -2.59 -8.33
N ALA V 35 -60.61 -2.35 -7.03
CA ALA V 35 -61.58 -2.72 -6.01
C ALA V 35 -62.75 -1.76 -5.90
N ARG V 36 -62.82 -0.72 -6.75
CA ARG V 36 -64.04 0.07 -6.86
C ARG V 36 -65.19 -0.70 -7.48
N HIS V 37 -64.90 -1.72 -8.29
CA HIS V 37 -65.93 -2.51 -8.94
C HIS V 37 -66.38 -3.65 -8.04
N PRO V 38 -67.68 -3.90 -7.94
CA PRO V 38 -68.16 -4.97 -7.04
C PRO V 38 -67.89 -6.38 -7.56
N GLY V 39 -67.67 -6.55 -8.86
CA GLY V 39 -67.32 -7.85 -9.42
C GLY V 39 -65.90 -8.29 -9.20
N PHE V 40 -65.06 -7.42 -8.66
CA PHE V 40 -63.68 -7.76 -8.32
C PHE V 40 -63.67 -8.62 -7.07
N VAL V 41 -63.09 -9.80 -7.14
CA VAL V 41 -63.06 -10.71 -5.99
C VAL V 41 -61.65 -10.99 -5.50
N GLY V 42 -60.62 -10.46 -6.12
CA GLY V 42 -59.29 -10.63 -5.60
C GLY V 42 -58.24 -10.64 -6.70
N PHE V 43 -56.99 -10.83 -6.26
CA PHE V 43 -55.86 -10.75 -7.17
C PHE V 43 -54.73 -11.64 -6.66
N GLN V 44 -53.77 -11.89 -7.53
CA GLN V 44 -52.56 -12.62 -7.19
C GLN V 44 -51.47 -12.19 -8.16
N ASN V 45 -50.47 -11.49 -7.66
CA ASN V 45 -49.43 -10.92 -8.51
C ASN V 45 -48.16 -11.76 -8.44
N HIS V 46 -47.57 -12.00 -9.60
CA HIS V 46 -46.42 -12.89 -9.71
C HIS V 46 -45.24 -12.18 -10.36
N VAL V 47 -44.05 -12.62 -9.98
CA VAL V 47 -42.81 -12.31 -10.69
C VAL V 47 -42.22 -13.63 -11.14
N GLN V 48 -41.84 -13.73 -12.40
CA GLN V 48 -41.17 -14.93 -12.88
C GLN V 48 -39.76 -14.99 -12.31
N ILE V 49 -39.43 -16.10 -11.68
CA ILE V 49 -38.10 -16.31 -11.12
C ILE V 49 -37.30 -17.34 -11.90
N GLY V 50 -37.90 -18.04 -12.85
CA GLY V 50 -37.15 -19.01 -13.61
C GLY V 50 -38.05 -19.83 -14.52
N VAL V 51 -37.45 -20.87 -15.08
CA VAL V 51 -38.07 -21.77 -16.04
C VAL V 51 -37.71 -23.19 -15.62
N VAL V 52 -38.65 -24.11 -15.72
CA VAL V 52 -38.36 -25.52 -15.51
C VAL V 52 -37.53 -26.02 -16.70
N PRO V 53 -36.30 -26.49 -16.47
CA PRO V 53 -35.44 -26.85 -17.60
C PRO V 53 -35.79 -28.18 -18.26
N LEU V 54 -36.43 -29.09 -17.51
CA LEU V 54 -36.78 -30.45 -17.93
C LEU V 54 -35.56 -31.21 -18.44
N GLY V 55 -34.61 -31.40 -17.54
CA GLY V 55 -33.32 -31.93 -17.93
C GLY V 55 -32.51 -30.87 -18.66
N THR V 56 -32.17 -31.12 -19.93
CA THR V 56 -31.46 -30.15 -20.75
C THR V 56 -32.31 -29.65 -21.92
N ARG V 57 -33.62 -29.73 -21.81
CA ARG V 57 -34.49 -29.26 -22.89
C ARG V 57 -34.40 -27.76 -23.04
N TRP V 58 -34.49 -27.03 -21.93
CA TRP V 58 -34.03 -25.65 -21.87
C TRP V 58 -32.93 -25.61 -20.82
N GLY V 59 -31.72 -26.01 -21.23
CA GLY V 59 -30.61 -26.15 -20.32
C GLY V 59 -29.95 -24.86 -19.92
N GLY V 60 -30.19 -23.79 -20.67
CA GLY V 60 -29.74 -22.47 -20.27
C GLY V 60 -30.59 -21.80 -19.23
N ALA V 61 -31.70 -22.43 -18.88
CA ALA V 61 -32.64 -21.89 -17.91
C ALA V 61 -32.55 -22.66 -16.60
N LYS V 62 -32.85 -21.97 -15.51
CA LYS V 62 -32.84 -22.54 -14.18
C LYS V 62 -34.15 -22.18 -13.51
N MET V 63 -34.49 -22.91 -12.44
CA MET V 63 -35.72 -22.62 -11.73
C MET V 63 -35.61 -21.34 -10.90
N GLU V 64 -34.42 -21.02 -10.42
CA GLU V 64 -34.16 -19.78 -9.67
C GLU V 64 -33.05 -19.04 -10.38
N MET V 65 -33.41 -18.19 -11.35
CA MET V 65 -32.44 -17.42 -12.11
C MET V 65 -32.73 -15.93 -12.07
N SER V 66 -33.52 -15.47 -11.11
CA SER V 66 -33.97 -14.07 -11.11
C SER V 66 -32.88 -13.09 -10.69
N GLN V 67 -31.85 -13.56 -9.99
CA GLN V 67 -30.75 -12.69 -9.60
C GLN V 67 -29.86 -12.32 -10.78
N GLU V 68 -29.93 -13.05 -11.88
CA GLU V 68 -29.06 -12.82 -13.02
C GLU V 68 -29.75 -12.16 -14.21
N MET V 69 -31.07 -12.01 -14.18
CA MET V 69 -31.80 -11.51 -15.34
C MET V 69 -31.84 -9.99 -15.35
N HIS V 70 -31.75 -9.42 -16.55
CA HIS V 70 -31.86 -7.98 -16.72
C HIS V 70 -33.30 -7.50 -16.72
N SER V 71 -34.25 -8.39 -16.96
CA SER V 71 -35.64 -8.01 -17.09
C SER V 71 -36.52 -9.00 -16.34
N LEU V 72 -37.64 -8.50 -15.83
CA LEU V 72 -38.56 -9.29 -15.02
C LEU V 72 -39.89 -9.43 -15.75
N MET V 73 -40.38 -10.66 -15.83
CA MET V 73 -41.71 -10.95 -16.31
C MET V 73 -42.69 -10.92 -15.14
N LEU V 74 -43.76 -10.15 -15.27
CA LEU V 74 -44.79 -10.05 -14.24
C LEU V 74 -46.10 -10.62 -14.77
N MET V 75 -46.76 -11.45 -13.97
CA MET V 75 -48.08 -11.98 -14.27
C MET V 75 -49.02 -11.56 -13.15
N GLN V 76 -49.86 -10.59 -13.43
CA GLN V 76 -50.75 -10.02 -12.42
C GLN V 76 -52.15 -10.55 -12.66
N TYR V 77 -52.57 -11.51 -11.83
CA TYR V 77 -53.90 -12.08 -11.97
C TYR V 77 -54.89 -11.18 -11.27
N THR V 78 -56.03 -10.95 -11.89
CA THR V 78 -57.18 -10.38 -11.22
C THR V 78 -58.36 -11.31 -11.43
N PHE V 79 -59.18 -11.46 -10.41
CA PHE V 79 -60.26 -12.42 -10.40
C PHE V 79 -61.60 -11.69 -10.40
N TRP V 80 -62.53 -12.18 -11.22
CA TRP V 80 -63.76 -11.46 -11.52
C TRP V 80 -64.95 -12.39 -11.49
N LYS V 81 -66.09 -11.90 -11.01
CA LYS V 81 -67.32 -12.68 -11.00
C LYS V 81 -67.79 -13.00 -12.41
N ASN V 82 -67.63 -12.05 -13.33
CA ASN V 82 -67.79 -12.30 -14.76
C ASN V 82 -66.70 -11.51 -15.48
N TRP V 83 -66.32 -11.99 -16.67
CA TRP V 83 -65.27 -11.31 -17.42
C TRP V 83 -65.72 -9.97 -17.96
N LYS V 84 -67.03 -9.74 -18.08
CA LYS V 84 -67.53 -8.43 -18.46
C LYS V 84 -67.34 -7.41 -17.35
N ASP V 85 -67.26 -7.86 -16.09
CA ASP V 85 -66.97 -6.95 -14.99
C ASP V 85 -65.57 -6.37 -15.10
N HIS V 86 -64.63 -7.13 -15.65
CA HIS V 86 -63.28 -6.62 -15.85
C HIS V 86 -63.25 -5.57 -16.96
N GLU V 87 -63.99 -5.80 -18.05
CA GLU V 87 -64.04 -4.83 -19.13
C GLU V 87 -64.81 -3.59 -18.73
N GLU V 88 -65.86 -3.74 -17.91
CA GLU V 88 -66.57 -2.58 -17.38
C GLU V 88 -65.72 -1.79 -16.39
N MET V 89 -64.87 -2.48 -15.62
CA MET V 89 -64.00 -1.80 -14.68
C MET V 89 -62.98 -0.93 -15.41
N HIS V 90 -62.39 -1.43 -16.49
CA HIS V 90 -61.37 -0.68 -17.20
C HIS V 90 -61.94 0.53 -17.91
N LYS V 91 -63.19 0.45 -18.38
CA LYS V 91 -63.78 1.60 -19.04
C LYS V 91 -64.18 2.67 -18.04
N GLN V 92 -64.73 2.28 -16.89
CA GLN V 92 -65.21 3.25 -15.92
C GLN V 92 -64.08 3.91 -15.15
N ASN V 93 -62.94 3.24 -15.00
CA ASN V 93 -61.81 3.75 -14.25
C ASN V 93 -60.61 4.00 -15.14
N TRP V 94 -60.87 4.41 -16.39
CA TRP V 94 -59.81 4.45 -17.40
C TRP V 94 -58.78 5.53 -17.13
N ALA V 95 -59.20 6.69 -16.65
CA ALA V 95 -58.26 7.78 -16.41
C ALA V 95 -57.31 7.45 -15.25
N ASN V 96 -57.84 6.88 -14.16
CA ASN V 96 -56.99 6.54 -13.03
C ASN V 96 -56.05 5.39 -13.36
N LEU V 97 -56.53 4.40 -14.12
CA LEU V 97 -55.73 3.22 -14.42
C LEU V 97 -54.66 3.51 -15.46
N PHE V 98 -54.97 4.35 -16.45
CA PHE V 98 -53.96 4.75 -17.44
C PHE V 98 -52.84 5.53 -16.80
N ARG V 99 -53.16 6.42 -15.85
CA ARG V 99 -52.16 7.24 -15.20
C ARG V 99 -51.26 6.41 -14.30
N LEU V 100 -51.82 5.39 -13.65
CA LEU V 100 -51.02 4.51 -12.80
C LEU V 100 -50.11 3.61 -13.64
N CYS V 101 -50.62 3.13 -14.79
CA CYS V 101 -49.83 2.26 -15.65
C CYS V 101 -48.67 3.01 -16.29
N LEU V 102 -48.84 4.31 -16.53
CA LEU V 102 -47.77 5.12 -17.10
C LEU V 102 -46.75 5.56 -16.07
N GLN V 103 -46.96 5.28 -14.78
CA GLN V 103 -45.90 5.47 -13.82
C GLN V 103 -44.83 4.39 -13.94
N CYS V 104 -45.18 3.24 -14.53
CA CYS V 104 -44.26 2.14 -14.75
C CYS V 104 -43.62 2.21 -16.14
N ALA V 105 -43.77 3.34 -16.82
CA ALA V 105 -43.44 3.42 -18.24
C ALA V 105 -41.94 3.40 -18.48
N ASP V 106 -41.16 4.11 -17.67
CA ASP V 106 -39.71 4.14 -17.84
C ASP V 106 -39.02 2.87 -17.41
N GLN V 107 -39.76 1.88 -16.88
CA GLN V 107 -39.23 0.55 -16.62
C GLN V 107 -39.73 -0.50 -17.59
N MET V 108 -40.81 -0.22 -18.32
CA MET V 108 -41.47 -1.25 -19.12
C MET V 108 -40.73 -1.54 -20.41
N ILE V 109 -40.61 -2.82 -20.73
CA ILE V 109 -39.90 -3.28 -21.91
C ILE V 109 -40.86 -3.87 -22.94
N TRP V 110 -41.79 -4.71 -22.49
CA TRP V 110 -42.79 -5.31 -23.34
C TRP V 110 -44.12 -5.29 -22.59
N GLY V 111 -45.20 -5.13 -23.33
CA GLY V 111 -46.51 -5.16 -22.74
C GLY V 111 -47.12 -3.79 -22.56
N PRO V 112 -48.25 -3.69 -21.85
CA PRO V 112 -49.01 -4.78 -21.21
C PRO V 112 -49.85 -5.60 -22.18
N TYR V 113 -50.06 -6.85 -21.82
CA TYR V 113 -50.82 -7.79 -22.61
C TYR V 113 -51.70 -8.56 -21.64
N GLU V 114 -53.02 -8.40 -21.74
CA GLU V 114 -53.94 -8.98 -20.76
C GLU V 114 -54.93 -9.93 -21.43
N PRO V 115 -54.58 -11.22 -21.56
CA PRO V 115 -55.58 -12.20 -21.95
C PRO V 115 -56.55 -12.51 -20.82
N LEU V 116 -57.76 -12.86 -21.19
CA LEU V 116 -58.81 -13.21 -20.24
C LEU V 116 -58.99 -14.72 -20.24
N TYR V 117 -59.24 -15.27 -19.05
CA TYR V 117 -59.29 -16.72 -18.89
C TYR V 117 -60.54 -17.14 -18.14
N GLU V 118 -61.02 -18.32 -18.50
CA GLU V 118 -62.07 -19.03 -17.79
C GLU V 118 -61.45 -20.18 -17.02
N ILE V 119 -61.88 -20.37 -15.78
CA ILE V 119 -61.38 -21.47 -14.96
C ILE V 119 -62.12 -22.75 -15.36
N VAL V 120 -61.40 -23.69 -15.95
CA VAL V 120 -61.98 -24.97 -16.33
C VAL V 120 -62.07 -25.88 -15.10
N TYR V 121 -60.99 -25.98 -14.35
CA TYR V 121 -60.90 -26.81 -13.17
C TYR V 121 -60.21 -25.99 -12.09
N ALA V 122 -60.58 -26.21 -10.83
CA ALA V 122 -59.91 -25.54 -9.74
C ALA V 122 -59.86 -26.44 -8.52
N ASN V 123 -58.67 -26.63 -7.98
CA ASN V 123 -58.45 -27.17 -6.64
C ASN V 123 -57.50 -26.18 -5.99
N MET V 124 -58.04 -25.11 -5.44
CA MET V 124 -57.23 -24.03 -4.87
C MET V 124 -57.70 -23.76 -3.45
N PRO V 125 -56.95 -24.19 -2.45
CA PRO V 125 -57.39 -24.05 -1.07
C PRO V 125 -57.26 -22.61 -0.57
N LEU V 126 -57.78 -22.40 0.63
CA LEU V 126 -57.61 -21.13 1.31
C LEU V 126 -56.16 -20.95 1.74
N ASN V 127 -55.64 -19.75 1.56
CA ASN V 127 -54.29 -19.44 2.00
C ASN V 127 -54.28 -19.30 3.52
N THR V 128 -53.40 -20.05 4.18
CA THR V 128 -53.20 -19.96 5.61
C THR V 128 -51.72 -19.78 5.90
N GLU V 129 -51.42 -18.96 6.90
CA GLU V 129 -50.07 -18.90 7.44
C GLU V 129 -49.81 -20.12 8.32
N MET V 130 -48.56 -20.25 8.76
CA MET V 130 -48.23 -21.32 9.70
C MET V 130 -48.78 -21.06 11.10
N THR V 131 -49.21 -19.83 11.39
CA THR V 131 -49.88 -19.54 12.65
C THR V 131 -51.38 -19.84 12.58
N ASP V 132 -51.92 -20.10 11.41
CA ASP V 132 -53.37 -20.23 11.23
C ASP V 132 -53.85 -21.66 11.10
N PHE V 133 -52.95 -22.66 11.11
CA PHE V 133 -53.42 -24.02 10.83
C PHE V 133 -54.20 -24.62 12.00
N THR V 134 -53.98 -24.12 13.22
CA THR V 134 -54.78 -24.56 14.36
C THR V 134 -56.24 -24.14 14.21
N VAL V 135 -56.49 -22.97 13.62
CA VAL V 135 -57.86 -22.56 13.33
C VAL V 135 -58.44 -23.40 12.20
N MET V 136 -57.61 -23.74 11.22
CA MET V 136 -58.10 -24.44 10.03
C MET V 136 -58.50 -25.88 10.35
N VAL V 137 -57.63 -26.61 11.05
CA VAL V 137 -57.96 -27.98 11.39
C VAL V 137 -59.00 -28.05 12.50
N GLY V 138 -59.11 -27.00 13.31
CA GLY V 138 -60.14 -27.01 14.35
C GLY V 138 -61.52 -26.80 13.79
N LYS V 139 -61.64 -25.96 12.77
CA LYS V 139 -62.94 -25.72 12.14
C LYS V 139 -63.38 -26.90 11.30
N LYS V 140 -62.44 -27.59 10.65
CA LYS V 140 -62.78 -28.73 9.81
C LYS V 140 -63.08 -29.97 10.63
N PHE V 141 -62.46 -30.12 11.80
CA PHE V 141 -62.82 -31.23 12.68
C PHE V 141 -64.17 -31.01 13.34
N ALA V 142 -64.51 -29.77 13.66
CA ALA V 142 -65.79 -29.49 14.30
C ALA V 142 -66.94 -29.63 13.32
N ALA V 143 -66.67 -29.46 12.03
CA ALA V 143 -67.68 -29.62 10.99
C ALA V 143 -67.73 -31.03 10.42
N GLY V 144 -66.93 -31.95 10.96
CA GLY V 144 -66.89 -33.31 10.44
C GLY V 144 -66.28 -33.45 9.07
N GLU V 145 -65.38 -32.55 8.68
CA GLU V 145 -64.75 -32.60 7.37
C GLU V 145 -63.24 -32.75 7.50
N ALA V 146 -62.80 -33.70 8.33
CA ALA V 146 -61.37 -33.96 8.49
C ALA V 146 -60.75 -34.55 7.23
N VAL V 147 -61.55 -35.22 6.39
CA VAL V 147 -61.02 -35.81 5.18
C VAL V 147 -60.71 -34.76 4.12
N SER V 148 -61.27 -33.55 4.24
CA SER V 148 -61.05 -32.47 3.29
C SER V 148 -60.25 -31.33 3.91
N ILE V 149 -59.27 -31.66 4.76
CA ILE V 149 -58.39 -30.64 5.33
C ILE V 149 -57.33 -30.30 4.29
N PRO V 150 -57.18 -29.04 3.91
CA PRO V 150 -56.27 -28.69 2.83
C PRO V 150 -54.84 -28.57 3.32
N PRO V 151 -53.85 -28.56 2.43
CA PRO V 151 -52.48 -28.28 2.85
C PRO V 151 -52.30 -26.81 3.22
N ILE V 152 -51.24 -26.54 3.98
CA ILE V 152 -50.93 -25.18 4.41
C ILE V 152 -50.30 -24.44 3.23
N SER V 153 -51.06 -23.55 2.62
CA SER V 153 -50.61 -22.77 1.48
C SER V 153 -50.28 -21.37 1.98
N GLN V 154 -49.01 -21.08 2.15
CA GLN V 154 -48.59 -19.85 2.80
C GLN V 154 -48.62 -18.69 1.81
N PRO V 155 -49.24 -17.57 2.17
CA PRO V 155 -49.29 -16.43 1.24
C PRO V 155 -48.01 -15.60 1.25
N TYR V 156 -47.96 -14.67 0.30
CA TYR V 156 -46.99 -13.57 0.23
C TYR V 156 -45.54 -14.06 0.10
N GLY V 157 -45.29 -14.76 -1.01
CA GLY V 157 -43.95 -15.10 -1.41
C GLY V 157 -43.37 -16.37 -0.82
N LYS V 158 -44.15 -17.14 -0.06
CA LYS V 158 -43.64 -18.32 0.62
C LYS V 158 -43.97 -19.61 -0.11
N ARG V 159 -44.33 -19.52 -1.39
CA ARG V 159 -44.54 -20.70 -2.21
C ARG V 159 -44.17 -20.32 -3.64
N VAL V 160 -44.19 -21.30 -4.53
CA VAL V 160 -43.86 -21.06 -5.93
C VAL V 160 -45.01 -21.54 -6.80
N VAL V 161 -45.09 -20.96 -8.00
CA VAL V 161 -46.14 -21.25 -8.95
C VAL V 161 -45.49 -21.77 -10.23
N ALA V 162 -45.98 -22.89 -10.74
CA ALA V 162 -45.63 -23.38 -12.05
C ALA V 162 -46.67 -22.91 -13.05
N PHE V 163 -46.23 -22.13 -14.03
CA PHE V 163 -47.08 -21.49 -15.03
C PHE V 163 -46.91 -22.28 -16.32
N GLY V 164 -47.81 -23.22 -16.58
CA GLY V 164 -47.68 -24.13 -17.69
C GLY V 164 -48.46 -23.76 -18.93
N GLU V 165 -47.75 -23.35 -19.97
CA GLU V 165 -48.41 -22.89 -21.20
C GLU V 165 -48.63 -24.06 -22.14
N HIS V 166 -49.87 -24.23 -22.59
CA HIS V 166 -50.25 -25.31 -23.49
C HIS V 166 -51.10 -24.73 -24.60
N ILE V 167 -50.76 -25.02 -25.85
CA ILE V 167 -51.59 -24.68 -27.00
C ILE V 167 -52.08 -25.99 -27.61
N VAL V 168 -53.40 -26.14 -27.69
CA VAL V 168 -54.03 -27.41 -28.00
C VAL V 168 -54.61 -27.34 -29.41
N LYS V 169 -54.38 -28.39 -30.20
CA LYS V 169 -54.91 -28.52 -31.55
C LYS V 169 -56.43 -28.40 -31.59
N GLU V 170 -56.94 -27.87 -32.71
CA GLU V 170 -58.37 -27.73 -32.94
C GLU V 170 -59.05 -29.10 -32.95
N GLY V 171 -60.05 -29.26 -32.11
CA GLY V 171 -60.79 -30.49 -31.99
C GLY V 171 -60.36 -31.40 -30.86
N LEU V 172 -59.17 -31.16 -30.30
CA LEU V 172 -58.65 -31.95 -29.19
C LEU V 172 -58.75 -31.24 -27.85
N GLU V 173 -59.60 -30.22 -27.74
CA GLU V 173 -59.74 -29.49 -26.49
C GLU V 173 -60.46 -30.32 -25.43
N ASN V 174 -61.39 -31.19 -25.84
CA ASN V 174 -62.05 -32.05 -24.88
C ASN V 174 -61.12 -33.13 -24.34
N GLN V 175 -60.18 -33.60 -25.17
CA GLN V 175 -59.22 -34.58 -24.68
C GLN V 175 -58.18 -33.94 -23.77
N PHE V 176 -57.80 -32.69 -24.04
CA PHE V 176 -56.87 -32.00 -23.15
C PHE V 176 -57.48 -31.82 -21.77
N GLU V 177 -58.69 -31.27 -21.71
CA GLU V 177 -59.28 -30.91 -20.43
C GLU V 177 -59.59 -32.12 -19.58
N GLU V 178 -59.90 -33.26 -20.21
CA GLU V 178 -60.17 -34.48 -19.44
C GLU V 178 -58.91 -35.00 -18.76
N TYR V 179 -57.81 -35.07 -19.49
CA TYR V 179 -56.59 -35.67 -18.95
C TYR V 179 -55.67 -34.69 -18.25
N ALA V 180 -55.80 -33.38 -18.51
CA ALA V 180 -55.09 -32.42 -17.69
C ALA V 180 -55.70 -32.32 -16.30
N ILE V 181 -57.01 -32.56 -16.20
CA ILE V 181 -57.66 -32.64 -14.89
C ILE V 181 -57.16 -33.87 -14.14
N LYS V 182 -57.07 -35.01 -14.83
CA LYS V 182 -56.55 -36.24 -14.21
C LYS V 182 -55.09 -36.12 -13.82
N THR V 183 -54.32 -35.29 -14.53
CA THR V 183 -52.95 -35.03 -14.14
C THR V 183 -52.88 -34.21 -12.87
N LEU V 184 -53.79 -33.23 -12.72
CA LEU V 184 -53.80 -32.39 -11.53
C LEU V 184 -54.37 -33.11 -10.32
N GLU V 185 -55.25 -34.09 -10.52
CA GLU V 185 -55.66 -34.94 -9.41
C GLU V 185 -54.56 -35.88 -8.98
N ALA V 186 -53.69 -36.29 -9.91
CA ALA V 186 -52.54 -37.11 -9.58
C ALA V 186 -51.48 -36.32 -8.82
N PHE V 187 -51.43 -34.99 -8.99
CA PHE V 187 -50.48 -34.18 -8.25
C PHE V 187 -50.83 -34.07 -6.77
N ARG V 188 -52.07 -34.41 -6.39
CA ARG V 188 -52.47 -34.40 -4.97
C ARG V 188 -51.63 -35.35 -4.13
N SER V 189 -51.09 -36.40 -4.74
CA SER V 189 -50.21 -37.31 -4.03
C SER V 189 -48.78 -36.78 -3.88
N ALA V 190 -48.40 -35.77 -4.67
CA ALA V 190 -47.02 -35.31 -4.64
C ALA V 190 -46.76 -34.49 -3.38
N PRO V 191 -45.59 -34.64 -2.77
CA PRO V 191 -45.26 -33.82 -1.59
C PRO V 191 -45.06 -32.36 -1.96
N GLY V 192 -45.62 -31.49 -1.15
CA GLY V 192 -45.52 -30.07 -1.38
C GLY V 192 -46.49 -29.50 -2.39
N PHE V 193 -47.38 -30.31 -2.95
CA PHE V 193 -48.39 -29.80 -3.85
C PHE V 193 -49.42 -29.00 -3.06
N LEU V 194 -49.61 -27.75 -3.44
CA LEU V 194 -50.49 -26.85 -2.72
C LEU V 194 -51.77 -26.56 -3.45
N GLY V 195 -51.97 -27.11 -4.64
CA GLY V 195 -53.19 -26.91 -5.38
C GLY V 195 -52.94 -26.46 -6.80
N GLY V 196 -54.01 -26.49 -7.58
CA GLY V 196 -53.88 -26.26 -9.00
C GLY V 196 -55.17 -25.83 -9.65
N MET V 197 -55.04 -25.17 -10.81
CA MET V 197 -56.19 -24.81 -11.61
C MET V 197 -55.80 -24.82 -13.08
N ILE V 198 -56.80 -24.99 -13.94
CA ILE V 198 -56.62 -25.01 -15.38
C ILE V 198 -57.38 -23.82 -15.95
N LEU V 199 -56.66 -22.95 -16.67
CA LEU V 199 -57.22 -21.73 -17.22
C LEU V 199 -57.32 -21.86 -18.74
N LYS V 200 -58.44 -21.41 -19.29
CA LYS V 200 -58.71 -21.48 -20.72
C LYS V 200 -58.90 -20.06 -21.24
N GLU V 201 -58.07 -19.66 -22.21
CA GLU V 201 -58.14 -18.30 -22.74
C GLU V 201 -59.41 -18.09 -23.56
N ILE V 202 -60.13 -17.03 -23.24
CA ILE V 202 -61.39 -16.71 -23.90
C ILE V 202 -61.37 -15.34 -24.58
N GLY V 203 -60.28 -14.61 -24.50
CA GLY V 203 -60.21 -13.30 -25.09
C GLY V 203 -59.04 -12.52 -24.54
N VAL V 204 -58.87 -11.31 -25.08
CA VAL V 204 -57.83 -10.39 -24.66
C VAL V 204 -58.47 -9.03 -24.43
N SER V 205 -58.26 -8.47 -23.25
CA SER V 205 -58.77 -7.15 -22.92
C SER V 205 -58.09 -6.06 -23.74
N PRO V 206 -58.82 -5.25 -24.50
CA PRO V 206 -58.15 -4.17 -25.26
C PRO V 206 -57.63 -3.04 -24.39
N LEU V 207 -58.42 -2.60 -23.40
CA LEU V 207 -57.97 -1.49 -22.55
C LEU V 207 -56.85 -1.91 -21.62
N GLY V 208 -56.89 -3.15 -21.13
CA GLY V 208 -55.81 -3.68 -20.34
C GLY V 208 -54.53 -3.92 -21.12
N SER V 209 -54.63 -4.03 -22.45
CA SER V 209 -53.46 -4.19 -23.30
C SER V 209 -53.01 -2.88 -23.93
N LEU V 210 -53.65 -1.76 -23.56
CA LEU V 210 -53.42 -0.43 -24.13
C LEU V 210 -53.58 -0.42 -25.65
N GLN V 211 -54.57 -1.15 -26.14
CA GLN V 211 -54.83 -1.26 -27.56
C GLN V 211 -56.05 -0.42 -27.89
N LEU V 212 -55.81 0.78 -28.40
CA LEU V 212 -56.85 1.71 -28.80
C LEU V 212 -56.86 1.82 -30.32
N ASN V 213 -57.71 2.69 -30.84
CA ASN V 213 -57.71 3.00 -32.26
C ASN V 213 -56.54 3.95 -32.56
N ALA V 214 -56.49 4.47 -33.79
CA ALA V 214 -55.34 5.25 -34.23
C ALA V 214 -55.21 6.57 -33.47
N LYS V 215 -56.34 7.20 -33.15
CA LYS V 215 -56.29 8.44 -32.37
C LYS V 215 -55.89 8.16 -30.93
N GLY V 216 -56.40 7.06 -30.36
CA GLY V 216 -56.04 6.72 -28.99
C GLY V 216 -54.60 6.27 -28.84
N PHE V 217 -54.07 5.58 -29.85
CA PHE V 217 -52.67 5.14 -29.80
C PHE V 217 -51.71 6.32 -29.83
N HIS V 218 -52.04 7.35 -30.62
CA HIS V 218 -51.18 8.52 -30.67
C HIS V 218 -51.25 9.33 -29.38
N GLN V 219 -52.41 9.36 -28.72
CA GLN V 219 -52.51 10.06 -27.46
C GLN V 219 -51.76 9.33 -26.34
N ILE V 220 -51.60 8.01 -26.46
CA ILE V 220 -50.76 7.28 -25.51
C ILE V 220 -49.30 7.69 -25.67
N LEU V 221 -48.82 7.80 -26.91
CA LEU V 221 -47.44 8.20 -27.15
C LEU V 221 -47.19 9.67 -26.82
N GLU V 222 -48.21 10.51 -26.95
CA GLU V 222 -48.00 11.96 -26.85
C GLU V 222 -48.15 12.50 -25.44
N THR V 223 -48.74 11.75 -24.51
CA THR V 223 -49.13 12.32 -23.23
C THR V 223 -47.94 12.50 -22.31
N ALA V 224 -48.03 13.52 -21.47
CA ALA V 224 -47.02 13.80 -20.45
C ALA V 224 -47.51 13.19 -19.15
N ASN V 225 -46.97 12.00 -18.83
CA ASN V 225 -47.22 11.25 -17.59
C ASN V 225 -48.69 10.86 -17.41
N GLY V 226 -49.47 10.82 -18.49
CA GLY V 226 -50.86 10.45 -18.39
C GLY V 226 -51.83 11.56 -18.08
N MET V 227 -51.37 12.81 -17.94
CA MET V 227 -52.27 13.92 -17.69
C MET V 227 -53.24 14.14 -18.85
N ASP V 228 -52.80 13.82 -20.05
CA ASP V 228 -53.62 13.90 -21.26
C ASP V 228 -54.17 12.51 -21.52
N VAL V 229 -55.39 12.26 -21.07
CA VAL V 229 -55.95 10.90 -21.10
C VAL V 229 -56.52 10.63 -22.49
N PRO V 230 -56.15 9.52 -23.12
CA PRO V 230 -56.75 9.17 -24.41
C PRO V 230 -58.21 8.78 -24.25
N GLU V 231 -58.97 9.02 -25.30
CA GLU V 231 -60.35 8.56 -25.34
C GLU V 231 -60.34 7.05 -25.49
N PRO V 232 -60.96 6.30 -24.58
CA PRO V 232 -60.81 4.83 -24.58
C PRO V 232 -61.70 4.13 -25.60
N VAL V 233 -61.49 4.46 -26.87
CA VAL V 233 -62.20 3.83 -27.98
C VAL V 233 -61.28 2.78 -28.59
N THR V 234 -61.74 1.54 -28.59
CA THR V 234 -61.02 0.42 -29.17
C THR V 234 -61.72 -0.03 -30.44
N ILE V 235 -60.99 -0.77 -31.28
CA ILE V 235 -61.57 -1.29 -32.50
C ILE V 235 -62.13 -2.68 -32.32
N TYR V 236 -61.96 -3.30 -31.16
CA TYR V 236 -62.45 -4.64 -30.92
C TYR V 236 -62.86 -4.77 -29.46
N GLU V 237 -63.71 -5.74 -29.21
CA GLU V 237 -64.00 -6.19 -27.85
C GLU V 237 -63.25 -7.48 -27.59
N ALA V 238 -63.24 -7.88 -26.32
CA ALA V 238 -62.34 -8.95 -25.87
C ALA V 238 -62.53 -10.32 -26.55
N PRO V 239 -63.75 -10.84 -26.82
CA PRO V 239 -63.81 -12.11 -27.58
C PRO V 239 -63.42 -12.01 -29.05
N GLU V 240 -63.25 -10.81 -29.61
CA GLU V 240 -62.80 -10.69 -30.98
C GLU V 240 -61.31 -10.94 -31.13
N PHE V 241 -60.54 -10.86 -30.05
CA PHE V 241 -59.15 -11.29 -30.03
C PHE V 241 -59.13 -12.51 -29.12
N ARG V 242 -59.52 -13.65 -29.68
CA ARG V 242 -59.43 -14.94 -29.01
C ARG V 242 -58.50 -15.80 -29.84
N ASN V 243 -57.38 -16.19 -29.26
CA ASN V 243 -56.35 -16.87 -30.02
C ASN V 243 -56.77 -18.29 -30.39
N ARG V 244 -56.64 -18.62 -31.66
CA ARG V 244 -56.83 -19.96 -32.15
C ARG V 244 -55.51 -20.45 -32.73
N PRO V 245 -55.07 -21.68 -32.43
CA PRO V 245 -55.64 -22.73 -31.56
C PRO V 245 -55.64 -22.38 -30.08
N GLN V 246 -56.39 -23.16 -29.29
CA GLN V 246 -56.80 -22.75 -27.95
C GLN V 246 -55.62 -22.77 -26.97
N ARG V 247 -55.44 -21.66 -26.27
CA ARG V 247 -54.39 -21.54 -25.26
C ARG V 247 -54.92 -21.99 -23.90
N TYR V 248 -54.10 -22.75 -23.19
CA TYR V 248 -54.42 -23.17 -21.84
C TYR V 248 -53.27 -22.82 -20.92
N ILE V 249 -53.59 -22.40 -19.71
CA ILE V 249 -52.62 -22.27 -18.64
C ILE V 249 -52.90 -23.37 -17.63
N VAL V 250 -51.88 -24.19 -17.34
CA VAL V 250 -51.94 -25.13 -16.24
C VAL V 250 -51.16 -24.51 -15.09
N HIS V 251 -51.88 -24.04 -14.08
CA HIS V 251 -51.33 -23.30 -12.96
C HIS V 251 -51.30 -24.23 -11.76
N THR V 252 -50.11 -24.56 -11.27
CA THR V 252 -49.95 -25.39 -10.08
C THR V 252 -49.06 -24.69 -9.07
N GLU V 253 -49.34 -24.93 -7.79
CA GLU V 253 -48.65 -24.26 -6.70
C GLU V 253 -47.93 -25.29 -5.85
N TRP V 254 -46.71 -24.94 -5.43
CA TRP V 254 -45.80 -25.86 -4.78
C TRP V 254 -45.12 -25.14 -3.63
N SER V 255 -44.74 -25.90 -2.61
CA SER V 255 -44.18 -25.29 -1.41
C SER V 255 -42.78 -24.73 -1.65
N ASP V 256 -42.00 -25.35 -2.54
CA ASP V 256 -40.68 -24.87 -2.90
C ASP V 256 -40.36 -25.38 -4.30
N THR V 257 -39.20 -24.97 -4.83
CA THR V 257 -38.86 -25.34 -6.20
C THR V 257 -38.43 -26.80 -6.31
N ASN V 258 -37.93 -27.39 -5.22
CA ASN V 258 -37.62 -28.81 -5.24
C ASN V 258 -38.89 -29.64 -5.31
N ALA V 259 -39.91 -29.27 -4.54
CA ALA V 259 -41.21 -29.95 -4.61
C ALA V 259 -41.85 -29.74 -5.99
N LEU V 260 -41.63 -28.57 -6.59
CA LEU V 260 -42.13 -28.31 -7.93
C LEU V 260 -41.43 -29.20 -8.96
N MET V 261 -40.10 -29.31 -8.88
CA MET V 261 -39.33 -30.03 -9.88
C MET V 261 -39.63 -31.52 -9.86
N PHE V 262 -39.69 -32.13 -8.68
CA PHE V 262 -39.99 -33.54 -8.61
C PHE V 262 -41.49 -33.83 -8.64
N GLY V 263 -42.32 -32.86 -8.29
CA GLY V 263 -43.76 -33.04 -8.37
C GLY V 263 -44.28 -32.97 -9.78
N LEU V 264 -43.92 -31.89 -10.50
CA LEU V 264 -44.25 -31.81 -11.92
C LEU V 264 -43.53 -32.87 -12.73
N GLY V 265 -42.34 -33.27 -12.28
CA GLY V 265 -41.57 -34.31 -12.93
C GLY V 265 -42.20 -35.68 -12.92
N ARG V 266 -43.25 -35.89 -12.11
CA ARG V 266 -43.99 -37.15 -12.09
C ARG V 266 -44.65 -37.48 -13.42
N VAL V 267 -44.91 -36.48 -14.28
CA VAL V 267 -45.37 -36.75 -15.63
C VAL V 267 -44.27 -37.31 -16.52
N LEU V 268 -43.03 -37.31 -16.05
CA LEU V 268 -41.91 -37.92 -16.76
C LEU V 268 -41.33 -39.15 -16.06
N ILE V 269 -41.36 -39.22 -14.74
CA ILE V 269 -40.65 -40.26 -14.02
C ILE V 269 -41.56 -41.23 -13.28
N TYR V 270 -42.83 -40.89 -13.07
CA TYR V 270 -43.77 -41.79 -12.42
C TYR V 270 -44.60 -42.45 -13.51
N PRO V 271 -44.48 -43.76 -13.72
CA PRO V 271 -45.07 -44.39 -14.91
C PRO V 271 -46.60 -44.37 -14.94
N GLU V 272 -47.28 -44.36 -13.79
CA GLU V 272 -48.74 -44.28 -13.80
C GLU V 272 -49.23 -42.89 -14.19
N VAL V 273 -48.56 -41.84 -13.75
CA VAL V 273 -48.93 -40.48 -14.13
C VAL V 273 -48.46 -40.18 -15.54
N ARG V 274 -47.38 -40.83 -15.97
CA ARG V 274 -46.81 -40.62 -17.30
C ARG V 274 -47.76 -41.05 -18.40
N GLN V 275 -48.52 -42.14 -18.21
CA GLN V 275 -49.52 -42.53 -19.21
C GLN V 275 -50.68 -41.57 -19.26
N ILE V 276 -51.04 -40.96 -18.13
CA ILE V 276 -52.12 -39.98 -18.11
C ILE V 276 -51.71 -38.72 -18.89
N HIS V 277 -50.52 -38.20 -18.61
CA HIS V 277 -50.04 -36.98 -19.24
C HIS V 277 -49.62 -37.20 -20.69
N ASP V 278 -49.43 -38.45 -21.12
CA ASP V 278 -49.19 -38.72 -22.54
C ASP V 278 -50.40 -38.37 -23.39
N LYS V 279 -51.61 -38.49 -22.83
CA LYS V 279 -52.80 -38.08 -23.55
C LYS V 279 -52.91 -36.57 -23.65
N VAL V 280 -52.35 -35.84 -22.68
CA VAL V 280 -52.25 -34.40 -22.78
C VAL V 280 -51.28 -34.00 -23.87
N LEU V 281 -50.13 -34.68 -23.93
CA LEU V 281 -49.08 -34.34 -24.90
C LEU V 281 -49.52 -34.62 -26.33
N ASP V 282 -50.41 -35.58 -26.54
CA ASP V 282 -50.92 -35.90 -27.86
C ASP V 282 -51.97 -34.91 -28.38
N THR V 283 -52.27 -33.86 -27.63
CA THR V 283 -53.20 -32.81 -28.09
C THR V 283 -52.50 -31.49 -28.35
N LEU V 284 -51.21 -31.37 -28.10
CA LEU V 284 -50.52 -30.10 -28.06
C LEU V 284 -49.87 -29.77 -29.40
N VAL V 285 -50.14 -28.58 -29.93
CA VAL V 285 -49.33 -28.05 -31.00
C VAL V 285 -48.15 -27.24 -30.47
N TYR V 286 -48.22 -26.77 -29.23
CA TYR V 286 -47.11 -26.06 -28.60
C TYR V 286 -47.11 -26.40 -27.12
N GLY V 287 -45.91 -26.61 -26.59
CA GLY V 287 -45.74 -26.84 -25.18
C GLY V 287 -45.42 -28.27 -24.85
N PRO V 288 -45.25 -28.58 -23.56
CA PRO V 288 -45.41 -27.66 -22.42
C PRO V 288 -44.17 -26.85 -22.09
N TYR V 289 -44.37 -25.56 -21.85
CA TYR V 289 -43.34 -24.65 -21.40
C TYR V 289 -43.76 -24.10 -20.05
N ILE V 290 -42.95 -24.32 -19.02
CA ILE V 290 -43.35 -24.08 -17.65
C ILE V 290 -42.46 -22.98 -17.07
N ARG V 291 -43.05 -21.84 -16.78
CA ARG V 291 -42.37 -20.77 -16.06
C ARG V 291 -42.56 -20.95 -14.57
N VAL V 292 -41.58 -20.52 -13.81
CA VAL V 292 -41.61 -20.57 -12.35
C VAL V 292 -41.88 -19.16 -11.84
N LEU V 293 -42.95 -19.01 -11.08
CA LEU V 293 -43.39 -17.69 -10.64
C LEU V 293 -43.37 -17.61 -9.12
N ASN V 294 -43.10 -16.40 -8.62
CA ASN V 294 -43.16 -16.13 -7.19
C ASN V 294 -44.35 -15.24 -6.91
N PRO V 295 -45.35 -15.70 -6.16
CA PRO V 295 -46.50 -14.85 -5.84
C PRO V 295 -46.24 -13.87 -4.71
N MET V 296 -45.69 -12.70 -5.04
CA MET V 296 -45.33 -11.71 -4.03
C MET V 296 -46.56 -11.09 -3.37
N MET V 297 -47.38 -10.39 -4.15
CA MET V 297 -48.49 -9.61 -3.63
C MET V 297 -49.79 -10.32 -3.95
N GLU V 298 -50.62 -10.53 -2.94
CA GLU V 298 -51.79 -11.36 -3.08
C GLU V 298 -53.02 -10.74 -2.44
N GLY V 299 -54.16 -11.05 -3.03
CA GLY V 299 -55.49 -10.72 -2.57
C GLY V 299 -56.24 -11.98 -2.17
N THR V 300 -55.65 -12.79 -1.29
CA THR V 300 -56.00 -14.19 -1.01
C THR V 300 -57.48 -14.52 -0.76
N TYR V 301 -58.32 -13.52 -0.55
CA TYR V 301 -59.77 -13.67 -0.43
C TYR V 301 -60.45 -14.06 -1.75
N TRP V 302 -59.73 -14.13 -2.87
CA TRP V 302 -60.32 -14.69 -4.09
C TRP V 302 -60.57 -16.18 -3.95
N ARG V 303 -59.79 -16.87 -3.13
CA ARG V 303 -60.05 -18.27 -2.84
C ARG V 303 -61.22 -18.47 -1.89
N GLU V 304 -61.55 -17.45 -1.09
CA GLU V 304 -62.77 -17.51 -0.29
C GLU V 304 -64.00 -17.46 -1.18
N TYR V 305 -63.94 -16.67 -2.25
CA TYR V 305 -65.04 -16.66 -3.23
C TYR V 305 -65.11 -17.98 -3.99
N LEU V 306 -63.94 -18.56 -4.30
CA LEU V 306 -63.91 -19.79 -5.08
C LEU V 306 -64.41 -20.99 -4.27
N ASN V 307 -63.99 -21.08 -3.02
CA ASN V 307 -64.34 -22.22 -2.18
C ASN V 307 -65.60 -22.01 -1.36
N GLU V 308 -66.18 -20.80 -1.44
CA GLU V 308 -67.46 -20.44 -0.78
C GLU V 308 -67.39 -20.59 0.73
N TYR V 309 -66.22 -20.29 1.30
CA TYR V 309 -65.93 -20.49 2.71
C TYR V 309 -64.70 -19.68 3.04
N HIS V 310 -64.67 -19.08 4.23
CA HIS V 310 -63.51 -18.33 4.67
C HIS V 310 -62.97 -18.92 5.97
N LEU V 311 -61.80 -18.42 6.36
CA LEU V 311 -61.00 -18.87 7.52
C LEU V 311 -60.71 -20.37 7.52
N PRO W 2 -54.17 44.69 12.82
CA PRO W 2 -54.96 43.84 13.71
C PRO W 2 -54.26 42.52 13.98
N LYS W 3 -54.85 41.68 14.82
CA LYS W 3 -54.27 40.38 15.09
C LYS W 3 -54.78 39.36 14.08
N PRO W 4 -53.91 38.75 13.28
CA PRO W 4 -54.37 37.73 12.35
C PRO W 4 -54.64 36.40 13.04
N TYR W 5 -55.19 35.47 12.27
CA TYR W 5 -55.36 34.10 12.70
C TYR W 5 -54.27 33.25 12.07
N VAL W 6 -53.85 32.21 12.76
CA VAL W 6 -52.73 31.38 12.34
C VAL W 6 -53.21 29.98 12.05
N ALA W 7 -52.87 29.48 10.87
CA ALA W 7 -52.94 28.05 10.57
C ALA W 7 -51.51 27.50 10.62
N ILE W 8 -51.32 26.44 11.39
CA ILE W 8 -49.99 25.83 11.54
C ILE W 8 -50.04 24.44 10.91
N ASN W 9 -49.44 24.30 9.74
CA ASN W 9 -49.38 23.02 9.05
C ASN W 9 -48.18 22.23 9.58
N MET W 10 -48.45 21.06 10.16
CA MET W 10 -47.44 20.23 10.78
C MET W 10 -47.26 18.95 9.97
N VAL W 11 -46.05 18.69 9.50
CA VAL W 11 -45.70 17.47 8.78
C VAL W 11 -44.38 16.93 9.31
N GLU W 12 -44.25 15.62 9.28
CA GLU W 12 -42.97 14.95 9.49
C GLU W 12 -42.49 14.41 8.15
N VAL W 13 -41.29 14.82 7.74
CA VAL W 13 -40.72 14.40 6.47
C VAL W 13 -39.36 13.76 6.74
N ARG W 14 -38.87 13.02 5.76
CA ARG W 14 -37.54 12.42 5.86
C ARG W 14 -36.45 13.50 5.86
N ASN W 15 -35.36 13.22 6.56
CA ASN W 15 -34.20 14.12 6.59
C ASN W 15 -33.17 13.56 5.60
N ASP W 16 -33.31 13.95 4.35
CA ASP W 16 -32.44 13.51 3.27
C ASP W 16 -32.32 14.65 2.28
N PRO W 17 -31.30 14.63 1.40
CA PRO W 17 -31.17 15.72 0.41
C PRO W 17 -32.32 15.85 -0.56
N LYS W 18 -33.11 14.80 -0.78
CA LYS W 18 -34.28 14.93 -1.63
C LYS W 18 -35.33 15.85 -1.02
N THR W 19 -35.47 15.82 0.31
CA THR W 19 -36.47 16.64 1.01
C THR W 19 -36.13 18.13 0.94
N LEU W 20 -34.85 18.48 1.08
CA LEU W 20 -34.48 19.88 1.01
C LEU W 20 -34.57 20.45 -0.41
N GLU W 21 -34.67 19.61 -1.43
CA GLU W 21 -35.08 20.10 -2.75
C GLU W 21 -36.55 20.50 -2.75
N LEU W 22 -37.38 19.82 -1.96
CA LEU W 22 -38.81 20.14 -1.88
C LEU W 22 -39.08 21.43 -1.14
N PHE W 23 -38.11 21.93 -0.35
CA PHE W 23 -38.24 23.24 0.28
C PHE W 23 -38.24 24.36 -0.76
N GLY W 24 -37.45 24.20 -1.81
CA GLY W 24 -37.27 25.26 -2.79
C GLY W 24 -38.03 25.07 -4.08
N LYS W 25 -38.60 23.88 -4.29
CA LYS W 25 -39.33 23.60 -5.52
C LYS W 25 -40.82 23.41 -5.34
N VAL W 26 -41.31 23.28 -4.10
CA VAL W 26 -42.73 23.09 -3.83
C VAL W 26 -43.25 24.15 -2.86
N GLY W 27 -42.54 24.36 -1.76
CA GLY W 27 -42.76 25.45 -0.81
C GLY W 27 -43.10 26.82 -1.36
N PRO W 28 -42.31 27.37 -2.30
CA PRO W 28 -42.71 28.63 -2.93
C PRO W 28 -43.99 28.55 -3.74
N LYS W 29 -44.27 27.40 -4.36
CA LYS W 29 -45.50 27.28 -5.15
C LYS W 29 -46.74 27.25 -4.28
N VAL W 30 -46.64 26.63 -3.10
CA VAL W 30 -47.75 26.61 -2.15
C VAL W 30 -48.05 28.01 -1.65
N CYS W 31 -47.00 28.79 -1.38
CA CYS W 31 -47.18 30.18 -0.95
C CYS W 31 -47.78 31.04 -2.05
N MET W 32 -47.48 30.74 -3.32
CA MET W 32 -48.04 31.51 -4.42
C MET W 32 -49.51 31.16 -4.66
N VAL W 33 -49.90 29.90 -4.47
CA VAL W 33 -51.30 29.52 -4.57
C VAL W 33 -52.09 30.10 -3.40
N THR W 34 -51.49 30.09 -2.21
CA THR W 34 -52.12 30.64 -1.02
C THR W 34 -52.32 32.15 -1.13
N ALA W 35 -51.45 32.84 -1.85
CA ALA W 35 -51.53 34.29 -2.03
C ALA W 35 -52.55 34.70 -3.08
N ARG W 36 -53.29 33.76 -3.69
CA ARG W 36 -54.44 34.12 -4.51
C ARG W 36 -55.59 34.68 -3.68
N HIS W 37 -55.67 34.34 -2.40
CA HIS W 37 -56.73 34.81 -1.53
C HIS W 37 -56.36 36.15 -0.91
N PRO W 38 -57.29 37.12 -0.87
CA PRO W 38 -56.94 38.44 -0.31
C PRO W 38 -56.81 38.45 1.21
N GLY W 39 -57.38 37.47 1.91
CA GLY W 39 -57.22 37.37 3.35
C GLY W 39 -55.90 36.83 3.82
N PHE W 40 -55.06 36.36 2.91
CA PHE W 40 -53.72 35.89 3.24
C PHE W 40 -52.83 37.09 3.51
N VAL W 41 -52.21 37.13 4.69
CA VAL W 41 -51.36 38.26 5.05
C VAL W 41 -49.91 37.86 5.27
N GLY W 42 -49.56 36.60 5.15
CA GLY W 42 -48.17 36.21 5.25
C GLY W 42 -47.99 34.83 5.82
N PHE W 43 -46.73 34.43 5.95
CA PHE W 43 -46.39 33.09 6.37
C PHE W 43 -45.05 33.10 7.10
N GLN W 44 -44.78 31.99 7.79
CA GLN W 44 -43.49 31.78 8.45
C GLN W 44 -43.29 30.28 8.57
N ASN W 45 -42.32 29.75 7.85
CA ASN W 45 -42.09 28.31 7.78
C ASN W 45 -40.93 27.91 8.67
N HIS W 46 -41.11 26.84 9.42
CA HIS W 46 -40.12 26.40 10.40
C HIS W 46 -39.70 24.96 10.14
N VAL W 47 -38.47 24.67 10.53
CA VAL W 47 -37.97 23.30 10.67
C VAL W 47 -37.55 23.14 12.12
N GLN W 48 -38.00 22.06 12.76
CA GLN W 48 -37.55 21.78 14.12
C GLN W 48 -36.09 21.34 14.10
N ILE W 49 -35.27 22.02 14.90
CA ILE W 49 -33.85 21.68 15.01
C ILE W 49 -33.51 21.03 16.34
N GLY W 50 -34.43 21.02 17.30
CA GLY W 50 -34.14 20.40 18.57
C GLY W 50 -35.25 20.62 19.58
N VAL W 51 -34.94 20.27 20.83
CA VAL W 51 -35.85 20.33 21.95
C VAL W 51 -35.08 20.95 23.11
N VAL W 52 -35.73 21.81 23.89
CA VAL W 52 -35.13 22.31 25.12
C VAL W 52 -35.11 21.17 26.14
N PRO W 53 -33.93 20.76 26.61
CA PRO W 53 -33.86 19.59 27.49
C PRO W 53 -34.31 19.86 28.92
N LEU W 54 -34.22 21.12 29.38
CA LEU W 54 -34.52 21.56 30.74
C LEU W 54 -33.73 20.76 31.78
N GLY W 55 -32.42 20.88 31.70
CA GLY W 55 -31.54 20.01 32.48
C GLY W 55 -31.52 18.62 31.91
N THR W 56 -31.97 17.63 32.68
CA THR W 56 -32.06 16.25 32.21
C THR W 56 -33.50 15.76 32.12
N ARG W 57 -34.47 16.68 32.01
CA ARG W 57 -35.87 16.27 31.92
C ARG W 57 -36.13 15.53 30.62
N TRP W 58 -35.67 16.08 29.51
CA TRP W 58 -35.50 15.31 28.28
C TRP W 58 -34.01 15.35 27.95
N GLY W 59 -33.25 14.48 28.61
CA GLY W 59 -31.81 14.51 28.50
C GLY W 59 -31.27 13.89 27.24
N GLY W 60 -32.08 13.10 26.54
CA GLY W 60 -31.70 12.59 25.23
C GLY W 60 -31.87 13.58 24.11
N ALA W 61 -32.42 14.74 24.41
CA ALA W 61 -32.68 15.78 23.43
C ALA W 61 -31.70 16.93 23.61
N LYS W 62 -31.40 17.60 22.51
CA LYS W 62 -30.50 18.74 22.49
C LYS W 62 -31.20 19.87 21.75
N MET W 63 -30.70 21.09 21.95
CA MET W 63 -31.29 22.22 21.25
C MET W 63 -30.93 22.24 19.77
N GLU W 64 -29.76 21.73 19.42
CA GLU W 64 -29.32 21.62 18.02
C GLU W 64 -28.99 20.16 17.76
N MET W 65 -30.00 19.39 17.33
CA MET W 65 -29.81 17.97 17.05
C MET W 65 -30.26 17.60 15.65
N SER W 66 -30.39 18.58 14.75
CA SER W 66 -30.97 18.32 13.44
C SER W 66 -30.03 17.57 12.50
N GLN W 67 -28.73 17.62 12.76
CA GLN W 67 -27.77 16.88 11.94
C GLN W 67 -27.83 15.38 12.18
N GLU W 68 -28.43 14.93 13.27
CA GLU W 68 -28.46 13.52 13.62
C GLU W 68 -29.82 12.86 13.42
N MET W 69 -30.87 13.62 13.13
CA MET W 69 -32.21 13.07 13.05
C MET W 69 -32.50 12.50 11.68
N HIS W 70 -33.24 11.40 11.65
CA HIS W 70 -33.67 10.79 10.39
C HIS W 70 -34.88 11.49 9.80
N SER W 71 -35.62 12.24 10.60
CA SER W 71 -36.86 12.85 10.15
C SER W 71 -36.94 14.29 10.65
N LEU W 72 -37.60 15.13 9.86
CA LEU W 72 -37.71 16.55 10.15
C LEU W 72 -39.16 16.91 10.42
N MET W 73 -39.39 17.62 11.52
CA MET W 73 -40.68 18.21 11.82
C MET W 73 -40.75 19.60 11.22
N LEU W 74 -41.80 19.87 10.45
CA LEU W 74 -42.00 21.18 9.83
C LEU W 74 -43.26 21.82 10.40
N MET W 75 -43.17 23.09 10.76
CA MET W 75 -44.30 23.89 11.22
C MET W 75 -44.44 25.07 10.28
N GLN W 76 -45.43 25.02 9.42
CA GLN W 76 -45.62 26.05 8.40
C GLN W 76 -46.77 26.94 8.82
N TYR W 77 -46.45 28.14 9.30
CA TYR W 77 -47.49 29.06 9.73
C TYR W 77 -48.00 29.81 8.52
N THR W 78 -49.30 29.98 8.43
CA THR W 78 -49.90 30.93 7.51
C THR W 78 -50.80 31.85 8.32
N PHE W 79 -50.81 33.12 7.95
CA PHE W 79 -51.49 34.15 8.70
C PHE W 79 -52.67 34.69 7.88
N TRP W 80 -53.81 34.87 8.55
CA TRP W 80 -55.07 35.13 7.87
C TRP W 80 -55.84 36.24 8.58
N LYS W 81 -56.53 37.07 7.81
CA LYS W 81 -57.36 38.13 8.37
C LYS W 81 -58.52 37.56 9.18
N ASN W 82 -59.09 36.44 8.71
CA ASN W 82 -60.03 35.65 9.49
C ASN W 82 -59.73 34.18 9.19
N TRP W 83 -60.06 33.31 10.15
CA TRP W 83 -59.80 31.89 9.95
C TRP W 83 -60.69 31.27 8.89
N LYS W 84 -61.84 31.90 8.60
CA LYS W 84 -62.67 31.43 7.50
C LYS W 84 -62.04 31.70 6.14
N ASP W 85 -61.15 32.70 6.06
CA ASP W 85 -60.41 32.94 4.81
C ASP W 85 -59.47 31.79 4.49
N HIS W 86 -58.94 31.13 5.51
CA HIS W 86 -58.08 29.97 5.28
C HIS W 86 -58.89 28.78 4.78
N GLU W 87 -60.09 28.56 5.34
CA GLU W 87 -60.93 27.47 4.89
C GLU W 87 -61.50 27.74 3.51
N GLU W 88 -61.81 29.00 3.20
CA GLU W 88 -62.25 29.37 1.86
C GLU W 88 -61.12 29.23 0.84
N MET W 89 -59.88 29.51 1.25
CA MET W 89 -58.75 29.37 0.35
C MET W 89 -58.52 27.91 -0.04
N HIS W 90 -58.62 27.00 0.93
CA HIS W 90 -58.37 25.60 0.65
C HIS W 90 -59.44 24.98 -0.24
N LYS W 91 -60.69 25.45 -0.11
CA LYS W 91 -61.74 24.91 -0.96
C LYS W 91 -61.65 25.43 -2.38
N GLN W 92 -61.32 26.72 -2.55
CA GLN W 92 -61.28 27.32 -3.88
C GLN W 92 -60.04 26.91 -4.66
N ASN W 93 -58.94 26.57 -3.98
CA ASN W 93 -57.70 26.22 -4.62
C ASN W 93 -57.33 24.77 -4.35
N TRP W 94 -58.34 23.90 -4.25
CA TRP W 94 -58.12 22.54 -3.76
C TRP W 94 -57.32 21.69 -4.73
N ALA W 95 -57.56 21.84 -6.03
CA ALA W 95 -56.86 21.01 -7.01
C ALA W 95 -55.38 21.37 -7.08
N ASN W 96 -55.05 22.66 -7.05
CA ASN W 96 -53.65 23.06 -7.10
C ASN W 96 -52.91 22.71 -5.82
N LEU W 97 -53.58 22.85 -4.67
CA LEU W 97 -52.93 22.60 -3.39
C LEU W 97 -52.76 21.12 -3.11
N PHE W 98 -53.73 20.30 -3.51
CA PHE W 98 -53.60 18.85 -3.36
C PHE W 98 -52.45 18.31 -4.20
N ARG W 99 -52.30 18.82 -5.42
CA ARG W 99 -51.26 18.36 -6.32
C ARG W 99 -49.88 18.76 -5.83
N LEU W 100 -49.76 19.93 -5.22
CA LEU W 100 -48.48 20.37 -4.68
C LEU W 100 -48.11 19.58 -3.42
N CYS W 101 -49.11 19.28 -2.59
CA CYS W 101 -48.85 18.54 -1.36
C CYS W 101 -48.46 17.09 -1.64
N LEU W 102 -48.95 16.53 -2.75
CA LEU W 102 -48.58 15.17 -3.14
C LEU W 102 -47.24 15.10 -3.84
N GLN W 103 -46.60 16.24 -4.13
CA GLN W 103 -45.22 16.18 -4.57
C GLN W 103 -44.27 15.87 -3.42
N CYS W 104 -44.70 16.10 -2.18
CA CYS W 104 -43.93 15.82 -0.98
C CYS W 104 -44.27 14.44 -0.41
N ALA W 105 -44.98 13.62 -1.18
CA ALA W 105 -45.58 12.40 -0.65
C ALA W 105 -44.53 11.33 -0.36
N ASP W 106 -43.56 11.15 -1.25
CA ASP W 106 -42.52 10.14 -1.05
C ASP W 106 -41.51 10.52 0.02
N GLN W 107 -41.62 11.70 0.62
CA GLN W 107 -40.82 12.08 1.78
C GLN W 107 -41.62 12.11 3.07
N MET W 108 -42.95 12.14 2.99
CA MET W 108 -43.78 12.39 4.17
C MET W 108 -43.91 11.15 5.04
N ILE W 109 -43.79 11.34 6.34
CA ILE W 109 -43.86 10.27 7.31
C ILE W 109 -45.13 10.37 8.16
N TRP W 110 -45.45 11.56 8.63
CA TRP W 110 -46.65 11.80 9.40
C TRP W 110 -47.25 13.13 8.94
N GLY W 111 -48.57 13.21 8.98
CA GLY W 111 -49.24 14.43 8.62
C GLY W 111 -49.84 14.40 7.22
N PRO W 112 -50.32 15.55 6.73
CA PRO W 112 -50.36 16.86 7.37
C PRO W 112 -51.46 17.02 8.41
N TYR W 113 -51.20 17.88 9.38
CA TYR W 113 -52.12 18.15 10.47
C TYR W 113 -52.10 19.65 10.68
N GLU W 114 -53.22 20.32 10.42
CA GLU W 114 -53.27 21.79 10.45
C GLU W 114 -54.28 22.29 11.48
N PRO W 115 -53.87 22.48 12.73
CA PRO W 115 -54.73 23.19 13.67
C PRO W 115 -54.76 24.68 13.38
N LEU W 116 -55.88 25.30 13.72
CA LEU W 116 -56.08 26.73 13.54
C LEU W 116 -55.97 27.43 14.89
N TYR W 117 -55.38 28.62 14.89
CA TYR W 117 -55.07 29.31 16.12
C TYR W 117 -55.53 30.75 16.07
N GLU W 118 -55.93 31.24 17.23
CA GLU W 118 -56.22 32.65 17.47
C GLU W 118 -55.08 33.25 18.28
N ILE W 119 -54.64 34.44 17.90
CA ILE W 119 -53.58 35.13 18.62
C ILE W 119 -54.19 35.79 19.86
N VAL W 120 -53.81 35.31 21.03
CA VAL W 120 -54.28 35.89 22.29
C VAL W 120 -53.48 37.14 22.62
N TYR W 121 -52.16 37.05 22.52
CA TYR W 121 -51.25 38.14 22.80
C TYR W 121 -50.20 38.15 21.71
N ALA W 122 -49.71 39.34 21.36
CA ALA W 122 -48.64 39.43 20.39
C ALA W 122 -47.73 40.59 20.72
N ASN W 123 -46.44 40.31 20.81
CA ASN W 123 -45.38 41.32 20.78
C ASN W 123 -44.41 40.82 19.73
N MET W 124 -44.68 41.12 18.47
CA MET W 124 -43.89 40.60 17.36
C MET W 124 -43.46 41.78 16.49
N PRO W 125 -42.21 42.17 16.55
CA PRO W 125 -41.75 43.36 15.82
C PRO W 125 -41.59 43.08 14.33
N LEU W 126 -41.32 44.14 13.60
CA LEU W 126 -40.99 44.03 12.19
C LEU W 126 -39.63 43.38 12.02
N ASN W 127 -39.53 42.47 11.06
CA ASN W 127 -38.25 41.84 10.75
C ASN W 127 -37.36 42.83 10.01
N THR W 128 -36.16 43.05 10.53
CA THR W 128 -35.16 43.89 9.89
C THR W 128 -33.85 43.12 9.78
N GLU W 129 -33.16 43.32 8.67
CA GLU W 129 -31.79 42.86 8.54
C GLU W 129 -30.85 43.78 9.33
N MET W 130 -29.59 43.38 9.41
CA MET W 130 -28.59 44.23 10.04
C MET W 130 -28.23 45.44 9.17
N THR W 131 -28.60 45.43 7.89
CA THR W 131 -28.43 46.61 7.05
C THR W 131 -29.60 47.58 7.18
N ASP W 132 -30.68 47.20 7.82
CA ASP W 132 -31.90 48.00 7.85
C ASP W 132 -32.12 48.75 9.15
N PHE W 133 -31.25 48.60 10.16
CA PHE W 133 -31.55 49.21 11.45
C PHE W 133 -31.37 50.72 11.44
N THR W 134 -30.55 51.24 10.52
CA THR W 134 -30.43 52.69 10.37
C THR W 134 -31.74 53.32 9.88
N VAL W 135 -32.48 52.61 9.03
CA VAL W 135 -33.80 53.09 8.62
C VAL W 135 -34.78 52.97 9.77
N MET W 136 -34.66 51.92 10.57
CA MET W 136 -35.63 51.66 11.63
C MET W 136 -35.51 52.66 12.76
N VAL W 137 -34.29 52.91 13.24
CA VAL W 137 -34.13 53.88 14.32
C VAL W 137 -34.27 55.31 13.81
N GLY W 138 -34.05 55.54 12.52
CA GLY W 138 -34.23 56.89 11.99
C GLY W 138 -35.70 57.26 11.88
N LYS W 139 -36.54 56.29 11.51
CA LYS W 139 -37.97 56.57 11.40
C LYS W 139 -38.62 56.69 12.76
N LYS W 140 -38.15 55.94 13.75
CA LYS W 140 -38.73 56.00 15.09
C LYS W 140 -38.27 57.23 15.85
N PHE W 141 -37.06 57.72 15.59
CA PHE W 141 -36.64 58.97 16.20
C PHE W 141 -37.34 60.17 15.58
N ALA W 142 -37.62 60.12 14.29
CA ALA W 142 -38.30 61.24 13.63
C ALA W 142 -39.76 61.31 14.02
N ALA W 143 -40.35 60.19 14.43
CA ALA W 143 -41.73 60.14 14.87
C ALA W 143 -41.87 60.31 16.38
N GLY W 144 -40.78 60.54 17.09
CA GLY W 144 -40.82 60.69 18.53
C GLY W 144 -41.14 59.42 19.28
N GLU W 145 -40.81 58.25 18.72
CA GLU W 145 -41.09 56.98 19.36
C GLU W 145 -39.79 56.21 19.62
N ALA W 146 -38.80 56.89 20.20
CA ALA W 146 -37.54 56.23 20.53
C ALA W 146 -37.71 55.19 21.64
N VAL W 147 -38.72 55.35 22.50
CA VAL W 147 -38.92 54.42 23.59
C VAL W 147 -39.48 53.08 23.09
N SER W 148 -40.05 53.05 21.88
CA SER W 148 -40.62 51.84 21.31
C SER W 148 -39.81 51.35 20.11
N ILE W 149 -38.49 51.48 20.18
CA ILE W 149 -37.63 50.94 19.12
C ILE W 149 -37.47 49.44 19.35
N PRO W 150 -37.79 48.60 18.38
CA PRO W 150 -37.77 47.17 18.59
C PRO W 150 -36.38 46.59 18.45
N PRO W 151 -36.13 45.37 18.91
CA PRO W 151 -34.85 44.72 18.64
C PRO W 151 -34.73 44.30 17.18
N ILE W 152 -33.49 44.08 16.75
CA ILE W 152 -33.22 43.67 15.38
C ILE W 152 -33.55 42.19 15.24
N SER W 153 -34.67 41.89 14.60
CA SER W 153 -35.12 40.52 14.40
C SER W 153 -34.79 40.13 12.96
N GLN W 154 -33.74 39.37 12.77
CA GLN W 154 -33.23 39.09 11.44
C GLN W 154 -34.03 37.98 10.78
N PRO W 155 -34.49 38.17 9.55
CA PRO W 155 -35.28 37.12 8.89
C PRO W 155 -34.40 36.03 8.27
N TYR W 156 -35.08 34.98 7.82
CA TYR W 156 -34.54 33.92 6.95
C TYR W 156 -33.40 33.14 7.61
N GLY W 157 -33.75 32.49 8.72
CA GLY W 157 -32.87 31.52 9.34
C GLY W 157 -31.86 32.07 10.32
N LYS W 158 -31.89 33.36 10.63
CA LYS W 158 -30.89 33.98 11.49
C LYS W 158 -31.37 34.17 12.92
N ARG W 159 -32.42 33.47 13.31
CA ARG W 159 -32.89 33.46 14.69
C ARG W 159 -33.51 32.11 14.96
N VAL W 160 -33.89 31.87 16.20
CA VAL W 160 -34.50 30.60 16.58
C VAL W 160 -35.85 30.88 17.24
N VAL W 161 -36.71 29.88 17.19
CA VAL W 161 -38.06 29.97 17.72
C VAL W 161 -38.22 28.88 18.78
N ALA W 162 -38.73 29.26 19.94
CA ALA W 162 -39.15 28.32 20.96
C ALA W 162 -40.64 28.07 20.81
N PHE W 163 -41.01 26.82 20.56
CA PHE W 163 -42.38 26.40 20.28
C PHE W 163 -42.88 25.70 21.54
N GLY W 164 -43.59 26.43 22.39
CA GLY W 164 -43.99 25.92 23.68
C GLY W 164 -45.40 25.40 23.76
N GLU W 165 -45.54 24.09 23.88
CA GLU W 165 -46.86 23.45 23.88
C GLU W 165 -47.40 23.39 25.30
N HIS W 166 -48.61 23.89 25.50
CA HIS W 166 -49.27 23.90 26.80
C HIS W 166 -50.70 23.43 26.63
N ILE W 167 -51.12 22.46 27.43
CA ILE W 167 -52.52 22.04 27.49
C ILE W 167 -53.05 22.42 28.87
N VAL W 168 -54.11 23.22 28.89
CA VAL W 168 -54.58 23.88 30.10
C VAL W 168 -55.89 23.22 30.54
N LYS W 169 -56.00 22.94 31.83
CA LYS W 169 -57.20 22.36 32.43
C LYS W 169 -58.43 23.22 32.17
N GLU W 170 -59.59 22.54 32.08
CA GLU W 170 -60.87 23.21 31.89
C GLU W 170 -61.19 24.13 33.07
N GLY W 171 -61.45 25.39 32.76
CA GLY W 171 -61.75 26.39 33.75
C GLY W 171 -60.59 27.26 34.16
N LEU W 172 -59.36 26.84 33.85
CA LEU W 172 -58.16 27.60 34.19
C LEU W 172 -57.56 28.31 32.98
N GLU W 173 -58.34 28.52 31.92
CA GLU W 173 -57.82 29.20 30.74
C GLU W 173 -57.62 30.68 30.98
N ASN W 174 -58.45 31.30 31.83
CA ASN W 174 -58.26 32.71 32.16
C ASN W 174 -57.02 32.92 33.02
N GLN W 175 -56.70 31.96 33.89
CA GLN W 175 -55.49 32.08 34.69
C GLN W 175 -54.24 31.84 33.86
N PHE W 176 -54.31 30.94 32.87
CA PHE W 176 -53.16 30.73 32.00
C PHE W 176 -52.85 31.99 31.21
N GLU W 177 -53.85 32.56 30.54
CA GLU W 177 -53.62 33.68 29.64
C GLU W 177 -53.15 34.92 30.36
N GLU W 178 -53.58 35.10 31.62
CA GLU W 178 -53.13 36.27 32.38
C GLU W 178 -51.65 36.18 32.72
N TYR W 179 -51.20 35.03 33.20
CA TYR W 179 -49.83 34.89 33.67
C TYR W 179 -48.85 34.45 32.60
N ALA W 180 -49.33 33.84 31.50
CA ALA W 180 -48.43 33.61 30.38
C ALA W 180 -48.11 34.91 29.66
N ILE W 181 -49.04 35.87 29.69
CA ILE W 181 -48.77 37.20 29.17
C ILE W 181 -47.71 37.89 30.03
N LYS W 182 -47.86 37.80 31.36
CA LYS W 182 -46.88 38.38 32.28
C LYS W 182 -45.52 37.72 32.18
N THR W 183 -45.48 36.44 31.80
CA THR W 183 -44.21 35.78 31.56
C THR W 183 -43.54 36.31 30.31
N LEU W 184 -44.33 36.59 29.26
CA LEU W 184 -43.76 37.10 28.02
C LEU W 184 -43.37 38.57 28.12
N GLU W 185 -44.02 39.33 28.99
CA GLU W 185 -43.54 40.68 29.27
C GLU W 185 -42.26 40.67 30.07
N ALA W 186 -42.07 39.65 30.92
CA ALA W 186 -40.83 39.50 31.65
C ALA W 186 -39.68 39.08 30.76
N PHE W 187 -39.96 38.42 29.62
CA PHE W 187 -38.91 38.05 28.69
C PHE W 187 -38.32 39.25 27.96
N ARG W 188 -39.01 40.40 27.97
CA ARG W 188 -38.48 41.62 27.35
C ARG W 188 -37.16 42.07 27.98
N SER W 189 -36.92 41.71 29.23
CA SER W 189 -35.66 42.02 29.87
C SER W 189 -34.54 41.05 29.48
N ALA W 190 -34.87 39.89 28.93
CA ALA W 190 -33.85 38.89 28.65
C ALA W 190 -33.03 39.29 27.43
N PRO W 191 -31.72 39.06 27.45
CA PRO W 191 -30.90 39.37 26.27
C PRO W 191 -31.20 38.43 25.12
N GLY W 192 -31.30 39.01 23.93
CA GLY W 192 -31.61 38.23 22.75
C GLY W 192 -33.06 37.90 22.54
N PHE W 193 -33.96 38.37 23.39
CA PHE W 193 -35.37 38.16 23.18
C PHE W 193 -35.84 39.03 22.02
N LEU W 194 -36.43 38.40 21.02
CA LEU W 194 -36.83 39.09 19.80
C LEU W 194 -38.33 39.24 19.69
N GLY W 195 -39.11 38.75 20.65
CA GLY W 195 -40.54 38.90 20.63
C GLY W 195 -41.26 37.59 20.82
N GLY W 196 -42.57 37.71 21.04
CA GLY W 196 -43.34 36.55 21.42
C GLY W 196 -44.82 36.72 21.15
N MET W 197 -45.51 35.60 21.03
CA MET W 197 -46.96 35.59 20.90
C MET W 197 -47.53 34.33 21.54
N ILE W 198 -48.79 34.41 21.92
CA ILE W 198 -49.51 33.30 22.54
C ILE W 198 -50.63 32.91 21.61
N LEU W 199 -50.64 31.64 21.19
CA LEU W 199 -51.62 31.13 20.24
C LEU W 199 -52.58 30.19 20.96
N LYS W 200 -53.85 30.32 20.65
CA LYS W 200 -54.91 29.51 21.25
C LYS W 200 -55.61 28.72 20.15
N GLU W 201 -55.60 27.39 20.27
CA GLU W 201 -56.20 26.54 19.25
C GLU W 201 -57.70 26.66 19.24
N ILE W 202 -58.27 26.92 18.06
CA ILE W 202 -59.70 27.10 17.90
C ILE W 202 -60.32 26.09 16.93
N GLY W 203 -59.54 25.20 16.36
CA GLY W 203 -60.05 24.25 15.41
C GLY W 203 -58.93 23.62 14.62
N VAL W 204 -59.32 22.67 13.75
CA VAL W 204 -58.41 21.97 12.86
C VAL W 204 -59.00 22.01 11.47
N SER W 205 -58.23 22.49 10.50
CA SER W 205 -58.65 22.52 9.11
C SER W 205 -58.78 21.12 8.54
N PRO W 206 -59.95 20.72 8.02
CA PRO W 206 -60.05 19.38 7.42
C PRO W 206 -59.32 19.23 6.10
N LEU W 207 -59.41 20.22 5.21
CA LEU W 207 -58.75 20.12 3.91
C LEU W 207 -57.25 20.25 4.05
N GLY W 208 -56.78 21.10 4.97
CA GLY W 208 -55.37 21.18 5.26
C GLY W 208 -54.79 19.95 5.93
N SER W 209 -55.63 19.13 6.56
CA SER W 209 -55.19 17.89 7.18
C SER W 209 -55.44 16.68 6.29
N LEU W 210 -55.90 16.90 5.05
CA LEU W 210 -56.29 15.84 4.10
C LEU W 210 -57.32 14.89 4.69
N GLN W 211 -58.27 15.43 5.43
CA GLN W 211 -59.30 14.64 6.08
C GLN W 211 -60.60 14.83 5.31
N LEU W 212 -60.91 13.88 4.45
CA LEU W 212 -62.12 13.87 3.65
C LEU W 212 -63.05 12.77 4.16
N ASN W 213 -64.18 12.60 3.48
CA ASN W 213 -65.06 11.49 3.78
C ASN W 213 -64.49 10.20 3.17
N ALA W 214 -65.27 9.13 3.19
CA ALA W 214 -64.75 7.82 2.79
C ALA W 214 -64.42 7.76 1.30
N LYS W 215 -65.22 8.43 0.47
CA LYS W 215 -64.93 8.46 -0.96
C LYS W 215 -63.70 9.33 -1.24
N GLY W 216 -63.58 10.46 -0.54
CA GLY W 216 -62.43 11.32 -0.73
C GLY W 216 -61.13 10.72 -0.23
N PHE W 217 -61.20 9.96 0.87
CA PHE W 217 -60.00 9.31 1.41
C PHE W 217 -59.46 8.26 0.46
N HIS W 218 -60.36 7.52 -0.20
CA HIS W 218 -59.91 6.51 -1.15
C HIS W 218 -59.33 7.14 -2.41
N GLN W 219 -59.85 8.29 -2.83
CA GLN W 219 -59.30 8.96 -3.99
C GLN W 219 -57.92 9.56 -3.69
N ILE W 220 -57.65 9.88 -2.43
CA ILE W 220 -56.30 10.31 -2.05
C ILE W 220 -55.32 9.16 -2.20
N LEU W 221 -55.70 7.96 -1.74
CA LEU W 221 -54.82 6.80 -1.85
C LEU W 221 -54.67 6.32 -3.29
N GLU W 222 -55.69 6.53 -4.12
CA GLU W 222 -55.71 5.92 -5.45
C GLU W 222 -55.08 6.78 -6.53
N THR W 223 -54.86 8.07 -6.28
CA THR W 223 -54.51 8.98 -7.37
C THR W 223 -53.05 8.82 -7.76
N ALA W 224 -52.79 9.07 -9.04
CA ALA W 224 -51.43 9.07 -9.59
C ALA W 224 -50.94 10.51 -9.61
N ASN W 225 -50.13 10.85 -8.60
CA ASN W 225 -49.47 12.15 -8.44
C ASN W 225 -50.45 13.32 -8.33
N GLY W 226 -51.69 13.06 -7.95
CA GLY W 226 -52.67 14.11 -7.81
C GLY W 226 -53.43 14.49 -9.05
N MET W 227 -53.20 13.83 -10.19
CA MET W 227 -53.94 14.13 -11.40
C MET W 227 -55.43 13.83 -11.25
N ASP W 228 -55.75 12.84 -10.42
CA ASP W 228 -57.12 12.47 -10.10
C ASP W 228 -57.47 13.16 -8.79
N VAL W 229 -58.13 14.31 -8.88
CA VAL W 229 -58.35 15.15 -7.70
C VAL W 229 -59.58 14.64 -6.96
N PRO W 230 -59.49 14.40 -5.65
CA PRO W 230 -60.67 14.00 -4.89
C PRO W 230 -61.66 15.14 -4.76
N GLU W 231 -62.92 14.78 -4.64
CA GLU W 231 -63.95 15.77 -4.36
C GLU W 231 -63.78 16.24 -2.92
N PRO W 232 -63.60 17.54 -2.67
CA PRO W 232 -63.24 18.01 -1.33
C PRO W 232 -64.43 18.11 -0.38
N VAL W 233 -65.08 16.97 -0.14
CA VAL W 233 -66.19 16.87 0.79
C VAL W 233 -65.65 16.30 2.09
N THR W 234 -65.81 17.05 3.17
CA THR W 234 -65.40 16.63 4.50
C THR W 234 -66.64 16.35 5.34
N ILE W 235 -66.43 15.61 6.44
CA ILE W 235 -67.54 15.30 7.33
C ILE W 235 -67.64 16.31 8.47
N TYR W 236 -66.71 17.25 8.57
CA TYR W 236 -66.72 18.23 9.64
C TYR W 236 -66.16 19.54 9.13
N GLU W 237 -66.51 20.61 9.82
CA GLU W 237 -65.85 21.90 9.64
C GLU W 237 -64.90 22.14 10.79
N ALA W 238 -64.07 23.15 10.64
CA ALA W 238 -62.92 23.33 11.54
C ALA W 238 -63.24 23.50 13.03
N PRO W 239 -64.27 24.24 13.48
CA PRO W 239 -64.56 24.25 14.93
C PRO W 239 -65.15 22.95 15.48
N GLU W 240 -65.55 22.00 14.63
CA GLU W 240 -66.03 20.72 15.13
C GLU W 240 -64.91 19.80 15.58
N PHE W 241 -63.67 20.06 15.16
CA PHE W 241 -62.50 19.40 15.70
C PHE W 241 -61.74 20.49 16.44
N ARG W 242 -62.18 20.76 17.66
CA ARG W 242 -61.50 21.67 18.56
C ARG W 242 -61.12 20.86 19.80
N ASN W 243 -59.83 20.73 20.04
CA ASN W 243 -59.36 19.84 21.08
C ASN W 243 -59.67 20.38 22.47
N ARG W 244 -60.26 19.55 23.29
CA ARG W 244 -60.48 19.84 24.69
C ARG W 244 -59.71 18.82 25.51
N PRO W 245 -58.98 19.23 26.56
CA PRO W 245 -58.74 20.58 27.10
C PRO W 245 -57.92 21.48 26.18
N GLN W 246 -57.91 22.79 26.49
CA GLN W 246 -57.50 23.80 25.54
C GLN W 246 -55.99 23.78 25.29
N ARG W 247 -55.61 23.73 24.02
CA ARG W 247 -54.21 23.75 23.62
C ARG W 247 -53.74 25.19 23.42
N TYR W 248 -52.55 25.47 23.92
CA TYR W 248 -51.92 26.77 23.72
C TYR W 248 -50.53 26.57 23.16
N ILE W 249 -50.13 27.45 22.26
CA ILE W 249 -48.75 27.55 21.82
C ILE W 249 -48.19 28.85 22.38
N VAL W 250 -47.08 28.75 23.12
CA VAL W 250 -46.31 29.91 23.52
C VAL W 250 -45.11 30.00 22.59
N HIS W 251 -45.16 30.96 21.68
CA HIS W 251 -44.18 31.12 20.62
C HIS W 251 -43.29 32.29 20.98
N THR W 252 -42.01 32.03 21.21
CA THR W 252 -41.04 33.08 21.51
C THR W 252 -39.86 32.98 20.56
N GLU W 253 -39.28 34.13 20.23
CA GLU W 253 -38.20 34.21 19.27
C GLU W 253 -36.95 34.76 19.94
N TRP W 254 -35.81 34.17 19.59
CA TRP W 254 -34.54 34.42 20.26
C TRP W 254 -33.45 34.54 19.23
N SER W 255 -32.42 35.31 19.55
CA SER W 255 -31.36 35.57 18.57
C SER W 255 -30.50 34.33 18.32
N ASP W 256 -30.31 33.48 19.32
CA ASP W 256 -29.57 32.24 19.19
C ASP W 256 -30.06 31.28 20.24
N THR W 257 -29.53 30.04 20.22
CA THR W 257 -30.02 29.03 21.15
C THR W 257 -29.50 29.24 22.56
N ASN W 258 -28.36 29.92 22.72
CA ASN W 258 -27.90 30.27 24.05
C ASN W 258 -28.80 31.31 24.69
N ALA W 259 -29.21 32.33 23.93
CA ALA W 259 -30.16 33.32 24.43
C ALA W 259 -31.51 32.67 24.72
N LEU W 260 -31.89 31.67 23.92
CA LEU W 260 -33.13 30.94 24.17
C LEU W 260 -33.04 30.15 25.47
N MET W 261 -31.93 29.44 25.69
CA MET W 261 -31.80 28.55 26.83
C MET W 261 -31.77 29.31 28.15
N PHE W 262 -31.01 30.40 28.22
CA PHE W 262 -30.98 31.18 29.44
C PHE W 262 -32.12 32.18 29.54
N GLY W 263 -32.73 32.56 28.43
CA GLY W 263 -33.87 33.45 28.46
C GLY W 263 -35.14 32.75 28.91
N LEU W 264 -35.46 31.62 28.26
CA LEU W 264 -36.58 30.79 28.71
C LEU W 264 -36.32 30.21 30.09
N GLY W 265 -35.05 29.95 30.41
CA GLY W 265 -34.66 29.43 31.70
C GLY W 265 -34.93 30.36 32.87
N ARG W 266 -35.24 31.63 32.61
CA ARG W 266 -35.60 32.58 33.67
C ARG W 266 -36.85 32.18 34.43
N VAL W 267 -37.73 31.35 33.84
CA VAL W 267 -38.86 30.80 34.58
C VAL W 267 -38.42 29.73 35.57
N LEU W 268 -37.17 29.30 35.52
CA LEU W 268 -36.60 28.36 36.48
C LEU W 268 -35.55 28.96 37.39
N ILE W 269 -34.76 29.93 36.91
CA ILE W 269 -33.59 30.39 37.65
C ILE W 269 -33.72 31.83 38.12
N TYR W 270 -34.64 32.62 37.59
CA TYR W 270 -34.85 33.99 38.04
C TYR W 270 -36.04 33.99 38.99
N PRO W 271 -35.84 34.27 40.28
CA PRO W 271 -36.92 34.05 41.26
C PRO W 271 -38.13 34.95 41.08
N GLU W 272 -37.99 36.15 40.53
CA GLU W 272 -39.16 37.00 40.30
C GLU W 272 -40.01 36.50 39.14
N VAL W 273 -39.39 36.00 38.08
CA VAL W 273 -40.13 35.44 36.96
C VAL W 273 -40.65 34.05 37.31
N ARG W 274 -39.95 33.35 38.20
CA ARG W 274 -40.33 32.00 38.60
C ARG W 274 -41.67 31.97 39.33
N GLN W 275 -41.96 32.99 40.16
CA GLN W 275 -43.28 33.05 40.80
C GLN W 275 -44.39 33.35 39.82
N ILE W 276 -44.10 34.12 38.77
CA ILE W 276 -45.09 34.41 37.75
C ILE W 276 -45.45 33.14 36.97
N HIS W 277 -44.43 32.41 36.52
CA HIS W 277 -44.64 31.22 35.72
C HIS W 277 -45.13 30.03 36.54
N ASP W 278 -45.03 30.10 37.87
CA ASP W 278 -45.63 29.07 38.72
C ASP W 278 -47.15 29.08 38.60
N LYS W 279 -47.75 30.25 38.35
CA LYS W 279 -49.18 30.32 38.14
C LYS W 279 -49.58 29.74 36.79
N VAL W 280 -48.68 29.79 35.81
CA VAL W 280 -48.91 29.11 34.54
C VAL W 280 -48.86 27.60 34.73
N LEU W 281 -47.88 27.12 35.50
CA LEU W 281 -47.69 25.68 35.71
C LEU W 281 -48.84 25.06 36.48
N ASP W 282 -49.50 25.82 37.34
CA ASP W 282 -50.64 25.33 38.10
C ASP W 282 -51.93 25.24 37.30
N THR W 283 -51.91 25.54 36.00
CA THR W 283 -53.07 25.38 35.14
C THR W 283 -52.90 24.27 34.12
N LEU W 284 -51.76 23.61 34.06
CA LEU W 284 -51.40 22.73 32.96
C LEU W 284 -51.75 21.28 33.27
N VAL W 285 -52.47 20.62 32.37
CA VAL W 285 -52.56 19.17 32.42
C VAL W 285 -51.45 18.52 31.60
N TYR W 286 -50.85 19.25 30.67
CA TYR W 286 -49.72 18.74 29.90
C TYR W 286 -48.78 19.89 29.61
N GLY W 287 -47.49 19.62 29.72
CA GLY W 287 -46.48 20.58 29.37
C GLY W 287 -45.79 21.17 30.58
N PRO W 288 -44.84 22.08 30.36
CA PRO W 288 -44.44 22.62 29.05
C PRO W 288 -43.40 21.78 28.31
N TYR W 289 -43.63 21.57 27.03
CA TYR W 289 -42.70 20.91 26.13
C TYR W 289 -42.33 21.89 25.04
N ILE W 290 -41.03 22.20 24.92
CA ILE W 290 -40.57 23.31 24.11
C ILE W 290 -39.71 22.75 22.98
N ARG W 291 -40.20 22.87 21.75
CA ARG W 291 -39.41 22.55 20.57
C ARG W 291 -38.64 23.77 20.11
N VAL W 292 -37.49 23.54 19.52
CA VAL W 292 -36.64 24.59 18.98
C VAL W 292 -36.78 24.56 17.47
N LEU W 293 -37.20 25.68 16.90
CA LEU W 293 -37.49 25.75 15.47
C LEU W 293 -36.59 26.77 14.79
N ASN W 294 -36.29 26.49 13.53
CA ASN W 294 -35.53 27.42 12.70
C ASN W 294 -36.44 27.99 11.64
N PRO W 295 -36.70 29.30 11.65
CA PRO W 295 -37.56 29.89 10.62
C PRO W 295 -36.85 30.14 9.30
N MET W 296 -36.80 29.13 8.43
CA MET W 296 -36.09 29.23 7.16
C MET W 296 -36.76 30.21 6.20
N MET W 297 -37.98 29.89 5.78
CA MET W 297 -38.68 30.63 4.74
C MET W 297 -39.77 31.47 5.37
N GLU W 298 -39.79 32.76 5.05
CA GLU W 298 -40.66 33.69 5.74
C GLU W 298 -41.35 34.64 4.78
N GLY W 299 -42.54 35.05 5.17
CA GLY W 299 -43.36 36.05 4.53
C GLY W 299 -43.51 37.26 5.43
N THR W 300 -42.39 37.83 5.88
CA THR W 300 -42.26 38.78 7.00
C THR W 300 -43.22 39.98 7.03
N TYR W 301 -43.92 40.24 5.94
CA TYR W 301 -44.96 41.26 5.87
C TYR W 301 -46.22 40.91 6.68
N TRP W 302 -46.31 39.72 7.28
CA TRP W 302 -47.41 39.45 8.21
C TRP W 302 -47.28 40.27 9.48
N ARG W 303 -46.06 40.64 9.86
CA ARG W 303 -45.86 41.52 10.99
C ARG W 303 -46.17 42.97 10.65
N GLU W 304 -46.13 43.34 9.37
CA GLU W 304 -46.60 44.66 8.96
C GLU W 304 -48.11 44.77 9.13
N TYR W 305 -48.84 43.68 8.86
CA TYR W 305 -50.28 43.67 9.12
C TYR W 305 -50.56 43.69 10.62
N LEU W 306 -49.74 42.99 11.40
CA LEU W 306 -49.97 42.90 12.84
C LEU W 306 -49.69 44.22 13.54
N ASN W 307 -48.59 44.88 13.17
CA ASN W 307 -48.17 46.11 13.83
C ASN W 307 -48.71 47.35 13.16
N GLU W 308 -49.42 47.20 12.03
CA GLU W 308 -50.09 48.29 11.30
C GLU W 308 -49.11 49.36 10.83
N TYR W 309 -47.91 48.93 10.46
CA TYR W 309 -46.82 49.81 10.11
C TYR W 309 -45.78 48.98 9.38
N HIS W 310 -45.14 49.56 8.36
CA HIS W 310 -44.09 48.87 7.62
C HIS W 310 -42.80 49.67 7.70
N LEU W 311 -41.73 49.04 7.22
CA LEU W 311 -40.34 49.54 7.25
C LEU W 311 -39.87 49.94 8.65
N PRO X 2 10.55 -58.84 -39.02
CA PRO X 2 10.62 -58.22 -40.35
C PRO X 2 10.51 -56.71 -40.26
N LYS X 3 10.61 -56.02 -41.40
CA LYS X 3 10.47 -54.58 -41.41
C LYS X 3 9.00 -54.20 -41.58
N PRO X 4 8.40 -53.51 -40.63
CA PRO X 4 7.01 -53.09 -40.80
C PRO X 4 6.89 -51.89 -41.72
N TYR X 5 5.64 -51.54 -42.03
CA TYR X 5 5.33 -50.32 -42.75
C TYR X 5 4.84 -49.28 -41.76
N VAL X 6 5.10 -48.02 -42.05
CA VAL X 6 4.80 -46.93 -41.14
C VAL X 6 3.76 -46.02 -41.76
N ALA X 7 2.70 -45.75 -41.02
CA ALA X 7 1.79 -44.63 -41.30
C ALA X 7 2.11 -43.52 -40.30
N ILE X 8 2.34 -42.32 -40.81
CA ILE X 8 2.67 -41.18 -39.96
C ILE X 8 1.53 -40.18 -40.06
N ASN X 9 0.73 -40.10 -39.00
CA ASN X 9 -0.38 -39.15 -38.95
C ASN X 9 0.14 -37.81 -38.44
N MET X 10 0.00 -36.77 -39.27
CA MET X 10 0.51 -35.45 -38.97
C MET X 10 -0.66 -34.49 -38.76
N VAL X 11 -0.71 -33.86 -37.60
CA VAL X 11 -1.71 -32.86 -37.27
C VAL X 11 -1.04 -31.66 -36.60
N GLU X 12 -1.60 -30.49 -36.82
CA GLU X 12 -1.26 -29.29 -36.06
C GLU X 12 -2.42 -28.98 -35.13
N VAL X 13 -2.14 -28.90 -33.83
CA VAL X 13 -3.16 -28.63 -32.83
C VAL X 13 -2.72 -27.41 -32.02
N ARG X 14 -3.67 -26.82 -31.31
CA ARG X 14 -3.37 -25.69 -30.44
C ARG X 14 -2.51 -26.12 -29.26
N ASN X 15 -1.65 -25.22 -28.80
CA ASN X 15 -0.81 -25.48 -27.62
C ASN X 15 -1.48 -24.81 -26.44
N ASP X 16 -2.40 -25.53 -25.80
CA ASP X 16 -3.17 -25.04 -24.66
C ASP X 16 -3.42 -26.24 -23.75
N PRO X 17 -3.78 -26.00 -22.47
CA PRO X 17 -4.05 -27.13 -21.58
C PRO X 17 -5.22 -28.03 -21.99
N LYS X 18 -6.15 -27.53 -22.81
CA LYS X 18 -7.21 -28.39 -23.30
C LYS X 18 -6.68 -29.48 -24.22
N THR X 19 -5.66 -29.17 -25.03
CA THR X 19 -5.09 -30.11 -25.98
C THR X 19 -4.37 -31.26 -25.27
N LEU X 20 -3.63 -30.95 -24.20
CA LEU X 20 -2.93 -32.02 -23.48
C LEU X 20 -3.88 -32.92 -22.69
N GLU X 21 -5.13 -32.51 -22.47
CA GLU X 21 -6.14 -33.46 -22.02
C GLU X 21 -6.50 -34.46 -23.11
N LEU X 22 -6.45 -34.03 -24.38
CA LEU X 22 -6.77 -34.91 -25.50
C LEU X 22 -5.68 -35.95 -25.75
N PHE X 23 -4.47 -35.74 -25.22
CA PHE X 23 -3.42 -36.75 -25.30
C PHE X 23 -3.77 -37.98 -24.48
N GLY X 24 -4.42 -37.78 -23.34
CA GLY X 24 -4.68 -38.86 -22.42
C GLY X 24 -6.10 -39.38 -22.44
N LYS X 25 -7.01 -38.67 -23.12
CA LYS X 25 -8.41 -39.08 -23.16
C LYS X 25 -8.88 -39.53 -24.53
N VAL X 26 -8.11 -39.30 -25.59
CA VAL X 26 -8.48 -39.70 -26.94
C VAL X 26 -7.41 -40.58 -27.58
N GLY X 27 -6.16 -40.15 -27.49
CA GLY X 27 -4.98 -40.93 -27.87
C GLY X 27 -4.94 -42.40 -27.50
N PRO X 28 -5.19 -42.76 -26.23
CA PRO X 28 -5.28 -44.20 -25.91
C PRO X 28 -6.46 -44.91 -26.56
N LYS X 29 -7.57 -44.22 -26.79
CA LYS X 29 -8.73 -44.87 -27.42
C LYS X 29 -8.47 -45.15 -28.89
N VAL X 30 -7.74 -44.26 -29.57
CA VAL X 30 -7.38 -44.48 -30.97
C VAL X 30 -6.46 -45.68 -31.10
N CYS X 31 -5.51 -45.82 -30.17
CA CYS X 31 -4.61 -46.97 -30.16
C CYS X 31 -5.35 -48.27 -29.87
N MET X 32 -6.41 -48.21 -29.06
CA MET X 32 -7.18 -49.41 -28.76
C MET X 32 -8.07 -49.83 -29.93
N VAL X 33 -8.61 -48.87 -30.68
CA VAL X 33 -9.37 -49.19 -31.88
C VAL X 33 -8.44 -49.73 -32.97
N THR X 34 -7.25 -49.14 -33.08
CA THR X 34 -6.26 -49.57 -34.05
C THR X 34 -5.76 -50.99 -33.76
N ALA X 35 -5.72 -51.38 -32.49
CA ALA X 35 -5.26 -52.71 -32.09
C ALA X 35 -6.31 -53.79 -32.28
N ARG X 36 -7.49 -53.47 -32.83
CA ARG X 36 -8.42 -54.51 -33.26
C ARG X 36 -7.91 -55.28 -34.47
N HIS X 37 -7.05 -54.68 -35.28
CA HIS X 37 -6.51 -55.32 -36.47
C HIS X 37 -5.28 -56.14 -36.12
N PRO X 38 -5.16 -57.36 -36.64
CA PRO X 38 -3.99 -58.20 -36.29
C PRO X 38 -2.69 -57.74 -36.96
N GLY X 39 -2.75 -56.97 -38.03
CA GLY X 39 -1.56 -56.44 -38.67
C GLY X 39 -0.92 -55.26 -37.97
N PHE X 40 -1.58 -54.73 -36.94
CA PHE X 40 -1.03 -53.65 -36.14
C PHE X 40 0.05 -54.20 -35.22
N VAL X 41 1.26 -53.66 -35.30
CA VAL X 41 2.36 -54.15 -34.48
C VAL X 41 2.89 -53.11 -33.52
N GLY X 42 2.36 -51.90 -33.50
CA GLY X 42 2.79 -50.93 -32.52
C GLY X 42 2.69 -49.51 -33.03
N PHE X 43 3.09 -48.58 -32.16
CA PHE X 43 2.96 -47.17 -32.46
C PHE X 43 4.06 -46.39 -31.73
N GLN X 44 4.23 -45.14 -32.14
CA GLN X 44 5.15 -44.22 -31.49
C GLN X 44 4.65 -42.81 -31.78
N ASN X 45 4.18 -42.12 -30.76
CA ASN X 45 3.57 -40.81 -30.93
C ASN X 45 4.55 -39.71 -30.53
N HIS X 46 4.62 -38.67 -31.34
CA HIS X 46 5.59 -37.60 -31.15
C HIS X 46 4.90 -36.25 -31.06
N VAL X 47 5.53 -35.35 -30.31
CA VAL X 47 5.23 -33.92 -30.34
C VAL X 47 6.50 -33.21 -30.78
N GLN X 48 6.38 -32.31 -31.75
CA GLN X 48 7.53 -31.52 -32.15
C GLN X 48 7.86 -30.50 -31.06
N ILE X 49 9.11 -30.50 -30.62
CA ILE X 49 9.56 -29.56 -29.60
C ILE X 49 10.50 -28.50 -30.18
N GLY X 50 10.94 -28.64 -31.42
CA GLY X 50 11.81 -27.64 -31.99
C GLY X 50 12.34 -28.06 -33.35
N VAL X 51 13.31 -27.29 -33.82
CA VAL X 51 13.93 -27.44 -35.13
C VAL X 51 15.44 -27.32 -34.92
N VAL X 52 16.21 -28.13 -35.61
CA VAL X 52 17.66 -27.98 -35.61
C VAL X 52 18.01 -26.72 -36.41
N PRO X 53 18.64 -25.72 -35.80
CA PRO X 53 18.87 -24.46 -36.50
C PRO X 53 20.00 -24.50 -37.53
N LEU X 54 20.96 -25.42 -37.34
CA LEU X 54 22.16 -25.57 -38.17
C LEU X 54 22.94 -24.26 -38.26
N GLY X 55 23.41 -23.80 -37.11
CA GLY X 55 23.99 -22.47 -37.02
C GLY X 55 22.91 -21.41 -37.08
N THR X 56 22.94 -20.56 -38.10
CA THR X 56 21.91 -19.54 -38.31
C THR X 56 21.10 -19.78 -39.58
N ARG X 57 21.06 -21.02 -40.07
CA ARG X 57 20.30 -21.31 -41.28
C ARG X 57 18.81 -21.14 -41.03
N TRP X 58 18.31 -21.70 -39.94
CA TRP X 58 17.02 -21.30 -39.38
C TRP X 58 17.31 -20.77 -37.98
N GLY X 59 17.75 -19.51 -37.92
CA GLY X 59 18.19 -18.92 -36.68
C GLY X 59 17.08 -18.48 -35.76
N GLY X 60 15.87 -18.36 -36.28
CA GLY X 60 14.71 -18.10 -35.44
C GLY X 60 14.16 -19.32 -34.75
N ALA X 61 14.72 -20.48 -35.05
CA ALA X 61 14.28 -21.74 -34.48
C ALA X 61 15.30 -22.25 -33.46
N LYS X 62 14.80 -22.98 -32.48
CA LYS X 62 15.62 -23.57 -31.43
C LYS X 62 15.25 -25.04 -31.32
N MET X 63 16.14 -25.82 -30.70
CA MET X 63 15.85 -27.23 -30.53
C MET X 63 14.78 -27.48 -29.47
N GLU X 64 14.69 -26.62 -28.47
CA GLU X 64 13.66 -26.70 -27.43
C GLU X 64 12.92 -25.37 -27.41
N MET X 65 11.86 -25.27 -28.23
CA MET X 65 11.07 -24.05 -28.31
C MET X 65 9.59 -24.30 -28.07
N SER X 66 9.24 -25.44 -27.45
CA SER X 66 7.84 -25.82 -27.34
C SER X 66 7.08 -25.01 -26.29
N GLN X 67 7.79 -24.41 -25.34
CA GLN X 67 7.14 -23.58 -24.33
C GLN X 67 6.65 -22.25 -24.90
N GLU X 68 7.13 -21.84 -26.07
CA GLU X 68 6.78 -20.55 -26.64
C GLU X 68 5.83 -20.64 -27.83
N MET X 69 5.55 -21.83 -28.34
CA MET X 69 4.75 -21.98 -29.55
C MET X 69 3.27 -21.98 -29.24
N HIS X 70 2.49 -21.37 -30.13
CA HIS X 70 1.03 -21.38 -30.00
C HIS X 70 0.41 -22.66 -30.50
N SER X 71 1.13 -23.42 -31.32
CA SER X 71 0.58 -24.61 -31.95
C SER X 71 1.59 -25.75 -31.88
N LEU X 72 1.09 -26.97 -31.80
CA LEU X 72 1.91 -28.16 -31.66
C LEU X 72 1.76 -29.04 -32.89
N MET X 73 2.89 -29.46 -33.45
CA MET X 73 2.93 -30.44 -34.50
C MET X 73 3.03 -31.83 -33.89
N LEU X 74 2.13 -32.74 -34.28
CA LEU X 74 2.12 -34.11 -33.79
C LEU X 74 2.43 -35.06 -34.94
N MET X 75 3.32 -36.01 -34.71
CA MET X 75 3.63 -37.08 -35.65
C MET X 75 3.34 -38.40 -34.98
N GLN X 76 2.25 -39.02 -35.36
CA GLN X 76 1.80 -40.25 -34.73
C GLN X 76 2.11 -41.42 -35.65
N TYR X 77 3.16 -42.18 -35.32
CA TYR X 77 3.55 -43.31 -36.14
C TYR X 77 2.69 -44.50 -35.74
N THR X 78 2.22 -45.24 -36.72
CA THR X 78 1.67 -46.57 -36.49
C THR X 78 2.41 -47.54 -37.39
N PHE X 79 2.66 -48.74 -36.87
CA PHE X 79 3.49 -49.72 -37.54
C PHE X 79 2.63 -50.91 -37.95
N TRP X 80 2.84 -51.40 -39.17
CA TRP X 80 1.94 -52.36 -39.79
C TRP X 80 2.73 -53.46 -40.49
N LYS X 81 2.21 -54.69 -40.44
CA LYS X 81 2.84 -55.81 -41.13
C LYS X 81 2.83 -55.61 -42.64
N ASN X 82 1.75 -55.05 -43.17
CA ASN X 82 1.69 -54.57 -44.54
C ASN X 82 0.90 -53.26 -44.54
N TRP X 83 1.18 -52.40 -45.52
CA TRP X 83 0.49 -51.13 -45.58
C TRP X 83 -0.98 -51.27 -45.94
N LYS X 84 -1.36 -52.39 -46.56
CA LYS X 84 -2.77 -52.66 -46.82
C LYS X 84 -3.53 -52.96 -45.54
N ASP X 85 -2.84 -53.45 -44.50
CA ASP X 85 -3.48 -53.66 -43.20
C ASP X 85 -3.91 -52.35 -42.57
N HIS X 86 -3.18 -51.27 -42.83
CA HIS X 86 -3.57 -49.96 -42.31
C HIS X 86 -4.79 -49.43 -43.04
N GLU X 87 -4.86 -49.63 -44.37
CA GLU X 87 -6.03 -49.18 -45.12
C GLU X 87 -7.25 -50.04 -44.81
N GLU X 88 -7.05 -51.34 -44.57
CA GLU X 88 -8.16 -52.19 -44.16
C GLU X 88 -8.64 -51.85 -42.75
N MET X 89 -7.73 -51.44 -41.87
CA MET X 89 -8.12 -51.05 -40.52
C MET X 89 -8.99 -49.81 -40.53
N HIS X 90 -8.64 -48.81 -41.34
CA HIS X 90 -9.40 -47.57 -41.37
C HIS X 90 -10.79 -47.76 -41.96
N LYS X 91 -10.93 -48.68 -42.92
CA LYS X 91 -12.25 -48.90 -43.49
C LYS X 91 -13.15 -49.69 -42.55
N GLN X 92 -12.60 -50.69 -41.86
CA GLN X 92 -13.41 -51.54 -40.99
C GLN X 92 -13.78 -50.85 -39.69
N ASN X 93 -12.97 -49.89 -39.23
CA ASN X 93 -13.20 -49.21 -37.97
C ASN X 93 -13.49 -47.73 -38.19
N TRP X 94 -14.16 -47.41 -39.30
CA TRP X 94 -14.27 -46.02 -39.73
C TRP X 94 -15.16 -45.20 -38.81
N ALA X 95 -16.26 -45.77 -38.32
CA ALA X 95 -17.16 -45.02 -37.45
C ALA X 95 -16.51 -44.68 -36.11
N ASN X 96 -15.80 -45.64 -35.51
CA ASN X 96 -15.15 -45.37 -34.22
C ASN X 96 -13.99 -44.40 -34.38
N LEU X 97 -13.23 -44.51 -35.47
CA LEU X 97 -12.05 -43.68 -35.65
C LEU X 97 -12.42 -42.26 -36.05
N PHE X 98 -13.46 -42.09 -36.86
CA PHE X 98 -13.94 -40.74 -37.21
C PHE X 98 -14.45 -40.00 -35.99
N ARG X 99 -15.16 -40.70 -35.11
CA ARG X 99 -15.72 -40.08 -33.92
C ARG X 99 -14.64 -39.68 -32.93
N LEU X 100 -13.59 -40.48 -32.83
CA LEU X 100 -12.48 -40.14 -31.94
C LEU X 100 -11.66 -38.97 -32.49
N CYS X 101 -11.48 -38.92 -33.82
CA CYS X 101 -10.71 -37.85 -34.43
C CYS X 101 -11.43 -36.52 -34.34
N LEU X 102 -12.77 -36.54 -34.33
CA LEU X 102 -13.55 -35.32 -34.19
C LEU X 102 -13.67 -34.85 -32.76
N GLN X 103 -13.17 -35.62 -31.78
CA GLN X 103 -13.05 -35.08 -30.44
C GLN X 103 -11.90 -34.09 -30.33
N CYS X 104 -10.93 -34.16 -31.25
CA CYS X 104 -9.80 -33.24 -31.30
C CYS X 104 -10.07 -32.06 -32.23
N ALA X 105 -11.32 -31.88 -32.64
CA ALA X 105 -11.64 -30.96 -33.73
C ALA X 105 -11.50 -29.50 -33.30
N ASP X 106 -11.95 -29.16 -32.10
CA ASP X 106 -11.86 -27.78 -31.63
C ASP X 106 -10.45 -27.36 -31.24
N GLN X 107 -9.47 -28.27 -31.31
CA GLN X 107 -8.06 -27.93 -31.15
C GLN X 107 -7.28 -27.96 -32.45
N MET X 108 -7.81 -28.61 -33.49
CA MET X 108 -7.04 -28.87 -34.70
C MET X 108 -6.93 -27.64 -35.58
N ILE X 109 -5.73 -27.40 -36.09
CA ILE X 109 -5.44 -26.26 -36.93
C ILE X 109 -5.16 -26.68 -38.37
N TRP X 110 -4.36 -27.72 -38.56
CA TRP X 110 -4.05 -28.25 -39.87
C TRP X 110 -4.07 -29.77 -39.77
N GLY X 111 -4.48 -30.42 -40.85
CA GLY X 111 -4.48 -31.85 -40.90
C GLY X 111 -5.86 -32.46 -40.69
N PRO X 112 -5.94 -33.79 -40.53
CA PRO X 112 -4.84 -34.77 -40.53
C PRO X 112 -4.32 -35.11 -41.92
N TYR X 113 -3.04 -35.47 -41.97
CA TYR X 113 -2.37 -35.82 -43.20
C TYR X 113 -1.53 -37.04 -42.89
N GLU X 114 -1.85 -38.18 -43.51
CA GLU X 114 -1.20 -39.45 -43.17
C GLU X 114 -0.50 -40.05 -44.39
N PRO X 115 0.75 -39.70 -44.64
CA PRO X 115 1.54 -40.43 -45.63
C PRO X 115 1.95 -41.81 -45.11
N LEU X 116 2.08 -42.74 -46.04
CA LEU X 116 2.50 -44.11 -45.73
C LEU X 116 3.95 -44.29 -46.14
N TYR X 117 4.69 -45.05 -45.33
CA TYR X 117 6.13 -45.18 -45.52
C TYR X 117 6.55 -46.63 -45.50
N GLU X 118 7.58 -46.92 -46.28
CA GLU X 118 8.29 -48.19 -46.26
C GLU X 118 9.63 -47.98 -45.58
N ILE X 119 10.01 -48.92 -44.72
CA ILE X 119 11.29 -48.84 -44.03
C ILE X 119 12.38 -49.35 -44.98
N VAL X 120 13.26 -48.46 -45.40
CA VAL X 120 14.37 -48.83 -46.26
C VAL X 120 15.50 -49.46 -45.44
N TYR X 121 15.86 -48.82 -44.33
CA TYR X 121 16.90 -49.27 -43.44
C TYR X 121 16.39 -49.11 -42.02
N ALA X 122 16.81 -50.01 -41.13
CA ALA X 122 16.44 -49.87 -39.73
C ALA X 122 17.56 -50.38 -38.85
N ASN X 123 17.98 -49.54 -37.91
CA ASN X 123 18.79 -49.94 -36.76
C ASN X 123 18.05 -49.37 -35.56
N MET X 124 17.06 -50.08 -35.07
CA MET X 124 16.21 -49.58 -33.99
C MET X 124 16.17 -50.63 -32.89
N PRO X 125 16.86 -50.41 -31.78
CA PRO X 125 16.94 -51.40 -30.72
C PRO X 125 15.65 -51.49 -29.92
N LEU X 126 15.62 -52.47 -29.04
CA LEU X 126 14.54 -52.61 -28.08
C LEU X 126 14.61 -51.49 -27.05
N ASN X 127 13.45 -50.93 -26.72
CA ASN X 127 13.39 -49.91 -25.68
C ASN X 127 13.55 -50.56 -24.32
N THR X 128 14.51 -50.07 -23.54
CA THR X 128 14.72 -50.51 -22.17
C THR X 128 14.76 -49.31 -21.25
N GLU X 129 14.19 -49.47 -20.06
CA GLU X 129 14.38 -48.50 -19.00
C GLU X 129 15.77 -48.67 -18.39
N MET X 130 16.12 -47.74 -17.50
CA MET X 130 17.38 -47.86 -16.77
C MET X 130 17.34 -48.97 -15.72
N THR X 131 16.15 -49.47 -15.37
CA THR X 131 16.04 -50.62 -14.50
C THR X 131 16.15 -51.94 -15.25
N ASP X 132 16.12 -51.92 -16.57
CA ASP X 132 16.05 -53.14 -17.37
C ASP X 132 17.37 -53.53 -18.01
N PHE X 133 18.45 -52.75 -17.85
CA PHE X 133 19.67 -53.06 -18.59
C PHE X 133 20.39 -54.28 -18.03
N THR X 134 20.17 -54.62 -16.76
CA THR X 134 20.73 -55.84 -16.20
C THR X 134 20.13 -57.08 -16.86
N VAL X 135 18.85 -57.03 -17.22
CA VAL X 135 18.24 -58.13 -17.96
C VAL X 135 18.78 -58.16 -19.38
N MET X 136 19.01 -57.00 -19.97
CA MET X 136 19.41 -56.92 -21.37
C MET X 136 20.82 -57.44 -21.59
N VAL X 137 21.78 -56.97 -20.77
CA VAL X 137 23.14 -57.44 -20.92
C VAL X 137 23.30 -58.86 -20.40
N GLY X 138 22.43 -59.31 -19.50
CA GLY X 138 22.52 -60.68 -19.03
C GLY X 138 22.06 -61.68 -20.06
N LYS X 139 21.03 -61.32 -20.83
CA LYS X 139 20.53 -62.21 -21.87
C LYS X 139 21.48 -62.25 -23.06
N LYS X 140 22.12 -61.13 -23.39
CA LYS X 140 23.03 -61.09 -24.52
C LYS X 140 24.37 -61.73 -24.20
N PHE X 141 24.80 -61.70 -22.94
CA PHE X 141 26.02 -62.41 -22.58
C PHE X 141 25.79 -63.92 -22.52
N ALA X 142 24.60 -64.34 -22.11
CA ALA X 142 24.31 -65.77 -22.03
C ALA X 142 24.14 -66.37 -23.41
N ALA X 143 23.75 -65.56 -24.39
CA ALA X 143 23.60 -66.02 -25.77
C ALA X 143 24.85 -65.83 -26.60
N GLY X 144 25.94 -65.35 -26.00
CA GLY X 144 27.17 -65.11 -26.73
C GLY X 144 27.11 -63.96 -27.71
N GLU X 145 26.25 -62.98 -27.47
CA GLU X 145 26.11 -61.84 -28.36
C GLU X 145 26.46 -60.54 -27.63
N ALA X 146 27.59 -60.52 -26.93
CA ALA X 146 28.03 -59.31 -26.25
C ALA X 146 28.41 -58.21 -27.22
N VAL X 147 28.83 -58.56 -28.44
CA VAL X 147 29.23 -57.56 -29.41
C VAL X 147 28.03 -56.80 -29.97
N SER X 148 26.82 -57.34 -29.83
CA SER X 148 25.60 -56.71 -30.33
C SER X 148 24.69 -56.25 -29.19
N ILE X 149 25.29 -55.76 -28.11
CA ILE X 149 24.51 -55.20 -27.01
C ILE X 149 24.10 -53.78 -27.40
N PRO X 150 22.80 -53.46 -27.38
CA PRO X 150 22.35 -52.17 -27.86
C PRO X 150 22.49 -51.10 -26.80
N PRO X 151 22.41 -49.82 -27.15
CA PRO X 151 22.37 -48.77 -26.14
C PRO X 151 21.03 -48.74 -25.41
N ILE X 152 21.03 -48.12 -24.24
CA ILE X 152 19.82 -48.02 -23.42
C ILE X 152 18.94 -46.93 -24.02
N SER X 153 17.87 -47.33 -24.69
CA SER X 153 16.93 -46.41 -25.32
C SER X 153 15.71 -46.32 -24.43
N GLN X 154 15.61 -45.25 -23.67
CA GLN X 154 14.57 -45.14 -22.65
C GLN X 154 13.24 -44.72 -23.27
N PRO X 155 12.15 -45.41 -22.97
CA PRO X 155 10.86 -45.04 -23.56
C PRO X 155 10.19 -43.88 -22.82
N TYR X 156 9.10 -43.40 -23.42
CA TYR X 156 8.12 -42.49 -22.82
C TYR X 156 8.74 -41.14 -22.43
N GLY X 157 9.23 -40.44 -23.45
CA GLY X 157 9.63 -39.06 -23.31
C GLY X 157 11.04 -38.82 -22.82
N LYS X 158 11.86 -39.86 -22.66
CA LYS X 158 13.20 -39.72 -22.12
C LYS X 158 14.28 -39.71 -23.18
N ARG X 159 13.90 -39.47 -24.44
CA ARG X 159 14.87 -39.31 -25.51
C ARG X 159 14.26 -38.35 -26.52
N VAL X 160 15.04 -37.99 -27.53
CA VAL X 160 14.56 -37.07 -28.56
C VAL X 160 14.73 -37.73 -29.92
N VAL X 161 13.94 -37.26 -30.87
CA VAL X 161 13.92 -37.79 -32.23
C VAL X 161 14.24 -36.65 -33.18
N ALA X 162 15.18 -36.89 -34.09
CA ALA X 162 15.45 -36.01 -35.20
C ALA X 162 14.68 -36.49 -36.41
N PHE X 163 13.78 -35.66 -36.91
CA PHE X 163 12.87 -35.97 -38.01
C PHE X 163 13.40 -35.26 -39.25
N GLY X 164 14.17 -35.97 -40.06
CA GLY X 164 14.86 -35.37 -41.19
C GLY X 164 14.17 -35.53 -42.52
N GLU X 165 13.64 -34.43 -43.04
CA GLU X 165 12.88 -34.47 -44.29
C GLU X 165 13.82 -34.28 -45.48
N HIS X 166 13.76 -35.19 -46.43
CA HIS X 166 14.60 -35.15 -47.63
C HIS X 166 13.72 -35.42 -48.84
N ILE X 167 13.81 -34.56 -49.85
CA ILE X 167 13.16 -34.81 -51.14
C ILE X 167 14.26 -34.99 -52.17
N VAL X 168 14.25 -36.14 -52.84
CA VAL X 168 15.36 -36.60 -53.66
C VAL X 168 14.95 -36.50 -55.13
N LYS X 169 15.84 -35.96 -55.96
CA LYS X 169 15.65 -35.84 -57.40
C LYS X 169 15.36 -37.18 -58.05
N GLU X 170 14.57 -37.14 -59.13
CA GLU X 170 14.24 -38.32 -59.91
C GLU X 170 15.49 -38.95 -60.52
N GLY X 171 15.70 -40.22 -60.25
CA GLY X 171 16.85 -40.95 -60.73
C GLY X 171 17.99 -41.07 -59.75
N LEU X 172 18.00 -40.25 -58.70
CA LEU X 172 19.05 -40.28 -57.69
C LEU X 172 18.60 -40.95 -56.39
N GLU X 173 17.53 -41.75 -56.44
CA GLU X 173 17.05 -42.42 -55.23
C GLU X 173 17.97 -43.54 -54.80
N ASN X 174 18.65 -44.20 -55.75
CA ASN X 174 19.61 -45.23 -55.38
C ASN X 174 20.86 -44.65 -54.75
N GLN X 175 21.26 -43.45 -55.18
CA GLN X 175 22.42 -42.81 -54.56
C GLN X 175 22.08 -42.27 -53.18
N PHE X 176 20.86 -41.79 -52.97
CA PHE X 176 20.46 -41.34 -51.64
C PHE X 176 20.48 -42.48 -50.65
N GLU X 177 19.83 -43.60 -50.98
CA GLU X 177 19.65 -44.69 -50.03
C GLU X 177 20.98 -45.35 -49.70
N GLU X 178 21.93 -45.37 -50.63
CA GLU X 178 23.23 -45.97 -50.34
C GLU X 178 24.01 -45.14 -49.32
N TYR X 179 24.06 -43.83 -49.51
CA TYR X 179 24.88 -42.98 -48.66
C TYR X 179 24.16 -42.45 -47.43
N ALA X 180 22.83 -42.43 -47.43
CA ALA X 180 22.13 -42.14 -46.18
C ALA X 180 22.23 -43.30 -45.21
N ILE X 181 22.34 -44.53 -45.73
CA ILE X 181 22.61 -45.68 -44.88
C ILE X 181 24.00 -45.58 -44.28
N LYS X 182 24.99 -45.21 -45.10
CA LYS X 182 26.36 -45.04 -44.61
C LYS X 182 26.48 -43.90 -43.61
N THR X 183 25.62 -42.88 -43.73
CA THR X 183 25.60 -41.81 -42.74
C THR X 183 25.04 -42.31 -41.41
N LEU X 184 24.03 -43.17 -41.46
CA LEU X 184 23.45 -43.68 -40.23
C LEU X 184 24.32 -44.74 -39.57
N GLU X 185 25.13 -45.46 -40.34
CA GLU X 185 26.13 -46.33 -39.73
C GLU X 185 27.25 -45.54 -39.09
N ALA X 186 27.56 -44.36 -39.63
CA ALA X 186 28.55 -43.48 -39.03
C ALA X 186 28.05 -42.85 -37.74
N PHE X 187 26.72 -42.71 -37.57
CA PHE X 187 26.18 -42.18 -36.34
C PHE X 187 26.33 -43.14 -35.17
N ARG X 188 26.59 -44.42 -35.43
CA ARG X 188 26.81 -45.40 -34.36
C ARG X 188 28.00 -45.03 -33.47
N SER X 189 28.97 -44.29 -34.01
CA SER X 189 30.08 -43.82 -33.22
C SER X 189 29.76 -42.60 -32.36
N ALA X 190 28.66 -41.90 -32.67
CA ALA X 190 28.36 -40.67 -31.95
C ALA X 190 27.83 -40.97 -30.55
N PRO X 191 28.23 -40.20 -29.55
CA PRO X 191 27.70 -40.41 -28.19
C PRO X 191 26.23 -40.04 -28.11
N GLY X 192 25.47 -40.89 -27.44
CA GLY X 192 24.05 -40.68 -27.29
C GLY X 192 23.21 -41.09 -28.46
N PHE X 193 23.78 -41.67 -29.51
CA PHE X 193 22.99 -42.18 -30.61
C PHE X 193 22.26 -43.43 -30.18
N LEU X 194 20.94 -43.42 -30.32
CA LEU X 194 20.11 -44.51 -29.86
C LEU X 194 19.54 -45.34 -30.98
N GLY X 195 19.83 -45.01 -32.24
CA GLY X 195 19.35 -45.78 -33.36
C GLY X 195 18.67 -44.92 -34.39
N GLY X 196 18.42 -45.54 -35.54
CA GLY X 196 17.94 -44.79 -36.68
C GLY X 196 17.26 -45.66 -37.71
N MET X 197 16.40 -45.02 -38.51
CA MET X 197 15.77 -45.70 -39.63
C MET X 197 15.54 -44.70 -40.75
N ILE X 198 15.42 -45.23 -41.97
CA ILE X 198 15.18 -44.43 -43.17
C ILE X 198 13.83 -44.84 -43.72
N LEU X 199 12.92 -43.87 -43.85
CA LEU X 199 11.57 -44.12 -44.30
C LEU X 199 11.38 -43.54 -45.71
N LYS X 200 10.72 -44.30 -46.57
CA LYS X 200 10.47 -43.92 -47.95
C LYS X 200 8.97 -43.85 -48.17
N GLU X 201 8.48 -42.67 -48.58
CA GLU X 201 7.05 -42.48 -48.77
C GLU X 201 6.54 -43.25 -49.98
N ILE X 202 5.49 -44.03 -49.77
CA ILE X 202 4.91 -44.87 -50.81
C ILE X 202 3.45 -44.53 -51.10
N GLY X 203 2.88 -43.57 -50.40
CA GLY X 203 1.49 -43.24 -50.60
C GLY X 203 0.97 -42.41 -49.45
N VAL X 204 -0.29 -42.00 -49.58
CA VAL X 204 -1.01 -41.24 -48.56
C VAL X 204 -2.35 -41.90 -48.33
N SER X 205 -2.65 -42.23 -47.08
CA SER X 205 -3.93 -42.82 -46.71
C SER X 205 -5.07 -41.83 -46.90
N PRO X 206 -6.09 -42.14 -47.70
CA PRO X 206 -7.21 -41.19 -47.83
C PRO X 206 -8.10 -41.09 -46.60
N LEU X 207 -8.42 -42.22 -45.97
CA LEU X 207 -9.28 -42.18 -44.79
C LEU X 207 -8.57 -41.59 -43.59
N GLY X 208 -7.27 -41.86 -43.45
CA GLY X 208 -6.48 -41.24 -42.42
C GLY X 208 -6.26 -39.75 -42.61
N SER X 209 -6.42 -39.26 -43.84
CA SER X 209 -6.30 -37.83 -44.12
C SER X 209 -7.65 -37.14 -44.20
N LEU X 210 -8.74 -37.86 -43.89
CA LEU X 210 -10.13 -37.38 -43.99
C LEU X 210 -10.45 -36.86 -45.40
N GLN X 211 -9.94 -37.55 -46.41
CA GLN X 211 -10.14 -37.15 -47.80
C GLN X 211 -11.15 -38.10 -48.42
N LEU X 212 -12.39 -37.65 -48.49
CA LEU X 212 -13.50 -38.39 -49.08
C LEU X 212 -13.90 -37.73 -50.39
N ASN X 213 -14.94 -38.25 -51.02
CA ASN X 213 -15.51 -37.62 -52.19
C ASN X 213 -16.37 -36.42 -51.75
N ALA X 214 -17.12 -35.83 -52.68
CA ALA X 214 -17.84 -34.60 -52.40
C ALA X 214 -18.96 -34.80 -51.39
N LYS X 215 -19.64 -35.95 -51.45
CA LYS X 215 -20.68 -36.22 -50.48
C LYS X 215 -20.09 -36.50 -49.10
N GLY X 216 -18.97 -37.22 -49.06
CA GLY X 216 -18.33 -37.50 -47.79
C GLY X 216 -17.71 -36.28 -47.14
N PHE X 217 -17.17 -35.37 -47.95
CA PHE X 217 -16.57 -34.14 -47.41
C PHE X 217 -17.62 -33.25 -46.77
N HIS X 218 -18.82 -33.19 -47.37
CA HIS X 218 -19.88 -32.38 -46.79
C HIS X 218 -20.42 -33.00 -45.51
N GLN X 219 -20.45 -34.33 -45.42
CA GLN X 219 -20.89 -34.97 -44.19
C GLN X 219 -19.89 -34.79 -43.05
N ILE X 220 -18.61 -34.61 -43.39
CA ILE X 220 -17.62 -34.28 -42.36
C ILE X 220 -17.89 -32.90 -41.79
N LEU X 221 -18.19 -31.92 -42.65
CA LEU X 221 -18.47 -30.57 -42.18
C LEU X 221 -19.81 -30.47 -41.46
N GLU X 222 -20.77 -31.32 -41.81
CA GLU X 222 -22.14 -31.16 -41.32
C GLU X 222 -22.40 -31.91 -40.02
N THR X 223 -21.56 -32.85 -39.63
CA THR X 223 -21.91 -33.76 -38.55
C THR X 223 -21.77 -33.09 -37.19
N ALA X 224 -22.62 -33.53 -36.26
CA ALA X 224 -22.58 -33.07 -34.87
C ALA X 224 -21.78 -34.09 -34.09
N ASN X 225 -20.51 -33.76 -33.83
CA ASN X 225 -19.56 -34.54 -33.03
C ASN X 225 -19.31 -35.94 -33.58
N GLY X 226 -19.57 -36.17 -34.86
CA GLY X 226 -19.33 -37.46 -35.45
C GLY X 226 -20.46 -38.46 -35.35
N MET X 227 -21.60 -38.09 -34.75
CA MET X 227 -22.75 -39.00 -34.66
C MET X 227 -23.28 -39.35 -36.04
N ASP X 228 -23.16 -38.43 -36.99
CA ASP X 228 -23.56 -38.63 -38.37
C ASP X 228 -22.31 -39.03 -39.14
N VAL X 229 -22.12 -40.33 -39.33
CA VAL X 229 -20.86 -40.84 -39.89
C VAL X 229 -20.92 -40.74 -41.42
N PRO X 230 -19.92 -40.15 -42.06
CA PRO X 230 -19.91 -40.13 -43.52
C PRO X 230 -19.65 -41.51 -44.09
N GLU X 231 -20.18 -41.73 -45.28
CA GLU X 231 -19.89 -42.95 -46.01
C GLU X 231 -18.44 -42.90 -46.47
N PRO X 232 -17.60 -43.87 -46.11
CA PRO X 232 -16.15 -43.75 -46.37
C PRO X 232 -15.76 -44.11 -47.80
N VAL X 233 -16.31 -43.36 -48.75
CA VAL X 233 -15.99 -43.52 -50.17
C VAL X 233 -14.98 -42.45 -50.54
N THR X 234 -13.82 -42.88 -51.01
CA THR X 234 -12.77 -41.98 -51.47
C THR X 234 -12.66 -42.06 -52.98
N ILE X 235 -12.01 -41.05 -53.56
CA ILE X 235 -11.81 -41.04 -55.00
C ILE X 235 -10.48 -41.64 -55.40
N TYR X 236 -9.63 -42.01 -54.44
CA TYR X 236 -8.33 -42.57 -54.73
C TYR X 236 -7.97 -43.58 -53.66
N GLU X 237 -7.06 -44.47 -54.02
CA GLU X 237 -6.40 -45.33 -53.04
C GLU X 237 -5.00 -44.80 -52.79
N ALA X 238 -4.37 -45.34 -51.75
CA ALA X 238 -3.13 -44.75 -51.22
C ALA X 238 -1.96 -44.64 -52.20
N PRO X 239 -1.64 -45.62 -53.07
CA PRO X 239 -0.55 -45.37 -54.05
C PRO X 239 -0.89 -44.36 -55.15
N GLU X 240 -2.16 -43.95 -55.30
CA GLU X 240 -2.48 -42.94 -56.29
C GLU X 240 -2.11 -41.54 -55.84
N PHE X 241 -1.89 -41.32 -54.55
CA PHE X 241 -1.31 -40.09 -54.03
C PHE X 241 0.06 -40.48 -53.50
N ARG X 242 1.01 -40.60 -54.41
CA ARG X 242 2.41 -40.83 -54.06
C ARG X 242 3.19 -39.65 -54.60
N ASN X 243 3.81 -38.90 -53.70
CA ASN X 243 4.44 -37.64 -54.08
C ASN X 243 5.69 -37.89 -54.89
N ARG X 244 5.79 -37.21 -56.03
CA ARG X 244 6.98 -37.19 -56.83
C ARG X 244 7.49 -35.75 -56.89
N PRO X 245 8.79 -35.50 -56.71
CA PRO X 245 9.92 -36.41 -56.43
C PRO X 245 9.87 -37.06 -55.05
N GLN X 246 10.70 -38.09 -54.85
CA GLN X 246 10.52 -39.04 -53.76
C GLN X 246 10.86 -38.41 -52.40
N ARG X 247 9.93 -38.54 -51.46
CA ARG X 247 10.13 -38.04 -50.10
C ARG X 247 10.77 -39.12 -49.24
N TYR X 248 11.74 -38.71 -48.44
CA TYR X 248 12.37 -39.59 -47.48
C TYR X 248 12.34 -38.96 -46.11
N ILE X 249 12.13 -39.78 -45.09
CA ILE X 249 12.32 -39.37 -43.71
C ILE X 249 13.56 -40.08 -43.19
N VAL X 250 14.51 -39.31 -42.68
CA VAL X 250 15.65 -39.85 -41.95
C VAL X 250 15.35 -39.65 -40.47
N HIS X 251 15.02 -40.73 -39.79
CA HIS X 251 14.57 -40.72 -38.41
C HIS X 251 15.71 -41.23 -37.54
N THR X 252 16.25 -40.38 -36.68
CA THR X 252 17.32 -40.77 -35.76
C THR X 252 16.93 -40.41 -34.34
N GLU X 253 17.38 -41.23 -33.39
CA GLU X 253 17.01 -41.08 -31.99
C GLU X 253 18.26 -40.82 -31.16
N TRP X 254 18.13 -39.90 -30.21
CA TRP X 254 19.26 -39.38 -29.45
C TRP X 254 18.86 -39.27 -27.99
N SER X 255 19.84 -39.39 -27.10
CA SER X 255 19.54 -39.40 -25.68
C SER X 255 19.10 -38.03 -25.17
N ASP X 256 19.61 -36.95 -25.75
CA ASP X 256 19.22 -35.60 -25.40
C ASP X 256 19.48 -34.71 -26.60
N THR X 257 19.10 -33.43 -26.48
CA THR X 257 19.24 -32.52 -27.63
C THR X 257 20.68 -32.10 -27.86
N ASN X 258 21.52 -32.14 -26.83
CA ASN X 258 22.94 -31.87 -27.03
C ASN X 258 23.60 -33.00 -27.82
N ALA X 259 23.27 -34.25 -27.49
CA ALA X 259 23.78 -35.39 -28.26
C ALA X 259 23.24 -35.35 -29.69
N LEU X 260 22.00 -34.88 -29.86
CA LEU X 260 21.44 -34.73 -31.20
C LEU X 260 22.18 -33.67 -32.00
N MET X 261 22.45 -32.51 -31.38
CA MET X 261 23.04 -31.39 -32.09
C MET X 261 24.46 -31.68 -32.54
N PHE X 262 25.28 -32.26 -31.66
CA PHE X 262 26.64 -32.58 -32.04
C PHE X 262 26.75 -33.92 -32.77
N GLY X 263 25.78 -34.81 -32.60
CA GLY X 263 25.78 -36.07 -33.32
C GLY X 263 25.38 -35.92 -34.76
N LEU X 264 24.24 -35.26 -35.00
CA LEU X 264 23.84 -34.93 -36.37
C LEU X 264 24.79 -33.94 -37.01
N GLY X 265 25.41 -33.08 -36.21
CA GLY X 265 26.39 -32.11 -36.68
C GLY X 265 27.65 -32.71 -37.24
N ARG X 266 27.89 -34.01 -37.03
CA ARG X 266 29.04 -34.70 -37.61
C ARG X 266 29.03 -34.71 -39.13
N VAL X 267 27.86 -34.55 -39.76
CA VAL X 267 27.81 -34.37 -41.21
C VAL X 267 28.31 -33.01 -41.64
N LEU X 268 28.54 -32.10 -40.70
CA LEU X 268 29.12 -30.79 -40.98
C LEU X 268 30.51 -30.59 -40.41
N ILE X 269 30.84 -31.20 -39.27
CA ILE X 269 32.06 -30.89 -38.57
C ILE X 269 33.05 -32.05 -38.52
N TYR X 270 32.62 -33.27 -38.80
CA TYR X 270 33.53 -34.42 -38.84
C TYR X 270 33.86 -34.69 -40.29
N PRO X 271 35.12 -34.51 -40.71
CA PRO X 271 35.43 -34.53 -42.15
C PRO X 271 35.24 -35.89 -42.82
N GLU X 272 35.38 -37.00 -42.10
CA GLU X 272 35.14 -38.30 -42.72
C GLU X 272 33.66 -38.56 -42.96
N VAL X 273 32.79 -38.14 -42.05
CA VAL X 273 31.35 -38.28 -42.24
C VAL X 273 30.83 -37.23 -43.21
N ARG X 274 31.51 -36.08 -43.27
CA ARG X 274 31.11 -34.99 -44.15
C ARG X 274 31.21 -35.36 -45.62
N GLN X 275 32.22 -36.15 -46.01
CA GLN X 275 32.31 -36.60 -47.40
C GLN X 275 31.22 -37.62 -47.73
N ILE X 276 30.81 -38.43 -46.75
CA ILE X 276 29.74 -39.39 -46.97
C ILE X 276 28.42 -38.66 -47.21
N HIS X 277 28.09 -37.71 -46.33
CA HIS X 277 26.83 -36.99 -46.42
C HIS X 277 26.80 -35.97 -47.55
N ASP X 278 27.96 -35.63 -48.13
CA ASP X 278 27.97 -34.80 -49.33
C ASP X 278 27.33 -35.51 -50.51
N LYS X 279 27.43 -36.84 -50.56
CA LYS X 279 26.76 -37.59 -51.61
C LYS X 279 25.25 -37.62 -51.41
N VAL X 280 24.80 -37.54 -50.16
CA VAL X 280 23.38 -37.39 -49.88
C VAL X 280 22.88 -36.02 -50.34
N LEU X 281 23.66 -34.97 -50.06
CA LEU X 281 23.26 -33.60 -50.38
C LEU X 281 23.20 -33.37 -51.89
N ASP X 282 24.00 -34.10 -52.66
CA ASP X 282 24.00 -33.97 -54.11
C ASP X 282 22.82 -34.68 -54.78
N THR X 283 21.90 -35.27 -54.03
CA THR X 283 20.70 -35.88 -54.59
C THR X 283 19.43 -35.12 -54.23
N LEU X 284 19.51 -34.07 -53.43
CA LEU X 284 18.35 -33.45 -52.82
C LEU X 284 17.84 -32.27 -53.64
N VAL X 285 16.55 -32.27 -53.96
CA VAL X 285 15.91 -31.06 -54.44
C VAL X 285 15.36 -30.22 -53.28
N TYR X 286 15.13 -30.83 -52.12
CA TYR X 286 14.68 -30.10 -50.95
C TYR X 286 15.30 -30.75 -49.72
N GLY X 287 15.74 -29.91 -48.79
CA GLY X 287 16.25 -30.38 -47.53
C GLY X 287 17.75 -30.26 -47.43
N PRO X 288 18.32 -30.68 -46.29
CA PRO X 288 17.63 -31.31 -45.16
C PRO X 288 17.04 -30.33 -44.15
N TYR X 289 15.80 -30.59 -43.75
CA TYR X 289 15.12 -29.85 -42.71
C TYR X 289 14.80 -30.82 -41.58
N ILE X 290 15.30 -30.54 -40.38
CA ILE X 290 15.29 -31.50 -39.29
C ILE X 290 14.43 -30.95 -38.16
N ARG X 291 13.31 -31.59 -37.91
CA ARG X 291 12.48 -31.28 -36.75
C ARG X 291 12.92 -32.11 -35.56
N VAL X 292 12.76 -31.55 -34.38
CA VAL X 292 13.09 -32.23 -33.12
C VAL X 292 11.79 -32.66 -32.48
N LEU X 293 11.67 -33.96 -32.24
CA LEU X 293 10.42 -34.53 -31.74
C LEU X 293 10.64 -35.18 -30.38
N ASN X 294 9.59 -35.15 -29.57
CA ASN X 294 9.60 -35.82 -28.28
C ASN X 294 8.65 -37.00 -28.33
N PRO X 295 9.14 -38.23 -28.21
CA PRO X 295 8.25 -39.40 -28.23
C PRO X 295 7.53 -39.65 -26.91
N MET X 296 6.39 -38.99 -26.70
CA MET X 296 5.66 -39.10 -25.44
C MET X 296 5.05 -40.49 -25.25
N MET X 297 4.13 -40.87 -26.12
CA MET X 297 3.35 -42.09 -25.96
C MET X 297 3.83 -43.12 -26.96
N GLU X 298 4.14 -44.32 -26.47
CA GLU X 298 4.80 -45.32 -27.28
C GLU X 298 4.18 -46.69 -27.11
N GLY X 299 4.24 -47.47 -28.17
CA GLY X 299 3.87 -48.86 -28.27
C GLY X 299 5.09 -49.72 -28.52
N THR X 300 6.12 -49.59 -27.67
CA THR X 300 7.50 -50.05 -27.88
C THR X 300 7.71 -51.49 -28.37
N TYR X 301 6.68 -52.32 -28.32
CA TYR X 301 6.69 -53.68 -28.87
C TYR X 301 6.74 -53.71 -30.39
N TRP X 302 6.67 -52.57 -31.09
CA TRP X 302 6.92 -52.58 -32.54
C TRP X 302 8.37 -52.89 -32.85
N ARG X 303 9.29 -52.56 -31.95
CA ARG X 303 10.68 -52.93 -32.13
C ARG X 303 10.93 -54.40 -31.83
N GLU X 304 10.05 -55.04 -31.04
CA GLU X 304 10.13 -56.49 -30.88
C GLU X 304 9.77 -57.20 -32.16
N TYR X 305 8.81 -56.67 -32.91
CA TYR X 305 8.49 -57.22 -34.23
C TYR X 305 9.61 -56.97 -35.22
N LEU X 306 10.25 -55.79 -35.13
CA LEU X 306 11.30 -55.44 -36.07
C LEU X 306 12.57 -56.26 -35.84
N ASN X 307 12.95 -56.43 -34.58
CA ASN X 307 14.19 -57.13 -34.25
C ASN X 307 14.00 -58.62 -34.01
N GLU X 308 12.75 -59.09 -34.07
CA GLU X 308 12.38 -60.52 -33.95
C GLU X 308 12.83 -61.12 -32.63
N TYR X 309 12.78 -60.32 -31.57
CA TYR X 309 13.28 -60.69 -30.25
C TYR X 309 12.68 -59.71 -29.26
N HIS X 310 12.34 -60.20 -28.07
CA HIS X 310 11.81 -59.34 -27.02
C HIS X 310 12.70 -59.44 -25.79
N LEU X 311 12.42 -58.55 -24.83
CA LEU X 311 13.17 -58.35 -23.58
C LEU X 311 14.67 -58.11 -23.79
FE FE Y . -29.83 -49.95 -12.57
FE FE Z . 12.33 -15.45 -56.14
FE FE AA . 58.86 -7.44 -4.79
FE FE BA . 50.25 -2.60 31.79
FE FE CA . 42.99 -21.94 -34.84
FE FE DA . 34.98 13.28 -46.29
FE FE EA . -18.11 51.93 -22.75
FE FE FA . 16.71 -41.94 38.79
FE FE GA . -36.43 -24.73 -40.05
FE FE HA . -21.15 -40.61 38.03
FE FE IA . -2.27 -58.54 10.51
FE FE JA . 44.66 -36.25 15.30
FE FE KA . 12.77 54.88 19.20
FE FE LA . 5.50 35.53 -47.43
FE FE MA . -19.33 -8.21 55.70
FE FE NA . -22.61 28.55 47.09
FE FE OA . 43.21 32.91 24.36
FE FE PA . -48.36 3.77 34.50
FE FE QA . 14.22 31.14 48.70
FE FE RA . 19.32 53.62 -17.14
FE FE SA . -43.26 26.26 -31.34
FE FE TA . -57.03 -5.58 -16.10
FE FE UA . -53.49 25.61 5.13
FE FE VA . -3.94 -44.23 -39.64
#